data_7OIH
#
_entry.id   7OIH
#
_cell.length_a   155.910
_cell.length_b   144.634
_cell.length_c   236.454
_cell.angle_alpha   90.000
_cell.angle_beta   91.526
_cell.angle_gamma   90.000
#
_symmetry.space_group_name_H-M   'C 1 2 1'
#
loop_
_entity.id
_entity.type
_entity.pdbx_description
1 polymer Myeloperoxidase
2 branched beta-D-mannopyranose-(1-4)-2-acetamido-2-deoxy-beta-D-glucopyranose-(1-4)-2-acetamido-2-deoxy-beta-D-glucopyranose
3 branched 2-acetamido-2-deoxy-beta-D-glucopyranose-(1-2)-alpha-D-mannopyranose-(1-6)-[alpha-D-mannopyranose-(1-3)]beta-D-mannopyranose-(1-4)-2-acetamido-2-deoxy-beta-D-glucopyranose-(1-4)-[alpha-L-fucopyranose-(1-6)]2-acetamido-2-deoxy-beta-D-glucopyranose
4 branched alpha-D-mannopyranose-(1-3)-alpha-D-mannopyranose-(1-6)-[alpha-D-mannopyranose-(1-3)]beta-D-mannopyranose-(1-4)-2-acetamido-2-deoxy-beta-D-glucopyranose-(1-4)-2-acetamido-2-deoxy-beta-D-glucopyranose
5 branched 2-acetamido-2-deoxy-beta-D-glucopyranose-(1-4)-2-acetamido-2-deoxy-beta-D-glucopyranose
6 branched alpha-D-mannopyranose-(1-3)-[alpha-D-mannopyranose-(1-6)]beta-D-mannopyranose-(1-4)-2-acetamido-2-deoxy-beta-D-glucopyranose-(1-4)-[alpha-L-fucopyranose-(1-6)]2-acetamido-2-deoxy-beta-D-glucopyranose
7 branched alpha-D-mannopyranose-(1-3)-beta-D-mannopyranose-(1-4)-2-acetamido-2-deoxy-beta-D-glucopyranose-(1-4)-2-acetamido-2-deoxy-beta-D-glucopyranose
8 branched alpha-D-mannopyranose-(1-6)-beta-D-mannopyranose-(1-4)-2-acetamido-2-deoxy-beta-D-glucopyranose-(1-4)-2-acetamido-2-deoxy-beta-D-glucopyranose
9 branched alpha-D-mannopyranose-(1-2)-alpha-D-mannopyranose-(1-3)-[alpha-D-mannopyranose-(1-6)]beta-D-mannopyranose-(1-4)-2-acetamido-2-deoxy-beta-D-glucopyranose-(1-4)-2-acetamido-2-deoxy-beta-D-glucopyranose
10 non-polymer 'CHLORIDE ION'
11 non-polymer 'CALCIUM ION'
12 non-polymer 'PROTOPORPHYRIN IX CONTAINING FE'
13 non-polymer 'THIOCYANATE ION'
14 non-polymer Paroxetine
15 non-polymer 'PHOSPHATE ION'
16 non-polymer 2-acetamido-2-deoxy-beta-D-glucopyranose
17 water water
#
_entity_poly.entity_id   1
_entity_poly.type   'polypeptide(L)'
_entity_poly.pdbx_seq_one_letter_code
;TCPEQDKYRTITGMCNNRRSPTLGASNRAFVRWLPAEYEDGFSLPYGWTPGVKRNGFPVALARAVSNEIVRFPTDQLTPD
QERSLMFMQWGQLLDHDLDFTPEPAARASFVTGVNCETSCVQQPPCFPLKIPPNDPRIKNQADCIPFFRS(CSO)PACPG
SNITIRNQINALTSFVDASMVYGSEEPLARNLRNMSNQLGLLAVNQRFQDNGRALLPFDNLHDDPCLLTNRSARIPCFLA
GDTRSSEMPELTSMHTLLLREHNRLATELKSLNPRWDGERLYQEARKIVGAMVQIITYRDYLPLVLGPTAMRKYLPTYRS
YNDSVDPRIANVFTNAFRYGHTLIQPFMFRLDNRYQPMEPNPRVPLSRVFFASWRVVLEGGIDPILRGLMATPAKLNRQN
QIAVDEIRERLFEQVMRIGLDLPALNMQRSRDHGLPGYNAWRRFCGLPQPETVGQLGTVLRNLKLARKLMEQYGTPNNID
IWMGGVSEPLKRKGRVGPLLACIIGTQFRKLRDGDRFWWENEGVFSMQQRQALAQISLPRIICDNTGITTVSKNNIFMSN
SYPRDFVNCSTLPALNLASWREA
;
_entity_poly.pdbx_strand_id   A,B,C,D,E,F,G,H
#
loop_
_chem_comp.id
_chem_comp.type
_chem_comp.name
_chem_comp.formula
8PR non-polymer Paroxetine 'C19 H20 F N O3'
BMA D-saccharide, beta linking beta-D-mannopyranose 'C6 H12 O6'
CA non-polymer 'CALCIUM ION' 'Ca 2'
CL non-polymer 'CHLORIDE ION' 'Cl -1'
FUC L-saccharide, alpha linking alpha-L-fucopyranose 'C6 H12 O5'
HEM non-polymer 'PROTOPORPHYRIN IX CONTAINING FE' 'C34 H32 Fe N4 O4'
MAN D-saccharide, alpha linking alpha-D-mannopyranose 'C6 H12 O6'
NAG D-saccharide, beta linking 2-acetamido-2-deoxy-beta-D-glucopyranose 'C8 H15 N O6'
PO4 non-polymer 'PHOSPHATE ION' 'O4 P -3'
SCN non-polymer 'THIOCYANATE ION' 'C N S -1'
#
# COMPACT_ATOMS: atom_id res chain seq x y z
N THR A 1 24.89 4.31 38.73
CA THR A 1 24.68 2.98 39.36
C THR A 1 23.54 3.08 40.40
N CYS A 2 23.25 1.94 41.04
CA CYS A 2 22.12 1.82 41.95
C CYS A 2 22.51 2.24 43.36
N PRO A 3 21.66 3.03 44.07
CA PRO A 3 21.82 3.22 45.51
C PRO A 3 22.11 1.89 46.20
N GLU A 4 23.09 1.89 47.13
CA GLU A 4 23.53 0.67 47.78
C GLU A 4 22.55 0.30 48.90
N GLN A 5 21.82 1.27 49.45
CA GLN A 5 20.61 1.01 50.23
C GLN A 5 19.44 1.77 49.64
N ASP A 6 18.23 1.24 49.85
CA ASP A 6 16.98 1.88 49.46
C ASP A 6 15.85 1.22 50.22
N LYS A 7 14.73 1.92 50.33
CA LYS A 7 13.65 1.47 51.19
C LYS A 7 12.42 1.09 50.34
N TYR A 8 12.29 1.75 49.17
CA TYR A 8 11.11 1.63 48.35
C TYR A 8 11.46 1.27 46.91
N ARG A 9 10.48 0.73 46.20
CA ARG A 9 10.57 0.54 44.76
C ARG A 9 10.79 1.89 44.05
N THR A 10 11.62 1.89 43.01
CA THR A 10 11.58 2.95 42.02
C THR A 10 10.27 2.84 41.22
N ILE A 11 9.88 3.92 40.56
CA ILE A 11 8.67 3.91 39.76
C ILE A 11 8.83 3.02 38.53
N THR A 12 9.98 3.14 37.86
CA THR A 12 10.25 2.46 36.60
C THR A 12 10.65 1.00 36.81
N GLY A 13 10.97 0.61 38.05
CA GLY A 13 11.47 -0.73 38.31
C GLY A 13 12.99 -0.87 38.15
N MET A 14 13.64 0.18 37.64
CA MET A 14 15.09 0.29 37.63
C MET A 14 15.59 -0.10 39.03
N CYS A 15 16.60 -0.99 39.09
CA CYS A 15 17.40 -1.21 40.31
C CYS A 15 16.79 -2.24 41.24
N ASN A 16 15.69 -2.87 40.83
CA ASN A 16 15.17 -4.01 41.57
C ASN A 16 16.25 -5.09 41.61
N ASN A 17 16.78 -5.45 40.44
CA ASN A 17 17.92 -6.34 40.31
C ASN A 17 19.18 -5.50 40.24
N ARG A 18 20.08 -5.61 41.23
CA ARG A 18 21.21 -4.73 41.33
C ARG A 18 22.30 -5.11 40.33
N ARG A 19 22.46 -6.41 40.00
CA ARG A 19 23.50 -6.83 39.05
C ARG A 19 23.15 -6.51 37.60
N SER A 20 21.86 -6.59 37.25
CA SER A 20 21.39 -6.22 35.92
C SER A 20 20.18 -5.28 36.07
N PRO A 21 20.42 -4.01 36.42
CA PRO A 21 19.36 -3.15 36.95
C PRO A 21 18.18 -2.79 36.05
N THR A 22 18.22 -3.13 34.73
CA THR A 22 17.06 -2.85 33.90
C THR A 22 16.04 -4.00 33.92
N LEU A 23 16.38 -5.14 34.49
CA LEU A 23 15.51 -6.30 34.45
C LEU A 23 14.20 -6.04 35.21
N GLY A 24 13.11 -6.06 34.43
CA GLY A 24 11.77 -5.83 34.94
C GLY A 24 11.37 -4.37 34.91
N ALA A 25 12.29 -3.49 34.49
CA ALA A 25 12.03 -2.07 34.37
C ALA A 25 11.21 -1.82 33.10
N SER A 26 10.61 -0.62 33.06
CA SER A 26 9.70 -0.23 32.01
C SER A 26 10.49 0.17 30.76
N ASN A 27 9.82 0.05 29.60
CA ASN A 27 10.33 0.44 28.30
C ASN A 27 11.61 -0.33 27.95
N ARG A 28 11.55 -1.65 28.08
CA ARG A 28 12.62 -2.54 27.65
C ARG A 28 12.01 -3.69 26.85
N ALA A 29 12.85 -4.34 26.04
CA ALA A 29 12.42 -5.49 25.27
C ALA A 29 11.99 -6.63 26.20
N PHE A 30 10.99 -7.38 25.73
CA PHE A 30 10.60 -8.62 26.36
C PHE A 30 11.78 -9.58 26.28
N VAL A 31 11.85 -10.51 27.24
CA VAL A 31 12.73 -11.66 27.10
C VAL A 31 12.03 -12.68 26.19
N ARG A 32 12.84 -13.47 25.48
CA ARG A 32 12.37 -14.57 24.65
C ARG A 32 12.70 -15.89 25.32
N TRP A 33 11.69 -16.74 25.48
CA TRP A 33 11.87 -18.09 26.00
C TRP A 33 12.19 -19.08 24.88
N LEU A 34 11.87 -18.69 23.64
CA LEU A 34 12.22 -19.45 22.45
C LEU A 34 12.68 -18.49 21.36
N PRO A 35 13.56 -18.93 20.44
CA PRO A 35 13.91 -18.10 19.28
C PRO A 35 12.71 -17.77 18.39
N ALA A 36 12.70 -16.55 17.86
CA ALA A 36 11.57 -16.04 17.08
C ALA A 36 11.45 -16.76 15.74
N GLU A 37 10.23 -16.80 15.21
CA GLU A 37 9.90 -17.43 13.93
C GLU A 37 9.15 -16.41 13.07
N TYR A 38 9.92 -15.78 12.17
CA TYR A 38 9.44 -14.80 11.22
C TYR A 38 9.60 -15.37 9.81
N GLU A 39 8.72 -14.90 8.91
CA GLU A 39 8.66 -15.33 7.53
C GLU A 39 10.01 -15.18 6.85
N ASP A 40 10.74 -14.10 7.17
CA ASP A 40 12.04 -13.81 6.56
C ASP A 40 13.18 -14.04 7.55
N GLY A 41 12.88 -14.66 8.69
CA GLY A 41 13.89 -15.02 9.68
C GLY A 41 14.07 -13.98 10.78
N PHE A 42 13.77 -12.70 10.51
CA PHE A 42 14.13 -11.65 11.46
C PHE A 42 13.11 -10.52 11.63
N SER A 43 12.03 -10.40 10.83
CA SER A 43 11.19 -9.21 10.96
C SER A 43 9.74 -9.40 10.49
N LEU A 44 9.51 -10.08 9.37
CA LEU A 44 8.19 -10.10 8.77
C LEU A 44 7.39 -11.26 9.34
N PRO A 45 6.12 -11.00 9.72
CA PRO A 45 5.30 -12.03 10.34
C PRO A 45 4.78 -13.04 9.32
N TYR A 46 4.51 -14.28 9.75
CA TYR A 46 3.87 -15.25 8.90
C TYR A 46 2.48 -14.72 8.54
N GLY A 47 2.12 -14.89 7.26
CA GLY A 47 0.91 -14.31 6.72
C GLY A 47 1.16 -12.99 5.99
N TRP A 48 2.39 -12.51 5.98
CA TRP A 48 2.71 -11.21 5.43
C TRP A 48 2.68 -11.24 3.91
N THR A 49 3.47 -12.16 3.33
CA THR A 49 3.53 -12.32 1.89
C THR A 49 2.53 -13.39 1.47
N PRO A 50 1.55 -13.10 0.57
CA PRO A 50 0.61 -14.12 0.08
C PRO A 50 1.36 -15.26 -0.60
N GLY A 51 0.97 -16.50 -0.26
CA GLY A 51 1.51 -17.66 -0.94
C GLY A 51 2.71 -18.28 -0.24
N VAL A 52 3.32 -17.55 0.70
CA VAL A 52 4.47 -18.06 1.46
C VAL A 52 3.97 -18.94 2.61
N LYS A 53 4.44 -20.20 2.62
CA LYS A 53 4.01 -21.18 3.60
C LYS A 53 4.82 -21.06 4.89
N ARG A 54 4.21 -21.56 5.97
CA ARG A 54 4.87 -21.72 7.25
C ARG A 54 5.18 -23.19 7.43
N ASN A 55 6.48 -23.54 7.41
CA ASN A 55 6.93 -24.86 7.85
C ASN A 55 6.16 -25.93 7.06
N GLY A 56 5.97 -25.66 5.76
CA GLY A 56 5.42 -26.63 4.82
C GLY A 56 3.93 -26.44 4.50
N PHE A 57 3.22 -25.52 5.19
CA PHE A 57 1.78 -25.42 5.02
C PHE A 57 1.32 -23.97 4.88
N PRO A 58 0.17 -23.74 4.22
CA PRO A 58 -0.38 -22.39 4.08
C PRO A 58 -0.68 -21.80 5.45
N VAL A 59 -0.59 -20.47 5.54
CA VAL A 59 -0.97 -19.77 6.75
C VAL A 59 -2.48 -19.56 6.72
N ALA A 60 -3.18 -19.94 7.80
CA ALA A 60 -4.62 -19.71 7.91
C ALA A 60 -4.86 -18.26 8.33
N LEU A 61 -5.85 -17.62 7.72
CA LEU A 61 -6.23 -16.27 8.14
C LEU A 61 -6.69 -16.30 9.59
N ALA A 62 -6.20 -15.36 10.41
CA ALA A 62 -6.61 -15.26 11.79
C ALA A 62 -8.13 -15.18 11.89
N ARG A 63 -8.74 -14.39 11.00
CA ARG A 63 -10.18 -14.21 10.96
C ARG A 63 -10.88 -15.51 10.57
N ALA A 64 -10.29 -16.29 9.65
CA ALA A 64 -10.84 -17.59 9.28
C ALA A 64 -10.85 -18.55 10.48
N VAL A 65 -9.73 -18.58 11.21
CA VAL A 65 -9.62 -19.46 12.36
C VAL A 65 -10.67 -19.06 13.41
N SER A 66 -10.78 -17.76 13.68
CA SER A 66 -11.81 -17.22 14.57
C SER A 66 -13.21 -17.70 14.16
N ASN A 67 -13.56 -17.55 12.87
CA ASN A 67 -14.90 -17.89 12.37
C ASN A 67 -15.20 -19.38 12.56
N GLU A 68 -14.25 -20.25 12.21
CA GLU A 68 -14.50 -21.68 12.13
C GLU A 68 -14.39 -22.39 13.47
N ILE A 69 -13.73 -21.77 14.46
CA ILE A 69 -13.34 -22.48 15.68
C ILE A 69 -13.76 -21.73 16.94
N VAL A 70 -13.68 -20.39 16.93
CA VAL A 70 -13.97 -19.62 18.13
C VAL A 70 -15.47 -19.30 18.18
N ARG A 71 -16.04 -18.96 17.01
CA ARG A 71 -17.44 -18.56 16.90
C ARG A 71 -18.35 -19.61 17.50
N PHE A 72 -19.34 -19.15 18.27
CA PHE A 72 -20.39 -20.00 18.78
C PHE A 72 -21.67 -19.17 18.94
N PRO A 73 -22.87 -19.79 18.94
CA PRO A 73 -24.13 -19.08 19.18
C PRO A 73 -24.28 -18.63 20.64
N THR A 74 -24.64 -17.35 20.87
CA THR A 74 -24.53 -16.74 22.19
C THR A 74 -25.55 -17.35 23.16
N ASP A 75 -26.65 -17.92 22.66
CA ASP A 75 -27.66 -18.54 23.51
C ASP A 75 -27.11 -19.80 24.19
N GLN A 76 -26.02 -20.39 23.66
CA GLN A 76 -25.44 -21.63 24.19
C GLN A 76 -24.51 -21.36 25.37
N LEU A 77 -24.25 -20.06 25.68
CA LEU A 77 -23.25 -19.67 26.65
C LEU A 77 -23.46 -20.42 27.96
N THR A 78 -22.38 -21.02 28.47
CA THR A 78 -22.42 -21.73 29.73
C THR A 78 -21.82 -20.85 30.81
N PRO A 79 -22.57 -20.53 31.89
CA PRO A 79 -21.99 -19.82 33.03
C PRO A 79 -21.21 -20.78 33.92
N ASP A 80 -20.10 -20.26 34.49
CA ASP A 80 -19.19 -21.03 35.32
C ASP A 80 -19.74 -21.03 36.75
N GLN A 81 -20.15 -22.21 37.22
CA GLN A 81 -20.79 -22.31 38.53
C GLN A 81 -19.79 -22.06 39.65
N GLU A 82 -18.48 -22.08 39.33
CA GLU A 82 -17.44 -22.05 40.35
C GLU A 82 -16.57 -20.80 40.26
N ARG A 83 -16.95 -19.83 39.41
CA ARG A 83 -16.15 -18.62 39.25
C ARG A 83 -17.07 -17.40 39.09
N SER A 84 -16.72 -16.32 39.80
CA SER A 84 -17.40 -15.03 39.63
C SER A 84 -16.83 -14.32 38.41
N LEU A 85 -17.53 -13.28 37.96
CA LEU A 85 -17.02 -12.45 36.87
C LEU A 85 -15.88 -11.57 37.39
N MET A 86 -15.75 -11.47 38.72
CA MET A 86 -14.62 -10.79 39.35
C MET A 86 -13.32 -11.54 39.04
N PHE A 87 -13.40 -12.86 38.78
CA PHE A 87 -12.24 -13.64 38.35
C PHE A 87 -11.72 -13.15 37.00
N MET A 88 -12.64 -12.89 36.07
CA MET A 88 -12.27 -12.32 34.78
C MET A 88 -11.61 -10.95 35.01
N GLN A 89 -12.23 -10.10 35.82
CA GLN A 89 -11.84 -8.70 35.88
C GLN A 89 -10.50 -8.51 36.60
N TRP A 90 -10.22 -9.34 37.61
CA TRP A 90 -8.93 -9.27 38.28
C TRP A 90 -7.82 -9.66 37.33
N GLY A 91 -8.11 -10.58 36.40
CA GLY A 91 -7.13 -11.00 35.42
C GLY A 91 -6.71 -9.85 34.52
N GLN A 92 -7.69 -9.07 34.05
CA GLN A 92 -7.41 -7.95 33.17
C GLN A 92 -6.60 -6.90 33.93
N LEU A 93 -7.02 -6.63 35.16
CA LEU A 93 -6.38 -5.61 35.97
C LEU A 93 -4.93 -6.00 36.25
N LEU A 94 -4.70 -7.29 36.59
CA LEU A 94 -3.36 -7.82 36.83
C LEU A 94 -2.50 -7.72 35.55
N ASP A 95 -3.03 -8.16 34.42
CA ASP A 95 -2.37 -8.03 33.13
C ASP A 95 -1.86 -6.59 32.97
N HIS A 96 -2.66 -5.61 33.39
CA HIS A 96 -2.31 -4.21 33.18
C HIS A 96 -1.30 -3.73 34.23
N ASP A 97 -0.96 -4.61 35.18
CA ASP A 97 0.16 -4.42 36.07
C ASP A 97 1.44 -4.95 35.42
N LEU A 98 1.32 -5.90 34.47
CA LEU A 98 2.49 -6.67 34.05
C LEU A 98 3.05 -6.19 32.71
N ASP A 99 2.19 -6.02 31.70
CA ASP A 99 2.67 -5.78 30.34
C ASP A 99 1.71 -4.87 29.55
N PHE A 100 2.32 -3.96 28.80
CA PHE A 100 1.68 -3.20 27.73
C PHE A 100 2.67 -3.13 26.56
N THR A 101 2.22 -3.58 25.37
CA THR A 101 3.05 -3.64 24.18
C THR A 101 2.72 -2.46 23.26
N PRO A 102 3.53 -1.39 23.25
CA PRO A 102 3.17 -0.18 22.47
C PRO A 102 3.17 -0.38 20.95
N GLU A 103 2.26 0.37 20.29
CA GLU A 103 2.10 0.43 18.84
C GLU A 103 2.37 1.85 18.37
N PRO A 104 2.69 2.06 17.07
CA PRO A 104 2.81 3.41 16.53
C PRO A 104 1.47 4.16 16.46
N ALA A 105 1.50 5.49 16.58
CA ALA A 105 0.30 6.31 16.60
C ALA A 105 -0.39 6.29 15.23
N ALA A 106 -1.74 6.35 15.24
CA ALA A 106 -2.54 6.33 14.02
C ALA A 106 -2.04 7.41 13.06
N ARG A 107 -1.43 6.98 11.95
CA ARG A 107 -0.74 7.92 11.07
C ARG A 107 -0.16 7.14 9.89
N VAL A 114 -0.56 3.96 5.12
CA VAL A 114 0.12 4.87 6.09
C VAL A 114 -0.76 4.95 7.36
N ASN A 115 -2.07 5.09 7.16
CA ASN A 115 -3.03 5.00 8.27
C ASN A 115 -3.63 3.59 8.27
N CYS A 116 -3.28 2.83 9.30
CA CYS A 116 -3.70 1.45 9.46
C CYS A 116 -5.19 1.38 9.85
N GLU A 117 -5.75 2.48 10.35
CA GLU A 117 -7.13 2.53 10.79
C GLU A 117 -8.10 2.72 9.62
N THR A 118 -7.65 3.32 8.51
CA THR A 118 -8.54 3.66 7.42
C THR A 118 -8.14 3.00 6.08
N SER A 119 -6.89 2.51 5.99
CA SER A 119 -6.41 1.85 4.78
C SER A 119 -6.35 0.33 4.99
N CYS A 120 -6.53 -0.44 3.94
CA CYS A 120 -6.33 -1.89 3.97
C CYS A 120 -5.10 -2.29 3.17
N VAL A 121 -4.28 -1.29 2.81
CA VAL A 121 -3.00 -1.53 2.18
C VAL A 121 -2.03 -2.04 3.25
N GLN A 122 -1.29 -3.09 2.89
CA GLN A 122 -0.31 -3.68 3.78
C GLN A 122 1.02 -3.00 3.51
N GLN A 123 1.25 -1.91 4.25
CA GLN A 123 2.48 -1.16 4.17
C GLN A 123 2.95 -0.89 5.60
N PRO A 124 4.23 -1.10 5.95
CA PRO A 124 4.70 -0.86 7.31
C PRO A 124 4.21 0.48 7.84
N PRO A 125 3.71 0.61 9.09
CA PRO A 125 3.65 -0.48 10.07
C PRO A 125 2.35 -1.28 10.18
N CYS A 126 1.58 -1.36 9.09
CA CYS A 126 0.27 -1.97 9.13
C CYS A 126 0.40 -3.45 8.77
N PHE A 127 -0.41 -4.27 9.43
CA PHE A 127 -0.49 -5.70 9.16
C PHE A 127 -1.96 -6.10 9.25
N PRO A 128 -2.81 -5.56 8.34
CA PRO A 128 -4.26 -5.78 8.43
C PRO A 128 -4.66 -7.25 8.24
N LEU A 129 -5.72 -7.64 8.95
CA LEU A 129 -6.24 -8.99 8.88
C LEU A 129 -7.13 -9.11 7.64
N LYS A 130 -6.75 -10.01 6.74
CA LYS A 130 -7.54 -10.24 5.53
C LYS A 130 -8.82 -10.98 5.91
N ILE A 131 -9.86 -10.73 5.10
CA ILE A 131 -11.19 -11.29 5.29
C ILE A 131 -11.33 -12.55 4.43
N PRO A 132 -11.74 -13.70 5.00
CA PRO A 132 -11.96 -14.91 4.22
C PRO A 132 -13.26 -14.83 3.40
N PRO A 133 -13.45 -15.73 2.41
CA PRO A 133 -14.75 -15.85 1.74
C PRO A 133 -15.83 -16.36 2.73
N ASN A 134 -17.07 -15.94 2.50
CA ASN A 134 -18.21 -16.43 3.28
C ASN A 134 -18.05 -16.04 4.75
N ASP A 135 -17.61 -14.80 4.99
CA ASP A 135 -17.48 -14.31 6.34
C ASP A 135 -18.89 -13.99 6.83
N PRO A 136 -19.25 -14.41 8.07
CA PRO A 136 -20.56 -14.10 8.61
C PRO A 136 -20.92 -12.62 8.74
N ARG A 137 -19.93 -11.71 8.72
CA ARG A 137 -20.19 -10.30 8.98
C ARG A 137 -19.68 -9.41 7.85
N ILE A 138 -18.43 -9.62 7.43
CA ILE A 138 -17.76 -8.73 6.49
C ILE A 138 -17.81 -9.36 5.09
N LYS A 139 -18.74 -8.90 4.24
CA LYS A 139 -19.01 -9.57 2.97
C LYS A 139 -18.03 -9.13 1.87
N ASN A 140 -17.54 -7.88 2.00
CA ASN A 140 -16.54 -7.34 1.09
C ASN A 140 -15.15 -7.87 1.48
N GLN A 141 -14.58 -8.74 0.65
CA GLN A 141 -13.28 -9.34 0.90
C GLN A 141 -12.14 -8.35 0.65
N ALA A 142 -12.42 -7.18 0.07
CA ALA A 142 -11.43 -6.15 -0.13
C ALA A 142 -11.29 -5.28 1.12
N ASP A 143 -12.20 -5.48 2.10
CA ASP A 143 -12.08 -4.84 3.42
C ASP A 143 -11.04 -5.61 4.25
N CYS A 144 -10.91 -5.22 5.51
CA CYS A 144 -9.93 -5.78 6.41
C CYS A 144 -10.22 -5.33 7.83
N ILE A 145 -9.64 -6.03 8.80
CA ILE A 145 -9.65 -5.58 10.18
C ILE A 145 -8.33 -4.86 10.45
N PRO A 146 -8.37 -3.59 10.91
CA PRO A 146 -7.18 -2.82 11.23
C PRO A 146 -6.21 -3.48 12.21
N PHE A 147 -4.90 -3.33 11.96
CA PHE A 147 -3.89 -3.85 12.85
C PHE A 147 -2.58 -3.07 12.67
N PHE A 148 -2.07 -2.48 13.77
CA PHE A 148 -0.75 -1.90 13.79
C PHE A 148 0.24 -2.90 14.40
N ARG A 149 1.37 -3.11 13.75
CA ARG A 149 2.42 -3.94 14.32
C ARG A 149 2.95 -3.28 15.58
N SER A 150 3.32 -4.13 16.55
CA SER A 150 3.91 -3.70 17.80
C SER A 150 5.23 -2.99 17.50
N CSO A 151 5.43 -1.88 18.32
CA CSO A 151 6.72 -1.14 18.12
CB CSO A 151 6.81 0.07 19.04
SG CSO A 151 5.73 1.50 18.71
C CSO A 151 7.90 -2.08 18.38
O CSO A 151 7.79 -2.93 19.30
OD CSO A 151 6.41 2.60 17.67
N PRO A 152 8.96 -2.01 17.35
CA PRO A 152 10.16 -2.83 17.57
C PRO A 152 11.15 -2.13 18.50
N ALA A 153 11.96 -2.92 19.22
CA ALA A 153 12.95 -2.37 20.14
C ALA A 153 14.08 -1.66 19.39
N CYS A 154 14.38 -2.15 18.18
CA CYS A 154 15.43 -1.59 17.34
C CYS A 154 14.89 -1.30 15.94
N PRO A 155 14.28 -0.11 15.73
CA PRO A 155 13.64 0.21 14.45
C PRO A 155 14.62 0.29 13.27
N GLY A 156 14.24 -0.33 12.15
CA GLY A 156 14.95 -0.20 10.90
C GLY A 156 16.23 -1.04 10.81
N SER A 157 16.40 -2.01 11.72
CA SER A 157 17.60 -2.83 11.74
C SER A 157 17.46 -4.01 10.77
N ASN A 158 18.52 -4.32 10.03
CA ASN A 158 18.67 -5.52 9.23
C ASN A 158 19.22 -6.69 10.06
N ILE A 159 19.96 -6.32 11.11
CA ILE A 159 20.77 -7.22 11.91
C ILE A 159 19.95 -7.90 12.99
N THR A 160 19.20 -7.11 13.79
CA THR A 160 18.51 -7.65 14.95
C THR A 160 17.29 -8.45 14.53
N ILE A 161 16.96 -9.47 15.36
CA ILE A 161 15.72 -10.20 15.24
C ILE A 161 14.68 -9.37 16.00
N ARG A 162 13.64 -8.95 15.26
CA ARG A 162 12.65 -8.03 15.79
C ARG A 162 12.10 -8.56 17.11
N ASN A 163 12.13 -7.68 18.12
CA ASN A 163 11.54 -7.96 19.43
C ASN A 163 10.69 -6.76 19.79
N GLN A 164 9.72 -6.96 20.69
CA GLN A 164 8.75 -5.93 21.05
C GLN A 164 9.05 -5.41 22.46
N ILE A 165 8.32 -4.37 22.86
CA ILE A 165 8.67 -3.57 24.03
C ILE A 165 7.58 -3.70 25.09
N ASN A 166 8.00 -3.79 26.37
CA ASN A 166 7.09 -3.72 27.49
C ASN A 166 7.25 -2.36 28.15
N ALA A 167 6.16 -1.59 28.14
CA ALA A 167 6.15 -0.22 28.66
C ALA A 167 5.96 -0.17 30.18
N LEU A 168 5.65 -1.31 30.82
CA LEU A 168 5.39 -1.35 32.25
C LEU A 168 6.51 -2.09 32.99
N THR A 169 6.49 -1.91 34.32
CA THR A 169 7.29 -2.74 35.19
C THR A 169 6.66 -4.14 35.22
N SER A 170 7.50 -5.16 35.04
CA SER A 170 7.06 -6.55 35.05
C SER A 170 6.54 -6.93 36.44
N PHE A 171 7.05 -6.28 37.50
CA PHE A 171 6.77 -6.69 38.86
C PHE A 171 5.30 -6.49 39.19
N VAL A 172 4.80 -7.31 40.12
CA VAL A 172 3.47 -7.11 40.68
C VAL A 172 3.57 -6.01 41.75
N ASP A 173 3.50 -4.74 41.33
CA ASP A 173 3.88 -3.59 42.14
C ASP A 173 2.81 -2.49 42.11
N ALA A 174 1.63 -2.85 41.57
CA ALA A 174 0.51 -1.93 41.41
C ALA A 174 0.89 -0.75 40.53
N SER A 175 1.71 -0.99 39.49
CA SER A 175 2.09 0.07 38.58
C SER A 175 0.90 0.57 37.77
N MET A 176 -0.19 -0.21 37.68
CA MET A 176 -1.41 0.25 37.03
C MET A 176 -2.08 1.33 37.86
N VAL A 177 -1.67 1.48 39.12
CA VAL A 177 -2.14 2.55 39.98
C VAL A 177 -1.16 3.72 39.98
N TYR A 178 0.14 3.45 40.15
CA TYR A 178 1.12 4.50 40.44
C TYR A 178 1.88 4.98 39.21
N GLY A 179 1.81 4.22 38.10
CA GLY A 179 2.57 4.52 36.89
C GLY A 179 3.91 3.78 36.85
N SER A 180 4.48 3.68 35.65
CA SER A 180 5.76 3.05 35.40
C SER A 180 6.76 4.06 34.84
N GLU A 181 6.42 5.36 34.83
CA GLU A 181 7.33 6.42 34.40
C GLU A 181 7.20 7.57 35.40
N GLU A 182 8.27 8.34 35.63
CA GLU A 182 8.30 9.29 36.75
C GLU A 182 7.46 10.53 36.47
N PRO A 183 7.47 11.11 35.24
CA PRO A 183 6.53 12.17 34.89
C PRO A 183 5.08 11.83 35.23
N LEU A 184 4.58 10.69 34.71
CA LEU A 184 3.23 10.24 34.99
C LEU A 184 3.00 10.03 36.48
N ALA A 185 3.98 9.45 37.18
CA ALA A 185 3.80 9.11 38.59
C ALA A 185 3.62 10.37 39.46
N ARG A 186 4.25 11.49 39.09
CA ARG A 186 4.10 12.76 39.81
C ARG A 186 2.73 13.39 39.49
N ASN A 187 2.26 13.27 38.24
CA ASN A 187 0.98 13.84 37.84
C ASN A 187 -0.20 13.12 38.49
N LEU A 188 -0.01 11.84 38.87
CA LEU A 188 -1.04 11.07 39.52
C LEU A 188 -1.21 11.44 40.98
N ARG A 189 -0.26 12.22 41.51
CA ARG A 189 -0.23 12.56 42.93
C ARG A 189 -0.86 13.91 43.17
N ASN A 190 -1.44 14.03 44.39
CA ASN A 190 -1.97 15.27 44.91
C ASN A 190 -0.82 16.06 45.52
N MET A 191 -0.36 17.09 44.78
CA MET A 191 0.78 17.91 45.17
C MET A 191 0.31 19.21 45.83
N SER A 192 -0.98 19.29 46.21
CA SER A 192 -1.56 20.43 46.92
C SER A 192 -1.13 20.45 48.40
N ASN A 193 -0.85 19.28 48.99
CA ASN A 193 -0.66 19.18 50.43
C ASN A 193 0.40 18.13 50.73
N GLN A 194 0.61 17.81 52.02
CA GLN A 194 1.61 16.86 52.47
C GLN A 194 0.95 15.61 53.05
N LEU A 195 -0.13 15.16 52.39
CA LEU A 195 -0.90 14.02 52.89
C LEU A 195 -0.56 12.74 52.13
N GLY A 196 0.23 12.84 51.04
CA GLY A 196 0.71 11.69 50.28
C GLY A 196 -0.39 10.99 49.51
N LEU A 197 -1.32 11.79 48.95
CA LEU A 197 -2.52 11.27 48.31
C LEU A 197 -2.30 11.19 46.80
N LEU A 198 -3.14 10.36 46.18
CA LEU A 198 -3.30 10.37 44.73
C LEU A 198 -4.39 11.38 44.38
N ALA A 199 -4.19 12.06 43.24
CA ALA A 199 -5.16 13.02 42.72
C ALA A 199 -6.47 12.30 42.42
N VAL A 200 -7.57 13.02 42.66
CA VAL A 200 -8.94 12.58 42.48
C VAL A 200 -9.62 13.55 41.53
N ASN A 201 -10.78 13.12 41.02
CA ASN A 201 -11.54 13.90 40.06
C ASN A 201 -11.99 15.19 40.74
N GLN A 202 -11.78 16.33 40.07
CA GLN A 202 -12.11 17.64 40.61
C GLN A 202 -13.50 18.10 40.13
N ARG A 203 -14.19 17.34 39.28
CA ARG A 203 -15.46 17.78 38.70
C ARG A 203 -16.63 16.89 39.15
N PHE A 204 -16.33 15.65 39.59
CA PHE A 204 -17.38 14.70 39.94
C PHE A 204 -16.95 13.82 41.12
N GLN A 205 -17.95 13.30 41.84
CA GLN A 205 -17.79 12.34 42.93
C GLN A 205 -18.86 11.25 42.76
N ASP A 206 -18.63 10.11 43.41
CA ASP A 206 -19.50 8.97 43.34
C ASP A 206 -20.09 8.77 44.73
N ASN A 207 -21.27 9.39 44.96
CA ASN A 207 -21.92 9.44 46.26
C ASN A 207 -20.93 9.88 47.35
N GLY A 208 -20.19 10.98 47.08
CA GLY A 208 -19.31 11.53 48.08
C GLY A 208 -17.89 10.96 48.07
N ARG A 209 -17.68 9.84 47.35
CA ARG A 209 -16.38 9.18 47.27
C ARG A 209 -15.67 9.54 45.97
N ALA A 210 -14.36 9.30 45.92
CA ALA A 210 -13.49 9.80 44.85
C ALA A 210 -13.69 9.02 43.54
N LEU A 211 -13.49 9.72 42.42
CA LEU A 211 -13.31 9.11 41.10
C LEU A 211 -11.90 9.44 40.60
N LEU A 212 -11.47 8.70 39.57
CA LEU A 212 -10.15 8.91 38.98
C LEU A 212 -10.12 10.28 38.31
N PRO A 213 -8.96 10.99 38.31
CA PRO A 213 -8.83 12.22 37.52
C PRO A 213 -9.15 11.94 36.05
N PHE A 214 -9.44 13.01 35.29
CA PHE A 214 -9.60 12.90 33.86
C PHE A 214 -8.26 13.08 33.17
N ASP A 215 -8.11 12.41 32.03
CA ASP A 215 -6.92 12.56 31.21
C ASP A 215 -7.20 13.67 30.20
N ASN A 216 -6.12 14.22 29.65
CA ASN A 216 -6.16 15.27 28.67
C ASN A 216 -5.57 14.73 27.36
N LEU A 217 -6.38 14.00 26.58
CA LEU A 217 -5.91 13.29 25.42
C LEU A 217 -6.10 14.13 24.15
N HIS A 218 -5.20 13.93 23.18
CA HIS A 218 -5.36 14.57 21.89
C HIS A 218 -6.61 14.03 21.18
N ASP A 219 -6.70 12.70 21.06
CA ASP A 219 -7.84 12.06 20.42
C ASP A 219 -8.50 11.15 21.44
N ASP A 220 -9.43 11.71 22.23
CA ASP A 220 -10.05 11.00 23.35
C ASP A 220 -11.19 10.11 22.86
N PRO A 221 -11.12 8.79 23.04
CA PRO A 221 -12.17 7.89 22.54
C PRO A 221 -13.41 7.81 23.43
N CYS A 222 -13.28 8.18 24.71
CA CYS A 222 -14.40 8.06 25.64
C CYS A 222 -15.48 9.10 25.31
N LEU A 223 -15.04 10.24 24.77
CA LEU A 223 -15.92 11.29 24.31
C LEU A 223 -16.79 10.82 23.14
N LEU A 224 -16.30 9.87 22.33
CA LEU A 224 -17.04 9.43 21.15
C LEU A 224 -18.21 8.53 21.54
N THR A 225 -18.19 7.95 22.75
CA THR A 225 -19.18 6.95 23.12
C THR A 225 -20.51 7.61 23.51
N ASN A 226 -20.46 8.86 23.98
CA ASN A 226 -21.65 9.66 24.24
C ASN A 226 -21.31 11.15 24.09
N ARG A 227 -21.82 11.75 23.00
CA ARG A 227 -21.42 13.09 22.62
C ARG A 227 -21.94 14.11 23.63
N SER A 228 -23.22 13.98 24.03
CA SER A 228 -23.86 14.96 24.88
C SER A 228 -23.29 14.92 26.31
N ALA A 229 -22.85 13.74 26.77
CA ALA A 229 -22.36 13.57 28.13
C ALA A 229 -21.03 14.30 28.36
N ARG A 230 -20.15 14.29 27.36
CA ARG A 230 -18.89 15.04 27.39
C ARG A 230 -18.06 14.57 28.56
N ILE A 231 -17.90 13.24 28.72
CA ILE A 231 -17.08 12.66 29.78
C ILE A 231 -15.85 12.02 29.15
N PRO A 232 -14.63 12.58 29.39
CA PRO A 232 -13.40 12.05 28.84
C PRO A 232 -12.91 10.82 29.58
N CYS A 233 -11.81 10.26 29.07
CA CYS A 233 -11.21 9.08 29.66
C CYS A 233 -10.54 9.50 30.97
N PHE A 234 -10.42 8.50 31.86
CA PHE A 234 -9.77 8.67 33.13
C PHE A 234 -8.26 8.59 32.95
N LEU A 235 -7.55 9.08 33.98
CA LEU A 235 -6.11 9.01 34.09
C LEU A 235 -5.76 8.07 35.25
N ALA A 236 -4.98 7.03 34.92
CA ALA A 236 -4.51 6.08 35.90
C ALA A 236 -3.05 5.74 35.65
N GLY A 237 -2.51 4.81 36.44
CA GLY A 237 -1.16 4.32 36.26
C GLY A 237 -0.95 3.65 34.89
N ASP A 238 -2.02 3.07 34.35
CA ASP A 238 -2.01 2.42 33.05
C ASP A 238 -3.01 3.13 32.13
N THR A 239 -2.68 3.17 30.84
CA THR A 239 -3.41 3.98 29.88
C THR A 239 -4.76 3.36 29.48
N ARG A 240 -5.00 2.10 29.86
CA ARG A 240 -6.18 1.38 29.39
C ARG A 240 -7.29 1.38 30.43
N SER A 241 -7.19 2.27 31.45
CA SER A 241 -8.06 2.23 32.62
C SER A 241 -9.55 2.40 32.24
N SER A 242 -9.85 3.02 31.09
CA SER A 242 -11.22 3.33 30.72
C SER A 242 -11.82 2.35 29.71
N GLU A 243 -11.08 1.28 29.38
CA GLU A 243 -11.43 0.41 28.27
C GLU A 243 -12.78 -0.29 28.55
N MET A 244 -13.04 -0.66 29.80
CA MET A 244 -14.39 -1.03 30.18
C MET A 244 -14.63 -0.60 31.62
N PRO A 245 -15.87 -0.20 31.96
CA PRO A 245 -16.18 0.33 33.29
C PRO A 245 -15.89 -0.60 34.47
N GLU A 246 -15.92 -1.92 34.24
CA GLU A 246 -15.58 -2.89 35.28
C GLU A 246 -14.12 -2.73 35.70
N LEU A 247 -13.25 -2.50 34.70
CA LEU A 247 -11.85 -2.24 34.90
C LEU A 247 -11.66 -0.88 35.61
N THR A 248 -12.37 0.13 35.10
CA THR A 248 -12.37 1.44 35.72
C THR A 248 -12.73 1.35 37.20
N SER A 249 -13.71 0.50 37.52
CA SER A 249 -14.17 0.30 38.89
C SER A 249 -13.03 -0.17 39.80
N MET A 250 -12.26 -1.13 39.31
CA MET A 250 -11.19 -1.73 40.09
C MET A 250 -10.07 -0.70 40.31
N HIS A 251 -9.77 0.07 39.26
CA HIS A 251 -8.76 1.10 39.34
C HIS A 251 -9.16 2.13 40.41
N THR A 252 -10.43 2.51 40.34
CA THR A 252 -11.02 3.51 41.24
C THR A 252 -10.94 2.97 42.68
N LEU A 253 -11.33 1.70 42.85
CA LEU A 253 -11.31 1.07 44.15
C LEU A 253 -9.91 1.16 44.78
N LEU A 254 -8.85 0.98 43.98
CA LEU A 254 -7.50 0.91 44.50
C LEU A 254 -6.96 2.31 44.78
N LEU A 255 -7.42 3.31 44.01
CA LEU A 255 -7.11 4.70 44.27
C LEU A 255 -7.61 5.07 45.67
N ARG A 256 -8.88 4.73 45.94
CA ARG A 256 -9.51 5.03 47.21
C ARG A 256 -8.74 4.36 48.33
N GLU A 257 -8.36 3.10 48.12
CA GLU A 257 -7.69 2.32 49.14
C GLU A 257 -6.33 2.94 49.47
N HIS A 258 -5.65 3.51 48.46
CA HIS A 258 -4.40 4.21 48.72
C HIS A 258 -4.64 5.38 49.66
N ASN A 259 -5.59 6.23 49.26
CA ASN A 259 -5.92 7.46 49.96
C ASN A 259 -6.40 7.16 51.39
N ARG A 260 -7.20 6.10 51.55
CA ARG A 260 -7.64 5.63 52.86
C ARG A 260 -6.45 5.28 53.77
N LEU A 261 -5.47 4.56 53.22
CA LEU A 261 -4.31 4.11 53.96
C LEU A 261 -3.42 5.28 54.34
N ALA A 262 -3.19 6.21 53.41
CA ALA A 262 -2.39 7.39 53.66
C ALA A 262 -3.03 8.26 54.75
N THR A 263 -4.37 8.30 54.75
CA THR A 263 -5.14 9.00 55.77
C THR A 263 -4.91 8.36 57.15
N GLU A 264 -5.08 7.04 57.25
CA GLU A 264 -4.94 6.34 58.51
C GLU A 264 -3.49 6.37 59.03
N LEU A 265 -2.51 6.45 58.14
CA LEU A 265 -1.11 6.47 58.54
C LEU A 265 -0.73 7.86 59.05
N LYS A 266 -1.45 8.90 58.58
CA LYS A 266 -1.25 10.27 59.01
C LYS A 266 -1.69 10.42 60.46
N SER A 267 -2.88 9.88 60.79
CA SER A 267 -3.39 9.79 62.15
C SER A 267 -2.35 9.11 63.04
N LEU A 268 -1.82 7.98 62.56
CA LEU A 268 -0.96 7.11 63.36
C LEU A 268 0.44 7.70 63.53
N ASN A 269 0.96 8.35 62.49
CA ASN A 269 2.31 8.91 62.51
C ASN A 269 2.21 10.36 62.05
N PRO A 270 1.82 11.30 62.94
CA PRO A 270 1.52 12.67 62.53
C PRO A 270 2.69 13.42 61.92
N ARG A 271 3.94 13.01 62.19
CA ARG A 271 5.10 13.79 61.76
C ARG A 271 5.63 13.33 60.39
N TRP A 272 5.03 12.28 59.79
CA TRP A 272 5.40 11.84 58.45
C TRP A 272 4.97 12.86 57.40
N ASP A 273 5.89 13.16 56.46
CA ASP A 273 5.59 14.09 55.37
C ASP A 273 4.81 13.38 54.27
N GLY A 274 4.49 14.11 53.19
CA GLY A 274 3.68 13.59 52.10
C GLY A 274 4.37 12.43 51.37
N GLU A 275 5.68 12.55 51.16
CA GLU A 275 6.48 11.52 50.50
C GLU A 275 6.42 10.21 51.27
N ARG A 276 6.65 10.25 52.59
CA ARG A 276 6.71 9.04 53.40
C ARG A 276 5.34 8.34 53.43
N LEU A 277 4.27 9.13 53.44
CA LEU A 277 2.91 8.61 53.47
C LEU A 277 2.56 7.91 52.16
N TYR A 278 2.88 8.58 51.04
CA TYR A 278 2.70 8.06 49.68
C TYR A 278 3.41 6.72 49.52
N GLN A 279 4.70 6.68 49.91
CA GLN A 279 5.50 5.49 49.70
C GLN A 279 4.96 4.34 50.53
N GLU A 280 4.59 4.63 51.79
CA GLU A 280 4.22 3.58 52.73
C GLU A 280 2.85 3.01 52.34
N ALA A 281 1.97 3.87 51.81
CA ALA A 281 0.66 3.45 51.34
C ALA A 281 0.80 2.61 50.07
N ARG A 282 1.66 3.08 49.16
CA ARG A 282 1.98 2.43 47.90
C ARG A 282 2.54 1.02 48.16
N LYS A 283 3.39 0.93 49.19
CA LYS A 283 4.05 -0.31 49.55
C LYS A 283 2.99 -1.34 49.98
N ILE A 284 1.92 -0.87 50.65
CA ILE A 284 0.91 -1.74 51.18
C ILE A 284 -0.01 -2.20 50.05
N VAL A 285 -0.41 -1.24 49.19
CA VAL A 285 -1.29 -1.55 48.07
C VAL A 285 -0.63 -2.60 47.18
N GLY A 286 0.68 -2.43 46.92
CA GLY A 286 1.47 -3.41 46.20
C GLY A 286 1.40 -4.80 46.81
N ALA A 287 1.62 -4.90 48.14
CA ALA A 287 1.57 -6.17 48.85
C ALA A 287 0.18 -6.80 48.75
N MET A 288 -0.86 -5.97 48.76
CA MET A 288 -2.24 -6.46 48.70
C MET A 288 -2.52 -7.06 47.32
N VAL A 289 -1.99 -6.44 46.26
CA VAL A 289 -2.13 -6.96 44.90
C VAL A 289 -1.37 -8.29 44.79
N GLN A 290 -0.19 -8.40 45.43
CA GLN A 290 0.58 -9.63 45.42
C GLN A 290 -0.20 -10.76 46.08
N ILE A 291 -0.80 -10.45 47.23
CA ILE A 291 -1.41 -11.45 48.08
C ILE A 291 -2.69 -11.96 47.43
N ILE A 292 -3.53 -11.05 46.94
CA ILE A 292 -4.76 -11.47 46.26
C ILE A 292 -4.41 -12.32 45.05
N THR A 293 -3.37 -11.92 44.31
CA THR A 293 -2.98 -12.61 43.10
C THR A 293 -2.52 -14.03 43.42
N TYR A 294 -1.56 -14.17 44.36
CA TYR A 294 -0.90 -15.46 44.55
C TYR A 294 -1.68 -16.35 45.52
N ARG A 295 -2.38 -15.77 46.50
CA ARG A 295 -3.14 -16.53 47.48
C ARG A 295 -4.51 -16.94 46.92
N ASP A 296 -5.19 -16.03 46.20
CA ASP A 296 -6.60 -16.19 45.88
C ASP A 296 -6.84 -16.46 44.38
N TYR A 297 -6.14 -15.70 43.52
CA TYR A 297 -6.42 -15.69 42.08
C TYR A 297 -5.78 -16.88 41.38
N LEU A 298 -4.45 -17.01 41.49
CA LEU A 298 -3.70 -17.93 40.66
C LEU A 298 -4.10 -19.37 40.94
N PRO A 299 -4.31 -19.80 42.20
CA PRO A 299 -4.73 -21.17 42.47
C PRO A 299 -5.95 -21.63 41.69
N LEU A 300 -6.85 -20.68 41.42
CA LEU A 300 -8.09 -20.94 40.70
C LEU A 300 -7.88 -20.90 39.19
N VAL A 301 -6.81 -20.24 38.74
CA VAL A 301 -6.42 -20.30 37.34
C VAL A 301 -5.76 -21.65 37.04
N LEU A 302 -4.73 -22.02 37.82
CA LEU A 302 -3.82 -23.12 37.51
C LEU A 302 -4.39 -24.46 37.97
N GLY A 303 -5.15 -24.42 39.05
CA GLY A 303 -5.51 -25.65 39.73
C GLY A 303 -4.42 -26.04 40.71
N PRO A 304 -4.72 -26.94 41.68
CA PRO A 304 -3.81 -27.19 42.79
C PRO A 304 -2.51 -27.91 42.42
N THR A 305 -2.58 -28.84 41.45
CA THR A 305 -1.40 -29.57 40.99
C THR A 305 -0.35 -28.64 40.39
N ALA A 306 -0.75 -27.89 39.36
CA ALA A 306 0.12 -26.94 38.67
C ALA A 306 0.62 -25.86 39.63
N MET A 307 -0.20 -25.51 40.61
CA MET A 307 0.17 -24.49 41.57
C MET A 307 1.35 -24.98 42.41
N ARG A 308 1.36 -26.27 42.79
CA ARG A 308 2.45 -26.85 43.56
C ARG A 308 3.69 -26.96 42.69
N LYS A 309 3.48 -27.35 41.43
CA LYS A 309 4.58 -27.58 40.49
C LYS A 309 5.29 -26.28 40.18
N TYR A 310 4.54 -25.25 39.79
CA TYR A 310 5.13 -24.04 39.21
C TYR A 310 5.35 -22.98 40.29
N LEU A 311 4.60 -23.03 41.39
CA LEU A 311 4.70 -22.07 42.48
C LEU A 311 4.85 -22.79 43.82
N PRO A 312 5.96 -23.50 44.07
CA PRO A 312 6.22 -24.11 45.37
C PRO A 312 6.41 -23.02 46.42
N THR A 313 6.41 -23.44 47.69
CA THR A 313 6.46 -22.50 48.80
C THR A 313 7.64 -21.56 48.61
N TYR A 314 7.38 -20.26 48.82
CA TYR A 314 8.41 -19.24 48.74
C TYR A 314 9.50 -19.51 49.76
N ARG A 315 10.76 -19.34 49.34
CA ARG A 315 11.91 -19.46 50.21
C ARG A 315 12.47 -18.07 50.44
N SER A 316 13.15 -17.51 49.43
CA SER A 316 13.63 -16.15 49.55
C SER A 316 13.94 -15.56 48.18
N TYR A 317 14.29 -14.27 48.17
CA TYR A 317 14.66 -13.57 46.94
C TYR A 317 15.92 -14.20 46.35
N ASN A 318 15.91 -14.35 45.02
CA ASN A 318 16.99 -14.96 44.28
C ASN A 318 17.36 -14.00 43.15
N ASP A 319 18.51 -13.34 43.30
CA ASP A 319 18.90 -12.23 42.44
C ASP A 319 19.35 -12.70 41.06
N SER A 320 19.34 -14.04 40.85
CA SER A 320 19.69 -14.65 39.57
C SER A 320 18.45 -15.12 38.81
N VAL A 321 17.26 -14.81 39.35
CA VAL A 321 16.02 -15.10 38.65
C VAL A 321 15.63 -13.88 37.81
N ASP A 322 15.49 -14.12 36.50
CA ASP A 322 15.13 -13.08 35.54
C ASP A 322 13.63 -12.77 35.69
N PRO A 323 13.25 -11.56 36.17
CA PRO A 323 11.85 -11.19 36.34
C PRO A 323 11.17 -10.54 35.14
N ARG A 324 11.80 -10.55 33.96
CA ARG A 324 11.16 -9.91 32.82
C ARG A 324 9.94 -10.71 32.38
N ILE A 325 8.96 -9.99 31.79
CA ILE A 325 7.86 -10.63 31.08
C ILE A 325 8.39 -11.22 29.79
N ALA A 326 8.04 -12.50 29.55
CA ALA A 326 8.35 -13.17 28.30
C ALA A 326 7.33 -12.77 27.23
N ASN A 327 7.83 -12.65 25.99
CA ASN A 327 7.03 -12.27 24.83
C ASN A 327 5.77 -13.16 24.74
N VAL A 328 5.92 -14.47 24.94
CA VAL A 328 4.82 -15.42 24.82
C VAL A 328 3.76 -15.17 25.88
N PHE A 329 4.17 -14.71 27.06
CA PHE A 329 3.24 -14.48 28.14
C PHE A 329 2.18 -13.46 27.71
N THR A 330 2.60 -12.44 26.95
CA THR A 330 1.69 -11.37 26.57
C THR A 330 0.52 -11.94 25.76
N ASN A 331 0.73 -13.10 25.13
CA ASN A 331 -0.29 -13.74 24.31
C ASN A 331 -1.00 -14.84 25.09
N ALA A 332 -0.27 -15.61 25.92
CA ALA A 332 -0.83 -16.74 26.64
C ALA A 332 -1.78 -16.28 27.74
N PHE A 333 -1.43 -15.17 28.42
CA PHE A 333 -2.25 -14.67 29.51
C PHE A 333 -3.55 -14.05 28.99
N ARG A 334 -3.74 -14.00 27.67
CA ARG A 334 -4.99 -13.61 27.08
C ARG A 334 -6.03 -14.73 27.13
N TYR A 335 -5.72 -15.85 27.81
CA TYR A 335 -6.71 -16.91 28.03
C TYR A 335 -8.00 -16.32 28.61
N GLY A 336 -7.86 -15.21 29.36
CA GLY A 336 -8.97 -14.63 30.10
C GLY A 336 -10.06 -14.03 29.20
N HIS A 337 -9.79 -13.94 27.89
CA HIS A 337 -10.78 -13.49 26.93
C HIS A 337 -11.90 -14.54 26.80
N THR A 338 -11.64 -15.79 27.24
CA THR A 338 -12.63 -16.87 27.20
C THR A 338 -13.59 -16.80 28.40
N LEU A 339 -13.28 -15.94 29.39
CA LEU A 339 -14.07 -15.77 30.61
C LEU A 339 -15.10 -14.64 30.49
N ILE A 340 -15.05 -13.90 29.40
CA ILE A 340 -15.81 -12.67 29.25
C ILE A 340 -17.26 -12.97 28.88
N GLN A 341 -18.17 -12.43 29.70
CA GLN A 341 -19.60 -12.41 29.47
C GLN A 341 -19.95 -11.26 28.52
N PRO A 342 -21.03 -11.39 27.70
CA PRO A 342 -21.38 -10.37 26.71
C PRO A 342 -22.13 -9.13 27.23
N PHE A 343 -22.29 -9.00 28.55
CA PHE A 343 -22.95 -7.83 29.13
C PHE A 343 -22.11 -7.29 30.29
N MET A 344 -22.35 -6.00 30.59
CA MET A 344 -21.98 -5.43 31.88
C MET A 344 -23.21 -5.48 32.79
N PHE A 345 -23.05 -6.14 33.96
CA PHE A 345 -24.16 -6.37 34.89
C PHE A 345 -24.06 -5.38 36.05
N ARG A 346 -25.16 -4.66 36.29
CA ARG A 346 -25.28 -3.72 37.39
C ARG A 346 -26.43 -4.14 38.31
N LEU A 347 -26.18 -4.03 39.63
CA LEU A 347 -27.09 -4.49 40.68
C LEU A 347 -27.19 -3.43 41.79
N ASP A 348 -28.40 -3.26 42.33
CA ASP A 348 -28.67 -2.33 43.42
C ASP A 348 -28.24 -2.94 44.75
N ASN A 349 -28.55 -2.28 45.87
CA ASN A 349 -28.05 -2.70 47.18
C ASN A 349 -28.77 -3.95 47.70
N ARG A 350 -29.81 -4.41 46.99
CA ARG A 350 -30.48 -5.67 47.27
C ARG A 350 -29.98 -6.77 46.33
N TYR A 351 -28.96 -6.43 45.53
CA TYR A 351 -28.36 -7.31 44.51
C TYR A 351 -29.41 -7.71 43.49
N GLN A 352 -30.22 -6.73 43.07
CA GLN A 352 -31.30 -6.93 42.12
C GLN A 352 -31.01 -6.10 40.89
N PRO A 353 -31.41 -6.55 39.67
CA PRO A 353 -31.19 -5.77 38.45
C PRO A 353 -31.46 -4.27 38.64
N MET A 354 -30.40 -3.45 38.55
CA MET A 354 -30.51 -2.01 38.76
C MET A 354 -31.05 -1.35 37.50
N GLU A 355 -32.28 -0.83 37.59
CA GLU A 355 -33.09 -0.37 36.48
C GLU A 355 -32.76 1.09 36.18
N PRO A 356 -32.55 1.50 34.92
CA PRO A 356 -33.36 1.10 33.76
C PRO A 356 -32.70 0.07 32.86
N ASN A 357 -31.36 -0.03 32.91
CA ASN A 357 -30.55 -0.90 32.05
C ASN A 357 -29.60 -1.74 32.91
N PRO A 358 -30.10 -2.90 33.41
CA PRO A 358 -29.30 -3.76 34.29
C PRO A 358 -28.18 -4.53 33.57
N ARG A 359 -28.39 -4.78 32.27
CA ARG A 359 -27.45 -5.50 31.43
C ARG A 359 -27.18 -4.68 30.18
N VAL A 360 -25.96 -4.12 30.07
CA VAL A 360 -25.55 -3.34 28.90
C VAL A 360 -24.67 -4.22 28.01
N PRO A 361 -24.96 -4.35 26.69
CA PRO A 361 -24.09 -5.13 25.80
C PRO A 361 -22.69 -4.56 25.85
N LEU A 362 -21.69 -5.45 25.78
CA LEU A 362 -20.31 -5.02 25.95
C LEU A 362 -19.93 -4.03 24.86
N SER A 363 -20.49 -4.21 23.65
CA SER A 363 -20.19 -3.36 22.51
C SER A 363 -20.63 -1.91 22.73
N ARG A 364 -21.29 -1.63 23.88
CA ARG A 364 -21.75 -0.29 24.23
C ARG A 364 -21.13 0.24 25.53
N VAL A 365 -20.17 -0.50 26.13
CA VAL A 365 -19.49 -0.07 27.37
C VAL A 365 -18.01 0.24 27.14
N PHE A 366 -17.47 -0.07 25.95
CA PHE A 366 -16.07 0.14 25.70
C PHE A 366 -15.81 1.64 25.68
N PHE A 367 -14.87 2.07 26.56
CA PHE A 367 -14.43 3.45 26.68
C PHE A 367 -15.57 4.38 27.11
N ALA A 368 -16.58 3.80 27.80
CA ALA A 368 -17.78 4.54 28.18
C ALA A 368 -17.59 5.00 29.62
N SER A 369 -16.65 5.92 29.83
CA SER A 369 -16.39 6.50 31.15
C SER A 369 -17.64 7.25 31.65
N TRP A 370 -18.50 7.70 30.72
CA TRP A 370 -19.71 8.40 31.10
C TRP A 370 -20.65 7.53 31.93
N ARG A 371 -20.63 6.20 31.73
CA ARG A 371 -21.51 5.30 32.48
C ARG A 371 -21.09 5.15 33.94
N VAL A 372 -19.85 5.54 34.27
CA VAL A 372 -19.41 5.52 35.66
C VAL A 372 -19.86 6.82 36.33
N VAL A 373 -19.74 7.94 35.60
CA VAL A 373 -19.98 9.25 36.17
C VAL A 373 -21.48 9.54 36.26
N LEU A 374 -22.28 9.01 35.31
CA LEU A 374 -23.68 9.41 35.18
C LEU A 374 -24.66 8.27 35.41
N GLU A 375 -24.22 7.02 35.55
CA GLU A 375 -25.16 5.90 35.72
C GLU A 375 -24.86 5.09 37.00
N GLY A 376 -24.48 5.79 38.07
CA GLY A 376 -24.57 5.24 39.40
C GLY A 376 -23.23 4.88 40.05
N GLY A 377 -22.12 5.29 39.41
CA GLY A 377 -20.80 5.04 39.97
C GLY A 377 -20.42 3.56 39.91
N ILE A 378 -19.55 3.14 40.86
CA ILE A 378 -18.85 1.87 40.79
C ILE A 378 -19.55 0.78 41.61
N ASP A 379 -20.37 1.14 42.61
CA ASP A 379 -20.96 0.17 43.53
C ASP A 379 -21.81 -0.84 42.75
N PRO A 380 -22.70 -0.42 41.83
CA PRO A 380 -23.49 -1.36 41.03
C PRO A 380 -22.66 -2.34 40.20
N ILE A 381 -21.51 -1.85 39.69
CA ILE A 381 -20.63 -2.61 38.82
C ILE A 381 -19.90 -3.69 39.62
N LEU A 382 -19.31 -3.28 40.76
CA LEU A 382 -18.65 -4.21 41.67
C LEU A 382 -19.62 -5.29 42.14
N ARG A 383 -20.88 -4.91 42.36
CA ARG A 383 -21.90 -5.87 42.77
C ARG A 383 -22.13 -6.88 41.65
N GLY A 384 -22.20 -6.40 40.40
CA GLY A 384 -22.37 -7.25 39.24
C GLY A 384 -21.23 -8.27 39.08
N LEU A 385 -20.01 -7.83 39.40
CA LEU A 385 -18.82 -8.68 39.28
C LEU A 385 -18.88 -9.81 40.31
N MET A 386 -19.29 -9.45 41.54
CA MET A 386 -19.28 -10.38 42.66
C MET A 386 -20.38 -11.43 42.53
N ALA A 387 -21.52 -11.05 41.96
CA ALA A 387 -22.74 -11.85 42.04
C ALA A 387 -23.17 -12.43 40.69
N THR A 388 -22.35 -12.24 39.65
CA THR A 388 -22.59 -12.84 38.35
C THR A 388 -21.50 -13.88 38.10
N PRO A 389 -21.81 -15.01 37.43
CA PRO A 389 -20.79 -15.99 37.10
C PRO A 389 -19.93 -15.55 35.92
N ALA A 390 -18.65 -15.92 35.93
CA ALA A 390 -17.84 -15.79 34.73
C ALA A 390 -18.47 -16.66 33.63
N LYS A 391 -18.04 -16.47 32.39
CA LYS A 391 -18.32 -17.44 31.34
C LYS A 391 -17.34 -18.60 31.53
N LEU A 392 -17.78 -19.81 31.20
CA LEU A 392 -16.90 -20.97 31.18
C LEU A 392 -16.37 -21.16 29.76
N ASN A 393 -15.06 -21.38 29.65
CA ASN A 393 -14.42 -21.82 28.43
C ASN A 393 -14.77 -23.28 28.19
N ARG A 394 -15.42 -23.55 27.05
CA ARG A 394 -15.64 -24.90 26.55
C ARG A 394 -15.20 -24.92 25.09
N GLN A 395 -14.81 -26.12 24.61
CA GLN A 395 -14.12 -26.29 23.35
C GLN A 395 -15.02 -25.88 22.16
N ASN A 396 -16.35 -25.79 22.35
CA ASN A 396 -17.23 -25.32 21.29
C ASN A 396 -17.92 -24.01 21.66
N GLN A 397 -17.41 -23.36 22.72
CA GLN A 397 -17.90 -22.08 23.19
C GLN A 397 -16.71 -21.27 23.72
N ILE A 398 -15.83 -20.84 22.83
CA ILE A 398 -14.54 -20.32 23.25
C ILE A 398 -14.68 -18.85 23.66
N ALA A 399 -15.22 -18.01 22.77
CA ALA A 399 -15.38 -16.59 23.08
C ALA A 399 -16.58 -15.98 22.34
N VAL A 400 -17.20 -15.00 23.02
CA VAL A 400 -18.49 -14.43 22.66
C VAL A 400 -18.33 -13.44 21.49
N ASP A 401 -19.43 -13.21 20.76
CA ASP A 401 -19.42 -12.34 19.60
C ASP A 401 -19.32 -10.85 19.96
N GLU A 402 -19.54 -10.48 21.24
CA GLU A 402 -19.39 -9.08 21.62
C GLU A 402 -17.93 -8.64 21.51
N ILE A 403 -16.98 -9.59 21.62
CA ILE A 403 -15.56 -9.31 21.42
C ILE A 403 -15.06 -9.85 20.08
N ARG A 404 -15.76 -10.82 19.50
CA ARG A 404 -15.31 -11.47 18.27
C ARG A 404 -15.83 -10.70 17.05
N GLU A 405 -16.95 -9.97 17.21
CA GLU A 405 -17.62 -9.30 16.09
C GLU A 405 -17.75 -7.80 16.30
N ARG A 406 -17.84 -7.35 17.56
CA ARG A 406 -18.24 -5.99 17.86
C ARG A 406 -17.24 -5.31 18.81
N LEU A 407 -15.96 -5.72 18.80
CA LEU A 407 -14.99 -5.07 19.68
C LEU A 407 -14.72 -3.64 19.22
N PHE A 408 -14.97 -2.68 20.11
CA PHE A 408 -14.72 -1.26 19.91
C PHE A 408 -15.51 -0.73 18.72
N GLU A 409 -16.71 -1.28 18.54
CA GLU A 409 -17.59 -1.00 17.41
C GLU A 409 -17.91 0.49 17.28
N GLN A 410 -18.08 1.17 18.43
CA GLN A 410 -18.58 2.54 18.46
C GLN A 410 -17.50 3.56 18.03
N VAL A 411 -16.21 3.18 18.15
CA VAL A 411 -15.14 4.17 18.10
C VAL A 411 -14.17 3.89 16.95
N MET A 412 -14.53 2.96 16.06
CA MET A 412 -13.69 2.53 14.96
C MET A 412 -14.54 2.38 13.70
N ARG A 413 -13.88 2.27 12.55
CA ARG A 413 -14.61 2.20 11.29
C ARG A 413 -15.29 0.83 11.12
N ILE A 414 -14.88 -0.14 11.94
CA ILE A 414 -15.38 -1.50 11.85
C ILE A 414 -15.10 -2.19 13.19
N GLY A 415 -15.99 -3.12 13.53
CA GLY A 415 -15.82 -3.89 14.74
C GLY A 415 -14.65 -4.86 14.57
N LEU A 416 -13.86 -4.97 15.66
CA LEU A 416 -12.71 -5.86 15.66
C LEU A 416 -13.13 -7.24 16.18
N ASP A 417 -12.22 -8.19 15.98
CA ASP A 417 -12.32 -9.56 16.41
C ASP A 417 -11.14 -9.84 17.34
N LEU A 418 -11.37 -9.90 18.66
CA LEU A 418 -10.25 -9.93 19.60
C LEU A 418 -9.52 -11.26 19.48
N PRO A 419 -10.21 -12.43 19.41
CA PRO A 419 -9.54 -13.70 19.12
C PRO A 419 -8.61 -13.72 17.90
N ALA A 420 -9.07 -13.13 16.78
CA ALA A 420 -8.27 -12.98 15.59
C ALA A 420 -7.07 -12.04 15.81
N LEU A 421 -7.26 -10.94 16.56
CA LEU A 421 -6.16 -10.03 16.89
C LEU A 421 -5.09 -10.75 17.74
N ASN A 422 -5.54 -11.59 18.68
CA ASN A 422 -4.66 -12.39 19.52
C ASN A 422 -3.70 -13.19 18.63
N MET A 423 -4.25 -13.71 17.51
CA MET A 423 -3.53 -14.62 16.64
C MET A 423 -2.64 -13.86 15.66
N GLN A 424 -3.13 -12.77 15.08
CA GLN A 424 -2.31 -11.89 14.25
C GLN A 424 -1.16 -11.34 15.11
N ARG A 425 -1.44 -11.09 16.38
CA ARG A 425 -0.45 -10.47 17.26
C ARG A 425 0.68 -11.46 17.56
N SER A 426 0.33 -12.74 17.75
CA SER A 426 1.33 -13.76 18.00
C SER A 426 2.27 -13.88 16.79
N ARG A 427 1.74 -13.69 15.57
CA ARG A 427 2.53 -13.74 14.36
C ARG A 427 3.41 -12.50 14.22
N ASP A 428 2.81 -11.33 14.50
CA ASP A 428 3.52 -10.07 14.58
C ASP A 428 4.75 -10.19 15.49
N HIS A 429 4.59 -10.86 16.63
CA HIS A 429 5.64 -10.96 17.64
C HIS A 429 6.58 -12.11 17.33
N GLY A 430 6.31 -12.87 16.27
CA GLY A 430 7.18 -13.96 15.85
C GLY A 430 7.21 -15.12 16.84
N LEU A 431 6.11 -15.40 17.52
CA LEU A 431 6.03 -16.51 18.46
C LEU A 431 5.96 -17.84 17.71
N PRO A 432 6.71 -18.86 18.17
CA PRO A 432 6.53 -20.24 17.68
C PRO A 432 5.10 -20.77 17.86
N GLY A 433 4.81 -21.87 17.14
CA GLY A 433 3.51 -22.52 17.21
C GLY A 433 3.33 -23.43 18.42
N TYR A 434 2.18 -24.09 18.47
CA TYR A 434 1.73 -24.89 19.60
C TYR A 434 2.77 -25.91 20.01
N ASN A 435 3.24 -26.75 19.07
CA ASN A 435 4.10 -27.87 19.42
C ASN A 435 5.43 -27.38 19.99
N ALA A 436 6.01 -26.29 19.44
CA ALA A 436 7.26 -25.77 19.97
C ALA A 436 7.13 -25.38 21.45
N TRP A 437 5.96 -24.84 21.82
CA TRP A 437 5.69 -24.45 23.19
C TRP A 437 5.40 -25.67 24.07
N ARG A 438 4.66 -26.66 23.52
CA ARG A 438 4.49 -27.94 24.19
C ARG A 438 5.86 -28.48 24.59
N ARG A 439 6.79 -28.51 23.62
CA ARG A 439 8.11 -29.06 23.81
C ARG A 439 8.88 -28.26 24.86
N PHE A 440 8.78 -26.93 24.77
CA PHE A 440 9.43 -26.04 25.73
C PHE A 440 8.96 -26.40 27.14
N CYS A 441 7.70 -26.80 27.28
CA CYS A 441 7.09 -27.05 28.58
C CYS A 441 7.31 -28.50 29.04
N GLY A 442 7.95 -29.31 28.20
CA GLY A 442 8.11 -30.71 28.53
C GLY A 442 6.82 -31.50 28.34
N LEU A 443 5.99 -31.13 27.37
CA LEU A 443 4.74 -31.82 27.11
C LEU A 443 4.82 -32.54 25.76
N PRO A 444 4.12 -33.67 25.58
CA PRO A 444 4.06 -34.35 24.28
C PRO A 444 3.54 -33.46 23.15
N GLN A 445 4.16 -33.62 21.97
CA GLN A 445 3.81 -32.85 20.79
C GLN A 445 3.06 -33.73 19.79
N PRO A 446 1.72 -33.58 19.63
CA PRO A 446 0.98 -34.33 18.62
C PRO A 446 1.37 -33.94 17.20
N GLU A 447 1.60 -34.95 16.36
CA GLU A 447 1.95 -34.76 14.96
C GLU A 447 0.74 -35.01 14.05
N THR A 448 -0.19 -35.88 14.46
CA THR A 448 -1.31 -36.28 13.64
C THR A 448 -2.62 -35.82 14.25
N VAL A 449 -3.69 -35.89 13.45
CA VAL A 449 -5.02 -35.46 13.90
C VAL A 449 -5.49 -36.37 15.05
N GLY A 450 -5.13 -37.65 14.99
CA GLY A 450 -5.49 -38.60 16.03
C GLY A 450 -4.80 -38.30 17.36
N GLN A 451 -3.51 -37.95 17.29
CA GLN A 451 -2.77 -37.59 18.49
C GLN A 451 -3.31 -36.29 19.06
N LEU A 452 -3.66 -35.34 18.18
CA LEU A 452 -4.21 -34.07 18.64
C LEU A 452 -5.58 -34.33 19.29
N GLY A 453 -6.37 -35.23 18.70
CA GLY A 453 -7.63 -35.67 19.29
C GLY A 453 -7.47 -36.16 20.73
N THR A 454 -6.45 -36.97 20.98
CA THR A 454 -6.14 -37.50 22.31
C THR A 454 -5.81 -36.36 23.27
N VAL A 455 -4.94 -35.44 22.84
CA VAL A 455 -4.49 -34.32 23.65
C VAL A 455 -5.68 -33.45 24.06
N LEU A 456 -6.60 -33.21 23.11
CA LEU A 456 -7.73 -32.31 23.33
C LEU A 456 -8.94 -33.06 23.91
N ARG A 457 -8.85 -34.40 23.96
CA ARG A 457 -9.96 -35.31 24.26
C ARG A 457 -11.16 -34.93 23.40
N ASN A 458 -10.93 -34.66 22.12
CA ASN A 458 -11.94 -34.08 21.24
C ASN A 458 -11.43 -34.17 19.81
N LEU A 459 -11.84 -35.22 19.09
CA LEU A 459 -11.36 -35.46 17.75
C LEU A 459 -12.00 -34.48 16.78
N LYS A 460 -13.23 -34.03 17.09
CA LYS A 460 -13.90 -33.08 16.21
C LYS A 460 -13.07 -31.78 16.13
N LEU A 461 -12.72 -31.22 17.29
CA LEU A 461 -11.93 -29.98 17.36
C LEU A 461 -10.55 -30.16 16.73
N ALA A 462 -9.90 -31.29 17.02
CA ALA A 462 -8.64 -31.64 16.38
C ALA A 462 -8.76 -31.59 14.85
N ARG A 463 -9.88 -32.05 14.29
CA ARG A 463 -10.04 -32.08 12.84
C ARG A 463 -10.16 -30.67 12.28
N LYS A 464 -10.93 -29.82 12.95
CA LYS A 464 -11.13 -28.43 12.55
C LYS A 464 -9.80 -27.68 12.53
N LEU A 465 -8.97 -27.93 13.56
CA LEU A 465 -7.68 -27.27 13.70
C LEU A 465 -6.72 -27.69 12.59
N MET A 466 -6.75 -28.98 12.22
CA MET A 466 -5.87 -29.49 11.17
C MET A 466 -6.34 -28.99 9.81
N GLU A 467 -7.66 -28.78 9.67
CA GLU A 467 -8.18 -28.24 8.43
C GLU A 467 -7.66 -26.82 8.24
N GLN A 468 -7.62 -26.01 9.31
CA GLN A 468 -7.11 -24.64 9.25
C GLN A 468 -5.59 -24.61 9.09
N TYR A 469 -4.88 -25.38 9.93
CA TYR A 469 -3.45 -25.17 10.15
C TYR A 469 -2.58 -26.19 9.41
N GLY A 470 -3.10 -27.40 9.11
CA GLY A 470 -2.36 -28.42 8.39
C GLY A 470 -1.46 -29.28 9.29
N THR A 471 -0.84 -28.65 10.29
CA THR A 471 -0.02 -29.35 11.25
C THR A 471 -0.20 -28.70 12.62
N PRO A 472 -0.11 -29.48 13.73
CA PRO A 472 -0.11 -28.89 15.07
C PRO A 472 1.11 -28.01 15.34
N ASN A 473 2.12 -28.09 14.46
CA ASN A 473 3.30 -27.26 14.61
C ASN A 473 2.95 -25.80 14.37
N ASN A 474 1.87 -25.54 13.62
CA ASN A 474 1.57 -24.20 13.11
C ASN A 474 0.44 -23.53 13.88
N ILE A 475 -0.19 -24.24 14.83
CA ILE A 475 -1.29 -23.70 15.58
C ILE A 475 -0.80 -22.53 16.43
N ASP A 476 -1.48 -21.38 16.31
CA ASP A 476 -1.15 -20.19 17.07
C ASP A 476 -1.29 -20.49 18.55
N ILE A 477 -0.33 -19.97 19.34
CA ILE A 477 -0.23 -20.28 20.75
C ILE A 477 -1.55 -20.00 21.49
N TRP A 478 -2.21 -18.87 21.23
CA TRP A 478 -3.44 -18.57 21.95
C TRP A 478 -4.46 -19.67 21.65
N MET A 479 -4.63 -19.97 20.35
CA MET A 479 -5.69 -20.84 19.86
C MET A 479 -5.48 -22.23 20.43
N GLY A 480 -4.24 -22.74 20.32
CA GLY A 480 -3.91 -24.04 20.87
C GLY A 480 -4.10 -24.08 22.39
N GLY A 481 -3.55 -23.07 23.09
CA GLY A 481 -3.65 -22.98 24.55
C GLY A 481 -5.09 -23.10 25.09
N VAL A 482 -6.02 -22.32 24.50
CA VAL A 482 -7.40 -22.24 24.97
C VAL A 482 -8.27 -23.40 24.44
N SER A 483 -7.77 -24.16 23.45
CA SER A 483 -8.45 -25.35 22.95
C SER A 483 -8.32 -26.53 23.90
N GLU A 484 -7.27 -26.52 24.74
CA GLU A 484 -6.92 -27.65 25.60
C GLU A 484 -7.97 -27.82 26.72
N PRO A 485 -8.32 -29.07 27.09
CA PRO A 485 -9.17 -29.30 28.26
C PRO A 485 -8.52 -28.81 29.54
N LEU A 486 -9.37 -28.28 30.43
CA LEU A 486 -8.93 -27.54 31.61
C LEU A 486 -8.39 -28.51 32.66
N LYS A 487 -7.44 -28.02 33.46
CA LYS A 487 -6.89 -28.76 34.57
C LYS A 487 -7.96 -28.91 35.64
N ARG A 488 -7.82 -29.93 36.48
CA ARG A 488 -8.72 -30.15 37.59
C ARG A 488 -8.64 -28.92 38.50
N LYS A 489 -9.79 -28.27 38.68
CA LYS A 489 -9.99 -27.11 39.55
C LYS A 489 -9.22 -25.89 39.06
N GLY A 490 -8.88 -25.86 37.77
CA GLY A 490 -8.29 -24.70 37.14
C GLY A 490 -9.10 -24.32 35.90
N ARG A 491 -8.70 -23.22 35.26
CA ARG A 491 -9.41 -22.71 34.09
C ARG A 491 -8.47 -22.51 32.90
N VAL A 492 -7.35 -23.25 32.90
CA VAL A 492 -6.45 -23.35 31.75
C VAL A 492 -6.02 -24.80 31.58
N GLY A 493 -5.60 -25.16 30.36
CA GLY A 493 -4.99 -26.46 30.11
C GLY A 493 -3.50 -26.50 30.52
N PRO A 494 -2.83 -27.66 30.32
CA PRO A 494 -1.44 -27.85 30.73
C PRO A 494 -0.43 -26.86 30.17
N LEU A 495 -0.61 -26.48 28.89
CA LEU A 495 0.33 -25.60 28.22
C LEU A 495 0.29 -24.20 28.80
N LEU A 496 -0.91 -23.62 28.91
CA LEU A 496 -1.07 -22.29 29.45
C LEU A 496 -0.68 -22.28 30.94
N ALA A 497 -0.96 -23.40 31.62
CA ALA A 497 -0.58 -23.55 33.01
C ALA A 497 0.93 -23.38 33.16
N CYS A 498 1.66 -24.05 32.27
CA CYS A 498 3.11 -24.03 32.30
C CYS A 498 3.64 -22.61 32.04
N ILE A 499 3.13 -21.97 31.00
CA ILE A 499 3.62 -20.65 30.67
C ILE A 499 3.29 -19.66 31.78
N ILE A 500 2.03 -19.63 32.23
CA ILE A 500 1.57 -18.65 33.21
C ILE A 500 2.25 -18.91 34.57
N GLY A 501 2.28 -20.18 34.97
CA GLY A 501 2.96 -20.59 36.19
C GLY A 501 4.42 -20.17 36.21
N THR A 502 5.12 -20.49 35.13
CA THR A 502 6.54 -20.17 35.00
C THR A 502 6.75 -18.67 35.16
N GLN A 503 5.89 -17.86 34.50
CA GLN A 503 6.05 -16.41 34.53
C GLN A 503 5.89 -15.86 35.94
N PHE A 504 4.82 -16.29 36.65
CA PHE A 504 4.51 -15.71 37.95
C PHE A 504 5.53 -16.17 39.00
N ARG A 505 6.12 -17.37 38.80
CA ARG A 505 7.18 -17.78 39.68
C ARG A 505 8.36 -16.81 39.60
N LYS A 506 8.70 -16.34 38.40
CA LYS A 506 9.85 -15.47 38.20
C LYS A 506 9.57 -14.08 38.77
N LEU A 507 8.32 -13.61 38.62
CA LEU A 507 7.91 -12.31 39.16
C LEU A 507 7.98 -12.31 40.69
N ARG A 508 7.86 -13.49 41.31
CA ARG A 508 7.89 -13.63 42.75
C ARG A 508 9.33 -13.79 43.26
N ASP A 509 10.02 -14.84 42.78
CA ASP A 509 11.34 -15.21 43.26
C ASP A 509 12.38 -14.15 42.88
N GLY A 510 12.11 -13.37 41.81
CA GLY A 510 13.07 -12.41 41.30
C GLY A 510 12.70 -10.96 41.60
N ASP A 511 11.70 -10.78 42.50
CA ASP A 511 11.30 -9.46 42.99
C ASP A 511 11.93 -9.22 44.37
N ARG A 512 12.84 -8.24 44.42
CA ARG A 512 13.57 -7.92 45.63
C ARG A 512 12.63 -7.34 46.69
N PHE A 513 11.50 -6.77 46.23
CA PHE A 513 10.52 -6.16 47.11
C PHE A 513 9.29 -7.03 47.28
N TRP A 514 9.41 -8.34 47.05
CA TRP A 514 8.32 -9.26 47.35
C TRP A 514 7.98 -9.14 48.82
N TRP A 515 6.67 -9.15 49.13
CA TRP A 515 6.20 -8.80 50.48
C TRP A 515 6.73 -9.77 51.56
N GLU A 516 7.00 -11.04 51.21
CA GLU A 516 7.52 -12.00 52.17
C GLU A 516 9.04 -11.97 52.27
N ASN A 517 9.71 -11.18 51.42
CA ASN A 517 11.17 -11.15 51.44
C ASN A 517 11.63 -10.47 52.74
N GLU A 518 12.59 -11.11 53.43
CA GLU A 518 13.14 -10.56 54.65
C GLU A 518 13.64 -9.14 54.39
N GLY A 519 13.10 -8.18 55.15
CA GLY A 519 13.62 -6.81 55.13
C GLY A 519 12.61 -5.83 54.54
N VAL A 520 11.56 -6.33 53.88
CA VAL A 520 10.61 -5.45 53.20
C VAL A 520 9.60 -4.98 54.26
N PHE A 521 9.01 -5.96 54.97
CA PHE A 521 8.06 -5.73 56.05
C PHE A 521 8.62 -6.42 57.29
N SER A 522 8.27 -5.88 58.48
CA SER A 522 8.53 -6.55 59.74
C SER A 522 7.62 -7.77 59.83
N MET A 523 7.90 -8.64 60.81
CA MET A 523 7.18 -9.88 60.98
C MET A 523 5.74 -9.60 61.44
N GLN A 524 5.53 -8.45 62.09
CA GLN A 524 4.23 -8.06 62.63
C GLN A 524 3.37 -7.48 61.49
N GLN A 525 4.03 -6.75 60.58
CA GLN A 525 3.38 -6.18 59.40
C GLN A 525 2.92 -7.31 58.45
N ARG A 526 3.69 -8.40 58.36
CA ARG A 526 3.33 -9.54 57.53
C ARG A 526 2.15 -10.29 58.15
N GLN A 527 2.14 -10.40 59.50
CA GLN A 527 1.01 -11.00 60.21
C GLN A 527 -0.26 -10.24 59.85
N ALA A 528 -0.16 -8.91 59.86
CA ALA A 528 -1.30 -8.01 59.61
C ALA A 528 -1.78 -8.11 58.16
N LEU A 529 -0.83 -8.14 57.22
CA LEU A 529 -1.12 -8.18 55.79
C LEU A 529 -1.78 -9.49 55.39
N ALA A 530 -1.49 -10.58 56.10
CA ALA A 530 -2.09 -11.88 55.83
C ALA A 530 -3.61 -11.83 55.94
N GLN A 531 -4.15 -10.78 56.58
CA GLN A 531 -5.56 -10.67 56.92
C GLN A 531 -6.36 -9.97 55.83
N ILE A 532 -5.68 -9.29 54.91
CA ILE A 532 -6.37 -8.51 53.88
C ILE A 532 -7.13 -9.43 52.94
N SER A 533 -8.15 -8.88 52.29
CA SER A 533 -8.87 -9.58 51.23
C SER A 533 -9.55 -8.54 50.36
N LEU A 534 -10.03 -8.97 49.21
CA LEU A 534 -10.64 -8.05 48.25
C LEU A 534 -12.05 -7.67 48.70
N PRO A 535 -12.87 -8.59 49.25
CA PRO A 535 -14.13 -8.19 49.85
C PRO A 535 -13.91 -7.05 50.86
N ARG A 536 -12.91 -7.17 51.75
CA ARG A 536 -12.62 -6.16 52.74
C ARG A 536 -12.34 -4.81 52.08
N ILE A 537 -11.58 -4.82 50.99
CA ILE A 537 -11.21 -3.58 50.34
C ILE A 537 -12.44 -2.92 49.73
N ILE A 538 -13.39 -3.73 49.25
CA ILE A 538 -14.63 -3.21 48.69
C ILE A 538 -15.46 -2.55 49.80
N CYS A 539 -15.58 -3.23 50.94
CA CYS A 539 -16.27 -2.70 52.12
C CYS A 539 -15.69 -1.34 52.53
N ASP A 540 -14.36 -1.26 52.66
CA ASP A 540 -13.70 -0.10 53.22
C ASP A 540 -13.87 1.13 52.32
N ASN A 541 -14.20 0.94 51.02
CA ASN A 541 -14.01 2.00 50.05
C ASN A 541 -15.23 2.21 49.15
N THR A 542 -16.35 1.56 49.48
CA THR A 542 -17.58 1.74 48.70
C THR A 542 -18.77 1.85 49.66
N GLY A 543 -19.95 2.05 49.06
CA GLY A 543 -21.20 2.02 49.80
C GLY A 543 -21.82 0.63 49.88
N ILE A 544 -21.02 -0.40 49.58
CA ILE A 544 -21.47 -1.78 49.62
C ILE A 544 -21.24 -2.31 51.03
N THR A 545 -22.25 -3.02 51.57
CA THR A 545 -22.20 -3.56 52.93
C THR A 545 -22.37 -5.08 52.95
N THR A 546 -22.73 -5.67 51.80
CA THR A 546 -22.79 -7.12 51.68
C THR A 546 -21.88 -7.55 50.52
N VAL A 547 -20.94 -8.47 50.80
CA VAL A 547 -19.88 -8.84 49.88
C VAL A 547 -19.77 -10.36 49.78
N SER A 548 -18.93 -10.83 48.84
CA SER A 548 -18.66 -12.24 48.59
C SER A 548 -17.93 -12.86 49.79
N LYS A 549 -18.25 -14.13 50.07
CA LYS A 549 -17.44 -14.97 50.95
C LYS A 549 -16.11 -15.29 50.29
N ASN A 550 -15.08 -15.54 51.10
CA ASN A 550 -13.75 -15.84 50.62
C ASN A 550 -13.79 -17.25 50.03
N ASN A 551 -13.88 -17.33 48.71
CA ASN A 551 -12.85 -16.86 47.79
C ASN A 551 -13.65 -16.05 46.77
N ILE A 552 -13.42 -14.74 46.73
CA ILE A 552 -14.25 -13.84 45.95
C ILE A 552 -14.33 -14.27 44.48
N PHE A 553 -13.31 -15.02 44.02
CA PHE A 553 -13.22 -15.42 42.63
C PHE A 553 -14.07 -16.66 42.36
N MET A 554 -14.54 -17.34 43.42
CA MET A 554 -15.37 -18.53 43.33
C MET A 554 -16.81 -18.22 43.70
N SER A 555 -17.01 -17.51 44.82
CA SER A 555 -18.32 -17.03 45.28
C SER A 555 -18.99 -16.23 44.18
N ASN A 556 -20.16 -16.67 43.69
CA ASN A 556 -20.80 -16.02 42.56
C ASN A 556 -22.33 -16.00 42.62
N SER A 557 -22.94 -16.32 43.76
CA SER A 557 -24.40 -16.44 43.82
C SER A 557 -24.96 -15.73 45.05
N TYR A 558 -25.79 -14.70 44.83
CA TYR A 558 -26.49 -14.02 45.91
C TYR A 558 -27.66 -14.89 46.40
N PRO A 559 -28.24 -14.65 47.59
CA PRO A 559 -27.50 -14.52 48.87
C PRO A 559 -26.59 -15.65 49.37
N ARG A 560 -26.65 -16.83 48.73
CA ARG A 560 -25.96 -18.02 49.22
C ARG A 560 -24.51 -17.70 49.62
N ASP A 561 -23.77 -16.97 48.78
CA ASP A 561 -22.32 -16.84 48.92
C ASP A 561 -21.89 -15.47 49.45
N PHE A 562 -22.76 -14.81 50.25
CA PHE A 562 -22.53 -13.44 50.67
C PHE A 562 -22.56 -13.30 52.19
N VAL A 563 -21.89 -12.25 52.71
CA VAL A 563 -21.78 -11.94 54.13
C VAL A 563 -21.78 -10.43 54.33
N ASN A 564 -21.99 -10.01 55.59
CA ASN A 564 -22.00 -8.60 55.94
C ASN A 564 -20.55 -8.18 56.14
N CYS A 565 -20.28 -6.90 55.81
CA CYS A 565 -18.96 -6.34 55.91
C CYS A 565 -18.40 -6.39 57.33
N SER A 566 -19.29 -6.33 58.32
CA SER A 566 -18.89 -6.29 59.72
C SER A 566 -18.29 -7.63 60.16
N THR A 567 -18.51 -8.70 59.40
CA THR A 567 -18.03 -10.03 59.78
C THR A 567 -16.57 -10.25 59.41
N LEU A 568 -16.00 -9.38 58.57
CA LEU A 568 -14.69 -9.61 57.98
C LEU A 568 -13.61 -8.88 58.78
N PRO A 569 -12.37 -9.44 58.90
CA PRO A 569 -11.30 -8.75 59.63
C PRO A 569 -10.78 -7.56 58.82
N ALA A 570 -10.53 -6.42 59.49
CA ALA A 570 -9.94 -5.25 58.83
C ALA A 570 -8.42 -5.34 58.89
N LEU A 571 -7.74 -4.45 58.15
CA LEU A 571 -6.30 -4.38 58.21
C LEU A 571 -5.92 -3.52 59.42
N ASN A 572 -5.18 -4.13 60.36
CA ASN A 572 -4.69 -3.44 61.54
C ASN A 572 -3.34 -2.81 61.22
N LEU A 573 -3.31 -1.47 61.15
CA LEU A 573 -2.09 -0.75 60.84
C LEU A 573 -1.26 -0.41 62.09
N ALA A 574 -1.51 -1.11 63.21
CA ALA A 574 -0.86 -0.79 64.47
C ALA A 574 0.67 -0.85 64.31
N SER A 575 1.15 -1.88 63.60
CA SER A 575 2.58 -2.16 63.52
C SER A 575 3.33 -1.22 62.57
N TRP A 576 2.64 -0.22 62.01
CA TRP A 576 3.26 0.78 61.16
C TRP A 576 3.62 2.05 61.94
N ARG A 577 3.33 2.06 63.26
CA ARG A 577 3.54 3.23 64.11
C ARG A 577 5.02 3.37 64.44
N GLU A 578 5.48 4.63 64.54
CA GLU A 578 6.86 4.95 64.92
C GLU A 578 6.91 5.95 66.08
N ALA A 579 7.91 5.75 66.96
CA ALA A 579 8.20 6.67 68.05
C ALA A 579 9.17 7.74 67.55
N THR B 1 11.85 -16.88 2.51
CA THR B 1 11.47 -18.27 2.85
C THR B 1 12.61 -19.20 2.44
N CYS B 2 12.71 -20.33 3.14
CA CYS B 2 13.77 -21.29 2.91
C CYS B 2 13.38 -22.29 1.82
N PRO B 3 14.29 -22.64 0.89
CA PRO B 3 14.12 -23.81 0.05
C PRO B 3 13.64 -25.01 0.87
N GLU B 4 12.63 -25.72 0.38
CA GLU B 4 12.05 -26.85 1.11
C GLU B 4 12.93 -28.09 0.96
N GLN B 5 13.70 -28.15 -0.14
CA GLN B 5 14.82 -29.08 -0.25
C GLN B 5 16.09 -28.32 -0.58
N ASP B 6 17.21 -28.90 -0.14
CA ASP B 6 18.55 -28.39 -0.43
C ASP B 6 19.52 -29.51 -0.11
N LYS B 7 20.71 -29.42 -0.71
CA LYS B 7 21.66 -30.51 -0.62
C LYS B 7 22.89 -30.04 0.18
N TYR B 8 23.15 -28.73 0.17
CA TYR B 8 24.37 -28.16 0.71
C TYR B 8 24.03 -26.99 1.63
N ARG B 9 24.99 -26.68 2.50
CA ARG B 9 24.92 -25.48 3.31
C ARG B 9 24.89 -24.23 2.43
N THR B 10 24.13 -23.22 2.83
CA THR B 10 24.35 -21.86 2.37
C THR B 10 25.69 -21.36 2.93
N ILE B 11 26.23 -20.30 2.30
CA ILE B 11 27.48 -19.72 2.74
C ILE B 11 27.28 -19.01 4.08
N THR B 12 26.17 -18.26 4.21
CA THR B 12 25.90 -17.44 5.38
C THR B 12 25.36 -18.26 6.55
N GLY B 13 24.95 -19.51 6.31
CA GLY B 13 24.33 -20.32 7.34
C GLY B 13 22.82 -20.10 7.47
N MET B 14 22.28 -19.10 6.73
CA MET B 14 20.86 -18.92 6.55
C MET B 14 20.26 -20.30 6.25
N CYS B 15 19.17 -20.67 6.94
CA CYS B 15 18.29 -21.75 6.53
C CYS B 15 18.73 -23.12 7.02
N ASN B 16 19.80 -23.17 7.84
CA ASN B 16 20.17 -24.39 8.52
C ASN B 16 18.99 -24.81 9.40
N ASN B 17 18.50 -23.87 10.23
CA ASN B 17 17.30 -24.09 11.02
C ASN B 17 16.11 -23.50 10.24
N ARG B 18 15.17 -24.34 9.84
CA ARG B 18 14.12 -23.93 8.93
C ARG B 18 13.06 -23.11 9.66
N ARG B 19 12.79 -23.38 10.96
CA ARG B 19 11.77 -22.66 11.71
C ARG B 19 12.26 -21.26 12.12
N SER B 20 13.55 -21.11 12.44
CA SER B 20 14.14 -19.82 12.75
C SER B 20 15.42 -19.66 11.93
N PRO B 21 15.29 -19.32 10.62
CA PRO B 21 16.39 -19.50 9.70
C PRO B 21 17.66 -18.65 9.89
N THR B 22 17.65 -17.66 10.80
CA THR B 22 18.88 -16.90 11.04
C THR B 22 19.79 -17.55 12.08
N LEU B 23 19.31 -18.60 12.78
CA LEU B 23 20.08 -19.17 13.89
C LEU B 23 21.34 -19.84 13.36
N GLY B 24 22.49 -19.29 13.76
CA GLY B 24 23.79 -19.79 13.33
C GLY B 24 24.31 -19.09 12.06
N ALA B 25 23.49 -18.21 11.49
CA ALA B 25 23.90 -17.43 10.34
C ALA B 25 24.82 -16.27 10.75
N SER B 26 25.52 -15.74 9.75
CA SER B 26 26.53 -14.72 9.95
C SER B 26 25.87 -13.36 10.12
N ASN B 27 26.59 -12.45 10.79
CA ASN B 27 26.20 -11.06 10.99
C ASN B 27 24.89 -10.96 11.75
N ARG B 28 24.80 -11.66 12.89
CA ARG B 28 23.69 -11.58 13.82
C ARG B 28 24.22 -11.40 15.24
N ALA B 29 23.35 -10.96 16.14
CA ALA B 29 23.71 -10.83 17.54
C ALA B 29 24.02 -12.22 18.14
N PHE B 30 24.98 -12.24 19.07
CA PHE B 30 25.22 -13.40 19.89
C PHE B 30 23.96 -13.70 20.71
N VAL B 31 23.80 -14.97 21.07
CA VAL B 31 22.84 -15.34 22.07
C VAL B 31 23.46 -15.07 23.45
N ARG B 32 22.58 -14.75 24.43
CA ARG B 32 22.98 -14.53 25.81
C ARG B 32 22.49 -15.69 26.66
N TRP B 33 23.39 -16.34 27.40
CA TRP B 33 22.98 -17.37 28.34
C TRP B 33 22.66 -16.77 29.71
N LEU B 34 23.14 -15.54 29.95
CA LEU B 34 22.79 -14.79 31.13
C LEU B 34 22.53 -13.33 30.74
N PRO B 35 21.67 -12.62 31.48
CA PRO B 35 21.52 -11.18 31.30
C PRO B 35 22.80 -10.39 31.47
N ALA B 36 22.94 -9.36 30.64
CA ALA B 36 24.14 -8.53 30.62
C ALA B 36 24.29 -7.71 31.89
N GLU B 37 25.56 -7.38 32.23
CA GLU B 37 25.90 -6.57 33.39
C GLU B 37 26.78 -5.39 32.93
N TYR B 38 26.10 -4.25 32.77
CA TYR B 38 26.72 -2.99 32.39
C TYR B 38 26.57 -2.00 33.54
N GLU B 39 27.53 -1.07 33.60
CA GLU B 39 27.62 -0.05 34.64
C GLU B 39 26.31 0.72 34.76
N ASP B 40 25.67 1.02 33.61
CA ASP B 40 24.44 1.80 33.56
C ASP B 40 23.24 0.91 33.23
N GLY B 41 23.43 -0.41 33.25
CA GLY B 41 22.33 -1.35 33.05
C GLY B 41 22.19 -1.82 31.60
N PHE B 42 22.64 -1.01 30.62
CA PHE B 42 22.32 -1.33 29.22
C PHE B 42 23.45 -1.05 28.22
N SER B 43 24.57 -0.39 28.56
CA SER B 43 25.52 -0.01 27.50
C SER B 43 26.97 0.20 27.96
N LEU B 44 27.18 0.86 29.10
CA LEU B 44 28.52 1.26 29.49
C LEU B 44 29.20 0.13 30.29
N PRO B 45 30.45 -0.21 29.96
CA PRO B 45 31.13 -1.33 30.60
C PRO B 45 31.62 -0.94 31.99
N TYR B 46 31.76 -1.94 32.87
CA TYR B 46 32.35 -1.69 34.18
C TYR B 46 33.78 -1.22 33.97
N GLY B 47 34.16 -0.19 34.74
CA GLY B 47 35.43 0.48 34.58
C GLY B 47 35.33 1.75 33.74
N TRP B 48 34.14 2.09 33.27
CA TRP B 48 33.99 3.20 32.34
C TRP B 48 34.09 4.54 33.08
N THR B 49 33.25 4.72 34.09
CA THR B 49 33.20 5.94 34.88
C THR B 49 34.10 5.77 36.11
N PRO B 50 35.13 6.63 36.33
CA PRO B 50 35.98 6.52 37.52
C PRO B 50 35.15 6.65 38.79
N GLY B 51 35.42 5.76 39.75
CA GLY B 51 34.80 5.84 41.07
C GLY B 51 33.54 5.00 41.20
N VAL B 52 32.99 4.53 40.08
CA VAL B 52 31.80 3.68 40.09
C VAL B 52 32.22 2.22 40.34
N LYS B 53 31.67 1.65 41.41
CA LYS B 53 31.98 0.30 41.83
C LYS B 53 31.12 -0.72 41.10
N ARG B 54 31.62 -1.96 41.07
CA ARG B 54 30.87 -3.10 40.60
C ARG B 54 30.44 -3.91 41.81
N ASN B 55 29.13 -3.95 42.08
CA ASN B 55 28.57 -4.90 43.03
C ASN B 55 29.27 -4.73 44.39
N GLY B 56 29.55 -3.47 44.74
CA GLY B 56 30.09 -3.11 46.05
C GLY B 56 31.60 -2.88 46.09
N PHE B 57 32.34 -3.13 45.00
CA PHE B 57 33.79 -3.05 45.04
C PHE B 57 34.36 -2.32 43.85
N PRO B 58 35.56 -1.71 43.97
CA PRO B 58 36.21 -1.03 42.86
C PRO B 58 36.49 -2.01 41.71
N VAL B 59 36.49 -1.49 40.49
CA VAL B 59 36.84 -2.28 39.32
C VAL B 59 38.36 -2.27 39.20
N ALA B 60 38.98 -3.44 39.06
CA ALA B 60 40.43 -3.54 38.87
C ALA B 60 40.77 -3.24 37.41
N LEU B 61 41.86 -2.48 37.19
CA LEU B 61 42.38 -2.30 35.85
C LEU B 61 42.75 -3.67 35.24
N ALA B 62 42.30 -3.93 34.02
CA ALA B 62 42.61 -5.17 33.33
C ALA B 62 44.11 -5.38 33.28
N ARG B 63 44.85 -4.29 33.01
CA ARG B 63 46.31 -4.33 32.95
C ARG B 63 46.91 -4.65 34.33
N ALA B 64 46.32 -4.13 35.41
CA ALA B 64 46.76 -4.45 36.76
C ALA B 64 46.57 -5.93 37.05
N VAL B 65 45.41 -6.48 36.67
CA VAL B 65 45.13 -7.89 36.92
C VAL B 65 46.13 -8.75 36.16
N SER B 66 46.39 -8.40 34.89
CA SER B 66 47.39 -9.08 34.07
C SER B 66 48.76 -9.08 34.77
N ASN B 67 49.21 -7.90 35.24
CA ASN B 67 50.52 -7.73 35.87
C ASN B 67 50.65 -8.59 37.14
N GLU B 68 49.64 -8.59 38.00
CA GLU B 68 49.74 -9.18 39.33
C GLU B 68 49.46 -10.67 39.34
N ILE B 69 48.81 -11.21 38.30
CA ILE B 69 48.27 -12.57 38.35
C ILE B 69 48.68 -13.41 37.15
N VAL B 70 48.75 -12.80 35.95
CA VAL B 70 49.05 -13.56 34.75
C VAL B 70 50.57 -13.61 34.55
N ARG B 71 51.24 -12.48 34.81
CA ARG B 71 52.67 -12.36 34.62
C ARG B 71 53.42 -13.45 35.38
N PHE B 72 54.41 -14.04 34.71
CA PHE B 72 55.34 -14.98 35.32
C PHE B 72 56.67 -14.87 34.58
N PRO B 73 57.80 -15.25 35.23
CA PRO B 73 59.12 -15.25 34.57
C PRO B 73 59.25 -16.34 33.50
N THR B 74 59.74 -15.98 32.29
CA THR B 74 59.58 -16.89 31.15
C THR B 74 60.49 -18.13 31.30
N ASP B 75 61.55 -18.04 32.10
CA ASP B 75 62.43 -19.17 32.33
C ASP B 75 61.73 -20.30 33.10
N GLN B 76 60.61 -20.01 33.78
CA GLN B 76 59.87 -20.99 34.55
C GLN B 76 58.92 -21.83 33.68
N LEU B 77 58.80 -21.48 32.39
CA LEU B 77 57.76 -22.03 31.54
C LEU B 77 57.80 -23.56 31.58
N THR B 78 56.63 -24.17 31.80
CA THR B 78 56.49 -25.61 31.85
C THR B 78 55.93 -26.12 30.53
N PRO B 79 56.64 -27.02 29.82
CA PRO B 79 56.09 -27.68 28.65
C PRO B 79 55.12 -28.79 29.02
N ASP B 80 54.08 -28.96 28.21
CA ASP B 80 53.06 -29.97 28.40
C ASP B 80 53.53 -31.28 27.79
N GLN B 81 53.81 -32.28 28.64
CA GLN B 81 54.33 -33.55 28.17
C GLN B 81 53.28 -34.33 27.37
N GLU B 82 52.01 -33.92 27.46
CA GLU B 82 50.91 -34.72 26.92
C GLU B 82 50.17 -33.98 25.80
N ARG B 83 50.66 -32.81 25.36
CA ARG B 83 49.99 -32.04 24.34
C ARG B 83 51.01 -31.43 23.36
N SER B 84 50.70 -31.57 22.06
CA SER B 84 51.48 -30.92 21.02
C SER B 84 51.07 -29.45 20.90
N LEU B 85 51.89 -28.66 20.23
CA LEU B 85 51.56 -27.27 19.96
C LEU B 85 50.47 -27.22 18.87
N MET B 86 50.26 -28.35 18.17
CA MET B 86 49.18 -28.48 17.20
C MET B 86 47.83 -28.42 17.92
N PHE B 87 47.80 -28.82 19.20
CA PHE B 87 46.60 -28.71 20.03
C PHE B 87 46.21 -27.25 20.22
N MET B 88 47.19 -26.39 20.48
CA MET B 88 46.98 -24.96 20.57
C MET B 88 46.44 -24.45 19.24
N GLN B 89 47.08 -24.83 18.13
CA GLN B 89 46.83 -24.19 16.85
C GLN B 89 45.48 -24.61 16.27
N TRP B 90 45.06 -25.85 16.49
CA TRP B 90 43.75 -26.28 16.03
C TRP B 90 42.66 -25.51 16.78
N GLY B 91 42.91 -25.16 18.04
CA GLY B 91 41.96 -24.39 18.82
C GLY B 91 41.71 -23.01 18.20
N GLN B 92 42.79 -22.33 17.82
CA GLN B 92 42.69 -21.01 17.23
C GLN B 92 41.97 -21.12 15.88
N LEU B 93 42.32 -22.12 15.10
CA LEU B 93 41.74 -22.30 13.77
C LEU B 93 40.26 -22.59 13.89
N LEU B 94 39.87 -23.46 14.83
CA LEU B 94 38.47 -23.78 15.10
C LEU B 94 37.70 -22.52 15.56
N ASP B 95 38.27 -21.78 16.52
CA ASP B 95 37.71 -20.51 16.96
C ASP B 95 37.36 -19.66 15.75
N HIS B 96 38.23 -19.65 14.73
CA HIS B 96 38.04 -18.79 13.58
C HIS B 96 37.02 -19.37 12.60
N ASP B 97 36.53 -20.59 12.89
CA ASP B 97 35.37 -21.16 12.24
C ASP B 97 34.10 -20.71 12.96
N LEU B 98 34.18 -20.34 14.23
CA LEU B 98 32.96 -20.19 15.05
C LEU B 98 32.55 -18.73 15.22
N ASP B 99 33.50 -17.85 15.58
CA ASP B 99 33.14 -16.51 15.99
C ASP B 99 34.23 -15.49 15.61
N PHE B 100 33.75 -14.34 15.12
CA PHE B 100 34.52 -13.12 14.98
C PHE B 100 33.62 -11.95 15.38
N THR B 101 34.10 -11.15 16.35
CA THR B 101 33.34 -10.03 16.89
C THR B 101 33.85 -8.72 16.30
N PRO B 102 33.18 -8.15 15.28
CA PRO B 102 33.70 -6.96 14.59
C PRO B 102 33.75 -5.69 15.45
N GLU B 103 34.74 -4.83 15.15
CA GLU B 103 34.95 -3.52 15.76
C GLU B 103 34.81 -2.42 14.71
N PRO B 104 34.59 -1.15 15.10
CA PRO B 104 34.57 -0.06 14.12
C PRO B 104 35.94 0.23 13.48
N VAL B 114 37.80 5.19 15.22
CA VAL B 114 38.09 6.44 14.46
C VAL B 114 39.41 7.04 14.96
N ASN B 115 39.59 7.06 16.28
CA ASN B 115 40.72 7.69 16.95
C ASN B 115 41.35 6.77 17.99
N CYS B 116 40.86 5.53 18.15
CA CYS B 116 41.18 4.71 19.32
C CYS B 116 42.61 4.19 19.29
N GLU B 117 43.22 4.22 18.11
CA GLU B 117 44.55 3.66 17.88
C GLU B 117 45.64 4.65 18.29
N THR B 118 45.34 5.96 18.31
CA THR B 118 46.34 6.97 18.66
C THR B 118 45.94 7.80 19.89
N SER B 119 44.64 7.81 20.25
CA SER B 119 44.15 8.65 21.33
C SER B 119 43.92 7.79 22.57
N CYS B 120 44.20 8.39 23.73
CA CYS B 120 43.95 7.75 25.02
C CYS B 120 42.77 8.40 25.73
N VAL B 121 42.04 9.24 25.00
CA VAL B 121 40.81 9.84 25.51
C VAL B 121 39.74 8.76 25.42
N GLN B 122 38.97 8.63 26.51
CA GLN B 122 37.87 7.67 26.57
C GLN B 122 36.61 8.35 26.05
N GLN B 123 36.41 8.23 24.74
CA GLN B 123 35.24 8.77 24.06
C GLN B 123 34.71 7.69 23.12
N PRO B 124 33.39 7.39 23.10
CA PRO B 124 32.85 6.32 22.27
C PRO B 124 33.38 6.43 20.84
N PRO B 125 33.79 5.32 20.17
CA PRO B 125 33.71 3.95 20.71
C PRO B 125 34.98 3.39 21.37
N CYS B 126 35.82 4.25 21.93
CA CYS B 126 37.09 3.84 22.50
C CYS B 126 36.91 3.50 23.98
N PHE B 127 37.61 2.47 24.42
CA PHE B 127 37.60 2.04 25.81
C PHE B 127 39.02 1.66 26.20
N PRO B 128 39.96 2.62 26.16
CA PRO B 128 41.38 2.32 26.37
C PRO B 128 41.68 1.78 27.76
N LEU B 129 42.67 0.89 27.82
CA LEU B 129 43.13 0.31 29.07
C LEU B 129 44.08 1.30 29.74
N LYS B 130 43.72 1.76 30.94
CA LYS B 130 44.58 2.63 31.71
C LYS B 130 45.79 1.84 32.20
N ILE B 131 46.89 2.56 32.38
CA ILE B 131 48.16 2.00 32.85
C ILE B 131 48.26 2.20 34.36
N PRO B 132 48.52 1.13 35.14
CA PRO B 132 48.66 1.28 36.59
C PRO B 132 50.02 1.89 36.94
N PRO B 133 50.20 2.44 38.17
CA PRO B 133 51.54 2.84 38.64
C PRO B 133 52.45 1.62 38.77
N ASN B 134 53.75 1.83 38.53
CA ASN B 134 54.75 0.78 38.70
C ASN B 134 54.46 -0.39 37.75
N ASP B 135 54.14 -0.03 36.50
CA ASP B 135 53.95 -1.02 35.46
C ASP B 135 55.33 -1.52 35.07
N PRO B 136 55.53 -2.85 34.92
CA PRO B 136 56.81 -3.37 34.46
C PRO B 136 57.33 -2.90 33.11
N ARG B 137 56.45 -2.37 32.25
CA ARG B 137 56.83 -2.09 30.86
C ARG B 137 56.53 -0.64 30.47
N ILE B 138 55.31 -0.16 30.79
CA ILE B 138 54.83 1.12 30.31
C ILE B 138 55.00 2.12 31.45
N LYS B 139 56.03 2.98 31.32
CA LYS B 139 56.39 3.92 32.37
C LYS B 139 55.54 5.18 32.28
N ASN B 140 55.06 5.52 31.07
CA ASN B 140 54.25 6.70 30.84
C ASN B 140 52.81 6.41 31.23
N GLN B 141 52.35 7.01 32.36
CA GLN B 141 50.99 6.76 32.82
C GLN B 141 49.97 7.58 32.03
N ALA B 142 50.43 8.49 31.17
CA ALA B 142 49.53 9.25 30.31
C ALA B 142 49.22 8.47 29.03
N ASP B 143 49.94 7.37 28.82
CA ASP B 143 49.73 6.47 27.71
C ASP B 143 48.61 5.50 28.10
N CYS B 144 48.36 4.54 27.22
CA CYS B 144 47.26 3.60 27.38
C CYS B 144 47.45 2.48 26.37
N ILE B 145 46.72 1.37 26.58
CA ILE B 145 46.66 0.32 25.56
C ILE B 145 45.38 0.54 24.75
N PRO B 146 45.50 0.66 23.39
CA PRO B 146 44.35 0.91 22.52
C PRO B 146 43.27 -0.16 22.62
N PHE B 147 42.00 0.28 22.57
CA PHE B 147 40.89 -0.66 22.60
C PHE B 147 39.66 -0.03 21.95
N PHE B 148 39.15 -0.69 20.91
CA PHE B 148 37.87 -0.35 20.31
C PHE B 148 36.79 -1.27 20.88
N ARG B 149 35.68 -0.69 21.32
CA ARG B 149 34.54 -1.46 21.73
C ARG B 149 34.00 -2.21 20.51
N SER B 150 33.51 -3.44 20.75
CA SER B 150 32.90 -4.26 19.72
C SER B 150 31.68 -3.54 19.15
N CSO B 151 31.40 -3.99 17.84
CA CSO B 151 30.27 -3.22 17.26
CB CSO B 151 30.11 -3.49 15.77
SG CSO B 151 31.40 -2.72 14.77
C CSO B 151 29.00 -3.61 18.02
O CSO B 151 28.87 -4.82 18.28
OD CSO B 151 30.98 -1.19 14.27
N PRO B 152 27.99 -2.65 18.32
CA PRO B 152 26.68 -3.07 18.86
C PRO B 152 25.71 -3.47 17.76
N ALA B 153 24.82 -4.42 18.07
CA ALA B 153 23.85 -4.92 17.11
C ALA B 153 22.80 -3.84 16.78
N CYS B 154 22.52 -2.97 17.75
CA CYS B 154 21.57 -1.88 17.61
C CYS B 154 22.22 -0.55 18.00
N PRO B 155 22.92 0.13 17.06
CA PRO B 155 23.70 1.32 17.39
C PRO B 155 22.87 2.50 17.91
N GLY B 156 23.34 3.11 19.00
CA GLY B 156 22.78 4.36 19.50
C GLY B 156 21.48 4.19 20.28
N SER B 157 21.11 2.95 20.65
CA SER B 157 19.81 2.71 21.27
C SER B 157 19.90 2.91 22.78
N ASN B 158 18.88 3.59 23.34
CA ASN B 158 18.72 3.71 24.79
C ASN B 158 17.77 2.64 25.30
N ILE B 159 17.04 1.97 24.40
CA ILE B 159 16.09 0.94 24.76
C ILE B 159 16.77 -0.42 24.92
N THR B 160 17.54 -0.85 23.91
CA THR B 160 18.10 -2.21 23.92
C THR B 160 19.26 -2.31 24.89
N ILE B 161 19.44 -3.52 25.44
CA ILE B 161 20.65 -3.86 26.19
C ILE B 161 21.73 -4.23 25.17
N ARG B 162 22.83 -3.46 25.17
CA ARG B 162 23.86 -3.59 24.17
C ARG B 162 24.30 -5.05 24.06
N ASN B 163 24.29 -5.56 22.82
CA ASN B 163 24.77 -6.89 22.50
C ASN B 163 25.70 -6.75 21.29
N GLN B 164 26.58 -7.75 21.11
CA GLN B 164 27.62 -7.73 20.09
C GLN B 164 27.25 -8.70 18.95
N ILE B 165 28.06 -8.68 17.89
CA ILE B 165 27.70 -9.34 16.64
C ILE B 165 28.72 -10.43 16.31
N ASN B 166 28.21 -11.56 15.79
CA ASN B 166 29.07 -12.61 15.25
C ASN B 166 29.02 -12.53 13.73
N ALA B 167 30.19 -12.26 13.12
CA ALA B 167 30.33 -12.09 11.68
C ALA B 167 30.44 -13.43 10.93
N LEU B 168 30.58 -14.55 11.65
CA LEU B 168 30.77 -15.85 11.03
C LEU B 168 29.54 -16.74 11.26
N THR B 169 29.50 -17.84 10.50
CA THR B 169 28.56 -18.90 10.79
C THR B 169 29.03 -19.63 12.05
N SER B 170 28.10 -19.86 12.98
CA SER B 170 28.38 -20.55 14.22
C SER B 170 28.77 -22.00 13.96
N PHE B 171 28.27 -22.59 12.88
CA PHE B 171 28.41 -24.01 12.60
C PHE B 171 29.88 -24.36 12.36
N VAL B 172 30.21 -25.61 12.67
CA VAL B 172 31.52 -26.16 12.31
C VAL B 172 31.47 -26.59 10.84
N ASP B 173 31.73 -25.63 9.93
CA ASP B 173 31.43 -25.79 8.51
C ASP B 173 32.62 -25.36 7.64
N ALA B 174 33.77 -25.16 8.28
CA ALA B 174 34.98 -24.70 7.61
C ALA B 174 34.79 -23.34 6.95
N SER B 175 34.01 -22.46 7.59
CA SER B 175 33.78 -21.13 7.05
C SER B 175 35.08 -20.30 7.05
N MET B 176 36.08 -20.69 7.85
CA MET B 176 37.37 -20.00 7.82
C MET B 176 38.11 -20.32 6.51
N VAL B 177 37.63 -21.34 5.78
CA VAL B 177 38.17 -21.66 4.46
C VAL B 177 37.32 -21.02 3.36
N TYR B 178 35.98 -21.16 3.44
CA TYR B 178 35.11 -20.83 2.32
C TYR B 178 34.49 -19.42 2.42
N GLY B 179 34.55 -18.79 3.59
CA GLY B 179 33.90 -17.51 3.83
C GLY B 179 32.51 -17.67 4.45
N SER B 180 32.02 -16.59 5.09
CA SER B 180 30.69 -16.56 5.69
C SER B 180 29.77 -15.56 4.97
N GLU B 181 30.25 -14.95 3.88
CA GLU B 181 29.47 -13.99 3.10
C GLU B 181 29.65 -14.31 1.62
N GLU B 182 28.63 -14.07 0.77
CA GLU B 182 28.65 -14.61 -0.59
C GLU B 182 29.62 -13.86 -1.49
N PRO B 183 29.73 -12.51 -1.42
CA PRO B 183 30.79 -11.81 -2.17
C PRO B 183 32.18 -12.43 -1.95
N LEU B 184 32.61 -12.55 -0.68
CA LEU B 184 33.90 -13.12 -0.33
C LEU B 184 34.01 -14.57 -0.81
N ALA B 185 32.93 -15.36 -0.66
CA ALA B 185 33.00 -16.77 -0.99
C ALA B 185 33.23 -17.00 -2.49
N ARG B 186 32.74 -16.09 -3.36
CA ARG B 186 32.95 -16.20 -4.80
C ARG B 186 34.36 -15.74 -5.17
N ASN B 187 34.90 -14.73 -4.46
CA ASN B 187 36.25 -14.24 -4.72
C ASN B 187 37.31 -15.27 -4.33
N LEU B 188 37.00 -16.17 -3.39
CA LEU B 188 37.93 -17.20 -2.94
C LEU B 188 37.99 -18.35 -3.93
N ARG B 189 37.08 -18.36 -4.92
CA ARG B 189 36.99 -19.45 -5.87
C ARG B 189 37.74 -19.11 -7.15
N ASN B 190 38.23 -20.18 -7.79
CA ASN B 190 38.80 -20.13 -9.11
C ASN B 190 37.67 -20.20 -10.14
N MET B 191 37.32 -19.04 -10.72
CA MET B 191 36.19 -18.94 -11.64
C MET B 191 36.70 -18.92 -13.09
N SER B 192 37.98 -19.28 -13.29
CA SER B 192 38.59 -19.41 -14.62
C SER B 192 38.11 -20.66 -15.36
N ASN B 193 37.71 -21.71 -14.63
CA ASN B 193 37.43 -23.02 -15.21
C ASN B 193 36.26 -23.67 -14.47
N GLN B 194 35.96 -24.93 -14.80
CA GLN B 194 34.84 -25.66 -14.21
C GLN B 194 35.34 -26.81 -13.34
N LEU B 195 36.42 -26.55 -12.59
CA LEU B 195 37.06 -27.58 -11.77
C LEU B 195 36.66 -27.48 -10.30
N GLY B 196 35.96 -26.38 -9.92
CA GLY B 196 35.43 -26.21 -8.57
C GLY B 196 36.53 -25.96 -7.54
N LEU B 197 37.57 -25.22 -7.95
CA LEU B 197 38.75 -25.03 -7.12
C LEU B 197 38.66 -23.71 -6.36
N LEU B 198 39.48 -23.62 -5.31
CA LEU B 198 39.74 -22.35 -4.64
C LEU B 198 40.94 -21.69 -5.33
N ALA B 199 40.88 -20.35 -5.41
CA ALA B 199 41.96 -19.54 -5.91
C ALA B 199 43.22 -19.75 -5.07
N VAL B 200 44.37 -19.77 -5.77
CA VAL B 200 45.72 -19.93 -5.21
C VAL B 200 46.56 -18.72 -5.59
N ASN B 201 47.70 -18.57 -4.90
CA ASN B 201 48.58 -17.43 -5.10
C ASN B 201 49.12 -17.48 -6.53
N GLN B 202 49.05 -16.34 -7.23
CA GLN B 202 49.52 -16.26 -8.61
C GLN B 202 50.95 -15.73 -8.71
N ARG B 203 51.60 -15.41 -7.59
CA ARG B 203 52.95 -14.86 -7.62
C ARG B 203 53.99 -15.81 -6.98
N PHE B 204 53.54 -16.74 -6.12
CA PHE B 204 54.46 -17.61 -5.39
C PHE B 204 53.90 -19.01 -5.21
N GLN B 205 54.82 -19.97 -5.02
CA GLN B 205 54.50 -21.36 -4.70
C GLN B 205 55.45 -21.85 -3.61
N ASP B 206 55.07 -22.92 -2.90
CA ASP B 206 55.84 -23.50 -1.81
C ASP B 206 56.32 -24.88 -2.29
N ASN B 207 57.53 -24.91 -2.87
CA ASN B 207 58.06 -26.10 -3.52
C ASN B 207 57.05 -26.72 -4.48
N GLY B 208 56.44 -25.90 -5.34
CA GLY B 208 55.54 -26.39 -6.37
C GLY B 208 54.08 -26.54 -5.91
N ARG B 209 53.82 -26.40 -4.61
CA ARG B 209 52.47 -26.49 -4.06
C ARG B 209 51.90 -25.10 -3.81
N ALA B 210 50.57 -25.04 -3.66
CA ALA B 210 49.82 -23.77 -3.63
C ALA B 210 50.02 -23.01 -2.33
N LEU B 211 49.97 -21.67 -2.44
CA LEU B 211 49.82 -20.77 -1.31
C LEU B 211 48.50 -20.01 -1.40
N LEU B 212 48.08 -19.39 -0.30
CA LEU B 212 46.85 -18.62 -0.28
C LEU B 212 46.99 -17.40 -1.16
N PRO B 213 45.91 -16.93 -1.85
CA PRO B 213 45.96 -15.66 -2.56
C PRO B 213 46.35 -14.53 -1.61
N PHE B 214 46.80 -13.40 -2.16
CA PHE B 214 47.05 -12.21 -1.37
C PHE B 214 45.77 -11.37 -1.29
N ASP B 215 45.63 -10.66 -0.17
CA ASP B 215 44.51 -9.76 0.02
C ASP B 215 44.95 -8.38 -0.45
N ASN B 216 43.95 -7.54 -0.69
CA ASN B 216 44.14 -6.17 -1.12
C ASN B 216 43.63 -5.23 -0.02
N LEU B 217 44.47 -4.99 1.00
CA LEU B 217 44.04 -4.27 2.18
C LEU B 217 44.41 -2.80 2.08
N HIS B 218 43.57 -1.94 2.68
CA HIS B 218 43.86 -0.52 2.68
C HIS B 218 45.06 -0.23 3.57
N ASP B 219 45.02 -0.74 4.81
CA ASP B 219 46.11 -0.62 5.76
C ASP B 219 46.63 -2.02 6.08
N ASP B 220 47.56 -2.53 5.27
CA ASP B 220 48.04 -3.91 5.36
C ASP B 220 49.13 -4.00 6.44
N PRO B 221 48.91 -4.78 7.52
CA PRO B 221 49.91 -4.88 8.59
C PRO B 221 51.06 -5.83 8.31
N CYS B 222 50.88 -6.76 7.37
CA CYS B 222 51.88 -7.77 7.08
C CYS B 222 53.11 -7.13 6.42
N LEU B 223 52.85 -6.04 5.67
CA LEU B 223 53.91 -5.27 5.03
C LEU B 223 54.81 -4.60 6.06
N LEU B 224 54.28 -4.27 7.26
CA LEU B 224 55.05 -3.55 8.26
C LEU B 224 56.06 -4.47 8.96
N THR B 225 55.85 -5.78 8.82
CA THR B 225 56.55 -6.79 9.66
C THR B 225 58.01 -6.87 9.24
N ASN B 226 58.27 -7.46 8.07
CA ASN B 226 59.43 -7.06 7.24
C ASN B 226 59.10 -5.70 6.62
N ARG B 227 59.69 -5.37 5.47
CA ARG B 227 59.45 -4.06 4.83
C ARG B 227 60.17 -4.04 3.49
N SER B 228 61.44 -4.45 3.50
CA SER B 228 62.10 -4.79 2.25
C SER B 228 61.42 -5.97 1.53
N ALA B 229 60.85 -6.90 2.29
CA ALA B 229 60.27 -8.13 1.73
C ALA B 229 58.98 -7.83 0.93
N ARG B 230 58.17 -6.87 1.41
CA ARG B 230 56.99 -6.40 0.69
C ARG B 230 56.04 -7.55 0.38
N ILE B 231 55.72 -8.36 1.41
CA ILE B 231 54.77 -9.45 1.29
C ILE B 231 53.50 -9.11 2.05
N PRO B 232 52.35 -8.92 1.34
CA PRO B 232 51.09 -8.54 2.00
C PRO B 232 50.41 -9.74 2.67
N CYS B 233 49.30 -9.44 3.34
CA CYS B 233 48.55 -10.46 4.05
C CYS B 233 47.84 -11.34 3.02
N PHE B 234 47.56 -12.57 3.45
CA PHE B 234 46.84 -13.55 2.66
C PHE B 234 45.34 -13.30 2.74
N LEU B 235 44.61 -13.90 1.80
CA LEU B 235 43.17 -13.87 1.72
C LEU B 235 42.65 -15.29 1.98
N ALA B 236 41.78 -15.41 2.99
CA ALA B 236 41.14 -16.67 3.34
C ALA B 236 39.67 -16.44 3.67
N GLY B 237 39.00 -17.51 4.10
CA GLY B 237 37.61 -17.45 4.54
C GLY B 237 37.41 -16.52 5.74
N ASP B 238 38.44 -16.42 6.59
CA ASP B 238 38.44 -15.55 7.76
C ASP B 238 39.58 -14.54 7.63
N THR B 239 39.35 -13.32 8.15
CA THR B 239 40.24 -12.20 7.91
C THR B 239 41.54 -12.30 8.72
N ARG B 240 41.60 -13.23 9.68
CA ARG B 240 42.72 -13.28 10.61
C ARG B 240 43.76 -14.33 10.20
N SER B 241 43.68 -14.81 8.95
CA SER B 241 44.48 -15.92 8.46
C SER B 241 45.99 -15.69 8.60
N SER B 242 46.44 -14.42 8.60
CA SER B 242 47.87 -14.11 8.58
C SER B 242 48.42 -13.75 9.97
N GLU B 243 47.59 -13.87 11.02
CA GLU B 243 47.93 -13.32 12.33
C GLU B 243 49.16 -14.02 12.91
N MET B 244 49.30 -15.32 12.67
CA MET B 244 50.59 -15.97 12.88
C MET B 244 50.77 -17.05 11.82
N PRO B 245 52.02 -17.29 11.38
CA PRO B 245 52.31 -18.24 10.31
C PRO B 245 51.86 -19.69 10.55
N GLU B 246 51.75 -20.09 11.82
CA GLU B 246 51.26 -21.41 12.17
C GLU B 246 49.80 -21.56 11.74
N LEU B 247 49.04 -20.49 11.96
CA LEU B 247 47.65 -20.41 11.54
C LEU B 247 47.56 -20.37 10.02
N THR B 248 48.40 -19.53 9.40
CA THR B 248 48.50 -19.46 7.95
C THR B 248 48.74 -20.84 7.36
N SER B 249 49.61 -21.64 8.02
CA SER B 249 49.95 -22.98 7.58
C SER B 249 48.72 -23.87 7.50
N MET B 250 47.88 -23.80 8.54
CA MET B 250 46.71 -24.64 8.63
C MET B 250 45.69 -24.24 7.57
N HIS B 251 45.54 -22.92 7.36
CA HIS B 251 44.63 -22.43 6.34
C HIS B 251 45.06 -22.94 4.97
N THR B 252 46.37 -22.85 4.72
CA THR B 252 46.98 -23.25 3.47
C THR B 252 46.76 -24.75 3.28
N LEU B 253 47.02 -25.52 4.34
CA LEU B 253 46.84 -26.96 4.29
C LEU B 253 45.42 -27.33 3.83
N LEU B 254 44.41 -26.60 4.32
CA LEU B 254 43.03 -26.96 4.06
C LEU B 254 42.59 -26.49 2.67
N LEU B 255 43.20 -25.40 2.18
CA LEU B 255 43.01 -24.97 0.80
C LEU B 255 43.44 -26.07 -0.15
N ARG B 256 44.65 -26.60 0.09
CA ARG B 256 45.22 -27.65 -0.73
C ARG B 256 44.31 -28.87 -0.71
N GLU B 257 43.82 -29.22 0.49
CA GLU B 257 43.01 -30.40 0.67
C GLU B 257 41.70 -30.25 -0.10
N HIS B 258 41.16 -29.02 -0.18
CA HIS B 258 39.95 -28.81 -0.96
C HIS B 258 40.24 -29.13 -2.43
N ASN B 259 41.30 -28.48 -2.95
CA ASN B 259 41.68 -28.57 -4.35
C ASN B 259 42.03 -30.03 -4.72
N ARG B 260 42.72 -30.75 -3.82
CA ARG B 260 43.00 -32.17 -4.00
C ARG B 260 41.73 -33.00 -4.16
N LEU B 261 40.72 -32.73 -3.32
CA LEU B 261 39.47 -33.48 -3.32
C LEU B 261 38.67 -33.18 -4.60
N ALA B 262 38.61 -31.91 -4.99
CA ALA B 262 37.91 -31.49 -6.20
C ALA B 262 38.55 -32.14 -7.44
N THR B 263 39.88 -32.27 -7.40
CA THR B 263 40.63 -32.93 -8.45
C THR B 263 40.23 -34.41 -8.53
N GLU B 264 40.28 -35.13 -7.40
CA GLU B 264 39.97 -36.55 -7.37
C GLU B 264 38.52 -36.84 -7.72
N LEU B 265 37.61 -35.90 -7.44
CA LEU B 265 36.19 -36.09 -7.73
C LEU B 265 35.93 -35.87 -9.23
N LYS B 266 36.78 -35.06 -9.86
CA LYS B 266 36.68 -34.80 -11.29
C LYS B 266 37.04 -36.06 -12.08
N SER B 267 38.14 -36.71 -11.69
CA SER B 267 38.54 -38.01 -12.21
C SER B 267 37.39 -39.00 -12.09
N LEU B 268 36.78 -39.03 -10.90
CA LEU B 268 35.79 -40.04 -10.54
C LEU B 268 34.45 -39.78 -11.22
N ASN B 269 34.06 -38.50 -11.34
CA ASN B 269 32.79 -38.13 -11.93
C ASN B 269 33.06 -37.06 -12.98
N PRO B 270 33.48 -37.45 -14.20
CA PRO B 270 33.92 -36.49 -15.20
C PRO B 270 32.86 -35.48 -15.65
N ARG B 271 31.57 -35.80 -15.48
CA ARG B 271 30.52 -34.92 -16.02
C ARG B 271 30.04 -33.89 -15.00
N TRP B 272 30.59 -33.90 -13.76
CA TRP B 272 30.28 -32.88 -12.76
C TRP B 272 30.86 -31.51 -13.16
N ASP B 273 30.03 -30.47 -13.03
CA ASP B 273 30.46 -29.10 -13.32
C ASP B 273 31.24 -28.53 -12.13
N GLY B 274 31.68 -27.27 -12.26
CA GLY B 274 32.50 -26.62 -11.25
C GLY B 274 31.78 -26.46 -9.92
N GLU B 275 30.49 -26.09 -9.98
CA GLU B 275 29.65 -25.90 -8.81
C GLU B 275 29.55 -27.19 -8.00
N ARG B 276 29.23 -28.31 -8.68
CA ARG B 276 29.02 -29.57 -7.99
C ARG B 276 30.30 -30.05 -7.32
N LEU B 277 31.45 -29.81 -7.96
CA LEU B 277 32.74 -30.23 -7.45
C LEU B 277 33.12 -29.42 -6.21
N TYR B 278 32.93 -28.09 -6.30
CA TYR B 278 33.17 -27.17 -5.19
C TYR B 278 32.35 -27.56 -3.97
N GLN B 279 31.05 -27.79 -4.18
CA GLN B 279 30.15 -28.05 -3.07
C GLN B 279 30.51 -29.39 -2.42
N GLU B 280 30.81 -30.40 -3.23
CA GLU B 280 31.01 -31.75 -2.74
C GLU B 280 32.34 -31.82 -1.98
N ALA B 281 33.34 -31.05 -2.45
CA ALA B 281 34.63 -30.96 -1.79
C ALA B 281 34.51 -30.21 -0.46
N ARG B 282 33.77 -29.10 -0.51
CA ARG B 282 33.46 -28.26 0.65
C ARG B 282 32.77 -29.08 1.73
N LYS B 283 31.83 -29.93 1.30
CA LYS B 283 31.06 -30.78 2.18
C LYS B 283 31.97 -31.73 2.94
N ILE B 284 33.02 -32.21 2.27
CA ILE B 284 33.93 -33.18 2.86
C ILE B 284 34.86 -32.49 3.84
N VAL B 285 35.41 -31.35 3.43
CA VAL B 285 36.32 -30.58 4.26
C VAL B 285 35.61 -30.20 5.57
N GLY B 286 34.35 -29.77 5.47
CA GLY B 286 33.52 -29.50 6.63
C GLY B 286 33.41 -30.70 7.58
N ALA B 287 33.09 -31.88 7.02
CA ALA B 287 32.97 -33.10 7.81
C ALA B 287 34.30 -33.44 8.49
N MET B 288 35.42 -33.17 7.82
CA MET B 288 36.73 -33.47 8.36
C MET B 288 37.04 -32.57 9.55
N VAL B 289 36.63 -31.29 9.47
CA VAL B 289 36.81 -30.36 10.57
C VAL B 289 35.94 -30.79 11.76
N GLN B 290 34.72 -31.28 11.49
CA GLN B 290 33.84 -31.78 12.55
C GLN B 290 34.48 -32.96 13.26
N ILE B 291 35.03 -33.89 12.47
CA ILE B 291 35.48 -35.16 13.00
C ILE B 291 36.74 -34.95 13.83
N ILE B 292 37.70 -34.19 13.32
CA ILE B 292 38.92 -33.92 14.07
C ILE B 292 38.55 -33.21 15.38
N THR B 293 37.61 -32.26 15.29
CA THR B 293 37.22 -31.47 16.45
C THR B 293 36.59 -32.36 17.52
N TYR B 294 35.58 -33.15 17.16
CA TYR B 294 34.77 -33.85 18.16
C TYR B 294 35.38 -35.19 18.55
N ARG B 295 36.08 -35.86 17.60
CA ARG B 295 36.70 -37.14 17.87
C ARG B 295 38.05 -36.97 18.59
N ASP B 296 38.86 -35.99 18.16
CA ASP B 296 40.27 -35.93 18.53
C ASP B 296 40.57 -34.75 19.46
N TYR B 297 40.01 -33.58 19.17
CA TYR B 297 40.38 -32.33 19.85
C TYR B 297 39.67 -32.20 21.19
N LEU B 298 38.34 -32.22 21.17
CA LEU B 298 37.55 -31.82 22.34
C LEU B 298 37.77 -32.78 23.51
N PRO B 299 37.86 -34.11 23.32
CA PRO B 299 38.13 -35.02 24.44
C PRO B 299 39.36 -34.65 25.27
N LEU B 300 40.35 -34.06 24.60
CA LEU B 300 41.61 -33.67 25.23
C LEU B 300 41.50 -32.27 25.86
N VAL B 301 40.52 -31.48 25.43
CA VAL B 301 40.22 -30.22 26.09
C VAL B 301 39.47 -30.49 27.40
N LEU B 302 38.38 -31.26 27.32
CA LEU B 302 37.40 -31.39 28.39
C LEU B 302 37.84 -32.45 29.41
N GLY B 303 38.56 -33.46 28.92
CA GLY B 303 38.78 -34.66 29.70
C GLY B 303 37.58 -35.61 29.56
N PRO B 304 37.74 -36.88 29.97
CA PRO B 304 36.73 -37.90 29.65
C PRO B 304 35.41 -37.75 30.40
N THR B 305 35.44 -37.28 31.66
CA THR B 305 34.25 -37.06 32.47
C THR B 305 33.31 -36.04 31.81
N ALA B 306 33.84 -34.82 31.59
CA ALA B 306 33.10 -33.72 31.01
C ALA B 306 32.66 -34.06 29.60
N MET B 307 33.45 -34.86 28.89
CA MET B 307 33.13 -35.24 27.53
C MET B 307 31.86 -36.09 27.53
N ARG B 308 31.71 -37.00 28.51
CA ARG B 308 30.53 -37.85 28.60
C ARG B 308 29.33 -37.02 29.03
N LYS B 309 29.57 -36.08 29.95
CA LYS B 309 28.51 -35.28 30.52
C LYS B 309 27.93 -34.35 29.45
N TYR B 310 28.80 -33.58 28.76
CA TYR B 310 28.34 -32.48 27.93
C TYR B 310 28.17 -32.91 26.48
N LEU B 311 28.86 -33.99 26.06
CA LEU B 311 28.77 -34.49 24.70
C LEU B 311 28.51 -36.00 24.70
N PRO B 312 27.31 -36.43 25.15
CA PRO B 312 26.94 -37.84 25.06
C PRO B 312 26.81 -38.24 23.61
N THR B 313 26.66 -39.55 23.39
CA THR B 313 26.56 -40.12 22.06
C THR B 313 25.51 -39.37 21.24
N TYR B 314 25.89 -39.00 20.02
CA TYR B 314 25.00 -38.34 19.08
C TYR B 314 23.81 -39.25 18.79
N ARG B 315 22.60 -38.67 18.73
CA ARG B 315 21.41 -39.40 18.36
C ARG B 315 20.95 -38.97 16.97
N SER B 316 20.38 -37.78 16.87
CA SER B 316 20.07 -37.18 15.57
C SER B 316 19.86 -35.68 15.72
N TYR B 317 19.64 -34.99 14.60
CA TYR B 317 19.42 -33.56 14.56
C TYR B 317 18.16 -33.18 15.34
N ASN B 318 18.25 -32.08 16.10
CA ASN B 318 17.18 -31.59 16.93
C ASN B 318 16.97 -30.12 16.58
N ASP B 319 15.86 -29.84 15.87
CA ASP B 319 15.63 -28.54 15.27
C ASP B 319 15.23 -27.49 16.31
N SER B 320 15.11 -27.91 17.58
CA SER B 320 14.78 -27.04 18.69
C SER B 320 16.01 -26.71 19.53
N VAL B 321 17.19 -27.13 19.09
CA VAL B 321 18.44 -26.75 19.72
C VAL B 321 18.96 -25.49 19.03
N ASP B 322 19.15 -24.42 19.82
CA ASP B 322 19.69 -23.16 19.33
C ASP B 322 21.20 -23.30 19.10
N PRO B 323 21.67 -23.25 17.84
CA PRO B 323 23.10 -23.35 17.51
C PRO B 323 23.90 -22.05 17.49
N ARG B 324 23.36 -20.95 17.99
CA ARG B 324 24.11 -19.71 18.01
C ARG B 324 25.29 -19.81 19.00
N ILE B 325 26.36 -19.07 18.69
CA ILE B 325 27.44 -18.86 19.63
C ILE B 325 26.95 -17.92 20.72
N ALA B 326 27.19 -18.32 21.99
CA ALA B 326 26.90 -17.48 23.14
C ALA B 326 28.01 -16.47 23.34
N ASN B 327 27.60 -15.26 23.79
CA ASN B 327 28.48 -14.14 24.02
C ASN B 327 29.66 -14.58 24.90
N VAL B 328 29.39 -15.34 25.96
CA VAL B 328 30.39 -15.76 26.92
C VAL B 328 31.42 -16.69 26.27
N PHE B 329 30.98 -17.49 25.30
CA PHE B 329 31.87 -18.43 24.64
C PHE B 329 33.02 -17.69 23.98
N THR B 330 32.74 -16.51 23.40
CA THR B 330 33.76 -15.77 22.68
C THR B 330 34.94 -15.44 23.60
N ASN B 331 34.67 -15.38 24.91
CA ASN B 331 35.67 -15.01 25.89
C ASN B 331 36.23 -16.27 26.57
N ALA B 332 35.37 -17.26 26.85
CA ALA B 332 35.76 -18.47 27.54
C ALA B 332 36.67 -19.35 26.67
N PHE B 333 36.40 -19.41 25.38
CA PHE B 333 37.19 -20.23 24.47
C PHE B 333 38.58 -19.64 24.24
N ARG B 334 38.84 -18.46 24.80
CA ARG B 334 40.17 -17.88 24.80
C ARG B 334 41.08 -18.54 25.84
N TYR B 335 40.62 -19.61 26.50
CA TYR B 335 41.48 -20.39 27.38
C TYR B 335 42.77 -20.76 26.66
N GLY B 336 42.70 -20.92 25.34
CA GLY B 336 43.82 -21.41 24.56
C GLY B 336 45.01 -20.44 24.50
N HIS B 337 44.84 -19.23 25.01
CA HIS B 337 45.93 -18.26 25.13
C HIS B 337 46.95 -18.74 26.18
N THR B 338 46.52 -19.67 27.07
CA THR B 338 47.40 -20.25 28.09
C THR B 338 48.25 -21.39 27.53
N LEU B 339 47.97 -21.84 26.30
CA LEU B 339 48.71 -22.92 25.63
C LEU B 339 49.86 -22.40 24.76
N ILE B 340 49.96 -21.07 24.61
CA ILE B 340 50.83 -20.46 23.63
C ILE B 340 52.26 -20.44 24.14
N GLN B 341 53.16 -21.02 23.32
CA GLN B 341 54.61 -20.97 23.50
C GLN B 341 55.13 -19.64 22.96
N PRO B 342 56.22 -19.08 23.53
CA PRO B 342 56.76 -17.79 23.10
C PRO B 342 57.63 -17.80 21.85
N PHE B 343 57.71 -18.94 21.15
CA PHE B 343 58.45 -19.02 19.90
C PHE B 343 57.60 -19.71 18.82
N MET B 344 57.98 -19.43 17.56
CA MET B 344 57.57 -20.26 16.44
C MET B 344 58.72 -21.22 16.12
N PHE B 345 58.41 -22.54 16.14
CA PHE B 345 59.41 -23.58 15.96
C PHE B 345 59.33 -24.14 14.55
N ARG B 346 60.48 -24.14 13.85
CA ARG B 346 60.60 -24.71 12.51
C ARG B 346 61.63 -25.84 12.50
N LEU B 347 61.32 -26.94 11.78
CA LEU B 347 62.08 -28.17 11.75
C LEU B 347 62.21 -28.70 10.32
N ASP B 348 63.40 -29.23 9.97
CA ASP B 348 63.69 -29.80 8.66
C ASP B 348 63.10 -31.22 8.58
N ASN B 349 63.41 -31.96 7.50
CA ASN B 349 62.78 -33.26 7.25
C ASN B 349 63.32 -34.35 8.19
N ARG B 350 64.35 -34.04 8.99
CA ARG B 350 64.87 -34.94 10.01
C ARG B 350 64.33 -34.52 11.39
N TYR B 351 63.41 -33.54 11.39
CA TYR B 351 62.80 -32.97 12.59
C TYR B 351 63.88 -32.34 13.46
N GLN B 352 64.80 -31.61 12.83
CA GLN B 352 65.91 -30.98 13.50
C GLN B 352 65.81 -29.47 13.29
N PRO B 353 66.26 -28.64 14.24
CA PRO B 353 66.20 -27.18 14.08
C PRO B 353 66.58 -26.71 12.67
N MET B 354 65.61 -26.16 11.93
CA MET B 354 65.82 -25.71 10.57
C MET B 354 66.46 -24.32 10.61
N GLU B 355 67.71 -24.26 10.12
CA GLU B 355 68.51 -23.05 9.99
C GLU B 355 68.11 -22.35 8.69
N PRO B 356 68.16 -21.02 8.58
CA PRO B 356 68.31 -20.13 9.72
C PRO B 356 67.08 -19.67 10.52
N ASN B 357 67.33 -19.47 11.83
CA ASN B 357 66.36 -19.15 12.85
C ASN B 357 65.37 -20.29 13.06
N PRO B 358 65.72 -21.31 13.86
CA PRO B 358 64.80 -22.40 14.18
C PRO B 358 63.70 -22.00 15.16
N ARG B 359 63.98 -21.00 16.01
CA ARG B 359 63.03 -20.53 17.01
C ARG B 359 62.92 -19.01 16.92
N VAL B 360 61.78 -18.50 16.40
CA VAL B 360 61.56 -17.07 16.23
C VAL B 360 60.64 -16.58 17.36
N PRO B 361 61.00 -15.50 18.08
CA PRO B 361 60.12 -14.96 19.11
C PRO B 361 58.78 -14.58 18.48
N LEU B 362 57.69 -14.81 19.22
CA LEU B 362 56.35 -14.64 18.67
C LEU B 362 56.15 -13.17 18.28
N SER B 363 56.77 -12.24 19.01
CA SER B 363 56.65 -10.82 18.75
C SER B 363 57.23 -10.42 17.39
N ARG B 364 57.81 -11.40 16.66
CA ARG B 364 58.41 -11.18 15.35
C ARG B 364 57.76 -12.05 14.26
N VAL B 365 56.69 -12.80 14.59
CA VAL B 365 55.97 -13.63 13.62
C VAL B 365 54.54 -13.11 13.37
N PHE B 366 54.05 -12.15 14.17
CA PHE B 366 52.68 -11.70 14.01
C PHE B 366 52.57 -10.96 12.69
N PHE B 367 51.64 -11.45 11.85
CA PHE B 367 51.34 -10.87 10.55
C PHE B 367 52.54 -10.97 9.60
N ALA B 368 53.45 -11.93 9.86
CA ALA B 368 54.69 -12.05 9.10
C ALA B 368 54.46 -13.08 7.99
N SER B 369 53.60 -12.73 7.04
CA SER B 369 53.33 -13.57 5.88
C SER B 369 54.61 -13.78 5.06
N TRP B 370 55.57 -12.86 5.17
CA TRP B 370 56.84 -12.99 4.45
C TRP B 370 57.61 -14.24 4.86
N ARG B 371 57.47 -14.70 6.11
CA ARG B 371 58.18 -15.88 6.60
C ARG B 371 57.65 -17.17 6.00
N VAL B 372 56.45 -17.14 5.43
CA VAL B 372 55.90 -18.31 4.76
C VAL B 372 56.43 -18.34 3.34
N VAL B 373 56.48 -17.17 2.69
CA VAL B 373 56.82 -17.09 1.28
C VAL B 373 58.34 -17.20 1.09
N LEU B 374 59.14 -16.70 2.04
CA LEU B 374 60.57 -16.54 1.83
C LEU B 374 61.43 -17.38 2.80
N GLU B 375 60.84 -18.05 3.80
CA GLU B 375 61.64 -18.82 4.75
C GLU B 375 61.14 -20.27 4.84
N GLY B 376 60.73 -20.84 3.69
CA GLY B 376 60.71 -22.29 3.54
C GLY B 376 59.31 -22.90 3.52
N GLY B 377 58.28 -22.03 3.39
CA GLY B 377 56.91 -22.51 3.28
C GLY B 377 56.40 -23.09 4.59
N ILE B 378 55.44 -24.02 4.47
CA ILE B 378 54.61 -24.46 5.59
C ILE B 378 55.12 -25.77 6.20
N ASP B 379 55.91 -26.57 5.46
CA ASP B 379 56.33 -27.89 5.93
C ASP B 379 57.11 -27.75 7.24
N PRO B 380 58.12 -26.85 7.34
CA PRO B 380 58.85 -26.67 8.60
C PRO B 380 57.97 -26.27 9.79
N ILE B 381 56.94 -25.46 9.52
CA ILE B 381 56.04 -24.94 10.53
C ILE B 381 55.13 -26.04 11.08
N LEU B 382 54.50 -26.81 10.17
CA LEU B 382 53.69 -27.95 10.53
C LEU B 382 54.50 -28.98 11.31
N ARG B 383 55.77 -29.13 10.97
CA ARG B 383 56.66 -30.05 11.68
C ARG B 383 56.87 -29.55 13.10
N GLY B 384 57.07 -28.23 13.25
CA GLY B 384 57.24 -27.62 14.57
C GLY B 384 56.02 -27.83 15.46
N LEU B 385 54.82 -27.77 14.86
CA LEU B 385 53.57 -27.92 15.59
C LEU B 385 53.45 -29.35 16.11
N MET B 386 53.82 -30.32 15.25
CA MET B 386 53.61 -31.72 15.55
C MET B 386 54.59 -32.21 16.61
N ALA B 387 55.82 -31.66 16.61
CA ALA B 387 56.94 -32.23 17.37
C ALA B 387 57.38 -31.34 18.53
N THR B 388 56.66 -30.25 18.79
CA THR B 388 56.94 -29.41 19.94
C THR B 388 55.78 -29.54 20.95
N PRO B 389 56.03 -29.45 22.27
CA PRO B 389 54.94 -29.47 23.24
C PRO B 389 54.22 -28.14 23.32
N ALA B 390 52.90 -28.16 23.57
CA ALA B 390 52.20 -26.95 23.97
C ALA B 390 52.81 -26.43 25.27
N LYS B 391 52.52 -25.19 25.63
CA LYS B 391 52.74 -24.72 26.99
C LYS B 391 51.66 -25.31 27.90
N LEU B 392 52.02 -25.60 29.15
CA LEU B 392 51.05 -26.05 30.12
C LEU B 392 50.57 -24.84 30.93
N ASN B 393 49.24 -24.75 31.10
CA ASN B 393 48.61 -23.78 31.98
C ASN B 393 48.84 -24.24 33.41
N ARG B 394 49.54 -23.41 34.20
CA ARG B 394 49.69 -23.61 35.63
C ARG B 394 49.31 -22.31 36.32
N GLN B 395 48.83 -22.41 37.56
CA GLN B 395 48.15 -21.31 38.22
C GLN B 395 49.12 -20.14 38.49
N ASN B 396 50.44 -20.38 38.43
CA ASN B 396 51.45 -19.33 38.59
C ASN B 396 52.25 -19.11 37.30
N GLN B 397 51.75 -19.69 36.19
CA GLN B 397 52.36 -19.60 34.88
C GLN B 397 51.24 -19.57 33.83
N ILE B 398 50.45 -18.50 33.81
CA ILE B 398 49.20 -18.51 33.07
C ILE B 398 49.45 -18.22 31.59
N ALA B 399 50.14 -17.11 31.27
CA ALA B 399 50.37 -16.74 29.88
C ALA B 399 51.67 -15.94 29.71
N VAL B 400 52.31 -16.16 28.54
CA VAL B 400 53.68 -15.70 28.30
C VAL B 400 53.72 -14.20 27.98
N ASP B 401 54.88 -13.58 28.17
CA ASP B 401 55.05 -12.16 27.95
C ASP B 401 55.09 -11.80 26.45
N GLU B 402 55.24 -12.77 25.55
CA GLU B 402 55.22 -12.46 24.12
C GLU B 402 53.82 -12.01 23.69
N ILE B 403 52.77 -12.42 24.43
CA ILE B 403 51.40 -11.96 24.19
C ILE B 403 50.96 -10.96 25.25
N ARG B 404 51.60 -10.96 26.42
CA ARG B 404 51.20 -10.10 27.52
C ARG B 404 51.89 -8.73 27.42
N GLU B 405 53.06 -8.67 26.76
CA GLU B 405 53.88 -7.47 26.74
C GLU B 405 54.16 -6.98 25.31
N ARG B 406 54.19 -7.90 24.34
CA ARG B 406 54.72 -7.59 23.03
C ARG B 406 53.75 -7.99 21.91
N LEU B 407 52.44 -8.02 22.18
CA LEU B 407 51.48 -8.45 21.16
C LEU B 407 51.39 -7.38 20.07
N PHE B 408 51.68 -7.82 18.83
CA PHE B 408 51.57 -7.01 17.63
C PHE B 408 52.50 -5.81 17.69
N GLU B 409 53.65 -5.97 18.34
CA GLU B 409 54.62 -4.92 18.59
C GLU B 409 55.09 -4.26 17.29
N GLN B 410 55.26 -5.06 16.22
CA GLN B 410 55.87 -4.60 14.99
C GLN B 410 54.92 -3.74 14.14
N VAL B 411 53.60 -3.85 14.37
CA VAL B 411 52.64 -3.33 13.41
C VAL B 411 51.77 -2.24 14.03
N MET B 412 52.07 -1.80 15.27
CA MET B 412 51.32 -0.69 15.83
C MET B 412 52.19 0.09 16.80
N ARG B 413 51.64 1.14 17.41
CA ARG B 413 52.44 2.11 18.11
C ARG B 413 52.95 1.55 19.44
N ILE B 414 52.35 0.45 19.92
CA ILE B 414 52.70 -0.07 21.23
C ILE B 414 52.32 -1.55 21.33
N GLY B 415 53.09 -2.30 22.11
CA GLY B 415 52.77 -3.69 22.35
C GLY B 415 51.52 -3.83 23.22
N LEU B 416 50.64 -4.74 22.83
CA LEU B 416 49.42 -5.02 23.55
C LEU B 416 49.64 -6.12 24.59
N ASP B 417 48.62 -6.29 25.45
CA ASP B 417 48.55 -7.30 26.50
C ASP B 417 47.28 -8.12 26.25
N LEU B 418 47.40 -9.33 25.71
CA LEU B 418 46.24 -10.09 25.26
C LEU B 418 45.39 -10.51 26.45
N PRO B 419 45.96 -11.03 27.57
CA PRO B 419 45.19 -11.30 28.79
C PRO B 419 44.36 -10.14 29.30
N ALA B 420 44.95 -8.93 29.32
CA ALA B 420 44.24 -7.72 29.71
C ALA B 420 43.12 -7.37 28.70
N LEU B 421 43.36 -7.56 27.41
CA LEU B 421 42.33 -7.33 26.39
C LEU B 421 41.16 -8.28 26.58
N ASN B 422 41.46 -9.56 26.89
CA ASN B 422 40.46 -10.57 27.17
C ASN B 422 39.50 -10.06 28.25
N MET B 423 40.06 -9.36 29.25
CA MET B 423 39.32 -8.94 30.43
C MET B 423 38.56 -7.64 30.15
N GLN B 424 39.19 -6.67 29.49
CA GLN B 424 38.48 -5.48 29.06
C GLN B 424 37.35 -5.86 28.10
N ARG B 425 37.56 -6.91 27.30
CA ARG B 425 36.59 -7.32 26.29
C ARG B 425 35.37 -7.92 26.97
N SER B 426 35.59 -8.70 28.04
CA SER B 426 34.46 -9.28 28.76
C SER B 426 33.59 -8.18 29.37
N ARG B 427 34.21 -7.07 29.79
CA ARG B 427 33.49 -5.94 30.36
C ARG B 427 32.76 -5.17 29.26
N ASP B 428 33.43 -4.95 28.14
CA ASP B 428 32.84 -4.39 26.93
C ASP B 428 31.54 -5.13 26.57
N HIS B 429 31.57 -6.46 26.63
CA HIS B 429 30.47 -7.32 26.22
C HIS B 429 29.43 -7.46 27.35
N GLY B 430 29.71 -6.86 28.51
CA GLY B 430 28.76 -6.88 29.61
C GLY B 430 28.56 -8.27 30.22
N LEU B 431 29.59 -9.14 30.19
CA LEU B 431 29.48 -10.48 30.72
C LEU B 431 29.47 -10.45 32.24
N PRO B 432 28.57 -11.24 32.88
CA PRO B 432 28.61 -11.45 34.33
C PRO B 432 29.96 -12.00 34.79
N GLY B 433 30.21 -11.88 36.11
CA GLY B 433 31.43 -12.35 36.73
C GLY B 433 31.40 -13.85 37.00
N TYR B 434 32.49 -14.32 37.59
CA TYR B 434 32.77 -15.72 37.81
C TYR B 434 31.59 -16.45 38.47
N ASN B 435 31.11 -15.94 39.61
CA ASN B 435 30.11 -16.68 40.39
C ASN B 435 28.80 -16.84 39.63
N ALA B 436 28.36 -15.80 38.89
CA ALA B 436 27.12 -15.93 38.11
C ALA B 436 27.22 -17.09 37.10
N TRP B 437 28.42 -17.27 36.51
CA TRP B 437 28.66 -18.34 35.56
C TRP B 437 28.78 -19.70 36.26
N ARG B 438 29.45 -19.73 37.42
CA ARG B 438 29.46 -20.93 38.26
C ARG B 438 28.01 -21.40 38.48
N ARG B 439 27.14 -20.46 38.89
CA ARG B 439 25.75 -20.76 39.21
C ARG B 439 25.02 -21.25 37.97
N PHE B 440 25.25 -20.58 36.85
CA PHE B 440 24.66 -20.96 35.58
C PHE B 440 24.99 -22.43 35.27
N CYS B 441 26.20 -22.86 35.65
CA CYS B 441 26.70 -24.19 35.32
C CYS B 441 26.29 -25.22 36.36
N GLY B 442 25.63 -24.78 37.44
CA GLY B 442 25.29 -25.67 38.53
C GLY B 442 26.51 -26.00 39.40
N LEU B 443 27.43 -25.06 39.54
CA LEU B 443 28.63 -25.26 40.34
C LEU B 443 28.57 -24.38 41.59
N PRO B 444 29.18 -24.80 42.71
CA PRO B 444 29.29 -23.96 43.91
C PRO B 444 29.93 -22.61 43.66
N GLN B 445 29.37 -21.58 44.30
CA GLN B 445 29.84 -20.20 44.17
C GLN B 445 30.56 -19.76 45.44
N PRO B 446 31.91 -19.69 45.44
CA PRO B 446 32.64 -19.17 46.60
C PRO B 446 32.36 -17.71 46.89
N GLU B 447 32.07 -17.39 48.15
CA GLU B 447 31.82 -16.04 48.61
C GLU B 447 33.04 -15.45 49.31
N THR B 448 33.87 -16.28 49.94
CA THR B 448 35.03 -15.84 50.72
C THR B 448 36.32 -16.33 50.08
N VAL B 449 37.43 -15.77 50.56
CA VAL B 449 38.76 -16.13 50.09
C VAL B 449 39.04 -17.61 50.39
N GLY B 450 38.53 -18.09 51.53
CA GLY B 450 38.71 -19.47 51.94
C GLY B 450 37.98 -20.44 51.02
N GLN B 451 36.76 -20.07 50.64
CA GLN B 451 35.97 -20.89 49.73
C GLN B 451 36.60 -20.88 48.35
N LEU B 452 37.12 -19.72 47.93
CA LEU B 452 37.79 -19.62 46.65
C LEU B 452 39.06 -20.47 46.65
N GLY B 453 39.80 -20.44 47.77
CA GLY B 453 40.95 -21.33 47.94
C GLY B 453 40.61 -22.81 47.70
N THR B 454 39.48 -23.26 48.27
CA THR B 454 39.01 -24.63 48.11
C THR B 454 38.73 -24.94 46.63
N VAL B 455 38.00 -24.03 45.98
CA VAL B 455 37.58 -24.20 44.59
C VAL B 455 38.82 -24.29 43.69
N LEU B 456 39.84 -23.45 43.94
CA LEU B 456 41.02 -23.36 43.09
C LEU B 456 42.09 -24.35 43.54
N ARG B 457 41.87 -25.00 44.71
CA ARG B 457 42.86 -25.85 45.37
C ARG B 457 44.17 -25.08 45.48
N ASN B 458 44.08 -23.80 45.85
CA ASN B 458 45.22 -22.89 45.81
C ASN B 458 44.83 -21.60 46.52
N LEU B 459 45.21 -21.51 47.80
CA LEU B 459 44.83 -20.39 48.64
C LEU B 459 45.65 -19.17 48.25
N LYS B 460 46.88 -19.37 47.77
CA LYS B 460 47.72 -18.26 47.38
C LYS B 460 47.05 -17.47 46.25
N LEU B 461 46.65 -18.18 45.18
CA LEU B 461 46.00 -17.56 44.03
C LEU B 461 44.66 -16.94 44.42
N ALA B 462 43.87 -17.63 45.23
CA ALA B 462 42.64 -17.08 45.78
C ALA B 462 42.90 -15.73 46.47
N ARG B 463 44.00 -15.59 47.19
CA ARG B 463 44.28 -14.36 47.92
C ARG B 463 44.59 -13.21 46.95
N LYS B 464 45.40 -13.51 45.92
CA LYS B 464 45.77 -12.53 44.90
C LYS B 464 44.52 -12.02 44.18
N LEU B 465 43.60 -12.93 43.84
CA LEU B 465 42.39 -12.60 43.12
C LEU B 465 41.48 -11.72 43.98
N MET B 466 41.38 -11.99 45.28
CA MET B 466 40.53 -11.21 46.16
C MET B 466 41.15 -9.83 46.39
N GLU B 467 42.47 -9.76 46.37
CA GLU B 467 43.15 -8.48 46.50
C GLU B 467 42.80 -7.60 45.30
N GLN B 468 42.77 -8.17 44.09
CA GLN B 468 42.40 -7.42 42.87
C GLN B 468 40.89 -7.11 42.84
N TYR B 469 40.05 -8.12 43.08
CA TYR B 469 38.64 -8.07 42.72
C TYR B 469 37.72 -7.80 43.92
N GLY B 470 38.13 -8.15 45.14
CA GLY B 470 37.33 -7.90 46.33
C GLY B 470 36.29 -8.98 46.63
N THR B 471 35.66 -9.51 45.58
CA THR B 471 34.69 -10.59 45.70
C THR B 471 34.83 -11.52 44.50
N PRO B 472 34.58 -12.84 44.66
CA PRO B 472 34.52 -13.75 43.52
C PRO B 472 33.37 -13.44 42.55
N ASN B 473 32.43 -12.60 42.99
CA ASN B 473 31.34 -12.21 42.11
C ASN B 473 31.86 -11.35 40.95
N ASN B 474 33.03 -10.71 41.14
CA ASN B 474 33.49 -9.68 40.22
C ASN B 474 34.64 -10.17 39.32
N ILE B 475 35.10 -11.41 39.54
CA ILE B 475 36.22 -11.93 38.78
C ILE B 475 35.76 -12.11 37.32
N ASP B 476 36.57 -11.56 36.41
CA ASP B 476 36.32 -11.65 34.98
C ASP B 476 36.31 -13.11 34.57
N ILE B 477 35.37 -13.48 33.70
CA ILE B 477 35.15 -14.86 33.30
C ILE B 477 36.43 -15.51 32.76
N TRP B 478 37.23 -14.81 31.94
CA TRP B 478 38.44 -15.43 31.42
C TRP B 478 39.35 -15.77 32.58
N MET B 479 39.57 -14.78 33.46
CA MET B 479 40.55 -14.86 34.52
C MET B 479 40.16 -15.98 35.47
N GLY B 480 38.89 -16.00 35.90
CA GLY B 480 38.37 -17.05 36.76
C GLY B 480 38.48 -18.41 36.10
N GLY B 481 38.01 -18.52 34.86
CA GLY B 481 38.01 -19.78 34.11
C GLY B 481 39.39 -20.44 34.04
N VAL B 482 40.44 -19.65 33.70
CA VAL B 482 41.78 -20.18 33.49
C VAL B 482 42.55 -20.32 34.82
N SER B 483 42.02 -19.75 35.91
CA SER B 483 42.61 -19.92 37.24
C SER B 483 42.27 -21.30 37.82
N GLU B 484 41.20 -21.93 37.35
CA GLU B 484 40.68 -23.17 37.90
C GLU B 484 41.63 -24.34 37.60
N PRO B 485 41.80 -25.28 38.56
CA PRO B 485 42.63 -26.46 38.32
C PRO B 485 42.00 -27.33 37.22
N LEU B 486 42.86 -27.95 36.43
CA LEU B 486 42.46 -28.65 35.22
C LEU B 486 41.80 -29.97 35.58
N LYS B 487 40.86 -30.41 34.73
CA LYS B 487 40.19 -31.68 34.90
C LYS B 487 41.19 -32.78 34.58
N ARG B 488 40.93 -33.97 35.12
CA ARG B 488 41.75 -35.13 34.83
C ARG B 488 41.72 -35.37 33.32
N LYS B 489 42.91 -35.32 32.69
CA LYS B 489 43.15 -35.59 31.28
C LYS B 489 42.50 -34.54 30.38
N GLY B 490 42.23 -33.35 30.94
CA GLY B 490 41.78 -32.21 30.16
C GLY B 490 42.66 -31.01 30.42
N ARG B 491 42.37 -29.90 29.75
CA ARG B 491 43.19 -28.70 29.88
C ARG B 491 42.36 -27.47 30.22
N VAL B 492 41.18 -27.70 30.82
CA VAL B 492 40.36 -26.63 31.39
C VAL B 492 39.78 -27.13 32.71
N GLY B 493 39.37 -26.17 33.56
CA GLY B 493 38.65 -26.49 34.77
C GLY B 493 37.16 -26.74 34.55
N PRO B 494 36.41 -27.02 35.64
CA PRO B 494 34.96 -27.34 35.54
C PRO B 494 34.08 -26.30 34.84
N LEU B 495 34.36 -25.02 35.11
CA LEU B 495 33.54 -23.93 34.60
C LEU B 495 33.71 -23.80 33.09
N LEU B 496 34.98 -23.75 32.60
CA LEU B 496 35.21 -23.65 31.18
C LEU B 496 34.75 -24.93 30.49
N ALA B 497 34.89 -26.07 31.16
CA ALA B 497 34.42 -27.34 30.62
C ALA B 497 32.92 -27.24 30.35
N CYS B 498 32.17 -26.68 31.30
CA CYS B 498 30.73 -26.55 31.17
C CYS B 498 30.37 -25.61 30.02
N ILE B 499 31.00 -24.45 29.97
CA ILE B 499 30.67 -23.50 28.92
C ILE B 499 31.04 -24.06 27.55
N ILE B 500 32.26 -24.59 27.40
CA ILE B 500 32.76 -25.05 26.11
C ILE B 500 31.98 -26.30 25.69
N GLY B 501 31.80 -27.24 26.62
CA GLY B 501 31.01 -28.44 26.36
C GLY B 501 29.60 -28.10 25.90
N THR B 502 28.93 -27.21 26.64
CA THR B 502 27.57 -26.83 26.35
C THR B 502 27.50 -26.25 24.94
N GLN B 503 28.46 -25.39 24.58
CA GLN B 503 28.46 -24.73 23.27
C GLN B 503 28.58 -25.74 22.14
N PHE B 504 29.55 -26.65 22.25
CA PHE B 504 29.82 -27.60 21.18
C PHE B 504 28.71 -28.62 21.04
N ARG B 505 28.02 -28.94 22.14
CA ARG B 505 26.88 -29.81 22.04
C ARG B 505 25.79 -29.16 21.15
N LYS B 506 25.59 -27.85 21.30
CA LYS B 506 24.55 -27.16 20.54
C LYS B 506 24.92 -27.06 19.07
N LEU B 507 26.22 -26.84 18.78
CA LEU B 507 26.71 -26.76 17.42
C LEU B 507 26.56 -28.11 16.71
N ARG B 508 26.53 -29.21 17.47
CA ARG B 508 26.40 -30.55 16.93
C ARG B 508 24.92 -30.92 16.74
N ASP B 509 24.16 -30.91 17.85
CA ASP B 509 22.80 -31.41 17.86
C ASP B 509 21.89 -30.46 17.08
N GLY B 510 22.28 -29.18 16.92
CA GLY B 510 21.46 -28.18 16.25
C GLY B 510 21.95 -27.83 14.85
N ASP B 511 22.90 -28.62 14.33
CA ASP B 511 23.39 -28.51 12.96
C ASP B 511 22.69 -29.55 12.08
N ARG B 512 21.88 -29.06 11.14
CA ARG B 512 21.11 -29.92 10.24
C ARG B 512 22.03 -30.67 9.30
N PHE B 513 23.24 -30.12 9.07
CA PHE B 513 24.21 -30.71 8.16
C PHE B 513 25.35 -31.38 8.94
N TRP B 514 25.10 -31.78 10.20
CA TRP B 514 26.08 -32.58 10.92
C TRP B 514 26.34 -33.86 10.13
N TRP B 515 27.62 -34.28 10.05
CA TRP B 515 28.03 -35.33 9.16
C TRP B 515 27.36 -36.69 9.47
N GLU B 516 27.00 -36.95 10.73
CA GLU B 516 26.33 -38.19 11.10
C GLU B 516 24.81 -38.11 10.94
N ASN B 517 24.27 -36.93 10.61
CA ASN B 517 22.83 -36.77 10.50
C ASN B 517 22.35 -37.55 9.28
N GLU B 518 21.28 -38.34 9.47
CA GLU B 518 20.70 -39.11 8.39
C GLU B 518 20.35 -38.18 7.23
N GLY B 519 20.92 -38.48 6.06
CA GLY B 519 20.55 -37.81 4.83
C GLY B 519 21.65 -36.88 4.30
N VAL B 520 22.68 -36.62 5.10
CA VAL B 520 23.74 -35.71 4.69
C VAL B 520 24.72 -36.48 3.81
N PHE B 521 25.18 -37.62 4.35
CA PHE B 521 26.07 -38.56 3.67
C PHE B 521 25.37 -39.91 3.65
N SER B 522 25.69 -40.73 2.64
CA SER B 522 25.28 -42.13 2.62
C SER B 522 26.04 -42.88 3.71
N MET B 523 25.60 -44.11 4.00
CA MET B 523 26.19 -44.91 5.05
C MET B 523 27.62 -45.31 4.69
N GLN B 524 27.91 -45.38 3.37
CA GLN B 524 29.21 -45.80 2.86
C GLN B 524 30.18 -44.63 2.92
N GLN B 525 29.66 -43.42 2.68
CA GLN B 525 30.45 -42.19 2.77
C GLN B 525 30.87 -41.93 4.22
N ARG B 526 29.99 -42.26 5.18
CA ARG B 526 30.29 -42.09 6.59
C ARG B 526 31.34 -43.12 7.04
N GLN B 527 31.26 -44.36 6.51
CA GLN B 527 32.25 -45.38 6.76
C GLN B 527 33.63 -44.86 6.34
N ALA B 528 33.66 -44.24 5.16
CA ALA B 528 34.89 -43.73 4.56
C ALA B 528 35.45 -42.56 5.35
N LEU B 529 34.57 -41.63 5.75
CA LEU B 529 34.95 -40.41 6.48
C LEU B 529 35.51 -40.74 7.86
N ALA B 530 35.04 -41.84 8.47
CA ALA B 530 35.52 -42.25 9.78
C ALA B 530 37.04 -42.49 9.78
N GLN B 531 37.64 -42.63 8.59
CA GLN B 531 39.03 -43.03 8.42
C GLN B 531 39.96 -41.82 8.36
N ILE B 532 39.42 -40.62 8.14
CA ILE B 532 40.24 -39.44 7.96
C ILE B 532 40.96 -39.12 9.28
N SER B 533 42.07 -38.39 9.14
CA SER B 533 42.80 -37.87 10.28
C SER B 533 43.64 -36.70 9.79
N LEU B 534 44.15 -35.91 10.74
CA LEU B 534 44.91 -34.72 10.39
C LEU B 534 46.31 -35.09 9.93
N PRO B 535 47.01 -36.08 10.55
CA PRO B 535 48.27 -36.57 9.99
C PRO B 535 48.10 -36.90 8.50
N ARG B 536 47.04 -37.64 8.13
CA ARG B 536 46.80 -38.02 6.75
C ARG B 536 46.69 -36.80 5.86
N ILE B 537 46.00 -35.76 6.32
CA ILE B 537 45.79 -34.57 5.52
C ILE B 537 47.13 -33.87 5.29
N ILE B 538 48.01 -33.92 6.29
CA ILE B 538 49.34 -33.31 6.16
C ILE B 538 50.16 -34.06 5.11
N CYS B 539 50.14 -35.39 5.18
CA CYS B 539 50.79 -36.26 4.20
C CYS B 539 50.34 -35.94 2.79
N ASP B 540 49.02 -35.88 2.57
CA ASP B 540 48.44 -35.76 1.24
C ASP B 540 48.78 -34.41 0.59
N ASN B 541 49.18 -33.40 1.37
CA ASN B 541 49.16 -32.02 0.89
C ASN B 541 50.44 -31.26 1.21
N THR B 542 51.48 -31.96 1.68
CA THR B 542 52.76 -31.33 1.92
C THR B 542 53.88 -32.27 1.48
N GLY B 543 55.12 -31.78 1.63
CA GLY B 543 56.31 -32.59 1.39
C GLY B 543 56.78 -33.33 2.64
N ILE B 544 55.90 -33.46 3.63
CA ILE B 544 56.21 -34.17 4.87
C ILE B 544 55.84 -35.64 4.66
N THR B 545 56.73 -36.55 5.09
CA THR B 545 56.52 -37.99 4.96
C THR B 545 56.55 -38.69 6.31
N THR B 546 56.93 -38.00 7.39
CA THR B 546 56.83 -38.56 8.73
C THR B 546 55.95 -37.64 9.59
N VAL B 547 54.89 -38.21 10.20
CA VAL B 547 53.86 -37.44 10.90
C VAL B 547 53.58 -38.04 12.27
N SER B 548 52.76 -37.34 13.07
CA SER B 548 52.36 -37.75 14.41
C SER B 548 51.50 -39.00 14.37
N LYS B 549 51.68 -39.87 15.38
CA LYS B 549 50.77 -40.97 15.64
C LYS B 549 49.42 -40.45 16.17
N ASN B 550 48.39 -41.28 15.91
CA ASN B 550 47.34 -41.66 16.86
C ASN B 550 46.49 -40.43 17.11
N ASN B 551 46.83 -39.76 18.22
CA ASN B 551 46.16 -38.51 18.47
C ASN B 551 47.15 -37.36 18.35
N ILE B 552 47.04 -36.69 17.19
CA ILE B 552 48.02 -35.69 16.81
C ILE B 552 48.17 -34.61 17.88
N PHE B 553 47.12 -34.43 18.71
CA PHE B 553 47.09 -33.38 19.71
C PHE B 553 47.83 -33.79 20.97
N MET B 554 48.14 -35.09 21.10
CA MET B 554 48.83 -35.66 22.26
C MET B 554 50.29 -36.00 21.90
N SER B 555 50.47 -36.69 20.77
CA SER B 555 51.78 -36.98 20.19
C SER B 555 52.60 -35.70 20.04
N ASN B 556 53.75 -35.61 20.72
CA ASN B 556 54.53 -34.38 20.72
C ASN B 556 56.05 -34.60 20.73
N SER B 557 56.54 -35.84 20.56
CA SER B 557 57.97 -36.10 20.72
C SER B 557 58.49 -36.92 19.56
N TYR B 558 59.46 -36.35 18.81
CA TYR B 558 60.16 -37.08 17.76
C TYR B 558 61.12 -38.09 18.39
N PRO B 559 61.67 -39.06 17.60
CA PRO B 559 60.85 -40.06 16.91
C PRO B 559 59.79 -40.90 17.60
N ARG B 560 59.75 -40.88 18.93
CA ARG B 560 58.90 -41.78 19.72
C ARG B 560 57.47 -41.82 19.16
N ASP B 561 56.88 -40.65 18.85
CA ASP B 561 55.46 -40.54 18.59
C ASP B 561 55.15 -40.33 17.11
N PHE B 562 56.02 -40.84 16.21
CA PHE B 562 55.91 -40.56 14.78
C PHE B 562 55.81 -41.84 13.95
N VAL B 563 55.21 -41.74 12.75
CA VAL B 563 55.08 -42.83 11.79
C VAL B 563 55.29 -42.31 10.36
N ASN B 564 55.52 -43.23 9.43
CA ASN B 564 55.70 -42.89 8.03
C ASN B 564 54.32 -42.77 7.42
N CYS B 565 54.19 -41.86 6.46
CA CYS B 565 52.93 -41.56 5.81
C CYS B 565 52.36 -42.78 5.11
N SER B 566 53.23 -43.68 4.64
CA SER B 566 52.82 -44.86 3.90
C SER B 566 52.04 -45.84 4.79
N THR B 567 52.14 -45.70 6.12
CA THR B 567 51.50 -46.63 7.04
C THR B 567 50.02 -46.28 7.26
N LEU B 568 49.58 -45.08 6.86
CA LEU B 568 48.26 -44.57 7.23
C LEU B 568 47.27 -44.80 6.08
N PRO B 569 45.98 -45.11 6.36
CA PRO B 569 44.98 -45.23 5.29
C PRO B 569 44.64 -43.85 4.71
N ALA B 570 44.48 -43.74 3.39
CA ALA B 570 43.97 -42.53 2.75
C ALA B 570 42.44 -42.57 2.70
N LEU B 571 41.83 -41.45 2.27
CA LEU B 571 40.38 -41.38 2.17
C LEU B 571 39.95 -42.00 0.85
N ASN B 572 39.12 -43.04 0.93
CA ASN B 572 38.57 -43.72 -0.23
C ASN B 572 37.30 -43.00 -0.69
N LEU B 573 37.38 -42.36 -1.86
CA LEU B 573 36.26 -41.61 -2.41
C LEU B 573 35.38 -42.49 -3.32
N ALA B 574 35.46 -43.81 -3.18
CA ALA B 574 34.75 -44.72 -4.09
C ALA B 574 33.26 -44.43 -4.07
N SER B 575 32.70 -44.20 -2.86
CA SER B 575 31.27 -44.10 -2.65
C SER B 575 30.71 -42.73 -3.08
N TRP B 576 31.55 -41.86 -3.67
CA TRP B 576 31.10 -40.59 -4.20
C TRP B 576 30.82 -40.68 -5.71
N ARG B 577 31.03 -41.86 -6.30
CA ARG B 577 30.91 -42.04 -7.74
C ARG B 577 29.44 -42.15 -8.14
N GLU B 578 29.10 -41.61 -9.32
CA GLU B 578 27.74 -41.63 -9.84
C GLU B 578 27.70 -42.13 -11.28
N ALA B 579 26.57 -42.76 -11.66
CA ALA B 579 26.21 -43.02 -13.05
C ALA B 579 25.51 -41.80 -13.63
N THR C 1 4.34 -22.64 -7.03
CA THR C 1 5.80 -22.89 -6.94
C THR C 1 6.02 -24.39 -6.72
N CYS C 2 6.73 -25.04 -7.65
CA CYS C 2 6.73 -26.49 -7.73
C CYS C 2 7.86 -27.08 -6.89
N PRO C 3 7.63 -28.13 -6.09
CA PRO C 3 8.73 -28.92 -5.52
C PRO C 3 9.78 -29.22 -6.59
N GLU C 4 11.06 -29.04 -6.23
CA GLU C 4 12.15 -29.22 -7.18
C GLU C 4 12.47 -30.72 -7.36
N GLN C 5 12.13 -31.55 -6.36
CA GLN C 5 11.98 -32.98 -6.55
C GLN C 5 10.61 -33.43 -6.06
N ASP C 6 10.12 -34.51 -6.66
CA ASP C 6 8.83 -35.09 -6.32
C ASP C 6 8.78 -36.50 -6.89
N LYS C 7 7.92 -37.33 -6.32
CA LYS C 7 7.99 -38.76 -6.56
C LYS C 7 6.73 -39.21 -7.31
N TYR C 8 5.63 -38.51 -7.06
CA TYR C 8 4.31 -38.91 -7.56
C TYR C 8 3.63 -37.71 -8.23
N ARG C 9 2.67 -38.02 -9.10
CA ARG C 9 1.82 -37.01 -9.69
C ARG C 9 1.01 -36.31 -8.59
N THR C 10 0.79 -35.00 -8.75
CA THR C 10 -0.30 -34.31 -8.09
C THR C 10 -1.63 -34.84 -8.65
N ILE C 11 -2.71 -34.61 -7.91
CA ILE C 11 -4.03 -35.05 -8.36
C ILE C 11 -4.49 -34.22 -9.55
N THR C 12 -4.28 -32.90 -9.46
CA THR C 12 -4.75 -31.94 -10.45
C THR C 12 -3.88 -31.92 -11.70
N GLY C 13 -2.68 -32.50 -11.63
CA GLY C 13 -1.74 -32.42 -12.74
C GLY C 13 -0.87 -31.15 -12.72
N MET C 14 -1.17 -30.22 -11.80
N MET C 14 -1.17 -30.22 -11.80
CA MET C 14 -0.30 -29.09 -11.50
CA MET C 14 -0.30 -29.09 -11.48
C MET C 14 1.13 -29.64 -11.36
C MET C 14 1.13 -29.64 -11.36
N CYS C 15 2.09 -28.98 -12.02
CA CYS C 15 3.52 -29.17 -11.75
C CYS C 15 4.13 -30.33 -12.53
N ASN C 16 3.35 -30.95 -13.42
CA ASN C 16 3.91 -31.94 -14.33
C ASN C 16 4.98 -31.26 -15.17
N ASN C 17 4.61 -30.14 -15.81
CA ASN C 17 5.55 -29.28 -16.51
C ASN C 17 6.01 -28.17 -15.56
N ARG C 18 7.30 -28.14 -15.24
CA ARG C 18 7.80 -27.24 -14.22
C ARG C 18 7.90 -25.81 -14.74
N ARG C 19 8.18 -25.60 -16.04
CA ARG C 19 8.31 -24.25 -16.59
C ARG C 19 6.94 -23.57 -16.78
N SER C 20 5.92 -24.35 -17.16
CA SER C 20 4.57 -23.84 -17.29
C SER C 20 3.62 -24.77 -16.52
N PRO C 21 3.57 -24.66 -15.18
CA PRO C 21 3.01 -25.74 -14.35
C PRO C 21 1.52 -26.05 -14.46
N THR C 22 0.73 -25.25 -15.18
CA THR C 22 -0.68 -25.57 -15.37
C THR C 22 -0.92 -26.47 -16.58
N LEU C 23 0.10 -26.70 -17.42
CA LEU C 23 -0.07 -27.49 -18.63
C LEU C 23 -0.42 -28.93 -18.29
N GLY C 24 -1.63 -29.33 -18.68
CA GLY C 24 -2.13 -30.67 -18.42
C GLY C 24 -2.95 -30.76 -17.14
N ALA C 25 -3.00 -29.66 -16.38
CA ALA C 25 -3.75 -29.62 -15.14
C ALA C 25 -5.25 -29.44 -15.42
N SER C 26 -6.05 -29.76 -14.40
CA SER C 26 -7.49 -29.77 -14.48
C SER C 26 -8.01 -28.33 -14.35
N ASN C 27 -9.21 -28.10 -14.90
CA ASN C 27 -9.92 -26.83 -14.83
C ASN C 27 -9.12 -25.69 -15.45
N ARG C 28 -8.64 -25.94 -16.68
CA ARG C 28 -7.99 -24.94 -17.50
C ARG C 28 -8.60 -24.99 -18.91
N ALA C 29 -8.41 -23.91 -19.66
CA ALA C 29 -8.85 -23.85 -21.05
C ALA C 29 -8.14 -24.91 -21.89
N PHE C 30 -8.87 -25.47 -22.86
CA PHE C 30 -8.27 -26.30 -23.89
C PHE C 30 -7.29 -25.45 -24.68
N VAL C 31 -6.27 -26.11 -25.24
CA VAL C 31 -5.41 -25.48 -26.24
C VAL C 31 -6.16 -25.51 -27.57
N ARG C 32 -5.87 -24.49 -28.41
CA ARG C 32 -6.41 -24.41 -29.76
C ARG C 32 -5.30 -24.70 -30.77
N TRP C 33 -5.55 -25.65 -31.66
CA TRP C 33 -4.62 -25.93 -32.75
C TRP C 33 -4.91 -25.06 -33.96
N LEU C 34 -6.12 -24.50 -34.02
CA LEU C 34 -6.51 -23.56 -35.06
C LEU C 34 -7.35 -22.46 -34.43
N PRO C 35 -7.33 -21.23 -34.97
CA PRO C 35 -8.22 -20.17 -34.53
C PRO C 35 -9.70 -20.53 -34.68
N ALA C 36 -10.49 -20.08 -33.71
CA ALA C 36 -11.91 -20.38 -33.62
C ALA C 36 -12.70 -19.74 -34.75
N GLU C 37 -13.83 -20.37 -35.09
CA GLU C 37 -14.75 -19.87 -36.12
C GLU C 37 -16.15 -19.80 -35.51
N TYR C 38 -16.50 -18.57 -35.09
CA TYR C 38 -17.80 -18.24 -34.54
C TYR C 38 -18.51 -17.26 -35.49
N GLU C 39 -19.83 -17.30 -35.45
CA GLU C 39 -20.71 -16.51 -36.30
C GLU C 39 -20.38 -15.02 -36.19
N ASP C 40 -20.05 -14.56 -34.97
CA ASP C 40 -19.76 -13.15 -34.71
C ASP C 40 -18.27 -12.94 -34.47
N GLY C 41 -17.45 -13.96 -34.73
CA GLY C 41 -16.01 -13.84 -34.62
C GLY C 41 -15.45 -14.31 -33.28
N PHE C 42 -16.26 -14.25 -32.21
CA PHE C 42 -15.70 -14.47 -30.88
C PHE C 42 -16.59 -15.25 -29.90
N SER C 43 -17.88 -15.55 -30.20
CA SER C 43 -18.70 -16.16 -29.15
C SER C 43 -19.89 -16.97 -29.65
N LEU C 44 -20.60 -16.49 -30.68
CA LEU C 44 -21.85 -17.14 -31.06
C LEU C 44 -21.57 -18.24 -32.08
N PRO C 45 -22.16 -19.44 -31.90
CA PRO C 45 -21.89 -20.57 -32.77
C PRO C 45 -22.61 -20.44 -34.11
N TYR C 46 -22.05 -21.07 -35.15
CA TYR C 46 -22.74 -21.10 -36.43
C TYR C 46 -24.06 -21.86 -36.26
N GLY C 47 -25.11 -21.29 -36.87
CA GLY C 47 -26.47 -21.77 -36.70
C GLY C 47 -27.24 -21.00 -35.64
N TRP C 48 -26.62 -19.97 -35.04
CA TRP C 48 -27.25 -19.29 -33.92
C TRP C 48 -28.33 -18.34 -34.41
N THR C 49 -27.96 -17.44 -35.32
CA THR C 49 -28.87 -16.44 -35.86
C THR C 49 -29.47 -16.99 -37.16
N PRO C 50 -30.83 -17.09 -37.29
CA PRO C 50 -31.44 -17.53 -38.54
C PRO C 50 -31.04 -16.64 -39.72
N GLY C 51 -30.67 -17.29 -40.84
CA GLY C 51 -30.40 -16.58 -42.08
C GLY C 51 -28.94 -16.22 -42.25
N VAL C 52 -28.12 -16.33 -41.20
CA VAL C 52 -26.70 -16.03 -41.27
C VAL C 52 -25.96 -17.26 -41.80
N LYS C 53 -25.25 -17.05 -42.92
CA LYS C 53 -24.54 -18.13 -43.60
C LYS C 53 -23.15 -18.33 -43.00
N ARG C 54 -22.62 -19.53 -43.22
CA ARG C 54 -21.23 -19.85 -42.89
C ARG C 54 -20.46 -19.89 -44.19
N ASN C 55 -19.54 -18.92 -44.37
CA ASN C 55 -18.54 -18.99 -45.43
C ASN C 55 -19.26 -19.16 -46.78
N GLY C 56 -20.40 -18.45 -46.92
CA GLY C 56 -21.13 -18.37 -48.18
C GLY C 56 -22.33 -19.32 -48.30
N PHE C 57 -22.57 -20.19 -47.33
CA PHE C 57 -23.64 -21.18 -47.45
C PHE C 57 -24.47 -21.30 -46.18
N PRO C 58 -25.74 -21.75 -46.30
CA PRO C 58 -26.60 -21.96 -45.14
C PRO C 58 -25.99 -23.01 -44.22
N VAL C 59 -26.29 -22.87 -42.91
CA VAL C 59 -25.86 -23.85 -41.92
C VAL C 59 -26.92 -24.95 -41.91
N ALA C 60 -26.49 -26.21 -42.03
CA ALA C 60 -27.41 -27.35 -41.94
C ALA C 60 -27.74 -27.64 -40.48
N LEU C 61 -29.01 -27.92 -40.19
CA LEU C 61 -29.40 -28.36 -38.87
C LEU C 61 -28.67 -29.67 -38.53
N ALA C 62 -28.08 -29.72 -37.33
CA ALA C 62 -27.34 -30.91 -36.90
C ALA C 62 -28.24 -32.14 -36.98
N ARG C 63 -29.51 -31.98 -36.57
CA ARG C 63 -30.48 -33.08 -36.61
C ARG C 63 -30.78 -33.48 -38.05
N ALA C 64 -30.85 -32.51 -38.98
CA ALA C 64 -31.06 -32.84 -40.39
C ALA C 64 -29.87 -33.64 -40.93
N VAL C 65 -28.65 -33.23 -40.60
CA VAL C 65 -27.46 -33.95 -41.06
C VAL C 65 -27.47 -35.38 -40.53
N SER C 66 -27.78 -35.53 -39.24
CA SER C 66 -27.93 -36.85 -38.63
C SER C 66 -28.93 -37.72 -39.40
N ASN C 67 -30.12 -37.18 -39.69
CA ASN C 67 -31.19 -37.91 -40.36
C ASN C 67 -30.77 -38.38 -41.77
N GLU C 68 -30.16 -37.48 -42.55
CA GLU C 68 -29.93 -37.73 -43.97
C GLU C 68 -28.66 -38.54 -44.22
N ILE C 69 -27.73 -38.62 -43.24
CA ILE C 69 -26.39 -39.14 -43.50
C ILE C 69 -25.99 -40.19 -42.48
N VAL C 70 -26.38 -40.03 -41.21
CA VAL C 70 -25.94 -40.94 -40.16
C VAL C 70 -26.92 -42.11 -40.06
N ARG C 71 -28.21 -41.80 -40.16
CA ARG C 71 -29.28 -42.78 -40.04
C ARG C 71 -29.09 -43.93 -41.03
N PHE C 72 -29.29 -45.15 -40.53
CA PHE C 72 -29.33 -46.35 -41.37
C PHE C 72 -30.27 -47.36 -40.72
N PRO C 73 -30.83 -48.33 -41.49
CA PRO C 73 -31.66 -49.40 -40.94
C PRO C 73 -30.88 -50.41 -40.09
N THR C 74 -31.34 -50.74 -38.88
CA THR C 74 -30.52 -51.47 -37.93
C THR C 74 -30.30 -52.93 -38.36
N ASP C 75 -31.16 -53.47 -39.24
CA ASP C 75 -30.97 -54.83 -39.75
C ASP C 75 -29.73 -54.93 -40.64
N GLN C 76 -29.22 -53.79 -41.17
CA GLN C 76 -28.05 -53.77 -42.04
C GLN C 76 -26.74 -53.86 -41.25
N LEU C 77 -26.80 -53.74 -39.92
CA LEU C 77 -25.63 -53.51 -39.08
C LEU C 77 -24.56 -54.55 -39.40
N THR C 78 -23.33 -54.10 -39.64
CA THR C 78 -22.22 -54.99 -39.90
C THR C 78 -21.35 -55.12 -38.65
N PRO C 79 -21.18 -56.35 -38.11
CA PRO C 79 -20.23 -56.56 -37.03
C PRO C 79 -18.79 -56.62 -37.54
N ASP C 80 -17.87 -56.12 -36.72
CA ASP C 80 -16.46 -55.99 -37.02
C ASP C 80 -15.78 -57.31 -36.69
N GLN C 81 -15.31 -58.01 -37.74
CA GLN C 81 -14.73 -59.33 -37.59
C GLN C 81 -13.40 -59.26 -36.83
N GLU C 82 -12.80 -58.05 -36.73
CA GLU C 82 -11.44 -57.93 -36.23
C GLU C 82 -11.39 -57.08 -34.96
N ARG C 83 -12.54 -56.74 -34.35
CA ARG C 83 -12.55 -55.92 -33.16
C ARG C 83 -13.59 -56.42 -32.16
N SER C 84 -13.18 -56.52 -30.88
CA SER C 84 -14.10 -56.79 -29.78
C SER C 84 -14.85 -55.52 -29.40
N LEU C 85 -15.94 -55.69 -28.66
CA LEU C 85 -16.68 -54.55 -28.14
C LEU C 85 -15.89 -53.92 -26.99
N MET C 86 -14.88 -54.63 -26.48
CA MET C 86 -13.96 -54.10 -25.49
C MET C 86 -13.13 -52.97 -26.10
N PHE C 87 -12.93 -52.99 -27.41
CA PHE C 87 -12.26 -51.91 -28.13
C PHE C 87 -13.05 -50.61 -28.01
N MET C 88 -14.37 -50.71 -28.19
CA MET C 88 -15.26 -49.58 -27.99
C MET C 88 -15.13 -49.08 -26.54
N GLN C 89 -15.21 -50.00 -25.58
CA GLN C 89 -15.37 -49.60 -24.20
C GLN C 89 -14.10 -48.99 -23.62
N TRP C 90 -12.92 -49.48 -24.04
CA TRP C 90 -11.68 -48.91 -23.56
C TRP C 90 -11.54 -47.48 -24.08
N GLY C 91 -12.08 -47.22 -25.28
CA GLY C 91 -12.04 -45.88 -25.84
C GLY C 91 -12.79 -44.88 -24.98
N GLN C 92 -13.99 -45.25 -24.54
CA GLN C 92 -14.81 -44.38 -23.72
C GLN C 92 -14.12 -44.16 -22.38
N LEU C 93 -13.58 -45.22 -21.80
CA LEU C 93 -12.94 -45.14 -20.50
C LEU C 93 -11.71 -44.24 -20.57
N LEU C 94 -10.91 -44.40 -21.63
CA LEU C 94 -9.73 -43.57 -21.87
C LEU C 94 -10.12 -42.09 -22.06
N ASP C 95 -11.13 -41.83 -22.90
CA ASP C 95 -11.69 -40.50 -23.09
C ASP C 95 -11.95 -39.87 -21.73
N HIS C 96 -12.47 -40.65 -20.79
CA HIS C 96 -12.88 -40.13 -19.48
C HIS C 96 -11.66 -39.95 -18.57
N ASP C 97 -10.48 -40.38 -19.03
CA ASP C 97 -9.21 -40.04 -18.41
C ASP C 97 -8.71 -38.70 -18.95
N LEU C 98 -9.14 -38.28 -20.15
CA LEU C 98 -8.46 -37.19 -20.85
C LEU C 98 -9.23 -35.88 -20.74
N ASP C 99 -10.54 -35.89 -21.02
CA ASP C 99 -11.29 -34.66 -21.17
C ASP C 99 -12.74 -34.82 -20.69
N PHE C 100 -13.19 -33.79 -19.96
CA PHE C 100 -14.59 -33.54 -19.66
C PHE C 100 -14.84 -32.04 -19.78
N THR C 101 -15.81 -31.66 -20.62
CA THR C 101 -16.10 -30.27 -20.94
C THR C 101 -17.35 -29.83 -20.18
N PRO C 102 -17.21 -29.13 -19.04
CA PRO C 102 -18.38 -28.86 -18.19
C PRO C 102 -19.39 -27.88 -18.82
N GLU C 103 -20.68 -28.08 -18.46
CA GLU C 103 -21.81 -27.25 -18.87
C GLU C 103 -22.44 -26.61 -17.64
N PRO C 104 -23.26 -25.55 -17.79
CA PRO C 104 -23.99 -24.99 -16.64
C PRO C 104 -25.06 -25.92 -16.08
N ALA C 105 -25.29 -25.84 -14.76
CA ALA C 105 -26.38 -26.57 -14.10
C ALA C 105 -27.71 -25.85 -14.36
N ASN C 115 -33.55 -24.56 -17.12
CA ASN C 115 -33.83 -23.75 -18.35
C ASN C 115 -33.76 -24.61 -19.63
N CYS C 116 -32.54 -25.07 -20.00
CA CYS C 116 -32.29 -25.61 -21.34
C CYS C 116 -32.90 -27.00 -21.51
N GLU C 117 -33.26 -27.65 -20.40
CA GLU C 117 -33.76 -29.02 -20.40
C GLU C 117 -35.26 -29.04 -20.70
N THR C 118 -35.99 -27.94 -20.43
CA THR C 118 -37.43 -27.90 -20.68
C THR C 118 -37.83 -26.80 -21.68
N SER C 119 -36.95 -25.82 -21.92
CA SER C 119 -37.27 -24.73 -22.82
C SER C 119 -36.62 -24.93 -24.19
N CYS C 120 -37.35 -24.55 -25.24
CA CYS C 120 -36.84 -24.57 -26.59
C CYS C 120 -36.55 -23.18 -27.10
N VAL C 121 -36.59 -22.21 -26.19
CA VAL C 121 -36.21 -20.84 -26.50
C VAL C 121 -34.69 -20.80 -26.54
N GLN C 122 -34.14 -20.15 -27.58
CA GLN C 122 -32.70 -20.00 -27.73
C GLN C 122 -32.27 -18.72 -27.02
N GLN C 123 -31.94 -18.86 -25.73
CA GLN C 123 -31.49 -17.77 -24.89
C GLN C 123 -30.28 -18.28 -24.12
N PRO C 124 -29.15 -17.53 -24.03
CA PRO C 124 -27.96 -18.00 -23.33
C PRO C 124 -28.30 -18.57 -21.96
N PRO C 125 -27.74 -19.72 -21.53
CA PRO C 125 -26.74 -20.49 -22.29
C PRO C 125 -27.22 -21.65 -23.15
N CYS C 126 -28.48 -21.58 -23.61
CA CYS C 126 -29.10 -22.69 -24.33
C CYS C 126 -28.85 -22.54 -25.82
N PHE C 127 -28.63 -23.67 -26.49
CA PHE C 127 -28.43 -23.70 -27.93
C PHE C 127 -29.17 -24.91 -28.49
N PRO C 128 -30.50 -24.97 -28.33
CA PRO C 128 -31.28 -26.17 -28.67
C PRO C 128 -31.23 -26.51 -30.14
N LEU C 129 -31.27 -27.83 -30.42
CA LEU C 129 -31.26 -28.33 -31.78
C LEU C 129 -32.67 -28.25 -32.34
N LYS C 130 -32.83 -27.47 -33.42
CA LYS C 130 -34.11 -27.37 -34.09
C LYS C 130 -34.42 -28.68 -34.80
N ILE C 131 -35.73 -28.94 -34.92
CA ILE C 131 -36.24 -30.15 -35.56
C ILE C 131 -36.57 -29.82 -37.02
N PRO C 132 -36.04 -30.59 -38.01
CA PRO C 132 -36.35 -30.34 -39.41
C PRO C 132 -37.77 -30.85 -39.73
N PRO C 133 -38.38 -30.41 -40.86
CA PRO C 133 -39.62 -31.03 -41.33
C PRO C 133 -39.40 -32.50 -41.72
N ASN C 134 -40.43 -33.32 -41.53
CA ASN C 134 -40.40 -34.72 -41.96
C ASN C 134 -39.30 -35.46 -41.21
N ASP C 135 -39.23 -35.22 -39.91
CA ASP C 135 -38.31 -35.93 -39.04
C ASP C 135 -38.88 -37.32 -38.83
N PRO C 136 -38.07 -38.38 -38.93
CA PRO C 136 -38.55 -39.74 -38.66
C PRO C 136 -39.14 -40.01 -37.27
N ARG C 137 -38.83 -39.17 -36.26
CA ARG C 137 -39.21 -39.46 -34.88
C ARG C 137 -40.01 -38.32 -34.26
N ILE C 138 -39.51 -37.08 -34.41
CA ILE C 138 -40.06 -35.93 -33.71
C ILE C 138 -40.96 -35.16 -34.68
N LYS C 139 -42.28 -35.35 -34.51
CA LYS C 139 -43.25 -34.78 -35.43
C LYS C 139 -43.59 -33.34 -35.04
N ASN C 140 -43.46 -33.01 -33.75
CA ASN C 140 -43.70 -31.66 -33.26
C ASN C 140 -42.50 -30.77 -33.58
N GLN C 141 -42.67 -29.86 -34.55
CA GLN C 141 -41.58 -28.97 -34.96
C GLN C 141 -41.38 -27.83 -33.98
N ALA C 142 -42.30 -27.67 -33.01
CA ALA C 142 -42.14 -26.64 -31.98
C ALA C 142 -41.28 -27.18 -30.82
N ASP C 143 -40.99 -28.49 -30.85
CA ASP C 143 -40.13 -29.12 -29.88
C ASP C 143 -38.69 -28.92 -30.33
N CYS C 144 -37.76 -29.55 -29.61
CA CYS C 144 -36.34 -29.37 -29.84
C CYS C 144 -35.59 -30.42 -29.04
N ILE C 145 -34.31 -30.62 -29.38
CA ILE C 145 -33.43 -31.45 -28.57
C ILE C 145 -32.63 -30.54 -27.64
N PRO C 146 -32.68 -30.78 -26.31
CA PRO C 146 -31.98 -29.95 -25.32
C PRO C 146 -30.47 -29.83 -25.56
N PHE C 147 -29.92 -28.63 -25.32
CA PHE C 147 -28.48 -28.43 -25.46
C PHE C 147 -28.04 -27.24 -24.63
N PHE C 148 -27.13 -27.49 -23.68
CA PHE C 148 -26.46 -26.43 -22.95
C PHE C 148 -25.10 -26.18 -23.59
N ARG C 149 -24.78 -24.91 -23.84
CA ARG C 149 -23.46 -24.55 -24.31
C ARG C 149 -22.45 -24.87 -23.22
N SER C 150 -21.26 -25.29 -23.64
CA SER C 150 -20.16 -25.60 -22.74
C SER C 150 -19.79 -24.31 -21.98
N CSO C 151 -19.29 -24.57 -20.68
CA CSO C 151 -18.94 -23.37 -19.86
CB CSO C 151 -18.58 -23.78 -18.44
SG CSO C 151 -19.96 -24.18 -17.33
C CSO C 151 -17.80 -22.64 -20.56
O CSO C 151 -16.84 -23.34 -20.97
OD CSO C 151 -20.71 -22.77 -16.88
N PRO C 152 -17.73 -21.24 -20.80
CA PRO C 152 -16.59 -20.46 -21.27
C PRO C 152 -15.53 -20.23 -20.19
N ALA C 153 -14.26 -20.18 -20.60
CA ALA C 153 -13.15 -19.95 -19.69
C ALA C 153 -13.17 -18.52 -19.14
N CYS C 154 -13.70 -17.57 -19.93
CA CYS C 154 -13.84 -16.18 -19.54
C CYS C 154 -15.28 -15.71 -19.72
N PRO C 155 -16.17 -15.94 -18.73
CA PRO C 155 -17.59 -15.60 -18.88
C PRO C 155 -17.86 -14.11 -19.06
N GLY C 156 -18.73 -13.79 -20.03
CA GLY C 156 -19.23 -12.44 -20.22
C GLY C 156 -18.26 -11.51 -20.93
N SER C 157 -17.20 -12.04 -21.54
CA SER C 157 -16.19 -11.21 -22.18
C SER C 157 -16.58 -10.87 -23.61
N ASN C 158 -16.39 -9.61 -24.00
CA ASN C 158 -16.51 -9.20 -25.40
C ASN C 158 -15.13 -9.18 -26.06
N ILE C 159 -14.06 -9.24 -25.26
CA ILE C 159 -12.69 -9.17 -25.74
C ILE C 159 -12.17 -10.54 -26.17
N THR C 160 -12.32 -11.56 -25.32
CA THR C 160 -11.74 -12.87 -25.59
C THR C 160 -12.52 -13.59 -26.68
N ILE C 161 -11.81 -14.46 -27.39
CA ILE C 161 -12.42 -15.48 -28.23
C ILE C 161 -12.86 -16.63 -27.33
N ARG C 162 -14.17 -16.90 -27.31
CA ARG C 162 -14.72 -17.92 -26.42
C ARG C 162 -13.95 -19.23 -26.55
N ASN C 163 -13.49 -19.75 -25.40
CA ASN C 163 -12.84 -21.07 -25.35
C ASN C 163 -13.50 -21.85 -24.20
N GLN C 164 -13.39 -23.17 -24.23
CA GLN C 164 -14.05 -24.05 -23.28
C GLN C 164 -13.00 -24.66 -22.33
N ILE C 165 -13.48 -25.43 -21.34
CA ILE C 165 -12.69 -25.80 -20.17
C ILE C 165 -12.55 -27.32 -20.12
N ASN C 166 -11.36 -27.80 -19.72
CA ASN C 166 -11.15 -29.21 -19.43
C ASN C 166 -11.07 -29.38 -17.92
N ALA C 167 -12.03 -30.12 -17.36
CA ALA C 167 -12.13 -30.36 -15.91
C ALA C 167 -11.20 -31.48 -15.43
N LEU C 168 -10.56 -32.22 -16.35
CA LEU C 168 -9.71 -33.35 -15.99
C LEU C 168 -8.25 -33.05 -16.29
N THR C 169 -7.38 -33.89 -15.74
CA THR C 169 -5.99 -33.90 -16.15
C THR C 169 -5.91 -34.51 -17.55
N SER C 170 -5.17 -33.84 -18.44
CA SER C 170 -4.98 -34.31 -19.80
C SER C 170 -4.20 -35.62 -19.83
N PHE C 171 -3.33 -35.83 -18.82
CA PHE C 171 -2.40 -36.95 -18.83
C PHE C 171 -3.16 -38.28 -18.75
N VAL C 172 -2.56 -39.32 -19.30
CA VAL C 172 -3.05 -40.68 -19.10
C VAL C 172 -2.55 -41.17 -17.73
N ASP C 173 -3.33 -40.85 -16.69
CA ASP C 173 -2.90 -40.98 -15.29
C ASP C 173 -3.97 -41.68 -14.45
N ALA C 174 -4.98 -42.27 -15.12
CA ALA C 174 -6.07 -42.95 -14.45
C ALA C 174 -6.85 -42.00 -13.54
N SER C 175 -6.99 -40.72 -13.95
CA SER C 175 -7.76 -39.76 -13.18
C SER C 175 -9.25 -40.12 -13.13
N MET C 176 -9.73 -40.96 -14.06
CA MET C 176 -11.10 -41.44 -14.01
C MET C 176 -11.29 -42.41 -12.83
N VAL C 177 -10.17 -42.87 -12.24
CA VAL C 177 -10.21 -43.71 -11.05
C VAL C 177 -10.02 -42.85 -9.80
N TYR C 178 -8.99 -41.97 -9.80
CA TYR C 178 -8.54 -41.31 -8.57
C TYR C 178 -9.12 -39.90 -8.39
N GLY C 179 -9.69 -39.32 -9.44
CA GLY C 179 -10.18 -37.95 -9.42
C GLY C 179 -9.14 -36.95 -9.95
N SER C 180 -9.62 -35.77 -10.38
CA SER C 180 -8.74 -34.69 -10.85
C SER C 180 -8.83 -33.46 -9.95
N GLU C 181 -9.53 -33.59 -8.80
CA GLU C 181 -9.60 -32.52 -7.80
C GLU C 181 -9.36 -33.14 -6.44
N GLU C 182 -8.75 -32.40 -5.50
CA GLU C 182 -8.25 -33.01 -4.26
C GLU C 182 -9.38 -33.34 -3.29
N PRO C 183 -10.43 -32.51 -3.13
CA PRO C 183 -11.60 -32.92 -2.33
C PRO C 183 -12.13 -34.30 -2.75
N LEU C 184 -12.46 -34.47 -4.04
CA LEU C 184 -12.98 -35.72 -4.56
C LEU C 184 -11.96 -36.85 -4.36
N ALA C 185 -10.68 -36.59 -4.57
CA ALA C 185 -9.68 -37.63 -4.50
C ALA C 185 -9.54 -38.21 -3.08
N ARG C 186 -9.78 -37.40 -2.04
CA ARG C 186 -9.73 -37.86 -0.66
C ARG C 186 -11.02 -38.65 -0.32
N ASN C 187 -12.17 -38.24 -0.87
CA ASN C 187 -13.43 -38.90 -0.60
C ASN C 187 -13.48 -40.30 -1.25
N LEU C 188 -12.70 -40.51 -2.32
CA LEU C 188 -12.64 -41.79 -3.00
C LEU C 188 -11.78 -42.79 -2.24
N ARG C 189 -11.06 -42.32 -1.22
CA ARG C 189 -10.15 -43.16 -0.46
C ARG C 189 -10.83 -43.67 0.81
N ASN C 190 -10.36 -44.85 1.23
CA ASN C 190 -10.69 -45.45 2.51
C ASN C 190 -9.78 -44.85 3.57
N MET C 191 -10.29 -43.88 4.34
CA MET C 191 -9.53 -43.16 5.34
C MET C 191 -9.82 -43.74 6.74
N SER C 192 -10.43 -44.93 6.80
CA SER C 192 -10.65 -45.68 8.04
C SER C 192 -9.37 -46.31 8.58
N ASN C 193 -8.41 -46.62 7.71
CA ASN C 193 -7.24 -47.42 8.09
C ASN C 193 -6.02 -46.91 7.34
N GLN C 194 -4.88 -47.62 7.47
CA GLN C 194 -3.62 -47.23 6.84
C GLN C 194 -3.23 -48.23 5.75
N LEU C 195 -4.22 -48.69 4.98
CA LEU C 195 -4.00 -49.70 3.96
C LEU C 195 -3.88 -49.12 2.56
N GLY C 196 -4.20 -47.81 2.41
CA GLY C 196 -4.06 -47.08 1.17
C GLY C 196 -5.08 -47.53 0.12
N LEU C 197 -6.31 -47.83 0.58
CA LEU C 197 -7.32 -48.41 -0.27
C LEU C 197 -8.25 -47.32 -0.79
N LEU C 198 -8.96 -47.67 -1.87
CA LEU C 198 -10.09 -46.89 -2.34
C LEU C 198 -11.35 -47.41 -1.64
N ALA C 199 -12.26 -46.47 -1.34
CA ALA C 199 -13.54 -46.78 -0.74
C ALA C 199 -14.35 -47.68 -1.68
N VAL C 200 -15.07 -48.63 -1.06
CA VAL C 200 -15.92 -49.60 -1.74
C VAL C 200 -17.34 -49.47 -1.21
N ASN C 201 -18.29 -50.04 -1.95
CA ASN C 201 -19.71 -49.96 -1.62
C ASN C 201 -19.92 -50.66 -0.27
N GLN C 202 -20.64 -49.99 0.64
CA GLN C 202 -20.89 -50.52 1.97
C GLN C 202 -22.25 -51.25 2.04
N ARG C 203 -23.03 -51.29 0.96
CA ARG C 203 -24.36 -51.88 0.99
C ARG C 203 -24.46 -53.11 0.10
N PHE C 204 -23.56 -53.25 -0.89
CA PHE C 204 -23.65 -54.36 -1.83
C PHE C 204 -22.26 -54.87 -2.24
N GLN C 205 -22.21 -56.15 -2.63
CA GLN C 205 -21.02 -56.81 -3.13
C GLN C 205 -21.40 -57.66 -4.34
N ASP C 206 -20.41 -57.96 -5.19
CA ASP C 206 -20.61 -58.73 -6.41
C ASP C 206 -19.88 -60.06 -6.23
N ASN C 207 -20.63 -61.07 -5.74
CA ASN C 207 -20.07 -62.36 -5.36
C ASN C 207 -18.85 -62.20 -4.46
N GLY C 208 -18.99 -61.36 -3.42
CA GLY C 208 -17.95 -61.20 -2.42
C GLY C 208 -16.90 -60.15 -2.78
N ARG C 209 -16.91 -59.65 -4.02
CA ARG C 209 -15.96 -58.65 -4.46
C ARG C 209 -16.59 -57.28 -4.44
N ALA C 210 -15.73 -56.24 -4.49
CA ALA C 210 -16.12 -54.85 -4.25
C ALA C 210 -16.90 -54.25 -5.43
N LEU C 211 -17.82 -53.33 -5.08
CA LEU C 211 -18.46 -52.43 -6.02
C LEU C 211 -18.07 -50.99 -5.70
N LEU C 212 -18.32 -50.08 -6.64
CA LEU C 212 -18.01 -48.68 -6.45
C LEU C 212 -18.92 -48.10 -5.36
N PRO C 213 -18.46 -47.14 -4.54
CA PRO C 213 -19.36 -46.42 -3.62
C PRO C 213 -20.51 -45.79 -4.37
N PHE C 214 -21.59 -45.43 -3.67
CA PHE C 214 -22.67 -44.68 -4.26
C PHE C 214 -22.41 -43.18 -4.11
N ASP C 215 -22.90 -42.41 -5.07
CA ASP C 215 -22.79 -40.97 -5.04
C ASP C 215 -24.05 -40.44 -4.37
N ASN C 216 -23.95 -39.19 -3.90
CA ASN C 216 -25.03 -38.48 -3.25
C ASN C 216 -25.43 -37.30 -4.13
N LEU C 217 -26.26 -37.55 -5.14
CA LEU C 217 -26.58 -36.56 -6.16
C LEU C 217 -27.87 -35.86 -5.83
N HIS C 218 -27.97 -34.57 -6.20
CA HIS C 218 -29.19 -33.83 -5.98
C HIS C 218 -30.29 -34.37 -6.89
N ASP C 219 -30.00 -34.45 -8.19
CA ASP C 219 -30.93 -35.01 -9.17
C ASP C 219 -30.28 -36.26 -9.76
N ASP C 220 -30.48 -37.41 -9.13
CA ASP C 220 -29.84 -38.66 -9.50
C ASP C 220 -30.63 -39.32 -10.64
N PRO C 221 -30.01 -39.51 -11.83
CA PRO C 221 -30.71 -40.11 -12.97
C PRO C 221 -30.80 -41.63 -12.94
N CYS C 222 -29.92 -42.29 -12.16
CA CYS C 222 -29.88 -43.74 -12.11
C CYS C 222 -31.15 -44.30 -11.44
N LEU C 223 -31.69 -43.52 -10.51
CA LEU C 223 -32.92 -43.84 -9.82
C LEU C 223 -34.10 -43.88 -10.78
N LEU C 224 -34.06 -43.07 -11.87
CA LEU C 224 -35.19 -42.97 -12.78
C LEU C 224 -35.29 -44.20 -13.69
N THR C 225 -34.21 -44.99 -13.82
CA THR C 225 -34.15 -46.06 -14.80
C THR C 225 -34.93 -47.29 -14.32
N ASN C 226 -35.06 -47.41 -13.00
CA ASN C 226 -35.83 -48.50 -12.35
C ASN C 226 -36.34 -47.99 -11.00
N ARG C 227 -37.62 -47.59 -10.97
CA ARG C 227 -38.17 -46.88 -9.83
C ARG C 227 -38.15 -47.76 -8.59
N SER C 228 -38.60 -49.00 -8.73
CA SER C 228 -38.72 -49.91 -7.60
C SER C 228 -37.35 -50.32 -7.04
N ALA C 229 -36.33 -50.41 -7.89
CA ALA C 229 -35.01 -50.89 -7.49
C ALA C 229 -34.30 -49.89 -6.58
N ARG C 230 -34.45 -48.58 -6.85
CA ARG C 230 -33.92 -47.53 -5.99
C ARG C 230 -32.41 -47.68 -5.81
N ILE C 231 -31.69 -47.83 -6.93
CA ILE C 231 -30.23 -47.92 -6.92
C ILE C 231 -29.64 -46.65 -7.52
N PRO C 232 -28.92 -45.82 -6.71
CA PRO C 232 -28.37 -44.55 -7.19
C PRO C 232 -27.10 -44.74 -8.02
N CYS C 233 -26.60 -43.63 -8.55
CA CYS C 233 -25.40 -43.66 -9.37
C CYS C 233 -24.20 -43.91 -8.48
N PHE C 234 -23.16 -44.48 -9.09
CA PHE C 234 -21.89 -44.75 -8.44
C PHE C 234 -21.04 -43.49 -8.38
N LEU C 235 -20.03 -43.54 -7.50
CA LEU C 235 -19.04 -42.51 -7.33
C LEU C 235 -17.69 -43.05 -7.80
N ALA C 236 -17.07 -42.36 -8.76
CA ALA C 236 -15.75 -42.69 -9.28
C ALA C 236 -14.93 -41.41 -9.48
N GLY C 237 -13.73 -41.57 -10.05
CA GLY C 237 -12.85 -40.46 -10.38
C GLY C 237 -13.48 -39.48 -11.37
N ASP C 238 -14.33 -40.02 -12.26
CA ASP C 238 -15.04 -39.26 -13.27
C ASP C 238 -16.54 -39.39 -13.04
N THR C 239 -17.28 -38.31 -13.32
CA THR C 239 -18.69 -38.22 -12.96
C THR C 239 -19.58 -39.06 -13.87
N ARG C 240 -19.04 -39.60 -14.97
CA ARG C 240 -19.85 -40.28 -15.97
C ARG C 240 -19.81 -41.80 -15.79
N SER C 241 -19.31 -42.27 -14.63
CA SER C 241 -19.03 -43.69 -14.40
C SER C 241 -20.25 -44.58 -14.59
N SER C 242 -21.47 -44.05 -14.40
CA SER C 242 -22.67 -44.88 -14.42
C SER C 242 -23.43 -44.80 -15.76
N GLU C 243 -22.85 -44.10 -16.76
CA GLU C 243 -23.59 -43.75 -17.96
C GLU C 243 -24.00 -45.00 -18.74
N MET C 244 -23.15 -46.02 -18.74
CA MET C 244 -23.59 -47.35 -19.15
C MET C 244 -22.85 -48.38 -18.31
N PRO C 245 -23.50 -49.52 -18.01
CA PRO C 245 -22.92 -50.54 -17.14
C PRO C 245 -21.60 -51.16 -17.59
N GLU C 246 -21.35 -51.14 -18.91
CA GLU C 246 -20.07 -51.63 -19.45
C GLU C 246 -18.93 -50.74 -18.96
N LEU C 247 -19.19 -49.42 -18.93
CA LEU C 247 -18.26 -48.44 -18.40
C LEU C 247 -18.09 -48.62 -16.90
N THR C 248 -19.24 -48.76 -16.20
CA THR C 248 -19.22 -49.02 -14.77
C THR C 248 -18.35 -50.24 -14.45
N SER C 249 -18.44 -51.28 -15.29
CA SER C 249 -17.69 -52.51 -15.12
C SER C 249 -16.19 -52.24 -15.12
N MET C 250 -15.75 -51.43 -16.07
CA MET C 250 -14.33 -51.15 -16.23
C MET C 250 -13.82 -50.32 -15.05
N HIS C 251 -14.63 -49.36 -14.60
CA HIS C 251 -14.28 -48.54 -13.44
C HIS C 251 -14.10 -49.43 -12.22
N THR C 252 -15.06 -50.35 -12.06
CA THR C 252 -15.09 -51.28 -10.94
C THR C 252 -13.86 -52.17 -11.00
N LEU C 253 -13.56 -52.69 -12.19
CA LEU C 253 -12.41 -53.54 -12.39
C LEU C 253 -11.13 -52.86 -11.91
N LEU C 254 -10.99 -51.55 -12.18
CA LEU C 254 -9.75 -50.86 -11.90
C LEU C 254 -9.67 -50.46 -10.42
N LEU C 255 -10.84 -50.26 -9.79
CA LEU C 255 -10.91 -50.05 -8.34
C LEU C 255 -10.34 -51.28 -7.64
N ARG C 256 -10.83 -52.46 -8.05
CA ARG C 256 -10.40 -53.72 -7.47
C ARG C 256 -8.90 -53.88 -7.64
N GLU C 257 -8.41 -53.57 -8.85
CA GLU C 257 -7.00 -53.77 -9.17
C GLU C 257 -6.14 -52.85 -8.30
N HIS C 258 -6.64 -51.65 -7.97
CA HIS C 258 -5.90 -50.77 -7.08
C HIS C 258 -5.76 -51.44 -5.71
N ASN C 259 -6.92 -51.86 -5.16
CA ASN C 259 -7.00 -52.43 -3.83
C ASN C 259 -6.19 -53.73 -3.75
N ARG C 260 -6.21 -54.55 -4.80
CA ARG C 260 -5.38 -55.75 -4.89
C ARG C 260 -3.89 -55.42 -4.79
N LEU C 261 -3.45 -54.37 -5.49
CA LEU C 261 -2.05 -53.97 -5.52
C LEU C 261 -1.62 -53.42 -4.17
N ALA C 262 -2.46 -52.57 -3.56
CA ALA C 262 -2.17 -52.01 -2.25
C ALA C 262 -2.06 -53.11 -1.19
N THR C 263 -2.90 -54.14 -1.33
CA THR C 263 -2.88 -55.32 -0.48
C THR C 263 -1.54 -56.05 -0.63
N GLU C 264 -1.14 -56.36 -1.86
CA GLU C 264 0.09 -57.12 -2.11
C GLU C 264 1.34 -56.33 -1.71
N LEU C 265 1.26 -54.99 -1.76
CA LEU C 265 2.41 -54.17 -1.41
C LEU C 265 2.55 -54.08 0.10
N LYS C 266 1.42 -54.24 0.82
CA LYS C 266 1.41 -54.24 2.28
C LYS C 266 2.13 -55.48 2.82
N SER C 267 1.80 -56.65 2.23
CA SER C 267 2.49 -57.91 2.49
C SER C 267 3.99 -57.72 2.28
N LEU C 268 4.35 -57.11 1.16
CA LEU C 268 5.72 -57.03 0.70
C LEU C 268 6.52 -56.01 1.51
N ASN C 269 5.89 -54.89 1.87
CA ASN C 269 6.54 -53.82 2.60
C ASN C 269 5.68 -53.46 3.80
N PRO C 270 5.77 -54.24 4.91
CA PRO C 270 4.85 -54.07 6.03
C PRO C 270 4.89 -52.72 6.72
N ARG C 271 6.01 -51.97 6.58
CA ARG C 271 6.13 -50.71 7.34
C ARG C 271 5.64 -49.49 6.54
N TRP C 272 5.19 -49.68 5.29
CA TRP C 272 4.60 -48.61 4.49
C TRP C 272 3.26 -48.18 5.07
N ASP C 273 3.06 -46.85 5.19
CA ASP C 273 1.81 -46.29 5.68
C ASP C 273 0.77 -46.26 4.56
N GLY C 274 -0.43 -45.74 4.87
CA GLY C 274 -1.55 -45.71 3.93
C GLY C 274 -1.25 -44.85 2.70
N GLU C 275 -0.61 -43.70 2.93
CA GLU C 275 -0.25 -42.77 1.87
C GLU C 275 0.68 -43.43 0.86
N ARG C 276 1.74 -44.08 1.34
CA ARG C 276 2.75 -44.67 0.48
C ARG C 276 2.15 -45.79 -0.37
N LEU C 277 1.23 -46.56 0.23
CA LEU C 277 0.59 -47.69 -0.44
C LEU C 277 -0.33 -47.19 -1.55
N TYR C 278 -1.15 -46.18 -1.22
CA TYR C 278 -2.05 -45.52 -2.16
C TYR C 278 -1.29 -44.99 -3.37
N GLN C 279 -0.21 -44.24 -3.12
CA GLN C 279 0.52 -43.60 -4.19
C GLN C 279 1.18 -44.64 -5.09
N GLU C 280 1.75 -45.67 -4.48
CA GLU C 280 2.54 -46.65 -5.22
C GLU C 280 1.61 -47.51 -6.08
N ALA C 281 0.41 -47.79 -5.55
CA ALA C 281 -0.60 -48.56 -6.27
C ALA C 281 -1.17 -47.73 -7.43
N ARG C 282 -1.44 -46.45 -7.15
CA ARG C 282 -1.92 -45.47 -8.12
C ARG C 282 -0.94 -45.34 -9.28
N LYS C 283 0.34 -45.33 -8.94
CA LYS C 283 1.41 -45.17 -9.90
C LYS C 283 1.41 -46.34 -10.87
N ILE C 284 1.09 -47.54 -10.36
CA ILE C 284 1.10 -48.75 -11.18
C ILE C 284 -0.13 -48.77 -12.08
N VAL C 285 -1.29 -48.46 -11.51
CA VAL C 285 -2.54 -48.45 -12.26
C VAL C 285 -2.42 -47.47 -13.43
N GLY C 286 -1.84 -46.29 -13.17
CA GLY C 286 -1.54 -45.32 -14.21
C GLY C 286 -0.69 -45.90 -15.34
N ALA C 287 0.41 -46.57 -14.98
CA ALA C 287 1.30 -47.19 -15.96
C ALA C 287 0.58 -48.26 -16.77
N MET C 288 -0.35 -48.99 -16.14
CA MET C 288 -1.08 -50.05 -16.80
C MET C 288 -2.04 -49.46 -17.85
N VAL C 289 -2.65 -48.32 -17.52
CA VAL C 289 -3.54 -47.64 -18.46
C VAL C 289 -2.72 -47.12 -19.64
N GLN C 290 -1.50 -46.61 -19.38
CA GLN C 290 -0.63 -46.13 -20.44
C GLN C 290 -0.26 -47.27 -21.38
N ILE C 291 0.08 -48.43 -20.81
CA ILE C 291 0.65 -49.53 -21.57
C ILE C 291 -0.44 -50.15 -22.44
N ILE C 292 -1.61 -50.40 -21.86
CA ILE C 292 -2.69 -50.98 -22.65
C ILE C 292 -3.07 -50.02 -23.78
N THR C 293 -3.10 -48.72 -23.47
CA THR C 293 -3.49 -47.71 -24.44
C THR C 293 -2.49 -47.68 -25.61
N TYR C 294 -1.19 -47.54 -25.33
CA TYR C 294 -0.22 -47.28 -26.38
C TYR C 294 0.28 -48.57 -27.04
N ARG C 295 0.34 -49.67 -26.27
CA ARG C 295 0.81 -50.95 -26.81
C ARG C 295 -0.31 -51.67 -27.57
N ASP C 296 -1.54 -51.66 -27.03
CA ASP C 296 -2.59 -52.56 -27.47
C ASP C 296 -3.71 -51.81 -28.22
N TYR C 297 -4.15 -50.66 -27.68
CA TYR C 297 -5.34 -49.97 -28.13
C TYR C 297 -5.06 -49.14 -29.38
N LEU C 298 -4.12 -48.20 -29.28
CA LEU C 298 -3.94 -47.17 -30.31
C LEU C 298 -3.52 -47.78 -31.64
N PRO C 299 -2.61 -48.79 -31.69
CA PRO C 299 -2.22 -49.40 -32.97
C PRO C 299 -3.42 -49.90 -33.79
N LEU C 300 -4.48 -50.32 -33.09
CA LEU C 300 -5.69 -50.85 -33.74
C LEU C 300 -6.65 -49.72 -34.11
N VAL C 301 -6.49 -48.55 -33.48
CA VAL C 301 -7.23 -47.37 -33.90
C VAL C 301 -6.63 -46.81 -35.18
N LEU C 302 -5.31 -46.56 -35.17
CA LEU C 302 -4.63 -45.76 -36.18
C LEU C 302 -4.25 -46.63 -37.38
N GLY C 303 -3.98 -47.91 -37.12
CA GLY C 303 -3.33 -48.73 -38.12
C GLY C 303 -1.83 -48.56 -38.05
N PRO C 304 -1.04 -49.49 -38.65
CA PRO C 304 0.40 -49.52 -38.44
C PRO C 304 1.16 -48.35 -39.06
N THR C 305 0.70 -47.86 -40.21
CA THR C 305 1.28 -46.72 -40.92
C THR C 305 1.27 -45.46 -40.04
N ALA C 306 0.05 -45.05 -39.65
CA ALA C 306 -0.16 -43.86 -38.86
C ALA C 306 0.49 -43.99 -37.50
N MET C 307 0.57 -45.22 -36.98
CA MET C 307 1.16 -45.47 -35.69
C MET C 307 2.65 -45.14 -35.74
N ARG C 308 3.33 -45.49 -36.85
CA ARG C 308 4.75 -45.21 -37.00
C ARG C 308 4.96 -43.73 -37.21
N LYS C 309 4.06 -43.11 -37.99
CA LYS C 309 4.19 -41.70 -38.33
C LYS C 309 4.00 -40.83 -37.08
N TYR C 310 2.91 -41.05 -36.33
CA TYR C 310 2.49 -40.11 -35.30
C TYR C 310 3.06 -40.51 -33.94
N LEU C 311 3.36 -41.81 -33.75
CA LEU C 311 3.88 -42.33 -32.49
C LEU C 311 5.13 -43.16 -32.72
N PRO C 312 6.25 -42.53 -33.16
CA PRO C 312 7.51 -43.25 -33.29
C PRO C 312 8.01 -43.68 -31.92
N THR C 313 9.05 -44.53 -31.90
CA THR C 313 9.62 -45.07 -30.69
C THR C 313 9.89 -43.94 -29.70
N TYR C 314 9.47 -44.14 -28.46
CA TYR C 314 9.71 -43.21 -27.38
C TYR C 314 11.20 -43.02 -27.19
N ARG C 315 11.62 -41.76 -26.98
CA ARG C 315 13.00 -41.43 -26.68
C ARG C 315 13.08 -40.99 -25.22
N SER C 316 12.60 -39.79 -24.91
CA SER C 316 12.55 -39.37 -23.53
C SER C 316 11.58 -38.21 -23.34
N TYR C 317 11.37 -37.81 -22.08
CA TYR C 317 10.52 -36.68 -21.74
C TYR C 317 11.08 -35.39 -22.34
N ASN C 318 10.17 -34.57 -22.89
CA ASN C 318 10.51 -33.33 -23.55
C ASN C 318 9.62 -32.24 -22.95
N ASP C 319 10.25 -31.38 -22.13
CA ASP C 319 9.53 -30.44 -21.29
C ASP C 319 8.96 -29.26 -22.09
N SER C 320 9.24 -29.24 -23.40
CA SER C 320 8.75 -28.22 -24.32
C SER C 320 7.59 -28.74 -25.17
N VAL C 321 7.13 -29.97 -24.91
CA VAL C 321 5.95 -30.50 -25.56
C VAL C 321 4.71 -30.16 -24.72
N ASP C 322 3.76 -29.46 -25.34
CA ASP C 322 2.51 -29.05 -24.69
C ASP C 322 1.59 -30.27 -24.57
N PRO C 323 1.32 -30.76 -23.32
CA PRO C 323 0.44 -31.90 -23.11
C PRO C 323 -1.06 -31.61 -22.95
N ARG C 324 -1.49 -30.38 -23.21
CA ARG C 324 -2.91 -30.08 -23.08
C ARG C 324 -3.73 -30.80 -24.15
N ILE C 325 -4.98 -31.11 -23.78
CA ILE C 325 -5.96 -31.59 -24.75
C ILE C 325 -6.36 -30.41 -25.62
N ALA C 326 -6.35 -30.64 -26.94
CA ALA C 326 -6.84 -29.67 -27.91
C ALA C 326 -8.35 -29.72 -27.98
N ASN C 327 -8.95 -28.54 -28.18
CA ASN C 327 -10.40 -28.38 -28.30
C ASN C 327 -10.97 -29.37 -29.32
N VAL C 328 -10.31 -29.51 -30.47
CA VAL C 328 -10.78 -30.36 -31.56
C VAL C 328 -10.79 -31.82 -31.15
N PHE C 329 -9.84 -32.22 -30.30
CA PHE C 329 -9.74 -33.60 -29.88
C PHE C 329 -11.00 -34.05 -29.18
N THR C 330 -11.61 -33.15 -28.40
CA THR C 330 -12.80 -33.49 -27.62
C THR C 330 -13.92 -33.96 -28.54
N ASN C 331 -13.88 -33.49 -29.80
CA ASN C 331 -14.92 -33.81 -30.78
C ASN C 331 -14.45 -34.95 -31.69
N ALA C 332 -13.17 -34.95 -32.09
CA ALA C 332 -12.64 -35.95 -33.01
C ALA C 332 -12.59 -37.33 -32.37
N PHE C 333 -12.23 -37.41 -31.07
CA PHE C 333 -12.10 -38.68 -30.39
C PHE C 333 -13.49 -39.31 -30.14
N ARG C 334 -14.57 -38.60 -30.49
CA ARG C 334 -15.90 -39.18 -30.48
C ARG C 334 -16.13 -40.09 -31.68
N TYR C 335 -15.10 -40.38 -32.49
CA TYR C 335 -15.22 -41.37 -33.55
C TYR C 335 -15.80 -42.68 -33.01
N GLY C 336 -15.52 -42.96 -31.73
CA GLY C 336 -15.89 -44.23 -31.12
C GLY C 336 -17.40 -44.44 -30.99
N HIS C 337 -18.20 -43.40 -31.27
CA HIS C 337 -19.65 -43.51 -31.29
C HIS C 337 -20.09 -44.41 -32.47
N THR C 338 -19.21 -44.59 -33.47
CA THR C 338 -19.48 -45.43 -34.63
C THR C 338 -19.23 -46.92 -34.33
N LEU C 339 -18.59 -47.22 -33.18
CA LEU C 339 -18.25 -48.58 -32.77
C LEU C 339 -19.33 -49.23 -31.89
N ILE C 340 -20.35 -48.43 -31.52
CA ILE C 340 -21.28 -48.84 -30.48
C ILE C 340 -22.34 -49.77 -31.09
N GLN C 341 -22.49 -50.94 -30.45
CA GLN C 341 -23.56 -51.89 -30.72
C GLN C 341 -24.83 -51.46 -30.00
N PRO C 342 -26.05 -51.78 -30.54
CA PRO C 342 -27.31 -51.33 -29.95
C PRO C 342 -27.83 -52.16 -28.77
N PHE C 343 -27.04 -53.11 -28.27
CA PHE C 343 -27.41 -53.89 -27.11
C PHE C 343 -26.25 -53.94 -26.11
N MET C 344 -26.60 -54.22 -24.84
CA MET C 344 -25.63 -54.69 -23.86
C MET C 344 -25.73 -56.23 -23.80
N PHE C 345 -24.59 -56.89 -24.04
CA PHE C 345 -24.50 -58.33 -24.12
C PHE C 345 -23.94 -58.89 -22.81
N ARG C 346 -24.68 -59.85 -22.21
CA ARG C 346 -24.25 -60.54 -21.01
C ARG C 346 -24.15 -62.05 -21.25
N LEU C 347 -23.09 -62.67 -20.72
CA LEU C 347 -22.72 -64.07 -20.96
C LEU C 347 -22.33 -64.76 -19.66
N ASP C 348 -22.73 -66.03 -19.50
CA ASP C 348 -22.43 -66.85 -18.32
C ASP C 348 -21.01 -67.40 -18.46
N ASN C 349 -20.60 -68.30 -17.54
CA ASN C 349 -19.22 -68.76 -17.49
C ASN C 349 -18.88 -69.73 -18.64
N ARG C 350 -19.89 -70.13 -19.43
CA ARG C 350 -19.70 -70.93 -20.63
C ARG C 350 -19.73 -70.04 -21.87
N TYR C 351 -19.79 -68.71 -21.64
CA TYR C 351 -19.86 -67.70 -22.68
C TYR C 351 -21.13 -67.89 -23.51
N GLN C 352 -22.24 -68.17 -22.82
CA GLN C 352 -23.53 -68.41 -23.44
C GLN C 352 -24.51 -67.35 -22.96
N PRO C 353 -25.50 -66.94 -23.78
CA PRO C 353 -26.49 -65.96 -23.35
C PRO C 353 -26.96 -66.16 -21.90
N MET C 354 -26.62 -65.21 -21.02
CA MET C 354 -26.97 -65.30 -19.61
C MET C 354 -28.39 -64.79 -19.43
N GLU C 355 -29.29 -65.72 -19.07
CA GLU C 355 -30.72 -65.49 -18.96
C GLU C 355 -31.12 -64.95 -17.58
N PRO C 356 -31.82 -63.79 -17.52
CA PRO C 356 -33.15 -63.67 -18.11
C PRO C 356 -33.12 -62.76 -19.36
N ASN C 357 -32.15 -61.84 -19.43
CA ASN C 357 -32.08 -60.80 -20.44
C ASN C 357 -30.65 -60.78 -20.99
N PRO C 358 -30.31 -61.63 -21.98
CA PRO C 358 -28.93 -61.69 -22.49
C PRO C 358 -28.53 -60.49 -23.36
N ARG C 359 -29.53 -59.87 -24.01
CA ARG C 359 -29.31 -58.69 -24.83
C ARG C 359 -30.30 -57.61 -24.42
N VAL C 360 -29.82 -56.53 -23.77
CA VAL C 360 -30.66 -55.42 -23.37
C VAL C 360 -30.47 -54.25 -24.34
N PRO C 361 -31.55 -53.66 -24.90
CA PRO C 361 -31.38 -52.48 -25.76
C PRO C 361 -30.66 -51.36 -24.99
N LEU C 362 -29.81 -50.63 -25.69
CA LEU C 362 -28.95 -49.64 -25.05
C LEU C 362 -29.82 -48.56 -24.38
N SER C 363 -30.98 -48.26 -25.00
CA SER C 363 -31.89 -47.25 -24.48
C SER C 363 -32.48 -47.63 -23.12
N ARG C 364 -32.14 -48.82 -22.61
CA ARG C 364 -32.61 -49.31 -21.31
C ARG C 364 -31.46 -49.60 -20.35
N VAL C 365 -30.20 -49.29 -20.73
CA VAL C 365 -29.03 -49.50 -19.86
C VAL C 365 -28.40 -48.17 -19.43
N PHE C 366 -28.82 -47.04 -20.01
CA PHE C 366 -28.18 -45.77 -19.68
C PHE C 366 -28.53 -45.42 -18.24
N PHE C 367 -27.47 -45.23 -17.43
CA PHE C 367 -27.57 -44.84 -16.04
C PHE C 367 -28.25 -45.93 -15.21
N ALA C 368 -28.22 -47.18 -15.69
CA ALA C 368 -28.89 -48.28 -15.04
C ALA C 368 -27.91 -48.99 -14.12
N SER C 369 -27.49 -48.30 -13.05
CA SER C 369 -26.61 -48.87 -12.04
C SER C 369 -27.28 -50.06 -11.36
N TRP C 370 -28.62 -50.13 -11.38
CA TRP C 370 -29.34 -51.24 -10.79
C TRP C 370 -29.01 -52.57 -11.46
N ARG C 371 -28.68 -52.56 -12.76
CA ARG C 371 -28.37 -53.78 -13.49
C ARG C 371 -27.03 -54.38 -13.10
N VAL C 372 -26.18 -53.59 -12.44
CA VAL C 372 -24.92 -54.11 -11.95
C VAL C 372 -25.16 -54.77 -10.59
N VAL C 373 -25.97 -54.12 -9.76
CA VAL C 373 -26.15 -54.53 -8.37
C VAL C 373 -27.12 -55.72 -8.30
N LEU C 374 -28.10 -55.80 -9.20
CA LEU C 374 -29.20 -56.75 -9.06
C LEU C 374 -29.26 -57.75 -10.22
N GLU C 375 -28.44 -57.63 -11.28
CA GLU C 375 -28.52 -58.56 -12.40
C GLU C 375 -27.15 -59.18 -12.70
N GLY C 376 -26.37 -59.47 -11.66
CA GLY C 376 -25.31 -60.45 -11.77
C GLY C 376 -23.90 -59.86 -11.75
N GLY C 377 -23.79 -58.58 -11.40
CA GLY C 377 -22.50 -57.93 -11.30
C GLY C 377 -21.85 -57.73 -12.67
N ILE C 378 -20.50 -57.68 -12.65
CA ILE C 378 -19.71 -57.21 -13.78
C ILE C 378 -19.19 -58.37 -14.63
N ASP C 379 -19.09 -59.59 -14.10
CA ASP C 379 -18.49 -60.71 -14.82
C ASP C 379 -19.24 -60.96 -16.14
N PRO C 380 -20.59 -61.06 -16.14
CA PRO C 380 -21.34 -61.25 -17.38
C PRO C 380 -21.10 -60.14 -18.43
N ILE C 381 -20.93 -58.90 -17.95
CA ILE C 381 -20.77 -57.73 -18.80
C ILE C 381 -19.39 -57.75 -19.47
N LEU C 382 -18.33 -57.97 -18.67
CA LEU C 382 -16.98 -58.11 -19.16
C LEU C 382 -16.88 -59.24 -20.17
N ARG C 383 -17.63 -60.34 -19.94
CA ARG C 383 -17.64 -61.46 -20.86
C ARG C 383 -18.26 -61.04 -22.18
N GLY C 384 -19.35 -60.27 -22.11
CA GLY C 384 -20.01 -59.76 -23.31
C GLY C 384 -19.09 -58.86 -24.15
N LEU C 385 -18.25 -58.07 -23.47
CA LEU C 385 -17.33 -57.16 -24.13
C LEU C 385 -16.26 -57.96 -24.87
N MET C 386 -15.75 -59.02 -24.22
CA MET C 386 -14.63 -59.78 -24.73
C MET C 386 -15.05 -60.63 -25.93
N ALA C 387 -16.29 -61.14 -25.91
CA ALA C 387 -16.72 -62.19 -26.83
C ALA C 387 -17.76 -61.72 -27.86
N THR C 388 -18.06 -60.42 -27.88
CA THR C 388 -18.93 -59.84 -28.88
C THR C 388 -18.12 -58.94 -29.81
N PRO C 389 -18.46 -58.84 -31.12
CA PRO C 389 -17.76 -57.92 -32.00
C PRO C 389 -18.18 -56.47 -31.81
N ALA C 390 -17.26 -55.52 -31.96
CA ALA C 390 -17.65 -54.13 -32.09
C ALA C 390 -18.55 -53.99 -33.32
N LYS C 391 -19.25 -52.85 -33.44
CA LYS C 391 -19.84 -52.47 -34.71
C LYS C 391 -18.73 -51.94 -35.62
N LEU C 392 -18.88 -52.18 -36.93
CA LEU C 392 -17.98 -51.61 -37.90
C LEU C 392 -18.59 -50.32 -38.44
N ASN C 393 -17.75 -49.27 -38.48
CA ASN C 393 -18.08 -48.02 -39.15
C ASN C 393 -18.01 -48.26 -40.66
N ARG C 394 -19.14 -48.07 -41.34
CA ARG C 394 -19.20 -48.05 -42.78
C ARG C 394 -19.93 -46.78 -43.19
N GLN C 395 -19.62 -46.30 -44.39
CA GLN C 395 -20.00 -44.97 -44.83
C GLN C 395 -21.52 -44.85 -44.98
N ASN C 396 -22.26 -45.98 -45.03
CA ASN C 396 -23.72 -45.95 -45.09
C ASN C 396 -24.35 -46.58 -43.83
N GLN C 397 -23.51 -46.81 -42.81
CA GLN C 397 -23.90 -47.38 -41.54
C GLN C 397 -23.07 -46.75 -40.43
N ILE C 398 -23.30 -45.45 -40.17
CA ILE C 398 -22.35 -44.71 -39.36
C ILE C 398 -22.62 -44.94 -37.87
N ALA C 399 -23.87 -44.71 -37.42
CA ALA C 399 -24.20 -44.89 -36.01
C ALA C 399 -25.65 -45.35 -35.81
N VAL C 400 -25.83 -46.15 -34.75
CA VAL C 400 -27.07 -46.87 -34.48
C VAL C 400 -28.12 -45.92 -33.89
N ASP C 401 -29.39 -46.30 -34.06
CA ASP C 401 -30.51 -45.48 -33.63
C ASP C 401 -30.68 -45.50 -32.10
N GLU C 402 -30.03 -46.43 -31.38
CA GLU C 402 -30.12 -46.45 -29.93
C GLU C 402 -29.45 -45.21 -29.33
N ILE C 403 -28.48 -44.61 -30.06
CA ILE C 403 -27.85 -43.36 -29.64
C ILE C 403 -28.33 -42.18 -30.48
N ARG C 404 -28.86 -42.45 -31.68
CA ARG C 404 -29.28 -41.40 -32.59
C ARG C 404 -30.72 -40.98 -32.30
N GLU C 405 -31.54 -41.89 -31.73
CA GLU C 405 -32.97 -41.67 -31.56
C GLU C 405 -33.40 -41.77 -30.10
N ARG C 406 -32.69 -42.59 -29.31
CA ARG C 406 -33.17 -42.96 -27.99
C ARG C 406 -32.12 -42.74 -26.90
N LEU C 407 -31.21 -41.77 -27.09
CA LEU C 407 -30.18 -41.54 -26.09
C LEU C 407 -30.81 -40.93 -24.83
N PHE C 408 -30.62 -41.63 -23.70
CA PHE C 408 -31.02 -41.19 -22.37
C PHE C 408 -32.53 -41.00 -22.31
N GLU C 409 -33.26 -41.84 -23.05
CA GLU C 409 -34.71 -41.77 -23.18
C GLU C 409 -35.41 -41.88 -21.82
N GLN C 410 -34.86 -42.72 -20.91
CA GLN C 410 -35.50 -43.03 -19.65
C GLN C 410 -35.37 -41.91 -18.61
N VAL C 411 -34.42 -40.99 -18.78
CA VAL C 411 -34.06 -40.05 -17.71
C VAL C 411 -34.30 -38.60 -18.13
N MET C 412 -34.94 -38.37 -19.28
CA MET C 412 -35.12 -37.04 -19.83
C MET C 412 -36.51 -36.92 -20.42
N ARG C 413 -36.87 -35.68 -20.79
CA ARG C 413 -38.18 -35.44 -21.39
C ARG C 413 -38.23 -35.98 -22.83
N ILE C 414 -37.07 -36.26 -23.43
CA ILE C 414 -37.01 -36.67 -24.83
C ILE C 414 -35.72 -37.42 -25.12
N GLY C 415 -35.78 -38.35 -26.06
CA GLY C 415 -34.59 -39.03 -26.54
C GLY C 415 -33.69 -38.08 -27.32
N LEU C 416 -32.39 -38.14 -27.03
CA LEU C 416 -31.41 -37.32 -27.70
C LEU C 416 -30.85 -38.06 -28.92
N ASP C 417 -30.08 -37.30 -29.71
CA ASP C 417 -29.38 -37.76 -30.90
C ASP C 417 -27.91 -37.43 -30.72
N LEU C 418 -27.08 -38.43 -30.40
CA LEU C 418 -25.70 -38.18 -30.01
C LEU C 418 -24.90 -37.65 -31.19
N PRO C 419 -25.01 -38.25 -32.41
CA PRO C 419 -24.39 -37.67 -33.61
C PRO C 419 -24.69 -36.19 -33.86
N ALA C 420 -25.96 -35.80 -33.71
CA ALA C 420 -26.37 -34.40 -33.82
C ALA C 420 -25.76 -33.53 -32.72
N LEU C 421 -25.67 -34.05 -31.49
CA LEU C 421 -25.06 -33.32 -30.38
C LEU C 421 -23.57 -33.08 -30.67
N ASN C 422 -22.90 -34.12 -31.21
CA ASN C 422 -21.50 -34.04 -31.61
C ASN C 422 -21.28 -32.82 -32.51
N MET C 423 -22.26 -32.59 -33.41
CA MET C 423 -22.14 -31.58 -34.45
C MET C 423 -22.51 -30.20 -33.92
N GLN C 424 -23.59 -30.10 -33.14
CA GLN C 424 -23.92 -28.85 -32.47
C GLN C 424 -22.79 -28.45 -31.53
N ARG C 425 -22.13 -29.45 -30.92
CA ARG C 425 -21.09 -29.19 -29.94
C ARG C 425 -19.85 -28.62 -30.63
N SER C 426 -19.53 -29.12 -31.83
CA SER C 426 -18.39 -28.61 -32.56
C SER C 426 -18.62 -27.13 -32.92
N ARG C 427 -19.87 -26.74 -33.18
CA ARG C 427 -20.22 -25.36 -33.50
C ARG C 427 -20.17 -24.50 -32.24
N ASP C 428 -20.71 -25.03 -31.13
CA ASP C 428 -20.60 -24.43 -29.81
C ASP C 428 -19.15 -24.06 -29.49
N HIS C 429 -18.23 -24.98 -29.79
CA HIS C 429 -16.82 -24.82 -29.46
C HIS C 429 -16.09 -23.99 -30.50
N GLY C 430 -16.78 -23.59 -31.56
CA GLY C 430 -16.19 -22.75 -32.59
C GLY C 430 -15.09 -23.46 -33.40
N LEU C 431 -15.21 -24.79 -33.59
CA LEU C 431 -14.22 -25.55 -34.34
C LEU C 431 -14.37 -25.25 -35.83
N PRO C 432 -13.23 -25.06 -36.54
CA PRO C 432 -13.24 -25.00 -38.00
C PRO C 432 -13.83 -26.27 -38.62
N GLY C 433 -14.18 -26.15 -39.91
CA GLY C 433 -14.72 -27.24 -40.70
C GLY C 433 -13.64 -28.19 -41.21
N TYR C 434 -14.12 -29.19 -41.95
CA TYR C 434 -13.32 -30.29 -42.44
C TYR C 434 -12.03 -29.83 -43.15
N ASN C 435 -12.16 -28.95 -44.14
CA ASN C 435 -11.01 -28.58 -44.96
C ASN C 435 -9.92 -27.87 -44.14
N ALA C 436 -10.31 -26.99 -43.20
CA ALA C 436 -9.30 -26.30 -42.39
C ALA C 436 -8.46 -27.33 -41.60
N TRP C 437 -9.09 -28.41 -41.15
CA TRP C 437 -8.39 -29.45 -40.40
C TRP C 437 -7.57 -30.34 -41.32
N ARG C 438 -8.11 -30.65 -42.52
CA ARG C 438 -7.33 -31.33 -43.55
C ARG C 438 -6.02 -30.56 -43.74
N ARG C 439 -6.12 -29.24 -43.95
CA ARG C 439 -4.99 -28.37 -44.21
C ARG C 439 -4.02 -28.39 -43.04
N PHE C 440 -4.56 -28.29 -41.84
CA PHE C 440 -3.77 -28.33 -40.62
C PHE C 440 -2.92 -29.61 -40.60
N CYS C 441 -3.48 -30.71 -41.11
CA CYS C 441 -2.85 -32.02 -41.05
C CYS C 441 -1.93 -32.26 -42.23
N GLY C 442 -1.88 -31.31 -43.18
CA GLY C 442 -1.08 -31.49 -44.38
C GLY C 442 -1.76 -32.46 -45.36
N LEU C 443 -3.09 -32.45 -45.40
CA LEU C 443 -3.84 -33.31 -46.30
C LEU C 443 -4.53 -32.45 -47.35
N PRO C 444 -4.73 -32.97 -48.59
CA PRO C 444 -5.49 -32.27 -49.62
C PRO C 444 -6.89 -31.86 -49.17
N GLN C 445 -7.30 -30.66 -49.60
CA GLN C 445 -8.60 -30.10 -49.26
C GLN C 445 -9.51 -30.12 -50.49
N PRO C 446 -10.50 -31.03 -50.56
CA PRO C 446 -11.46 -31.01 -51.66
C PRO C 446 -12.34 -29.77 -51.68
N GLU C 447 -12.46 -29.14 -52.86
CA GLU C 447 -13.31 -27.98 -53.05
C GLU C 447 -14.62 -28.34 -53.74
N THR C 448 -14.63 -29.41 -54.54
CA THR C 448 -15.80 -29.80 -55.33
C THR C 448 -16.30 -31.17 -54.88
N VAL C 449 -17.50 -31.51 -55.32
CA VAL C 449 -18.14 -32.79 -54.98
C VAL C 449 -17.29 -33.94 -55.54
N GLY C 450 -16.69 -33.72 -56.71
CA GLY C 450 -15.86 -34.71 -57.36
C GLY C 450 -14.60 -34.99 -56.57
N GLN C 451 -13.97 -33.93 -56.07
CA GLN C 451 -12.77 -34.08 -55.26
C GLN C 451 -13.12 -34.75 -53.94
N LEU C 452 -14.28 -34.40 -53.38
CA LEU C 452 -14.71 -35.03 -52.14
C LEU C 452 -14.98 -36.51 -52.37
N GLY C 453 -15.60 -36.85 -53.51
CA GLY C 453 -15.77 -38.23 -53.91
C GLY C 453 -14.46 -39.03 -53.90
N THR C 454 -13.39 -38.43 -54.45
CA THR C 454 -12.07 -39.05 -54.49
C THR C 454 -11.55 -39.31 -53.08
N VAL C 455 -11.64 -38.28 -52.23
CA VAL C 455 -11.13 -38.32 -50.87
C VAL C 455 -11.85 -39.41 -50.07
N LEU C 456 -13.18 -39.53 -50.24
CA LEU C 456 -13.99 -40.47 -49.48
C LEU C 456 -14.06 -41.83 -50.17
N ARG C 457 -13.53 -41.91 -51.41
CA ARG C 457 -13.66 -43.08 -52.28
C ARG C 457 -15.13 -43.50 -52.34
N ASN C 458 -16.02 -42.50 -52.48
CA ASN C 458 -17.45 -42.71 -52.37
C ASN C 458 -18.16 -41.45 -52.84
N LEU C 459 -18.58 -41.46 -54.10
CA LEU C 459 -19.20 -40.28 -54.70
C LEU C 459 -20.61 -40.10 -54.16
N LYS C 460 -21.28 -41.21 -53.81
CA LYS C 460 -22.63 -41.13 -53.30
C LYS C 460 -22.63 -40.30 -52.00
N LEU C 461 -21.76 -40.68 -51.04
CA LEU C 461 -21.66 -39.99 -49.76
C LEU C 461 -21.22 -38.53 -49.94
N ALA C 462 -20.23 -38.30 -50.81
CA ALA C 462 -19.82 -36.95 -51.16
C ALA C 462 -21.02 -36.11 -51.62
N ARG C 463 -21.95 -36.68 -52.38
CA ARG C 463 -23.07 -35.91 -52.90
C ARG C 463 -24.03 -35.54 -51.78
N LYS C 464 -24.30 -36.49 -50.87
CA LYS C 464 -25.18 -36.27 -49.73
C LYS C 464 -24.63 -35.15 -48.84
N LEU C 465 -23.32 -35.16 -48.61
CA LEU C 465 -22.66 -34.20 -47.75
C LEU C 465 -22.71 -32.79 -48.38
N MET C 466 -22.55 -32.70 -49.70
CA MET C 466 -22.58 -31.41 -50.37
C MET C 466 -24.01 -30.87 -50.41
N GLU C 467 -24.98 -31.79 -50.46
CA GLU C 467 -26.38 -31.37 -50.41
C GLU C 467 -26.67 -30.72 -49.06
N GLN C 468 -26.14 -31.29 -47.97
CA GLN C 468 -26.31 -30.72 -46.63
C GLN C 468 -25.51 -29.44 -46.42
N TYR C 469 -24.21 -29.49 -46.78
CA TYR C 469 -23.24 -28.51 -46.33
C TYR C 469 -22.92 -27.44 -47.37
N GLY C 470 -23.04 -27.77 -48.67
CA GLY C 470 -22.78 -26.81 -49.74
C GLY C 470 -21.31 -26.71 -50.14
N THR C 471 -20.40 -26.79 -49.15
CA THR C 471 -18.98 -26.81 -49.40
C THR C 471 -18.31 -27.75 -48.41
N PRO C 472 -17.21 -28.43 -48.79
CA PRO C 472 -16.42 -29.21 -47.83
C PRO C 472 -15.77 -28.35 -46.75
N ASN C 473 -15.75 -27.04 -46.95
CA ASN C 473 -15.20 -26.14 -45.94
C ASN C 473 -16.08 -26.14 -44.69
N ASN C 474 -17.37 -26.51 -44.84
CA ASN C 474 -18.36 -26.32 -43.79
C ASN C 474 -18.73 -27.62 -43.10
N ILE C 475 -18.17 -28.75 -43.56
CA ILE C 475 -18.50 -30.04 -42.96
C ILE C 475 -17.95 -30.06 -41.54
N ASP C 476 -18.84 -30.43 -40.60
CA ASP C 476 -18.50 -30.54 -39.19
C ASP C 476 -17.40 -31.59 -39.04
N ILE C 477 -16.42 -31.29 -38.18
CA ILE C 477 -15.23 -32.13 -38.01
C ILE C 477 -15.60 -33.58 -37.69
N TRP C 478 -16.57 -33.82 -36.81
CA TRP C 478 -16.95 -35.18 -36.47
C TRP C 478 -17.43 -35.89 -37.73
N MET C 479 -18.36 -35.22 -38.44
CA MET C 479 -19.08 -35.82 -39.56
C MET C 479 -18.07 -36.14 -40.66
N GLY C 480 -17.21 -35.17 -41.00
CA GLY C 480 -16.18 -35.38 -42.00
C GLY C 480 -15.21 -36.48 -41.59
N GLY C 481 -14.71 -36.43 -40.35
CA GLY C 481 -13.76 -37.40 -39.83
C GLY C 481 -14.24 -38.86 -39.96
N VAL C 482 -15.49 -39.13 -39.56
CA VAL C 482 -16.05 -40.48 -39.54
C VAL C 482 -16.57 -40.91 -40.93
N SER C 483 -16.71 -39.96 -41.87
CA SER C 483 -17.09 -40.28 -43.24
C SER C 483 -15.92 -40.88 -44.03
N GLU C 484 -14.69 -40.62 -43.59
CA GLU C 484 -13.48 -40.99 -44.32
C GLU C 484 -13.27 -42.50 -44.30
N PRO C 485 -12.79 -43.09 -45.42
CA PRO C 485 -12.48 -44.51 -45.46
C PRO C 485 -11.35 -44.83 -44.49
N LEU C 486 -11.44 -46.02 -43.88
CA LEU C 486 -10.58 -46.39 -42.77
C LEU C 486 -9.20 -46.77 -43.31
N LYS C 487 -8.17 -46.51 -42.48
CA LYS C 487 -6.81 -46.85 -42.83
C LYS C 487 -6.69 -48.36 -42.77
N ARG C 488 -5.69 -48.91 -43.48
CA ARG C 488 -5.40 -50.33 -43.45
C ARG C 488 -5.10 -50.70 -42.00
N LYS C 489 -5.93 -51.62 -41.47
CA LYS C 489 -5.77 -52.23 -40.14
C LYS C 489 -6.03 -51.19 -39.03
N GLY C 490 -6.74 -50.11 -39.36
CA GLY C 490 -7.19 -49.14 -38.37
C GLY C 490 -8.69 -48.92 -38.49
N ARG C 491 -9.23 -48.08 -37.61
CA ARG C 491 -10.66 -47.83 -37.60
C ARG C 491 -10.98 -46.33 -37.67
N VAL C 492 -10.04 -45.55 -38.21
CA VAL C 492 -10.27 -44.14 -38.53
C VAL C 492 -9.60 -43.84 -39.87
N GLY C 493 -10.05 -42.78 -40.53
CA GLY C 493 -9.42 -42.27 -41.73
C GLY C 493 -8.20 -41.39 -41.45
N PRO C 494 -7.55 -40.85 -42.51
CA PRO C 494 -6.33 -40.04 -42.36
C PRO C 494 -6.42 -38.82 -41.45
N LEU C 495 -7.56 -38.13 -41.49
CA LEU C 495 -7.77 -36.90 -40.75
C LEU C 495 -7.85 -37.18 -39.25
N LEU C 496 -8.70 -38.13 -38.85
CA LEU C 496 -8.82 -38.48 -37.45
C LEU C 496 -7.53 -39.12 -36.95
N ALA C 497 -6.87 -39.88 -37.84
CA ALA C 497 -5.59 -40.49 -37.49
C ALA C 497 -4.61 -39.40 -37.08
N CYS C 498 -4.56 -38.33 -37.88
CA CYS C 498 -3.65 -37.22 -37.63
C CYS C 498 -3.98 -36.52 -36.31
N ILE C 499 -5.26 -36.19 -36.10
CA ILE C 499 -5.62 -35.49 -34.90
C ILE C 499 -5.36 -36.36 -33.66
N ILE C 500 -5.83 -37.62 -33.68
CA ILE C 500 -5.73 -38.50 -32.53
C ILE C 500 -4.25 -38.86 -32.28
N GLY C 501 -3.54 -39.20 -33.35
CA GLY C 501 -2.11 -39.50 -33.25
C GLY C 501 -1.33 -38.34 -32.65
N THR C 502 -1.57 -37.14 -33.18
CA THR C 502 -0.87 -35.96 -32.72
C THR C 502 -1.14 -35.76 -31.23
N GLN C 503 -2.39 -35.93 -30.79
CA GLN C 503 -2.76 -35.70 -29.39
C GLN C 503 -2.02 -36.67 -28.47
N PHE C 504 -2.05 -37.97 -28.81
CA PHE C 504 -1.48 -38.98 -27.92
C PHE C 504 0.04 -38.89 -27.89
N ARG C 505 0.65 -38.43 -28.98
CA ARG C 505 2.08 -38.20 -28.95
C ARG C 505 2.44 -37.15 -27.90
N LYS C 506 1.63 -36.08 -27.80
CA LYS C 506 1.92 -35.00 -26.87
C LYS C 506 1.71 -35.44 -25.43
N LEU C 507 0.67 -36.28 -25.19
CA LEU C 507 0.39 -36.81 -23.87
C LEU C 507 1.50 -37.73 -23.40
N ARG C 508 2.24 -38.33 -24.34
CA ARG C 508 3.35 -39.23 -24.02
C ARG C 508 4.65 -38.45 -23.81
N ASP C 509 5.09 -37.72 -24.85
CA ASP C 509 6.39 -37.06 -24.86
C ASP C 509 6.41 -35.91 -23.87
N GLY C 510 5.23 -35.36 -23.52
CA GLY C 510 5.14 -34.20 -22.62
C GLY C 510 4.66 -34.54 -21.22
N ASP C 511 4.60 -35.85 -20.90
CA ASP C 511 4.29 -36.36 -19.57
C ASP C 511 5.58 -36.72 -18.83
N ARG C 512 5.87 -35.96 -17.76
CA ARG C 512 7.09 -36.16 -16.98
C ARG C 512 7.07 -37.49 -16.25
N PHE C 513 5.85 -38.02 -16.03
CA PHE C 513 5.65 -39.26 -15.29
C PHE C 513 5.27 -40.40 -16.25
N TRP C 514 5.63 -40.28 -17.53
CA TRP C 514 5.47 -41.39 -18.45
C TRP C 514 6.26 -42.58 -17.92
N TRP C 515 5.68 -43.79 -18.01
CA TRP C 515 6.22 -44.96 -17.34
C TRP C 515 7.62 -45.34 -17.83
N GLU C 516 7.96 -45.04 -19.10
CA GLU C 516 9.28 -45.34 -19.63
C GLU C 516 10.29 -44.22 -19.35
N ASN C 517 9.85 -43.09 -18.80
CA ASN C 517 10.77 -41.99 -18.55
C ASN C 517 11.74 -42.38 -17.44
N GLU C 518 13.03 -42.15 -17.69
CA GLU C 518 14.06 -42.48 -16.71
C GLU C 518 13.75 -41.76 -15.40
N GLY C 519 13.61 -42.53 -14.33
CA GLY C 519 13.49 -41.97 -12.99
C GLY C 519 12.13 -42.24 -12.38
N VAL C 520 11.14 -42.66 -13.19
CA VAL C 520 9.80 -42.86 -12.68
C VAL C 520 9.74 -44.26 -12.05
N PHE C 521 10.19 -45.26 -12.82
CA PHE C 521 10.30 -46.64 -12.38
C PHE C 521 11.76 -47.07 -12.54
N SER C 522 12.21 -48.03 -11.71
CA SER C 522 13.49 -48.69 -11.90
C SER C 522 13.41 -49.57 -13.15
N MET C 523 14.57 -50.04 -13.62
CA MET C 523 14.65 -50.82 -14.84
C MET C 523 13.98 -52.18 -14.64
N GLN C 524 13.94 -52.64 -13.38
CA GLN C 524 13.39 -53.95 -13.03
C GLN C 524 11.87 -53.85 -12.95
N GLN C 525 11.37 -52.70 -12.47
CA GLN C 525 9.95 -52.41 -12.40
C GLN C 525 9.35 -52.29 -13.80
N ARG C 526 10.11 -51.73 -14.75
CA ARG C 526 9.68 -51.61 -16.13
C ARG C 526 9.66 -52.98 -16.81
N GLN C 527 10.64 -53.84 -16.50
CA GLN C 527 10.65 -55.20 -16.99
C GLN C 527 9.37 -55.91 -16.57
N ALA C 528 8.98 -55.70 -15.31
CA ALA C 528 7.82 -56.34 -14.71
C ALA C 528 6.52 -55.81 -15.33
N LEU C 529 6.44 -54.49 -15.51
CA LEU C 529 5.26 -53.81 -16.04
C LEU C 529 5.00 -54.20 -17.50
N ALA C 530 6.07 -54.52 -18.25
CA ALA C 530 5.92 -54.93 -19.64
C ALA C 530 5.05 -56.17 -19.78
N GLN C 531 4.82 -56.89 -18.67
CA GLN C 531 4.16 -58.20 -18.67
C GLN C 531 2.65 -58.06 -18.49
N ILE C 532 2.18 -56.90 -18.02
CA ILE C 532 0.77 -56.71 -17.70
C ILE C 532 -0.06 -56.78 -18.98
N SER C 533 -1.33 -57.11 -18.81
CA SER C 533 -2.30 -57.07 -19.89
C SER C 533 -3.69 -56.96 -19.26
N LEU C 534 -4.68 -56.64 -20.10
CA LEU C 534 -6.04 -56.43 -19.61
C LEU C 534 -6.70 -57.77 -19.31
N PRO C 535 -6.52 -58.83 -20.13
CA PRO C 535 -7.01 -60.15 -19.74
C PRO C 535 -6.54 -60.51 -18.33
N ARG C 536 -5.24 -60.32 -18.04
CA ARG C 536 -4.68 -60.64 -16.73
C ARG C 536 -5.42 -59.89 -15.62
N ILE C 537 -5.71 -58.61 -15.86
CA ILE C 537 -6.36 -57.79 -14.83
C ILE C 537 -7.77 -58.31 -14.58
N ILE C 538 -8.44 -58.81 -15.62
CA ILE C 538 -9.77 -59.37 -15.48
C ILE C 538 -9.72 -60.64 -14.64
N CYS C 539 -8.76 -61.53 -14.94
CA CYS C 539 -8.51 -62.74 -14.17
C CYS C 539 -8.32 -62.43 -12.69
N ASP C 540 -7.42 -61.48 -12.38
CA ASP C 540 -7.00 -61.20 -11.02
C ASP C 540 -8.14 -60.65 -10.18
N ASN C 541 -9.21 -60.12 -10.79
CA ASN C 541 -10.15 -59.25 -10.07
C ASN C 541 -11.61 -59.58 -10.36
N THR C 542 -11.86 -60.72 -11.01
CA THR C 542 -13.22 -61.17 -11.24
C THR C 542 -13.31 -62.69 -11.04
N GLY C 543 -14.52 -63.22 -11.20
CA GLY C 543 -14.76 -64.64 -11.17
C GLY C 543 -14.65 -65.28 -12.55
N ILE C 544 -14.01 -64.58 -13.49
CA ILE C 544 -13.80 -65.07 -14.84
C ILE C 544 -12.50 -65.85 -14.86
N THR C 545 -12.51 -67.03 -15.51
CA THR C 545 -11.33 -67.89 -15.60
C THR C 545 -10.93 -68.16 -17.05
N THR C 546 -11.78 -67.77 -18.02
CA THR C 546 -11.42 -67.86 -19.43
C THR C 546 -11.54 -66.46 -20.06
N VAL C 547 -10.46 -65.99 -20.70
CA VAL C 547 -10.34 -64.62 -21.17
C VAL C 547 -9.82 -64.59 -22.61
N SER C 548 -9.83 -63.41 -23.22
CA SER C 548 -9.36 -63.17 -24.58
C SER C 548 -7.85 -63.41 -24.70
N LYS C 549 -7.43 -63.95 -25.85
CA LYS C 549 -6.03 -63.96 -26.25
C LYS C 549 -5.57 -62.55 -26.59
N ASN C 550 -4.27 -62.30 -26.43
CA ASN C 550 -3.72 -61.00 -26.69
C ASN C 550 -3.67 -60.73 -28.19
N ASN C 551 -4.70 -60.03 -28.64
CA ASN C 551 -4.86 -58.61 -28.43
C ASN C 551 -6.33 -58.51 -28.06
N ILE C 552 -6.63 -58.17 -26.80
CA ILE C 552 -7.99 -58.25 -26.29
C ILE C 552 -8.96 -57.44 -27.16
N PHE C 553 -8.44 -56.43 -27.87
CA PHE C 553 -9.25 -55.53 -28.67
C PHE C 553 -9.56 -56.13 -30.04
N MET C 554 -8.86 -57.21 -30.41
CA MET C 554 -9.05 -57.89 -31.69
C MET C 554 -9.79 -59.22 -31.49
N SER C 555 -9.33 -60.02 -30.50
CA SER C 555 -9.99 -61.25 -30.08
C SER C 555 -11.46 -61.00 -29.77
N ASN C 556 -12.37 -61.66 -30.51
CA ASN C 556 -13.79 -61.38 -30.34
C ASN C 556 -14.68 -62.62 -30.49
N SER C 557 -14.12 -63.83 -30.56
CA SER C 557 -14.92 -65.02 -30.87
C SER C 557 -14.59 -66.15 -29.91
N TYR C 558 -15.61 -66.59 -29.16
CA TYR C 558 -15.49 -67.75 -28.29
C TYR C 558 -15.49 -69.03 -29.16
N PRO C 559 -15.11 -70.20 -28.59
CA PRO C 559 -13.77 -70.43 -28.02
C PRO C 559 -12.48 -70.10 -28.78
N ARG C 560 -12.59 -69.83 -30.10
CA ARG C 560 -11.41 -69.67 -30.96
C ARG C 560 -10.35 -68.79 -30.30
N ASP C 561 -10.76 -67.63 -29.75
CA ASP C 561 -9.83 -66.57 -29.37
C ASP C 561 -9.65 -66.47 -27.85
N PHE C 562 -9.82 -67.59 -27.12
CA PHE C 562 -9.84 -67.56 -25.66
C PHE C 562 -8.79 -68.49 -25.06
N VAL C 563 -8.35 -68.20 -23.82
CA VAL C 563 -7.41 -69.01 -23.06
C VAL C 563 -7.80 -69.02 -21.57
N ASN C 564 -7.21 -69.97 -20.83
CA ASN C 564 -7.45 -70.08 -19.40
C ASN C 564 -6.53 -69.10 -18.71
N CYS C 565 -7.01 -68.58 -17.58
CA CYS C 565 -6.30 -67.57 -16.80
C CYS C 565 -4.96 -68.08 -16.31
N SER C 566 -4.85 -69.39 -16.08
CA SER C 566 -3.64 -70.00 -15.56
C SER C 566 -2.49 -69.92 -16.56
N THR C 567 -2.79 -69.67 -17.85
CA THR C 567 -1.77 -69.67 -18.89
C THR C 567 -1.03 -68.33 -18.95
N LEU C 568 -1.56 -67.28 -18.31
CA LEU C 568 -1.07 -65.92 -18.50
C LEU C 568 -0.09 -65.54 -17.39
N PRO C 569 0.98 -64.76 -17.67
CA PRO C 569 1.88 -64.30 -16.61
C PRO C 569 1.21 -63.24 -15.72
N ALA C 570 1.41 -63.31 -14.40
CA ALA C 570 0.93 -62.27 -13.49
C ALA C 570 1.99 -61.19 -13.34
N LEU C 571 1.64 -60.09 -12.67
CA LEU C 571 2.59 -59.01 -12.42
C LEU C 571 3.40 -59.38 -11.18
N ASN C 572 4.72 -59.47 -11.37
CA ASN C 572 5.64 -59.76 -10.29
C ASN C 572 6.05 -58.45 -9.60
N LEU C 573 5.60 -58.27 -8.36
CA LEU C 573 5.89 -57.05 -7.61
C LEU C 573 7.19 -57.17 -6.80
N ALA C 574 8.07 -58.11 -7.15
CA ALA C 574 9.28 -58.36 -6.38
C ALA C 574 10.10 -57.08 -6.24
N SER C 575 10.22 -56.34 -7.35
CA SER C 575 11.14 -55.20 -7.45
C SER C 575 10.60 -53.95 -6.75
N TRP C 576 9.44 -54.05 -6.08
CA TRP C 576 8.87 -52.95 -5.31
C TRP C 576 9.26 -53.07 -3.82
N ARG C 577 10.01 -54.12 -3.46
CA ARG C 577 10.34 -54.40 -2.06
C ARG C 577 11.46 -53.48 -1.59
N GLU C 578 11.40 -53.07 -0.31
CA GLU C 578 12.40 -52.22 0.31
C GLU C 578 12.91 -52.78 1.64
N ALA C 579 14.14 -52.37 1.99
CA ALA C 579 14.87 -52.86 3.15
C ALA C 579 14.52 -52.00 4.38
N CYS D 2 -19.63 -10.83 -41.97
CA CYS D 2 -18.77 -9.95 -42.82
C CYS D 2 -19.45 -9.72 -44.17
N PRO D 3 -19.51 -8.47 -44.68
CA PRO D 3 -19.88 -8.24 -46.08
C PRO D 3 -19.12 -9.19 -46.99
N GLU D 4 -19.83 -9.77 -47.96
CA GLU D 4 -19.23 -10.77 -48.85
C GLU D 4 -18.41 -10.08 -49.95
N GLN D 5 -18.73 -8.81 -50.25
CA GLN D 5 -17.84 -7.94 -50.99
C GLN D 5 -17.52 -6.67 -50.23
N ASP D 6 -16.32 -6.15 -50.46
CA ASP D 6 -15.84 -4.92 -49.84
C ASP D 6 -14.63 -4.44 -50.63
N LYS D 7 -14.33 -3.15 -50.51
CA LYS D 7 -13.29 -2.57 -51.35
C LYS D 7 -12.11 -2.13 -50.48
N TYR D 8 -12.42 -1.76 -49.22
CA TYR D 8 -11.47 -1.13 -48.33
C TYR D 8 -11.36 -1.86 -47.00
N ARG D 9 -10.22 -1.67 -46.35
CA ARG D 9 -10.04 -2.13 -44.98
C ARG D 9 -11.06 -1.46 -44.06
N THR D 10 -11.58 -2.22 -43.09
CA THR D 10 -12.24 -1.63 -41.93
C THR D 10 -11.17 -0.92 -41.10
N ILE D 11 -11.61 -0.03 -40.21
CA ILE D 11 -10.68 0.71 -39.38
C ILE D 11 -10.08 -0.23 -38.33
N THR D 12 -10.93 -1.08 -37.73
CA THR D 12 -10.55 -1.96 -36.64
C THR D 12 -9.81 -3.20 -37.11
N GLY D 13 -9.85 -3.49 -38.42
CA GLY D 13 -9.27 -4.71 -38.95
C GLY D 13 -10.23 -5.92 -38.88
N MET D 14 -11.38 -5.75 -38.25
CA MET D 14 -12.48 -6.71 -38.33
C MET D 14 -12.65 -7.10 -39.80
N CYS D 15 -12.74 -8.40 -40.08
CA CYS D 15 -13.24 -8.92 -41.36
C CYS D 15 -12.15 -9.02 -42.41
N ASN D 16 -10.90 -8.73 -42.04
CA ASN D 16 -9.77 -9.01 -42.92
C ASN D 16 -9.76 -10.51 -43.23
N ASN D 17 -9.79 -11.33 -42.17
CA ASN D 17 -9.93 -12.78 -42.31
C ASN D 17 -11.41 -13.12 -42.19
N ARG D 18 -12.01 -13.65 -43.24
CA ARG D 18 -13.45 -13.87 -43.25
C ARG D 18 -13.86 -15.08 -42.42
N ARG D 19 -13.03 -16.12 -42.32
CA ARG D 19 -13.36 -17.31 -41.54
C ARG D 19 -13.23 -17.07 -40.03
N SER D 20 -12.24 -16.28 -39.61
CA SER D 20 -12.07 -15.92 -38.22
C SER D 20 -11.90 -14.40 -38.13
N PRO D 21 -13.01 -13.63 -38.25
CA PRO D 21 -12.92 -12.22 -38.55
C PRO D 21 -12.29 -11.28 -37.53
N THR D 22 -11.95 -11.74 -36.32
CA THR D 22 -11.26 -10.87 -35.36
C THR D 22 -9.74 -10.90 -35.54
N LEU D 23 -9.20 -11.82 -36.36
CA LEU D 23 -7.77 -12.00 -36.46
C LEU D 23 -7.12 -10.77 -37.08
N GLY D 24 -6.28 -10.10 -36.27
CA GLY D 24 -5.56 -8.90 -36.65
C GLY D 24 -6.33 -7.63 -36.30
N ALA D 25 -7.55 -7.79 -35.76
CA ALA D 25 -8.36 -6.66 -35.34
C ALA D 25 -7.87 -6.11 -34.01
N SER D 26 -8.31 -4.88 -33.72
CA SER D 26 -7.87 -4.13 -32.56
C SER D 26 -8.64 -4.62 -31.33
N ASN D 27 -8.01 -4.44 -30.16
CA ASN D 27 -8.56 -4.77 -28.85
C ASN D 27 -8.86 -6.26 -28.73
N ARG D 28 -7.88 -7.09 -29.09
CA ARG D 28 -7.95 -8.53 -28.90
C ARG D 28 -6.67 -9.03 -28.26
N ALA D 29 -6.73 -10.21 -27.66
CA ALA D 29 -5.57 -10.83 -27.04
C ALA D 29 -4.51 -11.13 -28.10
N PHE D 30 -3.24 -10.99 -27.69
CA PHE D 30 -2.13 -11.45 -28.50
C PHE D 30 -2.24 -12.96 -28.69
N VAL D 31 -1.69 -13.46 -29.79
CA VAL D 31 -1.48 -14.88 -29.94
C VAL D 31 -0.21 -15.26 -29.17
N ARG D 32 -0.17 -16.51 -28.67
CA ARG D 32 1.00 -17.04 -28.00
C ARG D 32 1.66 -18.10 -28.89
N TRP D 33 2.96 -17.94 -29.14
CA TRP D 33 3.71 -18.94 -29.86
C TRP D 33 4.30 -19.99 -28.92
N LEU D 34 4.36 -19.64 -27.63
CA LEU D 34 4.80 -20.57 -26.59
C LEU D 34 3.89 -20.42 -25.39
N PRO D 35 3.69 -21.50 -24.60
CA PRO D 35 2.97 -21.39 -23.32
C PRO D 35 3.64 -20.43 -22.35
N ALA D 36 2.81 -19.68 -21.62
CA ALA D 36 3.26 -18.66 -20.70
C ALA D 36 4.01 -19.28 -19.51
N GLU D 37 4.93 -18.49 -18.92
CA GLU D 37 5.68 -18.90 -17.74
C GLU D 37 5.51 -17.86 -16.65
N TYR D 38 4.59 -18.15 -15.73
CA TYR D 38 4.28 -17.31 -14.59
C TYR D 38 4.68 -18.05 -13.31
N GLU D 39 5.03 -17.26 -12.29
CA GLU D 39 5.48 -17.73 -10.99
C GLU D 39 4.48 -18.72 -10.39
N ASP D 40 3.18 -18.46 -10.57
CA ASP D 40 2.11 -19.29 -10.01
C ASP D 40 1.41 -20.09 -11.11
N GLY D 41 1.99 -20.10 -12.31
CA GLY D 41 1.45 -20.91 -13.40
C GLY D 41 0.49 -20.15 -14.32
N PHE D 42 -0.18 -19.10 -13.82
CA PHE D 42 -1.25 -18.50 -14.59
C PHE D 42 -1.35 -16.97 -14.50
N SER D 43 -0.62 -16.26 -13.63
CA SER D 43 -0.90 -14.82 -13.50
C SER D 43 0.26 -13.99 -12.96
N LEU D 44 0.99 -14.48 -11.95
CA LEU D 44 1.98 -13.65 -11.29
C LEU D 44 3.32 -13.76 -11.99
N PRO D 45 3.99 -12.62 -12.26
CA PRO D 45 5.24 -12.64 -13.01
C PRO D 45 6.41 -13.10 -12.14
N TYR D 46 7.44 -13.69 -12.75
CA TYR D 46 8.65 -14.04 -12.04
C TYR D 46 9.26 -12.74 -11.49
N GLY D 47 9.73 -12.82 -10.25
CA GLY D 47 10.21 -11.66 -9.52
C GLY D 47 9.14 -11.07 -8.58
N TRP D 48 7.94 -11.65 -8.57
CA TRP D 48 6.82 -11.06 -7.84
C TRP D 48 6.97 -11.31 -6.34
N THR D 49 7.11 -12.58 -5.98
CA THR D 49 7.32 -12.99 -4.60
C THR D 49 8.83 -13.11 -4.35
N PRO D 50 9.42 -12.35 -3.39
CA PRO D 50 10.85 -12.49 -3.08
C PRO D 50 11.20 -13.90 -2.64
N GLY D 51 12.28 -14.44 -3.20
CA GLY D 51 12.82 -15.73 -2.77
C GLY D 51 12.26 -16.93 -3.54
N VAL D 52 11.23 -16.70 -4.40
CA VAL D 52 10.73 -17.72 -5.30
C VAL D 52 11.63 -17.77 -6.54
N LYS D 53 12.20 -18.95 -6.79
CA LYS D 53 13.15 -19.15 -7.88
C LYS D 53 12.42 -19.44 -9.19
N ARG D 54 13.12 -19.15 -10.28
CA ARG D 54 12.67 -19.51 -11.62
C ARG D 54 13.53 -20.68 -12.08
N ASN D 55 12.90 -21.86 -12.25
CA ASN D 55 13.52 -22.98 -12.93
C ASN D 55 14.84 -23.31 -12.23
N GLY D 56 14.85 -23.21 -10.89
CA GLY D 56 15.98 -23.63 -10.07
C GLY D 56 16.89 -22.49 -9.60
N PHE D 57 16.69 -21.26 -10.06
CA PHE D 57 17.64 -20.19 -9.76
C PHE D 57 16.93 -18.90 -9.37
N PRO D 58 17.59 -18.01 -8.59
CA PRO D 58 17.03 -16.73 -8.22
C PRO D 58 16.73 -15.90 -9.46
N VAL D 59 15.72 -15.03 -9.34
CA VAL D 59 15.38 -14.10 -10.40
C VAL D 59 16.29 -12.88 -10.21
N ALA D 60 16.95 -12.46 -11.28
CA ALA D 60 17.77 -11.25 -11.25
C ALA D 60 16.86 -10.03 -11.40
N LEU D 61 17.14 -8.98 -10.62
CA LEU D 61 16.43 -7.72 -10.78
C LEU D 61 16.69 -7.19 -12.19
N ALA D 62 15.61 -6.75 -12.87
CA ALA D 62 15.74 -6.14 -14.18
C ALA D 62 16.75 -4.99 -14.16
N ARG D 63 16.68 -4.18 -13.10
CA ARG D 63 17.57 -3.04 -12.94
C ARG D 63 19.02 -3.51 -12.71
N ALA D 64 19.22 -4.63 -11.99
CA ALA D 64 20.55 -5.18 -11.79
C ALA D 64 21.13 -5.65 -13.12
N VAL D 65 20.31 -6.33 -13.94
CA VAL D 65 20.77 -6.83 -15.23
C VAL D 65 21.16 -5.64 -16.11
N SER D 66 20.32 -4.61 -16.15
CA SER D 66 20.61 -3.37 -16.85
C SER D 66 21.96 -2.78 -16.43
N ASN D 67 22.20 -2.65 -15.13
CA ASN D 67 23.42 -2.04 -14.60
C ASN D 67 24.67 -2.82 -15.00
N GLU D 68 24.62 -4.15 -14.87
CA GLU D 68 25.81 -4.98 -15.02
C GLU D 68 26.14 -5.34 -16.47
N ILE D 69 25.17 -5.20 -17.38
CA ILE D 69 25.30 -5.77 -18.71
C ILE D 69 24.97 -4.76 -19.82
N VAL D 70 23.98 -3.88 -19.59
CA VAL D 70 23.55 -2.95 -20.62
C VAL D 70 24.38 -1.67 -20.53
N ARG D 71 24.64 -1.22 -19.29
CA ARG D 71 25.36 0.01 -19.03
C ARG D 71 26.71 0.02 -19.75
N PHE D 72 27.03 1.16 -20.38
CA PHE D 72 28.35 1.40 -20.97
C PHE D 72 28.61 2.90 -20.93
N PRO D 73 29.90 3.35 -20.97
CA PRO D 73 30.21 4.78 -21.02
C PRO D 73 29.85 5.44 -22.34
N THR D 74 29.14 6.59 -22.31
CA THR D 74 28.51 7.11 -23.52
C THR D 74 29.55 7.66 -24.50
N ASP D 75 30.76 7.99 -24.03
CA ASP D 75 31.83 8.47 -24.91
C ASP D 75 32.33 7.34 -25.83
N GLN D 76 32.07 6.07 -25.49
CA GLN D 76 32.50 4.93 -26.30
C GLN D 76 31.57 4.67 -27.49
N LEU D 77 30.44 5.39 -27.56
CA LEU D 77 29.37 5.11 -28.52
C LEU D 77 29.95 4.99 -29.92
N THR D 78 29.58 3.88 -30.60
CA THR D 78 30.01 3.64 -31.96
C THR D 78 28.89 3.99 -32.92
N PRO D 79 29.12 4.92 -33.88
CA PRO D 79 28.13 5.17 -34.92
C PRO D 79 28.19 4.10 -36.01
N ASP D 80 27.01 3.78 -36.56
CA ASP D 80 26.84 2.74 -37.57
C ASP D 80 27.14 3.35 -38.94
N GLN D 81 28.23 2.91 -39.57
CA GLN D 81 28.66 3.50 -40.83
C GLN D 81 27.70 3.14 -41.96
N GLU D 82 26.82 2.14 -41.75
CA GLU D 82 26.00 1.61 -42.82
C GLU D 82 24.51 1.82 -42.57
N ARG D 83 24.14 2.60 -41.54
CA ARG D 83 22.73 2.82 -41.23
C ARG D 83 22.51 4.28 -40.81
N SER D 84 21.46 4.88 -41.37
CA SER D 84 21.00 6.19 -40.95
C SER D 84 20.20 6.07 -39.66
N LEU D 85 20.00 7.21 -39.01
CA LEU D 85 19.14 7.25 -37.83
C LEU D 85 17.67 7.12 -38.25
N MET D 86 17.41 7.31 -39.56
CA MET D 86 16.09 7.09 -40.12
C MET D 86 15.71 5.60 -40.02
N PHE D 87 16.71 4.72 -40.00
CA PHE D 87 16.51 3.29 -39.79
C PHE D 87 15.89 3.03 -38.40
N MET D 88 16.44 3.70 -37.38
CA MET D 88 15.90 3.62 -36.04
C MET D 88 14.45 4.12 -36.05
N GLN D 89 14.22 5.28 -36.66
CA GLN D 89 12.94 5.97 -36.48
C GLN D 89 11.80 5.26 -37.24
N TRP D 90 12.09 4.68 -38.40
CA TRP D 90 11.09 3.93 -39.12
C TRP D 90 10.66 2.71 -38.31
N GLY D 91 11.60 2.13 -37.54
CA GLY D 91 11.30 0.99 -36.70
C GLY D 91 10.24 1.32 -35.65
N GLN D 92 10.43 2.46 -34.99
CA GLN D 92 9.50 2.88 -33.95
C GLN D 92 8.14 3.16 -34.56
N LEU D 93 8.14 3.86 -35.70
CA LEU D 93 6.91 4.24 -36.36
C LEU D 93 6.14 3.00 -36.79
N LEU D 94 6.84 2.02 -37.37
CA LEU D 94 6.26 0.74 -37.78
C LEU D 94 5.67 0.00 -36.57
N ASP D 95 6.46 -0.11 -35.49
CA ASP D 95 6.01 -0.72 -34.26
C ASP D 95 4.65 -0.13 -33.87
N HIS D 96 4.49 1.19 -34.05
CA HIS D 96 3.28 1.88 -33.60
C HIS D 96 2.14 1.68 -34.61
N ASP D 97 2.43 1.01 -35.73
CA ASP D 97 1.41 0.50 -36.63
C ASP D 97 0.95 -0.88 -36.14
N LEU D 98 1.78 -1.63 -35.41
CA LEU D 98 1.53 -3.05 -35.24
C LEU D 98 0.93 -3.39 -33.87
N ASP D 99 1.51 -2.85 -32.79
CA ASP D 99 1.14 -3.26 -31.45
C ASP D 99 1.22 -2.10 -30.45
N PHE D 100 0.22 -2.03 -29.58
CA PHE D 100 0.21 -1.21 -28.37
C PHE D 100 -0.47 -2.01 -27.26
N THR D 101 0.25 -2.19 -26.14
CA THR D 101 -0.22 -3.01 -25.03
C THR D 101 -0.73 -2.11 -23.89
N PRO D 102 -2.06 -1.91 -23.77
CA PRO D 102 -2.59 -0.96 -22.78
C PRO D 102 -2.38 -1.36 -21.32
N GLU D 103 -2.21 -0.33 -20.47
CA GLU D 103 -2.06 -0.45 -19.02
C GLU D 103 -3.22 0.27 -18.35
N PRO D 104 -3.53 -0.04 -17.06
CA PRO D 104 -4.51 0.75 -16.31
C PRO D 104 -4.03 2.18 -16.00
N ALA D 105 -4.97 3.12 -15.91
CA ALA D 105 -4.67 4.53 -15.62
C ALA D 105 -4.15 4.69 -14.19
N ALA D 106 -3.29 5.69 -13.95
CA ALA D 106 -2.75 5.98 -12.62
C ALA D 106 -3.84 6.12 -11.54
N VAL D 114 -2.88 0.61 -5.85
CA VAL D 114 -2.75 2.06 -5.44
C VAL D 114 -2.23 2.85 -6.64
N ASN D 115 -1.41 3.88 -6.39
CA ASN D 115 -0.84 4.69 -7.46
C ASN D 115 0.58 4.19 -7.72
N CYS D 116 0.77 3.59 -8.90
CA CYS D 116 2.03 2.95 -9.27
C CYS D 116 3.08 4.02 -9.61
N GLU D 117 2.63 5.26 -9.87
CA GLU D 117 3.56 6.34 -10.21
C GLU D 117 4.24 6.94 -8.97
N THR D 118 3.61 6.87 -7.80
CA THR D 118 4.09 7.58 -6.61
C THR D 118 4.37 6.64 -5.43
N SER D 119 3.82 5.42 -5.46
CA SER D 119 4.04 4.43 -4.42
C SER D 119 5.00 3.36 -4.92
N CYS D 120 5.76 2.75 -4.00
CA CYS D 120 6.63 1.62 -4.32
C CYS D 120 6.08 0.33 -3.72
N VAL D 121 4.82 0.37 -3.27
CA VAL D 121 4.15 -0.80 -2.75
C VAL D 121 3.79 -1.71 -3.92
N GLN D 122 4.05 -3.01 -3.78
CA GLN D 122 3.69 -3.98 -4.78
C GLN D 122 2.29 -4.50 -4.46
N GLN D 123 1.30 -3.82 -5.01
CA GLN D 123 -0.09 -4.21 -4.91
C GLN D 123 -0.71 -4.09 -6.30
N PRO D 124 -1.48 -5.07 -6.80
CA PRO D 124 -2.10 -4.99 -8.13
C PRO D 124 -2.72 -3.62 -8.38
N PRO D 125 -2.53 -2.97 -9.55
CA PRO D 125 -1.78 -3.53 -10.68
C PRO D 125 -0.31 -3.14 -10.82
N CYS D 126 0.36 -2.82 -9.71
CA CYS D 126 1.72 -2.32 -9.76
C CYS D 126 2.69 -3.47 -9.63
N PHE D 127 3.81 -3.35 -10.38
CA PHE D 127 4.87 -4.33 -10.35
C PHE D 127 6.20 -3.55 -10.41
N PRO D 128 6.47 -2.70 -9.39
CA PRO D 128 7.63 -1.81 -9.44
C PRO D 128 8.97 -2.57 -9.47
N LEU D 129 9.93 -1.96 -10.16
CA LEU D 129 11.27 -2.51 -10.27
C LEU D 129 12.05 -2.16 -9.01
N LYS D 130 12.49 -3.19 -8.28
CA LYS D 130 13.28 -3.00 -7.08
C LYS D 130 14.68 -2.53 -7.49
N ILE D 131 15.28 -1.75 -6.59
CA ILE D 131 16.59 -1.16 -6.78
C ILE D 131 17.65 -2.07 -6.13
N PRO D 132 18.72 -2.47 -6.87
CA PRO D 132 19.77 -3.28 -6.26
C PRO D 132 20.68 -2.43 -5.38
N PRO D 133 21.50 -3.05 -4.48
CA PRO D 133 22.52 -2.28 -3.74
C PRO D 133 23.59 -1.74 -4.71
N ASN D 134 24.16 -0.60 -4.37
CA ASN D 134 25.25 -0.01 -5.15
C ASN D 134 24.78 0.32 -6.56
N ASP D 135 23.58 0.89 -6.66
CA ASP D 135 23.06 1.36 -7.93
C ASP D 135 23.80 2.64 -8.27
N PRO D 136 24.28 2.80 -9.53
CA PRO D 136 24.96 4.04 -9.92
C PRO D 136 24.14 5.33 -9.81
N ARG D 137 22.80 5.25 -9.74
CA ARG D 137 21.97 6.45 -9.76
C ARG D 137 21.05 6.54 -8.56
N ILE D 138 20.36 5.44 -8.24
CA ILE D 138 19.32 5.44 -7.22
C ILE D 138 19.91 4.84 -5.94
N LYS D 139 20.27 5.70 -4.99
CA LYS D 139 21.01 5.29 -3.80
C LYS D 139 20.06 4.75 -2.73
N ASN D 140 18.81 5.24 -2.73
CA ASN D 140 17.78 4.79 -1.82
C ASN D 140 17.19 3.48 -2.32
N GLN D 141 17.47 2.37 -1.64
CA GLN D 141 16.95 1.06 -2.02
C GLN D 141 15.47 0.90 -1.69
N ALA D 142 14.88 1.83 -0.92
CA ALA D 142 13.46 1.81 -0.62
C ALA D 142 12.67 2.50 -1.73
N ASP D 143 13.36 3.14 -2.68
CA ASP D 143 12.76 3.70 -3.88
C ASP D 143 12.53 2.55 -4.89
N CYS D 144 12.09 2.92 -6.09
CA CYS D 144 11.75 1.94 -7.11
C CYS D 144 11.55 2.67 -8.43
N ILE D 145 11.56 1.90 -9.53
CA ILE D 145 11.15 2.42 -10.81
C ILE D 145 9.68 2.05 -11.04
N PRO D 146 8.79 3.02 -11.31
CA PRO D 146 7.38 2.75 -11.55
C PRO D 146 7.09 1.76 -12.67
N PHE D 147 6.08 0.90 -12.47
CA PHE D 147 5.68 -0.06 -13.49
C PHE D 147 4.23 -0.49 -13.26
N PHE D 148 3.37 -0.27 -14.26
CA PHE D 148 2.04 -0.82 -14.27
C PHE D 148 2.01 -2.10 -15.10
N ARG D 149 1.44 -3.17 -14.56
CA ARG D 149 1.24 -4.38 -15.33
C ARG D 149 0.27 -4.10 -16.49
N SER D 150 0.54 -4.76 -17.63
CA SER D 150 -0.31 -4.65 -18.81
C SER D 150 -1.70 -5.16 -18.46
N CSO D 151 -2.62 -4.44 -19.25
CA CSO D 151 -3.99 -4.90 -18.89
CB CSO D 151 -5.05 -4.07 -19.57
SG CSO D 151 -5.31 -2.37 -18.96
C CSO D 151 -4.18 -6.37 -19.27
O CSO D 151 -3.86 -6.69 -20.43
OD CSO D 151 -6.25 -2.37 -17.60
N PRO D 152 -4.97 -7.26 -18.43
CA PRO D 152 -5.24 -8.64 -18.86
C PRO D 152 -6.48 -8.70 -19.75
N ALA D 153 -6.51 -9.69 -20.65
CA ALA D 153 -7.64 -9.89 -21.53
C ALA D 153 -8.87 -10.38 -20.76
N CYS D 154 -8.61 -11.12 -19.67
CA CYS D 154 -9.69 -11.65 -18.83
C CYS D 154 -9.47 -11.27 -17.37
N PRO D 155 -9.90 -10.07 -16.94
CA PRO D 155 -9.60 -9.58 -15.60
C PRO D 155 -10.24 -10.40 -14.48
N GLY D 156 -9.43 -10.69 -13.45
CA GLY D 156 -9.91 -11.32 -12.23
C GLY D 156 -10.14 -12.82 -12.35
N SER D 157 -9.65 -13.45 -13.43
CA SER D 157 -9.89 -14.86 -13.65
C SER D 157 -8.82 -15.68 -12.93
N ASN D 158 -9.24 -16.76 -12.26
CA ASN D 158 -8.34 -17.74 -11.68
C ASN D 158 -8.18 -18.92 -12.65
N ILE D 159 -9.04 -19.02 -13.67
CA ILE D 159 -9.05 -20.11 -14.62
C ILE D 159 -8.06 -19.85 -15.76
N THR D 160 -8.14 -18.68 -16.39
CA THR D 160 -7.37 -18.41 -17.60
C THR D 160 -5.89 -18.16 -17.28
N ILE D 161 -5.04 -18.47 -18.24
CA ILE D 161 -3.66 -18.06 -18.24
C ILE D 161 -3.59 -16.60 -18.72
N ARG D 162 -3.11 -15.70 -17.86
CA ARG D 162 -3.13 -14.28 -18.13
C ARG D 162 -2.46 -14.02 -19.48
N ASN D 163 -3.18 -13.27 -20.33
CA ASN D 163 -2.67 -12.82 -21.62
C ASN D 163 -2.96 -11.33 -21.70
N GLN D 164 -2.22 -10.64 -22.58
CA GLN D 164 -2.30 -9.19 -22.73
C GLN D 164 -3.01 -8.86 -24.05
N ILE D 165 -3.25 -7.56 -24.27
CA ILE D 165 -4.17 -7.09 -25.31
C ILE D 165 -3.40 -6.26 -26.32
N ASN D 166 -3.78 -6.41 -27.62
CA ASN D 166 -3.28 -5.52 -28.66
C ASN D 166 -4.39 -4.56 -29.04
N ALA D 167 -4.18 -3.26 -28.78
CA ALA D 167 -5.16 -2.22 -29.03
C ALA D 167 -5.17 -1.75 -30.49
N LEU D 168 -4.19 -2.19 -31.30
CA LEU D 168 -4.08 -1.79 -32.69
C LEU D 168 -4.40 -2.95 -33.64
N THR D 169 -4.60 -2.59 -34.91
CA THR D 169 -4.64 -3.58 -35.96
C THR D 169 -3.23 -4.11 -36.17
N SER D 170 -3.10 -5.45 -36.23
CA SER D 170 -1.82 -6.09 -36.46
C SER D 170 -1.28 -5.76 -37.86
N PHE D 171 -2.19 -5.51 -38.82
CA PHE D 171 -1.79 -5.34 -40.21
C PHE D 171 -0.90 -4.10 -40.39
N VAL D 172 -0.05 -4.14 -41.41
CA VAL D 172 0.67 -2.95 -41.84
C VAL D 172 -0.28 -2.12 -42.73
N ASP D 173 -1.10 -1.28 -42.08
CA ASP D 173 -2.23 -0.61 -42.70
C ASP D 173 -2.24 0.89 -42.40
N ALA D 174 -1.12 1.39 -41.86
CA ALA D 174 -0.97 2.79 -41.47
C ALA D 174 -1.99 3.18 -40.42
N SER D 175 -2.33 2.26 -39.52
CA SER D 175 -3.27 2.57 -38.45
C SER D 175 -2.71 3.62 -37.48
N MET D 176 -1.39 3.82 -37.45
CA MET D 176 -0.76 4.91 -36.68
C MET D 176 -1.14 6.26 -37.27
N VAL D 177 -1.64 6.28 -38.51
CA VAL D 177 -2.12 7.50 -39.14
C VAL D 177 -3.63 7.62 -38.98
N TYR D 178 -4.39 6.55 -39.27
CA TYR D 178 -5.84 6.64 -39.43
C TYR D 178 -6.61 6.23 -38.18
N GLY D 179 -5.93 5.56 -37.22
CA GLY D 179 -6.58 5.01 -36.03
C GLY D 179 -7.02 3.55 -36.24
N SER D 180 -7.25 2.86 -35.12
CA SER D 180 -7.67 1.46 -35.08
C SER D 180 -9.05 1.34 -34.42
N GLU D 181 -9.71 2.48 -34.14
CA GLU D 181 -11.05 2.49 -33.56
C GLU D 181 -11.87 3.54 -34.31
N GLU D 182 -13.17 3.33 -34.49
CA GLU D 182 -13.94 4.15 -35.42
C GLU D 182 -14.22 5.55 -34.87
N PRO D 183 -14.55 5.72 -33.57
CA PRO D 183 -14.62 7.07 -32.98
C PRO D 183 -13.39 7.92 -33.28
N LEU D 184 -12.20 7.43 -32.93
CA LEU D 184 -10.94 8.14 -33.18
C LEU D 184 -10.73 8.38 -34.67
N ALA D 185 -11.06 7.41 -35.52
CA ALA D 185 -10.81 7.54 -36.95
C ALA D 185 -11.62 8.65 -37.59
N ARG D 186 -12.83 8.91 -37.08
CA ARG D 186 -13.68 10.00 -37.56
C ARG D 186 -13.17 11.35 -37.05
N ASN D 187 -12.66 11.40 -35.80
CA ASN D 187 -12.14 12.63 -35.23
C ASN D 187 -10.86 13.09 -35.91
N LEU D 188 -10.12 12.16 -36.53
CA LEU D 188 -8.88 12.46 -37.22
C LEU D 188 -9.15 13.06 -38.60
N ARG D 189 -10.41 13.01 -39.04
CA ARG D 189 -10.79 13.46 -40.36
C ARG D 189 -11.33 14.89 -40.32
N ASN D 190 -11.11 15.59 -41.44
CA ASN D 190 -11.68 16.90 -41.71
C ASN D 190 -13.09 16.69 -42.25
N MET D 191 -14.09 16.94 -41.38
CA MET D 191 -15.50 16.73 -41.71
C MET D 191 -16.15 18.08 -42.09
N SER D 192 -15.34 19.12 -42.34
CA SER D 192 -15.82 20.43 -42.79
C SER D 192 -16.25 20.43 -44.25
N ASN D 193 -15.66 19.54 -45.07
CA ASN D 193 -15.83 19.59 -46.52
C ASN D 193 -15.86 18.16 -47.07
N GLN D 194 -15.89 18.02 -48.40
CA GLN D 194 -15.96 16.73 -49.07
C GLN D 194 -14.66 16.43 -49.82
N LEU D 195 -13.52 16.78 -49.20
CA LEU D 195 -12.22 16.65 -49.83
C LEU D 195 -11.49 15.39 -49.34
N GLY D 196 -12.02 14.72 -48.29
CA GLY D 196 -11.48 13.47 -47.79
C GLY D 196 -10.14 13.65 -47.07
N LEU D 197 -10.01 14.77 -46.35
CA LEU D 197 -8.75 15.15 -45.74
C LEU D 197 -8.70 14.68 -44.28
N LEU D 198 -7.48 14.63 -43.76
CA LEU D 198 -7.25 14.49 -42.33
C LEU D 198 -7.17 15.89 -41.72
N ALA D 199 -7.69 16.02 -40.50
CA ALA D 199 -7.64 17.26 -39.74
C ALA D 199 -6.19 17.65 -39.48
N VAL D 200 -5.96 18.97 -39.54
CA VAL D 200 -4.67 19.60 -39.35
C VAL D 200 -4.78 20.61 -38.20
N ASN D 201 -3.62 21.04 -37.71
CA ASN D 201 -3.55 21.96 -36.58
C ASN D 201 -4.19 23.27 -37.00
N GLN D 202 -5.08 23.80 -36.16
CA GLN D 202 -5.81 25.04 -36.44
C GLN D 202 -5.11 26.26 -35.82
N ARG D 203 -4.01 26.07 -35.07
CA ARG D 203 -3.35 27.17 -34.39
C ARG D 203 -1.95 27.42 -34.92
N PHE D 204 -1.31 26.42 -35.54
CA PHE D 204 0.07 26.54 -35.98
C PHE D 204 0.34 25.82 -37.30
N GLN D 205 1.36 26.31 -38.01
CA GLN D 205 1.82 25.77 -39.27
C GLN D 205 3.34 25.75 -39.25
N ASP D 206 3.93 24.93 -40.13
CA ASP D 206 5.37 24.76 -40.25
C ASP D 206 5.75 25.30 -41.62
N ASN D 207 6.11 26.59 -41.66
CA ASN D 207 6.38 27.30 -42.91
C ASN D 207 5.26 27.09 -43.94
N GLY D 208 4.01 27.24 -43.52
CA GLY D 208 2.91 27.18 -44.46
C GLY D 208 2.31 25.77 -44.59
N ARG D 209 3.04 24.74 -44.10
CA ARG D 209 2.59 23.36 -44.21
C ARG D 209 1.99 22.89 -42.89
N ALA D 210 1.19 21.80 -42.98
CA ALA D 210 0.32 21.37 -41.89
C ALA D 210 1.12 20.71 -40.75
N LEU D 211 0.58 20.85 -39.53
CA LEU D 211 0.99 20.09 -38.36
C LEU D 211 -0.19 19.24 -37.88
N LEU D 212 0.11 18.27 -37.01
CA LEU D 212 -0.92 17.40 -36.48
C LEU D 212 -1.86 18.20 -35.59
N PRO D 213 -3.17 17.86 -35.51
CA PRO D 213 -4.06 18.46 -34.51
C PRO D 213 -3.51 18.27 -33.11
N PHE D 214 -3.98 19.08 -32.15
CA PHE D 214 -3.64 18.88 -30.76
C PHE D 214 -4.66 17.95 -30.11
N ASP D 215 -4.18 17.19 -29.12
CA ASP D 215 -5.05 16.32 -28.34
C ASP D 215 -5.50 17.13 -27.12
N ASN D 216 -6.59 16.67 -26.52
CA ASN D 216 -7.10 17.28 -25.28
C ASN D 216 -7.04 16.21 -24.20
N LEU D 217 -5.88 16.13 -23.55
CA LEU D 217 -5.60 15.13 -22.53
C LEU D 217 -5.88 15.70 -21.14
N HIS D 218 -6.31 14.85 -20.20
CA HIS D 218 -6.58 15.27 -18.84
C HIS D 218 -5.27 15.71 -18.16
N ASP D 219 -4.27 14.82 -18.19
CA ASP D 219 -2.94 15.14 -17.68
C ASP D 219 -1.97 15.04 -18.84
N ASP D 220 -1.78 16.17 -19.54
CA ASP D 220 -0.97 16.25 -20.73
C ASP D 220 0.51 16.36 -20.36
N PRO D 221 1.36 15.39 -20.77
CA PRO D 221 2.78 15.41 -20.42
C PRO D 221 3.64 16.34 -21.27
N CYS D 222 3.16 16.73 -22.46
CA CYS D 222 3.94 17.58 -23.35
C CYS D 222 4.04 18.99 -22.78
N LEU D 223 3.01 19.40 -22.03
CA LEU D 223 2.98 20.68 -21.35
C LEU D 223 4.06 20.74 -20.25
N LEU D 224 4.43 19.59 -19.67
CA LEU D 224 5.41 19.58 -18.58
C LEU D 224 6.83 19.83 -19.08
N THR D 225 7.07 19.64 -20.38
CA THR D 225 8.44 19.67 -20.91
C THR D 225 8.93 21.10 -21.07
N ASN D 226 8.00 22.05 -21.29
CA ASN D 226 8.30 23.47 -21.27
C ASN D 226 7.05 24.24 -20.83
N ARG D 227 7.12 24.79 -19.62
CA ARG D 227 5.99 25.38 -18.94
C ARG D 227 5.50 26.61 -19.70
N SER D 228 6.44 27.50 -20.08
CA SER D 228 6.09 28.78 -20.68
C SER D 228 5.55 28.59 -22.09
N ALA D 229 6.01 27.55 -22.82
CA ALA D 229 5.62 27.34 -24.20
C ALA D 229 4.16 26.92 -24.33
N ARG D 230 3.65 26.10 -23.39
CA ARG D 230 2.25 25.73 -23.33
C ARG D 230 1.81 25.07 -24.64
N ILE D 231 2.57 24.08 -25.11
CA ILE D 231 2.24 23.33 -26.32
C ILE D 231 1.86 21.90 -25.93
N PRO D 232 0.58 21.51 -26.14
CA PRO D 232 0.11 20.17 -25.77
C PRO D 232 0.54 19.09 -26.77
N CYS D 233 0.22 17.84 -26.43
CA CYS D 233 0.56 16.72 -27.27
C CYS D 233 -0.32 16.72 -28.50
N PHE D 234 0.21 16.10 -29.56
CA PHE D 234 -0.49 15.97 -30.82
C PHE D 234 -1.48 14.81 -30.75
N LEU D 235 -2.41 14.82 -31.71
CA LEU D 235 -3.39 13.77 -31.90
C LEU D 235 -3.09 13.07 -33.23
N ALA D 236 -2.88 11.74 -33.17
CA ALA D 236 -2.64 10.93 -34.34
C ALA D 236 -3.38 9.61 -34.23
N GLY D 237 -3.17 8.72 -35.21
CA GLY D 237 -3.75 7.39 -35.21
C GLY D 237 -3.32 6.56 -34.01
N ASP D 238 -2.11 6.82 -33.52
CA ASP D 238 -1.54 6.15 -32.35
C ASP D 238 -1.26 7.18 -31.26
N THR D 239 -1.42 6.77 -30.00
CA THR D 239 -1.38 7.69 -28.87
C THR D 239 0.05 8.14 -28.52
N ARG D 240 1.07 7.51 -29.11
CA ARG D 240 2.45 7.76 -28.72
C ARG D 240 3.13 8.72 -29.69
N SER D 241 2.34 9.45 -30.51
CA SER D 241 2.86 10.26 -31.61
C SER D 241 3.82 11.33 -31.13
N SER D 242 3.71 11.77 -29.86
CA SER D 242 4.50 12.90 -29.37
C SER D 242 5.71 12.45 -28.54
N GLU D 243 5.97 11.14 -28.45
CA GLU D 243 6.92 10.61 -27.49
C GLU D 243 8.34 11.11 -27.80
N MET D 244 8.68 11.26 -29.08
CA MET D 244 9.86 12.04 -29.44
C MET D 244 9.58 12.76 -30.75
N PRO D 245 10.15 13.97 -30.93
CA PRO D 245 9.87 14.79 -32.12
C PRO D 245 10.22 14.15 -33.47
N GLU D 246 11.19 13.23 -33.47
CA GLU D 246 11.55 12.50 -34.69
C GLU D 246 10.36 11.64 -35.15
N LEU D 247 9.69 11.01 -34.19
CA LEU D 247 8.49 10.24 -34.43
C LEU D 247 7.35 11.15 -34.87
N THR D 248 7.18 12.27 -34.16
CA THR D 248 6.19 13.26 -34.52
C THR D 248 6.38 13.70 -35.97
N SER D 249 7.65 13.87 -36.38
CA SER D 249 7.98 14.30 -37.74
C SER D 249 7.44 13.31 -38.77
N MET D 250 7.61 12.03 -38.51
CA MET D 250 7.21 11.00 -39.44
C MET D 250 5.69 10.94 -39.54
N HIS D 251 5.01 11.09 -38.39
CA HIS D 251 3.56 11.10 -38.36
C HIS D 251 3.03 12.26 -39.19
N THR D 252 3.67 13.42 -38.98
CA THR D 252 3.32 14.66 -39.66
C THR D 252 3.52 14.48 -41.17
N LEU D 253 4.67 13.93 -41.53
CA LEU D 253 5.00 13.67 -42.92
C LEU D 253 3.90 12.86 -43.61
N LEU D 254 3.34 11.87 -42.91
CA LEU D 254 2.40 10.95 -43.53
C LEU D 254 1.01 11.58 -43.59
N LEU D 255 0.70 12.45 -42.63
CA LEU D 255 -0.53 13.23 -42.67
C LEU D 255 -0.56 14.07 -43.94
N ARG D 256 0.55 14.79 -44.18
CA ARG D 256 0.67 15.66 -45.33
C ARG D 256 0.52 14.84 -46.61
N GLU D 257 1.17 13.67 -46.64
CA GLU D 257 1.15 12.83 -47.83
C GLU D 257 -0.27 12.35 -48.11
N HIS D 258 -1.06 12.10 -47.06
CA HIS D 258 -2.45 11.73 -47.27
C HIS D 258 -3.18 12.86 -47.97
N ASN D 259 -3.09 14.05 -47.38
CA ASN D 259 -3.81 15.25 -47.82
C ASN D 259 -3.36 15.62 -49.24
N ARG D 260 -2.05 15.49 -49.54
CA ARG D 260 -1.54 15.69 -50.89
C ARG D 260 -2.20 14.76 -51.92
N LEU D 261 -2.33 13.48 -51.57
CA LEU D 261 -2.90 12.48 -52.44
C LEU D 261 -4.39 12.72 -52.66
N ALA D 262 -5.12 13.03 -51.59
CA ALA D 262 -6.54 13.32 -51.67
C ALA D 262 -6.80 14.55 -52.55
N THR D 263 -5.89 15.52 -52.46
CA THR D 263 -5.93 16.72 -53.28
C THR D 263 -5.76 16.37 -54.75
N GLU D 264 -4.70 15.61 -55.08
CA GLU D 264 -4.42 15.23 -56.46
C GLU D 264 -5.49 14.33 -57.07
N LEU D 265 -6.17 13.53 -56.23
CA LEU D 265 -7.21 12.62 -56.71
C LEU D 265 -8.48 13.40 -56.99
N LYS D 266 -8.68 14.52 -56.28
CA LYS D 266 -9.83 15.39 -56.47
C LYS D 266 -9.76 16.06 -57.85
N SER D 267 -8.58 16.60 -58.17
CA SER D 267 -8.27 17.13 -59.51
C SER D 267 -8.59 16.08 -60.57
N LEU D 268 -8.13 14.85 -60.34
CA LEU D 268 -8.17 13.80 -61.32
C LEU D 268 -9.56 13.20 -61.47
N ASN D 269 -10.30 13.10 -60.37
CA ASN D 269 -11.64 12.54 -60.37
C ASN D 269 -12.57 13.51 -59.66
N PRO D 270 -13.03 14.57 -60.35
CA PRO D 270 -13.78 15.64 -59.68
C PRO D 270 -15.11 15.20 -59.05
N ARG D 271 -15.68 14.07 -59.48
CA ARG D 271 -16.99 13.67 -59.00
C ARG D 271 -16.92 12.78 -57.74
N TRP D 272 -15.72 12.40 -57.30
CA TRP D 272 -15.54 11.62 -56.08
C TRP D 272 -15.88 12.47 -54.85
N ASP D 273 -16.66 11.87 -53.93
CA ASP D 273 -17.03 12.52 -52.67
C ASP D 273 -15.88 12.39 -51.66
N GLY D 274 -16.10 12.93 -50.46
CA GLY D 274 -15.08 12.95 -49.41
C GLY D 274 -14.66 11.55 -48.96
N GLU D 275 -15.66 10.66 -48.82
CA GLU D 275 -15.43 9.28 -48.41
C GLU D 275 -14.51 8.56 -49.40
N ARG D 276 -14.82 8.65 -50.68
CA ARG D 276 -14.07 7.93 -51.71
C ARG D 276 -12.63 8.43 -51.77
N LEU D 277 -12.43 9.73 -51.57
CA LEU D 277 -11.11 10.33 -51.62
C LEU D 277 -10.26 9.89 -50.43
N TYR D 278 -10.86 9.93 -49.23
CA TYR D 278 -10.24 9.48 -48.00
C TYR D 278 -9.78 8.04 -48.12
N GLN D 279 -10.68 7.16 -48.57
CA GLN D 279 -10.39 5.74 -48.63
C GLN D 279 -9.27 5.47 -49.63
N GLU D 280 -9.33 6.14 -50.79
CA GLU D 280 -8.40 5.84 -51.87
C GLU D 280 -7.01 6.35 -51.50
N ALA D 281 -6.94 7.49 -50.79
CA ALA D 281 -5.69 8.04 -50.32
C ALA D 281 -5.09 7.16 -49.21
N ARG D 282 -5.95 6.73 -48.29
CA ARG D 282 -5.61 5.83 -47.20
C ARG D 282 -5.04 4.52 -47.73
N LYS D 283 -5.65 4.02 -48.81
CA LYS D 283 -5.27 2.78 -49.44
C LYS D 283 -3.83 2.89 -49.97
N ILE D 284 -3.48 4.08 -50.47
CA ILE D 284 -2.17 4.29 -51.08
C ILE D 284 -1.12 4.43 -49.98
N VAL D 285 -1.43 5.24 -48.96
CA VAL D 285 -0.52 5.46 -47.85
C VAL D 285 -0.17 4.11 -47.20
N GLY D 286 -1.19 3.27 -47.01
CA GLY D 286 -1.00 1.90 -46.51
C GLY D 286 0.00 1.10 -47.36
N ALA D 287 -0.20 1.11 -48.69
CA ALA D 287 0.67 0.39 -49.61
C ALA D 287 2.11 0.93 -49.54
N MET D 288 2.25 2.25 -49.33
CA MET D 288 3.56 2.87 -49.26
C MET D 288 4.30 2.42 -48.00
N VAL D 289 3.58 2.29 -46.89
CA VAL D 289 4.15 1.82 -45.65
C VAL D 289 4.58 0.36 -45.80
N GLN D 290 3.77 -0.45 -46.52
CA GLN D 290 4.10 -1.86 -46.77
C GLN D 290 5.40 -1.95 -47.58
N ILE D 291 5.50 -1.12 -48.62
CA ILE D 291 6.57 -1.22 -49.59
C ILE D 291 7.88 -0.77 -48.95
N ILE D 292 7.87 0.36 -48.25
CA ILE D 292 9.07 0.83 -47.58
C ILE D 292 9.54 -0.22 -46.57
N THR D 293 8.59 -0.81 -45.84
CA THR D 293 8.90 -1.77 -44.80
C THR D 293 9.54 -3.01 -45.39
N TYR D 294 8.90 -3.63 -46.40
CA TYR D 294 9.34 -4.95 -46.87
C TYR D 294 10.43 -4.84 -47.94
N ARG D 295 10.43 -3.77 -48.74
CA ARG D 295 11.44 -3.57 -49.78
C ARG D 295 12.72 -2.99 -49.21
N ASP D 296 12.61 -2.01 -48.29
CA ASP D 296 13.75 -1.17 -47.92
C ASP D 296 14.22 -1.43 -46.49
N TYR D 297 13.26 -1.56 -45.54
CA TYR D 297 13.57 -1.58 -44.12
C TYR D 297 14.03 -2.98 -43.68
N LEU D 298 13.17 -3.98 -43.89
CA LEU D 298 13.36 -5.30 -43.28
C LEU D 298 14.64 -5.96 -43.78
N PRO D 299 15.00 -5.88 -45.08
CA PRO D 299 16.24 -6.49 -45.55
C PRO D 299 17.48 -6.06 -44.77
N LEU D 300 17.46 -4.81 -44.28
CA LEU D 300 18.57 -4.22 -43.54
C LEU D 300 18.50 -4.59 -42.05
N VAL D 301 17.31 -4.98 -41.58
CA VAL D 301 17.20 -5.53 -40.24
C VAL D 301 17.72 -6.97 -40.22
N LEU D 302 17.20 -7.82 -41.11
CA LEU D 302 17.37 -9.27 -41.04
C LEU D 302 18.68 -9.69 -41.70
N GLY D 303 19.12 -8.93 -42.69
CA GLY D 303 20.18 -9.39 -43.55
C GLY D 303 19.63 -10.27 -44.67
N PRO D 304 20.41 -10.51 -45.74
CA PRO D 304 19.87 -11.14 -46.95
C PRO D 304 19.51 -12.62 -46.79
N THR D 305 20.28 -13.38 -46.00
CA THR D 305 20.00 -14.79 -45.74
C THR D 305 18.64 -14.98 -45.08
N ALA D 306 18.48 -14.34 -43.91
CA ALA D 306 17.24 -14.44 -43.13
C ALA D 306 16.06 -13.90 -43.92
N MET D 307 16.32 -12.90 -44.76
CA MET D 307 15.26 -12.30 -45.57
C MET D 307 14.70 -13.33 -46.55
N ARG D 308 15.59 -14.16 -47.15
CA ARG D 308 15.16 -15.19 -48.08
C ARG D 308 14.45 -16.30 -47.33
N LYS D 309 14.96 -16.63 -46.14
CA LYS D 309 14.43 -17.75 -45.35
C LYS D 309 13.02 -17.40 -44.86
N TYR D 310 12.86 -16.22 -44.23
CA TYR D 310 11.64 -15.92 -43.50
C TYR D 310 10.63 -15.18 -44.37
N LEU D 311 11.12 -14.49 -45.43
CA LEU D 311 10.25 -13.73 -46.33
C LEU D 311 10.56 -14.09 -47.79
N PRO D 312 10.28 -15.33 -48.23
CA PRO D 312 10.45 -15.70 -49.64
C PRO D 312 9.46 -14.91 -50.49
N THR D 313 9.65 -15.00 -51.81
CA THR D 313 8.85 -14.23 -52.75
C THR D 313 7.38 -14.46 -52.47
N TYR D 314 6.63 -13.35 -52.44
CA TYR D 314 5.19 -13.38 -52.24
C TYR D 314 4.54 -14.17 -53.39
N ARG D 315 3.57 -15.02 -53.03
CA ARG D 315 2.77 -15.73 -54.02
C ARG D 315 1.36 -15.15 -54.03
N SER D 316 0.57 -15.44 -52.99
CA SER D 316 -0.74 -14.81 -52.86
C SER D 316 -1.24 -14.92 -51.42
N TYR D 317 -2.40 -14.29 -51.17
CA TYR D 317 -3.03 -14.30 -49.87
C TYR D 317 -3.41 -15.72 -49.47
N ASN D 318 -3.18 -16.04 -48.19
CA ASN D 318 -3.45 -17.35 -47.62
C ASN D 318 -4.31 -17.15 -46.37
N ASP D 319 -5.60 -17.51 -46.48
CA ASP D 319 -6.60 -17.16 -45.47
C ASP D 319 -6.46 -18.03 -44.23
N SER D 320 -5.50 -18.97 -44.23
CA SER D 320 -5.21 -19.86 -43.12
C SER D 320 -3.94 -19.44 -42.38
N VAL D 321 -3.38 -18.29 -42.76
CA VAL D 321 -2.25 -17.71 -42.03
C VAL D 321 -2.79 -16.76 -40.97
N ASP D 322 -2.43 -17.02 -39.70
CA ASP D 322 -2.82 -16.19 -38.58
C ASP D 322 -2.01 -14.89 -38.58
N PRO D 323 -2.64 -13.72 -38.82
CA PRO D 323 -1.94 -12.44 -38.82
C PRO D 323 -1.85 -11.70 -37.48
N ARG D 324 -2.19 -12.33 -36.38
CA ARG D 324 -2.09 -11.66 -35.09
C ARG D 324 -0.62 -11.41 -34.72
N ILE D 325 -0.40 -10.32 -33.96
CA ILE D 325 0.88 -10.07 -33.33
C ILE D 325 1.03 -11.07 -32.18
N ALA D 326 2.19 -11.74 -32.14
CA ALA D 326 2.56 -12.62 -31.05
C ALA D 326 3.07 -11.80 -29.87
N ASN D 327 2.74 -12.29 -28.67
CA ASN D 327 3.11 -11.65 -27.41
C ASN D 327 4.61 -11.36 -27.37
N VAL D 328 5.43 -12.33 -27.80
CA VAL D 328 6.89 -12.22 -27.75
C VAL D 328 7.38 -11.12 -28.68
N PHE D 329 6.68 -10.90 -29.80
CA PHE D 329 7.08 -9.90 -30.77
C PHE D 329 7.11 -8.53 -30.11
N THR D 330 6.15 -8.25 -29.21
CA THR D 330 6.07 -6.94 -28.60
C THR D 330 7.34 -6.62 -27.83
N ASN D 331 8.07 -7.66 -27.41
CA ASN D 331 9.30 -7.51 -26.65
C ASN D 331 10.53 -7.63 -27.56
N ALA D 332 10.49 -8.55 -28.54
CA ALA D 332 11.63 -8.81 -29.41
C ALA D 332 11.88 -7.65 -30.36
N PHE D 333 10.80 -7.03 -30.87
CA PHE D 333 10.93 -5.93 -31.80
C PHE D 333 11.46 -4.66 -31.12
N ARG D 334 11.64 -4.71 -29.79
CA ARG D 334 12.30 -3.64 -29.06
C ARG D 334 13.82 -3.70 -29.25
N TYR D 335 14.34 -4.57 -30.11
CA TYR D 335 15.77 -4.56 -30.46
C TYR D 335 16.21 -3.14 -30.85
N GLY D 336 15.27 -2.36 -31.39
CA GLY D 336 15.59 -1.05 -31.95
C GLY D 336 16.00 -0.02 -30.89
N HIS D 337 15.84 -0.37 -29.61
CA HIS D 337 16.32 0.47 -28.52
C HIS D 337 17.85 0.52 -28.50
N THR D 338 18.52 -0.45 -29.17
CA THR D 338 19.97 -0.50 -29.28
C THR D 338 20.49 0.42 -30.39
N LEU D 339 19.59 0.95 -31.23
CA LEU D 339 19.93 1.83 -32.34
C LEU D 339 19.88 3.31 -31.96
N ILE D 340 19.39 3.61 -30.75
CA ILE D 340 19.06 4.97 -30.37
C ILE D 340 20.34 5.71 -29.96
N GLN D 341 20.55 6.87 -30.62
CA GLN D 341 21.59 7.84 -30.30
C GLN D 341 21.10 8.71 -29.14
N PRO D 342 22.02 9.24 -28.29
CA PRO D 342 21.63 10.05 -27.13
C PRO D 342 21.26 11.52 -27.40
N PHE D 343 21.17 11.92 -28.67
CA PHE D 343 20.78 13.29 -29.02
C PHE D 343 19.71 13.26 -30.11
N MET D 344 18.95 14.36 -30.18
CA MET D 344 18.19 14.70 -31.38
C MET D 344 19.00 15.70 -32.19
N PHE D 345 19.28 15.35 -33.46
CA PHE D 345 20.11 16.13 -34.36
C PHE D 345 19.22 16.92 -35.32
N ARG D 346 19.46 18.24 -35.37
CA ARG D 346 18.80 19.14 -36.30
C ARG D 346 19.82 19.82 -37.21
N LEU D 347 19.46 19.95 -38.51
CA LEU D 347 20.34 20.46 -39.55
C LEU D 347 19.57 21.43 -40.46
N ASP D 348 20.26 22.52 -40.88
CA ASP D 348 19.69 23.53 -41.77
C ASP D 348 19.72 23.02 -43.21
N ASN D 349 19.38 23.89 -44.18
CA ASN D 349 19.22 23.47 -45.57
C ASN D 349 20.57 23.19 -46.25
N ARG D 350 21.69 23.51 -45.56
CA ARG D 350 23.04 23.16 -46.03
C ARG D 350 23.54 21.90 -45.32
N TYR D 351 22.65 21.28 -44.52
CA TYR D 351 22.94 20.10 -43.72
C TYR D 351 24.05 20.41 -42.71
N GLN D 352 23.93 21.58 -42.07
CA GLN D 352 24.90 22.07 -41.11
C GLN D 352 24.20 22.25 -39.77
N PRO D 353 24.89 22.04 -38.63
CA PRO D 353 24.25 22.20 -37.31
C PRO D 353 23.33 23.42 -37.24
N MET D 354 22.02 23.19 -37.07
CA MET D 354 21.04 24.26 -37.04
C MET D 354 21.00 24.87 -35.64
N GLU D 355 21.44 26.14 -35.55
CA GLU D 355 21.45 26.90 -34.31
C GLU D 355 20.16 27.68 -34.10
N PRO D 356 19.41 27.48 -32.99
CA PRO D 356 20.03 27.32 -31.68
C PRO D 356 19.79 25.86 -31.23
N ASN D 357 20.84 25.25 -30.68
CA ASN D 357 20.87 23.89 -30.14
C ASN D 357 20.75 22.85 -31.25
N PRO D 358 21.86 22.51 -31.92
CA PRO D 358 21.84 21.49 -32.99
C PRO D 358 21.68 20.06 -32.48
N ARG D 359 22.14 19.81 -31.24
CA ARG D 359 22.11 18.49 -30.63
C ARG D 359 21.47 18.60 -29.24
N VAL D 360 20.23 18.10 -29.09
CA VAL D 360 19.50 18.15 -27.84
C VAL D 360 19.56 16.79 -27.17
N PRO D 361 19.95 16.70 -25.87
CA PRO D 361 19.97 15.41 -25.18
C PRO D 361 18.56 14.82 -25.22
N LEU D 362 18.48 13.49 -25.37
CA LEU D 362 17.20 12.83 -25.57
C LEU D 362 16.31 13.06 -24.35
N SER D 363 16.92 13.16 -23.16
CA SER D 363 16.18 13.36 -21.91
C SER D 363 15.45 14.71 -21.88
N ARG D 364 15.62 15.53 -22.93
CA ARG D 364 14.99 16.84 -23.03
C ARG D 364 14.10 16.95 -24.29
N VAL D 365 13.90 15.85 -25.04
CA VAL D 365 13.04 15.84 -26.22
C VAL D 365 11.79 14.96 -26.02
N PHE D 366 11.73 14.18 -24.95
CA PHE D 366 10.60 13.29 -24.75
C PHE D 366 9.35 14.12 -24.50
N PHE D 367 8.34 13.91 -25.34
CA PHE D 367 7.04 14.58 -25.25
C PHE D 367 7.17 16.09 -25.46
N ALA D 368 8.24 16.50 -26.18
CA ALA D 368 8.53 17.92 -26.35
C ALA D 368 7.94 18.38 -27.68
N SER D 369 6.60 18.38 -27.75
CA SER D 369 5.89 18.83 -28.93
C SER D 369 6.21 20.31 -29.22
N TRP D 370 6.60 21.05 -28.17
CA TRP D 370 6.93 22.46 -28.34
C TRP D 370 8.12 22.67 -29.27
N ARG D 371 9.06 21.72 -29.34
CA ARG D 371 10.23 21.86 -30.19
C ARG D 371 9.92 21.71 -31.67
N VAL D 372 8.74 21.17 -31.99
CA VAL D 372 8.30 21.08 -33.37
C VAL D 372 7.64 22.40 -33.75
N VAL D 373 6.83 22.94 -32.83
CA VAL D 373 6.01 24.11 -33.12
C VAL D 373 6.86 25.39 -33.06
N LEU D 374 7.88 25.43 -32.19
CA LEU D 374 8.59 26.68 -31.92
C LEU D 374 10.07 26.63 -32.32
N GLU D 375 10.63 25.48 -32.72
CA GLU D 375 12.06 25.42 -33.03
C GLU D 375 12.32 24.87 -34.43
N GLY D 376 11.46 25.27 -35.38
CA GLY D 376 11.81 25.17 -36.79
C GLY D 376 11.07 24.08 -37.54
N GLY D 377 10.05 23.47 -36.91
CA GLY D 377 9.25 22.45 -37.59
C GLY D 377 10.04 21.15 -37.77
N ILE D 378 9.64 20.39 -38.82
CA ILE D 378 10.06 19.01 -39.01
C ILE D 378 11.25 18.91 -39.99
N ASP D 379 11.46 19.91 -40.86
CA ASP D 379 12.49 19.82 -41.89
C ASP D 379 13.87 19.59 -41.25
N PRO D 380 14.28 20.37 -40.22
CA PRO D 380 15.56 20.13 -39.55
C PRO D 380 15.73 18.74 -38.95
N ILE D 381 14.63 18.18 -38.44
CA ILE D 381 14.61 16.88 -37.77
C ILE D 381 14.78 15.76 -38.79
N LEU D 382 13.99 15.81 -39.88
CA LEU D 382 14.09 14.87 -40.99
C LEU D 382 15.50 14.89 -41.58
N ARG D 383 16.12 16.07 -41.64
CA ARG D 383 17.47 16.21 -42.15
C ARG D 383 18.44 15.49 -41.22
N GLY D 384 18.24 15.66 -39.91
CA GLY D 384 19.07 15.01 -38.91
C GLY D 384 18.99 13.48 -39.00
N LEU D 385 17.79 12.96 -39.32
CA LEU D 385 17.55 11.53 -39.42
C LEU D 385 18.31 10.98 -40.63
N MET D 386 18.25 11.72 -41.74
CA MET D 386 18.79 11.26 -43.02
C MET D 386 20.31 11.27 -42.99
N ALA D 387 20.90 12.25 -42.29
CA ALA D 387 22.33 12.56 -42.43
C ALA D 387 23.14 12.21 -41.17
N THR D 388 22.51 11.59 -40.18
CA THR D 388 23.22 11.14 -38.98
C THR D 388 23.21 9.61 -38.96
N PRO D 389 24.29 8.96 -38.48
CA PRO D 389 24.30 7.50 -38.37
C PRO D 389 23.48 7.02 -37.16
N ALA D 390 22.82 5.86 -37.30
CA ALA D 390 22.27 5.19 -36.15
C ALA D 390 23.42 4.84 -35.19
N LYS D 391 23.09 4.49 -33.95
CA LYS D 391 24.04 3.84 -33.07
C LYS D 391 24.17 2.38 -33.51
N LEU D 392 25.37 1.82 -33.35
CA LEU D 392 25.57 0.40 -33.60
C LEU D 392 25.46 -0.34 -32.27
N ASN D 393 24.70 -1.45 -32.28
CA ASN D 393 24.65 -2.40 -31.20
C ASN D 393 25.95 -3.19 -31.17
N ARG D 394 26.67 -3.08 -30.05
CA ARG D 394 27.84 -3.90 -29.78
C ARG D 394 27.68 -4.49 -28.39
N GLN D 395 28.31 -5.64 -28.15
CA GLN D 395 28.02 -6.47 -26.98
C GLN D 395 28.43 -5.78 -25.68
N ASN D 396 29.27 -4.73 -25.74
CA ASN D 396 29.65 -3.96 -24.57
C ASN D 396 29.17 -2.51 -24.68
N GLN D 397 28.27 -2.25 -25.64
CA GLN D 397 27.67 -0.96 -25.87
C GLN D 397 26.22 -1.16 -26.32
N ILE D 398 25.36 -1.64 -25.42
CA ILE D 398 24.06 -2.14 -25.83
C ILE D 398 23.08 -0.98 -25.99
N ALA D 399 22.91 -0.17 -24.94
CA ALA D 399 22.02 0.98 -25.00
C ALA D 399 22.52 2.13 -24.12
N VAL D 400 22.19 3.35 -24.58
CA VAL D 400 22.72 4.59 -24.02
C VAL D 400 22.03 4.95 -22.71
N ASP D 401 22.70 5.77 -21.89
CA ASP D 401 22.17 6.17 -20.59
C ASP D 401 21.03 7.19 -20.70
N GLU D 402 20.82 7.80 -21.88
CA GLU D 402 19.69 8.71 -22.04
C GLU D 402 18.35 7.97 -21.94
N ILE D 403 18.36 6.65 -22.26
CA ILE D 403 17.16 5.82 -22.08
C ILE D 403 17.30 4.88 -20.89
N ARG D 404 18.53 4.62 -20.44
CA ARG D 404 18.76 3.67 -19.35
C ARG D 404 18.68 4.38 -17.99
N GLU D 405 18.94 5.70 -17.98
CA GLU D 405 19.05 6.46 -16.72
C GLU D 405 18.05 7.62 -16.67
N ARG D 406 17.69 8.18 -17.84
CA ARG D 406 16.98 9.46 -17.87
C ARG D 406 15.71 9.38 -18.74
N LEU D 407 15.11 8.19 -18.89
CA LEU D 407 13.93 8.07 -19.73
C LEU D 407 12.74 8.79 -19.08
N PHE D 408 12.17 9.75 -19.83
CA PHE D 408 10.97 10.48 -19.44
C PHE D 408 11.21 11.25 -18.16
N GLU D 409 12.43 11.74 -17.98
CA GLU D 409 12.87 12.41 -16.75
C GLU D 409 12.00 13.62 -16.43
N GLN D 410 11.57 14.36 -17.47
CA GLN D 410 10.89 15.63 -17.29
C GLN D 410 9.42 15.46 -16.90
N VAL D 411 8.82 14.28 -17.12
CA VAL D 411 7.37 14.12 -17.02
C VAL D 411 6.98 13.09 -15.96
N MET D 412 7.96 12.63 -15.14
CA MET D 412 7.75 11.60 -14.15
C MET D 412 8.51 11.98 -12.88
N ARG D 413 8.27 11.24 -11.80
CA ARG D 413 8.91 11.57 -10.53
C ARG D 413 10.38 11.15 -10.55
N ILE D 414 10.77 10.32 -11.52
CA ILE D 414 12.11 9.78 -11.59
C ILE D 414 12.38 9.32 -13.03
N GLY D 415 13.65 9.35 -13.43
CA GLY D 415 14.04 8.80 -14.72
C GLY D 415 13.90 7.28 -14.73
N LEU D 416 13.36 6.75 -15.82
CA LEU D 416 13.18 5.32 -16.02
C LEU D 416 14.41 4.74 -16.72
N ASP D 417 14.42 3.40 -16.77
CA ASP D 417 15.43 2.58 -17.42
C ASP D 417 14.70 1.71 -18.44
N LEU D 418 14.81 2.05 -19.73
CA LEU D 418 13.97 1.40 -20.75
C LEU D 418 14.39 -0.07 -20.91
N PRO D 419 15.71 -0.40 -20.99
CA PRO D 419 16.15 -1.79 -20.97
C PRO D 419 15.59 -2.64 -19.83
N ALA D 420 15.60 -2.10 -18.61
CA ALA D 420 15.02 -2.76 -17.46
C ALA D 420 13.50 -2.92 -17.59
N LEU D 421 12.80 -1.92 -18.13
CA LEU D 421 11.35 -2.02 -18.36
C LEU D 421 11.05 -3.14 -19.38
N ASN D 422 11.89 -3.23 -20.43
CA ASN D 422 11.79 -4.28 -21.43
C ASN D 422 11.77 -5.65 -20.75
N MET D 423 12.59 -5.80 -19.71
CA MET D 423 12.81 -7.07 -19.04
C MET D 423 11.72 -7.35 -18.02
N GLN D 424 11.33 -6.34 -17.22
CA GLN D 424 10.20 -6.48 -16.32
C GLN D 424 8.93 -6.80 -17.13
N ARG D 425 8.85 -6.21 -18.34
CA ARG D 425 7.66 -6.34 -19.16
C ARG D 425 7.55 -7.78 -19.69
N SER D 426 8.69 -8.37 -20.07
CA SER D 426 8.69 -9.73 -20.56
C SER D 426 8.22 -10.68 -19.45
N ARG D 427 8.54 -10.38 -18.19
CA ARG D 427 8.12 -11.20 -17.05
C ARG D 427 6.63 -10.98 -16.76
N ASP D 428 6.20 -9.72 -16.80
CA ASP D 428 4.79 -9.35 -16.72
C ASP D 428 3.96 -10.17 -17.71
N HIS D 429 4.45 -10.30 -18.95
CA HIS D 429 3.73 -10.97 -20.03
C HIS D 429 3.90 -12.48 -19.97
N GLY D 430 4.72 -12.97 -19.03
CA GLY D 430 4.91 -14.41 -18.86
C GLY D 430 5.64 -15.07 -20.03
N LEU D 431 6.57 -14.34 -20.68
CA LEU D 431 7.31 -14.89 -21.81
C LEU D 431 8.37 -15.88 -21.30
N PRO D 432 8.54 -17.03 -21.98
CA PRO D 432 9.66 -17.93 -21.73
C PRO D 432 11.03 -17.25 -21.90
N GLY D 433 12.06 -17.91 -21.35
CA GLY D 433 13.44 -17.43 -21.43
C GLY D 433 14.10 -17.74 -22.77
N TYR D 434 15.37 -17.34 -22.86
CA TYR D 434 16.16 -17.38 -24.09
C TYR D 434 16.13 -18.77 -24.74
N ASN D 435 16.47 -19.82 -24.00
CA ASN D 435 16.63 -21.14 -24.57
C ASN D 435 15.31 -21.67 -25.16
N ALA D 436 14.18 -21.43 -24.48
CA ALA D 436 12.89 -21.89 -24.99
C ALA D 436 12.60 -21.28 -26.36
N TRP D 437 12.99 -20.01 -26.55
CA TRP D 437 12.81 -19.33 -27.82
C TRP D 437 13.82 -19.79 -28.87
N ARG D 438 15.07 -20.03 -28.45
CA ARG D 438 16.05 -20.67 -29.32
C ARG D 438 15.45 -21.94 -29.90
N ARG D 439 14.90 -22.80 -29.01
CA ARG D 439 14.34 -24.09 -29.38
C ARG D 439 13.17 -23.91 -30.33
N PHE D 440 12.30 -22.95 -30.00
CA PHE D 440 11.15 -22.63 -30.84
C PHE D 440 11.61 -22.32 -32.27
N CYS D 441 12.77 -21.67 -32.38
CA CYS D 441 13.29 -21.20 -33.67
C CYS D 441 14.11 -22.26 -34.37
N GLY D 442 14.32 -23.41 -33.73
CA GLY D 442 15.19 -24.43 -34.27
C GLY D 442 16.66 -24.07 -34.16
N LEU D 443 17.04 -23.37 -33.08
CA LEU D 443 18.43 -23.01 -32.84
C LEU D 443 18.97 -23.77 -31.64
N PRO D 444 20.28 -24.08 -31.60
CA PRO D 444 20.89 -24.72 -30.43
C PRO D 444 20.69 -23.94 -29.14
N GLN D 445 20.47 -24.68 -28.05
CA GLN D 445 20.24 -24.11 -26.73
C GLN D 445 21.46 -24.33 -25.84
N PRO D 446 22.29 -23.31 -25.57
CA PRO D 446 23.41 -23.45 -24.64
C PRO D 446 22.97 -23.72 -23.21
N GLU D 447 23.58 -24.74 -22.58
CA GLU D 447 23.29 -25.09 -21.19
C GLU D 447 24.37 -24.56 -20.25
N THR D 448 25.61 -24.43 -20.75
CA THR D 448 26.76 -24.06 -19.92
C THR D 448 27.29 -22.70 -20.38
N VAL D 449 28.13 -22.12 -19.52
CA VAL D 449 28.72 -20.81 -19.80
C VAL D 449 29.61 -20.91 -21.04
N GLY D 450 30.28 -22.06 -21.21
CA GLY D 450 31.14 -22.28 -22.36
C GLY D 450 30.36 -22.34 -23.67
N GLN D 451 29.22 -23.02 -23.65
CA GLN D 451 28.36 -23.10 -24.83
C GLN D 451 27.78 -21.73 -25.13
N LEU D 452 27.41 -20.97 -24.07
CA LEU D 452 26.88 -19.63 -24.28
C LEU D 452 27.97 -18.73 -24.86
N GLY D 453 29.21 -18.87 -24.37
CA GLY D 453 30.35 -18.18 -24.96
C GLY D 453 30.46 -18.38 -26.47
N THR D 454 30.32 -19.63 -26.91
CA THR D 454 30.36 -19.99 -28.33
C THR D 454 29.25 -19.29 -29.11
N VAL D 455 28.02 -19.36 -28.57
CA VAL D 455 26.84 -18.80 -29.20
C VAL D 455 27.01 -17.28 -29.38
N LEU D 456 27.56 -16.60 -28.36
CA LEU D 456 27.70 -15.16 -28.36
C LEU D 456 29.02 -14.72 -28.99
N ARG D 457 29.90 -15.68 -29.27
CA ARG D 457 31.30 -15.44 -29.65
C ARG D 457 31.94 -14.45 -28.69
N ASN D 458 31.69 -14.65 -27.39
CA ASN D 458 32.07 -13.69 -26.37
C ASN D 458 31.90 -14.35 -25.00
N LEU D 459 32.99 -14.89 -24.46
CA LEU D 459 32.94 -15.63 -23.21
C LEU D 459 32.77 -14.66 -22.05
N LYS D 460 33.29 -13.44 -22.18
CA LYS D 460 33.15 -12.46 -21.12
C LYS D 460 31.68 -12.16 -20.88
N LEU D 461 30.93 -11.82 -21.94
CA LEU D 461 29.50 -11.52 -21.84
C LEU D 461 28.70 -12.74 -21.35
N ALA D 462 29.02 -13.93 -21.86
CA ALA D 462 28.44 -15.16 -21.38
C ALA D 462 28.60 -15.30 -19.86
N ARG D 463 29.76 -14.91 -19.31
CA ARG D 463 30.00 -15.06 -17.89
C ARG D 463 29.13 -14.10 -17.08
N LYS D 464 29.01 -12.85 -17.56
CA LYS D 464 28.20 -11.82 -16.92
C LYS D 464 26.73 -12.26 -16.86
N LEU D 465 26.24 -12.84 -17.96
CA LEU D 465 24.86 -13.28 -18.07
C LEU D 465 24.58 -14.44 -17.11
N MET D 466 25.54 -15.36 -16.96
CA MET D 466 25.37 -16.51 -16.09
C MET D 466 25.46 -16.06 -14.62
N GLU D 467 26.24 -15.01 -14.36
CA GLU D 467 26.32 -14.48 -13.01
C GLU D 467 24.95 -13.91 -12.61
N GLN D 468 24.28 -13.20 -13.52
CA GLN D 468 22.94 -12.66 -13.26
C GLN D 468 21.87 -13.74 -13.21
N TYR D 469 21.86 -14.63 -14.22
CA TYR D 469 20.71 -15.47 -14.51
C TYR D 469 20.88 -16.91 -14.02
N GLY D 470 22.12 -17.41 -13.90
CA GLY D 470 22.38 -18.76 -13.39
C GLY D 470 22.29 -19.84 -14.47
N THR D 471 21.33 -19.68 -15.41
CA THR D 471 21.18 -20.59 -16.52
C THR D 471 20.74 -19.79 -17.74
N PRO D 472 21.15 -20.19 -18.97
CA PRO D 472 20.63 -19.57 -20.19
C PRO D 472 19.14 -19.79 -20.39
N ASN D 473 18.54 -20.72 -19.61
CA ASN D 473 17.12 -20.94 -19.68
C ASN D 473 16.35 -19.74 -19.16
N ASN D 474 17.00 -18.91 -18.32
CA ASN D 474 16.30 -17.88 -17.57
C ASN D 474 16.57 -16.48 -18.14
N ILE D 475 17.43 -16.37 -19.15
CA ILE D 475 17.76 -15.08 -19.72
C ILE D 475 16.52 -14.50 -20.38
N ASP D 476 16.20 -13.25 -20.03
CA ASP D 476 15.06 -12.53 -20.57
C ASP D 476 15.27 -12.39 -22.08
N ILE D 477 14.17 -12.58 -22.82
CA ILE D 477 14.19 -12.63 -24.27
C ILE D 477 14.85 -11.37 -24.87
N TRP D 478 14.53 -10.18 -24.36
CA TRP D 478 15.13 -8.97 -24.94
C TRP D 478 16.65 -9.04 -24.78
N MET D 479 17.08 -9.34 -23.54
CA MET D 479 18.48 -9.27 -23.15
C MET D 479 19.27 -10.29 -23.96
N GLY D 480 18.77 -11.52 -24.01
CA GLY D 480 19.40 -12.57 -24.80
C GLY D 480 19.46 -12.20 -26.28
N GLY D 481 18.31 -11.78 -26.85
CA GLY D 481 18.19 -11.42 -28.25
C GLY D 481 19.23 -10.40 -28.71
N VAL D 482 19.40 -9.31 -27.94
CA VAL D 482 20.27 -8.19 -28.31
C VAL D 482 21.73 -8.46 -27.93
N SER D 483 21.99 -9.50 -27.13
CA SER D 483 23.36 -9.90 -26.80
C SER D 483 24.02 -10.66 -27.93
N GLU D 484 23.21 -11.27 -28.82
CA GLU D 484 23.68 -12.14 -29.89
C GLU D 484 24.45 -11.32 -30.94
N PRO D 485 25.54 -11.88 -31.52
CA PRO D 485 26.22 -11.24 -32.64
C PRO D 485 25.32 -11.13 -33.87
N LEU D 486 25.45 -10.02 -34.59
CA LEU D 486 24.52 -9.64 -35.65
C LEU D 486 24.75 -10.52 -36.89
N LYS D 487 23.68 -10.73 -37.66
CA LYS D 487 23.74 -11.43 -38.92
C LYS D 487 24.50 -10.58 -39.93
N ARG D 488 25.06 -11.25 -40.93
CA ARG D 488 25.76 -10.56 -42.01
C ARG D 488 24.77 -9.62 -42.68
N LYS D 489 25.12 -8.32 -42.65
CA LYS D 489 24.38 -7.23 -43.30
C LYS D 489 23.00 -7.02 -42.68
N GLY D 490 22.84 -7.47 -41.44
CA GLY D 490 21.65 -7.20 -40.66
C GLY D 490 22.03 -6.58 -39.32
N ARG D 491 21.01 -6.25 -38.53
CA ARG D 491 21.22 -5.59 -37.25
C ARG D 491 20.52 -6.33 -36.11
N VAL D 492 20.26 -7.62 -36.30
CA VAL D 492 19.81 -8.52 -35.25
C VAL D 492 20.55 -9.85 -35.37
N GLY D 493 20.61 -10.60 -34.26
CA GLY D 493 21.14 -11.95 -34.26
C GLY D 493 20.11 -12.98 -34.78
N PRO D 494 20.48 -14.28 -34.83
CA PRO D 494 19.60 -15.33 -35.35
C PRO D 494 18.23 -15.47 -34.69
N LEU D 495 18.19 -15.29 -33.37
CA LEU D 495 16.97 -15.47 -32.61
C LEU D 495 15.95 -14.37 -32.93
N LEU D 496 16.39 -13.11 -32.87
CA LEU D 496 15.50 -12.00 -33.17
C LEU D 496 15.12 -12.02 -34.66
N ALA D 497 16.06 -12.47 -35.49
CA ALA D 497 15.79 -12.61 -36.92
C ALA D 497 14.60 -13.54 -37.12
N CYS D 498 14.64 -14.66 -36.41
CA CYS D 498 13.59 -15.67 -36.53
C CYS D 498 12.24 -15.12 -36.05
N ILE D 499 12.24 -14.49 -34.88
CA ILE D 499 10.98 -13.98 -34.36
C ILE D 499 10.41 -12.90 -35.28
N ILE D 500 11.25 -11.92 -35.64
CA ILE D 500 10.79 -10.75 -36.39
C ILE D 500 10.40 -11.19 -37.81
N GLY D 501 11.25 -12.02 -38.43
CA GLY D 501 10.97 -12.56 -39.74
C GLY D 501 9.64 -13.31 -39.78
N THR D 502 9.47 -14.22 -38.82
CA THR D 502 8.27 -15.02 -38.75
C THR D 502 7.04 -14.12 -38.66
N GLN D 503 7.11 -13.08 -37.81
CA GLN D 503 5.98 -12.19 -37.60
C GLN D 503 5.59 -11.47 -38.89
N PHE D 504 6.57 -10.88 -39.59
CA PHE D 504 6.28 -10.05 -40.74
C PHE D 504 5.80 -10.92 -41.91
N ARG D 505 6.25 -12.18 -41.97
CA ARG D 505 5.72 -13.06 -42.98
C ARG D 505 4.22 -13.26 -42.80
N LYS D 506 3.76 -13.39 -41.56
CA LYS D 506 2.35 -13.63 -41.27
C LYS D 506 1.51 -12.40 -41.57
N LEU D 507 2.06 -11.21 -41.28
CA LEU D 507 1.38 -9.94 -41.55
C LEU D 507 1.21 -9.73 -43.06
N ARG D 508 2.10 -10.34 -43.87
CA ARG D 508 2.05 -10.23 -45.32
C ARG D 508 1.12 -11.28 -45.93
N ASP D 509 1.42 -12.56 -45.69
CA ASP D 509 0.72 -13.67 -46.33
C ASP D 509 -0.72 -13.77 -45.82
N GLY D 510 -0.99 -13.23 -44.61
CA GLY D 510 -2.32 -13.34 -44.00
C GLY D 510 -3.11 -12.03 -44.04
N ASP D 511 -2.62 -11.06 -44.83
CA ASP D 511 -3.32 -9.79 -45.08
C ASP D 511 -4.05 -9.86 -46.42
N ARG D 512 -5.38 -9.84 -46.38
CA ARG D 512 -6.22 -9.92 -47.56
C ARG D 512 -6.07 -8.67 -48.43
N PHE D 513 -5.64 -7.57 -47.79
CA PHE D 513 -5.47 -6.29 -48.48
C PHE D 513 -3.99 -5.98 -48.72
N TRP D 514 -3.14 -7.02 -48.75
CA TRP D 514 -1.74 -6.80 -49.12
C TRP D 514 -1.70 -6.22 -50.53
N TRP D 515 -0.81 -5.24 -50.75
CA TRP D 515 -0.82 -4.44 -51.97
C TRP D 515 -0.57 -5.28 -53.23
N GLU D 516 0.16 -6.40 -53.13
CA GLU D 516 0.40 -7.27 -54.29
C GLU D 516 -0.70 -8.31 -54.49
N ASN D 517 -1.67 -8.40 -53.56
CA ASN D 517 -2.71 -9.41 -53.67
C ASN D 517 -3.62 -9.04 -54.85
N GLU D 518 -3.90 -10.03 -55.71
CA GLU D 518 -4.76 -9.84 -56.86
C GLU D 518 -6.11 -9.27 -56.39
N GLY D 519 -6.47 -8.10 -56.92
CA GLY D 519 -7.79 -7.54 -56.72
C GLY D 519 -7.77 -6.29 -55.85
N VAL D 520 -6.64 -5.99 -55.19
CA VAL D 520 -6.57 -4.83 -54.32
C VAL D 520 -6.27 -3.61 -55.20
N PHE D 521 -5.22 -3.73 -56.02
CA PHE D 521 -4.80 -2.71 -56.98
C PHE D 521 -4.81 -3.36 -58.37
N SER D 522 -5.05 -2.54 -59.40
CA SER D 522 -4.86 -2.98 -60.78
C SER D 522 -3.37 -3.15 -61.06
N MET D 523 -3.05 -3.79 -62.18
CA MET D 523 -1.66 -4.08 -62.53
C MET D 523 -0.90 -2.79 -62.83
N GLN D 524 -1.62 -1.74 -63.24
CA GLN D 524 -1.04 -0.46 -63.62
C GLN D 524 -0.76 0.36 -62.36
N GLN D 525 -1.64 0.22 -61.36
CA GLN D 525 -1.49 0.87 -60.06
C GLN D 525 -0.29 0.28 -59.32
N ARG D 526 -0.06 -1.04 -59.46
CA ARG D 526 1.08 -1.69 -58.84
C ARG D 526 2.39 -1.28 -59.52
N GLN D 527 2.35 -1.12 -60.85
CA GLN D 527 3.51 -0.61 -61.57
C GLN D 527 3.92 0.75 -61.02
N ALA D 528 2.90 1.59 -60.79
CA ALA D 528 3.08 2.97 -60.33
C ALA D 528 3.61 3.00 -58.90
N LEU D 529 3.03 2.16 -58.03
CA LEU D 529 3.37 2.10 -56.61
C LEU D 529 4.80 1.61 -56.40
N ALA D 530 5.30 0.74 -57.31
CA ALA D 530 6.65 0.21 -57.20
C ALA D 530 7.69 1.32 -57.22
N GLN D 531 7.29 2.54 -57.66
CA GLN D 531 8.20 3.65 -57.90
C GLN D 531 8.39 4.52 -56.65
N ILE D 532 7.50 4.39 -55.67
CA ILE D 532 7.51 5.26 -54.50
C ILE D 532 8.79 4.99 -53.68
N SER D 533 9.17 5.99 -52.90
CA SER D 533 10.26 5.86 -51.93
C SER D 533 10.07 6.90 -50.86
N LEU D 534 10.81 6.76 -49.75
CA LEU D 534 10.66 7.66 -48.62
C LEU D 534 11.34 9.00 -48.92
N PRO D 535 12.52 9.04 -49.58
CA PRO D 535 13.07 10.32 -50.02
C PRO D 535 12.03 11.12 -50.82
N ARG D 536 11.34 10.47 -51.77
CA ARG D 536 10.34 11.13 -52.58
C ARG D 536 9.25 11.74 -51.71
N ILE D 537 8.80 11.01 -50.69
CA ILE D 537 7.71 11.47 -49.86
C ILE D 537 8.16 12.69 -49.06
N ILE D 538 9.44 12.74 -48.67
CA ILE D 538 9.99 13.88 -47.94
C ILE D 538 10.02 15.11 -48.87
N CYS D 539 10.49 14.92 -50.10
CA CYS D 539 10.49 15.96 -51.12
C CYS D 539 9.09 16.56 -51.32
N ASP D 540 8.09 15.68 -51.52
CA ASP D 540 6.76 16.10 -51.89
C ASP D 540 6.07 16.91 -50.77
N ASN D 541 6.55 16.80 -49.53
CA ASN D 541 5.76 17.23 -48.38
C ASN D 541 6.54 18.09 -47.38
N THR D 542 7.76 18.50 -47.75
CA THR D 542 8.56 19.35 -46.90
C THR D 542 9.24 20.43 -47.75
N GLY D 543 9.97 21.32 -47.06
CA GLY D 543 10.79 22.31 -47.72
C GLY D 543 12.22 21.81 -47.99
N ILE D 544 12.41 20.49 -47.94
CA ILE D 544 13.71 19.86 -48.19
C ILE D 544 13.81 19.59 -49.68
N THR D 545 14.98 19.91 -50.28
CA THR D 545 15.21 19.71 -51.71
C THR D 545 16.40 18.79 -51.97
N THR D 546 17.18 18.46 -50.93
CA THR D 546 18.26 17.48 -51.05
C THR D 546 18.03 16.36 -50.05
N VAL D 547 17.99 15.11 -50.55
CA VAL D 547 17.57 13.94 -49.79
C VAL D 547 18.56 12.80 -49.98
N SER D 548 18.37 11.71 -49.19
CA SER D 548 19.20 10.52 -49.23
C SER D 548 19.02 9.78 -50.56
N LYS D 549 20.13 9.18 -51.03
CA LYS D 549 20.09 8.19 -52.09
C LYS D 549 19.46 6.90 -51.60
N ASN D 550 18.86 6.14 -52.52
CA ASN D 550 18.16 4.93 -52.15
C ASN D 550 19.14 3.83 -51.81
N ASN D 551 19.40 3.71 -50.51
CA ASN D 551 18.47 3.08 -49.59
C ASN D 551 18.53 4.04 -48.41
N ILE D 552 17.43 4.76 -48.15
CA ILE D 552 17.44 5.85 -47.18
C ILE D 552 17.93 5.37 -45.81
N PHE D 553 17.78 4.06 -45.54
CA PHE D 553 18.12 3.49 -44.25
C PHE D 553 19.61 3.18 -44.15
N MET D 554 20.33 3.23 -45.29
CA MET D 554 21.76 2.96 -45.38
C MET D 554 22.53 4.27 -45.58
N SER D 555 22.09 5.09 -46.54
CA SER D 555 22.62 6.43 -46.80
C SER D 555 22.61 7.27 -45.53
N ASN D 556 23.78 7.70 -45.06
CA ASN D 556 23.86 8.41 -43.79
C ASN D 556 24.91 9.52 -43.75
N SER D 557 25.49 9.91 -44.89
CA SER D 557 26.60 10.87 -44.88
C SER D 557 26.38 11.94 -45.93
N TYR D 558 26.28 13.21 -45.48
CA TYR D 558 26.21 14.36 -46.37
C TYR D 558 27.60 14.62 -46.97
N PRO D 559 27.72 15.45 -48.02
CA PRO D 559 27.05 15.20 -49.31
C PRO D 559 27.16 13.87 -50.06
N ARG D 560 28.08 12.99 -49.63
CA ARG D 560 28.38 11.76 -50.35
C ARG D 560 27.11 11.02 -50.79
N ASP D 561 26.13 10.87 -49.89
CA ASP D 561 25.01 9.95 -50.10
C ASP D 561 23.70 10.69 -50.42
N PHE D 562 23.79 11.90 -51.02
CA PHE D 562 22.61 12.75 -51.21
C PHE D 562 22.41 13.14 -52.68
N VAL D 563 21.15 13.48 -53.04
CA VAL D 563 20.74 13.87 -54.39
C VAL D 563 19.67 14.95 -54.32
N ASN D 564 19.42 15.61 -55.46
CA ASN D 564 18.40 16.63 -55.55
C ASN D 564 17.06 15.93 -55.77
N CYS D 565 16.01 16.54 -55.24
CA CYS D 565 14.66 16.02 -55.32
C CYS D 565 14.19 15.85 -56.76
N SER D 566 14.70 16.69 -57.66
CA SER D 566 14.29 16.69 -59.05
C SER D 566 14.73 15.40 -59.77
N THR D 567 15.71 14.68 -59.19
CA THR D 567 16.27 13.50 -59.84
C THR D 567 15.40 12.25 -59.60
N LEU D 568 14.45 12.31 -58.65
CA LEU D 568 13.75 11.14 -58.19
C LEU D 568 12.39 11.00 -58.88
N PRO D 569 11.93 9.77 -59.19
CA PRO D 569 10.62 9.61 -59.84
C PRO D 569 9.48 9.90 -58.86
N ALA D 570 8.43 10.61 -59.31
CA ALA D 570 7.25 10.85 -58.49
C ALA D 570 6.25 9.71 -58.67
N LEU D 571 5.20 9.70 -57.84
CA LEU D 571 4.13 8.73 -58.00
C LEU D 571 3.17 9.25 -59.07
N ASN D 572 3.02 8.47 -60.14
CA ASN D 572 2.09 8.78 -61.21
C ASN D 572 0.72 8.22 -60.87
N LEU D 573 -0.24 9.11 -60.60
CA LEU D 573 -1.60 8.70 -60.23
C LEU D 573 -2.50 8.53 -61.45
N ALA D 574 -1.94 8.42 -62.67
CA ALA D 574 -2.74 8.40 -63.87
C ALA D 574 -3.76 7.26 -63.82
N SER D 575 -3.33 6.09 -63.32
CA SER D 575 -4.09 4.86 -63.34
C SER D 575 -5.23 4.84 -62.33
N TRP D 576 -5.40 5.92 -61.56
CA TRP D 576 -6.48 6.02 -60.58
C TRP D 576 -7.68 6.77 -61.15
N ARG D 577 -7.59 7.21 -62.42
CA ARG D 577 -8.62 8.05 -63.04
C ARG D 577 -9.80 7.17 -63.47
N GLU D 578 -11.02 7.72 -63.36
CA GLU D 578 -12.25 7.02 -63.75
C GLU D 578 -13.20 7.89 -64.56
N ALA D 579 -12.97 8.05 -65.88
CA ALA D 579 -13.80 8.89 -66.74
C ALA D 579 -14.97 8.07 -67.32
N THR E 1 39.18 45.85 27.38
CA THR E 1 39.15 44.50 28.01
C THR E 1 37.84 44.35 28.78
N CYS E 2 37.35 43.11 28.93
CA CYS E 2 36.08 42.87 29.60
C CYS E 2 36.29 42.72 31.11
N PRO E 3 35.45 43.37 31.96
CA PRO E 3 35.42 43.04 33.38
C PRO E 3 35.36 41.52 33.58
N GLU E 4 36.14 41.00 34.53
CA GLU E 4 36.23 39.56 34.76
C GLU E 4 35.01 39.07 35.55
N GLN E 5 34.38 39.96 36.33
CA GLN E 5 33.01 39.74 36.80
C GLN E 5 32.14 40.93 36.42
N ASP E 6 30.84 40.66 36.26
CA ASP E 6 29.85 41.69 36.01
C ASP E 6 28.49 41.11 36.35
N LYS E 7 27.54 42.00 36.61
CA LYS E 7 26.26 41.60 37.16
C LYS E 7 25.16 41.87 36.13
N TYR E 8 25.39 42.87 35.25
CA TYR E 8 24.37 43.37 34.36
C TYR E 8 24.91 43.43 32.94
N ARG E 9 23.97 43.40 31.99
CA ARG E 9 24.29 43.64 30.60
C ARG E 9 24.86 45.05 30.43
N THR E 10 25.85 45.19 29.53
CA THR E 10 26.17 46.48 28.95
C THR E 10 25.03 46.91 28.06
N ILE E 11 24.97 48.21 27.75
CA ILE E 11 23.91 48.73 26.90
C ILE E 11 24.14 48.25 25.46
N THR E 12 25.41 48.31 25.01
CA THR E 12 25.78 48.01 23.64
C THR E 12 25.84 46.51 23.37
N GLY E 13 25.84 45.69 24.43
CA GLY E 13 26.00 44.25 24.27
C GLY E 13 27.46 43.81 24.21
N MET E 14 28.39 44.76 24.16
CA MET E 14 29.82 44.50 24.33
C MET E 14 29.97 43.58 25.54
N CYS E 15 30.75 42.50 25.41
CA CYS E 15 31.26 41.73 26.53
C CYS E 15 30.29 40.65 27.00
N ASN E 16 29.17 40.47 26.28
CA ASN E 16 28.29 39.35 26.54
C ASN E 16 29.08 38.06 26.33
N ASN E 17 29.73 37.96 25.16
CA ASN E 17 30.63 36.85 24.87
C ASN E 17 32.05 37.33 25.20
N ARG E 18 32.70 36.68 26.17
CA ARG E 18 33.97 37.20 26.67
C ARG E 18 35.11 36.88 25.70
N ARG E 19 35.04 35.74 24.96
CA ARG E 19 36.10 35.36 24.05
C ARG E 19 36.08 36.19 22.76
N SER E 20 34.88 36.55 22.27
CA SER E 20 34.74 37.42 21.10
C SER E 20 33.75 38.53 21.46
N PRO E 21 34.20 39.55 22.22
CA PRO E 21 33.28 40.44 22.90
C PRO E 21 32.36 41.35 22.08
N THR E 22 32.55 41.42 20.75
CA THR E 22 31.64 42.22 19.94
C THR E 22 30.42 41.43 19.47
N LEU E 23 30.41 40.09 19.66
CA LEU E 23 29.31 39.26 19.19
C LEU E 23 28.00 39.63 19.90
N GLY E 24 27.05 40.13 19.09
CA GLY E 24 25.75 40.54 19.57
C GLY E 24 25.70 42.00 19.97
N ALA E 25 26.83 42.69 19.89
CA ALA E 25 26.91 44.11 20.19
C ALA E 25 26.37 44.91 19.01
N SER E 26 26.04 46.17 19.33
CA SER E 26 25.41 47.09 18.40
C SER E 26 26.46 47.64 17.44
N ASN E 27 25.99 48.04 16.25
CA ASN E 27 26.78 48.68 15.20
C ASN E 27 27.90 47.75 14.73
N ARG E 28 27.54 46.50 14.42
CA ARG E 28 28.45 45.54 13.81
C ARG E 28 27.76 44.88 12.63
N ALA E 29 28.55 44.30 11.73
CA ALA E 29 28.01 43.63 10.56
C ALA E 29 27.17 42.41 11.00
N PHE E 30 26.11 42.14 10.22
CA PHE E 30 25.38 40.90 10.32
C PHE E 30 26.33 39.74 10.07
N VAL E 31 26.03 38.58 10.65
CA VAL E 31 26.64 37.34 10.23
C VAL E 31 25.93 36.85 8.95
N ARG E 32 26.68 36.15 8.10
CA ARG E 32 26.17 35.55 6.88
C ARG E 32 26.14 34.03 7.05
N TRP E 33 24.96 33.45 6.84
CA TRP E 33 24.81 32.00 6.91
C TRP E 33 25.09 31.36 5.55
N LEU E 34 25.03 32.18 4.49
CA LEU E 34 25.38 31.75 3.15
C LEU E 34 26.15 32.87 2.48
N PRO E 35 27.06 32.54 1.52
CA PRO E 35 27.74 33.55 0.71
C PRO E 35 26.76 34.43 -0.07
N ALA E 36 27.11 35.73 -0.16
CA ALA E 36 26.28 36.72 -0.81
C ALA E 36 26.24 36.47 -2.32
N GLU E 37 25.13 36.92 -2.94
CA GLU E 37 24.89 36.81 -4.37
C GLU E 37 24.52 38.22 -4.88
N TYR E 38 25.53 38.86 -5.46
CA TYR E 38 25.43 40.17 -6.08
C TYR E 38 25.70 40.02 -7.57
N GLU E 39 25.12 40.93 -8.35
CA GLU E 39 25.21 40.98 -9.80
C GLU E 39 26.67 40.96 -10.25
N ASP E 40 27.55 41.67 -9.53
CA ASP E 40 28.97 41.79 -9.87
C ASP E 40 29.83 40.98 -8.91
N GLY E 41 29.20 40.15 -8.07
CA GLY E 41 29.94 39.26 -7.17
C GLY E 41 30.15 39.83 -5.78
N PHE E 42 30.17 41.17 -5.64
CA PHE E 42 30.58 41.76 -4.37
C PHE E 42 29.80 43.02 -3.94
N SER E 43 28.93 43.63 -4.76
CA SER E 43 28.36 44.92 -4.34
C SER E 43 27.02 45.25 -4.97
N LEU E 44 26.85 45.03 -6.28
CA LEU E 44 25.67 45.53 -6.97
C LEU E 44 24.54 44.51 -6.90
N PRO E 45 23.31 44.95 -6.56
CA PRO E 45 22.21 44.03 -6.37
C PRO E 45 21.64 43.54 -7.69
N TYR E 46 21.02 42.36 -7.68
CA TYR E 46 20.34 41.88 -8.87
C TYR E 46 19.20 42.84 -9.20
N GLY E 47 19.05 43.14 -10.48
CA GLY E 47 18.11 44.17 -10.93
C GLY E 47 18.77 45.53 -11.15
N TRP E 48 20.09 45.61 -10.93
CA TRP E 48 20.76 46.90 -10.97
C TRP E 48 20.98 47.32 -12.42
N THR E 49 21.65 46.47 -13.19
CA THR E 49 21.96 46.74 -14.59
C THR E 49 20.85 46.15 -15.47
N PRO E 50 20.16 46.95 -16.32
CA PRO E 50 19.14 46.41 -17.22
C PRO E 50 19.72 45.33 -18.15
N GLY E 51 19.01 44.21 -18.26
CA GLY E 51 19.38 43.17 -19.20
C GLY E 51 20.25 42.08 -18.59
N VAL E 52 20.81 42.32 -17.41
CA VAL E 52 21.66 41.32 -16.73
C VAL E 52 20.78 40.31 -15.99
N LYS E 53 20.92 39.04 -16.35
CA LYS E 53 20.09 37.97 -15.79
C LYS E 53 20.66 37.48 -14.47
N ARG E 54 19.76 36.86 -13.67
CA ARG E 54 20.15 36.19 -12.46
C ARG E 54 20.07 34.69 -12.73
N ASN E 55 21.23 34.02 -12.74
CA ASN E 55 21.28 32.57 -12.72
C ASN E 55 20.47 32.03 -13.90
N GLY E 56 20.59 32.71 -15.05
CA GLY E 56 20.01 32.24 -16.31
C GLY E 56 18.67 32.90 -16.69
N PHE E 57 18.07 33.73 -15.82
CA PHE E 57 16.74 34.25 -16.08
C PHE E 57 16.64 35.73 -15.77
N PRO E 58 15.70 36.45 -16.42
CA PRO E 58 15.50 37.88 -16.17
C PRO E 58 15.09 38.10 -14.71
N VAL E 59 15.45 39.27 -14.19
CA VAL E 59 15.07 39.66 -12.85
C VAL E 59 13.67 40.27 -12.92
N ALA E 60 12.76 39.81 -12.07
CA ALA E 60 11.42 40.39 -11.96
C ALA E 60 11.47 41.68 -11.16
N LEU E 61 10.76 42.72 -11.61
CA LEU E 61 10.59 43.92 -10.79
C LEU E 61 9.90 43.55 -9.47
N ALA E 62 10.44 44.01 -8.34
CA ALA E 62 9.85 43.77 -7.05
C ALA E 62 8.39 44.22 -7.04
N ARG E 63 8.12 45.38 -7.66
CA ARG E 63 6.76 45.92 -7.73
C ARG E 63 5.87 45.03 -8.60
N ALA E 64 6.41 44.45 -9.68
CA ALA E 64 5.65 43.53 -10.51
C ALA E 64 5.29 42.27 -9.71
N VAL E 65 6.24 41.71 -8.96
CA VAL E 65 5.98 40.52 -8.17
C VAL E 65 4.90 40.81 -7.13
N SER E 66 5.01 41.96 -6.45
CA SER E 66 4.00 42.41 -5.50
C SER E 66 2.61 42.47 -6.17
N ASN E 67 2.50 43.10 -7.34
CA ASN E 67 1.24 43.27 -8.06
C ASN E 67 0.60 41.92 -8.41
N GLU E 68 1.39 41.00 -8.96
CA GLU E 68 0.86 39.77 -9.54
C GLU E 68 0.61 38.68 -8.50
N ILE E 69 1.21 38.79 -7.30
CA ILE E 69 1.24 37.67 -6.36
C ILE E 69 0.79 38.08 -4.96
N VAL E 70 1.14 39.27 -4.51
CA VAL E 70 0.84 39.69 -3.15
C VAL E 70 -0.54 40.36 -3.11
N ARG E 71 -0.83 41.18 -4.13
CA ARG E 71 -2.09 41.91 -4.23
C ARG E 71 -3.26 40.95 -4.14
N PHE E 72 -4.28 41.35 -3.36
CA PHE E 72 -5.54 40.61 -3.30
C PHE E 72 -6.66 41.60 -3.01
N PRO E 73 -7.93 41.27 -3.37
CA PRO E 73 -9.09 42.12 -3.02
C PRO E 73 -9.42 42.13 -1.53
N THR E 74 -9.60 43.33 -0.94
CA THR E 74 -9.66 43.49 0.51
C THR E 74 -10.88 42.80 1.14
N ASP E 75 -11.95 42.62 0.36
CA ASP E 75 -13.16 41.96 0.86
C ASP E 75 -12.90 40.48 1.16
N GLN E 76 -11.82 39.89 0.62
CA GLN E 76 -11.50 38.48 0.80
C GLN E 76 -10.79 38.22 2.14
N LEU E 77 -10.43 39.28 2.86
CA LEU E 77 -9.54 39.17 4.01
C LEU E 77 -10.07 38.12 4.99
N THR E 78 -9.20 37.17 5.39
CA THR E 78 -9.58 36.13 6.32
C THR E 78 -9.02 36.46 7.70
N PRO E 79 -9.86 36.58 8.75
CA PRO E 79 -9.35 36.72 10.11
C PRO E 79 -8.93 35.37 10.69
N ASP E 80 -7.87 35.41 11.51
CA ASP E 80 -7.30 34.22 12.13
C ASP E 80 -8.07 33.94 13.42
N GLN E 81 -8.81 32.82 13.43
CA GLN E 81 -9.65 32.48 14.57
C GLN E 81 -8.81 32.14 15.81
N GLU E 82 -7.50 31.89 15.63
CA GLU E 82 -6.67 31.35 16.70
C GLU E 82 -5.54 32.31 17.09
N ARG E 83 -5.55 33.55 16.57
CA ARG E 83 -4.49 34.50 16.87
C ARG E 83 -5.07 35.90 17.05
N SER E 84 -4.64 36.56 18.13
CA SER E 84 -4.98 37.95 18.38
C SER E 84 -4.09 38.85 17.53
N LEU E 85 -4.48 40.12 17.42
CA LEU E 85 -3.67 41.09 16.71
C LEU E 85 -2.45 41.45 17.57
N MET E 86 -2.50 41.09 18.86
CA MET E 86 -1.37 41.23 19.76
C MET E 86 -0.21 40.33 19.31
N PHE E 87 -0.53 39.21 18.62
CA PHE E 87 0.47 38.32 18.05
C PHE E 87 1.28 39.06 16.97
N MET E 88 0.59 39.81 16.11
CA MET E 88 1.24 40.65 15.12
C MET E 88 2.15 41.66 15.83
N GLN E 89 1.61 42.35 16.84
CA GLN E 89 2.28 43.52 17.39
C GLN E 89 3.50 43.14 18.23
N TRP E 90 3.44 42.00 18.92
CA TRP E 90 4.57 41.55 19.69
C TRP E 90 5.72 41.19 18.75
N GLY E 91 5.38 40.69 17.56
CA GLY E 91 6.40 40.36 16.57
C GLY E 91 7.21 41.58 16.14
N GLN E 92 6.50 42.68 15.86
CA GLN E 92 7.14 43.91 15.43
C GLN E 92 8.02 44.44 16.56
N LEU E 93 7.48 44.42 17.78
CA LEU E 93 8.18 44.95 18.93
C LEU E 93 9.45 44.14 19.19
N LEU E 94 9.35 42.81 19.11
CA LEU E 94 10.48 41.91 19.26
C LEU E 94 11.54 42.17 18.18
N ASP E 95 11.11 42.24 16.91
CA ASP E 95 11.97 42.59 15.80
C ASP E 95 12.79 43.83 16.16
N HIS E 96 12.17 44.81 16.82
CA HIS E 96 12.83 46.07 17.11
C HIS E 96 13.75 45.94 18.33
N ASP E 97 13.73 44.77 18.97
CA ASP E 97 14.73 44.41 19.97
C ASP E 97 15.95 43.79 19.27
N LEU E 98 15.79 43.21 18.07
CA LEU E 98 16.81 42.34 17.52
C LEU E 98 17.67 43.03 16.46
N ASP E 99 17.02 43.70 15.48
CA ASP E 99 17.72 44.20 14.33
C ASP E 99 17.13 45.52 13.81
N PHE E 100 18.04 46.47 13.53
CA PHE E 100 17.76 47.66 12.76
C PHE E 100 18.93 47.87 11.79
N THR E 101 18.60 47.93 10.48
CA THR E 101 19.57 48.02 9.43
C THR E 101 19.62 49.46 8.93
N PRO E 102 20.64 50.26 9.33
CA PRO E 102 20.68 51.68 8.95
C PRO E 102 20.88 51.94 7.46
N GLU E 103 20.26 53.05 6.99
CA GLU E 103 20.39 53.57 5.63
C GLU E 103 21.03 54.95 5.66
N PRO E 104 21.64 55.42 4.55
CA PRO E 104 22.36 56.69 4.57
C PRO E 104 21.45 57.91 4.70
N ALA E 105 21.97 58.94 5.42
CA ALA E 105 21.32 60.24 5.53
C ALA E 105 21.65 61.05 4.27
N ALA E 106 20.64 61.78 3.76
CA ALA E 106 20.77 62.42 2.45
C ALA E 106 21.57 63.70 2.68
N VAL E 114 21.89 63.14 -1.16
CA VAL E 114 22.05 61.99 -2.11
C VAL E 114 20.77 61.85 -2.94
N ASN E 115 19.60 62.00 -2.28
CA ASN E 115 18.39 62.48 -2.90
C ASN E 115 17.53 61.33 -3.45
N CYS E 116 17.58 60.18 -2.75
CA CYS E 116 16.84 58.99 -3.13
C CYS E 116 15.34 59.15 -2.89
N GLU E 117 14.95 60.16 -2.10
CA GLU E 117 13.58 60.41 -1.71
C GLU E 117 12.81 61.15 -2.81
N THR E 118 13.50 61.92 -3.67
CA THR E 118 12.83 62.66 -4.74
C THR E 118 13.32 62.29 -6.13
N SER E 119 14.49 61.64 -6.24
CA SER E 119 15.06 61.30 -7.53
C SER E 119 14.82 59.83 -7.85
N CYS E 120 14.61 59.56 -9.14
CA CYS E 120 14.44 58.21 -9.65
C CYS E 120 15.65 57.78 -10.46
N VAL E 121 16.73 58.57 -10.37
CA VAL E 121 17.98 58.24 -11.02
C VAL E 121 18.65 57.16 -10.17
N GLN E 122 19.16 56.11 -10.84
CA GLN E 122 19.79 55.01 -10.15
C GLN E 122 21.28 55.27 -10.00
N GLN E 123 21.62 55.98 -8.93
CA GLN E 123 22.97 56.40 -8.65
C GLN E 123 23.23 56.13 -7.17
N PRO E 124 24.38 55.54 -6.79
CA PRO E 124 24.65 55.22 -5.38
C PRO E 124 24.37 56.42 -4.49
N PRO E 125 23.71 56.26 -3.31
CA PRO E 125 23.27 54.95 -2.79
C PRO E 125 21.81 54.54 -3.05
N CYS E 126 21.23 55.04 -4.14
CA CYS E 126 19.80 54.85 -4.40
C CYS E 126 19.62 53.59 -5.23
N PHE E 127 18.53 52.87 -4.95
CA PHE E 127 18.15 51.69 -5.71
C PHE E 127 16.65 51.71 -5.92
N PRO E 128 16.10 52.73 -6.61
CA PRO E 128 14.65 52.91 -6.71
C PRO E 128 13.97 51.76 -7.45
N LEU E 129 12.73 51.48 -7.01
CA LEU E 129 11.93 50.43 -7.61
C LEU E 129 11.26 50.97 -8.87
N LYS E 130 11.57 50.34 -10.01
CA LYS E 130 10.96 50.71 -11.28
C LYS E 130 9.48 50.28 -11.27
N ILE E 131 8.69 51.04 -12.03
CA ILE E 131 7.26 50.81 -12.14
C ILE E 131 6.97 49.95 -13.38
N PRO E 132 6.25 48.82 -13.26
CA PRO E 132 5.91 47.98 -14.41
C PRO E 132 4.78 48.62 -15.24
N PRO E 133 4.56 48.16 -16.50
CA PRO E 133 3.55 48.73 -17.36
C PRO E 133 2.09 48.85 -16.93
N ASN E 134 1.36 47.81 -16.48
CA ASN E 134 -0.04 48.03 -16.23
C ASN E 134 -0.23 48.08 -14.74
N ASP E 135 0.41 49.07 -14.10
CA ASP E 135 0.41 49.14 -12.65
C ASP E 135 -0.97 49.59 -12.20
N PRO E 136 -1.59 48.93 -11.20
CA PRO E 136 -2.89 49.36 -10.71
C PRO E 136 -2.96 50.78 -10.11
N ARG E 137 -1.82 51.36 -9.72
CA ARG E 137 -1.84 52.60 -8.94
C ARG E 137 -0.98 53.68 -9.58
N ILE E 138 0.26 53.32 -9.98
CA ILE E 138 1.23 54.29 -10.45
C ILE E 138 1.25 54.25 -11.97
N LYS E 139 0.59 55.25 -12.60
CA LYS E 139 0.41 55.27 -14.05
C LYS E 139 1.64 55.87 -14.73
N ASN E 140 2.35 56.76 -14.02
CA ASN E 140 3.57 57.38 -14.54
C ASN E 140 4.74 56.39 -14.42
N GLN E 141 5.20 55.86 -15.57
CA GLN E 141 6.28 54.89 -15.57
C GLN E 141 7.63 55.57 -15.42
N ALA E 142 7.67 56.91 -15.48
CA ALA E 142 8.92 57.65 -15.25
C ALA E 142 9.13 57.89 -13.76
N ASP E 143 8.10 57.58 -12.95
CA ASP E 143 8.16 57.68 -11.50
C ASP E 143 8.80 56.38 -11.01
N CYS E 144 8.83 56.25 -9.68
CA CYS E 144 9.50 55.14 -9.04
C CYS E 144 9.10 55.13 -7.56
N ILE E 145 9.35 54.01 -6.87
CA ILE E 145 9.22 53.96 -5.43
C ILE E 145 10.60 54.19 -4.81
N PRO E 146 10.77 55.21 -3.92
CA PRO E 146 12.06 55.52 -3.32
C PRO E 146 12.69 54.35 -2.57
N PHE E 147 14.02 54.22 -2.66
CA PHE E 147 14.72 53.18 -1.92
C PHE E 147 16.18 53.59 -1.71
N PHE E 148 16.61 53.66 -0.45
CA PHE E 148 18.02 53.80 -0.12
C PHE E 148 18.61 52.43 0.19
N ARG E 149 19.76 52.13 -0.40
CA ARG E 149 20.47 50.90 -0.06
C ARG E 149 20.91 50.97 1.40
N SER E 150 20.91 49.82 2.07
CA SER E 150 21.42 49.70 3.43
C SER E 150 22.89 50.14 3.48
N CSO E 151 23.20 50.96 4.58
CA CSO E 151 24.62 51.30 4.83
CB CSO E 151 24.80 52.00 6.18
SG CSO E 151 24.19 53.71 6.20
C CSO E 151 25.44 50.01 4.73
O CSO E 151 25.08 49.06 5.45
OD CSO E 151 25.28 54.67 5.41
N PRO E 152 26.65 50.00 3.94
CA PRO E 152 27.64 48.91 3.97
C PRO E 152 28.58 49.03 5.16
N ALA E 153 29.06 47.89 5.67
CA ALA E 153 29.97 47.87 6.80
C ALA E 153 31.33 48.45 6.43
N CYS E 154 31.72 48.29 5.15
CA CYS E 154 32.97 48.79 4.62
C CYS E 154 32.75 49.65 3.37
N PRO E 155 32.42 50.95 3.53
CA PRO E 155 32.04 51.78 2.39
C PRO E 155 33.14 51.98 1.36
N GLY E 156 32.78 51.82 0.07
CA GLY E 156 33.65 52.16 -1.04
C GLY E 156 34.70 51.10 -1.33
N SER E 157 34.59 49.90 -0.75
CA SER E 157 35.60 48.86 -0.91
C SER E 157 35.31 48.05 -2.18
N ASN E 158 36.38 47.77 -2.94
CA ASN E 158 36.33 46.88 -4.09
C ASN E 158 36.81 45.49 -3.67
N ILE E 159 37.39 45.36 -2.46
CA ILE E 159 37.91 44.09 -1.96
C ILE E 159 36.81 43.32 -1.24
N THR E 160 36.11 43.95 -0.29
CA THR E 160 35.18 43.23 0.57
C THR E 160 33.89 42.89 -0.20
N ILE E 161 33.27 41.80 0.25
CA ILE E 161 31.91 41.47 -0.15
C ILE E 161 30.96 42.31 0.72
N ARG E 162 30.18 43.17 0.07
CA ARG E 162 29.29 44.09 0.76
C ARG E 162 28.43 43.31 1.76
N ASN E 163 28.41 43.80 2.99
CA ASN E 163 27.58 43.29 4.06
C ASN E 163 26.96 44.51 4.74
N GLN E 164 25.85 44.32 5.45
CA GLN E 164 25.08 45.39 6.07
C GLN E 164 25.27 45.36 7.58
N ILE E 165 24.72 46.37 8.27
CA ILE E 165 25.03 46.63 9.67
C ILE E 165 23.78 46.46 10.53
N ASN E 166 23.96 45.89 11.73
CA ASN E 166 22.92 45.83 12.74
C ASN E 166 23.26 46.87 13.81
N ALA E 167 22.37 47.85 13.96
CA ALA E 167 22.54 48.96 14.89
C ALA E 167 22.14 48.61 16.33
N LEU E 168 21.50 47.43 16.53
CA LEU E 168 20.98 47.05 17.83
C LEU E 168 21.77 45.86 18.39
N THR E 169 21.56 45.62 19.68
CA THR E 169 22.03 44.39 20.29
C THR E 169 21.15 43.25 19.80
N SER E 170 21.78 42.17 19.38
CA SER E 170 21.07 41.00 18.88
C SER E 170 20.26 40.35 20.00
N PHE E 171 20.72 40.48 21.25
CA PHE E 171 20.14 39.75 22.36
C PHE E 171 18.70 40.20 22.61
N VAL E 172 17.89 39.31 23.17
CA VAL E 172 16.57 39.68 23.66
C VAL E 172 16.74 40.31 25.04
N ASP E 173 16.98 41.64 25.04
CA ASP E 173 17.45 42.35 26.23
C ASP E 173 16.64 43.63 26.46
N ALA E 174 15.51 43.76 25.74
CA ALA E 174 14.65 44.93 25.82
C ALA E 174 15.40 46.20 25.41
N SER E 175 16.29 46.08 24.42
CA SER E 175 17.01 47.23 23.92
C SER E 175 16.08 48.23 23.25
N MET E 176 14.88 47.80 22.82
CA MET E 176 13.91 48.74 22.27
C MET E 176 13.35 49.66 23.38
N VAL E 177 13.60 49.31 24.64
CA VAL E 177 13.23 50.14 25.77
C VAL E 177 14.41 51.00 26.21
N TYR E 178 15.60 50.38 26.38
CA TYR E 178 16.70 51.04 27.07
C TYR E 178 17.71 51.70 26.11
N GLY E 179 17.66 51.32 24.82
CA GLY E 179 18.65 51.74 23.85
C GLY E 179 19.79 50.72 23.71
N SER E 180 20.52 50.83 22.60
CA SER E 180 21.66 49.97 22.28
C SER E 180 22.95 50.81 22.21
N GLU E 181 22.88 52.11 22.55
CA GLU E 181 24.05 52.97 22.59
C GLU E 181 23.99 53.81 23.86
N GLU E 182 25.15 54.16 24.43
CA GLU E 182 25.19 54.71 25.78
C GLU E 182 24.70 56.16 25.81
N PRO E 183 25.02 57.05 24.85
CA PRO E 183 24.41 58.37 24.79
C PRO E 183 22.88 58.33 24.87
N LEU E 184 22.23 57.56 23.99
CA LEU E 184 20.78 57.43 23.98
C LEU E 184 20.28 56.84 25.30
N ALA E 185 21.00 55.84 25.84
CA ALA E 185 20.53 55.17 27.06
C ALA E 185 20.48 56.11 28.26
N ARG E 186 21.39 57.10 28.32
CA ARG E 186 21.40 58.08 29.39
C ARG E 186 20.28 59.12 29.19
N ASN E 187 19.99 59.49 27.93
CA ASN E 187 18.93 60.45 27.63
C ASN E 187 17.54 59.90 27.95
N LEU E 188 17.40 58.56 27.90
CA LEU E 188 16.12 57.90 28.18
C LEU E 188 15.86 57.83 29.68
N ARG E 189 16.86 58.16 30.50
CA ARG E 189 16.76 58.03 31.95
C ARG E 189 16.38 59.37 32.58
N ASN E 190 15.67 59.26 33.72
CA ASN E 190 15.37 60.37 34.59
C ASN E 190 16.57 60.60 35.49
N MET E 191 17.37 61.63 35.18
N MET E 191 17.34 61.66 35.16
CA MET E 191 18.61 61.90 35.92
CA MET E 191 18.60 62.01 35.79
C MET E 191 18.38 63.04 36.93
C MET E 191 18.37 63.03 36.93
N SER E 192 17.10 63.37 37.20
CA SER E 192 16.71 64.37 38.19
C SER E 192 16.86 63.86 39.63
N ASN E 193 16.75 62.55 39.84
CA ASN E 193 16.68 61.98 41.18
C ASN E 193 17.43 60.65 41.20
N GLN E 194 17.35 59.93 42.33
CA GLN E 194 18.04 58.66 42.51
C GLN E 194 17.04 57.50 42.59
N LEU E 195 16.00 57.56 41.73
CA LEU E 195 14.94 56.57 41.75
C LEU E 195 15.12 55.52 40.64
N GLY E 196 16.07 55.76 39.71
CA GLY E 196 16.40 54.81 38.67
C GLY E 196 15.30 54.66 37.61
N LEU E 197 14.64 55.78 37.30
CA LEU E 197 13.48 55.79 36.44
C LEU E 197 13.88 56.12 35.00
N LEU E 198 12.99 55.77 34.08
CA LEU E 198 13.05 56.24 32.71
C LEU E 198 12.27 57.55 32.63
N ALA E 199 12.76 58.47 31.79
CA ALA E 199 12.10 59.74 31.51
C ALA E 199 10.74 59.47 30.89
N VAL E 200 9.77 60.32 31.31
CA VAL E 200 8.39 60.30 30.86
C VAL E 200 8.06 61.66 30.25
N ASN E 201 6.96 61.71 29.50
CA ASN E 201 6.52 62.91 28.80
C ASN E 201 6.25 63.99 29.85
N GLN E 202 6.79 65.19 29.63
CA GLN E 202 6.64 66.30 30.57
C GLN E 202 5.46 67.21 30.19
N ARG E 203 4.77 66.94 29.07
CA ARG E 203 3.75 67.84 28.55
C ARG E 203 2.37 67.18 28.57
N PHE E 204 2.32 65.83 28.59
CA PHE E 204 1.06 65.12 28.54
C PHE E 204 1.09 63.86 29.40
N GLN E 205 -0.11 63.43 29.82
CA GLN E 205 -0.32 62.18 30.53
C GLN E 205 -1.53 61.48 29.91
N ASP E 206 -1.61 60.15 30.15
CA ASP E 206 -2.71 59.33 29.65
C ASP E 206 -3.52 58.88 30.86
N ASN E 207 -4.55 59.67 31.19
CA ASN E 207 -5.39 59.48 32.37
C ASN E 207 -4.51 59.34 33.61
N GLY E 208 -3.55 60.26 33.76
CA GLY E 208 -2.71 60.30 34.95
C GLY E 208 -1.44 59.45 34.86
N ARG E 209 -1.37 58.55 33.86
CA ARG E 209 -0.23 57.65 33.70
C ARG E 209 0.72 58.18 32.61
N ALA E 210 1.96 57.65 32.60
CA ALA E 210 3.06 58.20 31.82
C ALA E 210 2.91 57.92 30.31
N LEU E 211 3.42 58.86 29.50
CA LEU E 211 3.67 58.63 28.08
C LEU E 211 5.17 58.73 27.79
N LEU E 212 5.58 58.28 26.62
CA LEU E 212 6.98 58.35 26.21
C LEU E 212 7.39 59.81 26.03
N PRO E 213 8.66 60.19 26.33
CA PRO E 213 9.15 61.53 26.00
C PRO E 213 8.99 61.79 24.51
N PHE E 214 9.04 63.06 24.11
CA PHE E 214 9.05 63.43 22.70
C PHE E 214 10.49 63.49 22.22
N ASP E 215 10.68 63.18 20.94
CA ASP E 215 11.97 63.27 20.30
C ASP E 215 12.06 64.66 19.66
N ASN E 216 13.30 65.07 19.38
CA ASN E 216 13.60 66.34 18.77
C ASN E 216 14.25 66.07 17.41
N LEU E 217 13.41 65.81 16.39
CA LEU E 217 13.88 65.40 15.07
C LEU E 217 13.96 66.61 14.16
N HIS E 218 14.93 66.61 13.23
CA HIS E 218 15.04 67.72 12.30
C HIS E 218 13.86 67.73 11.33
N ASP E 219 13.61 66.58 10.70
CA ASP E 219 12.45 66.37 9.85
C ASP E 219 11.54 65.31 10.48
N ASP E 220 10.63 65.79 11.35
CA ASP E 220 9.74 64.94 12.13
C ASP E 220 8.52 64.55 11.28
N PRO E 221 8.31 63.25 11.01
CA PRO E 221 7.17 62.81 10.19
C PRO E 221 5.83 62.75 10.92
N CYS E 222 5.86 62.68 12.25
CA CYS E 222 4.63 62.56 13.02
C CYS E 222 3.81 63.85 12.95
N LEU E 223 4.52 64.97 12.80
CA LEU E 223 3.92 66.28 12.63
C LEU E 223 3.14 66.38 11.33
N LEU E 224 3.54 65.62 10.29
CA LEU E 224 2.89 65.69 8.99
C LEU E 224 1.53 65.01 8.99
N THR E 225 1.27 64.11 9.97
CA THR E 225 0.09 63.27 9.92
C THR E 225 -1.16 64.04 10.37
N ASN E 226 -0.96 65.07 11.21
CA ASN E 226 -2.01 66.00 11.56
C ASN E 226 -1.36 67.36 11.85
N ARG E 227 -1.56 68.31 10.93
CA ARG E 227 -0.85 69.58 10.97
C ARG E 227 -1.27 70.39 12.17
N SER E 228 -2.59 70.48 12.43
CA SER E 228 -3.10 71.31 13.51
C SER E 228 -2.73 70.76 14.89
N ALA E 229 -2.63 69.43 15.02
CA ALA E 229 -2.38 68.79 16.31
C ALA E 229 -0.96 69.06 16.83
N ARG E 230 0.03 69.10 15.92
CA ARG E 230 1.39 69.48 16.27
C ARG E 230 1.95 68.56 17.37
N ILE E 231 1.82 67.24 17.18
CA ILE E 231 2.35 66.26 18.11
C ILE E 231 3.52 65.53 17.46
N PRO E 232 4.76 65.71 17.97
CA PRO E 232 5.94 65.08 17.39
C PRO E 232 6.08 63.61 17.76
N CYS E 233 7.09 62.98 17.17
CA CYS E 233 7.34 61.56 17.41
C CYS E 233 7.88 61.39 18.82
N PHE E 234 7.67 60.18 19.35
CA PHE E 234 8.15 59.80 20.65
C PHE E 234 9.63 59.39 20.58
N LEU E 235 10.25 59.37 21.75
CA LEU E 235 11.62 58.91 21.94
C LEU E 235 11.59 57.63 22.76
N ALA E 236 12.18 56.56 22.21
CA ALA E 236 12.26 55.27 22.89
C ALA E 236 13.65 54.65 22.65
N GLY E 237 13.84 53.42 23.14
CA GLY E 237 15.08 52.68 22.91
C GLY E 237 15.36 52.42 21.43
N ASP E 238 14.28 52.31 20.64
CA ASP E 238 14.35 52.09 19.20
C ASP E 238 13.67 53.26 18.50
N THR E 239 14.23 53.65 17.35
CA THR E 239 13.83 54.88 16.67
C THR E 239 12.47 54.75 15.98
N ARG E 240 11.93 53.53 15.87
CA ARG E 240 10.72 53.27 15.09
C ARG E 240 9.48 53.23 16.00
N SER E 241 9.60 53.72 17.25
CA SER E 241 8.56 53.58 18.26
C SER E 241 7.23 54.20 17.84
N SER E 242 7.24 55.20 16.94
CA SER E 242 6.03 55.93 16.58
C SER E 242 5.41 55.44 15.26
N GLU E 243 5.96 54.39 14.66
CA GLU E 243 5.61 54.02 13.29
C GLU E 243 4.14 53.61 13.21
N MET E 244 3.62 52.94 14.25
CA MET E 244 2.18 52.83 14.39
C MET E 244 1.82 52.89 15.87
N PRO E 245 0.64 53.45 16.22
CA PRO E 245 0.25 53.63 17.61
C PRO E 245 0.14 52.36 18.46
N GLU E 246 -0.12 51.21 17.80
CA GLU E 246 -0.15 49.93 18.49
C GLU E 246 1.22 49.60 19.07
N LEU E 247 2.26 49.90 18.26
CA LEU E 247 3.64 49.73 18.66
C LEU E 247 3.99 50.72 19.77
N THR E 248 3.60 51.99 19.57
CA THR E 248 3.78 53.01 20.58
C THR E 248 3.20 52.56 21.92
N SER E 249 2.02 51.92 21.87
CA SER E 249 1.33 51.43 23.06
C SER E 249 2.19 50.45 23.84
N MET E 250 2.81 49.53 23.10
CA MET E 250 3.61 48.48 23.72
C MET E 250 4.87 49.07 24.36
N HIS E 251 5.48 50.04 23.66
CA HIS E 251 6.67 50.69 24.16
C HIS E 251 6.32 51.42 25.46
N THR E 252 5.17 52.11 25.45
CA THR E 252 4.68 52.88 26.56
C THR E 252 4.41 51.94 27.75
N LEU E 253 3.75 50.82 27.45
CA LEU E 253 3.46 49.82 28.46
C LEU E 253 4.71 49.38 29.20
N LEU E 254 5.82 49.20 28.47
CA LEU E 254 7.02 48.63 29.06
C LEU E 254 7.81 49.70 29.81
N LEU E 255 7.69 50.97 29.37
CA LEU E 255 8.24 52.10 30.11
C LEU E 255 7.62 52.14 31.51
N ARG E 256 6.29 52.07 31.55
CA ARG E 256 5.56 52.12 32.80
C ARG E 256 6.00 50.97 33.70
N GLU E 257 6.13 49.77 33.10
CA GLU E 257 6.47 48.59 33.86
C GLU E 257 7.86 48.72 34.47
N HIS E 258 8.79 49.39 33.76
CA HIS E 258 10.10 49.63 34.32
C HIS E 258 9.97 50.49 35.58
N ASN E 259 9.28 51.63 35.41
CA ASN E 259 9.12 52.63 36.46
C ASN E 259 8.38 52.04 37.67
N ARG E 260 7.36 51.21 37.41
CA ARG E 260 6.64 50.49 38.47
C ARG E 260 7.57 49.60 39.28
N LEU E 261 8.46 48.86 38.60
CA LEU E 261 9.38 47.93 39.24
C LEU E 261 10.43 48.68 40.06
N ALA E 262 10.98 49.76 39.50
CA ALA E 262 11.96 50.59 40.19
C ALA E 262 11.35 51.20 41.46
N THR E 263 10.07 51.57 41.38
CA THR E 263 9.31 52.09 42.50
C THR E 263 9.19 51.02 43.58
N GLU E 264 8.73 49.81 43.24
CA GLU E 264 8.54 48.75 44.21
C GLU E 264 9.85 48.27 44.82
N LEU E 265 10.97 48.38 44.09
CA LEU E 265 12.26 47.94 44.58
C LEU E 265 12.82 48.99 45.55
N LYS E 266 12.41 50.25 45.39
CA LYS E 266 12.81 51.34 46.27
C LYS E 266 12.19 51.14 47.66
N SER E 267 10.88 50.83 47.68
CA SER E 267 10.16 50.44 48.89
C SER E 267 10.90 49.31 49.59
N LEU E 268 11.26 48.29 48.81
CA LEU E 268 11.78 47.04 49.34
C LEU E 268 13.23 47.20 49.81
N ASN E 269 14.03 47.99 49.08
CA ASN E 269 15.43 48.19 49.40
C ASN E 269 15.70 49.68 49.43
N PRO E 270 15.38 50.37 50.54
CA PRO E 270 15.42 51.84 50.57
C PRO E 270 16.81 52.44 50.34
N ARG E 271 17.89 51.68 50.59
CA ARG E 271 19.24 52.24 50.53
C ARG E 271 19.87 52.07 49.13
N TRP E 272 19.18 51.43 48.18
CA TRP E 272 19.66 51.33 46.80
C TRP E 272 19.64 52.70 46.12
N ASP E 273 20.73 53.02 45.42
CA ASP E 273 20.83 54.26 44.65
C ASP E 273 20.09 54.12 43.31
N GLY E 274 20.11 55.19 42.52
CA GLY E 274 19.40 55.25 41.25
C GLY E 274 19.92 54.23 40.23
N GLU E 275 21.25 54.07 40.18
CA GLU E 275 21.90 53.14 39.27
C GLU E 275 21.44 51.70 39.57
N ARG E 276 21.47 51.30 40.84
CA ARG E 276 21.15 49.94 41.22
C ARG E 276 19.68 49.62 40.90
N LEU E 277 18.81 50.61 41.08
CA LEU E 277 17.38 50.45 40.84
C LEU E 277 17.10 50.30 39.34
N TYR E 278 17.73 51.17 38.54
CA TYR E 278 17.64 51.14 37.09
C TYR E 278 18.06 49.77 36.54
N GLN E 279 19.24 49.31 36.98
CA GLN E 279 19.80 48.08 36.45
C GLN E 279 18.92 46.90 36.83
N GLU E 280 18.45 46.88 38.08
CA GLU E 280 17.73 45.72 38.59
C GLU E 280 16.35 45.63 37.93
N ALA E 281 15.75 46.80 37.65
CA ALA E 281 14.47 46.87 36.97
C ALA E 281 14.61 46.45 35.51
N ARG E 282 15.69 46.96 34.87
CA ARG E 282 16.05 46.64 33.50
C ARG E 282 16.26 45.13 33.32
N LYS E 283 16.91 44.54 34.31
CA LYS E 283 17.21 43.12 34.31
C LYS E 283 15.92 42.30 34.29
N ILE E 284 14.90 42.80 34.99
CA ILE E 284 13.64 42.08 35.11
C ILE E 284 12.85 42.23 33.82
N VAL E 285 12.78 43.47 33.31
CA VAL E 285 12.04 43.74 32.08
C VAL E 285 12.61 42.88 30.94
N GLY E 286 13.94 42.77 30.86
CA GLY E 286 14.60 41.90 29.92
C GLY E 286 14.15 40.45 30.03
N ALA E 287 14.14 39.91 31.25
CA ALA E 287 13.71 38.54 31.51
C ALA E 287 12.25 38.33 31.10
N MET E 288 11.41 39.37 31.31
CA MET E 288 10.00 39.28 30.97
C MET E 288 9.80 39.19 29.46
N VAL E 289 10.62 39.95 28.71
CA VAL E 289 10.57 39.91 27.26
C VAL E 289 11.03 38.53 26.76
N GLN E 290 12.04 37.95 27.42
CA GLN E 290 12.53 36.62 27.06
C GLN E 290 11.43 35.59 27.26
N ILE E 291 10.75 35.68 28.41
CA ILE E 291 9.81 34.64 28.82
C ILE E 291 8.58 34.68 27.92
N ILE E 292 8.03 35.88 27.69
CA ILE E 292 6.88 36.01 26.82
C ILE E 292 7.22 35.48 25.43
N THR E 293 8.43 35.82 24.95
CA THR E 293 8.87 35.45 23.62
C THR E 293 8.96 33.92 23.48
N TYR E 294 9.71 33.27 24.39
CA TYR E 294 10.03 31.86 24.22
C TYR E 294 8.94 30.93 24.76
N ARG E 295 8.24 31.37 25.82
CA ARG E 295 7.18 30.56 26.42
C ARG E 295 5.88 30.69 25.62
N ASP E 296 5.53 31.92 25.20
CA ASP E 296 4.18 32.22 24.74
C ASP E 296 4.14 32.49 23.22
N TYR E 297 5.10 33.27 22.71
CA TYR E 297 5.05 33.79 21.35
C TYR E 297 5.52 32.74 20.34
N LEU E 298 6.76 32.27 20.50
CA LEU E 298 7.43 31.47 19.47
C LEU E 298 6.71 30.15 19.22
N PRO E 299 6.20 29.42 20.24
CA PRO E 299 5.48 28.17 19.98
C PRO E 299 4.31 28.32 19.01
N LEU E 300 3.70 29.50 19.00
CA LEU E 300 2.55 29.80 18.15
C LEU E 300 3.01 30.27 16.75
N VAL E 301 4.25 30.73 16.65
CA VAL E 301 4.84 31.03 15.35
C VAL E 301 5.22 29.72 14.65
N LEU E 302 6.01 28.88 15.34
CA LEU E 302 6.69 27.75 14.74
C LEU E 302 5.78 26.53 14.67
N GLY E 303 4.87 26.43 15.63
CA GLY E 303 4.14 25.19 15.84
C GLY E 303 4.95 24.26 16.71
N PRO E 304 4.31 23.21 17.29
CA PRO E 304 4.96 22.38 18.31
C PRO E 304 6.11 21.51 17.79
N THR E 305 6.00 21.00 16.55
CA THR E 305 7.04 20.18 15.94
C THR E 305 8.37 20.94 15.81
N ALA E 306 8.31 22.07 15.10
CA ALA E 306 9.46 22.91 14.84
C ALA E 306 10.02 23.47 16.14
N MET E 307 9.14 23.69 17.12
CA MET E 307 9.56 24.23 18.40
C MET E 307 10.45 23.20 19.12
N ARG E 308 10.12 21.91 19.02
CA ARG E 308 10.93 20.87 19.64
C ARG E 308 12.24 20.70 18.88
N LYS E 309 12.16 20.80 17.55
CA LYS E 309 13.32 20.60 16.71
C LYS E 309 14.35 21.71 16.92
N TYR E 310 13.91 22.97 16.83
CA TYR E 310 14.83 24.11 16.75
C TYR E 310 15.09 24.70 18.14
N LEU E 311 14.17 24.49 19.09
CA LEU E 311 14.31 25.01 20.45
C LEU E 311 14.08 23.90 21.49
N PRO E 312 14.96 22.88 21.55
CA PRO E 312 14.87 21.87 22.60
C PRO E 312 15.13 22.51 23.96
N THR E 313 14.87 21.75 25.02
CA THR E 313 14.97 22.22 26.39
C THR E 313 16.33 22.87 26.61
N TYR E 314 16.31 24.05 27.23
CA TYR E 314 17.51 24.78 27.58
C TYR E 314 18.33 23.94 28.55
N ARG E 315 19.65 23.92 28.34
CA ARG E 315 20.59 23.26 29.24
C ARG E 315 21.40 24.33 29.96
N SER E 316 22.33 24.98 29.26
CA SER E 316 23.05 26.09 29.85
C SER E 316 23.69 26.95 28.76
N TYR E 317 24.31 28.07 29.19
CA TYR E 317 24.99 28.99 28.28
C TYR E 317 26.17 28.28 27.62
N ASN E 318 26.33 28.55 26.32
CA ASN E 318 27.37 27.95 25.51
C ASN E 318 28.11 29.08 24.79
N ASP E 319 29.34 29.36 25.24
CA ASP E 319 30.08 30.55 24.83
C ASP E 319 30.62 30.41 23.41
N SER E 320 30.38 29.25 22.77
CA SER E 320 30.79 28.95 21.41
C SER E 320 29.61 29.06 20.44
N VAL E 321 28.45 29.51 20.93
CA VAL E 321 27.29 29.77 20.08
C VAL E 321 27.32 31.23 19.66
N ASP E 322 27.35 31.46 18.34
CA ASP E 322 27.35 32.81 17.78
C ASP E 322 25.96 33.44 17.92
N PRO E 323 25.78 34.49 18.76
CA PRO E 323 24.48 35.14 18.92
C PRO E 323 24.15 36.29 17.96
N ARG E 324 24.95 36.50 16.91
CA ARG E 324 24.65 37.59 16.00
C ARG E 324 23.38 37.29 15.20
N ILE E 325 22.67 38.38 14.83
CA ILE E 325 21.58 38.29 13.88
C ILE E 325 22.17 38.03 12.50
N ALA E 326 21.62 37.00 11.81
CA ALA E 326 21.99 36.70 10.45
C ALA E 326 21.26 37.64 9.49
N ASN E 327 21.96 38.00 8.41
CA ASN E 327 21.46 38.91 7.39
C ASN E 327 20.08 38.45 6.89
N VAL E 328 19.93 37.14 6.66
CA VAL E 328 18.68 36.60 6.11
C VAL E 328 17.53 36.78 7.10
N PHE E 329 17.82 36.73 8.39
CA PHE E 329 16.80 36.86 9.41
C PHE E 329 16.08 38.20 9.28
N THR E 330 16.82 39.26 8.95
CA THR E 330 16.24 40.59 8.87
C THR E 330 15.12 40.63 7.83
N ASN E 331 15.19 39.71 6.86
CA ASN E 331 14.21 39.65 5.78
C ASN E 331 13.16 38.57 6.07
N ALA E 332 13.58 37.42 6.63
CA ALA E 332 12.68 36.30 6.86
C ALA E 332 11.70 36.60 7.99
N PHE E 333 12.14 37.31 9.03
CA PHE E 333 11.28 37.63 10.16
C PHE E 333 10.23 38.67 9.78
N ARG E 334 10.30 39.20 8.55
CA ARG E 334 9.24 40.06 8.02
C ARG E 334 8.02 39.24 7.59
N TYR E 335 7.98 37.93 7.87
CA TYR E 335 6.78 37.14 7.65
C TYR E 335 5.57 37.81 8.29
N GLY E 336 5.80 38.57 9.37
CA GLY E 336 4.75 39.16 10.16
C GLY E 336 3.96 40.25 9.42
N HIS E 337 4.44 40.67 8.25
CA HIS E 337 3.72 41.60 7.40
C HIS E 337 2.43 40.96 6.86
N THR E 338 2.36 39.62 6.87
CA THR E 338 1.20 38.87 6.42
C THR E 338 0.11 38.79 7.51
N LEU E 339 0.44 39.20 8.75
CA LEU E 339 -0.47 39.18 9.89
C LEU E 339 -1.23 40.50 10.08
N ILE E 340 -0.86 41.51 9.28
CA ILE E 340 -1.31 42.88 9.52
C ILE E 340 -2.72 43.05 8.94
N GLN E 341 -3.64 43.51 9.82
CA GLN E 341 -4.98 43.93 9.48
C GLN E 341 -4.95 45.35 8.94
N PRO E 342 -5.89 45.73 8.03
CA PRO E 342 -5.90 47.07 7.43
C PRO E 342 -6.48 48.21 8.27
N PHE E 343 -6.80 47.95 9.55
CA PHE E 343 -7.30 48.99 10.44
C PHE E 343 -6.55 48.95 11.77
N MET E 344 -6.57 50.09 12.47
CA MET E 344 -6.30 50.12 13.90
C MET E 344 -7.63 50.10 14.65
N PHE E 345 -7.79 49.09 15.54
CA PHE E 345 -9.04 48.86 16.26
C PHE E 345 -8.92 49.40 17.68
N ARG E 346 -9.90 50.24 18.07
CA ARG E 346 -9.99 50.79 19.41
C ARG E 346 -11.32 50.39 20.07
N LEU E 347 -11.25 50.02 21.37
CA LEU E 347 -12.38 49.51 22.14
C LEU E 347 -12.42 50.17 23.53
N ASP E 348 -13.65 50.46 24.01
CA ASP E 348 -13.87 51.07 25.33
C ASP E 348 -13.79 49.97 26.40
N ASN E 349 -14.12 50.32 27.66
CA ASN E 349 -13.91 49.41 28.79
C ASN E 349 -14.91 48.26 28.78
N ARG E 350 -15.92 48.30 27.90
CA ARG E 350 -16.86 47.20 27.70
C ARG E 350 -16.48 46.37 26.48
N TYR E 351 -15.31 46.70 25.90
CA TYR E 351 -14.77 46.06 24.70
C TYR E 351 -15.73 46.26 23.53
N GLN E 352 -16.23 47.50 23.41
CA GLN E 352 -17.18 47.87 22.38
C GLN E 352 -16.54 48.95 21.52
N PRO E 353 -16.84 48.99 20.20
CA PRO E 353 -16.28 50.02 19.31
C PRO E 353 -16.25 51.41 19.96
N MET E 354 -15.03 51.93 20.23
CA MET E 354 -14.87 53.22 20.90
C MET E 354 -15.02 54.34 19.88
N GLU E 355 -16.11 55.11 20.05
CA GLU E 355 -16.59 56.06 19.06
C GLU E 355 -15.98 57.45 19.28
N PRO E 356 -15.34 58.05 18.25
CA PRO E 356 -16.05 58.38 17.01
C PRO E 356 -15.57 57.50 15.85
N ASN E 357 -14.32 57.00 15.92
CA ASN E 357 -13.61 56.26 14.90
C ASN E 357 -13.04 54.99 15.51
N PRO E 358 -13.85 53.90 15.56
CA PRO E 358 -13.40 52.64 16.16
C PRO E 358 -12.41 51.86 15.32
N ARG E 359 -12.46 52.07 14.00
CA ARG E 359 -11.57 51.44 13.04
C ARG E 359 -10.96 52.53 12.14
N VAL E 360 -9.65 52.79 12.30
CA VAL E 360 -8.94 53.78 11.49
C VAL E 360 -8.10 53.05 10.43
N PRO E 361 -8.21 53.41 9.13
CA PRO E 361 -7.38 52.77 8.10
C PRO E 361 -5.91 52.96 8.45
N LEU E 362 -5.09 51.93 8.18
CA LEU E 362 -3.71 51.93 8.60
C LEU E 362 -2.97 53.09 7.94
N SER E 363 -3.37 53.44 6.70
CA SER E 363 -2.75 54.51 5.95
C SER E 363 -2.93 55.88 6.63
N ARG E 364 -3.67 55.92 7.75
CA ARG E 364 -3.92 57.16 8.49
C ARG E 364 -3.41 57.08 9.94
N VAL E 365 -2.71 55.97 10.30
CA VAL E 365 -2.17 55.80 11.66
C VAL E 365 -0.63 55.80 11.65
N PHE E 366 0.01 55.73 10.49
CA PHE E 366 1.46 55.67 10.43
C PHE E 366 2.03 56.99 10.95
N PHE E 367 2.87 56.88 11.99
CA PHE E 367 3.55 58.02 12.59
C PHE E 367 2.55 59.00 13.22
N ALA E 368 1.36 58.50 13.57
CA ALA E 368 0.29 59.35 14.09
C ALA E 368 0.35 59.32 15.62
N SER E 369 1.43 59.87 16.18
CA SER E 369 1.58 59.98 17.63
C SER E 369 0.46 60.83 18.22
N TRP E 370 -0.15 61.71 17.42
CA TRP E 370 -1.24 62.55 17.89
C TRP E 370 -2.45 61.71 18.35
N ARG E 371 -2.68 60.54 17.75
CA ARG E 371 -3.81 59.70 18.11
C ARG E 371 -3.65 59.03 19.47
N VAL E 372 -2.43 59.00 20.00
CA VAL E 372 -2.20 58.47 21.32
C VAL E 372 -2.46 59.59 22.34
N VAL E 373 -2.01 60.81 22.02
CA VAL E 373 -2.05 61.91 22.96
C VAL E 373 -3.46 62.51 23.03
N LEU E 374 -4.19 62.51 21.90
CA LEU E 374 -5.43 63.27 21.80
C LEU E 374 -6.65 62.38 21.55
N GLU E 375 -6.52 61.07 21.33
CA GLU E 375 -7.66 60.21 21.07
C GLU E 375 -7.73 59.03 22.04
N GLY E 376 -7.34 59.26 23.31
CA GLY E 376 -7.76 58.40 24.39
C GLY E 376 -6.66 57.49 24.94
N GLY E 377 -5.42 57.76 24.56
CA GLY E 377 -4.28 57.05 25.11
C GLY E 377 -4.20 55.62 24.58
N ILE E 378 -3.59 54.74 25.40
CA ILE E 378 -3.15 53.43 24.97
C ILE E 378 -4.18 52.35 25.34
N ASP E 379 -5.04 52.58 26.34
CA ASP E 379 -5.94 51.54 26.82
C ASP E 379 -6.85 51.05 25.70
N PRO E 380 -7.50 51.94 24.91
CA PRO E 380 -8.34 51.49 23.78
C PRO E 380 -7.60 50.66 22.74
N ILE E 381 -6.31 51.00 22.51
CA ILE E 381 -5.48 50.36 21.51
C ILE E 381 -5.10 48.95 21.96
N LEU E 382 -4.62 48.82 23.20
CA LEU E 382 -4.30 47.53 23.80
C LEU E 382 -5.53 46.63 23.81
N ARG E 383 -6.70 47.21 24.04
CA ARG E 383 -7.95 46.44 24.03
C ARG E 383 -8.22 45.91 22.63
N GLY E 384 -8.00 46.75 21.62
CA GLY E 384 -8.17 46.34 20.23
C GLY E 384 -7.22 45.20 19.84
N LEU E 385 -6.00 45.20 20.38
CA LEU E 385 -5.01 44.18 20.08
C LEU E 385 -5.45 42.85 20.69
N MET E 386 -5.98 42.91 21.93
CA MET E 386 -6.31 41.72 22.69
C MET E 386 -7.55 41.03 22.12
N ALA E 387 -8.50 41.82 21.61
CA ALA E 387 -9.85 41.34 21.31
C ALA E 387 -10.17 41.32 19.82
N THR E 388 -9.17 41.60 18.97
CA THR E 388 -9.33 41.51 17.53
C THR E 388 -8.47 40.35 17.02
N PRO E 389 -8.88 39.61 15.98
CA PRO E 389 -8.02 38.57 15.41
C PRO E 389 -6.92 39.15 14.51
N ALA E 390 -5.75 38.51 14.51
CA ALA E 390 -4.76 38.78 13.48
C ALA E 390 -5.37 38.48 12.12
N LYS E 391 -4.72 38.96 11.04
CA LYS E 391 -5.05 38.49 9.71
C LYS E 391 -4.39 37.12 9.55
N LEU E 392 -5.02 36.24 8.77
CA LEU E 392 -4.43 34.96 8.45
C LEU E 392 -3.72 35.07 7.09
N ASN E 393 -2.50 34.55 7.04
CA ASN E 393 -1.74 34.39 5.81
C ASN E 393 -2.36 33.22 5.05
N ARG E 394 -2.85 33.52 3.84
CA ARG E 394 -3.34 32.52 2.90
C ARG E 394 -2.66 32.77 1.58
N GLN E 395 -2.50 31.70 0.79
CA GLN E 395 -1.62 31.73 -0.38
C GLN E 395 -2.17 32.66 -1.46
N ASN E 396 -3.45 33.04 -1.39
CA ASN E 396 -4.03 34.02 -2.33
C ASN E 396 -4.48 35.29 -1.61
N GLN E 397 -4.03 35.45 -0.35
CA GLN E 397 -4.30 36.62 0.47
C GLN E 397 -3.09 36.92 1.35
N ILE E 398 -2.00 37.36 0.72
CA ILE E 398 -0.72 37.39 1.41
C ILE E 398 -0.61 38.66 2.26
N ALA E 399 -0.80 39.84 1.65
CA ALA E 399 -0.69 41.10 2.38
C ALA E 399 -1.61 42.18 1.82
N VAL E 400 -2.12 43.02 2.74
CA VAL E 400 -3.20 43.97 2.48
C VAL E 400 -2.67 45.20 1.74
N ASP E 401 -3.58 45.91 1.05
CA ASP E 401 -3.20 47.06 0.23
C ASP E 401 -2.87 48.28 1.09
N GLU E 402 -3.20 48.29 2.40
CA GLU E 402 -2.85 49.41 3.24
C GLU E 402 -1.33 49.50 3.42
N ILE E 403 -0.61 48.37 3.26
CA ILE E 403 0.85 48.36 3.29
C ILE E 403 1.44 48.16 1.88
N ARG E 404 0.65 47.61 0.95
CA ARG E 404 1.14 47.33 -0.38
C ARG E 404 0.99 48.54 -1.30
N GLU E 405 0.02 49.43 -0.99
CA GLU E 405 -0.32 50.54 -1.86
C GLU E 405 -0.20 51.90 -1.16
N ARG E 406 -0.38 51.93 0.16
CA ARG E 406 -0.57 53.17 0.89
C ARG E 406 0.37 53.27 2.08
N LEU E 407 1.54 52.61 2.04
CA LEU E 407 2.46 52.67 3.16
C LEU E 407 3.07 54.07 3.25
N PHE E 408 2.87 54.72 4.42
CA PHE E 408 3.45 56.01 4.75
C PHE E 408 3.01 57.08 3.76
N GLU E 409 1.78 56.95 3.26
CA GLU E 409 1.20 57.83 2.26
C GLU E 409 1.18 59.29 2.72
N GLN E 410 0.95 59.51 4.03
CA GLN E 410 0.75 60.84 4.58
C GLN E 410 2.05 61.62 4.74
N VAL E 411 3.21 60.94 4.78
CA VAL E 411 4.45 61.57 5.19
C VAL E 411 5.50 61.58 4.06
N MET E 412 5.10 61.18 2.85
CA MET E 412 6.00 61.02 1.72
C MET E 412 5.32 61.53 0.46
N ARG E 413 6.09 61.62 -0.62
CA ARG E 413 5.55 62.08 -1.89
C ARG E 413 4.68 60.99 -2.52
N ILE E 414 4.80 59.75 -2.05
CA ILE E 414 4.12 58.64 -2.70
C ILE E 414 4.00 57.48 -1.72
N GLY E 415 2.92 56.72 -1.87
CA GLY E 415 2.71 55.54 -1.05
C GLY E 415 3.70 54.43 -1.45
N LEU E 416 4.27 53.78 -0.44
CA LEU E 416 5.19 52.68 -0.65
C LEU E 416 4.43 51.36 -0.69
N ASP E 417 5.17 50.32 -1.11
CA ASP E 417 4.72 48.94 -1.19
C ASP E 417 5.67 48.11 -0.33
N LEU E 418 5.23 47.69 0.86
CA LEU E 418 6.13 47.08 1.82
C LEU E 418 6.58 45.72 1.32
N PRO E 419 5.69 44.85 0.79
CA PRO E 419 6.11 43.60 0.15
C PRO E 419 7.20 43.74 -0.91
N ALA E 420 7.05 44.73 -1.79
CA ALA E 420 8.05 45.03 -2.81
C ALA E 420 9.37 45.51 -2.18
N LEU E 421 9.31 46.34 -1.11
CA LEU E 421 10.50 46.80 -0.42
C LEU E 421 11.25 45.60 0.20
N ASN E 422 10.48 44.66 0.79
CA ASN E 422 11.02 43.44 1.37
C ASN E 422 11.90 42.73 0.33
N MET E 423 11.45 42.73 -0.93
CA MET E 423 12.08 41.97 -1.99
C MET E 423 13.24 42.73 -2.59
N GLN E 424 13.10 44.04 -2.81
CA GLN E 424 14.23 44.86 -3.23
C GLN E 424 15.33 44.82 -2.17
N ARG E 425 14.91 44.73 -0.91
CA ARG E 425 15.85 44.78 0.21
C ARG E 425 16.68 43.50 0.25
N SER E 426 16.04 42.36 -0.03
CA SER E 426 16.74 41.09 -0.04
C SER E 426 17.81 41.10 -1.14
N ARG E 427 17.54 41.78 -2.26
CA ARG E 427 18.50 41.89 -3.36
C ARG E 427 19.63 42.85 -2.98
N ASP E 428 19.26 43.99 -2.39
CA ASP E 428 20.19 44.95 -1.83
C ASP E 428 21.21 44.24 -0.91
N HIS E 429 20.72 43.34 -0.06
CA HIS E 429 21.53 42.65 0.94
C HIS E 429 22.26 41.45 0.35
N GLY E 430 22.02 41.16 -0.93
CA GLY E 430 22.72 40.10 -1.62
C GLY E 430 22.35 38.71 -1.11
N LEU E 431 21.11 38.52 -0.65
CA LEU E 431 20.66 37.23 -0.13
C LEU E 431 20.45 36.27 -1.31
N PRO E 432 20.89 35.00 -1.15
CA PRO E 432 20.51 33.93 -2.07
C PRO E 432 19.00 33.76 -2.20
N GLY E 433 18.60 33.04 -3.27
CA GLY E 433 17.20 32.75 -3.53
C GLY E 433 16.66 31.59 -2.71
N TYR E 434 15.39 31.28 -2.96
CA TYR E 434 14.63 30.30 -2.20
C TYR E 434 15.36 28.95 -2.09
N ASN E 435 15.78 28.38 -3.22
CA ASN E 435 16.34 27.04 -3.22
C ASN E 435 17.63 26.96 -2.40
N ALA E 436 18.50 27.97 -2.48
CA ALA E 436 19.74 27.96 -1.71
C ALA E 436 19.44 27.89 -0.21
N TRP E 437 18.38 28.57 0.22
CA TRP E 437 17.98 28.56 1.63
C TRP E 437 17.30 27.24 2.00
N ARG E 438 16.48 26.69 1.09
CA ARG E 438 15.94 25.35 1.26
C ARG E 438 17.09 24.40 1.56
N ARG E 439 18.13 24.43 0.71
CA ARG E 439 19.28 23.54 0.82
C ARG E 439 20.02 23.76 2.14
N PHE E 440 20.20 25.04 2.49
CA PHE E 440 20.83 25.39 3.75
C PHE E 440 20.09 24.74 4.91
N CYS E 441 18.77 24.64 4.80
CA CYS E 441 17.91 24.14 5.89
C CYS E 441 17.77 22.62 5.83
N GLY E 442 18.34 21.98 4.81
CA GLY E 442 18.19 20.55 4.63
C GLY E 442 16.82 20.19 4.08
N LEU E 443 16.26 21.05 3.24
CA LEU E 443 14.95 20.81 2.64
C LEU E 443 15.11 20.56 1.14
N PRO E 444 14.24 19.74 0.52
CA PRO E 444 14.25 19.56 -0.94
C PRO E 444 14.11 20.87 -1.72
N GLN E 445 14.85 20.94 -2.84
CA GLN E 445 14.86 22.12 -3.69
C GLN E 445 14.12 21.84 -5.00
N PRO E 446 12.88 22.36 -5.19
CA PRO E 446 12.15 22.17 -6.44
C PRO E 446 12.82 22.89 -7.61
N GLU E 447 12.94 22.19 -8.73
CA GLU E 447 13.53 22.73 -9.95
C GLU E 447 12.45 23.12 -10.96
N THR E 448 11.30 22.45 -10.94
CA THR E 448 10.24 22.67 -11.91
C THR E 448 8.99 23.21 -11.22
N VAL E 449 8.05 23.70 -12.05
CA VAL E 449 6.79 24.24 -11.56
C VAL E 449 5.99 23.14 -10.85
N GLY E 450 6.08 21.90 -11.35
CA GLY E 450 5.39 20.77 -10.76
C GLY E 450 5.92 20.43 -9.37
N GLN E 451 7.25 20.46 -9.23
CA GLN E 451 7.87 20.20 -7.94
C GLN E 451 7.54 21.32 -6.97
N LEU E 452 7.52 22.56 -7.47
CA LEU E 452 7.17 23.69 -6.63
C LEU E 452 5.71 23.58 -6.20
N GLY E 453 4.82 23.16 -7.10
CA GLY E 453 3.44 22.89 -6.77
C GLY E 453 3.29 21.91 -5.60
N THR E 454 4.09 20.83 -5.61
CA THR E 454 4.10 19.84 -4.54
C THR E 454 4.51 20.48 -3.22
N VAL E 455 5.61 21.25 -3.26
CA VAL E 455 6.19 21.89 -2.08
C VAL E 455 5.17 22.86 -1.47
N LEU E 456 4.46 23.62 -2.30
CA LEU E 456 3.52 24.65 -1.84
C LEU E 456 2.13 24.06 -1.60
N ARG E 457 1.92 22.81 -2.03
CA ARG E 457 0.61 22.17 -2.10
C ARG E 457 -0.38 23.10 -2.80
N ASN E 458 0.07 23.69 -3.91
CA ASN E 458 -0.67 24.73 -4.59
C ASN E 458 -0.01 24.99 -5.93
N LEU E 459 -0.54 24.35 -6.98
CA LEU E 459 0.06 24.44 -8.31
C LEU E 459 -0.25 25.83 -8.90
N LYS E 460 -1.38 26.42 -8.52
CA LYS E 460 -1.73 27.73 -9.06
C LYS E 460 -0.66 28.76 -8.65
N LEU E 461 -0.35 28.81 -7.34
CA LEU E 461 0.66 29.73 -6.82
C LEU E 461 2.04 29.46 -7.41
N ALA E 462 2.43 28.18 -7.48
CA ALA E 462 3.65 27.76 -8.13
C ALA E 462 3.73 28.33 -9.55
N ARG E 463 2.63 28.35 -10.29
CA ARG E 463 2.66 28.80 -11.67
C ARG E 463 2.92 30.31 -11.75
N LYS E 464 2.25 31.07 -10.87
CA LYS E 464 2.41 32.52 -10.81
C LYS E 464 3.86 32.88 -10.49
N LEU E 465 4.47 32.15 -9.54
CA LEU E 465 5.84 32.38 -9.12
C LEU E 465 6.84 32.10 -10.24
N MET E 466 6.59 31.04 -11.02
CA MET E 466 7.48 30.68 -12.12
C MET E 466 7.32 31.67 -13.27
N GLU E 467 6.11 32.23 -13.42
CA GLU E 467 5.89 33.24 -14.43
C GLU E 467 6.73 34.47 -14.10
N GLN E 468 6.80 34.87 -12.82
CA GLN E 468 7.60 36.02 -12.40
C GLN E 468 9.10 35.70 -12.45
N TYR E 469 9.49 34.56 -11.88
CA TYR E 469 10.88 34.31 -11.49
C TYR E 469 11.62 33.38 -12.46
N GLY E 470 10.91 32.50 -13.16
CA GLY E 470 11.50 31.61 -14.15
C GLY E 470 12.08 30.32 -13.56
N THR E 471 12.67 30.43 -12.36
CA THR E 471 13.19 29.28 -11.64
C THR E 471 12.97 29.50 -10.15
N PRO E 472 12.74 28.43 -9.36
CA PRO E 472 12.66 28.54 -7.91
C PRO E 472 14.00 28.96 -7.29
N ASN E 473 15.09 28.91 -8.07
CA ASN E 473 16.37 29.35 -7.58
C ASN E 473 16.37 30.86 -7.35
N ASN E 474 15.47 31.59 -8.04
CA ASN E 474 15.53 33.05 -8.10
C ASN E 474 14.46 33.71 -7.22
N ILE E 475 13.59 32.90 -6.60
CA ILE E 475 12.53 33.46 -5.78
C ILE E 475 13.16 34.13 -4.56
N ASP E 476 12.75 35.38 -4.34
CA ASP E 476 13.22 36.18 -3.21
C ASP E 476 12.77 35.47 -1.92
N ILE E 477 13.67 35.46 -0.93
CA ILE E 477 13.49 34.69 0.29
C ILE E 477 12.18 35.06 0.99
N TRP E 478 11.80 36.34 1.07
CA TRP E 478 10.56 36.71 1.73
C TRP E 478 9.40 36.04 1.00
N MET E 479 9.40 36.19 -0.33
CA MET E 479 8.28 35.80 -1.18
C MET E 479 8.11 34.29 -1.08
N GLY E 480 9.21 33.57 -1.24
CA GLY E 480 9.20 32.11 -1.12
C GLY E 480 8.75 31.66 0.26
N GLY E 481 9.36 32.23 1.31
CA GLY E 481 9.05 31.90 2.69
C GLY E 481 7.56 31.99 3.04
N VAL E 482 6.91 33.11 2.66
CA VAL E 482 5.51 33.39 3.01
C VAL E 482 4.53 32.69 2.05
N SER E 483 5.03 32.15 0.93
CA SER E 483 4.20 31.36 0.01
C SER E 483 3.95 29.95 0.55
N GLU E 484 4.83 29.46 1.43
CA GLU E 484 4.83 28.08 1.90
C GLU E 484 3.63 27.82 2.81
N PRO E 485 3.00 26.61 2.70
CA PRO E 485 1.89 26.27 3.58
C PRO E 485 2.34 26.18 5.03
N LEU E 486 1.45 26.59 5.94
CA LEU E 486 1.80 26.79 7.34
C LEU E 486 1.95 25.45 8.04
N LYS E 487 2.84 25.41 9.04
CA LYS E 487 3.04 24.22 9.87
C LYS E 487 1.81 24.06 10.75
N ARG E 488 1.57 22.82 11.19
CA ARG E 488 0.46 22.53 12.08
C ARG E 488 0.62 23.36 13.34
N LYS E 489 -0.38 24.22 13.60
CA LYS E 489 -0.48 25.06 14.78
C LYS E 489 0.61 26.13 14.83
N GLY E 490 1.18 26.46 13.65
CA GLY E 490 2.10 27.57 13.51
C GLY E 490 1.64 28.49 12.39
N ARG E 491 2.37 29.59 12.19
CA ARG E 491 1.98 30.58 11.18
C ARG E 491 3.14 30.88 10.22
N VAL E 492 4.07 29.92 10.07
CA VAL E 492 5.09 29.94 9.02
C VAL E 492 5.23 28.55 8.42
N GLY E 493 5.80 28.49 7.22
CA GLY E 493 6.17 27.21 6.59
C GLY E 493 7.50 26.64 7.09
N PRO E 494 7.93 25.47 6.58
CA PRO E 494 9.17 24.83 7.03
C PRO E 494 10.46 25.66 6.91
N LEU E 495 10.56 26.44 5.82
CA LEU E 495 11.75 27.22 5.55
C LEU E 495 11.89 28.36 6.56
N LEU E 496 10.83 29.16 6.73
CA LEU E 496 10.88 30.25 7.70
C LEU E 496 10.99 29.71 9.12
N ALA E 497 10.38 28.54 9.37
CA ALA E 497 10.49 27.88 10.65
C ALA E 497 11.96 27.62 10.96
N CYS E 498 12.68 27.10 9.97
CA CYS E 498 14.08 26.76 10.13
C CYS E 498 14.92 28.02 10.39
N ILE E 499 14.71 29.05 9.59
CA ILE E 499 15.49 30.25 9.75
C ILE E 499 15.21 30.91 11.11
N ILE E 500 13.92 31.10 11.44
CA ILE E 500 13.53 31.81 12.64
C ILE E 500 13.90 30.99 13.87
N GLY E 501 13.61 29.70 13.83
CA GLY E 501 13.96 28.78 14.92
C GLY E 501 15.45 28.80 15.19
N THR E 502 16.24 28.65 14.12
CA THR E 502 17.69 28.61 14.24
C THR E 502 18.18 29.91 14.90
N GLN E 503 17.64 31.07 14.48
CA GLN E 503 18.08 32.36 15.01
C GLN E 503 17.80 32.47 16.50
N PHE E 504 16.58 32.12 16.93
CA PHE E 504 16.18 32.31 18.32
C PHE E 504 16.92 31.32 19.22
N ARG E 505 17.26 30.14 18.69
CA ARG E 505 18.06 29.22 19.47
C ARG E 505 19.42 29.85 19.81
N LYS E 506 20.03 30.57 18.86
CA LYS E 506 21.35 31.16 19.07
C LYS E 506 21.28 32.32 20.04
N LEU E 507 20.20 33.10 19.97
CA LEU E 507 19.98 34.22 20.87
C LEU E 507 19.79 33.74 22.32
N ARG E 508 19.32 32.49 22.49
CA ARG E 508 19.11 31.91 23.80
C ARG E 508 20.40 31.26 24.34
N ASP E 509 20.92 30.26 23.58
CA ASP E 509 22.03 29.44 24.02
C ASP E 509 23.32 30.25 24.09
N GLY E 510 23.39 31.36 23.32
CA GLY E 510 24.60 32.17 23.26
C GLY E 510 24.50 33.49 24.00
N ASP E 511 23.45 33.63 24.82
CA ASP E 511 23.26 34.79 25.69
C ASP E 511 23.70 34.43 27.11
N ARG E 512 24.77 35.09 27.57
CA ARG E 512 25.35 34.84 28.88
C ARG E 512 24.41 35.33 29.99
N PHE E 513 23.50 36.25 29.65
CA PHE E 513 22.54 36.80 30.60
C PHE E 513 21.13 36.24 30.35
N TRP E 514 21.03 35.07 29.72
CA TRP E 514 19.73 34.40 29.61
C TRP E 514 19.19 34.14 31.01
N TRP E 515 17.88 34.35 31.22
CA TRP E 515 17.28 34.39 32.55
C TRP E 515 17.40 33.04 33.27
N GLU E 516 17.45 31.91 32.55
CA GLU E 516 17.60 30.61 33.18
C GLU E 516 19.08 30.23 33.41
N ASN E 517 20.02 31.04 32.92
CA ASN E 517 21.43 30.71 33.06
C ASN E 517 21.82 30.83 34.54
N GLU E 518 22.51 29.80 35.04
CA GLU E 518 22.97 29.77 36.42
C GLU E 518 23.80 31.03 36.69
N GLY E 519 23.37 31.81 37.68
CA GLY E 519 24.13 32.93 38.19
C GLY E 519 23.53 34.29 37.85
N VAL E 520 22.53 34.31 36.96
CA VAL E 520 21.91 35.57 36.53
C VAL E 520 20.89 35.98 37.60
N PHE E 521 19.99 35.03 37.92
CA PHE E 521 18.97 35.17 38.95
C PHE E 521 19.18 34.05 39.95
N SER E 522 18.79 34.29 41.21
CA SER E 522 18.70 33.23 42.21
C SER E 522 17.56 32.28 41.85
N MET E 523 17.52 31.12 42.50
CA MET E 523 16.53 30.09 42.20
C MET E 523 15.13 30.60 42.60
N GLN E 524 15.07 31.52 43.57
CA GLN E 524 13.82 32.04 44.11
C GLN E 524 13.28 33.13 43.17
N GLN E 525 14.21 33.91 42.58
CA GLN E 525 13.88 34.93 41.61
C GLN E 525 13.33 34.30 40.32
N ARG E 526 13.88 33.13 39.93
CA ARG E 526 13.40 32.40 38.75
C ARG E 526 12.03 31.81 39.00
N GLN E 527 11.78 31.32 40.24
CA GLN E 527 10.46 30.84 40.62
C GLN E 527 9.44 31.95 40.43
N ALA E 528 9.81 33.15 40.87
CA ALA E 528 8.94 34.32 40.85
C ALA E 528 8.66 34.77 39.41
N LEU E 529 9.73 34.80 38.59
CA LEU E 529 9.65 35.28 37.21
C LEU E 529 8.80 34.34 36.34
N ALA E 530 8.77 33.04 36.68
CA ALA E 530 7.99 32.06 35.94
C ALA E 530 6.51 32.43 35.91
N GLN E 531 6.09 33.34 36.83
CA GLN E 531 4.68 33.66 37.06
C GLN E 531 4.19 34.79 36.16
N ILE E 532 5.13 35.56 35.58
CA ILE E 532 4.78 36.77 34.86
C ILE E 532 4.02 36.40 33.59
N SER E 533 3.23 37.36 33.10
CA SER E 533 2.56 37.24 31.81
C SER E 533 2.26 38.64 31.31
N LEU E 534 1.89 38.72 30.03
CA LEU E 534 1.64 40.01 29.40
C LEU E 534 0.29 40.58 29.84
N PRO E 535 -0.78 39.76 29.98
CA PRO E 535 -2.01 40.27 30.58
C PRO E 535 -1.72 40.96 31.92
N ARG E 536 -0.91 40.32 32.79
CA ARG E 536 -0.58 40.87 34.09
C ARG E 536 0.06 42.26 33.95
N ILE E 537 0.97 42.39 32.99
CA ILE E 537 1.68 43.64 32.81
C ILE E 537 0.72 44.73 32.35
N ILE E 538 -0.30 44.37 31.56
CA ILE E 538 -1.31 45.30 31.10
C ILE E 538 -2.14 45.79 32.30
N CYS E 539 -2.58 44.84 33.14
CA CYS E 539 -3.30 45.14 34.38
C CYS E 539 -2.53 46.15 35.24
N ASP E 540 -1.25 45.85 35.50
CA ASP E 540 -0.45 46.61 36.46
C ASP E 540 -0.21 48.04 36.00
N ASN E 541 -0.39 48.34 34.70
CA ASN E 541 0.17 49.56 34.13
C ASN E 541 -0.82 50.32 33.25
N THR E 542 -2.10 49.90 33.25
CA THR E 542 -3.13 50.61 32.50
C THR E 542 -4.40 50.69 33.32
N GLY E 543 -5.42 51.35 32.74
CA GLY E 543 -6.74 51.41 33.31
C GLY E 543 -7.64 50.26 32.87
N ILE E 544 -7.03 49.20 32.33
CA ILE E 544 -7.75 48.02 31.86
C ILE E 544 -7.86 47.06 33.05
N THR E 545 -9.06 46.48 33.25
CA THR E 545 -9.31 45.55 34.35
C THR E 545 -9.78 44.18 33.85
N THR E 546 -10.10 44.07 32.55
CA THR E 546 -10.42 42.78 31.95
C THR E 546 -9.46 42.53 30.79
N VAL E 547 -8.78 41.37 30.82
CA VAL E 547 -7.67 41.07 29.93
C VAL E 547 -7.83 39.67 29.34
N SER E 548 -6.96 39.32 28.37
CA SER E 548 -6.96 38.03 27.71
C SER E 548 -6.58 36.91 28.68
N LYS E 549 -7.18 35.73 28.49
CA LYS E 549 -6.73 34.49 29.11
C LYS E 549 -5.41 34.06 28.49
N ASN E 550 -4.63 33.30 29.25
CA ASN E 550 -3.33 32.87 28.80
C ASN E 550 -3.49 31.74 27.77
N ASN E 551 -3.45 32.16 26.52
CA ASN E 551 -2.23 32.54 25.85
C ASN E 551 -2.65 33.81 25.11
N ILE E 552 -2.12 34.97 25.52
CA ILE E 552 -2.62 36.25 25.03
C ILE E 552 -2.57 36.31 23.50
N PHE E 553 -1.69 35.52 22.89
CA PHE E 553 -1.47 35.55 21.45
C PHE E 553 -2.50 34.69 20.71
N MET E 554 -3.24 33.87 21.46
CA MET E 554 -4.27 33.00 20.92
C MET E 554 -5.67 33.55 21.24
N SER E 555 -5.90 33.90 22.51
CA SER E 555 -7.11 34.56 22.99
C SER E 555 -7.42 35.79 22.14
N ASN E 556 -8.58 35.80 21.45
CA ASN E 556 -8.89 36.89 20.55
C ASN E 556 -10.38 37.26 20.51
N SER E 557 -11.21 36.71 21.43
CA SER E 557 -12.65 36.92 21.33
C SER E 557 -13.20 37.32 22.69
N TYR E 558 -13.80 38.52 22.75
CA TYR E 558 -14.51 39.00 23.94
C TYR E 558 -15.85 38.26 24.05
N PRO E 559 -16.54 38.33 25.20
CA PRO E 559 -16.01 37.84 26.48
C PRO E 559 -15.42 36.43 26.65
N ARG E 560 -15.60 35.55 25.65
CA ARG E 560 -15.23 34.15 25.77
C ARG E 560 -13.83 33.99 26.37
N ASP E 561 -12.84 34.76 25.89
CA ASP E 561 -11.43 34.50 26.16
C ASP E 561 -10.85 35.52 27.15
N PHE E 562 -11.68 36.08 28.06
CA PHE E 562 -11.25 37.16 28.93
C PHE E 562 -11.45 36.83 30.41
N VAL E 563 -10.68 37.49 31.29
CA VAL E 563 -10.74 37.34 32.74
C VAL E 563 -10.50 38.67 33.43
N ASN E 564 -10.83 38.74 34.73
CA ASN E 564 -10.61 39.94 35.52
C ASN E 564 -9.16 39.93 35.98
N CYS E 565 -8.60 41.12 36.11
CA CYS E 565 -7.23 41.32 36.55
C CYS E 565 -6.94 40.71 37.90
N SER E 566 -7.98 40.68 38.77
CA SER E 566 -7.85 40.19 40.13
C SER E 566 -7.54 38.69 40.17
N THR E 567 -7.83 37.97 39.06
CA THR E 567 -7.70 36.53 39.03
C THR E 567 -6.26 36.10 38.75
N LEU E 568 -5.40 37.01 38.30
CA LEU E 568 -4.08 36.66 37.78
C LEU E 568 -3.00 36.81 38.86
N PRO E 569 -1.97 35.95 38.89
CA PRO E 569 -0.86 36.13 39.85
C PRO E 569 0.01 37.33 39.47
N ALA E 570 0.42 38.13 40.47
CA ALA E 570 1.35 39.23 40.23
C ALA E 570 2.79 38.71 40.37
N LEU E 571 3.76 39.57 40.04
CA LEU E 571 5.15 39.25 40.30
C LEU E 571 5.48 39.57 41.75
N ASN E 572 5.92 38.55 42.49
CA ASN E 572 6.35 38.70 43.86
C ASN E 572 7.83 39.07 43.89
N LEU E 573 8.14 40.31 44.28
CA LEU E 573 9.51 40.80 44.35
C LEU E 573 10.18 40.51 45.69
N ALA E 574 9.65 39.57 46.48
CA ALA E 574 10.15 39.33 47.83
C ALA E 574 11.64 39.01 47.80
N SER E 575 12.03 38.16 46.83
CA SER E 575 13.37 37.57 46.78
C SER E 575 14.41 38.56 46.24
N TRP E 576 14.01 39.82 45.99
CA TRP E 576 14.94 40.86 45.56
C TRP E 576 15.41 41.71 46.76
N ARG E 577 14.93 41.38 47.97
CA ARG E 577 15.22 42.16 49.16
C ARG E 577 16.64 41.85 49.67
N GLU E 578 17.32 42.87 50.21
CA GLU E 578 18.65 42.74 50.80
C GLU E 578 18.73 43.40 52.19
N ALA E 579 19.72 43.00 52.98
CA ALA E 579 20.20 43.74 54.15
C ALA E 579 19.42 43.32 55.41
N THR F 1 29.13 39.87 -14.52
CA THR F 1 28.34 38.86 -15.27
C THR F 1 29.29 37.76 -15.73
N CYS F 2 29.01 36.49 -15.40
CA CYS F 2 29.85 35.37 -15.81
C CYS F 2 29.42 34.86 -17.18
N PRO F 3 30.37 34.60 -18.12
CA PRO F 3 30.04 33.83 -19.33
C PRO F 3 29.22 32.59 -18.97
N GLU F 4 28.15 32.33 -19.72
CA GLU F 4 27.24 31.22 -19.40
C GLU F 4 27.84 29.89 -19.88
N GLN F 5 28.71 29.93 -20.89
CA GLN F 5 29.65 28.85 -21.16
C GLN F 5 31.07 29.39 -21.18
N ASP F 6 32.00 28.52 -20.76
CA ASP F 6 33.42 28.80 -20.79
C ASP F 6 34.15 27.46 -20.61
N LYS F 7 35.40 27.41 -21.05
CA LYS F 7 36.07 26.14 -21.26
C LYS F 7 37.24 26.01 -20.29
N TYR F 8 37.79 27.16 -19.86
CA TYR F 8 39.00 27.23 -19.07
C TYR F 8 38.79 28.10 -17.84
N ARG F 9 39.62 27.87 -16.82
CA ARG F 9 39.65 28.73 -15.65
C ARG F 9 40.06 30.14 -16.07
N THR F 10 39.45 31.14 -15.41
CA THR F 10 40.00 32.48 -15.41
C THR F 10 41.30 32.47 -14.60
N ILE F 11 42.12 33.50 -14.79
CA ILE F 11 43.38 33.58 -14.07
C ILE F 11 43.12 33.89 -12.59
N THR F 12 42.19 34.82 -12.33
CA THR F 12 41.89 35.30 -10.98
C THR F 12 41.00 34.32 -10.22
N GLY F 13 40.39 33.34 -10.89
CA GLY F 13 39.45 32.43 -10.26
C GLY F 13 38.02 32.97 -10.20
N MET F 14 37.84 34.26 -10.59
CA MET F 14 36.52 34.84 -10.81
C MET F 14 35.71 33.83 -11.63
N CYS F 15 34.47 33.56 -11.20
CA CYS F 15 33.47 32.90 -12.03
C CYS F 15 33.56 31.38 -12.00
N ASN F 16 34.44 30.82 -11.16
CA ASN F 16 34.43 29.40 -10.88
C ASN F 16 33.06 29.04 -10.31
N ASN F 17 32.63 29.78 -9.27
CA ASN F 17 31.30 29.65 -8.71
C ASN F 17 30.41 30.71 -9.35
N ARG F 18 29.39 30.28 -10.11
CA ARG F 18 28.60 31.20 -10.90
C ARG F 18 27.62 31.99 -10.04
N ARG F 19 27.09 31.42 -8.95
CA ARG F 19 26.14 32.12 -8.09
C ARG F 19 26.81 33.19 -7.22
N SER F 20 28.04 32.90 -6.73
CA SER F 20 28.80 33.83 -5.94
C SER F 20 30.22 33.93 -6.53
N PRO F 21 30.37 34.67 -7.65
CA PRO F 21 31.56 34.51 -8.48
C PRO F 21 32.92 34.91 -7.92
N THR F 22 32.99 35.54 -6.74
CA THR F 22 34.28 35.84 -6.14
C THR F 22 34.85 34.70 -5.30
N LEU F 23 34.04 33.66 -5.02
CA LEU F 23 34.47 32.59 -4.12
C LEU F 23 35.66 31.82 -4.73
N GLY F 24 36.81 31.93 -4.06
CA GLY F 24 38.04 31.29 -4.48
C GLY F 24 38.89 32.16 -5.41
N ALA F 25 38.38 33.35 -5.73
CA ALA F 25 39.11 34.32 -6.54
C ALA F 25 40.17 35.02 -5.67
N SER F 26 41.12 35.65 -6.37
CA SER F 26 42.27 36.28 -5.77
C SER F 26 41.88 37.63 -5.21
N ASN F 27 42.66 38.07 -4.20
CA ASN F 27 42.51 39.39 -3.57
C ASN F 27 41.14 39.56 -2.94
N ARG F 28 40.72 38.56 -2.15
CA ARG F 28 39.50 38.63 -1.36
C ARG F 28 39.81 38.16 0.06
N ALA F 29 38.97 38.57 1.00
CA ALA F 29 39.11 38.18 2.40
C ALA F 29 38.96 36.67 2.55
N PHE F 30 39.73 36.12 3.50
CA PHE F 30 39.56 34.74 3.92
C PHE F 30 38.17 34.58 4.51
N VAL F 31 37.63 33.37 4.42
CA VAL F 31 36.44 33.02 5.18
C VAL F 31 36.87 32.71 6.62
N ARG F 32 35.96 32.94 7.58
CA ARG F 32 36.17 32.59 8.97
C ARG F 32 35.32 31.39 9.36
N TRP F 33 35.96 30.35 9.91
CA TRP F 33 35.21 29.19 10.39
C TRP F 33 34.73 29.36 11.83
N LEU F 34 35.38 30.29 12.53
CA LEU F 34 35.01 30.68 13.88
C LEU F 34 35.16 32.19 13.98
N PRO F 35 34.36 32.84 14.85
CA PRO F 35 34.55 34.28 15.12
C PRO F 35 35.93 34.61 15.64
N ALA F 36 36.45 35.77 15.20
CA ALA F 36 37.77 36.24 15.57
C ALA F 36 37.84 36.59 17.07
N GLU F 37 39.06 36.49 17.63
CA GLU F 37 39.34 36.81 19.02
C GLU F 37 40.49 37.82 19.07
N TYR F 38 40.10 39.09 19.23
CA TYR F 38 41.03 40.20 19.35
C TYR F 38 40.91 40.79 20.76
N GLU F 39 42.01 41.40 21.21
CA GLU F 39 42.13 41.99 22.54
C GLU F 39 41.02 43.00 22.78
N ASP F 40 40.65 43.77 21.75
CA ASP F 40 39.63 44.81 21.85
C ASP F 40 38.35 44.39 21.13
N GLY F 41 38.26 43.12 20.73
CA GLY F 41 37.05 42.58 20.11
C GLY F 41 37.04 42.63 18.58
N PHE F 42 37.80 43.57 17.98
CA PHE F 42 37.66 43.79 16.55
C PHE F 42 38.96 44.08 15.79
N SER F 43 40.13 44.31 16.45
CA SER F 43 41.29 44.73 15.66
C SER F 43 42.65 44.41 16.29
N LEU F 44 42.81 44.62 17.61
CA LEU F 44 44.12 44.55 18.21
C LEU F 44 44.39 43.11 18.66
N PRO F 45 45.60 42.59 18.36
CA PRO F 45 45.90 41.18 18.66
C PRO F 45 46.22 40.99 20.13
N TYR F 46 45.98 39.78 20.65
CA TYR F 46 46.39 39.47 22.01
C TYR F 46 47.92 39.59 22.10
N GLY F 47 48.35 40.20 23.20
CA GLY F 47 49.75 40.55 23.41
C GLY F 47 50.08 41.98 23.00
N TRP F 48 49.07 42.75 22.56
CA TRP F 48 49.31 44.08 22.04
C TRP F 48 49.57 45.06 23.19
N THR F 49 48.63 45.12 24.14
CA THR F 49 48.73 45.98 25.30
C THR F 49 49.37 45.20 26.45
N PRO F 50 50.53 45.64 27.02
CA PRO F 50 51.12 44.94 28.16
C PRO F 50 50.15 44.86 29.35
N GLY F 51 50.06 43.66 29.93
CA GLY F 51 49.30 43.48 31.15
C GLY F 51 47.86 43.04 30.92
N VAL F 52 47.38 43.12 29.67
CA VAL F 52 46.04 42.67 29.32
C VAL F 52 46.04 41.16 29.10
N LYS F 53 45.20 40.47 29.89
CA LYS F 53 45.13 39.02 29.88
C LYS F 53 44.20 38.52 28.77
N ARG F 54 44.43 37.26 28.36
CA ARG F 54 43.56 36.55 27.45
C ARG F 54 42.78 35.54 28.27
N ASN F 55 41.47 35.74 28.39
CA ASN F 55 40.56 34.74 28.92
C ASN F 55 41.05 34.31 30.31
N GLY F 56 41.54 35.30 31.08
CA GLY F 56 41.91 35.09 32.48
C GLY F 56 43.41 34.87 32.73
N PHE F 57 44.24 34.79 31.69
CA PHE F 57 45.65 34.47 31.88
C PHE F 57 46.55 35.38 31.06
N PRO F 58 47.82 35.57 31.49
CA PRO F 58 48.78 36.36 30.72
C PRO F 58 49.01 35.75 29.34
N VAL F 59 49.35 36.60 28.38
CA VAL F 59 49.73 36.17 27.06
C VAL F 59 51.21 35.81 27.10
N ALA F 60 51.56 34.61 26.62
CA ALA F 60 52.94 34.17 26.50
C ALA F 60 53.59 34.80 25.27
N LEU F 61 54.82 35.27 25.41
CA LEU F 61 55.57 35.77 24.25
C LEU F 61 55.77 34.63 23.27
N ALA F 62 55.51 34.88 21.98
CA ALA F 62 55.70 33.88 20.95
C ALA F 62 57.13 33.34 20.99
N ARG F 63 58.09 34.24 21.20
CA ARG F 63 59.51 33.88 21.27
C ARG F 63 59.79 33.03 22.51
N ALA F 64 59.12 33.32 23.63
CA ALA F 64 59.26 32.52 24.83
C ALA F 64 58.74 31.10 24.60
N VAL F 65 57.59 30.98 23.96
CA VAL F 65 57.01 29.68 23.70
C VAL F 65 57.94 28.88 22.78
N SER F 66 58.46 29.52 21.72
CA SER F 66 59.43 28.92 20.83
C SER F 66 60.63 28.38 21.61
N ASN F 67 61.23 29.21 22.49
CA ASN F 67 62.42 28.85 23.24
C ASN F 67 62.18 27.64 24.14
N GLU F 68 61.06 27.63 24.88
CA GLU F 68 60.84 26.65 25.94
C GLU F 68 60.28 25.33 25.40
N ILE F 69 59.72 25.31 24.18
CA ILE F 69 58.91 24.18 23.72
C ILE F 69 59.33 23.68 22.34
N VAL F 70 59.71 24.60 21.44
CA VAL F 70 60.04 24.21 20.09
C VAL F 70 61.53 23.86 19.99
N ARG F 71 62.35 24.65 20.67
CA ARG F 71 63.80 24.48 20.65
C ARG F 71 64.18 23.06 21.06
N PHE F 72 65.13 22.48 20.28
CA PHE F 72 65.72 21.20 20.61
C PHE F 72 67.16 21.20 20.08
N PRO F 73 68.05 20.35 20.64
CA PRO F 73 69.42 20.22 20.11
C PRO F 73 69.50 19.52 18.75
N THR F 74 70.19 20.11 17.76
CA THR F 74 70.05 19.67 16.38
C THR F 74 70.68 18.28 16.16
N ASP F 75 71.60 17.87 17.04
CA ASP F 75 72.24 16.56 16.97
C ASP F 75 71.22 15.44 17.24
N GLN F 76 70.08 15.75 17.89
CA GLN F 76 69.06 14.76 18.24
C GLN F 76 68.15 14.44 17.06
N LEU F 77 68.26 15.22 15.95
CA LEU F 77 67.25 15.22 14.90
C LEU F 77 66.98 13.80 14.44
N THR F 78 65.70 13.43 14.38
CA THR F 78 65.29 12.12 13.93
C THR F 78 64.81 12.20 12.49
N PRO F 79 65.43 11.43 11.56
CA PRO F 79 64.92 11.37 10.19
C PRO F 79 63.71 10.43 10.10
N ASP F 80 62.78 10.78 9.21
CA ASP F 80 61.56 10.05 8.98
C ASP F 80 61.84 8.92 7.99
N GLN F 81 61.75 7.68 8.48
CA GLN F 81 62.09 6.54 7.64
C GLN F 81 61.04 6.31 6.55
N GLU F 82 59.88 6.96 6.66
CA GLU F 82 58.77 6.69 5.76
C GLU F 82 58.39 7.89 4.90
N ARG F 83 59.20 8.97 4.92
CA ARG F 83 58.89 10.17 4.15
C ARG F 83 60.16 10.76 3.57
N SER F 84 60.10 11.12 2.28
CA SER F 84 61.18 11.86 1.63
C SER F 84 61.10 13.33 1.99
N LEU F 85 62.16 14.07 1.71
CA LEU F 85 62.15 15.51 1.90
C LEU F 85 61.31 16.16 0.80
N MET F 86 61.00 15.41 -0.25
CA MET F 86 60.08 15.84 -1.30
C MET F 86 58.67 16.00 -0.73
N PHE F 87 58.34 15.27 0.35
CA PHE F 87 57.08 15.42 1.05
C PHE F 87 56.98 16.82 1.66
N MET F 88 58.07 17.27 2.30
CA MET F 88 58.13 18.62 2.82
C MET F 88 57.94 19.63 1.68
N GLN F 89 58.66 19.44 0.57
CA GLN F 89 58.75 20.47 -0.45
C GLN F 89 57.47 20.60 -1.26
N TRP F 90 56.76 19.48 -1.49
CA TRP F 90 55.49 19.55 -2.18
C TRP F 90 54.48 20.31 -1.34
N GLY F 91 54.59 20.21 -0.01
CA GLY F 91 53.71 20.93 0.88
C GLY F 91 53.84 22.44 0.73
N GLN F 92 55.08 22.92 0.67
CA GLN F 92 55.35 24.33 0.53
C GLN F 92 54.84 24.81 -0.82
N LEU F 93 55.11 24.03 -1.86
CA LEU F 93 54.73 24.40 -3.20
C LEU F 93 53.21 24.48 -3.32
N LEU F 94 52.51 23.48 -2.74
CA LEU F 94 51.05 23.46 -2.72
C LEU F 94 50.49 24.66 -1.95
N ASP F 95 51.03 24.92 -0.76
CA ASP F 95 50.68 26.09 0.03
C ASP F 95 50.70 27.33 -0.86
N HIS F 96 51.69 27.43 -1.75
CA HIS F 96 51.89 28.62 -2.56
C HIS F 96 50.92 28.63 -3.75
N ASP F 97 50.16 27.52 -3.92
CA ASP F 97 49.02 27.49 -4.83
C ASP F 97 47.78 28.01 -4.11
N LEU F 98 47.73 27.94 -2.77
CA LEU F 98 46.47 28.10 -2.06
C LEU F 98 46.31 29.49 -1.44
N ASP F 99 47.34 29.95 -0.72
CA ASP F 99 47.22 31.17 0.07
C ASP F 99 48.52 31.96 0.12
N PHE F 100 48.37 33.28 -0.04
CA PHE F 100 49.38 34.28 0.29
C PHE F 100 48.69 35.45 1.00
N THR F 101 49.17 35.76 2.22
CA THR F 101 48.59 36.81 3.04
C THR F 101 49.45 38.07 2.95
N PRO F 102 49.08 39.08 2.14
CA PRO F 102 49.95 40.26 1.96
C PRO F 102 50.12 41.14 3.21
N GLU F 103 51.32 41.74 3.32
CA GLU F 103 51.71 42.69 4.37
C GLU F 103 52.01 44.04 3.74
N PRO F 104 52.02 45.14 4.52
CA PRO F 104 52.44 46.44 3.99
C PRO F 104 53.93 46.50 3.65
N ALA F 105 54.30 47.33 2.66
CA ALA F 105 55.68 47.69 2.35
C ALA F 105 56.36 48.41 3.53
N ALA F 106 57.68 48.23 3.68
CA ALA F 106 58.43 48.76 4.81
C ALA F 106 58.26 50.28 4.97
N ASN F 115 60.21 51.01 8.60
CA ASN F 115 59.62 51.26 9.94
C ASN F 115 59.72 49.93 10.64
N CYS F 116 58.95 48.89 10.25
CA CYS F 116 58.85 47.67 11.07
C CYS F 116 60.11 46.83 11.00
N GLU F 117 60.94 47.08 9.96
CA GLU F 117 62.13 46.29 9.70
C GLU F 117 63.29 46.77 10.59
N THR F 118 63.29 48.05 10.99
CA THR F 118 64.44 48.63 11.68
C THR F 118 64.07 49.17 13.07
N SER F 119 62.78 49.39 13.34
CA SER F 119 62.33 49.91 14.61
C SER F 119 61.70 48.79 15.43
N CYS F 120 61.78 48.90 16.77
CA CYS F 120 61.11 47.97 17.67
C CYS F 120 59.95 48.65 18.38
N VAL F 121 59.57 49.83 17.88
CA VAL F 121 58.43 50.56 18.41
C VAL F 121 57.17 49.87 17.89
N GLN F 122 56.20 49.65 18.80
CA GLN F 122 54.93 49.03 18.45
C GLN F 122 53.95 50.12 18.06
N GLN F 123 53.97 50.47 16.77
CA GLN F 123 53.10 51.47 16.20
C GLN F 123 52.56 50.89 14.89
N PRO F 124 51.25 51.00 14.57
CA PRO F 124 50.71 50.45 13.33
C PRO F 124 51.59 50.79 12.12
N PRO F 125 51.90 49.84 11.20
CA PRO F 125 51.37 48.47 11.23
C PRO F 125 52.24 47.38 11.85
N CYS F 126 53.12 47.78 12.78
CA CYS F 126 54.14 46.89 13.30
C CYS F 126 53.59 46.20 14.55
N PHE F 127 53.97 44.92 14.70
CA PHE F 127 53.61 44.13 15.86
C PHE F 127 54.83 43.29 16.24
N PRO F 128 55.95 43.94 16.61
CA PRO F 128 57.21 43.24 16.86
C PRO F 128 57.12 42.24 18.02
N LEU F 129 57.87 41.15 17.87
CA LEU F 129 57.96 40.11 18.88
C LEU F 129 58.92 40.56 19.98
N LYS F 130 58.42 40.69 21.21
CA LYS F 130 59.27 41.01 22.34
C LYS F 130 60.16 39.82 22.67
N ILE F 131 61.34 40.15 23.20
CA ILE F 131 62.35 39.19 23.58
C ILE F 131 62.22 38.87 25.06
N PRO F 132 62.15 37.58 25.46
CA PRO F 132 62.07 37.23 26.87
C PRO F 132 63.44 37.36 27.56
N PRO F 133 63.49 37.40 28.91
CA PRO F 133 64.77 37.31 29.61
C PRO F 133 65.45 35.95 29.38
N ASN F 134 66.78 35.96 29.39
CA ASN F 134 67.56 34.72 29.28
C ASN F 134 67.30 34.05 27.94
N ASP F 135 67.26 34.85 26.87
CA ASP F 135 67.08 34.32 25.54
C ASP F 135 68.39 33.69 25.11
N PRO F 136 68.37 32.47 24.54
CA PRO F 136 69.60 31.84 24.04
C PRO F 136 70.38 32.61 22.96
N ARG F 137 69.76 33.57 22.27
CA ARG F 137 70.42 34.23 21.15
C ARG F 137 70.42 35.76 21.30
N ILE F 138 69.26 36.34 21.62
CA ILE F 138 69.09 37.79 21.60
C ILE F 138 69.19 38.30 23.04
N LYS F 139 70.35 38.84 23.41
CA LYS F 139 70.66 39.12 24.81
C LYS F 139 70.13 40.50 25.20
N ASN F 140 70.04 41.41 24.22
CA ASN F 140 69.47 42.74 24.39
C ASN F 140 67.94 42.64 24.37
N GLN F 141 67.31 42.87 25.53
CA GLN F 141 65.86 42.78 25.64
C GLN F 141 65.15 43.99 25.00
N ALA F 142 65.90 45.03 24.64
CA ALA F 142 65.32 46.18 23.97
C ALA F 142 65.24 45.94 22.45
N ASP F 143 65.83 44.83 21.99
CA ASP F 143 65.69 44.40 20.60
C ASP F 143 64.33 43.70 20.43
N CYS F 144 64.10 43.16 19.23
CA CYS F 144 62.84 42.54 18.89
C CYS F 144 63.01 41.77 17.58
N ILE F 145 62.05 40.88 17.30
CA ILE F 145 61.98 40.28 15.97
C ILE F 145 60.95 41.06 15.13
N PRO F 146 61.35 41.58 13.95
CA PRO F 146 60.45 42.35 13.09
C PRO F 146 59.17 41.60 12.70
N PHE F 147 58.05 42.33 12.64
CA PHE F 147 56.78 41.74 12.26
C PHE F 147 55.85 42.84 11.75
N PHE F 148 55.41 42.69 10.51
CA PHE F 148 54.36 43.52 9.95
C PHE F 148 53.04 42.76 10.07
N ARG F 149 52.00 43.44 10.58
CA ARG F 149 50.67 42.88 10.60
C ARG F 149 50.19 42.67 9.16
N SER F 150 49.43 41.59 8.96
CA SER F 150 48.85 41.28 7.67
C SER F 150 47.91 42.41 7.26
N CSO F 151 47.91 42.88 5.91
CA CSO F 151 46.88 43.89 5.48
CB CSO F 151 46.92 44.12 3.98
SG CSO F 151 48.47 44.77 3.30
C CSO F 151 45.48 43.40 5.90
O CSO F 151 45.22 42.17 5.73
OD CSO F 151 48.47 46.41 3.57
N PRO F 152 44.69 44.47 6.44
CA PRO F 152 43.25 44.22 6.66
C PRO F 152 42.44 44.40 5.38
N ALA F 153 41.33 43.67 5.27
CA ALA F 153 40.46 43.76 4.10
C ALA F 153 39.74 45.10 4.05
N CYS F 154 39.47 45.68 5.23
CA CYS F 154 38.81 46.97 5.35
C CYS F 154 39.63 47.92 6.22
N PRO F 155 40.61 48.64 5.63
CA PRO F 155 41.51 49.49 6.41
C PRO F 155 40.82 50.65 7.12
N GLY F 156 41.17 50.86 8.40
CA GLY F 156 40.77 52.02 9.17
C GLY F 156 39.34 51.93 9.71
N SER F 157 38.71 50.75 9.67
CA SER F 157 37.31 50.63 10.03
C SER F 157 37.18 50.43 11.55
N ASN F 158 36.21 51.13 12.16
CA ASN F 158 35.84 50.89 13.56
C ASN F 158 34.65 49.93 13.64
N ILE F 159 33.97 49.70 12.50
CA ILE F 159 32.80 48.84 12.44
C ILE F 159 33.21 47.37 12.27
N THR F 160 34.04 47.08 11.25
CA THR F 160 34.25 45.69 10.84
C THR F 160 35.23 45.00 11.79
N ILE F 161 35.07 43.68 11.92
CA ILE F 161 36.04 42.85 12.61
C ILE F 161 37.17 42.53 11.64
N ARG F 162 38.38 42.95 12.00
CA ARG F 162 39.55 42.83 11.15
C ARG F 162 39.66 41.41 10.60
N ASN F 163 39.78 41.30 9.28
CA ASN F 163 40.02 40.05 8.58
C ASN F 163 41.16 40.33 7.58
N GLN F 164 41.85 39.27 7.14
CA GLN F 164 43.02 39.36 6.29
C GLN F 164 42.69 38.85 4.89
N ILE F 165 43.63 39.00 3.95
CA ILE F 165 43.37 38.89 2.52
C ILE F 165 44.18 37.74 1.93
N ASN F 166 43.56 37.02 0.98
CA ASN F 166 44.23 36.00 0.19
C ASN F 166 44.47 36.56 -1.20
N ALA F 167 45.75 36.67 -1.58
CA ALA F 167 46.12 37.24 -2.87
C ALA F 167 46.07 36.22 -4.01
N LEU F 168 45.84 34.93 -3.71
CA LEU F 168 45.85 33.87 -4.70
C LEU F 168 44.46 33.29 -4.90
N THR F 169 44.33 32.52 -5.97
CA THR F 169 43.15 31.68 -6.14
C THR F 169 43.24 30.53 -5.14
N SER F 170 42.15 30.28 -4.43
CA SER F 170 42.10 29.21 -3.45
C SER F 170 42.22 27.84 -4.13
N PHE F 171 41.76 27.73 -5.39
CA PHE F 171 41.68 26.45 -6.06
C PHE F 171 43.08 25.84 -6.25
N VAL F 172 43.12 24.50 -6.32
CA VAL F 172 44.32 23.81 -6.76
C VAL F 172 44.37 23.87 -8.30
N ASP F 173 44.94 24.95 -8.83
CA ASP F 173 44.87 25.30 -10.24
C ASP F 173 46.25 25.65 -10.80
N ALA F 174 47.30 25.37 -10.02
CA ALA F 174 48.67 25.69 -10.42
C ALA F 174 48.87 27.19 -10.62
N SER F 175 48.20 28.01 -9.82
CA SER F 175 48.36 29.46 -9.91
C SER F 175 49.78 29.89 -9.49
N MET F 176 50.52 29.03 -8.77
CA MET F 176 51.92 29.33 -8.45
C MET F 176 52.79 29.25 -9.72
N VAL F 177 52.25 28.66 -10.80
CA VAL F 177 52.92 28.63 -12.08
C VAL F 177 52.43 29.77 -12.97
N TYR F 178 51.10 29.96 -13.07
CA TYR F 178 50.52 30.82 -14.10
C TYR F 178 50.19 32.22 -13.61
N GLY F 179 50.16 32.43 -12.28
CA GLY F 179 49.74 33.69 -11.68
C GLY F 179 48.27 33.72 -11.33
N SER F 180 47.91 34.65 -10.42
CA SER F 180 46.53 34.83 -9.97
C SER F 180 45.98 36.21 -10.38
N GLU F 181 46.76 36.98 -11.17
CA GLU F 181 46.32 38.26 -11.68
C GLU F 181 46.69 38.35 -13.16
N GLU F 182 45.92 39.09 -13.96
CA GLU F 182 46.04 39.00 -15.41
C GLU F 182 47.29 39.73 -15.92
N PRO F 183 47.68 40.92 -15.39
CA PRO F 183 48.97 41.51 -15.74
C PRO F 183 50.14 40.53 -15.60
N LEU F 184 50.30 39.92 -14.42
CA LEU F 184 51.36 38.97 -14.18
C LEU F 184 51.24 37.76 -15.09
N ALA F 185 50.02 37.27 -15.33
CA ALA F 185 49.85 36.05 -16.12
C ALA F 185 50.27 36.25 -17.57
N ARG F 186 50.14 37.47 -18.12
CA ARG F 186 50.56 37.77 -19.48
C ARG F 186 52.10 37.93 -19.53
N ASN F 187 52.70 38.51 -18.47
CA ASN F 187 54.15 38.69 -18.41
C ASN F 187 54.89 37.36 -18.30
N LEU F 188 54.24 36.33 -17.76
CA LEU F 188 54.85 35.02 -17.59
C LEU F 188 54.84 34.24 -18.90
N ARG F 189 54.14 34.77 -19.92
CA ARG F 189 53.99 34.07 -21.19
C ARG F 189 55.01 34.60 -22.21
N ASN F 190 55.37 33.69 -23.11
CA ASN F 190 56.17 33.99 -24.29
C ASN F 190 55.23 34.52 -25.37
N MET F 191 55.21 35.86 -25.55
CA MET F 191 54.30 36.52 -26.48
C MET F 191 55.02 36.83 -27.81
N SER F 192 56.21 36.23 -28.01
CA SER F 192 56.98 36.37 -29.24
C SER F 192 56.38 35.56 -30.39
N ASN F 193 55.67 34.46 -30.10
CA ASN F 193 55.24 33.51 -31.10
C ASN F 193 53.86 32.96 -30.73
N GLN F 194 53.38 31.96 -31.50
CA GLN F 194 52.06 31.37 -31.28
C GLN F 194 52.18 29.93 -30.79
N LEU F 195 53.15 29.68 -29.89
CA LEU F 195 53.42 28.34 -29.40
C LEU F 195 52.80 28.09 -28.03
N GLY F 196 52.29 29.15 -27.37
CA GLY F 196 51.59 29.05 -26.09
C GLY F 196 52.54 28.69 -24.95
N LEU F 197 53.75 29.25 -24.99
CA LEU F 197 54.81 28.90 -24.05
C LEU F 197 54.84 29.90 -22.90
N LEU F 198 55.46 29.46 -21.81
CA LEU F 198 55.85 30.34 -20.73
C LEU F 198 57.25 30.88 -21.04
N ALA F 199 57.48 32.15 -20.68
CA ALA F 199 58.77 32.79 -20.78
C ALA F 199 59.79 32.03 -19.93
N VAL F 200 61.02 31.94 -20.48
CA VAL F 200 62.16 31.29 -19.88
C VAL F 200 63.30 32.30 -19.75
N ASN F 201 64.31 31.94 -18.96
CA ASN F 201 65.44 32.81 -18.70
C ASN F 201 66.18 33.05 -20.02
N GLN F 202 66.47 34.32 -20.31
CA GLN F 202 67.16 34.71 -21.53
C GLN F 202 68.66 34.83 -21.34
N ARG F 203 69.19 34.63 -20.12
CA ARG F 203 70.60 34.83 -19.83
C ARG F 203 71.28 33.51 -19.45
N PHE F 204 70.52 32.50 -18.98
CA PHE F 204 71.13 31.27 -18.48
C PHE F 204 70.25 30.05 -18.77
N GLN F 205 70.90 28.89 -18.87
CA GLN F 205 70.27 27.59 -19.06
C GLN F 205 70.94 26.58 -18.15
N ASP F 206 70.22 25.49 -17.86
CA ASP F 206 70.67 24.43 -16.96
C ASP F 206 70.85 23.18 -17.81
N ASN F 207 72.10 22.98 -18.29
CA ASN F 207 72.43 21.92 -19.24
C ASN F 207 71.46 21.94 -20.43
N GLY F 208 71.23 23.13 -21.01
CA GLY F 208 70.42 23.25 -22.21
C GLY F 208 68.93 23.43 -21.93
N ARG F 209 68.49 23.19 -20.69
CA ARG F 209 67.08 23.26 -20.31
C ARG F 209 66.80 24.58 -19.61
N ALA F 210 65.51 24.95 -19.60
CA ALA F 210 65.09 26.31 -19.23
C ALA F 210 65.21 26.54 -17.72
N LEU F 211 65.47 27.82 -17.38
CA LEU F 211 65.29 28.34 -16.03
C LEU F 211 64.19 29.40 -16.05
N LEU F 212 63.72 29.75 -14.84
CA LEU F 212 62.66 30.74 -14.71
C LEU F 212 63.21 32.11 -15.13
N PRO F 213 62.38 33.00 -15.74
CA PRO F 213 62.82 34.37 -16.01
C PRO F 213 63.27 35.04 -14.71
N PHE F 214 64.02 36.13 -14.83
CA PHE F 214 64.38 36.93 -13.67
C PHE F 214 63.31 37.99 -13.45
N ASP F 215 63.13 38.34 -12.17
CA ASP F 215 62.21 39.40 -11.81
C ASP F 215 63.02 40.69 -11.76
N ASN F 216 62.29 41.80 -11.85
CA ASN F 216 62.88 43.12 -11.75
C ASN F 216 62.33 43.81 -10.50
N LEU F 217 62.93 43.50 -9.34
CA LEU F 217 62.47 43.98 -8.05
C LEU F 217 63.22 45.24 -7.66
N HIS F 218 62.54 46.12 -6.91
CA HIS F 218 63.16 47.37 -6.49
C HIS F 218 64.28 47.08 -5.48
N ASP F 219 63.96 46.33 -4.43
CA ASP F 219 64.96 45.88 -3.47
C ASP F 219 65.00 44.36 -3.51
N ASP F 220 65.84 43.81 -4.40
CA ASP F 220 65.93 42.39 -4.67
C ASP F 220 66.77 41.71 -3.58
N PRO F 221 66.20 40.75 -2.82
CA PRO F 221 66.92 40.10 -1.74
C PRO F 221 67.88 38.99 -2.17
N CYS F 222 67.68 38.44 -3.38
CA CYS F 222 68.51 37.33 -3.84
C CYS F 222 69.92 37.82 -4.15
N LEU F 223 70.03 39.08 -4.55
CA LEU F 223 71.31 39.74 -4.80
C LEU F 223 72.12 39.87 -3.50
N LEU F 224 71.46 39.96 -2.34
CA LEU F 224 72.15 40.15 -1.07
C LEU F 224 72.85 38.85 -0.62
N THR F 225 72.43 37.70 -1.15
CA THR F 225 72.88 36.41 -0.63
C THR F 225 74.29 36.08 -1.13
N ASN F 226 74.65 36.62 -2.30
CA ASN F 226 76.01 36.55 -2.80
C ASN F 226 76.24 37.79 -3.65
N ARG F 227 77.08 38.69 -3.11
CA ARG F 227 77.28 40.01 -3.67
C ARG F 227 77.90 39.91 -5.06
N SER F 228 78.97 39.12 -5.17
CA SER F 228 79.75 39.04 -6.40
C SER F 228 78.97 38.35 -7.51
N ALA F 229 78.10 37.38 -7.17
CA ALA F 229 77.39 36.57 -8.15
C ALA F 229 76.36 37.40 -8.92
N ARG F 230 75.67 38.33 -8.23
CA ARG F 230 74.76 39.25 -8.88
C ARG F 230 73.69 38.49 -9.66
N ILE F 231 73.04 37.52 -8.99
CA ILE F 231 71.94 36.76 -9.58
C ILE F 231 70.65 37.16 -8.86
N PRO F 232 69.70 37.81 -9.58
CA PRO F 232 68.45 38.28 -8.99
C PRO F 232 67.44 37.14 -8.78
N CYS F 233 66.32 37.50 -8.15
CA CYS F 233 65.28 36.54 -7.88
C CYS F 233 64.57 36.21 -9.19
N PHE F 234 63.98 35.01 -9.20
CA PHE F 234 63.22 34.52 -10.32
C PHE F 234 61.81 35.12 -10.30
N LEU F 235 61.16 35.03 -11.46
CA LEU F 235 59.76 35.42 -11.65
C LEU F 235 58.93 34.17 -11.91
N ALA F 236 57.91 33.95 -11.09
CA ALA F 236 56.99 32.83 -11.22
C ALA F 236 55.55 33.29 -10.96
N GLY F 237 54.62 32.34 -10.96
CA GLY F 237 53.23 32.61 -10.65
C GLY F 237 53.02 33.14 -9.24
N ASP F 238 53.90 32.73 -8.32
CA ASP F 238 53.90 33.15 -6.94
C ASP F 238 55.20 33.88 -6.63
N THR F 239 55.11 34.91 -5.77
CA THR F 239 56.23 35.82 -5.57
C THR F 239 57.34 35.21 -4.71
N ARG F 240 57.09 34.06 -4.09
CA ARG F 240 58.00 33.47 -3.12
C ARG F 240 58.85 32.37 -3.77
N SER F 241 58.89 32.32 -5.11
CA SER F 241 59.51 31.22 -5.86
C SER F 241 60.98 31.01 -5.52
N SER F 242 61.67 32.08 -5.06
CA SER F 242 63.11 32.02 -4.84
C SER F 242 63.48 31.82 -3.36
N GLU F 243 62.49 31.58 -2.49
CA GLU F 243 62.70 31.61 -1.06
C GLU F 243 63.67 30.51 -0.63
N MET F 244 63.60 29.34 -1.26
CA MET F 244 64.67 28.37 -1.14
C MET F 244 64.81 27.63 -2.46
N PRO F 245 66.03 27.23 -2.83
CA PRO F 245 66.28 26.60 -4.13
C PRO F 245 65.53 25.30 -4.41
N GLU F 246 65.14 24.57 -3.35
CA GLU F 246 64.35 23.35 -3.50
C GLU F 246 62.97 23.70 -4.09
N LEU F 247 62.40 24.83 -3.59
CA LEU F 247 61.15 25.38 -4.09
C LEU F 247 61.33 25.87 -5.53
N THR F 248 62.40 26.63 -5.75
CA THR F 248 62.74 27.09 -7.08
C THR F 248 62.81 25.93 -8.07
N SER F 249 63.38 24.79 -7.63
CA SER F 249 63.52 23.61 -8.46
C SER F 249 62.17 23.10 -8.93
N MET F 250 61.20 23.07 -8.00
CA MET F 250 59.89 22.54 -8.31
C MET F 250 59.15 23.47 -9.28
N HIS F 251 59.29 24.79 -9.05
CA HIS F 251 58.69 25.78 -9.94
C HIS F 251 59.23 25.62 -11.35
N THR F 252 60.57 25.45 -11.42
CA THR F 252 61.30 25.31 -12.67
C THR F 252 60.82 24.04 -13.38
N LEU F 253 60.72 22.95 -12.62
CA LEU F 253 60.27 21.69 -13.15
C LEU F 253 58.91 21.83 -13.85
N LEU F 254 58.01 22.62 -13.25
CA LEU F 254 56.64 22.70 -13.74
C LEU F 254 56.56 23.64 -14.93
N LEU F 255 57.44 24.65 -14.98
CA LEU F 255 57.58 25.51 -16.14
C LEU F 255 57.93 24.66 -17.37
N ARG F 256 58.96 23.82 -17.19
CA ARG F 256 59.44 22.96 -18.26
C ARG F 256 58.31 22.05 -18.74
N GLU F 257 57.57 21.49 -17.77
CA GLU F 257 56.52 20.54 -18.09
C GLU F 257 55.41 21.23 -18.88
N HIS F 258 55.14 22.52 -18.59
CA HIS F 258 54.16 23.26 -19.37
C HIS F 258 54.62 23.33 -20.83
N ASN F 259 55.86 23.82 -21.01
CA ASN F 259 56.43 24.05 -22.32
C ASN F 259 56.55 22.74 -23.11
N ARG F 260 56.91 21.65 -22.43
CA ARG F 260 56.94 20.32 -23.04
C ARG F 260 55.57 19.92 -23.60
N LEU F 261 54.51 20.16 -22.81
CA LEU F 261 53.16 19.78 -23.18
C LEU F 261 52.65 20.62 -24.35
N ALA F 262 52.91 21.94 -24.30
CA ALA F 262 52.51 22.85 -25.36
C ALA F 262 53.19 22.48 -26.68
N THR F 263 54.46 22.04 -26.57
CA THR F 263 55.23 21.56 -27.70
C THR F 263 54.58 20.31 -28.31
N GLU F 264 54.28 19.30 -27.49
CA GLU F 264 53.72 18.06 -27.98
C GLU F 264 52.30 18.23 -28.53
N LEU F 265 51.56 19.23 -28.02
CA LEU F 265 50.20 19.47 -28.48
C LEU F 265 50.24 20.19 -29.83
N LYS F 266 51.32 20.93 -30.10
CA LYS F 266 51.51 21.62 -31.36
C LYS F 266 51.73 20.61 -32.49
N SER F 267 52.59 19.62 -32.23
CA SER F 267 52.81 18.46 -33.11
C SER F 267 51.46 17.81 -33.43
N LEU F 268 50.68 17.57 -32.38
CA LEU F 268 49.46 16.78 -32.46
C LEU F 268 48.33 17.57 -33.14
N ASN F 269 48.24 18.87 -32.86
CA ASN F 269 47.18 19.71 -33.40
C ASN F 269 47.83 20.94 -34.02
N PRO F 270 48.35 20.83 -35.26
CA PRO F 270 49.15 21.91 -35.84
C PRO F 270 48.39 23.23 -36.04
N ARG F 271 47.06 23.20 -36.09
CA ARG F 271 46.30 24.41 -36.40
C ARG F 271 45.92 25.21 -35.15
N TRP F 272 46.23 24.70 -33.95
CA TRP F 272 45.98 25.42 -32.71
C TRP F 272 46.89 26.64 -32.58
N ASP F 273 46.29 27.78 -32.20
CA ASP F 273 47.04 29.02 -31.98
C ASP F 273 47.70 28.99 -30.59
N GLY F 274 48.39 30.09 -30.25
CA GLY F 274 49.14 30.18 -29.01
C GLY F 274 48.24 30.10 -27.77
N GLU F 275 47.09 30.77 -27.84
CA GLU F 275 46.12 30.81 -26.75
C GLU F 275 45.62 29.40 -26.43
N ARG F 276 45.21 28.65 -27.46
CA ARG F 276 44.63 27.33 -27.27
C ARG F 276 45.65 26.36 -26.67
N LEU F 277 46.92 26.50 -27.08
CA LEU F 277 47.99 25.63 -26.62
C LEU F 277 48.31 25.91 -25.16
N TYR F 278 48.42 27.21 -24.82
CA TYR F 278 48.65 27.68 -23.46
C TYR F 278 47.58 27.15 -22.52
N GLN F 279 46.31 27.33 -22.89
CA GLN F 279 45.20 26.97 -22.02
C GLN F 279 45.17 25.46 -21.82
N GLU F 280 45.40 24.70 -22.90
CA GLU F 280 45.23 23.26 -22.85
C GLU F 280 46.37 22.63 -22.03
N ALA F 281 47.56 23.23 -22.13
CA ALA F 281 48.73 22.79 -21.36
C ALA F 281 48.53 23.14 -19.89
N ARG F 282 48.03 24.36 -19.62
CA ARG F 282 47.72 24.88 -18.30
C ARG F 282 46.70 23.98 -17.60
N LYS F 283 45.70 23.55 -18.37
CA LYS F 283 44.63 22.70 -17.88
C LYS F 283 45.20 21.36 -17.40
N ILE F 284 46.23 20.86 -18.10
CA ILE F 284 46.82 19.57 -17.78
C ILE F 284 47.70 19.70 -16.54
N VAL F 285 48.52 20.75 -16.50
CA VAL F 285 49.42 20.98 -15.38
C VAL F 285 48.61 21.12 -14.10
N GLY F 286 47.48 21.85 -14.17
CA GLY F 286 46.53 21.94 -13.07
C GLY F 286 46.05 20.58 -12.58
N ALA F 287 45.60 19.74 -13.50
CA ALA F 287 45.12 18.39 -13.18
C ALA F 287 46.23 17.56 -12.53
N MET F 288 47.47 17.75 -12.97
CA MET F 288 48.61 16.99 -12.46
C MET F 288 48.89 17.39 -11.00
N VAL F 289 48.76 18.69 -10.70
CA VAL F 289 48.93 19.19 -9.34
C VAL F 289 47.82 18.63 -8.44
N GLN F 290 46.58 18.54 -8.97
CA GLN F 290 45.46 18.00 -8.22
C GLN F 290 45.70 16.54 -7.89
N ILE F 291 46.19 15.78 -8.88
CA ILE F 291 46.28 14.34 -8.76
C ILE F 291 47.39 13.98 -7.80
N ILE F 292 48.56 14.61 -7.94
CA ILE F 292 49.66 14.34 -7.01
C ILE F 292 49.23 14.69 -5.59
N THR F 293 48.53 15.81 -5.44
CA THR F 293 48.10 16.29 -4.14
C THR F 293 47.14 15.29 -3.48
N TYR F 294 46.06 14.92 -4.18
CA TYR F 294 44.99 14.16 -3.55
C TYR F 294 45.25 12.65 -3.58
N ARG F 295 45.94 12.16 -4.61
CA ARG F 295 46.24 10.73 -4.73
C ARG F 295 47.45 10.35 -3.88
N ASP F 296 48.50 11.18 -3.88
CA ASP F 296 49.81 10.78 -3.37
C ASP F 296 50.18 11.51 -2.07
N TYR F 297 49.92 12.83 -2.01
CA TYR F 297 50.42 13.68 -0.94
C TYR F 297 49.54 13.58 0.30
N LEU F 298 48.25 13.88 0.16
CA LEU F 298 47.37 14.09 1.31
C LEU F 298 47.22 12.80 2.12
N PRO F 299 47.07 11.61 1.50
CA PRO F 299 46.95 10.38 2.27
C PRO F 299 48.08 10.15 3.29
N LEU F 300 49.28 10.66 2.96
CA LEU F 300 50.47 10.53 3.79
C LEU F 300 50.52 11.63 4.85
N VAL F 301 49.80 12.74 4.61
CA VAL F 301 49.65 13.76 5.63
C VAL F 301 48.66 13.31 6.69
N LEU F 302 47.45 12.90 6.25
CA LEU F 302 46.30 12.73 7.13
C LEU F 302 46.31 11.33 7.75
N GLY F 303 46.88 10.36 7.01
CA GLY F 303 46.69 8.97 7.38
C GLY F 303 45.40 8.45 6.79
N PRO F 304 45.25 7.11 6.70
CA PRO F 304 44.16 6.52 5.90
C PRO F 304 42.76 6.73 6.49
N THR F 305 42.65 6.72 7.82
CA THR F 305 41.39 6.96 8.53
C THR F 305 40.84 8.34 8.21
N ALA F 306 41.63 9.38 8.52
CA ALA F 306 41.21 10.77 8.31
C ALA F 306 40.97 11.03 6.83
N MET F 307 41.71 10.34 5.96
CA MET F 307 41.56 10.53 4.54
C MET F 307 40.16 10.06 4.09
N ARG F 308 39.68 8.94 4.66
CA ARG F 308 38.37 8.44 4.31
C ARG F 308 37.29 9.32 4.93
N LYS F 309 37.54 9.81 6.14
CA LYS F 309 36.58 10.64 6.86
C LYS F 309 36.38 11.97 6.15
N TYR F 310 37.48 12.68 5.85
CA TYR F 310 37.41 14.07 5.41
C TYR F 310 37.37 14.16 3.87
N LEU F 311 37.89 13.13 3.18
CA LEU F 311 37.92 13.10 1.73
C LEU F 311 37.34 11.78 1.22
N PRO F 312 36.03 11.53 1.40
CA PRO F 312 35.39 10.36 0.81
C PRO F 312 35.39 10.48 -0.71
N THR F 313 35.05 9.38 -1.38
CA THR F 313 35.07 9.28 -2.83
C THR F 313 34.34 10.48 -3.44
N TYR F 314 34.98 11.08 -4.43
CA TYR F 314 34.40 12.19 -5.17
C TYR F 314 33.12 11.72 -5.86
N ARG F 315 32.09 12.58 -5.82
CA ARG F 315 30.84 12.33 -6.52
C ARG F 315 30.74 13.30 -7.69
N SER F 316 30.48 14.58 -7.41
CA SER F 316 30.49 15.58 -8.46
C SER F 316 30.61 16.97 -7.86
N TYR F 317 30.72 17.97 -8.74
CA TYR F 317 30.80 19.37 -8.34
C TYR F 317 29.52 19.79 -7.63
N ASN F 318 29.70 20.41 -6.46
CA ASN F 318 28.57 21.05 -5.72
C ASN F 318 28.80 22.55 -5.66
N ASP F 319 27.87 23.30 -6.24
CA ASP F 319 28.02 24.73 -6.41
C ASP F 319 27.68 25.50 -5.13
N SER F 320 27.28 24.76 -4.08
CA SER F 320 26.94 25.33 -2.77
C SER F 320 28.07 25.08 -1.77
N VAL F 321 29.19 24.50 -2.22
CA VAL F 321 30.35 24.32 -1.37
C VAL F 321 31.26 25.54 -1.52
N ASP F 322 31.53 26.22 -0.40
CA ASP F 322 32.36 27.40 -0.37
C ASP F 322 33.83 26.98 -0.51
N PRO F 323 34.51 27.33 -1.63
CA PRO F 323 35.91 26.96 -1.83
C PRO F 323 36.96 27.94 -1.31
N ARG F 324 36.56 28.94 -0.52
CA ARG F 324 37.54 29.87 0.02
C ARG F 324 38.47 29.19 1.00
N ILE F 325 39.70 29.70 1.08
CA ILE F 325 40.64 29.33 2.13
C ILE F 325 40.14 29.97 3.42
N ALA F 326 40.09 29.16 4.48
CA ALA F 326 39.79 29.63 5.82
C ALA F 326 41.03 30.23 6.45
N ASN F 327 40.82 31.30 7.24
CA ASN F 327 41.87 32.05 7.89
C ASN F 327 42.78 31.09 8.68
N VAL F 328 42.18 30.15 9.41
CA VAL F 328 42.89 29.21 10.27
C VAL F 328 43.79 28.30 9.44
N PHE F 329 43.37 27.96 8.23
CA PHE F 329 44.15 27.08 7.38
C PHE F 329 45.54 27.67 7.11
N THR F 330 45.61 28.99 6.93
CA THR F 330 46.88 29.63 6.60
C THR F 330 47.90 29.37 7.70
N ASN F 331 47.42 29.10 8.93
CA ASN F 331 48.28 28.88 10.08
C ASN F 331 48.45 27.38 10.34
N ALA F 332 47.38 26.60 10.17
CA ALA F 332 47.41 25.17 10.47
C ALA F 332 48.26 24.41 9.45
N PHE F 333 48.20 24.81 8.19
CA PHE F 333 48.94 24.11 7.14
C PHE F 333 50.44 24.40 7.25
N ARG F 334 50.84 25.27 8.20
CA ARG F 334 52.24 25.46 8.52
C ARG F 334 52.80 24.31 9.35
N TYR F 335 52.05 23.24 9.57
CA TYR F 335 52.56 22.05 10.23
C TYR F 335 53.86 21.60 9.55
N GLY F 336 53.98 21.88 8.25
CA GLY F 336 55.09 21.39 7.44
C GLY F 336 56.44 22.00 7.83
N HIS F 337 56.43 23.02 8.70
CA HIS F 337 57.66 23.59 9.24
C HIS F 337 58.37 22.59 10.16
N THR F 338 57.65 21.57 10.64
CA THR F 338 58.20 20.52 11.48
C THR F 338 58.91 19.43 10.65
N LEU F 339 58.76 19.47 9.32
CA LEU F 339 59.35 18.49 8.41
C LEU F 339 60.70 18.95 7.85
N ILE F 340 61.07 20.20 8.15
CA ILE F 340 62.20 20.84 7.50
C ILE F 340 63.51 20.38 8.16
N GLN F 341 64.41 19.87 7.32
CA GLN F 341 65.78 19.51 7.65
C GLN F 341 66.63 20.77 7.63
N PRO F 342 67.72 20.84 8.43
CA PRO F 342 68.57 22.04 8.50
C PRO F 342 69.58 22.23 7.36
N PHE F 343 69.54 21.37 6.33
CA PHE F 343 70.45 21.50 5.19
C PHE F 343 69.68 21.41 3.88
N MET F 344 70.28 21.97 2.83
CA MET F 344 69.92 21.63 1.46
C MET F 344 70.90 20.55 0.96
N PHE F 345 70.35 19.40 0.53
CA PHE F 345 71.12 18.24 0.13
C PHE F 345 71.20 18.17 -1.39
N ARG F 346 72.44 18.06 -1.91
CA ARG F 346 72.70 17.92 -3.34
C ARG F 346 73.46 16.63 -3.62
N LEU F 347 73.06 15.94 -4.71
CA LEU F 347 73.56 14.62 -5.07
C LEU F 347 73.83 14.56 -6.57
N ASP F 348 74.93 13.88 -6.94
CA ASP F 348 75.33 13.70 -8.33
C ASP F 348 74.51 12.58 -8.97
N ASN F 349 74.86 12.18 -10.20
CA ASN F 349 74.04 11.23 -10.95
C ASN F 349 74.19 9.80 -10.41
N ARG F 350 75.10 9.57 -9.45
CA ARG F 350 75.23 8.30 -8.76
C ARG F 350 74.53 8.37 -7.39
N TYR F 351 73.84 9.50 -7.14
CA TYR F 351 73.15 9.78 -5.89
C TYR F 351 74.15 9.80 -4.73
N GLN F 352 75.30 10.43 -4.98
CA GLN F 352 76.38 10.52 -4.02
C GLN F 352 76.58 11.99 -3.68
N PRO F 353 76.99 12.32 -2.43
CA PRO F 353 77.24 13.72 -2.06
C PRO F 353 77.99 14.49 -3.15
N MET F 354 77.33 15.48 -3.76
CA MET F 354 77.91 16.24 -4.86
C MET F 354 78.83 17.32 -4.28
N GLU F 355 80.15 17.13 -4.53
CA GLU F 355 81.20 17.87 -3.84
C GLU F 355 81.60 19.11 -4.63
N PRO F 356 81.59 20.31 -4.01
CA PRO F 356 82.44 20.58 -2.85
C PRO F 356 81.59 20.73 -1.58
N ASN F 357 80.30 21.11 -1.73
CA ASN F 357 79.37 21.41 -0.65
C ASN F 357 78.07 20.61 -0.83
N PRO F 358 78.05 19.34 -0.35
CA PRO F 358 76.89 18.49 -0.53
C PRO F 358 75.71 18.84 0.38
N ARG F 359 76.01 19.47 1.52
CA ARG F 359 75.03 19.86 2.52
C ARG F 359 75.26 21.33 2.87
N VAL F 360 74.35 22.23 2.42
CA VAL F 360 74.44 23.65 2.71
C VAL F 360 73.47 24.00 3.84
N PRO F 361 73.90 24.69 4.91
CA PRO F 361 72.98 25.09 5.97
C PRO F 361 71.88 25.95 5.37
N LEU F 362 70.65 25.77 5.89
CA LEU F 362 69.50 26.42 5.30
C LEU F 362 69.65 27.94 5.39
N SER F 363 70.33 28.42 6.44
CA SER F 363 70.51 29.85 6.67
C SER F 363 71.35 30.50 5.57
N ARG F 364 71.88 29.68 4.62
CA ARG F 364 72.69 30.17 3.53
C ARG F 364 72.09 29.85 2.16
N VAL F 365 70.86 29.30 2.11
CA VAL F 365 70.18 29.01 0.86
C VAL F 365 68.93 29.90 0.65
N PHE F 366 68.53 30.67 1.68
CA PHE F 366 67.33 31.48 1.55
C PHE F 366 67.60 32.56 0.52
N PHE F 367 66.74 32.59 -0.53
CA PHE F 367 66.77 33.58 -1.59
C PHE F 367 68.06 33.48 -2.40
N ALA F 368 68.70 32.30 -2.38
CA ALA F 368 69.99 32.10 -3.03
C ALA F 368 69.76 31.54 -4.42
N SER F 369 69.17 32.36 -5.30
CA SER F 369 68.93 31.98 -6.69
C SER F 369 70.27 31.71 -7.40
N TRP F 370 71.37 32.29 -6.91
CA TRP F 370 72.69 32.08 -7.49
C TRP F 370 73.11 30.61 -7.42
N ARG F 371 72.66 29.86 -6.41
CA ARG F 371 73.05 28.46 -6.26
C ARG F 371 72.38 27.55 -7.28
N VAL F 372 71.34 28.05 -7.94
CA VAL F 372 70.69 27.30 -9.00
C VAL F 372 71.45 27.55 -10.30
N VAL F 373 71.85 28.81 -10.52
CA VAL F 373 72.43 29.22 -11.78
C VAL F 373 73.90 28.80 -11.85
N LEU F 374 74.61 28.79 -10.71
CA LEU F 374 76.05 28.64 -10.71
C LEU F 374 76.53 27.36 -10.00
N GLU F 375 75.65 26.59 -9.33
CA GLU F 375 76.09 25.41 -8.59
C GLU F 375 75.31 24.15 -9.01
N GLY F 376 75.06 24.03 -10.32
CA GLY F 376 74.74 22.74 -10.91
C GLY F 376 73.29 22.60 -11.35
N GLY F 377 72.51 23.69 -11.32
CA GLY F 377 71.11 23.62 -11.72
C GLY F 377 70.26 22.86 -10.70
N ILE F 378 69.16 22.27 -11.20
CA ILE F 378 68.09 21.73 -10.36
C ILE F 378 68.24 20.23 -10.15
N ASP F 379 68.95 19.52 -11.04
CA ASP F 379 69.03 18.06 -10.98
C ASP F 379 69.59 17.61 -9.64
N PRO F 380 70.72 18.17 -9.14
CA PRO F 380 71.25 17.77 -7.84
C PRO F 380 70.29 17.98 -6.67
N ILE F 381 69.49 19.05 -6.75
CA ILE F 381 68.55 19.44 -5.70
C ILE F 381 67.38 18.47 -5.65
N LEU F 382 66.78 18.19 -6.82
CA LEU F 382 65.71 17.22 -6.96
C LEU F 382 66.15 15.85 -6.48
N ARG F 383 67.42 15.51 -6.75
CA ARG F 383 67.97 14.24 -6.30
C ARG F 383 68.04 14.21 -4.78
N GLY F 384 68.47 15.32 -4.18
CA GLY F 384 68.53 15.44 -2.73
C GLY F 384 67.16 15.28 -2.06
N LEU F 385 66.11 15.80 -2.72
CA LEU F 385 64.76 15.75 -2.19
C LEU F 385 64.26 14.29 -2.20
N MET F 386 64.57 13.58 -3.30
CA MET F 386 64.05 12.24 -3.52
C MET F 386 64.71 11.23 -2.60
N ALA F 387 66.01 11.44 -2.31
CA ALA F 387 66.84 10.40 -1.68
C ALA F 387 67.27 10.76 -0.26
N THR F 388 66.74 11.86 0.30
CA THR F 388 66.97 12.22 1.68
C THR F 388 65.66 12.10 2.45
N PRO F 389 65.67 11.69 3.74
CA PRO F 389 64.45 11.65 4.53
C PRO F 389 64.02 13.04 5.01
N ALA F 390 62.71 13.28 5.07
CA ALA F 390 62.20 14.44 5.80
C ALA F 390 62.65 14.35 7.25
N LYS F 391 62.52 15.45 7.99
CA LYS F 391 62.60 15.40 9.44
C LYS F 391 61.28 14.84 9.97
N LEU F 392 61.36 14.10 11.08
CA LEU F 392 60.16 13.66 11.77
C LEU F 392 59.84 14.65 12.90
N ASN F 393 58.55 15.03 12.97
CA ASN F 393 58.01 15.78 14.09
C ASN F 393 57.91 14.85 15.29
N ARG F 394 58.63 15.22 16.38
CA ARG F 394 58.45 14.58 17.67
C ARG F 394 58.25 15.68 18.72
N GLN F 395 57.57 15.33 19.81
CA GLN F 395 57.04 16.30 20.78
C GLN F 395 58.17 17.08 21.46
N ASN F 396 59.42 16.57 21.42
CA ASN F 396 60.57 17.25 22.01
C ASN F 396 61.59 17.66 20.94
N GLN F 397 61.17 17.57 19.67
CA GLN F 397 62.00 17.91 18.52
C GLN F 397 61.09 18.48 17.44
N ILE F 398 60.54 19.67 17.69
CA ILE F 398 59.45 20.17 16.88
C ILE F 398 60.01 20.83 15.62
N ALA F 399 60.94 21.79 15.76
CA ALA F 399 61.52 22.46 14.60
C ALA F 399 62.98 22.89 14.84
N VAL F 400 63.74 22.88 13.75
CA VAL F 400 65.19 23.06 13.77
C VAL F 400 65.56 24.53 13.96
N ASP F 401 66.79 24.77 14.44
CA ASP F 401 67.26 26.11 14.73
C ASP F 401 67.58 26.91 13.46
N GLU F 402 67.71 26.25 12.30
CA GLU F 402 67.96 26.98 11.06
C GLU F 402 66.75 27.85 10.69
N ILE F 403 65.54 27.48 11.16
CA ILE F 403 64.36 28.32 10.98
C ILE F 403 63.96 29.02 12.28
N ARG F 404 64.39 28.51 13.43
CA ARG F 404 63.98 29.06 14.71
C ARG F 404 64.93 30.19 15.13
N GLU F 405 66.17 30.17 14.64
CA GLU F 405 67.21 31.10 15.07
C GLU F 405 67.81 31.92 13.91
N ARG F 406 67.80 31.34 12.69
N ARG F 406 67.80 31.34 12.69
CA ARG F 406 68.58 31.88 11.60
CA ARG F 406 68.58 31.89 11.60
C ARG F 406 67.73 32.09 10.33
C ARG F 406 67.73 32.09 10.33
N LEU F 407 66.41 32.27 10.48
CA LEU F 407 65.56 32.44 9.31
C LEU F 407 65.85 33.78 8.63
N PHE F 408 66.23 33.72 7.34
CA PHE F 408 66.44 34.87 6.49
C PHE F 408 67.53 35.75 7.03
N GLU F 409 68.55 35.13 7.65
CA GLU F 409 69.65 35.83 8.30
C GLU F 409 70.38 36.78 7.33
N GLN F 410 70.53 36.38 6.06
CA GLN F 410 71.35 37.09 5.09
C GLN F 410 70.65 38.33 4.53
N VAL F 411 69.31 38.41 4.62
CA VAL F 411 68.55 39.41 3.87
C VAL F 411 67.75 40.33 4.80
N MET F 412 67.99 40.25 6.12
CA MET F 412 67.24 41.00 7.11
C MET F 412 68.20 41.48 8.18
N ARG F 413 67.73 42.40 9.03
CA ARG F 413 68.61 43.01 10.01
C ARG F 413 68.94 42.03 11.15
N ILE F 414 68.17 40.95 11.25
CA ILE F 414 68.32 39.96 12.31
C ILE F 414 67.65 38.65 11.86
N GLY F 415 68.17 37.53 12.36
CA GLY F 415 67.58 36.23 12.10
C GLY F 415 66.21 36.10 12.78
N LEU F 416 65.24 35.57 12.02
CA LEU F 416 63.89 35.40 12.51
C LEU F 416 63.74 34.01 13.14
N ASP F 417 62.58 33.84 13.82
CA ASP F 417 62.13 32.60 14.44
C ASP F 417 60.79 32.25 13.81
N LEU F 418 60.76 31.26 12.90
CA LEU F 418 59.56 30.99 12.11
C LEU F 418 58.46 30.44 13.02
N PRO F 419 58.72 29.48 13.93
CA PRO F 419 57.73 29.05 14.92
C PRO F 419 57.06 30.18 15.71
N ALA F 420 57.87 31.14 16.19
CA ALA F 420 57.36 32.30 16.90
C ALA F 420 56.52 33.20 15.97
N LEU F 421 56.93 33.37 14.70
CA LEU F 421 56.15 34.14 13.73
C LEU F 421 54.80 33.48 13.49
N ASN F 422 54.79 32.14 13.39
CA ASN F 422 53.56 31.37 13.23
C ASN F 422 52.56 31.75 14.32
N MET F 423 53.07 31.96 15.53
CA MET F 423 52.24 32.18 16.71
C MET F 423 51.82 33.63 16.81
N GLN F 424 52.74 34.56 16.57
CA GLN F 424 52.39 35.98 16.51
C GLN F 424 51.37 36.19 15.39
N ARG F 425 51.50 35.42 14.30
CA ARG F 425 50.63 35.60 13.15
C ARG F 425 49.22 35.14 13.46
N SER F 426 49.08 34.04 14.21
CA SER F 426 47.77 33.56 14.60
C SER F 426 47.06 34.61 15.47
N ARG F 427 47.81 35.36 16.29
CA ARG F 427 47.25 36.41 17.14
C ARG F 427 46.87 37.62 16.28
N ASP F 428 47.76 38.01 15.36
CA ASP F 428 47.52 39.04 14.37
C ASP F 428 46.18 38.79 13.65
N HIS F 429 45.93 37.53 13.26
CA HIS F 429 44.77 37.14 12.48
C HIS F 429 43.55 36.92 13.37
N GLY F 430 43.71 37.05 14.68
CA GLY F 430 42.58 36.92 15.59
C GLY F 430 42.02 35.50 15.70
N LEU F 431 42.84 34.47 15.51
CA LEU F 431 42.39 33.09 15.56
C LEU F 431 42.11 32.68 17.01
N PRO F 432 41.00 31.96 17.26
CA PRO F 432 40.77 31.30 18.55
C PRO F 432 41.90 30.33 18.94
N GLY F 433 41.93 29.98 20.24
CA GLY F 433 42.91 29.05 20.78
C GLY F 433 42.56 27.58 20.52
N TYR F 434 43.41 26.71 21.04
CA TYR F 434 43.38 25.27 20.79
C TYR F 434 42.00 24.67 21.06
N ASN F 435 41.44 24.90 22.26
CA ASN F 435 40.21 24.23 22.65
C ASN F 435 39.04 24.64 21.76
N ALA F 436 38.94 25.92 21.37
CA ALA F 436 37.87 26.36 20.49
C ALA F 436 37.90 25.59 19.16
N TRP F 437 39.11 25.30 18.66
CA TRP F 437 39.27 24.56 17.41
C TRP F 437 39.00 23.07 17.62
N ARG F 438 39.44 22.52 18.76
CA ARG F 438 39.06 21.17 19.14
C ARG F 438 37.55 21.02 19.06
N ARG F 439 36.82 21.97 19.69
CA ARG F 439 35.36 21.93 19.76
C ARG F 439 34.76 22.05 18.36
N PHE F 440 35.32 22.96 17.57
CA PHE F 440 34.89 23.15 16.19
C PHE F 440 34.96 21.81 15.44
N CYS F 441 35.97 21.01 15.75
CA CYS F 441 36.25 19.77 15.03
C CYS F 441 35.48 18.59 15.63
N GLY F 442 34.76 18.81 16.72
CA GLY F 442 34.09 17.73 17.42
C GLY F 442 35.06 16.86 18.22
N LEU F 443 36.12 17.47 18.76
CA LEU F 443 37.09 16.75 19.57
C LEU F 443 36.98 17.20 21.03
N PRO F 444 37.30 16.32 22.00
CA PRO F 444 37.34 16.70 23.42
C PRO F 444 38.27 17.87 23.70
N GLN F 445 37.83 18.75 24.60
CA GLN F 445 38.59 19.93 25.01
C GLN F 445 39.16 19.75 26.42
N PRO F 446 40.46 19.47 26.58
CA PRO F 446 41.07 19.40 27.91
C PRO F 446 41.07 20.74 28.65
N GLU F 447 40.64 20.71 29.91
CA GLU F 447 40.60 21.90 30.77
C GLU F 447 41.78 21.90 31.75
N THR F 448 42.27 20.71 32.14
CA THR F 448 43.32 20.57 33.15
C THR F 448 44.57 19.99 32.52
N VAL F 449 45.68 20.08 33.28
CA VAL F 449 46.97 19.59 32.82
C VAL F 449 46.91 18.08 32.62
N GLY F 450 46.15 17.40 33.49
CA GLY F 450 45.98 15.96 33.41
C GLY F 450 45.24 15.53 32.14
N GLN F 451 44.19 16.27 31.79
CA GLN F 451 43.43 15.99 30.59
C GLN F 451 44.29 16.28 29.36
N LEU F 452 45.08 17.36 29.42
CA LEU F 452 45.95 17.70 28.31
C LEU F 452 47.02 16.61 28.15
N GLY F 453 47.56 16.12 29.28
CA GLY F 453 48.48 15.00 29.26
C GLY F 453 47.93 13.77 28.53
N THR F 454 46.66 13.44 28.76
CA THR F 454 45.99 12.32 28.11
C THR F 454 45.92 12.56 26.60
N VAL F 455 45.48 13.76 26.21
CA VAL F 455 45.31 14.14 24.82
C VAL F 455 46.65 14.03 24.07
N LEU F 456 47.74 14.48 24.72
CA LEU F 456 49.06 14.53 24.08
C LEU F 456 49.83 13.22 24.29
N ARG F 457 49.28 12.33 25.14
CA ARG F 457 49.98 11.14 25.63
C ARG F 457 51.37 11.51 26.14
N ASN F 458 51.43 12.61 26.89
CA ASN F 458 52.70 13.20 27.28
C ASN F 458 52.43 14.27 28.33
N LEU F 459 52.58 13.90 29.61
CA LEU F 459 52.26 14.80 30.70
C LEU F 459 53.34 15.86 30.83
N LYS F 460 54.58 15.53 30.45
CA LYS F 460 55.66 16.49 30.53
C LYS F 460 55.37 17.68 29.63
N LEU F 461 55.04 17.41 28.35
CA LEU F 461 54.72 18.46 27.38
C LEU F 461 53.49 19.27 27.82
N ALA F 462 52.44 18.56 28.27
CA ALA F 462 51.27 19.22 28.83
C ALA F 462 51.65 20.21 29.93
N ARG F 463 52.63 19.87 30.79
CA ARG F 463 52.99 20.75 31.90
C ARG F 463 53.69 22.01 31.40
N LYS F 464 54.59 21.85 30.41
CA LYS F 464 55.32 22.96 29.83
C LYS F 464 54.36 23.94 29.17
N LEU F 465 53.34 23.41 28.46
CA LEU F 465 52.37 24.23 27.76
C LEU F 465 51.50 25.02 28.74
N MET F 466 51.14 24.40 29.88
CA MET F 466 50.32 25.07 30.86
C MET F 466 51.14 26.14 31.58
N GLU F 467 52.45 25.90 31.72
CA GLU F 467 53.32 26.89 32.32
C GLU F 467 53.36 28.14 31.42
N GLN F 468 53.42 27.97 30.10
CA GLN F 468 53.42 29.09 29.16
C GLN F 468 52.04 29.75 29.06
N TYR F 469 50.99 28.95 28.91
CA TYR F 469 49.69 29.44 28.44
C TYR F 469 48.67 29.59 29.57
N GLY F 470 48.79 28.80 30.66
CA GLY F 470 47.88 28.88 31.79
C GLY F 470 46.60 28.06 31.63
N THR F 471 46.07 28.02 30.40
CA THR F 471 44.90 27.21 30.07
C THR F 471 45.06 26.67 28.66
N PRO F 472 44.53 25.45 28.36
CA PRO F 472 44.50 24.95 26.99
C PRO F 472 43.61 25.79 26.07
N ASN F 473 42.79 26.66 26.65
CA ASN F 473 41.95 27.54 25.86
C ASN F 473 42.80 28.57 25.11
N ASN F 474 44.03 28.82 25.59
CA ASN F 474 44.84 29.94 25.10
C ASN F 474 45.99 29.47 24.21
N ILE F 475 46.15 28.16 24.04
CA ILE F 475 47.25 27.63 23.25
C ILE F 475 47.03 28.03 21.79
N ASP F 476 48.08 28.63 21.19
CA ASP F 476 48.05 29.06 19.80
C ASP F 476 47.87 27.82 18.93
N ILE F 477 47.03 27.97 17.90
CA ILE F 477 46.60 26.86 17.06
C ILE F 477 47.79 26.10 16.48
N TRP F 478 48.83 26.80 15.99
CA TRP F 478 49.96 26.08 15.40
C TRP F 478 50.59 25.19 16.47
N MET F 479 50.85 25.80 17.64
CA MET F 479 51.62 25.18 18.71
C MET F 479 50.86 23.96 19.21
N GLY F 480 49.55 24.13 19.48
CA GLY F 480 48.71 23.03 19.90
C GLY F 480 48.65 21.91 18.85
N GLY F 481 48.39 22.29 17.60
CA GLY F 481 48.28 21.35 16.49
C GLY F 481 49.49 20.43 16.34
N VAL F 482 50.70 21.01 16.38
CA VAL F 482 51.94 20.28 16.14
C VAL F 482 52.43 19.55 17.40
N SER F 483 51.86 19.87 18.57
CA SER F 483 52.18 19.18 19.81
C SER F 483 51.51 17.79 19.89
N GLU F 484 50.40 17.63 19.14
CA GLU F 484 49.54 16.44 19.22
C GLU F 484 50.28 15.23 18.64
N PRO F 485 50.12 14.02 19.23
CA PRO F 485 50.65 12.80 18.63
C PRO F 485 50.01 12.52 17.28
N LEU F 486 50.84 12.00 16.36
CA LEU F 486 50.47 11.87 14.97
C LEU F 486 49.48 10.70 14.78
N LYS F 487 48.62 10.82 13.77
CA LYS F 487 47.69 9.78 13.40
C LYS F 487 48.46 8.61 12.82
N ARG F 488 47.86 7.41 12.89
CA ARG F 488 48.46 6.22 12.31
C ARG F 488 48.69 6.47 10.82
N LYS F 489 49.97 6.40 10.41
CA LYS F 489 50.42 6.52 9.03
C LYS F 489 50.17 7.93 8.46
N GLY F 490 50.04 8.92 9.35
CA GLY F 490 49.98 10.32 8.96
C GLY F 490 51.04 11.11 9.70
N ARG F 491 51.13 12.41 9.39
CA ARG F 491 52.14 13.28 9.98
C ARG F 491 51.52 14.52 10.62
N VAL F 492 50.23 14.42 10.99
CA VAL F 492 49.53 15.41 11.79
C VAL F 492 48.67 14.69 12.81
N GLY F 493 48.36 15.39 13.91
CA GLY F 493 47.41 14.93 14.91
C GLY F 493 45.95 15.16 14.47
N PRO F 494 44.96 14.77 15.32
CA PRO F 494 43.54 14.87 14.98
C PRO F 494 43.02 16.26 14.61
N LEU F 495 43.54 17.28 15.30
CA LEU F 495 43.07 18.63 15.11
C LEU F 495 43.50 19.18 13.75
N LEU F 496 44.79 19.06 13.43
CA LEU F 496 45.29 19.53 12.14
C LEU F 496 44.69 18.68 11.03
N ALA F 497 44.48 17.39 11.30
CA ALA F 497 43.85 16.50 10.33
C ALA F 497 42.50 17.06 9.93
N CYS F 498 41.73 17.46 10.94
CA CYS F 498 40.39 17.97 10.72
C CYS F 498 40.41 19.26 9.92
N ILE F 499 41.26 20.19 10.32
CA ILE F 499 41.31 21.46 9.62
C ILE F 499 41.78 21.27 8.17
N ILE F 500 42.87 20.54 7.98
CA ILE F 500 43.47 20.37 6.66
C ILE F 500 42.52 19.56 5.76
N GLY F 501 42.00 18.46 6.31
CA GLY F 501 41.05 17.63 5.60
C GLY F 501 39.83 18.42 5.13
N THR F 502 39.24 19.17 6.07
CA THR F 502 38.06 19.95 5.79
C THR F 502 38.34 20.92 4.64
N GLN F 503 39.51 21.57 4.67
CA GLN F 503 39.85 22.57 3.66
C GLN F 503 39.96 21.94 2.27
N PHE F 504 40.69 20.84 2.16
CA PHE F 504 40.94 20.22 0.87
C PHE F 504 39.66 19.62 0.29
N ARG F 505 38.76 19.16 1.16
CA ARG F 505 37.49 18.70 0.67
C ARG F 505 36.73 19.82 -0.05
N LYS F 506 36.77 21.04 0.49
CA LYS F 506 36.04 22.16 -0.09
C LYS F 506 36.67 22.59 -1.40
N LEU F 507 38.00 22.57 -1.48
CA LEU F 507 38.73 22.92 -2.69
C LEU F 507 38.43 21.93 -3.82
N ARG F 508 38.05 20.69 -3.47
CA ARG F 508 37.74 19.66 -4.43
C ARG F 508 36.27 19.74 -4.87
N ASP F 509 35.35 19.59 -3.91
CA ASP F 509 33.93 19.49 -4.18
C ASP F 509 33.37 20.82 -4.71
N GLY F 510 34.04 21.94 -4.38
CA GLY F 510 33.57 23.27 -4.77
C GLY F 510 34.36 23.89 -5.92
N ASP F 511 35.19 23.07 -6.60
CA ASP F 511 35.93 23.46 -7.79
C ASP F 511 35.18 22.95 -9.04
N ARG F 512 34.67 23.88 -9.84
CA ARG F 512 33.91 23.55 -11.04
C ARG F 512 34.83 22.93 -12.10
N PHE F 513 36.12 23.19 -12.01
CA PHE F 513 37.11 22.67 -12.95
C PHE F 513 37.93 21.54 -12.33
N TRP F 514 37.40 20.86 -11.31
CA TRP F 514 38.06 19.68 -10.80
C TRP F 514 38.20 18.65 -11.92
N TRP F 515 39.36 17.97 -11.99
CA TRP F 515 39.70 17.16 -13.15
C TRP F 515 38.72 15.99 -13.36
N GLU F 516 38.11 15.46 -12.29
CA GLU F 516 37.13 14.38 -12.43
C GLU F 516 35.72 14.89 -12.71
N ASN F 517 35.50 16.21 -12.67
CA ASN F 517 34.16 16.75 -12.86
C ASN F 517 33.76 16.52 -14.32
N GLU F 518 32.54 15.99 -14.50
CA GLU F 518 32.05 15.70 -15.83
C GLU F 518 32.07 16.98 -16.66
N GLY F 519 32.79 16.94 -17.80
CA GLY F 519 32.74 18.01 -18.78
C GLY F 519 34.08 18.74 -18.87
N VAL F 520 34.99 18.49 -17.92
CA VAL F 520 36.28 19.19 -17.94
C VAL F 520 37.19 18.43 -18.90
N PHE F 521 37.30 17.11 -18.68
CA PHE F 521 38.07 16.22 -19.51
C PHE F 521 37.12 15.14 -20.05
N SER F 522 37.41 14.58 -21.22
CA SER F 522 36.74 13.39 -21.72
C SER F 522 37.16 12.19 -20.86
N MET F 523 36.45 11.07 -21.01
CA MET F 523 36.72 9.89 -20.20
C MET F 523 38.07 9.29 -20.60
N GLN F 524 38.53 9.54 -21.85
CA GLN F 524 39.78 9.01 -22.36
C GLN F 524 40.96 9.85 -21.84
N GLN F 525 40.73 11.16 -21.72
CA GLN F 525 41.71 12.07 -21.17
C GLN F 525 41.94 11.79 -19.68
N ARG F 526 40.87 11.40 -18.96
CA ARG F 526 40.97 11.05 -17.55
C ARG F 526 41.71 9.73 -17.37
N GLN F 527 41.48 8.77 -18.28
CA GLN F 527 42.20 7.50 -18.28
C GLN F 527 43.70 7.79 -18.37
N ALA F 528 44.05 8.72 -19.28
CA ALA F 528 45.43 9.07 -19.57
C ALA F 528 46.08 9.77 -18.38
N LEU F 529 45.36 10.72 -17.79
CA LEU F 529 45.84 11.54 -16.69
C LEU F 529 46.08 10.70 -15.43
N ALA F 530 45.31 9.62 -15.24
CA ALA F 530 45.46 8.75 -14.09
C ALA F 530 46.87 8.16 -14.02
N GLN F 531 47.62 8.22 -15.13
CA GLN F 531 48.91 7.57 -15.28
C GLN F 531 50.07 8.46 -14.87
N ILE F 532 49.82 9.76 -14.74
CA ILE F 532 50.88 10.71 -14.43
C ILE F 532 51.40 10.45 -13.02
N SER F 533 52.64 10.88 -12.78
CA SER F 533 53.26 10.84 -11.48
C SER F 533 54.38 11.87 -11.49
N LEU F 534 54.88 12.19 -10.31
CA LEU F 534 55.91 13.21 -10.15
C LEU F 534 57.27 12.65 -10.59
N PRO F 535 57.63 11.38 -10.27
CA PRO F 535 58.84 10.79 -10.86
C PRO F 535 58.85 10.97 -12.38
N ARG F 536 57.74 10.67 -13.06
CA ARG F 536 57.66 10.77 -14.51
C ARG F 536 57.96 12.20 -14.96
N ILE F 537 57.42 13.19 -14.24
CA ILE F 537 57.59 14.57 -14.63
C ILE F 537 59.07 14.97 -14.49
N ILE F 538 59.75 14.40 -13.48
CA ILE F 538 61.17 14.67 -13.28
C ILE F 538 61.98 14.08 -14.44
N CYS F 539 61.68 12.84 -14.81
CA CYS F 539 62.31 12.17 -15.95
C CYS F 539 62.17 13.02 -17.23
N ASP F 540 60.94 13.45 -17.53
CA ASP F 540 60.64 14.12 -18.80
C ASP F 540 61.34 15.47 -18.94
N ASN F 541 61.79 16.06 -17.82
CA ASN F 541 62.12 17.49 -17.82
C ASN F 541 63.44 17.78 -17.10
N THR F 542 64.22 16.74 -16.79
CA THR F 542 65.55 16.92 -16.23
C THR F 542 66.52 15.93 -16.86
N GLY F 543 67.79 16.03 -16.44
CA GLY F 543 68.82 15.09 -16.83
C GLY F 543 68.92 13.91 -15.86
N ILE F 544 67.88 13.70 -15.04
CA ILE F 544 67.84 12.62 -14.08
C ILE F 544 67.23 11.40 -14.78
N THR F 545 67.85 10.22 -14.57
CA THR F 545 67.42 8.99 -15.22
C THR F 545 67.06 7.91 -14.20
N THR F 546 67.37 8.14 -12.90
CA THR F 546 66.93 7.24 -11.85
C THR F 546 66.11 8.05 -10.83
N VAL F 547 64.87 7.59 -10.56
CA VAL F 547 63.90 8.33 -9.77
C VAL F 547 63.29 7.42 -8.70
N SER F 548 62.50 8.03 -7.79
CA SER F 548 61.82 7.33 -6.71
C SER F 548 60.74 6.39 -7.26
N LYS F 549 60.56 5.25 -6.59
CA LYS F 549 59.39 4.39 -6.77
C LYS F 549 58.15 5.07 -6.21
N ASN F 550 57.00 4.70 -6.77
CA ASN F 550 55.75 5.32 -6.36
C ASN F 550 55.33 4.81 -4.99
N ASN F 551 55.69 5.59 -3.98
CA ASN F 551 55.01 6.83 -3.67
C ASN F 551 56.19 7.76 -3.39
N ILE F 552 56.40 8.76 -4.26
CA ILE F 552 57.62 9.57 -4.20
C ILE F 552 57.79 10.20 -2.81
N PHE F 553 56.68 10.38 -2.08
CA PHE F 553 56.69 11.05 -0.79
C PHE F 553 57.11 10.10 0.32
N MET F 554 57.13 8.79 0.04
CA MET F 554 57.50 7.75 0.99
C MET F 554 58.90 7.20 0.69
N SER F 555 59.14 6.86 -0.59
CA SER F 555 60.45 6.45 -1.10
C SER F 555 61.51 7.49 -0.73
N ASN F 556 62.52 7.08 0.06
CA ASN F 556 63.51 8.03 0.54
C ASN F 556 64.94 7.46 0.65
N SER F 557 65.19 6.27 0.09
CA SER F 557 66.49 5.64 0.28
C SER F 557 67.02 5.10 -1.04
N TYR F 558 68.19 5.62 -1.48
CA TYR F 558 68.89 5.10 -2.65
C TYR F 558 69.54 3.74 -2.30
N PRO F 559 70.00 2.96 -3.30
CA PRO F 559 69.12 2.43 -4.36
C PRO F 559 67.82 1.69 -4.08
N ARG F 560 67.58 1.32 -2.81
CA ARG F 560 66.46 0.46 -2.45
C ARG F 560 65.16 0.92 -3.12
N ASP F 561 64.86 2.23 -3.07
CA ASP F 561 63.54 2.76 -3.42
C ASP F 561 63.53 3.45 -4.78
N PHE F 562 64.43 3.05 -5.71
CA PHE F 562 64.62 3.77 -6.97
C PHE F 562 64.42 2.86 -8.18
N VAL F 563 64.07 3.47 -9.33
CA VAL F 563 63.89 2.78 -10.61
C VAL F 563 64.42 3.65 -11.74
N ASN F 564 64.59 3.02 -12.92
CA ASN F 564 65.09 3.72 -14.08
C ASN F 564 63.89 4.37 -14.75
N CYS F 565 64.12 5.54 -15.36
CA CYS F 565 63.08 6.32 -16.01
C CYS F 565 62.39 5.55 -17.12
N SER F 566 63.13 4.63 -17.77
CA SER F 566 62.61 3.85 -18.88
C SER F 566 61.49 2.90 -18.45
N THR F 567 61.39 2.61 -17.14
CA THR F 567 60.42 1.65 -16.63
C THR F 567 59.05 2.29 -16.45
N LEU F 568 58.95 3.63 -16.47
CA LEU F 568 57.73 4.34 -16.05
C LEU F 568 56.88 4.71 -17.26
N PRO F 569 55.53 4.67 -17.16
CA PRO F 569 54.68 5.07 -18.29
C PRO F 569 54.72 6.59 -18.48
N ALA F 570 54.79 7.08 -19.72
CA ALA F 570 54.68 8.51 -20.01
C ALA F 570 53.21 8.88 -20.20
N LEU F 571 52.92 10.19 -20.29
CA LEU F 571 51.56 10.65 -20.50
C LEU F 571 51.25 10.58 -21.99
N ASN F 572 50.21 9.81 -22.34
CA ASN F 572 49.77 9.65 -23.70
C ASN F 572 48.76 10.76 -24.02
N LEU F 573 49.17 11.69 -24.89
CA LEU F 573 48.33 12.82 -25.27
C LEU F 573 47.46 12.51 -26.50
N ALA F 574 47.28 11.22 -26.83
CA ALA F 574 46.58 10.87 -28.06
C ALA F 574 45.17 11.47 -28.07
N SER F 575 44.49 11.42 -26.92
CA SER F 575 43.08 11.79 -26.82
C SER F 575 42.85 13.30 -26.82
N TRP F 576 43.92 14.09 -26.99
CA TRP F 576 43.81 15.54 -27.11
C TRP F 576 43.77 15.99 -28.57
N ARG F 577 43.83 15.04 -29.51
CA ARG F 577 43.89 15.33 -30.93
C ARG F 577 42.51 15.73 -31.46
N GLU F 578 42.48 16.66 -32.42
CA GLU F 578 41.26 17.11 -33.09
C GLU F 578 41.39 17.05 -34.61
N ALA F 579 40.23 16.81 -35.27
CA ALA F 579 40.12 16.81 -36.72
C ALA F 579 39.85 18.24 -37.22
N CYS G 2 -57.95 4.70 -24.10
CA CYS G 2 -56.92 5.59 -24.69
C CYS G 2 -57.05 5.58 -26.21
N PRO G 3 -57.01 6.76 -26.88
CA PRO G 3 -56.84 6.81 -28.33
C PRO G 3 -55.73 5.85 -28.77
N GLU G 4 -55.99 5.10 -29.85
CA GLU G 4 -55.05 4.12 -30.34
C GLU G 4 -53.94 4.80 -31.16
N GLN G 5 -54.23 5.99 -31.71
CA GLN G 5 -53.20 6.89 -32.21
C GLN G 5 -53.37 8.25 -31.56
N ASP G 6 -52.24 8.97 -31.42
CA ASP G 6 -52.23 10.30 -30.83
C ASP G 6 -50.91 10.94 -31.22
N LYS G 7 -50.91 12.27 -31.21
CA LYS G 7 -49.79 13.02 -31.75
C LYS G 7 -49.10 13.78 -30.62
N TYR G 8 -49.87 14.16 -29.60
CA TYR G 8 -49.42 15.05 -28.54
C TYR G 8 -49.75 14.46 -27.18
N ARG G 9 -49.01 14.92 -26.17
CA ARG G 9 -49.33 14.64 -24.79
C ARG G 9 -50.72 15.20 -24.44
N THR G 10 -51.45 14.47 -23.61
CA THR G 10 -52.55 15.03 -22.83
C THR G 10 -51.98 16.02 -21.81
N ILE G 11 -52.86 16.87 -21.29
CA ILE G 11 -52.44 17.84 -20.28
C ILE G 11 -52.12 17.11 -18.96
N THR G 12 -52.98 16.16 -18.58
CA THR G 12 -52.90 15.47 -17.31
C THR G 12 -51.84 14.38 -17.32
N GLY G 13 -51.34 13.99 -18.50
CA GLY G 13 -50.41 12.87 -18.61
C GLY G 13 -51.11 11.51 -18.71
N MET G 14 -52.44 11.50 -18.56
CA MET G 14 -53.26 10.33 -18.86
C MET G 14 -52.82 9.79 -20.22
N CYS G 15 -52.60 8.47 -20.31
CA CYS G 15 -52.50 7.77 -21.59
C CYS G 15 -51.08 7.76 -22.15
N ASN G 16 -50.12 8.30 -21.40
CA ASN G 16 -48.72 8.19 -21.79
C ASN G 16 -48.36 6.70 -21.84
N ASN G 17 -48.67 5.99 -20.75
CA ASN G 17 -48.52 4.55 -20.71
C ASN G 17 -49.85 3.92 -21.06
N ARG G 18 -49.93 3.18 -22.17
CA ARG G 18 -51.22 2.71 -22.65
C ARG G 18 -51.72 1.51 -21.84
N ARG G 19 -50.83 0.67 -21.30
CA ARG G 19 -51.25 -0.48 -20.51
C ARG G 19 -51.73 -0.10 -19.11
N SER G 20 -51.10 0.91 -18.49
CA SER G 20 -51.52 1.43 -17.19
C SER G 20 -51.63 2.95 -17.30
N PRO G 21 -52.72 3.47 -17.91
CA PRO G 21 -52.74 4.85 -18.37
C PRO G 21 -52.66 5.98 -17.34
N THR G 22 -52.77 5.69 -16.04
CA THR G 22 -52.63 6.75 -15.04
C THR G 22 -51.18 6.98 -14.62
N LEU G 23 -50.25 6.10 -15.02
CA LEU G 23 -48.85 6.22 -14.60
C LEU G 23 -48.24 7.52 -15.14
N GLY G 24 -47.87 8.40 -14.20
CA GLY G 24 -47.26 9.68 -14.50
C GLY G 24 -48.29 10.80 -14.65
N ALA G 25 -49.58 10.44 -14.57
CA ALA G 25 -50.64 11.42 -14.67
C ALA G 25 -50.79 12.16 -13.33
N SER G 26 -51.48 13.29 -13.40
CA SER G 26 -51.64 14.20 -12.28
C SER G 26 -52.73 13.68 -11.34
N ASN G 27 -52.61 14.07 -10.08
CA ASN G 27 -53.56 13.76 -9.01
C ASN G 27 -53.66 12.26 -8.79
N ARG G 28 -52.50 11.61 -8.65
CA ARG G 28 -52.38 10.21 -8.26
C ARG G 28 -51.33 10.11 -7.17
N ALA G 29 -51.41 9.03 -6.40
CA ALA G 29 -50.45 8.75 -5.36
C ALA G 29 -49.05 8.54 -5.95
N PHE G 30 -48.05 8.97 -5.19
CA PHE G 30 -46.67 8.64 -5.43
C PHE G 30 -46.50 7.13 -5.44
N VAL G 31 -45.52 6.63 -6.20
CA VAL G 31 -45.06 5.27 -6.02
C VAL G 31 -44.12 5.23 -4.81
N ARG G 32 -44.08 4.08 -4.12
CA ARG G 32 -43.19 3.85 -2.99
C ARG G 32 -42.10 2.87 -3.42
N TRP G 33 -40.84 3.25 -3.23
CA TRP G 33 -39.72 2.36 -3.49
C TRP G 33 -39.38 1.52 -2.27
N LEU G 34 -39.85 1.97 -1.10
CA LEU G 34 -39.73 1.22 0.14
C LEU G 34 -41.04 1.32 0.91
N PRO G 35 -41.38 0.30 1.73
CA PRO G 35 -42.51 0.38 2.63
C PRO G 35 -42.41 1.56 3.61
N ALA G 36 -43.57 2.19 3.87
CA ALA G 36 -43.68 3.35 4.73
C ALA G 36 -43.36 2.99 6.18
N GLU G 37 -42.87 4.00 6.93
CA GLU G 37 -42.53 3.85 8.34
C GLU G 37 -43.24 4.94 9.15
N TYR G 38 -44.37 4.52 9.74
CA TYR G 38 -45.21 5.38 10.57
C TYR G 38 -45.19 4.85 12.00
N GLU G 39 -45.38 5.76 12.95
CA GLU G 39 -45.36 5.50 14.39
C GLU G 39 -46.33 4.36 14.74
N ASP G 40 -47.50 4.34 14.08
CA ASP G 40 -48.55 3.36 14.34
C ASP G 40 -48.66 2.34 13.20
N GLY G 41 -47.68 2.35 12.29
CA GLY G 41 -47.63 1.37 11.22
C GLY G 41 -48.30 1.83 9.92
N PHE G 42 -49.26 2.77 10.00
CA PHE G 42 -50.06 3.09 8.82
C PHE G 42 -50.44 4.56 8.65
N SER G 43 -50.20 5.48 9.61
CA SER G 43 -50.74 6.83 9.43
C SER G 43 -50.00 7.92 10.21
N LEU G 44 -49.63 7.68 11.47
CA LEU G 44 -49.12 8.75 12.31
C LEU G 44 -47.61 8.85 12.14
N PRO G 45 -47.08 10.07 11.97
CA PRO G 45 -45.66 10.27 11.73
C PRO G 45 -44.84 10.11 13.00
N TYR G 46 -43.57 9.71 12.86
CA TYR G 46 -42.67 9.66 14.01
C TYR G 46 -42.53 11.09 14.55
N GLY G 47 -42.56 11.21 15.86
CA GLY G 47 -42.58 12.50 16.54
C GLY G 47 -43.98 12.91 16.96
N TRP G 48 -44.98 12.09 16.66
CA TRP G 48 -46.36 12.50 16.86
C TRP G 48 -46.73 12.41 18.34
N THR G 49 -46.54 11.22 18.91
CA THR G 49 -46.85 10.96 20.30
C THR G 49 -45.61 11.19 21.16
N PRO G 50 -45.63 12.08 22.18
CA PRO G 50 -44.49 12.28 23.09
C PRO G 50 -44.08 10.97 23.75
N GLY G 51 -42.76 10.70 23.73
CA GLY G 51 -42.20 9.57 24.45
C GLY G 51 -42.11 8.30 23.62
N VAL G 52 -42.74 8.26 22.45
CA VAL G 52 -42.69 7.09 21.57
C VAL G 52 -41.40 7.15 20.73
N LYS G 53 -40.58 6.10 20.88
CA LYS G 53 -39.28 6.04 20.24
C LYS G 53 -39.40 5.47 18.83
N ARG G 54 -38.40 5.81 18.01
CA ARG G 54 -38.25 5.24 16.69
C ARG G 54 -37.08 4.27 16.76
N ASN G 55 -37.37 2.97 16.60
CA ASN G 55 -36.33 1.98 16.38
C ASN G 55 -35.32 2.04 17.54
N GLY G 56 -35.86 2.25 18.75
CA GLY G 56 -35.07 2.19 19.98
C GLY G 56 -34.60 3.54 20.53
N PHE G 57 -34.84 4.65 19.82
CA PHE G 57 -34.31 5.93 20.24
C PHE G 57 -35.34 7.04 20.15
N PRO G 58 -35.19 8.11 20.96
CA PRO G 58 -36.12 9.24 20.92
C PRO G 58 -36.08 9.91 19.54
N VAL G 59 -37.21 10.51 19.16
CA VAL G 59 -37.27 11.26 17.92
C VAL G 59 -36.76 12.68 18.20
N ALA G 60 -35.82 13.16 17.38
CA ALA G 60 -35.28 14.49 17.47
C ALA G 60 -36.26 15.49 16.86
N LEU G 61 -36.42 16.64 17.52
CA LEU G 61 -37.18 17.73 16.92
C LEU G 61 -36.49 18.17 15.63
N ALA G 62 -37.28 18.32 14.56
CA ALA G 62 -36.76 18.78 13.29
C ALA G 62 -36.04 20.13 13.47
N ARG G 63 -36.64 21.01 14.28
CA ARG G 63 -36.07 22.32 14.56
C ARG G 63 -34.75 22.18 15.33
N ALA G 64 -34.66 21.22 16.25
CA ALA G 64 -33.42 20.99 16.98
C ALA G 64 -32.32 20.52 16.03
N VAL G 65 -32.65 19.59 15.12
CA VAL G 65 -31.67 19.10 14.16
C VAL G 65 -31.17 20.25 13.29
N SER G 66 -32.10 21.08 12.79
CA SER G 66 -31.76 22.26 12.02
C SER G 66 -30.79 23.17 12.78
N ASN G 67 -31.09 23.48 14.06
CA ASN G 67 -30.26 24.36 14.87
C ASN G 67 -28.83 23.83 15.06
N GLU G 68 -28.72 22.53 15.39
CA GLU G 68 -27.45 21.97 15.82
C GLU G 68 -26.56 21.54 14.66
N ILE G 69 -27.12 21.40 13.44
CA ILE G 69 -26.40 20.78 12.34
C ILE G 69 -26.43 21.63 11.07
N VAL G 70 -27.56 22.27 10.78
CA VAL G 70 -27.71 22.99 9.53
C VAL G 70 -27.23 24.44 9.69
N ARG G 71 -27.54 25.05 10.85
CA ARG G 71 -27.15 26.41 11.16
C ARG G 71 -25.64 26.60 10.98
N PHE G 72 -25.28 27.72 10.34
CA PHE G 72 -23.89 28.13 10.21
C PHE G 72 -23.85 29.66 10.16
N PRO G 73 -22.71 30.30 10.52
CA PRO G 73 -22.57 31.76 10.40
C PRO G 73 -22.48 32.25 8.95
N THR G 74 -23.29 33.26 8.56
CA THR G 74 -23.47 33.53 7.13
C THR G 74 -22.21 34.16 6.51
N ASP G 75 -21.31 34.73 7.34
CA ASP G 75 -20.05 35.27 6.86
C ASP G 75 -19.13 34.17 6.30
N GLN G 76 -19.37 32.90 6.67
CA GLN G 76 -18.53 31.78 6.24
C GLN G 76 -18.93 31.30 4.84
N LEU G 77 -20.02 31.82 4.28
CA LEU G 77 -20.62 31.26 3.06
C LEU G 77 -19.55 31.12 1.97
N THR G 78 -19.47 29.92 1.39
CA THR G 78 -18.52 29.65 0.32
C THR G 78 -19.26 29.67 -1.02
N PRO G 79 -18.83 30.53 -1.97
CA PRO G 79 -19.35 30.46 -3.33
C PRO G 79 -18.72 29.32 -4.12
N ASP G 80 -19.53 28.69 -4.99
CA ASP G 80 -19.13 27.56 -5.82
C ASP G 80 -18.47 28.11 -7.08
N GLN G 81 -17.16 27.86 -7.22
CA GLN G 81 -16.41 28.41 -8.34
C GLN G 81 -16.85 27.81 -9.68
N GLU G 82 -17.56 26.67 -9.64
CA GLU G 82 -17.86 25.94 -10.85
C GLU G 82 -19.37 25.88 -11.14
N ARG G 83 -20.19 26.63 -10.41
CA ARG G 83 -21.63 26.59 -10.61
C ARG G 83 -22.22 28.00 -10.52
N SER G 84 -23.08 28.32 -11.50
CA SER G 84 -23.84 29.54 -11.48
C SER G 84 -25.05 29.38 -10.56
N LEU G 85 -25.67 30.49 -10.19
CA LEU G 85 -26.88 30.45 -9.40
C LEU G 85 -28.04 30.00 -10.30
N MET G 86 -27.83 30.02 -11.62
CA MET G 86 -28.78 29.47 -12.57
C MET G 86 -28.92 27.95 -12.38
N PHE G 87 -27.87 27.30 -11.87
CA PHE G 87 -27.91 25.88 -11.53
C PHE G 87 -28.93 25.62 -10.42
N MET G 88 -28.93 26.47 -9.40
CA MET G 88 -29.91 26.40 -8.34
C MET G 88 -31.31 26.59 -8.93
N GLN G 89 -31.49 27.62 -9.76
CA GLN G 89 -32.83 28.04 -10.14
C GLN G 89 -33.47 27.06 -11.12
N TRP G 90 -32.68 26.46 -12.00
CA TRP G 90 -33.22 25.47 -12.93
C TRP G 90 -33.69 24.25 -12.14
N GLY G 91 -33.02 23.94 -11.01
CA GLY G 91 -33.43 22.83 -10.18
C GLY G 91 -34.82 23.01 -9.61
N GLN G 92 -35.09 24.20 -9.09
CA GLN G 92 -36.37 24.52 -8.52
C GLN G 92 -37.44 24.47 -9.60
N LEU G 93 -37.14 25.05 -10.75
CA LEU G 93 -38.08 25.12 -11.85
C LEU G 93 -38.42 23.72 -12.35
N LEU G 94 -37.40 22.86 -12.48
CA LEU G 94 -37.58 21.47 -12.88
C LEU G 94 -38.43 20.71 -11.86
N ASP G 95 -38.09 20.83 -10.57
CA ASP G 95 -38.87 20.26 -9.49
C ASP G 95 -40.35 20.59 -9.70
N HIS G 96 -40.65 21.83 -10.12
CA HIS G 96 -42.02 22.28 -10.24
C HIS G 96 -42.66 21.77 -11.53
N ASP G 97 -41.87 21.09 -12.38
CA ASP G 97 -42.38 20.31 -13.50
C ASP G 97 -42.76 18.91 -13.01
N LEU G 98 -42.16 18.42 -11.92
CA LEU G 98 -42.21 16.99 -11.62
C LEU G 98 -43.23 16.66 -10.53
N ASP G 99 -43.21 17.42 -9.42
CA ASP G 99 -44.01 17.07 -8.26
C ASP G 99 -44.49 18.32 -7.52
N PHE G 100 -45.77 18.26 -7.12
CA PHE G 100 -46.35 19.11 -6.10
C PHE G 100 -47.24 18.24 -5.21
N THR G 101 -46.95 18.29 -3.90
CA THR G 101 -47.64 17.48 -2.90
C THR G 101 -48.68 18.34 -2.18
N PRO G 102 -49.98 18.24 -2.54
CA PRO G 102 -50.99 19.14 -1.96
C PRO G 102 -51.24 18.94 -0.48
N GLU G 103 -51.58 20.06 0.21
CA GLU G 103 -51.98 20.08 1.62
C GLU G 103 -53.43 20.55 1.74
N PRO G 104 -54.12 20.30 2.87
CA PRO G 104 -55.46 20.87 3.08
C PRO G 104 -55.45 22.39 3.21
N ALA G 105 -56.54 23.02 2.73
CA ALA G 105 -56.64 24.45 2.49
C ALA G 105 -56.49 25.27 3.79
N ASN G 115 -56.61 27.29 11.20
CA ASN G 115 -56.32 26.08 12.04
C ASN G 115 -54.80 25.94 12.18
N CYS G 116 -54.09 25.27 11.25
CA CYS G 116 -52.70 24.89 11.45
C CYS G 116 -51.77 26.09 11.38
N GLU G 117 -52.25 27.19 10.78
CA GLU G 117 -51.47 28.39 10.52
C GLU G 117 -51.37 29.26 11.77
N THR G 118 -52.33 29.17 12.72
CA THR G 118 -52.29 29.99 13.91
C THR G 118 -52.27 29.15 15.19
N SER G 119 -52.64 27.85 15.12
CA SER G 119 -52.73 27.02 16.31
C SER G 119 -51.52 26.11 16.41
N CYS G 120 -51.09 25.87 17.66
CA CYS G 120 -49.98 24.98 17.95
C CYS G 120 -50.49 23.70 18.60
N VAL G 121 -51.82 23.51 18.57
CA VAL G 121 -52.41 22.27 19.01
C VAL G 121 -52.18 21.23 17.94
N GLN G 122 -51.73 20.03 18.35
CA GLN G 122 -51.48 18.95 17.42
C GLN G 122 -52.74 18.12 17.24
N GLN G 123 -53.57 18.55 16.29
CA GLN G 123 -54.82 17.90 15.98
C GLN G 123 -54.90 17.76 14.47
N PRO G 124 -55.26 16.58 13.91
CA PRO G 124 -55.31 16.41 12.46
C PRO G 124 -56.05 17.55 11.77
N PRO G 125 -55.56 18.13 10.65
CA PRO G 125 -54.35 17.66 9.95
C PRO G 125 -53.03 18.36 10.26
N CYS G 126 -52.91 18.94 11.45
CA CYS G 126 -51.76 19.76 11.81
C CYS G 126 -50.70 18.87 12.45
N PHE G 127 -49.43 19.17 12.13
CA PHE G 127 -48.29 18.49 12.70
C PHE G 127 -47.21 19.53 13.01
N PRO G 128 -47.50 20.49 13.91
CA PRO G 128 -46.58 21.62 14.14
C PRO G 128 -45.23 21.18 14.71
N LEU G 129 -44.19 21.94 14.31
CA LEU G 129 -42.83 21.69 14.77
C LEU G 129 -42.67 22.32 16.14
N LYS G 130 -42.36 21.50 17.14
CA LYS G 130 -42.13 22.01 18.50
C LYS G 130 -40.80 22.75 18.53
N ILE G 131 -40.73 23.73 19.44
CA ILE G 131 -39.55 24.57 19.62
C ILE G 131 -38.68 23.98 20.74
N PRO G 132 -37.38 23.74 20.50
CA PRO G 132 -36.51 23.22 21.55
C PRO G 132 -36.13 24.30 22.54
N PRO G 133 -35.65 23.95 23.77
CA PRO G 133 -35.05 24.94 24.66
C PRO G 133 -33.80 25.59 24.05
N ASN G 134 -33.57 26.86 24.40
CA ASN G 134 -32.37 27.56 23.97
C ASN G 134 -32.32 27.67 22.46
N ASP G 135 -33.48 28.01 21.87
CA ASP G 135 -33.56 28.23 20.43
C ASP G 135 -32.94 29.59 20.16
N PRO G 136 -32.07 29.71 19.13
CA PRO G 136 -31.49 31.02 18.80
C PRO G 136 -32.48 32.14 18.44
N ARG G 137 -33.72 31.80 18.05
CA ARG G 137 -34.63 32.80 17.49
C ARG G 137 -35.97 32.82 18.24
N ILE G 138 -36.55 31.64 18.48
CA ILE G 138 -37.90 31.53 19.01
C ILE G 138 -37.78 31.23 20.50
N LYS G 139 -38.02 32.28 21.32
CA LYS G 139 -37.79 32.22 22.74
C LYS G 139 -39.01 31.62 23.44
N ASN G 140 -40.21 31.79 22.85
CA ASN G 140 -41.44 31.23 23.38
C ASN G 140 -41.54 29.75 23.00
N GLN G 141 -41.35 28.85 23.98
CA GLN G 141 -41.40 27.42 23.72
C GLN G 141 -42.84 26.93 23.59
N ALA G 142 -43.84 27.78 23.92
CA ALA G 142 -45.24 27.41 23.74
C ALA G 142 -45.70 27.71 22.31
N ASP G 143 -44.85 28.39 21.54
CA ASP G 143 -45.07 28.66 20.14
C ASP G 143 -44.63 27.43 19.36
N CYS G 144 -44.65 27.54 18.03
CA CYS G 144 -44.38 26.41 17.15
C CYS G 144 -44.21 26.95 15.73
N ILE G 145 -43.63 26.13 14.86
CA ILE G 145 -43.61 26.42 13.44
C ILE G 145 -44.78 25.70 12.77
N PRO G 146 -45.66 26.42 12.05
CA PRO G 146 -46.84 25.81 11.42
C PRO G 146 -46.50 24.68 10.45
N PHE G 147 -47.33 23.63 10.44
CA PHE G 147 -47.15 22.56 9.48
C PHE G 147 -48.47 21.86 9.22
N PHE G 148 -48.90 21.82 7.95
CA PHE G 148 -50.02 20.99 7.54
C PHE G 148 -49.50 19.67 6.96
N ARG G 149 -50.06 18.56 7.40
CA ARG G 149 -49.73 17.28 6.81
C ARG G 149 -50.19 17.26 5.35
N SER G 150 -49.41 16.61 4.49
CA SER G 150 -49.76 16.42 3.09
C SER G 150 -51.08 15.65 2.99
N CSO G 151 -51.92 16.12 1.96
CA CSO G 151 -53.14 15.29 1.75
CB CSO G 151 -53.95 15.79 0.56
SG CSO G 151 -54.67 17.45 0.72
C CSO G 151 -52.75 13.81 1.60
O CSO G 151 -52.01 13.46 0.64
OD CSO G 151 -56.10 17.43 1.57
N PRO G 152 -53.69 12.92 2.22
CA PRO G 152 -53.61 11.49 1.95
C PRO G 152 -54.43 11.09 0.72
N ALA G 153 -53.99 10.04 0.03
CA ALA G 153 -54.69 9.54 -1.15
C ALA G 153 -56.03 8.91 -0.77
N CYS G 154 -56.09 8.32 0.44
CA CYS G 154 -57.30 7.69 0.94
C CYS G 154 -57.67 8.22 2.32
N PRO G 155 -58.39 9.35 2.41
CA PRO G 155 -58.66 10.01 3.69
C PRO G 155 -59.50 9.17 4.65
N GLY G 156 -59.07 9.12 5.92
CA GLY G 156 -59.85 8.52 7.00
C GLY G 156 -59.81 6.99 7.00
N SER G 157 -58.91 6.36 6.24
CA SER G 157 -58.84 4.91 6.17
C SER G 157 -57.97 4.37 7.30
N ASN G 158 -58.44 3.30 7.96
CA ASN G 158 -57.67 2.55 8.94
C ASN G 158 -57.00 1.36 8.27
N ILE G 159 -57.43 1.00 7.06
CA ILE G 159 -56.92 -0.17 6.33
C ILE G 159 -55.67 0.19 5.52
N THR G 160 -55.73 1.27 4.71
CA THR G 160 -54.63 1.60 3.82
C THR G 160 -53.44 2.18 4.60
N ILE G 161 -52.25 1.97 4.04
CA ILE G 161 -51.05 2.65 4.50
C ILE G 161 -51.03 4.05 3.88
N ARG G 162 -51.07 5.08 4.72
CA ARG G 162 -51.15 6.46 4.27
C ARG G 162 -50.06 6.72 3.23
N ASN G 163 -50.47 7.26 2.08
CA ASN G 163 -49.57 7.67 1.00
C ASN G 163 -50.07 9.05 0.56
N GLN G 164 -49.19 9.82 -0.09
CA GLN G 164 -49.45 11.20 -0.47
C GLN G 164 -49.59 11.29 -1.99
N ILE G 165 -49.96 12.48 -2.48
CA ILE G 165 -50.46 12.67 -3.84
C ILE G 165 -49.53 13.61 -4.60
N ASN G 166 -49.32 13.32 -5.89
CA ASN G 166 -48.62 14.21 -6.81
C ASN G 166 -49.68 14.87 -7.70
N ALA G 167 -49.78 16.20 -7.60
CA ALA G 167 -50.75 17.00 -8.32
C ALA G 167 -50.31 17.31 -9.76
N LEU G 168 -49.05 17.00 -10.13
CA LEU G 168 -48.51 17.31 -11.44
C LEU G 168 -48.26 16.04 -12.24
N THR G 169 -47.99 16.24 -13.54
CA THR G 169 -47.51 15.15 -14.38
C THR G 169 -46.06 14.90 -14.01
N SER G 170 -45.71 13.63 -13.81
CA SER G 170 -44.35 13.25 -13.47
C SER G 170 -43.40 13.54 -14.61
N PHE G 171 -43.90 13.51 -15.86
CA PHE G 171 -43.04 13.62 -17.04
C PHE G 171 -42.40 15.00 -17.10
N VAL G 172 -41.22 15.05 -17.74
CA VAL G 172 -40.58 16.31 -18.05
C VAL G 172 -41.23 16.88 -19.32
N ASP G 173 -42.34 17.61 -19.13
CA ASP G 173 -43.25 17.97 -20.22
C ASP G 173 -43.61 19.45 -20.17
N ALA G 174 -42.88 20.22 -19.36
CA ALA G 174 -43.11 21.64 -19.17
C ALA G 174 -44.51 21.91 -18.61
N SER G 175 -45.00 21.03 -17.74
CA SER G 175 -46.30 21.23 -17.11
C SER G 175 -46.31 22.46 -16.20
N MET G 176 -45.14 22.93 -15.76
CA MET G 176 -45.08 24.17 -14.98
C MET G 176 -45.41 25.38 -15.86
N VAL G 177 -45.41 25.18 -17.18
CA VAL G 177 -45.82 26.21 -18.12
C VAL G 177 -47.27 26.04 -18.52
N TYR G 178 -47.68 24.80 -18.89
CA TYR G 178 -48.96 24.59 -19.55
C TYR G 178 -50.07 24.14 -18.59
N GLY G 179 -49.71 23.71 -17.37
CA GLY G 179 -50.66 23.15 -16.42
C GLY G 179 -50.74 21.61 -16.52
N SER G 180 -51.26 21.00 -15.46
CA SER G 180 -51.44 19.55 -15.38
C SER G 180 -52.92 19.19 -15.27
N GLU G 181 -53.82 20.17 -15.38
CA GLU G 181 -55.26 19.95 -15.34
C GLU G 181 -55.89 20.78 -16.47
N GLU G 182 -56.99 20.30 -17.05
CA GLU G 182 -57.50 20.87 -18.30
C GLU G 182 -58.16 22.22 -18.08
N PRO G 183 -58.97 22.44 -17.01
CA PRO G 183 -59.47 23.79 -16.69
C PRO G 183 -58.37 24.84 -16.66
N LEU G 184 -57.31 24.62 -15.86
CA LEU G 184 -56.19 25.54 -15.78
C LEU G 184 -55.50 25.70 -17.14
N ALA G 185 -55.33 24.63 -17.89
CA ALA G 185 -54.59 24.68 -19.14
C ALA G 185 -55.31 25.55 -20.18
N ARG G 186 -56.65 25.60 -20.16
CA ARG G 186 -57.41 26.45 -21.06
C ARG G 186 -57.35 27.92 -20.61
N ASN G 187 -57.33 28.18 -19.30
CA ASN G 187 -57.26 29.54 -18.78
C ASN G 187 -55.90 30.18 -19.06
N LEU G 188 -54.85 29.36 -19.22
CA LEU G 188 -53.51 29.85 -19.49
C LEU G 188 -53.35 30.23 -20.96
N ARG G 189 -54.35 29.89 -21.78
CA ARG G 189 -54.29 30.14 -23.23
C ARG G 189 -55.00 31.44 -23.58
N ASN G 190 -54.50 32.05 -24.66
CA ASN G 190 -55.14 33.18 -25.31
C ASN G 190 -56.21 32.66 -26.25
N MET G 191 -57.48 32.76 -25.80
CA MET G 191 -58.62 32.22 -26.55
C MET G 191 -59.31 33.34 -27.35
N SER G 192 -58.65 34.51 -27.49
CA SER G 192 -59.12 35.62 -28.30
C SER G 192 -58.97 35.36 -29.80
N ASN G 193 -57.98 34.55 -30.20
CA ASN G 193 -57.61 34.43 -31.60
C ASN G 193 -57.20 32.99 -31.90
N GLN G 194 -56.69 32.74 -33.12
CA GLN G 194 -56.30 31.40 -33.56
C GLN G 194 -54.78 31.33 -33.75
N LEU G 195 -54.04 31.97 -32.82
CA LEU G 195 -52.59 32.05 -32.93
C LEU G 195 -51.88 31.03 -32.04
N GLY G 196 -52.65 30.37 -31.14
CA GLY G 196 -52.13 29.29 -30.31
C GLY G 196 -51.19 29.81 -29.21
N LEU G 197 -51.52 30.99 -28.67
CA LEU G 197 -50.65 31.69 -27.73
C LEU G 197 -51.10 31.38 -26.31
N LEU G 198 -50.15 31.61 -25.38
CA LEU G 198 -50.45 31.67 -23.97
C LEU G 198 -50.82 33.10 -23.62
N ALA G 199 -51.77 33.24 -22.68
CA ALA G 199 -52.19 34.52 -22.15
C ALA G 199 -51.00 35.22 -21.48
N VAL G 200 -50.96 36.56 -21.67
CA VAL G 200 -49.95 37.45 -21.13
C VAL G 200 -50.66 38.51 -20.29
N ASN G 201 -49.87 39.20 -19.45
CA ASN G 201 -50.39 40.21 -18.54
C ASN G 201 -51.03 41.32 -19.36
N GLN G 202 -52.25 41.73 -18.98
CA GLN G 202 -52.99 42.76 -19.70
C GLN G 202 -52.79 44.14 -19.07
N ARG G 203 -52.04 44.27 -17.97
CA ARG G 203 -51.88 45.53 -17.28
C ARG G 203 -50.44 46.03 -17.32
N PHE G 204 -49.47 45.14 -17.54
CA PHE G 204 -48.07 45.52 -17.50
C PHE G 204 -47.25 44.75 -18.54
N GLN G 205 -46.13 45.39 -18.94
CA GLN G 205 -45.15 44.81 -19.84
C GLN G 205 -43.76 45.07 -19.28
N ASP G 206 -42.77 44.28 -19.72
CA ASP G 206 -41.40 44.40 -19.30
C ASP G 206 -40.60 44.88 -20.51
N ASN G 207 -40.45 46.21 -20.62
CA ASN G 207 -39.81 46.87 -21.74
C ASN G 207 -40.43 46.37 -23.05
N GLY G 208 -41.77 46.32 -23.13
CA GLY G 208 -42.46 45.94 -24.34
C GLY G 208 -42.70 44.44 -24.50
N ARG G 209 -42.07 43.62 -23.66
CA ARG G 209 -42.21 42.16 -23.72
C ARG G 209 -43.18 41.68 -22.64
N ALA G 210 -43.66 40.43 -22.78
CA ALA G 210 -44.76 39.91 -22.00
C ALA G 210 -44.35 39.59 -20.55
N LEU G 211 -45.32 39.73 -19.64
CA LEU G 211 -45.27 39.16 -18.29
C LEU G 211 -46.39 38.15 -18.13
N LEU G 212 -46.29 37.32 -17.09
CA LEU G 212 -47.29 36.31 -16.79
C LEU G 212 -48.61 37.00 -16.40
N PRO G 213 -49.77 36.41 -16.73
CA PRO G 213 -51.05 36.93 -16.22
C PRO G 213 -51.05 36.97 -14.70
N PHE G 214 -51.95 37.73 -14.10
CA PHE G 214 -52.12 37.73 -12.66
C PHE G 214 -53.15 36.68 -12.27
N ASP G 215 -52.96 36.11 -11.07
CA ASP G 215 -53.89 35.16 -10.51
C ASP G 215 -54.87 35.94 -9.66
N ASN G 216 -56.02 35.30 -9.40
CA ASN G 216 -57.10 35.86 -8.62
C ASN G 216 -57.27 35.00 -7.37
N LEU G 217 -56.44 35.26 -6.35
CA LEU G 217 -56.39 34.42 -5.17
C LEU G 217 -57.28 34.98 -4.07
N HIS G 218 -57.85 34.08 -3.25
CA HIS G 218 -58.66 34.52 -2.12
C HIS G 218 -57.78 35.23 -1.09
N ASP G 219 -56.69 34.57 -0.67
CA ASP G 219 -55.73 35.13 0.26
C ASP G 219 -54.39 35.22 -0.49
N ASP G 220 -54.16 36.35 -1.16
CA ASP G 220 -52.99 36.54 -2.02
C ASP G 220 -51.80 36.99 -1.18
N PRO G 221 -50.70 36.20 -1.12
CA PRO G 221 -49.54 36.57 -0.29
C PRO G 221 -48.61 37.59 -0.92
N CYS G 222 -48.67 37.75 -2.25
CA CYS G 222 -47.77 38.68 -2.95
C CYS G 222 -48.11 40.12 -2.59
N LEU G 223 -49.41 40.36 -2.33
CA LEU G 223 -49.90 41.66 -1.90
C LEU G 223 -49.32 42.05 -0.54
N LEU G 224 -49.01 41.07 0.32
CA LEU G 224 -48.53 41.36 1.67
C LEU G 224 -47.08 41.85 1.66
N THR G 225 -46.34 41.59 0.58
CA THR G 225 -44.89 41.85 0.57
C THR G 225 -44.61 43.34 0.36
N ASN G 226 -45.54 44.04 -0.31
CA ASN G 226 -45.49 45.50 -0.43
C ASN G 226 -46.93 45.99 -0.57
N ARG G 227 -47.41 46.64 0.51
CA ARG G 227 -48.80 46.99 0.63
C ARG G 227 -49.18 48.05 -0.41
N SER G 228 -48.35 49.08 -0.54
CA SER G 228 -48.64 50.20 -1.41
C SER G 228 -48.60 49.81 -2.90
N ALA G 229 -47.73 48.85 -3.26
CA ALA G 229 -47.53 48.45 -4.64
C ALA G 229 -48.75 47.73 -5.21
N ARG G 230 -49.41 46.89 -4.40
CA ARG G 230 -50.66 46.25 -4.78
C ARG G 230 -50.47 45.41 -6.03
N ILE G 231 -49.41 44.57 -6.05
CA ILE G 231 -49.14 43.68 -7.17
C ILE G 231 -49.40 42.23 -6.72
N PRO G 232 -50.44 41.56 -7.30
CA PRO G 232 -50.79 40.20 -6.91
C PRO G 232 -49.85 39.15 -7.53
N CYS G 233 -50.08 37.89 -7.14
CA CYS G 233 -49.26 36.79 -7.62
C CYS G 233 -49.59 36.53 -9.09
N PHE G 234 -48.62 35.97 -9.79
CA PHE G 234 -48.77 35.57 -11.17
C PHE G 234 -49.50 34.24 -11.28
N LEU G 235 -50.01 33.95 -12.49
CA LEU G 235 -50.67 32.70 -12.84
C LEU G 235 -49.79 31.98 -13.85
N ALA G 236 -49.41 30.74 -13.52
CA ALA G 236 -48.62 29.91 -14.41
C ALA G 236 -49.14 28.47 -14.37
N GLY G 237 -48.43 27.57 -15.07
CA GLY G 237 -48.75 26.14 -15.07
C GLY G 237 -48.68 25.52 -13.68
N ASP G 238 -47.79 26.07 -12.83
CA ASP G 238 -47.61 25.63 -11.46
C ASP G 238 -47.91 26.79 -10.52
N THR G 239 -48.49 26.46 -9.36
CA THR G 239 -49.04 27.45 -8.45
C THR G 239 -47.95 28.21 -7.69
N ARG G 240 -46.68 27.77 -7.76
CA ARG G 240 -45.62 28.33 -6.95
C ARG G 240 -44.80 29.36 -7.73
N SER G 241 -45.33 29.84 -8.87
CA SER G 241 -44.54 30.61 -9.85
C SER G 241 -43.98 31.91 -9.25
N SER G 242 -44.65 32.44 -8.20
CA SER G 242 -44.27 33.75 -7.65
C SER G 242 -43.42 33.62 -6.37
N GLU G 243 -43.03 32.41 -5.99
CA GLU G 243 -42.43 32.16 -4.68
C GLU G 243 -41.11 32.90 -4.55
N MET G 244 -40.33 33.00 -5.64
CA MET G 244 -39.26 33.97 -5.69
C MET G 244 -39.13 34.50 -7.11
N PRO G 245 -38.74 35.78 -7.27
CA PRO G 245 -38.66 36.41 -8.59
C PRO G 245 -37.72 35.75 -9.60
N GLU G 246 -36.69 35.05 -9.13
CA GLU G 246 -35.79 34.31 -10.00
C GLU G 246 -36.55 33.20 -10.72
N LEU G 247 -37.45 32.53 -9.97
CA LEU G 247 -38.32 31.51 -10.49
C LEU G 247 -39.34 32.12 -11.45
N THR G 248 -39.94 33.24 -11.03
CA THR G 248 -40.87 33.97 -11.87
C THR G 248 -40.22 34.31 -13.22
N SER G 249 -38.93 34.69 -13.18
CA SER G 249 -38.19 35.05 -14.37
C SER G 249 -38.14 33.89 -15.37
N MET G 250 -37.88 32.69 -14.84
CA MET G 250 -37.73 31.52 -15.68
C MET G 250 -39.08 31.14 -16.30
N HIS G 251 -40.15 31.25 -15.50
CA HIS G 251 -41.49 30.97 -15.98
C HIS G 251 -41.83 31.91 -17.13
N THR G 252 -41.52 33.19 -16.90
CA THR G 252 -41.78 34.28 -17.85
C THR G 252 -41.01 34.01 -19.13
N LEU G 253 -39.73 33.65 -18.98
CA LEU G 253 -38.87 33.35 -20.11
C LEU G 253 -39.50 32.29 -21.01
N LEU G 254 -40.11 31.26 -20.40
CA LEU G 254 -40.58 30.12 -21.16
C LEU G 254 -41.94 30.42 -21.79
N LEU G 255 -42.72 31.31 -21.14
CA LEU G 255 -43.96 31.83 -21.73
C LEU G 255 -43.64 32.51 -23.05
N ARG G 256 -42.66 33.41 -23.00
CA ARG G 256 -42.25 34.19 -24.17
C ARG G 256 -41.81 33.23 -25.27
N GLU G 257 -41.02 32.21 -24.90
CA GLU G 257 -40.46 31.29 -25.86
C GLU G 257 -41.58 30.50 -26.54
N HIS G 258 -42.65 30.19 -25.81
CA HIS G 258 -43.79 29.51 -26.41
C HIS G 258 -44.38 30.40 -27.50
N ASN G 259 -44.71 31.63 -27.10
CA ASN G 259 -45.38 32.60 -27.96
C ASN G 259 -44.52 32.93 -29.19
N ARG G 260 -43.19 33.05 -28.99
CA ARG G 260 -42.25 33.23 -30.08
C ARG G 260 -42.32 32.09 -31.10
N LEU G 261 -42.37 30.86 -30.62
CA LEU G 261 -42.41 29.66 -31.48
C LEU G 261 -43.72 29.57 -32.24
N ALA G 262 -44.84 29.84 -31.55
CA ALA G 262 -46.16 29.83 -32.17
C ALA G 262 -46.25 30.90 -33.26
N THR G 263 -45.61 32.04 -33.03
CA THR G 263 -45.51 33.12 -34.00
C THR G 263 -44.74 32.66 -35.24
N GLU G 264 -43.54 32.09 -35.05
CA GLU G 264 -42.70 31.66 -36.17
C GLU G 264 -43.34 30.51 -36.94
N LEU G 265 -44.15 29.68 -36.28
CA LEU G 265 -44.77 28.54 -36.93
C LEU G 265 -45.96 29.00 -37.76
N LYS G 266 -46.58 30.13 -37.36
CA LYS G 266 -47.69 30.72 -38.08
C LYS G 266 -47.21 31.26 -39.44
N SER G 267 -46.08 31.98 -39.42
CA SER G 267 -45.39 32.44 -40.62
C SER G 267 -45.12 31.25 -41.55
N LEU G 268 -44.60 30.17 -40.97
CA LEU G 268 -44.10 29.03 -41.71
C LEU G 268 -45.25 28.18 -42.26
N ASN G 269 -46.33 28.04 -41.47
CA ASN G 269 -47.46 27.21 -41.86
C ASN G 269 -48.73 28.04 -41.67
N PRO G 270 -49.07 28.92 -42.64
CA PRO G 270 -50.16 29.88 -42.44
C PRO G 270 -51.54 29.25 -42.22
N ARG G 271 -51.74 28.00 -42.66
CA ARG G 271 -53.07 27.40 -42.60
C ARG G 271 -53.32 26.62 -41.30
N TRP G 272 -52.31 26.53 -40.41
CA TRP G 272 -52.48 25.91 -39.10
C TRP G 272 -53.39 26.76 -38.21
N ASP G 273 -54.34 26.10 -37.53
CA ASP G 273 -55.24 26.76 -36.59
C ASP G 273 -54.54 26.97 -35.25
N GLY G 274 -55.27 27.56 -34.30
CA GLY G 274 -54.72 27.89 -32.99
C GLY G 274 -54.29 26.66 -32.20
N GLU G 275 -55.11 25.60 -32.27
CA GLU G 275 -54.84 24.34 -31.59
C GLU G 275 -53.51 23.73 -32.07
N ARG G 276 -53.33 23.65 -33.38
CA ARG G 276 -52.15 23.01 -33.96
C ARG G 276 -50.89 23.78 -33.60
N LEU G 277 -50.99 25.12 -33.54
CA LEU G 277 -49.86 25.98 -33.24
C LEU G 277 -49.45 25.82 -31.77
N TYR G 278 -50.46 25.85 -30.87
CA TYR G 278 -50.29 25.64 -29.45
C TYR G 278 -49.58 24.31 -29.16
N GLN G 279 -50.09 23.24 -29.76
CA GLN G 279 -49.58 21.90 -29.49
C GLN G 279 -48.14 21.79 -29.99
N GLU G 280 -47.88 22.32 -31.17
CA GLU G 280 -46.59 22.12 -31.82
C GLU G 280 -45.52 22.94 -31.08
N ALA G 281 -45.90 24.12 -30.58
CA ALA G 281 -45.03 24.97 -29.79
C ALA G 281 -44.74 24.33 -28.43
N ARG G 282 -45.80 23.80 -27.81
CA ARG G 282 -45.76 23.10 -26.53
C ARG G 282 -44.81 21.90 -26.62
N LYS G 283 -44.90 21.19 -27.74
CA LYS G 283 -44.12 20.00 -27.98
C LYS G 283 -42.62 20.34 -28.01
N ILE G 284 -42.30 21.52 -28.55
CA ILE G 284 -40.92 21.95 -28.69
C ILE G 284 -40.39 22.41 -27.34
N VAL G 285 -41.17 23.21 -26.63
CA VAL G 285 -40.78 23.73 -25.33
C VAL G 285 -40.48 22.56 -24.40
N GLY G 286 -41.34 21.52 -24.44
CA GLY G 286 -41.13 20.29 -23.70
C GLY G 286 -39.78 19.64 -24.01
N ALA G 287 -39.47 19.48 -25.30
CA ALA G 287 -38.22 18.89 -25.73
C ALA G 287 -37.02 19.71 -25.25
N MET G 288 -37.19 21.04 -25.22
CA MET G 288 -36.10 21.93 -24.80
C MET G 288 -35.82 21.76 -23.31
N VAL G 289 -36.88 21.57 -22.51
CA VAL G 289 -36.74 21.33 -21.08
C VAL G 289 -36.04 19.98 -20.87
N GLN G 290 -36.38 18.97 -21.68
CA GLN G 290 -35.75 17.66 -21.57
C GLN G 290 -34.25 17.75 -21.86
N ILE G 291 -33.92 18.50 -22.92
CA ILE G 291 -32.55 18.53 -23.42
C ILE G 291 -31.65 19.28 -22.44
N ILE G 292 -32.11 20.45 -21.97
CA ILE G 292 -31.33 21.21 -21.01
C ILE G 292 -31.12 20.37 -19.76
N THR G 293 -32.17 19.67 -19.32
CA THR G 293 -32.14 18.90 -18.10
C THR G 293 -31.10 17.76 -18.23
N TYR G 294 -31.21 16.93 -19.28
CA TYR G 294 -30.43 15.70 -19.33
C TYR G 294 -29.05 15.92 -19.94
N ARG G 295 -28.92 16.89 -20.87
CA ARG G 295 -27.64 17.18 -21.50
C ARG G 295 -26.77 18.07 -20.60
N ASP G 296 -27.38 19.09 -19.97
CA ASP G 296 -26.61 20.18 -19.37
C ASP G 296 -26.68 20.14 -17.83
N TYR G 297 -27.88 19.90 -17.27
CA TYR G 297 -28.13 20.07 -15.85
C TYR G 297 -27.64 18.85 -15.06
N LEU G 298 -28.19 17.67 -15.39
CA LEU G 298 -28.03 16.49 -14.55
C LEU G 298 -26.57 16.06 -14.45
N PRO G 299 -25.76 16.09 -15.53
CA PRO G 299 -24.35 15.68 -15.41
C PRO G 299 -23.57 16.46 -14.36
N LEU G 300 -23.98 17.71 -14.13
CA LEU G 300 -23.34 18.58 -13.15
C LEU G 300 -23.90 18.36 -11.74
N VAL G 301 -25.10 17.77 -11.66
CA VAL G 301 -25.63 17.34 -10.37
C VAL G 301 -24.91 16.06 -9.91
N LEU G 302 -24.91 15.04 -10.79
CA LEU G 302 -24.54 13.67 -10.44
C LEU G 302 -23.03 13.48 -10.48
N GLY G 303 -22.37 14.22 -11.37
CA GLY G 303 -20.99 13.92 -11.70
C GLY G 303 -20.94 12.83 -12.77
N PRO G 304 -19.78 12.66 -13.45
CA PRO G 304 -19.70 11.81 -14.64
C PRO G 304 -19.86 10.31 -14.37
N THR G 305 -19.35 9.82 -13.22
CA THR G 305 -19.48 8.40 -12.85
C THR G 305 -20.96 7.98 -12.71
N ALA G 306 -21.67 8.67 -11.82
CA ALA G 306 -23.07 8.39 -11.53
C ALA G 306 -23.92 8.61 -12.79
N MET G 307 -23.53 9.56 -13.63
CA MET G 307 -24.26 9.86 -14.83
C MET G 307 -24.21 8.65 -15.78
N ARG G 308 -23.06 7.98 -15.87
CA ARG G 308 -22.91 6.80 -16.71
C ARG G 308 -23.69 5.63 -16.12
N LYS G 309 -23.62 5.52 -14.78
CA LYS G 309 -24.25 4.41 -14.09
C LYS G 309 -25.77 4.50 -14.19
N TYR G 310 -26.36 5.67 -13.87
CA TYR G 310 -27.80 5.78 -13.68
C TYR G 310 -28.49 6.22 -14.97
N LEU G 311 -27.75 6.90 -15.86
CA LEU G 311 -28.31 7.41 -17.11
C LEU G 311 -27.43 7.00 -18.29
N PRO G 312 -27.32 5.69 -18.61
CA PRO G 312 -26.61 5.25 -19.80
C PRO G 312 -27.34 5.74 -21.05
N THR G 313 -26.68 5.58 -22.20
CA THR G 313 -27.18 6.08 -23.47
C THR G 313 -28.62 5.60 -23.68
N TYR G 314 -29.49 6.52 -24.07
CA TYR G 314 -30.86 6.23 -24.41
C TYR G 314 -30.90 5.22 -25.56
N ARG G 315 -31.79 4.23 -25.45
CA ARG G 315 -32.02 3.25 -26.48
C ARG G 315 -33.41 3.51 -27.08
N SER G 316 -34.47 3.18 -26.35
CA SER G 316 -35.80 3.50 -26.82
C SER G 316 -36.81 3.46 -25.67
N TYR G 317 -38.06 3.85 -25.97
CA TYR G 317 -39.14 3.82 -25.00
C TYR G 317 -39.42 2.39 -24.56
N ASN G 318 -39.65 2.24 -23.24
CA ASN G 318 -39.88 0.95 -22.62
C ASN G 318 -41.16 1.09 -21.79
N ASP G 319 -42.24 0.47 -22.28
CA ASP G 319 -43.57 0.69 -21.73
C ASP G 319 -43.78 -0.03 -20.40
N SER G 320 -42.74 -0.76 -19.95
CA SER G 320 -42.74 -1.47 -18.68
C SER G 320 -41.92 -0.72 -17.63
N VAL G 321 -41.44 0.48 -17.95
CA VAL G 321 -40.77 1.34 -16.98
C VAL G 321 -41.81 2.26 -16.35
N ASP G 322 -41.92 2.18 -15.01
CA ASP G 322 -42.84 2.99 -14.24
C ASP G 322 -42.31 4.43 -14.15
N PRO G 323 -42.99 5.41 -14.78
CA PRO G 323 -42.57 6.82 -14.71
C PRO G 323 -43.09 7.66 -13.55
N ARG G 324 -43.71 7.05 -12.55
CA ARG G 324 -44.21 7.83 -11.43
C ARG G 324 -43.06 8.42 -10.62
N ILE G 325 -43.33 9.60 -10.01
CA ILE G 325 -42.43 10.16 -9.02
C ILE G 325 -42.56 9.33 -7.76
N ALA G 326 -41.40 8.93 -7.20
CA ALA G 326 -41.36 8.23 -5.93
C ALA G 326 -41.46 9.24 -4.79
N ASN G 327 -42.13 8.80 -3.72
CA ASN G 327 -42.39 9.64 -2.55
C ASN G 327 -41.08 10.23 -2.04
N VAL G 328 -40.02 9.39 -1.98
CA VAL G 328 -38.73 9.79 -1.45
C VAL G 328 -38.10 10.89 -2.30
N PHE G 329 -38.35 10.87 -3.62
CA PHE G 329 -37.78 11.85 -4.52
C PHE G 329 -38.21 13.26 -4.12
N THR G 330 -39.46 13.41 -3.67
CA THR G 330 -39.98 14.72 -3.33
C THR G 330 -39.15 15.35 -2.23
N ASN G 331 -38.48 14.52 -1.43
CA ASN G 331 -37.68 14.98 -0.30
C ASN G 331 -36.20 15.04 -0.69
N ALA G 332 -35.73 14.06 -1.46
CA ALA G 332 -34.33 13.97 -1.84
C ALA G 332 -33.93 15.09 -2.81
N PHE G 333 -34.82 15.44 -3.74
CA PHE G 333 -34.51 16.45 -4.73
C PHE G 333 -34.48 17.85 -4.11
N ARG G 334 -34.82 17.95 -2.81
CA ARG G 334 -34.64 19.19 -2.08
C ARG G 334 -33.18 19.43 -1.69
N TYR G 335 -32.24 18.61 -2.17
CA TYR G 335 -30.82 18.87 -1.99
C TYR G 335 -30.47 20.30 -2.42
N GLY G 336 -31.25 20.83 -3.37
CA GLY G 336 -30.95 22.12 -3.97
C GLY G 336 -31.15 23.29 -3.01
N HIS G 337 -31.71 23.04 -1.82
CA HIS G 337 -31.83 24.06 -0.79
C HIS G 337 -30.45 24.44 -0.25
N THR G 338 -29.44 23.57 -0.48
CA THR G 338 -28.06 23.83 -0.06
C THR G 338 -27.33 24.73 -1.04
N LEU G 339 -27.93 24.99 -2.22
CA LEU G 339 -27.33 25.81 -3.29
C LEU G 339 -27.77 27.27 -3.22
N ILE G 340 -28.71 27.57 -2.31
CA ILE G 340 -29.37 28.86 -2.27
C ILE G 340 -28.47 29.88 -1.56
N GLN G 341 -28.22 30.99 -2.26
CA GLN G 341 -27.55 32.17 -1.75
C GLN G 341 -28.55 33.02 -0.97
N PRO G 342 -28.10 33.80 0.05
CA PRO G 342 -29.00 34.63 0.86
C PRO G 342 -29.48 35.95 0.26
N PHE G 343 -29.14 36.22 -1.01
CA PHE G 343 -29.59 37.43 -1.68
C PHE G 343 -30.16 37.09 -3.05
N MET G 344 -31.01 37.99 -3.56
CA MET G 344 -31.31 38.05 -4.98
C MET G 344 -30.42 39.12 -5.63
N PHE G 345 -29.65 38.70 -6.65
CA PHE G 345 -28.66 39.55 -7.30
C PHE G 345 -29.21 40.08 -8.62
N ARG G 346 -29.16 41.41 -8.78
CA ARG G 346 -29.57 42.07 -10.02
C ARG G 346 -28.42 42.88 -10.62
N LEU G 347 -28.30 42.81 -11.95
CA LEU G 347 -27.17 43.38 -12.70
C LEU G 347 -27.69 44.09 -13.96
N ASP G 348 -27.07 45.24 -14.28
CA ASP G 348 -27.41 46.04 -15.47
C ASP G 348 -26.77 45.41 -16.71
N ASN G 349 -26.86 46.09 -17.85
CA ASN G 349 -26.43 45.50 -19.13
C ASN G 349 -24.91 45.44 -19.26
N ARG G 350 -24.18 46.04 -18.30
CA ARG G 350 -22.72 45.89 -18.21
C ARG G 350 -22.34 44.84 -17.18
N TYR G 351 -23.35 44.14 -16.65
CA TYR G 351 -23.20 43.12 -15.61
C TYR G 351 -22.59 43.73 -14.35
N GLN G 352 -23.10 44.92 -14.00
CA GLN G 352 -22.63 45.67 -12.85
C GLN G 352 -23.79 45.81 -11.87
N PRO G 353 -23.52 45.82 -10.54
CA PRO G 353 -24.58 45.98 -9.55
C PRO G 353 -25.62 47.02 -9.95
N MET G 354 -26.86 46.58 -10.21
CA MET G 354 -27.93 47.48 -10.65
C MET G 354 -28.54 48.18 -9.45
N GLU G 355 -28.28 49.49 -9.34
CA GLU G 355 -28.79 50.31 -8.23
C GLU G 355 -30.12 50.97 -8.57
N PRO G 356 -31.20 50.74 -7.79
CA PRO G 356 -31.13 50.75 -6.33
C PRO G 356 -31.38 49.30 -5.86
N ASN G 357 -30.55 48.90 -4.88
CA ASN G 357 -30.57 47.59 -4.24
C ASN G 357 -30.12 46.50 -5.21
N PRO G 358 -28.80 46.31 -5.39
CA PRO G 358 -28.28 45.24 -6.24
C PRO G 358 -28.41 43.83 -5.61
N ARG G 359 -28.43 43.80 -4.27
CA ARG G 359 -28.54 42.57 -3.50
C ARG G 359 -29.67 42.72 -2.48
N VAL G 360 -30.77 42.00 -2.71
CA VAL G 360 -31.93 42.03 -1.82
C VAL G 360 -31.93 40.77 -0.96
N PRO G 361 -32.04 40.89 0.38
CA PRO G 361 -32.10 39.68 1.23
C PRO G 361 -33.28 38.82 0.78
N LEU G 362 -33.09 37.49 0.82
CA LEU G 362 -34.09 36.58 0.29
C LEU G 362 -35.38 36.74 1.08
N SER G 363 -35.28 37.06 2.38
CA SER G 363 -36.44 37.22 3.24
C SER G 363 -37.33 38.39 2.81
N ARG G 364 -36.91 39.14 1.78
CA ARG G 364 -37.65 40.28 1.26
C ARG G 364 -38.05 40.10 -0.21
N VAL G 365 -37.77 38.92 -0.82
CA VAL G 365 -38.12 38.63 -2.21
C VAL G 365 -39.20 37.54 -2.32
N PHE G 366 -39.53 36.86 -1.23
CA PHE G 366 -40.49 35.76 -1.30
C PHE G 366 -41.86 36.35 -1.62
N PHE G 367 -42.44 35.86 -2.73
CA PHE G 367 -43.76 36.26 -3.19
C PHE G 367 -43.80 37.73 -3.56
N ALA G 368 -42.63 38.30 -3.91
CA ALA G 368 -42.53 39.73 -4.19
C ALA G 368 -42.65 39.94 -5.70
N SER G 369 -43.83 39.66 -6.24
CA SER G 369 -44.12 39.85 -7.65
C SER G 369 -43.96 41.33 -8.03
N TRP G 370 -44.11 42.23 -7.05
CA TRP G 370 -43.97 43.65 -7.30
C TRP G 370 -42.56 44.02 -7.79
N ARG G 371 -41.54 43.28 -7.38
CA ARG G 371 -40.15 43.57 -7.77
C ARG G 371 -39.88 43.22 -9.23
N VAL G 372 -40.76 42.43 -9.85
CA VAL G 372 -40.62 42.12 -11.26
C VAL G 372 -41.29 43.23 -12.05
N VAL G 373 -42.45 43.70 -11.58
CA VAL G 373 -43.26 44.64 -12.32
C VAL G 373 -42.69 46.06 -12.18
N LEU G 374 -42.10 46.39 -11.03
CA LEU G 374 -41.75 47.77 -10.72
C LEU G 374 -40.24 47.98 -10.55
N GLU G 375 -39.39 46.94 -10.56
CA GLU G 375 -37.96 47.12 -10.34
C GLU G 375 -37.14 46.50 -11.48
N GLY G 376 -37.65 46.60 -12.71
CA GLY G 376 -36.81 46.47 -13.89
C GLY G 376 -37.03 45.19 -14.68
N GLY G 377 -38.08 44.44 -14.35
CA GLY G 377 -38.40 43.22 -15.07
C GLY G 377 -37.39 42.10 -14.78
N ILE G 378 -37.25 41.21 -15.78
CA ILE G 378 -36.57 39.93 -15.61
C ILE G 378 -35.12 39.98 -16.06
N ASP G 379 -34.75 40.91 -16.95
CA ASP G 379 -33.40 40.93 -17.52
C ASP G 379 -32.34 41.07 -16.41
N PRO G 380 -32.49 42.00 -15.43
CA PRO G 380 -31.52 42.11 -14.33
C PRO G 380 -31.37 40.84 -13.50
N ILE G 381 -32.50 40.11 -13.33
CA ILE G 381 -32.56 38.91 -12.51
C ILE G 381 -31.84 37.76 -13.20
N LEU G 382 -32.16 37.54 -14.48
CA LEU G 382 -31.50 36.54 -15.30
C LEU G 382 -30.00 36.79 -15.35
N ARG G 383 -29.61 38.07 -15.40
CA ARG G 383 -28.20 38.43 -15.42
C ARG G 383 -27.54 38.03 -14.11
N GLY G 384 -28.24 38.27 -12.99
CA GLY G 384 -27.74 37.88 -11.67
C GLY G 384 -27.54 36.38 -11.54
N LEU G 385 -28.44 35.60 -12.16
CA LEU G 385 -28.38 34.14 -12.11
C LEU G 385 -27.17 33.66 -12.88
N MET G 386 -26.93 34.26 -14.05
CA MET G 386 -25.88 33.81 -14.96
C MET G 386 -24.49 34.14 -14.42
N ALA G 387 -24.35 35.27 -13.73
CA ALA G 387 -23.06 35.86 -13.42
C ALA G 387 -22.73 35.83 -11.92
N THR G 388 -23.58 35.20 -11.11
CA THR G 388 -23.30 35.00 -9.71
C THR G 388 -23.06 33.51 -9.45
N PRO G 389 -22.15 33.12 -8.52
CA PRO G 389 -21.98 31.71 -8.19
C PRO G 389 -23.09 31.18 -7.30
N ALA G 390 -23.45 29.90 -7.49
CA ALA G 390 -24.29 29.21 -6.53
C ALA G 390 -23.56 29.20 -5.18
N LYS G 391 -24.29 28.87 -4.11
CA LYS G 391 -23.65 28.53 -2.85
C LYS G 391 -23.12 27.10 -2.97
N LEU G 392 -22.00 26.82 -2.31
CA LEU G 392 -21.49 25.46 -2.25
C LEU G 392 -21.98 24.82 -0.95
N ASN G 393 -22.49 23.58 -1.07
CA ASN G 393 -22.80 22.72 0.05
C ASN G 393 -21.48 22.25 0.66
N ARG G 394 -21.28 22.60 1.95
CA ARG G 394 -20.17 22.06 2.73
C ARG G 394 -20.75 21.55 4.04
N GLN G 395 -20.06 20.56 4.63
CA GLN G 395 -20.64 19.78 5.73
C GLN G 395 -20.82 20.64 6.98
N ASN G 396 -20.18 21.83 7.04
CA ASN G 396 -20.39 22.75 8.16
C ASN G 396 -21.03 24.06 7.70
N GLN G 397 -21.55 24.06 6.46
CA GLN G 397 -22.23 25.20 5.87
C GLN G 397 -23.35 24.69 4.97
N ILE G 398 -24.40 24.12 5.58
CA ILE G 398 -25.35 23.34 4.80
C ILE G 398 -26.38 24.26 4.15
N ALA G 399 -27.06 25.11 4.94
CA ALA G 399 -28.09 25.99 4.42
C ALA G 399 -28.18 27.30 5.21
N VAL G 400 -28.49 28.39 4.47
CA VAL G 400 -28.39 29.76 4.96
C VAL G 400 -29.57 30.10 5.87
N ASP G 401 -29.39 31.12 6.73
CA ASP G 401 -30.42 31.50 7.68
C ASP G 401 -31.58 32.24 7.02
N GLU G 402 -31.43 32.70 5.76
CA GLU G 402 -32.54 33.36 5.07
C GLU G 402 -33.68 32.37 4.82
N ILE G 403 -33.36 31.06 4.73
CA ILE G 403 -34.37 30.02 4.58
C ILE G 403 -34.55 29.22 5.88
N ARG G 404 -33.55 29.25 6.78
CA ARG G 404 -33.62 28.48 8.00
C ARG G 404 -34.33 29.27 9.10
N GLU G 405 -34.30 30.62 9.02
CA GLU G 405 -34.80 31.48 10.09
C GLU G 405 -35.90 32.42 9.62
N ARG G 406 -35.87 32.81 8.33
CA ARG G 406 -36.69 33.90 7.85
C ARG G 406 -37.50 33.51 6.61
N LEU G 407 -37.82 32.21 6.44
CA LEU G 407 -38.58 31.80 5.27
C LEU G 407 -40.02 32.34 5.36
N PHE G 408 -40.41 33.10 4.35
CA PHE G 408 -41.76 33.64 4.18
C PHE G 408 -42.14 34.52 5.38
N GLU G 409 -41.16 35.22 5.92
CA GLU G 409 -41.29 36.08 7.09
C GLU G 409 -42.35 37.17 6.87
N GLN G 410 -42.45 37.70 5.65
CA GLN G 410 -43.31 38.85 5.35
C GLN G 410 -44.78 38.48 5.23
N VAL G 411 -45.10 37.18 5.01
CA VAL G 411 -46.46 36.81 4.63
C VAL G 411 -47.11 35.87 5.67
N MET G 412 -46.46 35.68 6.81
CA MET G 412 -46.89 34.72 7.82
C MET G 412 -46.67 35.32 9.20
N ARG G 413 -47.21 34.66 10.22
CA ARG G 413 -47.10 35.15 11.58
C ARG G 413 -45.68 34.92 12.10
N ILE G 414 -44.89 34.08 11.43
CA ILE G 414 -43.58 33.70 11.93
C ILE G 414 -42.74 33.17 10.77
N GLY G 415 -41.43 33.40 10.86
CA GLY G 415 -40.51 32.87 9.87
C GLY G 415 -40.40 31.35 10.01
N LEU G 416 -40.38 30.68 8.86
CA LEU G 416 -40.25 29.23 8.82
C LEU G 416 -38.76 28.86 8.71
N ASP G 417 -38.52 27.56 8.88
CA ASP G 417 -37.23 26.92 8.78
C ASP G 417 -37.35 25.82 7.72
N LEU G 418 -36.80 26.05 6.53
CA LEU G 418 -37.07 25.16 5.41
C LEU G 418 -36.39 23.81 5.65
N PRO G 419 -35.11 23.76 6.10
CA PRO G 419 -34.50 22.48 6.51
C PRO G 419 -35.30 21.65 7.49
N ALA G 420 -35.85 22.29 8.53
CA ALA G 420 -36.73 21.62 9.50
C ALA G 420 -38.01 21.12 8.85
N LEU G 421 -38.62 21.91 7.93
CA LEU G 421 -39.82 21.48 7.22
C LEU G 421 -39.51 20.24 6.37
N ASN G 422 -38.35 20.23 5.71
CA ASN G 422 -37.90 19.12 4.89
C ASN G 422 -37.96 17.82 5.72
N MET G 423 -37.56 17.95 7.00
CA MET G 423 -37.38 16.80 7.87
C MET G 423 -38.72 16.38 8.50
N GLN G 424 -39.53 17.34 8.94
CA GLN G 424 -40.88 17.02 9.41
C GLN G 424 -41.68 16.41 8.27
N ARG G 425 -41.41 16.86 7.03
CA ARG G 425 -42.16 16.40 5.88
C ARG G 425 -41.83 14.95 5.57
N SER G 426 -40.56 14.57 5.71
CA SER G 426 -40.15 13.20 5.46
C SER G 426 -40.85 12.27 6.47
N ARG G 427 -41.07 12.73 7.70
CA ARG G 427 -41.75 11.95 8.71
C ARG G 427 -43.25 11.87 8.43
N ASP G 428 -43.84 13.01 8.06
CA ASP G 428 -45.21 13.12 7.58
C ASP G 428 -45.48 12.05 6.49
N HIS G 429 -44.54 11.93 5.55
CA HIS G 429 -44.69 11.04 4.39
C HIS G 429 -44.30 9.60 4.72
N GLY G 430 -43.85 9.37 5.95
CA GLY G 430 -43.53 8.03 6.38
C GLY G 430 -42.31 7.43 5.68
N LEU G 431 -41.34 8.26 5.31
CA LEU G 431 -40.15 7.79 4.60
C LEU G 431 -39.23 7.09 5.61
N PRO G 432 -38.63 5.94 5.21
CA PRO G 432 -37.58 5.30 5.98
C PRO G 432 -36.39 6.23 6.19
N GLY G 433 -35.53 5.82 7.15
CA GLY G 433 -34.34 6.59 7.50
C GLY G 433 -33.18 6.32 6.55
N TYR G 434 -32.05 6.97 6.85
CA TYR G 434 -30.88 6.98 6.00
C TYR G 434 -30.44 5.58 5.61
N ASN G 435 -30.24 4.68 6.58
CA ASN G 435 -29.68 3.37 6.31
C ASN G 435 -30.58 2.54 5.40
N ALA G 436 -31.89 2.58 5.57
CA ALA G 436 -32.80 1.84 4.71
C ALA G 436 -32.64 2.25 3.26
N TRP G 437 -32.40 3.56 3.02
CA TRP G 437 -32.19 4.08 1.68
C TRP G 437 -30.80 3.72 1.14
N ARG G 438 -29.78 3.78 2.01
CA ARG G 438 -28.45 3.27 1.68
C ARG G 438 -28.59 1.86 1.14
N ARG G 439 -29.29 1.00 1.89
CA ARG G 439 -29.45 -0.41 1.55
C ARG G 439 -30.20 -0.55 0.23
N PHE G 440 -31.28 0.23 0.07
CA PHE G 440 -32.04 0.24 -1.17
C PHE G 440 -31.12 0.52 -2.35
N CYS G 441 -30.11 1.37 -2.15
CA CYS G 441 -29.23 1.83 -3.22
C CYS G 441 -28.03 0.89 -3.41
N GLY G 442 -27.91 -0.12 -2.56
CA GLY G 442 -26.76 -1.00 -2.58
C GLY G 442 -25.52 -0.35 -2.00
N LEU G 443 -25.70 0.51 -0.99
CA LEU G 443 -24.58 1.17 -0.34
C LEU G 443 -24.43 0.64 1.09
N PRO G 444 -23.19 0.60 1.65
CA PRO G 444 -22.98 0.21 3.05
C PRO G 444 -23.78 1.06 4.04
N GLN G 445 -24.30 0.40 5.08
CA GLN G 445 -25.11 1.04 6.11
C GLN G 445 -24.32 1.17 7.41
N PRO G 446 -23.84 2.37 7.78
CA PRO G 446 -23.15 2.55 9.05
C PRO G 446 -24.05 2.36 10.27
N GLU G 447 -23.56 1.59 11.25
CA GLU G 447 -24.28 1.31 12.47
C GLU G 447 -23.77 2.15 13.65
N THR G 448 -22.51 2.54 13.65
CA THR G 448 -21.88 3.25 14.76
C THR G 448 -21.37 4.62 14.28
N VAL G 449 -20.97 5.46 15.24
CA VAL G 449 -20.48 6.78 14.96
C VAL G 449 -19.20 6.71 14.13
N GLY G 450 -18.37 5.70 14.41
CA GLY G 450 -17.12 5.48 13.70
C GLY G 450 -17.35 5.14 12.23
N GLN G 451 -18.32 4.26 12.00
CA GLN G 451 -18.67 3.87 10.64
C GLN G 451 -19.26 5.06 9.89
N LEU G 452 -20.10 5.84 10.59
CA LEU G 452 -20.71 7.01 9.99
C LEU G 452 -19.63 8.04 9.66
N GLY G 453 -18.64 8.21 10.55
CA GLY G 453 -17.51 9.08 10.27
C GLY G 453 -16.80 8.73 8.97
N THR G 454 -16.58 7.43 8.73
CA THR G 454 -15.94 6.93 7.52
C THR G 454 -16.80 7.28 6.29
N VAL G 455 -18.09 7.01 6.37
CA VAL G 455 -19.04 7.24 5.28
C VAL G 455 -19.06 8.73 4.90
N LEU G 456 -19.04 9.61 5.91
CA LEU G 456 -19.16 11.05 5.68
C LEU G 456 -17.78 11.68 5.46
N ARG G 457 -16.72 10.89 5.70
CA ARG G 457 -15.33 11.37 5.76
C ARG G 457 -15.25 12.60 6.65
N ASN G 458 -15.91 12.50 7.81
CA ASN G 458 -16.07 13.63 8.71
C ASN G 458 -16.63 13.11 10.02
N LEU G 459 -15.74 12.88 10.98
CA LEU G 459 -16.12 12.30 12.25
C LEU G 459 -16.86 13.33 13.10
N LYS G 460 -16.53 14.61 12.91
CA LYS G 460 -17.18 15.66 13.69
C LYS G 460 -18.68 15.67 13.37
N LEU G 461 -19.03 15.71 12.08
CA LEU G 461 -20.42 15.70 11.64
C LEU G 461 -21.15 14.42 12.05
N ALA G 462 -20.49 13.28 11.88
CA ALA G 462 -21.00 12.01 12.36
C ALA G 462 -21.37 12.07 13.84
N ARG G 463 -20.57 12.76 14.67
CA ARG G 463 -20.83 12.80 16.10
C ARG G 463 -22.08 13.62 16.41
N LYS G 464 -22.20 14.77 15.72
CA LYS G 464 -23.35 15.65 15.89
C LYS G 464 -24.65 14.93 15.52
N LEU G 465 -24.61 14.18 14.41
CA LEU G 465 -25.76 13.43 13.92
C LEU G 465 -26.19 12.33 14.89
N MET G 466 -25.22 11.65 15.49
CA MET G 466 -25.52 10.57 16.43
C MET G 466 -26.05 11.15 17.75
N GLU G 467 -25.59 12.36 18.10
CA GLU G 467 -26.11 13.02 19.27
C GLU G 467 -27.60 13.33 19.07
N GLN G 468 -27.98 13.79 17.88
CA GLN G 468 -29.38 14.10 17.57
C GLN G 468 -30.22 12.83 17.41
N TYR G 469 -29.72 11.86 16.64
CA TYR G 469 -30.54 10.78 16.11
C TYR G 469 -30.35 9.46 16.85
N GLY G 470 -29.18 9.24 17.47
CA GLY G 470 -28.93 8.02 18.25
C GLY G 470 -28.48 6.83 17.41
N THR G 471 -29.05 6.69 16.20
CA THR G 471 -28.62 5.67 15.25
C THR G 471 -28.70 6.24 13.85
N PRO G 472 -27.82 5.82 12.92
CA PRO G 472 -27.93 6.18 11.51
C PRO G 472 -29.20 5.63 10.85
N ASN G 473 -29.87 4.69 11.52
CA ASN G 473 -31.11 4.16 10.99
C ASN G 473 -32.20 5.23 11.02
N ASN G 474 -32.05 6.25 11.89
CA ASN G 474 -33.11 7.20 12.18
C ASN G 474 -32.88 8.55 11.51
N ILE G 475 -31.72 8.74 10.84
CA ILE G 475 -31.42 9.99 10.21
C ILE G 475 -32.39 10.22 9.06
N ASP G 476 -33.00 11.41 9.06
CA ASP G 476 -33.95 11.82 8.05
C ASP G 476 -33.22 11.86 6.71
N ILE G 477 -33.90 11.38 5.67
CA ILE G 477 -33.32 11.19 4.34
C ILE G 477 -32.72 12.50 3.81
N TRP G 478 -33.37 13.66 3.98
CA TRP G 478 -32.81 14.90 3.48
C TRP G 478 -31.47 15.14 4.18
N MET G 479 -31.49 15.04 5.52
CA MET G 479 -30.38 15.43 6.36
C MET G 479 -29.19 14.52 6.04
N GLY G 480 -29.44 13.22 6.00
CA GLY G 480 -28.40 12.26 5.64
C GLY G 480 -27.85 12.50 4.24
N GLY G 481 -28.74 12.63 3.26
CA GLY G 481 -28.37 12.83 1.87
C GLY G 481 -27.41 14.02 1.66
N VAL G 482 -27.74 15.19 2.26
CA VAL G 482 -26.97 16.42 2.07
C VAL G 482 -25.73 16.47 2.98
N SER G 483 -25.64 15.58 3.97
CA SER G 483 -24.46 15.47 4.81
C SER G 483 -23.31 14.76 4.09
N GLU G 484 -23.62 13.95 3.09
CA GLU G 484 -22.66 13.10 2.40
C GLU G 484 -21.69 13.94 1.57
N PRO G 485 -20.39 13.54 1.52
CA PRO G 485 -19.41 14.21 0.67
C PRO G 485 -19.79 14.09 -0.80
N LEU G 486 -19.51 15.17 -1.56
CA LEU G 486 -19.99 15.29 -2.93
C LEU G 486 -19.16 14.40 -3.86
N LYS G 487 -19.81 13.91 -4.93
CA LYS G 487 -19.13 13.12 -5.94
C LYS G 487 -18.20 14.03 -6.71
N ARG G 488 -17.18 13.43 -7.33
CA ARG G 488 -16.25 14.19 -8.15
C ARG G 488 -17.04 14.83 -9.30
N LYS G 489 -17.01 16.17 -9.36
CA LYS G 489 -17.63 16.98 -10.40
C LYS G 489 -19.16 16.93 -10.34
N GLY G 490 -19.69 16.54 -9.17
CA GLY G 490 -21.12 16.63 -8.92
C GLY G 490 -21.38 17.42 -7.64
N ARG G 491 -22.65 17.61 -7.32
CA ARG G 491 -23.03 18.39 -6.15
C ARG G 491 -23.98 17.62 -5.23
N VAL G 492 -23.93 16.28 -5.31
CA VAL G 492 -24.62 15.41 -4.36
C VAL G 492 -23.69 14.24 -4.02
N GLY G 493 -23.94 13.61 -2.87
CA GLY G 493 -23.28 12.36 -2.50
C GLY G 493 -23.84 11.12 -3.18
N PRO G 494 -23.30 9.92 -2.88
CA PRO G 494 -23.74 8.67 -3.52
C PRO G 494 -25.23 8.32 -3.38
N LEU G 495 -25.79 8.61 -2.20
CA LEU G 495 -27.16 8.24 -1.90
C LEU G 495 -28.13 9.08 -2.73
N LEU G 496 -27.96 10.41 -2.71
CA LEU G 496 -28.84 11.28 -3.48
C LEU G 496 -28.61 11.06 -4.98
N ALA G 497 -27.36 10.73 -5.34
CA ALA G 497 -27.04 10.43 -6.73
C ALA G 497 -27.90 9.26 -7.20
N CYS G 498 -27.97 8.22 -6.36
CA CYS G 498 -28.72 7.03 -6.68
C CYS G 498 -30.21 7.34 -6.81
N ILE G 499 -30.76 8.04 -5.83
CA ILE G 499 -32.18 8.32 -5.86
C ILE G 499 -32.53 9.20 -7.07
N ILE G 500 -31.79 10.30 -7.27
CA ILE G 500 -32.11 11.27 -8.29
C ILE G 500 -31.87 10.65 -9.67
N GLY G 501 -30.72 9.97 -9.82
CA GLY G 501 -30.40 9.27 -11.06
C GLY G 501 -31.49 8.26 -11.43
N THR G 502 -31.87 7.42 -10.46
CA THR G 502 -32.85 6.38 -10.68
C THR G 502 -34.16 7.04 -11.17
N GLN G 503 -34.58 8.12 -10.52
CA GLN G 503 -35.83 8.78 -10.85
C GLN G 503 -35.83 9.31 -12.29
N PHE G 504 -34.77 10.02 -12.67
CA PHE G 504 -34.73 10.66 -13.98
C PHE G 504 -34.58 9.62 -15.09
N ARG G 505 -33.94 8.50 -14.79
CA ARG G 505 -33.89 7.43 -15.76
C ARG G 505 -35.31 6.94 -16.10
N LYS G 506 -36.18 6.83 -15.09
CA LYS G 506 -37.53 6.32 -15.30
C LYS G 506 -38.38 7.34 -16.06
N LEU G 507 -38.18 8.62 -15.77
CA LEU G 507 -38.89 9.70 -16.46
C LEU G 507 -38.52 9.75 -17.94
N ARG G 508 -37.32 9.26 -18.28
CA ARG G 508 -36.83 9.24 -19.65
C ARG G 508 -37.29 7.97 -20.37
N ASP G 509 -36.90 6.80 -19.85
CA ASP G 509 -37.12 5.52 -20.52
C ASP G 509 -38.60 5.17 -20.53
N GLY G 510 -39.40 5.74 -19.61
CA GLY G 510 -40.81 5.42 -19.49
C GLY G 510 -41.74 6.52 -20.00
N ASP G 511 -41.15 7.52 -20.70
CA ASP G 511 -41.90 8.59 -21.36
C ASP G 511 -42.04 8.26 -22.85
N ARG G 512 -43.30 8.03 -23.27
CA ARG G 512 -43.60 7.66 -24.65
C ARG G 512 -43.33 8.84 -25.58
N PHE G 513 -43.36 10.07 -25.03
CA PHE G 513 -43.14 11.27 -25.81
C PHE G 513 -41.74 11.85 -25.55
N TRP G 514 -40.79 11.03 -25.11
CA TRP G 514 -39.41 11.48 -25.00
C TRP G 514 -38.94 11.92 -26.39
N TRP G 515 -38.19 13.04 -26.45
CA TRP G 515 -37.89 13.70 -27.70
C TRP G 515 -37.08 12.82 -28.66
N GLU G 516 -36.25 11.89 -28.14
CA GLU G 516 -35.46 11.01 -28.98
C GLU G 516 -36.24 9.74 -29.39
N ASN G 517 -37.45 9.53 -28.83
CA ASN G 517 -38.19 8.32 -29.13
C ASN G 517 -38.66 8.37 -30.59
N GLU G 518 -38.43 7.26 -31.30
CA GLU G 518 -38.83 7.16 -32.69
C GLU G 518 -40.30 7.49 -32.83
N GLY G 519 -40.61 8.52 -33.64
CA GLY G 519 -41.96 8.82 -34.06
C GLY G 519 -42.51 10.09 -33.42
N VAL G 520 -41.81 10.66 -32.42
CA VAL G 520 -42.26 11.87 -31.78
C VAL G 520 -41.86 13.05 -32.66
N PHE G 521 -40.57 13.08 -33.05
CA PHE G 521 -40.02 14.06 -33.97
C PHE G 521 -39.43 13.30 -35.16
N SER G 522 -39.39 13.94 -36.34
CA SER G 522 -38.64 13.42 -37.47
C SER G 522 -37.14 13.53 -37.17
N MET G 523 -36.33 12.86 -37.99
CA MET G 523 -34.89 12.83 -37.78
C MET G 523 -34.29 14.22 -38.00
N GLN G 524 -34.95 15.05 -38.82
CA GLN G 524 -34.48 16.39 -39.16
C GLN G 524 -34.82 17.36 -38.03
N GLN G 525 -35.98 17.15 -37.40
CA GLN G 525 -36.41 17.93 -36.26
C GLN G 525 -35.50 17.68 -35.05
N ARG G 526 -35.03 16.43 -34.89
CA ARG G 526 -34.12 16.09 -33.81
C ARG G 526 -32.74 16.68 -34.05
N GLN G 527 -32.28 16.71 -35.32
CA GLN G 527 -31.04 17.37 -35.68
C GLN G 527 -31.10 18.83 -35.24
N ALA G 528 -32.25 19.47 -35.51
CA ALA G 528 -32.46 20.89 -35.24
C ALA G 528 -32.50 21.16 -33.74
N LEU G 529 -33.22 20.30 -33.01
CA LEU G 529 -33.42 20.45 -31.56
C LEU G 529 -32.11 20.27 -30.80
N ALA G 530 -31.19 19.45 -31.33
CA ALA G 530 -29.91 19.22 -30.68
C ALA G 530 -29.12 20.51 -30.50
N GLN G 531 -29.53 21.57 -31.22
CA GLN G 531 -28.77 22.83 -31.29
C GLN G 531 -29.19 23.82 -30.20
N ILE G 532 -30.35 23.59 -29.59
CA ILE G 532 -30.91 24.55 -28.64
C ILE G 532 -30.03 24.63 -27.40
N SER G 533 -30.12 25.76 -26.70
CA SER G 533 -29.48 25.93 -25.39
C SER G 533 -30.25 27.01 -24.63
N LEU G 534 -29.97 27.11 -23.34
CA LEU G 534 -30.67 28.05 -22.48
C LEU G 534 -30.15 29.48 -22.74
N PRO G 535 -28.83 29.71 -22.93
CA PRO G 535 -28.37 31.03 -23.35
C PRO G 535 -29.15 31.52 -24.56
N ARG G 536 -29.31 30.66 -25.58
CA ARG G 536 -30.03 31.02 -26.80
C ARG G 536 -31.45 31.49 -26.47
N ILE G 537 -32.12 30.77 -25.57
CA ILE G 537 -33.50 31.08 -25.25
C ILE G 537 -33.58 32.44 -24.55
N ILE G 538 -32.55 32.78 -23.75
CA ILE G 538 -32.49 34.06 -23.08
C ILE G 538 -32.33 35.20 -24.10
N CYS G 539 -31.40 35.00 -25.05
CA CYS G 539 -31.19 35.92 -26.15
C CYS G 539 -32.49 36.21 -26.91
N ASP G 540 -33.20 35.14 -27.32
CA ASP G 540 -34.35 35.25 -28.20
C ASP G 540 -35.50 35.99 -27.53
N ASN G 541 -35.51 36.10 -26.18
CA ASN G 541 -36.74 36.44 -25.48
C ASN G 541 -36.52 37.51 -24.39
N THR G 542 -35.34 38.15 -24.39
CA THR G 542 -35.08 39.23 -23.46
C THR G 542 -34.30 40.33 -24.17
N GLY G 543 -34.03 41.41 -23.41
CA GLY G 543 -33.18 42.49 -23.88
C GLY G 543 -31.70 42.26 -23.57
N ILE G 544 -31.33 41.02 -23.25
CA ILE G 544 -29.96 40.65 -22.92
C ILE G 544 -29.28 40.27 -24.23
N THR G 545 -28.04 40.75 -24.44
CA THR G 545 -27.26 40.46 -25.66
C THR G 545 -25.92 39.78 -25.33
N THR G 546 -25.55 39.71 -24.05
CA THR G 546 -24.37 38.98 -23.63
C THR G 546 -24.79 37.92 -22.59
N VAL G 547 -24.46 36.65 -22.86
CA VAL G 547 -24.96 35.51 -22.11
C VAL G 547 -23.80 34.57 -21.74
N SER G 548 -24.09 33.56 -20.90
CA SER G 548 -23.13 32.56 -20.46
C SER G 548 -22.67 31.69 -21.62
N LYS G 549 -21.40 31.28 -21.58
CA LYS G 549 -20.87 30.22 -22.43
C LYS G 549 -21.44 28.89 -21.99
N ASN G 550 -21.50 27.95 -22.93
CA ASN G 550 -22.05 26.64 -22.66
C ASN G 550 -21.07 25.84 -21.82
N ASN G 551 -21.31 25.87 -20.51
CA ASN G 551 -22.40 25.14 -19.89
C ASN G 551 -22.96 26.18 -18.93
N ILE G 552 -24.18 26.67 -19.20
CA ILE G 552 -24.71 27.82 -18.47
C ILE G 552 -24.69 27.58 -16.95
N PHE G 553 -24.72 26.30 -16.55
CA PHE G 553 -24.81 25.94 -15.14
C PHE G 553 -23.44 25.96 -14.48
N MET G 554 -22.36 26.03 -15.28
CA MET G 554 -20.99 26.08 -14.80
C MET G 554 -20.43 27.51 -14.92
N SER G 555 -20.61 28.13 -16.10
CA SER G 555 -20.26 29.52 -16.36
C SER G 555 -20.86 30.45 -15.31
N ASN G 556 -20.02 31.15 -14.54
CA ASN G 556 -20.52 31.98 -13.46
C ASN G 556 -19.74 33.29 -13.25
N SER G 557 -18.85 33.66 -14.18
CA SER G 557 -17.98 34.82 -13.95
C SER G 557 -17.96 35.71 -15.17
N TYR G 558 -18.40 36.97 -14.99
CA TYR G 558 -18.31 37.98 -16.03
C TYR G 558 -16.85 38.45 -16.16
N PRO G 559 -16.50 39.18 -17.24
CA PRO G 559 -16.60 38.67 -18.61
C PRO G 559 -16.02 37.32 -19.05
N ARG G 560 -15.21 36.68 -18.19
CA ARG G 560 -14.47 35.48 -18.56
C ARG G 560 -15.37 34.47 -19.28
N ASP G 561 -16.58 34.22 -18.75
CA ASP G 561 -17.40 33.08 -19.16
C ASP G 561 -18.59 33.53 -20.02
N PHE G 562 -18.47 34.64 -20.77
CA PHE G 562 -19.60 35.22 -21.48
C PHE G 562 -19.32 35.37 -22.98
N VAL G 563 -20.39 35.43 -23.80
CA VAL G 563 -20.32 35.59 -25.25
C VAL G 563 -21.49 36.46 -25.74
N ASN G 564 -21.40 36.92 -26.99
CA ASN G 564 -22.46 37.69 -27.60
C ASN G 564 -23.50 36.71 -28.13
N CYS G 565 -24.76 37.18 -28.11
CA CYS G 565 -25.87 36.41 -28.60
C CYS G 565 -25.73 35.99 -30.07
N SER G 566 -25.05 36.83 -30.85
CA SER G 566 -24.90 36.60 -32.28
C SER G 566 -24.02 35.39 -32.57
N THR G 567 -23.22 34.95 -31.58
CA THR G 567 -22.27 33.86 -31.78
C THR G 567 -22.94 32.49 -31.68
N LEU G 568 -24.17 32.44 -31.14
CA LEU G 568 -24.81 31.17 -30.79
C LEU G 568 -25.74 30.70 -31.91
N PRO G 569 -25.87 29.37 -32.17
CA PRO G 569 -26.81 28.89 -33.19
C PRO G 569 -28.27 29.06 -32.73
N ALA G 570 -29.15 29.51 -33.62
CA ALA G 570 -30.59 29.60 -33.33
C ALA G 570 -31.25 28.27 -33.71
N LEU G 571 -32.51 28.10 -33.29
CA LEU G 571 -33.25 26.91 -33.64
C LEU G 571 -33.85 27.11 -35.04
N ASN G 572 -33.48 26.22 -35.96
CA ASN G 572 -33.99 26.26 -37.32
C ASN G 572 -35.29 25.45 -37.39
N LEU G 573 -36.41 26.14 -37.60
CA LEU G 573 -37.72 25.51 -37.66
C LEU G 573 -38.08 25.06 -39.08
N ALA G 574 -37.10 24.94 -39.98
CA ALA G 574 -37.37 24.66 -41.39
C ALA G 574 -38.15 23.36 -41.52
N SER G 575 -37.76 22.33 -40.73
CA SER G 575 -38.29 20.99 -40.87
C SER G 575 -39.68 20.83 -40.27
N TRP G 576 -40.28 21.92 -39.78
CA TRP G 576 -41.64 21.91 -39.27
C TRP G 576 -42.65 22.36 -40.32
N ARG G 577 -42.17 22.69 -41.54
CA ARG G 577 -43.02 23.21 -42.59
C ARG G 577 -43.81 22.08 -43.25
N GLU G 578 -45.06 22.37 -43.66
CA GLU G 578 -45.92 21.43 -44.36
C GLU G 578 -46.57 22.12 -45.56
N ALA G 579 -46.01 21.99 -46.78
CA ALA G 579 -46.35 22.92 -47.86
C ALA G 579 -47.42 22.30 -48.76
N CYS H 2 -44.58 -0.94 19.00
CA CYS H 2 -44.30 -2.39 19.17
C CYS H 2 -43.54 -2.62 20.47
N PRO H 3 -43.92 -3.62 21.30
CA PRO H 3 -43.07 -4.12 22.36
C PRO H 3 -41.63 -4.31 21.85
N GLU H 4 -40.66 -3.87 22.65
CA GLU H 4 -39.25 -3.92 22.26
C GLU H 4 -38.69 -5.33 22.44
N GLN H 5 -39.28 -6.12 23.36
CA GLN H 5 -39.12 -7.56 23.34
C GLN H 5 -40.48 -8.25 23.26
N ASP H 6 -40.47 -9.46 22.69
CA ASP H 6 -41.63 -10.32 22.64
C ASP H 6 -41.15 -11.74 22.33
N LYS H 7 -41.97 -12.72 22.68
CA LYS H 7 -41.50 -14.10 22.65
C LYS H 7 -42.23 -14.89 21.55
N TYR H 8 -43.45 -14.46 21.23
CA TYR H 8 -44.35 -15.17 20.35
C TYR H 8 -44.91 -14.21 19.30
N ARG H 9 -45.37 -14.80 18.18
CA ARG H 9 -46.09 -14.05 17.17
C ARG H 9 -47.37 -13.45 17.77
N THR H 10 -47.72 -12.25 17.33
CA THR H 10 -49.08 -11.75 17.47
C THR H 10 -50.00 -12.57 16.56
N ILE H 11 -51.29 -12.52 16.84
CA ILE H 11 -52.27 -13.24 16.04
C ILE H 11 -52.40 -12.59 14.66
N THR H 12 -52.46 -11.25 14.65
CA THR H 12 -52.69 -10.48 13.43
C THR H 12 -51.43 -10.37 12.58
N GLY H 13 -50.25 -10.69 13.15
CA GLY H 13 -48.98 -10.52 12.46
C GLY H 13 -48.40 -9.10 12.59
N MET H 14 -49.17 -8.18 13.19
CA MET H 14 -48.66 -6.88 13.62
C MET H 14 -47.33 -7.11 14.34
N CYS H 15 -46.29 -6.33 13.97
CA CYS H 15 -45.06 -6.19 14.74
C CYS H 15 -44.03 -7.26 14.43
N ASN H 16 -44.31 -8.14 13.45
CA ASN H 16 -43.31 -9.04 12.93
C ASN H 16 -42.16 -8.20 12.38
N ASN H 17 -42.48 -7.24 11.51
CA ASN H 17 -41.49 -6.28 11.02
C ASN H 17 -41.58 -5.02 11.90
N ARG H 18 -40.51 -4.71 12.64
CA ARG H 18 -40.57 -3.64 13.62
C ARG H 18 -40.52 -2.26 12.99
N ARG H 19 -39.82 -2.10 11.85
CA ARG H 19 -39.73 -0.80 11.18
C ARG H 19 -41.03 -0.43 10.44
N SER H 20 -41.70 -1.42 9.85
CA SER H 20 -42.98 -1.20 9.17
C SER H 20 -43.97 -2.25 9.69
N PRO H 21 -44.52 -2.06 10.89
CA PRO H 21 -45.16 -3.16 11.62
C PRO H 21 -46.41 -3.80 11.03
N THR H 22 -47.01 -3.23 9.99
CA THR H 22 -48.18 -3.85 9.37
C THR H 22 -47.81 -4.86 8.27
N LEU H 23 -46.53 -4.93 7.88
CA LEU H 23 -46.10 -5.84 6.83
C LEU H 23 -46.32 -7.31 7.24
N GLY H 24 -47.22 -7.97 6.51
CA GLY H 24 -47.58 -9.35 6.76
C GLY H 24 -48.78 -9.50 7.69
N ALA H 25 -49.28 -8.38 8.20
CA ALA H 25 -50.41 -8.38 9.10
C ALA H 25 -51.70 -8.51 8.30
N SER H 26 -52.77 -8.87 9.03
CA SER H 26 -54.06 -9.17 8.47
C SER H 26 -54.81 -7.88 8.17
N ASN H 27 -55.75 -7.96 7.20
CA ASN H 27 -56.63 -6.85 6.83
C ASN H 27 -55.84 -5.64 6.35
N ARG H 28 -54.90 -5.87 5.43
CA ARG H 28 -54.14 -4.83 4.75
C ARG H 28 -54.11 -5.15 3.27
N ALA H 29 -53.86 -4.11 2.46
CA ALA H 29 -53.77 -4.26 1.02
C ALA H 29 -52.59 -5.16 0.65
N PHE H 30 -52.79 -5.92 -0.42
CA PHE H 30 -51.74 -6.67 -1.07
C PHE H 30 -50.68 -5.68 -1.57
N VAL H 31 -49.44 -6.15 -1.64
CA VAL H 31 -48.41 -5.45 -2.38
C VAL H 31 -48.59 -5.71 -3.87
N ARG H 32 -48.18 -4.75 -4.70
CA ARG H 32 -48.19 -4.88 -6.16
C ARG H 32 -46.76 -5.03 -6.66
N TRP H 33 -46.50 -6.08 -7.43
CA TRP H 33 -45.21 -6.28 -8.05
C TRP H 33 -45.12 -5.57 -9.41
N LEU H 34 -46.28 -5.25 -9.98
CA LEU H 34 -46.41 -4.53 -11.23
C LEU H 34 -47.60 -3.59 -11.12
N PRO H 35 -47.58 -2.44 -11.82
CA PRO H 35 -48.74 -1.55 -11.88
C PRO H 35 -49.99 -2.22 -12.43
N ALA H 36 -51.13 -1.89 -11.83
CA ALA H 36 -52.43 -2.45 -12.20
C ALA H 36 -52.84 -2.01 -13.61
N GLU H 37 -53.65 -2.87 -14.25
CA GLU H 37 -54.17 -2.65 -15.59
C GLU H 37 -55.69 -2.80 -15.54
N TYR H 38 -56.34 -1.63 -15.47
CA TYR H 38 -57.78 -1.50 -15.47
C TYR H 38 -58.20 -0.79 -16.74
N GLU H 39 -59.42 -1.11 -17.19
CA GLU H 39 -60.02 -0.57 -18.40
C GLU H 39 -59.99 0.96 -18.38
N ASP H 40 -60.23 1.57 -17.21
CA ASP H 40 -60.29 3.02 -17.06
C ASP H 40 -59.06 3.56 -16.33
N GLY H 41 -58.04 2.70 -16.14
CA GLY H 41 -56.79 3.11 -15.53
C GLY H 41 -56.73 2.90 -14.01
N PHE H 42 -57.88 2.88 -13.32
CA PHE H 42 -57.85 2.87 -11.87
C PHE H 42 -58.91 2.00 -11.18
N SER H 43 -59.91 1.42 -11.86
CA SER H 43 -60.97 0.74 -11.10
C SER H 43 -61.72 -0.34 -11.90
N LEU H 44 -62.07 -0.10 -13.16
CA LEU H 44 -62.95 -0.99 -13.88
C LEU H 44 -62.14 -2.09 -14.57
N PRO H 45 -62.58 -3.36 -14.44
CA PRO H 45 -61.81 -4.48 -14.99
C PRO H 45 -61.97 -4.59 -16.49
N TYR H 46 -60.98 -5.17 -17.17
CA TYR H 46 -61.12 -5.46 -18.59
C TYR H 46 -62.28 -6.46 -18.75
N GLY H 47 -63.10 -6.19 -19.78
CA GLY H 47 -64.33 -6.93 -20.00
C GLY H 47 -65.55 -6.22 -19.42
N TRP H 48 -65.37 -5.05 -18.80
CA TRP H 48 -66.47 -4.41 -18.08
C TRP H 48 -67.44 -3.75 -19.06
N THR H 49 -66.89 -2.86 -19.91
CA THR H 49 -67.67 -2.13 -20.89
C THR H 49 -67.63 -2.91 -22.21
N PRO H 50 -68.80 -3.30 -22.79
CA PRO H 50 -68.80 -4.02 -24.08
C PRO H 50 -68.15 -3.17 -25.16
N GLY H 51 -67.29 -3.80 -25.96
CA GLY H 51 -66.71 -3.16 -27.13
C GLY H 51 -65.35 -2.51 -26.85
N VAL H 52 -64.99 -2.36 -25.57
CA VAL H 52 -63.69 -1.79 -25.20
C VAL H 52 -62.62 -2.88 -25.24
N LYS H 53 -61.59 -2.65 -26.06
CA LYS H 53 -60.51 -3.60 -26.26
C LYS H 53 -59.43 -3.46 -25.17
N ARG H 54 -58.66 -4.52 -25.01
CA ARG H 54 -57.47 -4.52 -24.17
C ARG H 54 -56.25 -4.49 -25.09
N ASN H 55 -55.52 -3.36 -25.08
CA ASN H 55 -54.21 -3.27 -25.70
C ASN H 55 -54.32 -3.69 -27.16
N GLY H 56 -55.42 -3.26 -27.81
CA GLY H 56 -55.61 -3.43 -29.24
C GLY H 56 -56.48 -4.61 -29.65
N PHE H 57 -56.94 -5.43 -28.70
CA PHE H 57 -57.68 -6.64 -29.06
C PHE H 57 -58.90 -6.82 -28.16
N PRO H 58 -59.95 -7.52 -28.67
CA PRO H 58 -61.15 -7.80 -27.86
C PRO H 58 -60.78 -8.63 -26.64
N VAL H 59 -61.56 -8.44 -25.56
CA VAL H 59 -61.40 -9.24 -24.36
C VAL H 59 -62.20 -10.53 -24.57
N ALA H 60 -61.56 -11.67 -24.32
CA ALA H 60 -62.21 -12.98 -24.38
C ALA H 60 -63.01 -13.21 -23.11
N LEU H 61 -64.23 -13.73 -23.24
CA LEU H 61 -65.02 -14.14 -22.09
C LEU H 61 -64.26 -15.22 -21.33
N ALA H 62 -64.18 -15.07 -20.00
CA ALA H 62 -63.53 -16.05 -19.15
C ALA H 62 -64.13 -17.43 -19.40
N ARG H 63 -65.46 -17.48 -19.52
CA ARG H 63 -66.17 -18.73 -19.77
C ARG H 63 -65.84 -19.30 -21.15
N ALA H 64 -65.65 -18.44 -22.15
CA ALA H 64 -65.24 -18.88 -23.48
C ALA H 64 -63.85 -19.51 -23.43
N VAL H 65 -62.92 -18.86 -22.72
CA VAL H 65 -61.56 -19.36 -22.62
C VAL H 65 -61.57 -20.72 -21.93
N SER H 66 -62.34 -20.84 -20.82
CA SER H 66 -62.53 -22.10 -20.12
C SER H 66 -63.02 -23.19 -21.07
N ASN H 67 -64.08 -22.91 -21.85
CA ASN H 67 -64.68 -23.89 -22.76
C ASN H 67 -63.69 -24.38 -23.82
N GLU H 68 -62.96 -23.46 -24.45
CA GLU H 68 -62.16 -23.78 -25.62
C GLU H 68 -60.79 -24.35 -25.27
N ILE H 69 -60.32 -24.18 -24.01
CA ILE H 69 -58.93 -24.48 -23.68
C ILE H 69 -58.81 -25.37 -22.45
N VAL H 70 -59.66 -25.15 -21.44
CA VAL H 70 -59.53 -25.87 -20.18
C VAL H 70 -60.32 -27.18 -20.26
N ARG H 71 -61.51 -27.12 -20.88
CA ARG H 71 -62.40 -28.26 -21.00
C ARG H 71 -61.68 -29.45 -21.62
N PHE H 72 -61.89 -30.64 -21.02
CA PHE H 72 -61.40 -31.88 -21.58
C PHE H 72 -62.35 -33.00 -21.16
N PRO H 73 -62.41 -34.12 -21.91
CA PRO H 73 -63.23 -35.28 -21.52
C PRO H 73 -62.66 -36.04 -20.32
N THR H 74 -63.51 -36.33 -19.31
CA THR H 74 -63.03 -36.84 -18.02
C THR H 74 -62.40 -38.23 -18.14
N ASP H 75 -62.79 -39.01 -19.17
CA ASP H 75 -62.24 -40.35 -19.35
C ASP H 75 -60.75 -40.28 -19.77
N GLN H 76 -60.28 -39.12 -20.26
CA GLN H 76 -58.89 -38.95 -20.68
C GLN H 76 -57.94 -38.70 -19.49
N LEU H 77 -58.50 -38.48 -18.29
CA LEU H 77 -57.74 -37.96 -17.15
C LEU H 77 -56.49 -38.78 -16.93
N THR H 78 -55.34 -38.09 -16.82
CA THR H 78 -54.07 -38.75 -16.58
C THR H 78 -53.70 -38.61 -15.11
N PRO H 79 -53.50 -39.74 -14.38
CA PRO H 79 -53.03 -39.68 -13.00
C PRO H 79 -51.51 -39.45 -12.96
N ASP H 80 -51.09 -38.72 -11.93
CA ASP H 80 -49.69 -38.34 -11.72
C ASP H 80 -48.99 -39.48 -10.99
N GLN H 81 -48.06 -40.14 -11.68
CA GLN H 81 -47.36 -41.28 -11.15
C GLN H 81 -46.46 -40.90 -9.98
N GLU H 82 -46.14 -39.60 -9.84
CA GLU H 82 -45.11 -39.16 -8.93
C GLU H 82 -45.65 -38.22 -7.85
N ARG H 83 -46.98 -38.07 -7.75
CA ARG H 83 -47.57 -37.17 -6.77
C ARG H 83 -48.84 -37.80 -6.18
N SER H 84 -48.96 -37.71 -4.86
CA SER H 84 -50.17 -38.09 -4.13
C SER H 84 -51.19 -36.98 -4.23
N LEU H 85 -52.43 -37.30 -3.90
CA LEU H 85 -53.48 -36.28 -3.84
C LEU H 85 -53.27 -35.39 -2.60
N MET H 86 -52.42 -35.86 -1.67
CA MET H 86 -52.03 -35.08 -0.52
C MET H 86 -51.20 -33.87 -0.96
N PHE H 87 -50.54 -33.96 -2.12
CA PHE H 87 -49.83 -32.82 -2.72
C PHE H 87 -50.80 -31.70 -3.07
N MET H 88 -51.93 -32.07 -3.68
CA MET H 88 -52.98 -31.12 -3.97
C MET H 88 -53.48 -30.49 -2.66
N GLN H 89 -53.76 -31.33 -1.66
CA GLN H 89 -54.49 -30.87 -0.49
C GLN H 89 -53.63 -29.98 0.41
N TRP H 90 -52.34 -30.27 0.50
CA TRP H 90 -51.46 -29.43 1.30
C TRP H 90 -51.36 -28.04 0.65
N GLY H 91 -51.46 -27.98 -0.68
CA GLY H 91 -51.42 -26.71 -1.38
C GLY H 91 -52.58 -25.81 -0.99
N GLN H 92 -53.78 -26.39 -0.95
CA GLN H 92 -54.96 -25.64 -0.59
C GLN H 92 -54.86 -25.18 0.87
N LEU H 93 -54.41 -26.08 1.74
CA LEU H 93 -54.31 -25.79 3.16
C LEU H 93 -53.29 -24.66 3.39
N LEU H 94 -52.15 -24.74 2.70
CA LEU H 94 -51.12 -23.70 2.76
C LEU H 94 -51.65 -22.34 2.27
N ASP H 95 -52.30 -22.36 1.09
CA ASP H 95 -52.96 -21.18 0.55
C ASP H 95 -53.81 -20.52 1.63
N HIS H 96 -54.51 -21.33 2.45
CA HIS H 96 -55.45 -20.81 3.44
C HIS H 96 -54.70 -20.33 4.68
N ASP H 97 -53.37 -20.54 4.72
CA ASP H 97 -52.51 -19.90 5.70
C ASP H 97 -52.09 -18.51 5.19
N LEU H 98 -52.08 -18.29 3.87
CA LEU H 98 -51.37 -17.15 3.32
C LEU H 98 -52.29 -15.99 2.95
N ASP H 99 -53.38 -16.30 2.22
CA ASP H 99 -54.20 -15.26 1.65
C ASP H 99 -55.68 -15.67 1.59
N PHE H 100 -56.53 -14.70 1.95
CA PHE H 100 -57.95 -14.71 1.70
C PHE H 100 -58.37 -13.32 1.24
N THR H 101 -59.01 -13.26 0.06
CA THR H 101 -59.41 -11.99 -0.55
C THR H 101 -60.90 -11.76 -0.33
N PRO H 102 -61.32 -10.95 0.67
CA PRO H 102 -62.74 -10.82 0.98
C PRO H 102 -63.57 -10.14 -0.12
N GLU H 103 -64.85 -10.55 -0.20
CA GLU H 103 -65.87 -9.99 -1.08
C GLU H 103 -67.00 -9.38 -0.26
N PRO H 104 -67.84 -8.50 -0.83
CA PRO H 104 -69.02 -8.01 -0.10
C PRO H 104 -70.08 -9.08 0.13
N ALA H 105 -70.84 -8.97 1.23
CA ALA H 105 -72.05 -9.78 1.44
C ALA H 105 -73.16 -9.28 0.50
N ALA H 106 -74.05 -10.16 0.04
CA ALA H 106 -75.44 -9.76 -0.26
C ALA H 106 -76.34 -11.01 -0.39
N VAL H 114 -77.84 -4.50 -6.61
CA VAL H 114 -78.20 -5.87 -7.05
C VAL H 114 -77.67 -6.88 -6.03
N ASN H 115 -78.33 -8.03 -5.97
CA ASN H 115 -77.76 -9.25 -5.42
C ASN H 115 -76.99 -9.91 -6.56
N CYS H 116 -75.68 -10.11 -6.36
CA CYS H 116 -74.81 -10.69 -7.39
C CYS H 116 -75.09 -12.18 -7.57
N GLU H 117 -75.74 -12.80 -6.57
CA GLU H 117 -75.99 -14.23 -6.58
C GLU H 117 -77.24 -14.56 -7.40
N THR H 118 -78.17 -13.62 -7.56
CA THR H 118 -79.45 -13.91 -8.21
C THR H 118 -79.70 -13.03 -9.44
N SER H 119 -78.97 -11.92 -9.57
CA SER H 119 -79.13 -11.01 -10.71
C SER H 119 -77.97 -11.19 -11.68
N CYS H 120 -78.22 -10.94 -12.97
CA CYS H 120 -77.14 -10.90 -13.97
C CYS H 120 -76.87 -9.47 -14.45
N VAL H 121 -77.42 -8.50 -13.71
CA VAL H 121 -77.19 -7.10 -14.01
C VAL H 121 -75.77 -6.73 -13.56
N GLN H 122 -75.04 -6.03 -14.43
CA GLN H 122 -73.68 -5.62 -14.12
C GLN H 122 -73.72 -4.24 -13.48
N GLN H 123 -73.89 -4.23 -12.16
CA GLN H 123 -73.92 -3.01 -11.37
C GLN H 123 -73.05 -3.25 -10.13
N PRO H 124 -72.17 -2.32 -9.72
CA PRO H 124 -71.31 -2.51 -8.55
C PRO H 124 -72.08 -3.07 -7.37
N PRO H 125 -71.58 -4.09 -6.63
CA PRO H 125 -70.26 -4.68 -6.84
C PRO H 125 -70.16 -5.94 -7.69
N CYS H 126 -71.11 -6.14 -8.61
CA CYS H 126 -71.22 -7.38 -9.35
C CYS H 126 -70.43 -7.25 -10.64
N PHE H 127 -69.79 -8.36 -11.04
CA PHE H 127 -69.05 -8.44 -12.28
C PHE H 127 -69.33 -9.82 -12.88
N PRO H 128 -70.60 -10.10 -13.24
CA PRO H 128 -70.98 -11.44 -13.69
C PRO H 128 -70.29 -11.85 -14.99
N LEU H 129 -70.02 -13.17 -15.08
CA LEU H 129 -69.38 -13.74 -16.25
C LEU H 129 -70.43 -13.95 -17.33
N LYS H 130 -70.27 -13.28 -18.48
CA LYS H 130 -71.18 -13.48 -19.59
C LYS H 130 -70.95 -14.86 -20.20
N ILE H 131 -72.05 -15.38 -20.77
CA ILE H 131 -72.10 -16.71 -21.36
C ILE H 131 -71.88 -16.59 -22.87
N PRO H 132 -70.93 -17.36 -23.46
CA PRO H 132 -70.72 -17.32 -24.91
C PRO H 132 -71.81 -18.09 -25.65
N PRO H 133 -71.96 -17.90 -26.97
CA PRO H 133 -72.84 -18.74 -27.78
C PRO H 133 -72.34 -20.19 -27.80
N ASN H 134 -73.28 -21.14 -27.89
CA ASN H 134 -72.94 -22.56 -28.02
C ASN H 134 -72.14 -23.04 -26.81
N ASP H 135 -72.60 -22.63 -25.62
CA ASP H 135 -72.00 -23.09 -24.39
C ASP H 135 -72.45 -24.52 -24.16
N PRO H 136 -71.55 -25.45 -23.79
CA PRO H 136 -71.94 -26.84 -23.51
C PRO H 136 -72.96 -27.05 -22.40
N ARG H 137 -73.16 -26.07 -21.51
CA ARG H 137 -74.00 -26.27 -20.33
C ARG H 137 -75.09 -25.22 -20.22
N ILE H 138 -74.72 -23.93 -20.37
CA ILE H 138 -75.63 -22.83 -20.11
C ILE H 138 -76.17 -22.32 -21.45
N LYS H 139 -77.40 -22.71 -21.78
CA LYS H 139 -77.95 -22.54 -23.13
C LYS H 139 -78.53 -21.13 -23.29
N ASN H 140 -79.03 -20.57 -22.18
CA ASN H 140 -79.57 -19.22 -22.14
C ASN H 140 -78.40 -18.23 -22.02
N GLN H 141 -78.16 -17.44 -23.08
CA GLN H 141 -77.09 -16.45 -23.07
C GLN H 141 -77.40 -15.24 -22.19
N ALA H 142 -78.65 -15.09 -21.74
CA ALA H 142 -79.05 -14.01 -20.86
C ALA H 142 -78.78 -14.38 -19.40
N ASP H 143 -78.37 -15.63 -19.16
CA ASP H 143 -77.90 -16.08 -17.84
C ASP H 143 -76.45 -15.60 -17.66
N CYS H 144 -75.84 -16.01 -16.55
CA CYS H 144 -74.49 -15.59 -16.22
C CYS H 144 -73.97 -16.46 -15.08
N ILE H 145 -72.66 -16.43 -14.87
CA ILE H 145 -72.07 -17.01 -13.67
C ILE H 145 -71.86 -15.90 -12.64
N PRO H 146 -72.42 -16.05 -11.41
CA PRO H 146 -72.29 -15.04 -10.36
C PRO H 146 -70.85 -14.69 -10.00
N PHE H 147 -70.61 -13.41 -9.73
CA PHE H 147 -69.28 -12.94 -9.37
C PHE H 147 -69.40 -11.61 -8.61
N PHE H 148 -68.89 -11.61 -7.38
CA PHE H 148 -68.71 -10.39 -6.60
C PHE H 148 -67.27 -9.92 -6.75
N ARG H 149 -67.10 -8.62 -7.05
CA ARG H 149 -65.78 -8.04 -7.08
C ARG H 149 -65.19 -8.07 -5.68
N SER H 150 -63.87 -8.29 -5.61
CA SER H 150 -63.15 -8.33 -4.34
C SER H 150 -63.26 -6.96 -3.67
N CSO H 151 -63.41 -7.07 -2.29
CA CSO H 151 -63.49 -5.70 -1.70
CB CSO H 151 -63.54 -5.79 -0.18
SG CSO H 151 -64.97 -6.67 0.51
C CSO H 151 -62.28 -4.84 -2.12
O CSO H 151 -61.12 -5.30 -1.93
OD CSO H 151 -66.18 -5.53 0.61
N PRO H 152 -62.47 -3.42 -2.28
CA PRO H 152 -61.33 -2.50 -2.45
C PRO H 152 -60.79 -2.00 -1.11
N ALA H 153 -59.49 -1.74 -1.06
CA ALA H 153 -58.85 -1.24 0.15
C ALA H 153 -59.29 0.21 0.44
N CYS H 154 -59.61 0.97 -0.62
CA CYS H 154 -60.08 2.34 -0.50
C CYS H 154 -61.39 2.53 -1.25
N PRO H 155 -62.54 2.24 -0.60
CA PRO H 155 -63.84 2.30 -1.27
C PRO H 155 -64.22 3.71 -1.75
N GLY H 156 -64.72 3.76 -2.99
CA GLY H 156 -65.33 4.95 -3.57
C GLY H 156 -64.31 5.98 -4.03
N SER H 157 -63.03 5.62 -4.14
CA SER H 157 -61.99 6.59 -4.47
C SER H 157 -61.86 6.74 -5.98
N ASN H 158 -61.73 7.97 -6.46
CA ASN H 158 -61.38 8.26 -7.85
C ASN H 158 -59.88 8.50 -7.98
N ILE H 159 -59.19 8.71 -6.84
CA ILE H 159 -57.76 9.01 -6.80
C ILE H 159 -56.93 7.72 -6.82
N THR H 160 -57.23 6.78 -5.93
CA THR H 160 -56.39 5.59 -5.78
C THR H 160 -56.62 4.60 -6.92
N ILE H 161 -55.56 3.85 -7.25
CA ILE H 161 -55.67 2.71 -8.14
C ILE H 161 -56.19 1.53 -7.31
N ARG H 162 -57.35 1.00 -7.70
CA ARG H 162 -58.02 -0.04 -6.94
C ARG H 162 -57.05 -1.16 -6.62
N ASN H 163 -56.98 -1.51 -5.32
CA ASN H 163 -56.23 -2.64 -4.84
C ASN H 163 -57.17 -3.42 -3.91
N GLN H 164 -56.85 -4.70 -3.69
CA GLN H 164 -57.69 -5.60 -2.91
C GLN H 164 -57.03 -5.88 -1.56
N ILE H 165 -57.71 -6.67 -0.70
CA ILE H 165 -57.33 -6.84 0.70
C ILE H 165 -56.97 -8.29 0.99
N ASN H 166 -55.93 -8.51 1.82
CA ASN H 166 -55.61 -9.83 2.35
C ASN H 166 -56.05 -9.84 3.82
N ALA H 167 -57.01 -10.75 4.12
CA ALA H 167 -57.59 -10.84 5.45
C ALA H 167 -56.73 -11.65 6.43
N LEU H 168 -55.67 -12.32 5.95
CA LEU H 168 -54.87 -13.22 6.76
C LEU H 168 -53.48 -12.67 6.97
N THR H 169 -52.75 -13.29 7.91
CA THR H 169 -51.34 -13.05 8.05
C THR H 169 -50.63 -13.74 6.88
N SER H 170 -49.74 -13.01 6.21
CA SER H 170 -49.01 -13.53 5.08
C SER H 170 -48.08 -14.66 5.51
N PHE H 171 -47.60 -14.62 6.76
CA PHE H 171 -46.57 -15.54 7.23
C PHE H 171 -47.10 -16.98 7.22
N VAL H 172 -46.18 -17.94 7.07
CA VAL H 172 -46.51 -19.33 7.30
C VAL H 172 -46.45 -19.57 8.82
N ASP H 173 -47.58 -19.31 9.49
CA ASP H 173 -47.69 -19.24 10.94
C ASP H 173 -48.86 -20.08 11.46
N ALA H 174 -49.44 -20.91 10.57
CA ALA H 174 -50.58 -21.74 10.89
C ALA H 174 -51.79 -20.90 11.32
N SER H 175 -51.95 -19.73 10.70
CA SER H 175 -53.09 -18.87 11.01
C SER H 175 -54.42 -19.51 10.60
N MET H 176 -54.39 -20.49 9.69
CA MET H 176 -55.58 -21.26 9.32
C MET H 176 -56.04 -22.14 10.49
N VAL H 177 -55.17 -22.32 11.50
CA VAL H 177 -55.53 -23.04 12.71
C VAL H 177 -55.93 -22.06 13.80
N TYR H 178 -55.13 -21.00 14.03
CA TYR H 178 -55.27 -20.17 15.23
C TYR H 178 -56.09 -18.90 14.98
N GLY H 179 -56.31 -18.53 13.72
CA GLY H 179 -56.99 -17.28 13.37
C GLY H 179 -56.01 -16.15 13.08
N SER H 180 -56.50 -15.13 12.34
CA SER H 180 -55.71 -13.94 12.03
C SER H 180 -56.29 -12.68 12.68
N GLU H 181 -57.29 -12.83 13.56
CA GLU H 181 -57.87 -11.74 14.31
C GLU H 181 -58.05 -12.19 15.75
N GLU H 182 -57.97 -11.27 16.73
CA GLU H 182 -57.91 -11.66 18.13
C GLU H 182 -59.26 -12.14 18.66
N PRO H 183 -60.41 -11.52 18.30
CA PRO H 183 -61.72 -12.09 18.67
C PRO H 183 -61.85 -13.57 18.28
N LEU H 184 -61.62 -13.90 17.01
CA LEU H 184 -61.70 -15.28 16.55
C LEU H 184 -60.68 -16.17 17.27
N ALA H 185 -59.46 -15.67 17.50
CA ALA H 185 -58.42 -16.49 18.09
C ALA H 185 -58.76 -16.90 19.52
N ARG H 186 -59.50 -16.06 20.27
CA ARG H 186 -59.92 -16.39 21.62
C ARG H 186 -61.09 -17.39 21.60
N ASN H 187 -61.99 -17.28 20.61
CA ASN H 187 -63.12 -18.19 20.49
C ASN H 187 -62.68 -19.61 20.12
N LEU H 188 -61.53 -19.74 19.46
CA LEU H 188 -61.02 -21.03 19.03
C LEU H 188 -60.35 -21.76 20.20
N ARG H 189 -60.16 -21.07 21.33
CA ARG H 189 -59.47 -21.64 22.47
C ARG H 189 -60.46 -22.18 23.49
N ASN H 190 -59.99 -23.19 24.23
CA ASN H 190 -60.68 -23.75 25.38
C ASN H 190 -60.34 -22.90 26.60
N MET H 191 -61.30 -22.03 26.97
CA MET H 191 -61.09 -21.09 28.07
CA MET H 191 -61.19 -21.04 28.05
C MET H 191 -61.74 -21.61 29.36
N SER H 192 -62.09 -22.91 29.38
CA SER H 192 -62.63 -23.60 30.56
C SER H 192 -61.54 -23.89 31.59
N ASN H 193 -60.28 -24.06 31.16
CA ASN H 193 -59.23 -24.57 32.03
C ASN H 193 -57.91 -23.88 31.69
N GLN H 194 -56.80 -24.34 32.31
CA GLN H 194 -55.48 -23.76 32.11
C GLN H 194 -54.56 -24.74 31.37
N LEU H 195 -55.11 -25.44 30.38
CA LEU H 195 -54.37 -26.47 29.67
C LEU H 195 -53.85 -25.98 28.31
N GLY H 196 -54.31 -24.79 27.88
CA GLY H 196 -53.85 -24.15 26.66
C GLY H 196 -54.32 -24.87 25.40
N LEU H 197 -55.56 -25.37 25.46
CA LEU H 197 -56.10 -26.20 24.39
C LEU H 197 -56.92 -25.35 23.43
N LEU H 198 -57.13 -25.92 22.24
CA LEU H 198 -58.12 -25.41 21.30
C LEU H 198 -59.45 -26.11 21.60
N ALA H 199 -60.53 -25.36 21.43
CA ALA H 199 -61.89 -25.88 21.55
C ALA H 199 -62.12 -27.00 20.53
N VAL H 200 -62.86 -28.02 20.99
CA VAL H 200 -63.22 -29.20 20.19
C VAL H 200 -64.75 -29.31 20.15
N ASN H 201 -65.25 -30.13 19.23
CA ASN H 201 -66.69 -30.32 19.04
C ASN H 201 -67.27 -30.90 20.32
N GLN H 202 -68.37 -30.30 20.80
CA GLN H 202 -69.03 -30.71 22.02
C GLN H 202 -70.20 -31.68 21.73
N ARG H 203 -70.49 -32.00 20.46
CA ARG H 203 -71.63 -32.83 20.10
C ARG H 203 -71.19 -34.15 19.47
N PHE H 204 -69.98 -34.21 18.90
CA PHE H 204 -69.52 -35.41 18.18
C PHE H 204 -68.03 -35.64 18.36
N GLN H 205 -67.63 -36.91 18.19
CA GLN H 205 -66.24 -37.36 18.20
C GLN H 205 -66.04 -38.35 17.07
N ASP H 206 -64.78 -38.54 16.66
CA ASP H 206 -64.39 -39.42 15.57
C ASP H 206 -63.58 -40.56 16.20
N ASN H 207 -64.27 -41.66 16.55
CA ASN H 207 -63.67 -42.78 17.29
C ASN H 207 -62.94 -42.26 18.52
N GLY H 208 -63.59 -41.38 19.30
CA GLY H 208 -63.03 -40.93 20.56
C GLY H 208 -62.12 -39.71 20.44
N ARG H 209 -61.73 -39.35 19.22
CA ARG H 209 -60.84 -38.23 18.97
C ARG H 209 -61.64 -37.01 18.53
N ALA H 210 -61.00 -35.83 18.63
CA ALA H 210 -61.67 -34.54 18.51
C ALA H 210 -62.07 -34.24 17.06
N LEU H 211 -63.18 -33.49 16.92
CA LEU H 211 -63.55 -32.81 15.69
C LEU H 211 -63.55 -31.30 15.95
N LEU H 212 -63.57 -30.54 14.85
CA LEU H 212 -63.56 -29.09 14.97
C LEU H 212 -64.88 -28.62 15.57
N PRO H 213 -64.89 -27.51 16.36
CA PRO H 213 -66.16 -26.94 16.81
C PRO H 213 -67.05 -26.60 15.61
N PHE H 214 -68.34 -26.41 15.85
CA PHE H 214 -69.26 -25.94 14.82
C PHE H 214 -69.29 -24.42 14.84
N ASP H 215 -69.52 -23.85 13.65
CA ASP H 215 -69.68 -22.42 13.52
C ASP H 215 -71.15 -22.10 13.65
N ASN H 216 -71.42 -20.84 13.96
CA ASN H 216 -72.77 -20.32 14.11
C ASN H 216 -73.01 -19.26 13.03
N LEU H 217 -73.35 -19.71 11.82
CA LEU H 217 -73.47 -18.83 10.66
C LEU H 217 -74.92 -18.40 10.47
N HIS H 218 -75.14 -17.19 9.94
CA HIS H 218 -76.49 -16.76 9.58
C HIS H 218 -77.03 -17.64 8.44
N ASP H 219 -76.28 -17.74 7.34
CA ASP H 219 -76.69 -18.57 6.22
C ASP H 219 -75.64 -19.66 6.03
N ASP H 220 -75.84 -20.78 6.72
CA ASP H 220 -74.87 -21.87 6.75
C ASP H 220 -75.04 -22.75 5.53
N PRO H 221 -74.01 -22.87 4.66
CA PRO H 221 -74.13 -23.66 3.43
C PRO H 221 -73.97 -25.17 3.60
N CYS H 222 -73.36 -25.59 4.72
CA CYS H 222 -73.10 -27.01 4.94
C CYS H 222 -74.42 -27.74 5.22
N LEU H 223 -75.38 -27.03 5.81
CA LEU H 223 -76.70 -27.54 6.07
C LEU H 223 -77.45 -27.84 4.77
N LEU H 224 -77.14 -27.11 3.69
CA LEU H 224 -77.86 -27.26 2.44
C LEU H 224 -77.44 -28.56 1.71
N THR H 225 -76.28 -29.13 2.07
CA THR H 225 -75.71 -30.23 1.32
C THR H 225 -76.41 -31.55 1.64
N ASN H 226 -76.96 -31.65 2.86
CA ASN H 226 -77.82 -32.76 3.25
C ASN H 226 -78.81 -32.22 4.29
N ARG H 227 -80.06 -32.11 3.85
CA ARG H 227 -81.12 -31.47 4.61
C ARG H 227 -81.38 -32.23 5.91
N SER H 228 -81.55 -33.55 5.79
CA SER H 228 -81.96 -34.38 6.91
C SER H 228 -80.83 -34.49 7.96
N ALA H 229 -79.56 -34.44 7.53
CA ALA H 229 -78.42 -34.64 8.42
C ALA H 229 -78.25 -33.48 9.39
N ARG H 230 -78.50 -32.24 8.92
CA ARG H 230 -78.50 -31.06 9.80
C ARG H 230 -77.14 -30.93 10.50
N ILE H 231 -76.04 -31.00 9.72
CA ILE H 231 -74.69 -30.82 10.23
C ILE H 231 -74.14 -29.51 9.69
N PRO H 232 -73.90 -28.49 10.58
CA PRO H 232 -73.39 -27.19 10.16
C PRO H 232 -71.90 -27.20 9.85
N CYS H 233 -71.42 -26.05 9.37
CA CYS H 233 -70.02 -25.89 9.01
C CYS H 233 -69.19 -25.86 10.29
N PHE H 234 -67.93 -26.23 10.12
CA PHE H 234 -66.98 -26.20 11.21
C PHE H 234 -66.42 -24.79 11.38
N LEU H 235 -65.82 -24.56 12.55
CA LEU H 235 -65.13 -23.33 12.89
C LEU H 235 -63.64 -23.62 13.01
N ALA H 236 -62.83 -22.89 12.22
CA ALA H 236 -61.38 -23.00 12.26
C ALA H 236 -60.77 -21.61 12.16
N GLY H 237 -59.43 -21.57 12.07
CA GLY H 237 -58.69 -20.33 11.92
C GLY H 237 -59.04 -19.58 10.64
N ASP H 238 -59.42 -20.35 9.59
CA ASP H 238 -59.82 -19.79 8.30
C ASP H 238 -61.25 -20.19 8.02
N THR H 239 -61.99 -19.31 7.33
CA THR H 239 -63.42 -19.46 7.14
C THR H 239 -63.77 -20.54 6.10
N ARG H 240 -62.78 -21.05 5.36
CA ARG H 240 -63.05 -21.96 4.25
C ARG H 240 -62.84 -23.42 4.66
N SER H 241 -62.76 -23.69 5.97
CA SER H 241 -62.35 -24.99 6.49
C SER H 241 -63.25 -26.13 6.04
N SER H 242 -64.53 -25.83 5.71
CA SER H 242 -65.51 -26.86 5.39
C SER H 242 -65.71 -27.03 3.88
N GLU H 243 -64.93 -26.34 3.05
CA GLU H 243 -65.20 -26.25 1.62
C GLU H 243 -65.09 -27.62 0.97
N MET H 244 -64.16 -28.46 1.41
CA MET H 244 -64.21 -29.87 1.07
C MET H 244 -63.69 -30.68 2.26
N PRO H 245 -64.24 -31.88 2.47
CA PRO H 245 -63.87 -32.71 3.63
C PRO H 245 -62.40 -33.08 3.75
N GLU H 246 -61.68 -33.14 2.62
CA GLU H 246 -60.25 -33.40 2.63
C GLU H 246 -59.52 -32.28 3.36
N LEU H 247 -59.95 -31.04 3.11
CA LEU H 247 -59.43 -29.85 3.76
C LEU H 247 -59.81 -29.87 5.24
N THR H 248 -61.09 -30.17 5.52
CA THR H 248 -61.57 -30.30 6.87
C THR H 248 -60.70 -31.30 7.65
N SER H 249 -60.32 -32.40 6.99
CA SER H 249 -59.52 -33.44 7.60
C SER H 249 -58.17 -32.89 8.08
N MET H 250 -57.56 -32.07 7.23
CA MET H 250 -56.24 -31.54 7.53
C MET H 250 -56.34 -30.54 8.69
N HIS H 251 -57.38 -29.71 8.68
CA HIS H 251 -57.61 -28.75 9.75
C HIS H 251 -57.77 -29.49 11.08
N THR H 252 -58.57 -30.57 11.02
CA THR H 252 -58.88 -31.39 12.18
C THR H 252 -57.58 -32.03 12.69
N LEU H 253 -56.79 -32.57 11.77
CA LEU H 253 -55.52 -33.19 12.11
C LEU H 253 -54.63 -32.24 12.92
N LEU H 254 -54.61 -30.96 12.54
CA LEU H 254 -53.69 -30.02 13.12
C LEU H 254 -54.21 -29.51 14.45
N LEU H 255 -55.55 -29.48 14.60
CA LEU H 255 -56.19 -29.19 15.89
C LEU H 255 -55.73 -30.21 16.92
N ARG H 256 -55.85 -31.49 16.54
CA ARG H 256 -55.49 -32.59 17.42
C ARG H 256 -54.02 -32.48 17.81
N GLU H 257 -53.17 -32.16 16.82
CA GLU H 257 -51.74 -32.10 17.04
C GLU H 257 -51.41 -30.97 18.01
N HIS H 258 -52.17 -29.87 17.96
CA HIS H 258 -51.96 -28.79 18.92
C HIS H 258 -52.23 -29.30 20.32
N ASN H 259 -53.42 -29.90 20.50
CA ASN H 259 -53.90 -30.37 21.79
C ASN H 259 -52.98 -31.47 22.35
N ARG H 260 -52.50 -32.36 21.48
CA ARG H 260 -51.51 -33.37 21.85
C ARG H 260 -50.24 -32.74 22.44
N LEU H 261 -49.74 -31.70 21.76
CA LEU H 261 -48.50 -31.03 22.16
C LEU H 261 -48.68 -30.29 23.48
N ALA H 262 -49.80 -29.58 23.63
CA ALA H 262 -50.11 -28.85 24.86
C ALA H 262 -50.22 -29.82 26.05
N THR H 263 -50.79 -31.00 25.78
CA THR H 263 -50.88 -32.07 26.76
C THR H 263 -49.49 -32.54 27.19
N GLU H 264 -48.62 -32.88 26.23
CA GLU H 264 -47.29 -33.39 26.54
C GLU H 264 -46.40 -32.33 27.21
N LEU H 265 -46.65 -31.05 26.93
CA LEU H 265 -45.86 -29.97 27.52
C LEU H 265 -46.29 -29.74 28.96
N LYS H 266 -47.57 -30.05 29.26
CA LYS H 266 -48.11 -29.92 30.61
C LYS H 266 -47.45 -30.95 31.53
N SER H 267 -47.35 -32.20 31.06
CA SER H 267 -46.63 -33.27 31.72
C SER H 267 -45.20 -32.82 32.01
N LEU H 268 -44.55 -32.25 31.00
CA LEU H 268 -43.13 -31.93 31.05
C LEU H 268 -42.86 -30.70 31.92
N ASN H 269 -43.75 -29.71 31.86
CA ASN H 269 -43.58 -28.47 32.61
C ASN H 269 -44.87 -28.20 33.37
N PRO H 270 -45.07 -28.85 34.54
CA PRO H 270 -46.35 -28.78 35.24
C PRO H 270 -46.76 -27.39 35.70
N ARG H 271 -45.82 -26.45 35.84
CA ARG H 271 -46.13 -25.14 36.40
C ARG H 271 -46.50 -24.12 35.33
N TRP H 272 -46.45 -24.48 34.03
CA TRP H 272 -46.87 -23.61 32.95
C TRP H 272 -48.39 -23.42 32.97
N ASP H 273 -48.84 -22.17 32.83
CA ASP H 273 -50.26 -21.84 32.78
C ASP H 273 -50.80 -22.10 31.35
N GLY H 274 -52.09 -21.81 31.15
CA GLY H 274 -52.77 -22.09 29.89
C GLY H 274 -52.19 -21.28 28.72
N GLU H 275 -51.86 -20.02 28.98
CA GLU H 275 -51.30 -19.12 27.99
C GLU H 275 -49.96 -19.65 27.48
N ARG H 276 -49.07 -20.02 28.40
CA ARG H 276 -47.73 -20.46 28.02
C ARG H 276 -47.79 -21.76 27.20
N LEU H 277 -48.73 -22.64 27.55
CA LEU H 277 -48.89 -23.92 26.88
C LEU H 277 -49.41 -23.72 25.45
N TYR H 278 -50.45 -22.86 25.33
CA TYR H 278 -51.04 -22.49 24.05
C TYR H 278 -49.97 -21.92 23.11
N GLN H 279 -49.20 -20.95 23.60
CA GLN H 279 -48.23 -20.26 22.76
C GLN H 279 -47.15 -21.23 22.31
N GLU H 280 -46.69 -22.07 23.23
CA GLU H 280 -45.54 -22.93 22.96
C GLU H 280 -45.94 -24.03 21.97
N ALA H 281 -47.19 -24.50 22.08
CA ALA H 281 -47.73 -25.51 21.18
C ALA H 281 -47.95 -24.90 19.79
N ARG H 282 -48.50 -23.67 19.78
CA ARG H 282 -48.75 -22.89 18.57
C ARG H 282 -47.45 -22.66 17.81
N LYS H 283 -46.38 -22.37 18.56
CA LYS H 283 -45.07 -22.09 18.01
C LYS H 283 -44.54 -23.32 17.28
N ILE H 284 -44.85 -24.52 17.81
CA ILE H 284 -44.35 -25.77 17.26
C ILE H 284 -45.15 -26.11 16.00
N VAL H 285 -46.47 -25.99 16.08
CA VAL H 285 -47.34 -26.29 14.95
C VAL H 285 -46.96 -25.41 13.77
N GLY H 286 -46.69 -24.12 14.04
CA GLY H 286 -46.19 -23.19 13.03
C GLY H 286 -44.91 -23.68 12.36
N ALA H 287 -43.92 -24.09 13.17
CA ALA H 287 -42.66 -24.61 12.66
C ALA H 287 -42.88 -25.86 11.80
N MET H 288 -43.85 -26.70 12.19
CA MET H 288 -44.12 -27.93 11.47
C MET H 288 -44.71 -27.62 10.08
N VAL H 289 -45.58 -26.60 10.01
CA VAL H 289 -46.15 -26.17 8.75
C VAL H 289 -45.05 -25.59 7.85
N GLN H 290 -44.10 -24.85 8.44
CA GLN H 290 -42.98 -24.28 7.69
C GLN H 290 -42.13 -25.40 7.10
N ILE H 291 -41.84 -26.41 7.91
CA ILE H 291 -40.88 -27.43 7.55
C ILE H 291 -41.46 -28.32 6.46
N ILE H 292 -42.71 -28.75 6.63
CA ILE H 292 -43.37 -29.55 5.60
C ILE H 292 -43.41 -28.77 4.28
N THR H 293 -43.73 -27.49 4.37
CA THR H 293 -43.87 -26.65 3.19
C THR H 293 -42.53 -26.53 2.45
N TYR H 294 -41.46 -26.13 3.17
CA TYR H 294 -40.21 -25.76 2.50
C TYR H 294 -39.31 -26.98 2.27
N ARG H 295 -39.37 -27.98 3.15
CA ARG H 295 -38.56 -29.18 3.01
C ARG H 295 -39.18 -30.17 2.02
N ASP H 296 -40.50 -30.36 2.07
CA ASP H 296 -41.17 -31.49 1.43
C ASP H 296 -42.02 -31.03 0.24
N TYR H 297 -42.79 -29.94 0.40
CA TYR H 297 -43.81 -29.55 -0.55
C TYR H 297 -43.20 -28.78 -1.72
N LEU H 298 -42.51 -27.67 -1.42
CA LEU H 298 -42.13 -26.71 -2.47
C LEU H 298 -41.15 -27.34 -3.46
N PRO H 299 -40.15 -28.14 -3.04
CA PRO H 299 -39.24 -28.77 -4.00
C PRO H 299 -39.94 -29.56 -5.11
N LEU H 300 -41.11 -30.13 -4.78
CA LEU H 300 -41.89 -30.93 -5.72
C LEU H 300 -42.80 -30.05 -6.57
N VAL H 301 -43.07 -28.83 -6.11
CA VAL H 301 -43.77 -27.85 -6.94
C VAL H 301 -42.83 -27.29 -7.99
N LEU H 302 -41.66 -26.78 -7.54
CA LEU H 302 -40.78 -25.93 -8.36
C LEU H 302 -39.83 -26.79 -9.18
N GLY H 303 -39.49 -27.97 -8.66
CA GLY H 303 -38.39 -28.72 -9.23
C GLY H 303 -37.07 -28.25 -8.63
N PRO H 304 -35.98 -29.02 -8.78
CA PRO H 304 -34.76 -28.77 -8.00
C PRO H 304 -34.00 -27.52 -8.45
N THR H 305 -33.99 -27.23 -9.76
CA THR H 305 -33.33 -26.04 -10.31
C THR H 305 -33.95 -24.76 -9.76
N ALA H 306 -35.26 -24.58 -9.96
CA ALA H 306 -35.97 -23.39 -9.50
C ALA H 306 -35.89 -23.26 -7.99
N MET H 307 -35.84 -24.40 -7.30
CA MET H 307 -35.77 -24.40 -5.85
C MET H 307 -34.44 -23.78 -5.40
N ARG H 308 -33.34 -24.08 -6.10
CA ARG H 308 -32.03 -23.52 -5.78
C ARG H 308 -31.99 -22.05 -6.14
N LYS H 309 -32.62 -21.71 -7.26
CA LYS H 309 -32.61 -20.34 -7.77
C LYS H 309 -33.39 -19.42 -6.83
N TYR H 310 -34.62 -19.80 -6.50
CA TYR H 310 -35.55 -18.90 -5.83
C TYR H 310 -35.47 -19.06 -4.31
N LEU H 311 -35.03 -20.23 -3.83
CA LEU H 311 -34.93 -20.52 -2.40
C LEU H 311 -33.56 -21.10 -2.06
N PRO H 312 -32.48 -20.29 -2.18
CA PRO H 312 -31.16 -20.72 -1.76
C PRO H 312 -31.12 -20.92 -0.25
N THR H 313 -30.03 -21.52 0.25
CA THR H 313 -29.89 -21.85 1.65
C THR H 313 -30.20 -20.64 2.52
N TYR H 314 -31.03 -20.86 3.53
CA TYR H 314 -31.37 -19.84 4.50
C TYR H 314 -30.10 -19.37 5.23
N ARG H 315 -29.98 -18.05 5.39
CA ARG H 315 -28.88 -17.46 6.16
C ARG H 315 -29.45 -16.91 7.47
N SER H 316 -30.15 -15.80 7.42
CA SER H 316 -30.87 -15.32 8.60
C SER H 316 -31.97 -14.31 8.22
N TYR H 317 -32.73 -13.86 9.21
CA TYR H 317 -33.81 -12.91 9.03
C TYR H 317 -33.27 -11.59 8.49
N ASN H 318 -34.01 -11.02 7.54
CA ASN H 318 -33.67 -9.78 6.87
C ASN H 318 -34.87 -8.85 6.96
N ASP H 319 -34.74 -7.82 7.81
CA ASP H 319 -35.86 -6.97 8.19
C ASP H 319 -36.25 -6.00 7.09
N SER H 320 -35.52 -6.04 5.97
CA SER H 320 -35.78 -5.21 4.80
C SER H 320 -36.46 -6.00 3.69
N VAL H 321 -36.79 -7.27 3.95
CA VAL H 321 -37.53 -8.08 2.99
C VAL H 321 -39.03 -7.94 3.30
N ASP H 322 -39.79 -7.49 2.28
CA ASP H 322 -41.21 -7.27 2.38
C ASP H 322 -41.91 -8.63 2.37
N PRO H 323 -42.55 -9.05 3.50
CA PRO H 323 -43.25 -10.35 3.55
C PRO H 323 -44.72 -10.33 3.14
N ARG H 324 -45.22 -9.24 2.55
CA ARG H 324 -46.60 -9.22 2.11
C ARG H 324 -46.83 -10.19 0.95
N ILE H 325 -48.05 -10.72 0.89
CA ILE H 325 -48.51 -11.47 -0.27
C ILE H 325 -48.74 -10.47 -1.40
N ALA H 326 -48.20 -10.79 -2.58
CA ALA H 326 -48.44 -10.03 -3.79
C ALA H 326 -49.79 -10.39 -4.38
N ASN H 327 -50.45 -9.37 -4.95
CA ASN H 327 -51.75 -9.52 -5.59
C ASN H 327 -51.72 -10.67 -6.61
N VAL H 328 -50.67 -10.75 -7.42
CA VAL H 328 -50.56 -11.74 -8.47
C VAL H 328 -50.48 -13.15 -7.88
N PHE H 329 -49.85 -13.28 -6.71
CA PHE H 329 -49.69 -14.57 -6.09
C PHE H 329 -51.06 -15.22 -5.83
N THR H 330 -52.04 -14.40 -5.44
CA THR H 330 -53.35 -14.93 -5.09
C THR H 330 -53.96 -15.67 -6.28
N ASN H 331 -53.52 -15.32 -7.50
CA ASN H 331 -54.04 -15.89 -8.73
C ASN H 331 -53.10 -16.98 -9.23
N ALA H 332 -51.78 -16.77 -9.13
CA ALA H 332 -50.79 -17.70 -9.65
C ALA H 332 -50.77 -19.00 -8.84
N PHE H 333 -50.92 -18.90 -7.51
CA PHE H 333 -50.87 -20.07 -6.66
C PHE H 333 -52.12 -20.95 -6.83
N ARG H 334 -53.08 -20.50 -7.65
CA ARG H 334 -54.21 -21.31 -8.03
C ARG H 334 -53.83 -22.36 -9.08
N TYR H 335 -52.55 -22.51 -9.42
CA TYR H 335 -52.09 -23.56 -10.30
C TYR H 335 -52.63 -24.92 -9.81
N GLY H 336 -52.83 -25.03 -8.49
CA GLY H 336 -53.19 -26.29 -7.85
C GLY H 336 -54.57 -26.80 -8.24
N HIS H 337 -55.36 -25.96 -8.92
CA HIS H 337 -56.66 -26.35 -9.44
C HIS H 337 -56.50 -27.41 -10.55
N THR H 338 -55.29 -27.49 -11.14
CA THR H 338 -54.97 -28.46 -12.18
C THR H 338 -54.62 -29.84 -11.60
N LEU H 339 -54.43 -29.93 -10.27
CA LEU H 339 -54.07 -31.16 -9.57
C LEU H 339 -55.32 -31.92 -9.06
N ILE H 340 -56.49 -31.30 -9.17
CA ILE H 340 -57.68 -31.80 -8.50
C ILE H 340 -58.29 -32.93 -9.33
N GLN H 341 -58.50 -34.07 -8.64
CA GLN H 341 -59.23 -35.24 -9.12
C GLN H 341 -60.72 -35.00 -8.94
N PRO H 342 -61.58 -35.59 -9.80
CA PRO H 342 -63.04 -35.37 -9.72
C PRO H 342 -63.81 -36.15 -8.66
N PHE H 343 -63.11 -36.87 -7.77
CA PHE H 343 -63.75 -37.61 -6.70
C PHE H 343 -63.07 -37.35 -5.37
N MET H 344 -63.81 -37.57 -4.27
CA MET H 344 -63.22 -37.77 -2.96
C MET H 344 -63.09 -39.28 -2.72
N PHE H 345 -61.86 -39.73 -2.44
CA PHE H 345 -61.53 -41.14 -2.30
C PHE H 345 -61.42 -41.48 -0.82
N ARG H 346 -62.16 -42.52 -0.41
CA ARG H 346 -62.12 -43.05 0.95
C ARG H 346 -61.70 -44.52 0.95
N LEU H 347 -60.85 -44.88 1.94
CA LEU H 347 -60.24 -46.20 2.03
C LEU H 347 -60.29 -46.69 3.49
N ASP H 348 -60.54 -48.01 3.66
CA ASP H 348 -60.59 -48.65 4.98
C ASP H 348 -59.17 -48.92 5.47
N ASN H 349 -59.04 -49.64 6.60
CA ASN H 349 -57.74 -49.83 7.24
C ASN H 349 -56.83 -50.78 6.46
N ARG H 350 -57.36 -51.45 5.42
CA ARG H 350 -56.56 -52.27 4.51
C ARG H 350 -56.24 -51.50 3.23
N TYR H 351 -56.59 -50.21 3.21
CA TYR H 351 -56.41 -49.32 2.08
C TYR H 351 -57.20 -49.83 0.86
N GLN H 352 -58.44 -50.27 1.14
CA GLN H 352 -59.31 -50.82 0.13
C GLN H 352 -60.55 -49.92 0.03
N PRO H 353 -61.15 -49.78 -1.18
CA PRO H 353 -62.35 -48.95 -1.34
C PRO H 353 -63.35 -49.15 -0.19
N MET H 354 -63.56 -48.09 0.61
CA MET H 354 -64.44 -48.16 1.77
C MET H 354 -65.89 -48.00 1.33
N GLU H 355 -66.66 -49.09 1.43
CA GLU H 355 -67.97 -49.23 0.82
C GLU H 355 -69.08 -48.79 1.78
N PRO H 356 -69.97 -47.87 1.36
CA PRO H 356 -70.85 -48.12 0.21
C PRO H 356 -70.47 -47.20 -0.97
N ASN H 357 -69.83 -46.05 -0.70
CA ASN H 357 -69.46 -45.03 -1.65
C ASN H 357 -67.99 -44.67 -1.51
N PRO H 358 -67.09 -45.44 -2.17
CA PRO H 358 -65.63 -45.21 -2.05
C PRO H 358 -65.14 -43.97 -2.78
N ARG H 359 -65.88 -43.59 -3.84
CA ARG H 359 -65.57 -42.44 -4.67
C ARG H 359 -66.81 -41.56 -4.79
N VAL H 360 -66.78 -40.38 -4.14
CA VAL H 360 -67.89 -39.43 -4.19
C VAL H 360 -67.54 -38.31 -5.17
N PRO H 361 -68.41 -37.98 -6.16
CA PRO H 361 -68.14 -36.86 -7.06
C PRO H 361 -67.93 -35.59 -6.25
N LEU H 362 -66.99 -34.75 -6.70
CA LEU H 362 -66.60 -33.58 -5.94
C LEU H 362 -67.80 -32.65 -5.79
N SER H 363 -68.68 -32.61 -6.80
CA SER H 363 -69.86 -31.76 -6.80
C SER H 363 -70.84 -32.10 -5.67
N ARG H 364 -70.55 -33.17 -4.91
CA ARG H 364 -71.39 -33.62 -3.81
C ARG H 364 -70.65 -33.64 -2.47
N VAL H 365 -69.39 -33.14 -2.42
CA VAL H 365 -68.62 -33.05 -1.19
C VAL H 365 -68.39 -31.59 -0.76
N PHE H 366 -68.73 -30.61 -1.60
CA PHE H 366 -68.48 -29.22 -1.27
C PHE H 366 -69.37 -28.84 -0.09
N PHE H 367 -68.73 -28.39 1.00
CA PHE H 367 -69.39 -27.92 2.21
C PHE H 367 -70.15 -29.05 2.90
N ALA H 368 -69.74 -30.31 2.64
CA ALA H 368 -70.45 -31.47 3.16
C ALA H 368 -69.80 -31.91 4.46
N SER H 369 -69.94 -31.08 5.49
CA SER H 369 -69.40 -31.40 6.81
C SER H 369 -70.08 -32.66 7.37
N TRP H 370 -71.28 -32.97 6.90
CA TRP H 370 -72.01 -34.16 7.35
C TRP H 370 -71.24 -35.45 7.01
N ARG H 371 -70.47 -35.46 5.92
CA ARG H 371 -69.74 -36.66 5.51
C ARG H 371 -68.56 -36.96 6.43
N VAL H 372 -68.14 -36.00 7.23
CA VAL H 372 -67.09 -36.23 8.20
C VAL H 372 -67.70 -36.82 9.45
N VAL H 373 -68.87 -36.29 9.85
CA VAL H 373 -69.47 -36.65 11.13
C VAL H 373 -70.19 -37.99 11.01
N LEU H 374 -70.75 -38.30 9.83
CA LEU H 374 -71.65 -39.45 9.69
C LEU H 374 -71.10 -40.53 8.76
N GLU H 375 -69.98 -40.30 8.04
CA GLU H 375 -69.49 -41.30 7.10
C GLU H 375 -68.01 -41.65 7.37
N GLY H 376 -67.66 -41.75 8.65
CA GLY H 376 -66.49 -42.52 9.05
C GLY H 376 -65.34 -41.67 9.57
N GLY H 377 -65.57 -40.37 9.78
CA GLY H 377 -64.53 -39.48 10.26
C GLY H 377 -63.47 -39.23 9.18
N ILE H 378 -62.25 -38.91 9.65
CA ILE H 378 -61.19 -38.36 8.80
C ILE H 378 -60.22 -39.45 8.35
N ASP H 379 -60.14 -40.59 9.07
CA ASP H 379 -59.15 -41.62 8.76
C ASP H 379 -59.31 -42.11 7.32
N PRO H 380 -60.53 -42.46 6.84
CA PRO H 380 -60.72 -42.88 5.45
C PRO H 380 -60.28 -41.85 4.41
N ILE H 381 -60.48 -40.57 4.73
CA ILE H 381 -60.19 -39.45 3.84
C ILE H 381 -58.68 -39.25 3.72
N LEU H 382 -57.99 -39.20 4.86
CA LEU H 382 -56.53 -39.11 4.91
C LEU H 382 -55.88 -40.27 4.17
N ARG H 383 -56.50 -41.46 4.29
CA ARG H 383 -56.00 -42.64 3.60
C ARG H 383 -56.13 -42.45 2.10
N GLY H 384 -57.28 -41.92 1.67
CA GLY H 384 -57.52 -41.65 0.25
C GLY H 384 -56.50 -40.66 -0.33
N LEU H 385 -56.11 -39.66 0.47
CA LEU H 385 -55.17 -38.64 0.03
C LEU H 385 -53.78 -39.27 -0.17
N MET H 386 -53.39 -40.13 0.77
CA MET H 386 -52.05 -40.69 0.80
C MET H 386 -51.85 -41.70 -0.32
N ALA H 387 -52.92 -42.46 -0.66
CA ALA H 387 -52.80 -43.66 -1.49
C ALA H 387 -53.46 -43.48 -2.87
N THR H 388 -53.93 -42.27 -3.19
CA THR H 388 -54.46 -41.97 -4.51
C THR H 388 -53.51 -40.97 -5.19
N PRO H 389 -53.31 -41.07 -6.53
CA PRO H 389 -52.48 -40.10 -7.25
C PRO H 389 -53.21 -38.77 -7.46
N ALA H 390 -52.48 -37.66 -7.40
CA ALA H 390 -52.98 -36.38 -7.89
C ALA H 390 -53.33 -36.54 -9.37
N LYS H 391 -54.09 -35.58 -9.91
CA LYS H 391 -54.20 -35.43 -11.35
C LYS H 391 -52.92 -34.78 -11.88
N LEU H 392 -52.53 -35.15 -13.09
CA LEU H 392 -51.43 -34.47 -13.77
C LEU H 392 -52.00 -33.39 -14.69
N ASN H 393 -51.39 -32.20 -14.61
CA ASN H 393 -51.64 -31.09 -15.54
C ASN H 393 -50.97 -31.45 -16.86
N ARG H 394 -51.80 -31.53 -17.92
CA ARG H 394 -51.32 -31.65 -19.29
C ARG H 394 -52.03 -30.59 -20.12
N GLN H 395 -51.38 -30.18 -21.22
CA GLN H 395 -51.77 -29.01 -21.99
C GLN H 395 -53.17 -29.18 -22.60
N ASN H 396 -53.66 -30.43 -22.73
CA ASN H 396 -55.01 -30.67 -23.25
C ASN H 396 -55.91 -31.31 -22.21
N GLN H 397 -55.46 -31.29 -20.94
CA GLN H 397 -56.20 -31.81 -19.80
C GLN H 397 -55.91 -30.93 -18.59
N ILE H 398 -56.42 -29.70 -18.63
CA ILE H 398 -55.97 -28.70 -17.66
C ILE H 398 -56.75 -28.86 -16.35
N ALA H 399 -58.10 -28.85 -16.42
CA ALA H 399 -58.90 -28.97 -15.21
C ALA H 399 -60.24 -29.68 -15.48
N VAL H 400 -60.68 -30.42 -14.44
CA VAL H 400 -61.80 -31.34 -14.54
C VAL H 400 -63.13 -30.59 -14.49
N ASP H 401 -64.19 -31.22 -15.02
CA ASP H 401 -65.49 -30.60 -15.12
C ASP H 401 -66.19 -30.52 -13.76
N GLU H 402 -65.72 -31.23 -12.73
CA GLU H 402 -66.33 -31.14 -11.42
C GLU H 402 -66.12 -29.74 -10.82
N ILE H 403 -65.06 -29.04 -11.25
CA ILE H 403 -64.82 -27.66 -10.84
C ILE H 403 -65.12 -26.68 -11.97
N ARG H 404 -65.13 -27.14 -13.22
CA ARG H 404 -65.34 -26.27 -14.36
C ARG H 404 -66.83 -26.11 -14.66
N GLU H 405 -67.65 -27.11 -14.27
CA GLU H 405 -69.07 -27.17 -14.64
C GLU H 405 -69.97 -27.23 -13.41
N ARG H 406 -69.49 -27.82 -12.31
CA ARG H 406 -70.34 -28.19 -11.19
C ARG H 406 -69.83 -27.64 -9.85
N LEU H 407 -69.04 -26.55 -9.87
CA LEU H 407 -68.49 -26.02 -8.63
C LEU H 407 -69.61 -25.43 -7.75
N PHE H 408 -69.75 -25.96 -6.54
CA PHE H 408 -70.66 -25.47 -5.52
C PHE H 408 -72.10 -25.58 -6.01
N GLU H 409 -72.39 -26.62 -6.78
CA GLU H 409 -73.70 -26.86 -7.38
C GLU H 409 -74.82 -26.91 -6.32
N GLN H 410 -74.51 -27.51 -5.17
CA GLN H 410 -75.52 -27.78 -4.13
C GLN H 410 -75.88 -26.54 -3.30
N VAL H 411 -75.04 -25.51 -3.30
CA VAL H 411 -75.17 -24.41 -2.35
C VAL H 411 -75.36 -23.06 -3.04
N MET H 412 -75.58 -23.07 -4.36
CA MET H 412 -75.68 -21.85 -5.16
C MET H 412 -76.77 -22.01 -6.19
N ARG H 413 -77.14 -20.89 -6.84
CA ARG H 413 -78.24 -20.92 -7.78
C ARG H 413 -77.85 -21.62 -9.08
N ILE H 414 -76.54 -21.80 -9.30
CA ILE H 414 -76.01 -22.40 -10.52
C ILE H 414 -74.60 -22.91 -10.24
N GLY H 415 -74.19 -23.94 -10.97
CA GLY H 415 -72.83 -24.46 -10.91
C GLY H 415 -71.83 -23.45 -11.48
N LEU H 416 -70.73 -23.24 -10.75
CA LEU H 416 -69.70 -22.30 -11.17
C LEU H 416 -68.63 -23.01 -11.99
N ASP H 417 -67.75 -22.18 -12.59
CA ASP H 417 -66.61 -22.60 -13.39
C ASP H 417 -65.38 -21.97 -12.74
N LEU H 418 -64.58 -22.76 -12.01
CA LEU H 418 -63.50 -22.21 -11.19
C LEU H 418 -62.41 -21.65 -12.09
N PRO H 419 -61.96 -22.34 -13.16
CA PRO H 419 -61.03 -21.76 -14.14
C PRO H 419 -61.43 -20.39 -14.69
N ALA H 420 -62.71 -20.25 -15.07
CA ALA H 420 -63.25 -18.97 -15.52
C ALA H 420 -63.24 -17.92 -14.41
N LEU H 421 -63.56 -18.29 -13.17
CA LEU H 421 -63.51 -17.37 -12.03
C LEU H 421 -62.08 -16.90 -11.81
N ASN H 422 -61.10 -17.81 -11.93
CA ASN H 422 -59.68 -17.49 -11.81
C ASN H 422 -59.33 -16.33 -12.74
N MET H 423 -59.92 -16.36 -13.95
CA MET H 423 -59.58 -15.42 -15.01
C MET H 423 -60.35 -14.12 -14.84
N GLN H 424 -61.65 -14.18 -14.52
CA GLN H 424 -62.41 -12.99 -14.20
C GLN H 424 -61.78 -12.29 -12.98
N ARG H 425 -61.24 -13.08 -12.06
CA ARG H 425 -60.69 -12.54 -10.83
C ARG H 425 -59.39 -11.78 -11.11
N SER H 426 -58.57 -12.30 -12.03
CA SER H 426 -57.34 -11.62 -12.39
C SER H 426 -57.66 -10.26 -13.02
N ARG H 427 -58.78 -10.16 -13.77
CA ARG H 427 -59.19 -8.91 -14.38
C ARG H 427 -59.75 -7.95 -13.34
N ASP H 428 -60.58 -8.49 -12.43
CA ASP H 428 -61.09 -7.77 -11.26
C ASP H 428 -59.94 -7.10 -10.50
N HIS H 429 -58.83 -7.84 -10.31
CA HIS H 429 -57.70 -7.39 -9.51
C HIS H 429 -56.75 -6.52 -10.34
N GLY H 430 -57.05 -6.33 -11.63
CA GLY H 430 -56.24 -5.47 -12.47
C GLY H 430 -54.83 -6.01 -12.76
N LEU H 431 -54.66 -7.33 -12.79
CA LEU H 431 -53.36 -7.95 -13.04
C LEU H 431 -52.99 -7.82 -14.50
N PRO H 432 -51.72 -7.45 -14.80
CA PRO H 432 -51.20 -7.51 -16.18
C PRO H 432 -51.29 -8.90 -16.79
N GLY H 433 -51.13 -8.95 -18.13
CA GLY H 433 -51.16 -10.18 -18.89
C GLY H 433 -49.85 -10.97 -18.84
N TYR H 434 -49.85 -12.10 -19.55
CA TYR H 434 -48.79 -13.09 -19.54
C TYR H 434 -47.42 -12.47 -19.80
N ASN H 435 -47.28 -11.72 -20.90
CA ASN H 435 -45.98 -11.22 -21.30
C ASN H 435 -45.40 -10.25 -20.27
N ALA H 436 -46.23 -9.38 -19.67
CA ALA H 436 -45.74 -8.45 -18.66
C ALA H 436 -45.11 -9.21 -17.49
N TRP H 437 -45.71 -10.35 -17.12
CA TRP H 437 -45.21 -11.18 -16.03
C TRP H 437 -43.96 -11.96 -16.45
N ARG H 438 -43.94 -12.46 -17.70
CA ARG H 438 -42.75 -13.05 -18.28
C ARG H 438 -41.59 -12.06 -18.10
N ARG H 439 -41.81 -10.80 -18.52
CA ARG H 439 -40.80 -9.75 -18.48
C ARG H 439 -40.35 -9.48 -17.05
N PHE H 440 -41.34 -9.40 -16.15
CA PHE H 440 -41.07 -9.19 -14.74
C PHE H 440 -40.10 -10.26 -14.24
N CYS H 441 -40.25 -11.48 -14.74
CA CYS H 441 -39.49 -12.64 -14.27
C CYS H 441 -38.16 -12.79 -15.01
N GLY H 442 -37.90 -11.92 -15.98
CA GLY H 442 -36.71 -12.05 -16.80
C GLY H 442 -36.81 -13.20 -17.80
N LEU H 443 -38.01 -13.46 -18.31
CA LEU H 443 -38.22 -14.52 -19.28
C LEU H 443 -38.58 -13.90 -20.62
N PRO H 444 -38.20 -14.54 -21.76
CA PRO H 444 -38.60 -14.07 -23.08
C PRO H 444 -40.12 -13.93 -23.24
N GLN H 445 -40.53 -12.88 -23.96
CA GLN H 445 -41.93 -12.57 -24.19
C GLN H 445 -42.31 -12.86 -25.64
N PRO H 446 -43.04 -13.96 -25.93
CA PRO H 446 -43.49 -14.22 -27.29
C PRO H 446 -44.50 -13.20 -27.80
N GLU H 447 -44.27 -12.69 -29.02
CA GLU H 447 -45.14 -11.72 -29.67
C GLU H 447 -46.02 -12.40 -30.74
N THR H 448 -45.52 -13.49 -31.35
CA THR H 448 -46.21 -14.16 -32.44
C THR H 448 -46.63 -15.56 -32.03
N VAL H 449 -47.49 -16.15 -32.84
CA VAL H 449 -48.02 -17.49 -32.57
C VAL H 449 -46.88 -18.51 -32.62
N GLY H 450 -45.92 -18.28 -33.51
CA GLY H 450 -44.76 -19.15 -33.65
C GLY H 450 -43.87 -19.12 -32.42
N GLN H 451 -43.65 -17.91 -31.87
CA GLN H 451 -42.84 -17.77 -30.67
C GLN H 451 -43.56 -18.39 -29.49
N LEU H 452 -44.89 -18.21 -29.43
CA LEU H 452 -45.66 -18.80 -28.35
C LEU H 452 -45.61 -20.34 -28.46
N GLY H 453 -45.69 -20.86 -29.69
CA GLY H 453 -45.52 -22.28 -29.94
C GLY H 453 -44.22 -22.82 -29.36
N THR H 454 -43.11 -22.10 -29.56
CA THR H 454 -41.81 -22.48 -29.04
C THR H 454 -41.82 -22.52 -27.51
N VAL H 455 -42.36 -21.46 -26.90
CA VAL H 455 -42.41 -21.31 -25.45
C VAL H 455 -43.21 -22.46 -24.83
N LEU H 456 -44.33 -22.84 -25.47
CA LEU H 456 -45.23 -23.85 -24.94
C LEU H 456 -44.84 -25.26 -25.41
N ARG H 457 -43.89 -25.32 -26.36
CA ARG H 457 -43.52 -26.53 -27.10
C ARG H 457 -44.78 -27.19 -27.64
N ASN H 458 -45.69 -26.39 -28.20
CA ASN H 458 -47.02 -26.85 -28.57
C ASN H 458 -47.68 -25.75 -29.41
N LEU H 459 -47.61 -25.89 -30.73
CA LEU H 459 -48.11 -24.88 -31.65
C LEU H 459 -49.64 -24.94 -31.67
N LYS H 460 -50.22 -26.11 -31.45
CA LYS H 460 -51.67 -26.24 -31.43
C LYS H 460 -52.26 -25.36 -30.33
N LEU H 461 -51.75 -25.51 -29.09
CA LEU H 461 -52.21 -24.73 -27.95
C LEU H 461 -51.97 -23.23 -28.16
N ALA H 462 -50.77 -22.88 -28.66
CA ALA H 462 -50.46 -21.51 -29.01
C ALA H 462 -51.53 -20.93 -29.95
N ARG H 463 -52.02 -21.72 -30.92
CA ARG H 463 -52.98 -21.20 -31.88
C ARG H 463 -54.34 -20.92 -31.21
N LYS H 464 -54.77 -21.85 -30.33
CA LYS H 464 -56.03 -21.72 -29.61
C LYS H 464 -56.02 -20.46 -28.73
N LEU H 465 -54.87 -20.21 -28.06
CA LEU H 465 -54.71 -19.07 -27.18
C LEU H 465 -54.78 -17.75 -27.97
N MET H 466 -54.17 -17.72 -29.17
CA MET H 466 -54.17 -16.53 -29.98
C MET H 466 -55.58 -16.28 -30.56
N GLU H 467 -56.32 -17.36 -30.81
CA GLU H 467 -57.68 -17.21 -31.29
C GLU H 467 -58.53 -16.53 -30.20
N GLN H 468 -58.35 -16.91 -28.92
CA GLN H 468 -59.07 -16.29 -27.82
C GLN H 468 -58.59 -14.86 -27.53
N TYR H 469 -57.27 -14.68 -27.44
CA TYR H 469 -56.68 -13.51 -26.81
C TYR H 469 -56.15 -12.49 -27.82
N GLY H 470 -55.76 -12.93 -29.03
CA GLY H 470 -55.28 -12.04 -30.06
C GLY H 470 -53.79 -11.71 -29.97
N THR H 471 -53.30 -11.57 -28.72
CA THR H 471 -51.89 -11.34 -28.47
C THR H 471 -51.49 -12.05 -27.18
N PRO H 472 -50.25 -12.55 -27.06
CA PRO H 472 -49.77 -13.10 -25.78
C PRO H 472 -49.68 -12.04 -24.67
N ASN H 473 -49.78 -10.76 -25.04
CA ASN H 473 -49.78 -9.70 -24.04
C ASN H 473 -51.05 -9.75 -23.21
N ASN H 474 -52.13 -10.37 -23.73
CA ASN H 474 -53.45 -10.27 -23.12
C ASN H 474 -53.85 -11.57 -22.43
N ILE H 475 -53.00 -12.60 -22.48
CA ILE H 475 -53.33 -13.88 -21.86
C ILE H 475 -53.38 -13.68 -20.34
N ASP H 476 -54.49 -14.11 -19.73
CA ASP H 476 -54.69 -14.04 -18.30
C ASP H 476 -53.60 -14.89 -17.62
N ILE H 477 -53.05 -14.35 -16.53
CA ILE H 477 -51.89 -14.91 -15.85
C ILE H 477 -52.13 -16.37 -15.47
N TRP H 478 -53.32 -16.73 -14.95
CA TRP H 478 -53.55 -18.12 -14.56
C TRP H 478 -53.42 -19.00 -15.79
N MET H 479 -54.10 -18.60 -16.88
CA MET H 479 -54.27 -19.40 -18.08
C MET H 479 -52.89 -19.60 -18.71
N GLY H 480 -52.13 -18.51 -18.85
CA GLY H 480 -50.80 -18.58 -19.39
C GLY H 480 -49.88 -19.45 -18.53
N GLY H 481 -49.89 -19.19 -17.21
CA GLY H 481 -49.06 -19.92 -16.26
C GLY H 481 -49.21 -21.44 -16.35
N VAL H 482 -50.48 -21.92 -16.37
CA VAL H 482 -50.79 -23.34 -16.34
C VAL H 482 -50.70 -23.98 -17.75
N SER H 483 -50.62 -23.17 -18.80
CA SER H 483 -50.42 -23.67 -20.16
C SER H 483 -48.98 -24.11 -20.42
N GLU H 484 -48.04 -23.55 -19.63
CA GLU H 484 -46.61 -23.76 -19.84
C GLU H 484 -46.21 -25.20 -19.54
N PRO H 485 -45.28 -25.79 -20.31
CA PRO H 485 -44.73 -27.10 -19.96
C PRO H 485 -43.98 -27.05 -18.63
N LEU H 486 -44.10 -28.14 -17.88
CA LEU H 486 -43.66 -28.20 -16.50
C LEU H 486 -42.12 -28.30 -16.44
N LYS H 487 -41.55 -27.75 -15.36
CA LYS H 487 -40.12 -27.84 -15.09
C LYS H 487 -39.79 -29.29 -14.76
N ARG H 488 -38.52 -29.66 -14.99
CA ARG H 488 -38.07 -31.01 -14.67
C ARG H 488 -38.27 -31.24 -13.18
N LYS H 489 -39.07 -32.28 -12.88
CA LYS H 489 -39.34 -32.75 -11.52
C LYS H 489 -40.16 -31.72 -10.71
N GLY H 490 -40.85 -30.82 -11.41
CA GLY H 490 -41.78 -29.89 -10.78
C GLY H 490 -43.15 -29.98 -11.47
N ARG H 491 -44.11 -29.22 -10.94
CA ARG H 491 -45.47 -29.27 -11.45
C ARG H 491 -46.00 -27.88 -11.82
N VAL H 492 -45.06 -26.95 -12.11
CA VAL H 492 -45.35 -25.65 -12.70
C VAL H 492 -44.32 -25.36 -13.78
N GLY H 493 -44.67 -24.50 -14.72
CA GLY H 493 -43.74 -23.95 -15.71
C GLY H 493 -42.88 -22.82 -15.13
N PRO H 494 -41.96 -22.24 -15.96
CA PRO H 494 -41.03 -21.21 -15.50
C PRO H 494 -41.63 -19.96 -14.88
N LEU H 495 -42.76 -19.51 -15.44
CA LEU H 495 -43.41 -18.28 -15.00
C LEU H 495 -43.99 -18.45 -13.60
N LEU H 496 -44.78 -19.51 -13.39
CA LEU H 496 -45.37 -19.74 -12.08
C LEU H 496 -44.27 -20.09 -11.08
N ALA H 497 -43.21 -20.77 -11.54
CA ALA H 497 -42.07 -21.08 -10.69
C ALA H 497 -41.50 -19.80 -10.12
N CYS H 498 -41.32 -18.80 -11.00
CA CYS H 498 -40.75 -17.53 -10.61
C CYS H 498 -41.64 -16.81 -9.60
N ILE H 499 -42.93 -16.71 -9.90
CA ILE H 499 -43.82 -16.02 -9.00
C ILE H 499 -43.91 -16.72 -7.65
N ILE H 500 -44.13 -18.03 -7.66
CA ILE H 500 -44.33 -18.81 -6.44
C ILE H 500 -43.03 -18.83 -5.61
N GLY H 501 -41.92 -19.11 -6.30
CA GLY H 501 -40.62 -19.10 -5.66
C GLY H 501 -40.32 -17.77 -4.99
N THR H 502 -40.52 -16.68 -5.75
CA THR H 502 -40.24 -15.35 -5.26
C THR H 502 -41.05 -15.09 -4.00
N GLN H 503 -42.34 -15.47 -4.00
CA GLN H 503 -43.22 -15.20 -2.87
C GLN H 503 -42.76 -15.94 -1.61
N PHE H 504 -42.45 -17.22 -1.74
CA PHE H 504 -42.11 -18.04 -0.59
C PHE H 504 -40.74 -17.63 -0.02
N ARG H 505 -39.85 -17.14 -0.89
CA ARG H 505 -38.59 -16.64 -0.40
C ARG H 505 -38.81 -15.46 0.55
N LYS H 506 -39.75 -14.57 0.22
CA LYS H 506 -40.00 -13.39 1.02
C LYS H 506 -40.67 -13.75 2.34
N LEU H 507 -41.57 -14.75 2.31
CA LEU H 507 -42.25 -15.23 3.52
C LEU H 507 -41.24 -15.86 4.49
N ARG H 508 -40.13 -16.37 3.96
CA ARG H 508 -39.09 -17.00 4.76
C ARG H 508 -38.10 -15.98 5.32
N ASP H 509 -37.42 -15.26 4.41
CA ASP H 509 -36.34 -14.35 4.76
C ASP H 509 -36.89 -13.14 5.51
N GLY H 510 -38.18 -12.81 5.35
CA GLY H 510 -38.77 -11.64 5.98
C GLY H 510 -39.68 -11.97 7.17
N ASP H 511 -39.63 -13.23 7.64
CA ASP H 511 -40.33 -13.68 8.82
C ASP H 511 -39.36 -13.71 10.02
N ARG H 512 -39.62 -12.83 11.00
CA ARG H 512 -38.79 -12.69 12.18
C ARG H 512 -38.87 -13.95 13.04
N PHE H 513 -39.97 -14.70 12.91
CA PHE H 513 -40.21 -15.90 13.70
C PHE H 513 -40.01 -17.16 12.86
N TRP H 514 -39.24 -17.08 11.78
CA TRP H 514 -38.89 -18.28 11.02
C TRP H 514 -38.17 -19.24 11.94
N TRP H 515 -38.47 -20.55 11.82
CA TRP H 515 -38.05 -21.55 12.80
C TRP H 515 -36.52 -21.68 12.88
N GLU H 516 -35.79 -21.41 11.78
CA GLU H 516 -34.33 -21.46 11.79
C GLU H 516 -33.68 -20.16 12.26
N ASN H 517 -34.47 -19.10 12.47
CA ASN H 517 -33.90 -17.81 12.83
C ASN H 517 -33.31 -17.90 14.23
N GLU H 518 -32.08 -17.41 14.38
CA GLU H 518 -31.41 -17.35 15.67
C GLU H 518 -32.33 -16.68 16.70
N GLY H 519 -32.61 -17.43 17.77
CA GLY H 519 -33.32 -16.90 18.92
C GLY H 519 -34.75 -17.41 19.07
N VAL H 520 -35.30 -18.06 18.03
CA VAL H 520 -36.69 -18.50 18.05
C VAL H 520 -36.75 -19.83 18.81
N PHE H 521 -35.90 -20.77 18.36
CA PHE H 521 -35.74 -22.07 18.97
C PHE H 521 -34.26 -22.20 19.35
N SER H 522 -33.99 -22.97 20.41
CA SER H 522 -32.62 -23.36 20.76
C SER H 522 -32.13 -24.36 19.70
N MET H 523 -30.83 -24.64 19.71
CA MET H 523 -30.21 -25.50 18.73
C MET H 523 -30.70 -26.95 18.92
N GLN H 524 -31.12 -27.29 20.15
CA GLN H 524 -31.56 -28.64 20.50
C GLN H 524 -33.02 -28.83 20.04
N GLN H 525 -33.81 -27.76 20.15
CA GLN H 525 -35.18 -27.74 19.70
C GLN H 525 -35.26 -27.86 18.17
N ARG H 526 -34.30 -27.25 17.46
CA ARG H 526 -34.22 -27.34 16.01
C ARG H 526 -33.79 -28.74 15.57
N GLN H 527 -32.88 -29.37 16.33
CA GLN H 527 -32.48 -30.76 16.09
C GLN H 527 -33.72 -31.64 16.13
N ALA H 528 -34.57 -31.39 17.14
CA ALA H 528 -35.76 -32.19 17.39
C ALA H 528 -36.80 -31.99 16.29
N LEU H 529 -37.01 -30.72 15.91
CA LEU H 529 -38.00 -30.33 14.91
C LEU H 529 -37.65 -30.88 13.53
N ALA H 530 -36.35 -31.05 13.23
CA ALA H 530 -35.92 -31.59 11.96
C ALA H 530 -36.50 -32.98 11.70
N GLN H 531 -36.99 -33.64 12.76
CA GLN H 531 -37.41 -35.04 12.72
C GLN H 531 -38.89 -35.17 12.39
N ILE H 532 -39.66 -34.08 12.48
CA ILE H 532 -41.08 -34.12 12.22
C ILE H 532 -41.32 -34.44 10.75
N SER H 533 -42.51 -34.99 10.48
CA SER H 533 -42.99 -35.24 9.15
C SER H 533 -44.51 -35.36 9.26
N LEU H 534 -45.17 -35.31 8.10
CA LEU H 534 -46.62 -35.34 8.06
C LEU H 534 -47.13 -36.76 8.31
N PRO H 535 -46.50 -37.84 7.77
CA PRO H 535 -46.87 -39.19 8.16
C PRO H 535 -46.90 -39.32 9.68
N ARG H 536 -45.85 -38.84 10.38
CA ARG H 536 -45.77 -38.95 11.83
C ARG H 536 -46.97 -38.28 12.49
N ILE H 537 -47.35 -37.11 11.98
CA ILE H 537 -48.45 -36.35 12.58
C ILE H 537 -49.76 -37.11 12.41
N ILE H 538 -49.90 -37.82 11.27
CA ILE H 538 -51.09 -38.62 11.02
C ILE H 538 -51.16 -39.80 12.00
N CYS H 539 -50.02 -40.49 12.18
CA CYS H 539 -49.90 -41.56 13.16
C CYS H 539 -50.32 -41.11 14.56
N ASP H 540 -49.75 -39.97 15.01
CA ASP H 540 -49.92 -39.51 16.38
C ASP H 540 -51.37 -39.13 16.69
N ASN H 541 -52.20 -38.88 15.67
CA ASN H 541 -53.44 -38.16 15.88
C ASN H 541 -54.62 -38.80 15.15
N THR H 542 -54.44 -40.01 14.60
CA THR H 542 -55.54 -40.74 13.98
C THR H 542 -55.45 -42.22 14.37
N GLY H 543 -56.43 -42.99 13.87
CA GLY H 543 -56.43 -44.43 14.03
C GLY H 543 -55.71 -45.16 12.89
N ILE H 544 -54.89 -44.40 12.13
CA ILE H 544 -54.13 -44.95 11.01
C ILE H 544 -52.80 -45.44 11.55
N THR H 545 -52.38 -46.65 11.13
CA THR H 545 -51.13 -47.26 11.59
C THR H 545 -50.19 -47.56 10.43
N THR H 546 -50.67 -47.44 9.18
CA THR H 546 -49.81 -47.56 8.01
C THR H 546 -49.91 -46.26 7.20
N VAL H 547 -48.76 -45.63 6.92
CA VAL H 547 -48.69 -44.29 6.32
C VAL H 547 -47.68 -44.28 5.17
N SER H 548 -47.64 -43.16 4.43
CA SER H 548 -46.75 -42.97 3.29
C SER H 548 -45.28 -42.92 3.74
N LYS H 549 -44.40 -43.46 2.89
CA LYS H 549 -42.96 -43.25 3.00
C LYS H 549 -42.61 -41.81 2.64
N ASN H 550 -41.51 -41.31 3.21
CA ASN H 550 -41.12 -39.92 2.99
C ASN H 550 -40.57 -39.75 1.59
N ASN H 551 -41.45 -39.32 0.71
CA ASN H 551 -41.91 -37.93 0.66
C ASN H 551 -43.41 -38.10 0.47
N ILE H 552 -44.20 -37.75 1.47
CA ILE H 552 -45.62 -38.05 1.46
C ILE H 552 -46.31 -37.52 0.19
N PHE H 553 -45.72 -36.49 -0.42
CA PHE H 553 -46.32 -35.82 -1.57
C PHE H 553 -45.99 -36.57 -2.86
N MET H 554 -45.03 -37.51 -2.80
CA MET H 554 -44.62 -38.32 -3.94
C MET H 554 -45.18 -39.74 -3.83
N SER H 555 -45.02 -40.35 -2.65
CA SER H 555 -45.60 -41.64 -2.30
C SER H 555 -47.10 -41.64 -2.56
N ASN H 556 -47.56 -42.52 -3.48
CA ASN H 556 -48.97 -42.51 -3.87
C ASN H 556 -49.54 -43.89 -4.16
N SER H 557 -48.84 -44.98 -3.82
CA SER H 557 -49.30 -46.32 -4.20
C SER H 557 -49.18 -47.28 -3.02
N TYR H 558 -50.33 -47.84 -2.59
CA TYR H 558 -50.35 -48.89 -1.58
C TYR H 558 -49.84 -50.21 -2.19
N PRO H 559 -49.53 -51.23 -1.37
CA PRO H 559 -48.48 -51.15 -0.35
C PRO H 559 -47.07 -50.66 -0.65
N ARG H 560 -46.72 -50.53 -1.94
CA ARG H 560 -45.35 -50.25 -2.36
C ARG H 560 -44.73 -49.10 -1.56
N ASP H 561 -45.49 -48.00 -1.35
CA ASP H 561 -44.92 -46.75 -0.85
C ASP H 561 -45.32 -46.49 0.61
N PHE H 562 -45.58 -47.55 1.40
CA PHE H 562 -46.13 -47.40 2.75
C PHE H 562 -45.26 -48.08 3.82
N VAL H 563 -45.35 -47.61 5.07
CA VAL H 563 -44.63 -48.15 6.22
C VAL H 563 -45.52 -48.14 7.46
N ASN H 564 -45.10 -48.88 8.50
CA ASN H 564 -45.83 -48.94 9.75
C ASN H 564 -45.41 -47.74 10.58
N CYS H 565 -46.35 -47.23 11.37
CA CYS H 565 -46.14 -46.06 12.20
C CYS H 565 -45.02 -46.26 13.20
N SER H 566 -44.80 -47.52 13.62
CA SER H 566 -43.78 -47.84 14.61
C SER H 566 -42.37 -47.58 14.09
N THR H 567 -42.21 -47.49 12.76
CA THR H 567 -40.89 -47.35 12.14
C THR H 567 -40.41 -45.90 12.15
N LEU H 568 -41.31 -44.93 12.43
CA LEU H 568 -41.01 -43.52 12.26
C LEU H 568 -40.60 -42.91 13.61
N PRO H 569 -39.66 -41.93 13.64
CA PRO H 569 -39.31 -41.25 14.90
C PRO H 569 -40.45 -40.32 15.32
N ALA H 570 -40.79 -40.26 16.62
CA ALA H 570 -41.71 -39.25 17.15
C ALA H 570 -40.97 -37.97 17.53
N LEU H 571 -41.72 -36.91 17.83
CA LEU H 571 -41.10 -35.63 18.19
C LEU H 571 -40.75 -35.68 19.68
N ASN H 572 -39.45 -35.54 19.96
CA ASN H 572 -38.92 -35.55 21.32
C ASN H 572 -38.96 -34.13 21.86
N LEU H 573 -39.83 -33.90 22.85
CA LEU H 573 -40.01 -32.59 23.44
C LEU H 573 -39.09 -32.38 24.65
N ALA H 574 -38.00 -33.16 24.75
CA ALA H 574 -37.16 -33.12 25.95
C ALA H 574 -36.63 -31.71 26.17
N SER H 575 -36.20 -31.06 25.07
CA SER H 575 -35.49 -29.78 25.13
C SER H 575 -36.43 -28.61 25.40
N TRP H 576 -37.72 -28.86 25.63
CA TRP H 576 -38.68 -27.82 25.99
C TRP H 576 -38.86 -27.72 27.50
N ARG H 577 -38.14 -28.58 28.27
CA ARG H 577 -38.31 -28.66 29.72
C ARG H 577 -37.60 -27.50 30.40
N GLU H 578 -38.20 -27.01 31.50
CA GLU H 578 -37.63 -25.91 32.29
C GLU H 578 -37.58 -26.25 33.79
N ALA H 579 -36.54 -25.75 34.47
CA ALA H 579 -36.30 -26.05 35.88
C ALA H 579 -37.00 -25.01 36.75
C1 NAG I . 63.10 -9.55 5.07
C2 NAG I . 64.05 -10.05 6.15
C3 NAG I . 65.46 -10.10 5.58
C4 NAG I . 65.49 -10.94 4.31
C5 NAG I . 64.48 -10.39 3.31
C6 NAG I . 64.35 -11.24 2.06
C7 NAG I . 64.47 -9.48 8.52
C8 NAG I . 64.51 -10.93 8.90
N2 NAG I . 63.97 -9.20 7.31
O3 NAG I . 66.38 -10.62 6.53
O4 NAG I . 66.80 -10.86 3.74
O5 NAG I . 63.16 -10.34 3.89
O6 NAG I . 63.47 -10.65 1.12
O7 NAG I . 64.85 -8.60 9.28
C1 NAG I . 67.39 -12.16 3.74
C2 NAG I . 68.23 -12.30 2.47
C3 NAG I . 68.88 -13.68 2.43
C4 NAG I . 69.69 -13.90 3.69
C5 NAG I . 68.79 -13.72 4.92
C6 NAG I . 69.56 -13.82 6.21
C7 NAG I . 67.61 -10.95 0.54
C8 NAG I . 66.86 -10.91 -0.75
N2 NAG I . 67.45 -12.05 1.28
O3 NAG I . 69.67 -13.78 1.26
O4 NAG I . 70.21 -15.23 3.69
O5 NAG I . 68.19 -12.41 4.88
O6 NAG I . 70.16 -15.10 6.36
O7 NAG I . 68.32 -10.02 0.91
C1 BMA I . 71.55 -15.19 3.22
C2 BMA I . 72.46 -16.05 4.07
C3 BMA I . 73.89 -15.90 3.59
C4 BMA I . 73.94 -16.29 2.12
C5 BMA I . 72.98 -15.42 1.33
C6 BMA I . 72.99 -15.82 -0.14
O2 BMA I . 72.05 -17.41 3.98
O3 BMA I . 74.75 -16.76 4.34
O4 BMA I . 75.26 -16.10 1.61
O5 BMA I . 71.66 -15.56 1.85
O6 BMA I . 72.65 -17.20 -0.25
C1 NAG J . 10.64 27.11 -23.60
C2 NAG J . 12.15 27.10 -23.75
C3 NAG J . 12.52 28.54 -24.04
C4 NAG J . 11.73 29.09 -25.23
C5 NAG J . 10.25 29.02 -24.97
C6 NAG J . 9.33 29.43 -26.10
C7 NAG J . 13.55 25.46 -22.58
C8 NAG J . 13.42 24.30 -21.63
N2 NAG J . 12.63 26.42 -22.54
O3 NAG J . 13.88 28.63 -24.39
O4 NAG J . 12.08 30.46 -25.33
O5 NAG J . 9.94 27.67 -24.71
O6 NAG J . 8.06 29.60 -25.45
O7 NAG J . 14.36 25.40 -23.47
C1 NAG J . 12.40 30.94 -26.64
C2 NAG J . 12.09 32.46 -26.66
C3 NAG J . 12.57 33.05 -27.98
C4 NAG J . 14.03 32.67 -28.26
C5 NAG J . 14.20 31.13 -28.18
C6 NAG J . 15.63 30.62 -28.48
C7 NAG J . 10.21 33.38 -25.34
C8 NAG J . 8.71 33.58 -25.19
N2 NAG J . 10.67 32.81 -26.46
O3 NAG J . 12.42 34.46 -27.83
O4 NAG J . 14.44 33.15 -29.58
O5 NAG J . 13.77 30.65 -26.89
O6 NAG J . 16.59 31.03 -27.48
O7 NAG J . 10.96 33.70 -24.43
C1 BMA J . 15.17 34.42 -29.73
C2 BMA J . 16.31 34.24 -30.79
C3 BMA J . 17.21 35.51 -30.78
C4 BMA J . 16.36 36.79 -30.97
C5 BMA J . 15.12 36.86 -30.03
C6 BMA J . 14.14 38.00 -30.37
O2 BMA J . 15.89 33.99 -32.17
O3 BMA J . 18.24 35.29 -31.77
O4 BMA J . 17.24 37.89 -30.69
O5 BMA J . 14.38 35.61 -30.10
O6 BMA J . 12.98 37.90 -29.55
C1 NAG K . -37.84 -2.57 -19.88
C2 NAG K . -36.79 -3.67 -20.04
C3 NAG K . -37.17 -4.85 -19.16
C4 NAG K . -37.31 -4.40 -17.72
C5 NAG K . -38.16 -3.12 -17.58
C6 NAG K . -37.90 -2.43 -16.24
C7 NAG K . -35.96 -3.66 -22.33
C8 NAG K . -36.12 -4.27 -23.71
N2 NAG K . -36.74 -4.16 -21.39
O3 NAG K . -36.10 -5.78 -19.21
O4 NAG K . -37.95 -5.49 -17.00
O5 NAG K . -37.80 -2.14 -18.54
O6 NAG K . -36.48 -2.29 -16.13
O7 NAG K . -35.19 -2.76 -22.09
C1 NAG K . -37.26 -5.83 -15.76
C2 NAG K . -38.25 -6.44 -14.76
C3 NAG K . -37.58 -6.99 -13.52
C4 NAG K . -36.53 -7.99 -13.98
C5 NAG K . -35.54 -7.31 -14.96
C6 NAG K . -34.42 -8.25 -15.45
C7 NAG K . -40.42 -5.36 -14.93
C8 NAG K . -41.16 -4.15 -14.49
N2 NAG K . -39.22 -5.45 -14.33
O3 NAG K . -38.62 -7.48 -12.64
O4 NAG K . -35.72 -8.41 -12.89
O5 NAG K . -36.22 -6.78 -16.10
O6 NAG K . -34.93 -9.33 -16.25
O7 NAG K . -40.88 -6.15 -15.78
C1 BMA K . -35.83 -9.77 -12.60
C2 BMA K . -34.53 -10.14 -11.92
C3 BMA K . -34.70 -11.56 -11.37
C4 BMA K . -35.98 -11.69 -10.51
C5 BMA K . -37.20 -11.14 -11.21
C6 BMA K . -38.33 -11.00 -10.19
O2 BMA K . -34.26 -9.18 -10.87
O3 BMA K . -33.57 -11.88 -10.55
O4 BMA K . -36.37 -13.04 -10.23
O5 BMA K . -36.94 -9.85 -11.70
O6 BMA K . -37.98 -10.53 -8.85
C1 MAN K . -38.02 -9.08 -8.78
C2 MAN K . -36.68 -8.53 -8.26
C3 MAN K . -36.54 -9.10 -6.84
C4 MAN K . -37.65 -8.50 -5.99
C5 MAN K . -39.03 -8.89 -6.56
C6 MAN K . -40.21 -8.14 -5.91
O2 MAN K . -36.63 -7.07 -8.24
O3 MAN K . -35.23 -8.99 -6.27
O4 MAN K . -37.45 -9.03 -4.70
O5 MAN K . -39.08 -8.54 -7.95
O6 MAN K . -40.17 -6.71 -6.08
C1 NAG K . -36.54 -6.36 -9.52
C2 NAG K . -37.41 -5.05 -9.42
C3 NAG K . -37.48 -4.50 -10.87
C4 NAG K . -36.03 -4.11 -11.24
C5 NAG K . -35.10 -5.34 -11.21
C6 NAG K . -33.67 -4.87 -11.48
C7 NAG K . -39.92 -5.34 -9.10
C8 NAG K . -40.26 -5.41 -10.59
N2 NAG K . -38.66 -5.20 -8.65
O3 NAG K . -38.38 -3.40 -11.20
O4 NAG K . -36.11 -3.51 -12.54
O5 NAG K . -35.17 -6.06 -9.97
O6 NAG K . -32.83 -6.02 -11.63
O7 NAG K . -40.84 -5.43 -8.29
C1 MAN K . -33.28 -13.28 -10.71
C2 MAN K . -32.09 -13.68 -9.85
C3 MAN K . -30.85 -13.08 -10.50
C4 MAN K . -30.83 -13.43 -12.00
C5 MAN K . -32.08 -12.89 -12.69
C6 MAN K . -32.24 -12.95 -14.21
O2 MAN K . -31.92 -15.11 -9.71
O3 MAN K . -29.70 -13.55 -9.80
O4 MAN K . -29.69 -12.83 -12.53
O5 MAN K . -33.13 -13.62 -12.11
O6 MAN K . -32.72 -14.24 -14.55
C1 FUC K . -36.06 -1.81 -14.85
C2 FUC K . -34.54 -2.10 -14.60
C3 FUC K . -33.69 -1.31 -15.60
C4 FUC K . -34.13 0.13 -15.46
C5 FUC K . -35.61 0.31 -15.77
C6 FUC K . -35.97 1.79 -15.74
O2 FUC K . -34.11 -3.47 -14.70
O3 FUC K . -32.28 -1.48 -15.38
O4 FUC K . -33.90 0.44 -14.09
O5 FUC K . -36.38 -0.40 -14.78
C1 NAG L . -31.79 -7.92 2.67
C2 NAG L . -30.41 -7.76 2.03
C3 NAG L . -30.42 -6.49 1.22
C4 NAG L . -31.56 -6.50 0.18
C5 NAG L . -32.90 -6.85 0.83
C6 NAG L . -33.97 -7.06 -0.25
C7 NAG L . -28.74 -8.66 3.57
C8 NAG L . -27.64 -8.28 4.54
N2 NAG L . -29.33 -7.63 2.98
O3 NAG L . -29.12 -6.30 0.62
O4 NAG L . -31.79 -5.19 -0.30
O5 NAG L . -32.80 -8.04 1.64
O6 NAG L . -33.52 -8.13 -1.10
O7 NAG L . -29.08 -9.83 3.37
C1 NAG L . -31.66 -5.03 -1.68
C2 NAG L . -32.34 -3.70 -2.00
C3 NAG L . -32.31 -3.52 -3.49
C4 NAG L . -30.86 -3.51 -3.95
C5 NAG L . -30.19 -4.83 -3.54
C6 NAG L . -28.72 -4.85 -3.98
C7 NAG L . -33.99 -2.95 -0.36
C8 NAG L . -35.45 -2.98 -0.06
N2 NAG L . -33.68 -3.61 -1.48
O3 NAG L . -32.97 -2.36 -3.94
O4 NAG L . -30.88 -3.29 -5.33
O5 NAG L . -30.29 -5.01 -2.10
O6 NAG L . -27.89 -4.18 -3.01
O7 NAG L . -33.22 -2.33 0.41
C1 BMA L . -30.32 -2.07 -5.81
C2 BMA L . -29.43 -2.45 -6.99
C3 BMA L . -28.91 -1.18 -7.72
C4 BMA L . -30.04 -0.14 -7.94
C5 BMA L . -30.87 0.03 -6.66
C6 BMA L . -32.10 0.92 -6.81
O2 BMA L . -30.08 -3.35 -7.90
O3 BMA L . -28.28 -1.65 -8.93
O4 BMA L . -29.44 1.11 -8.26
O5 BMA L . -31.38 -1.22 -6.25
O6 BMA L . -32.89 0.53 -7.91
C1 MAN L . -33.83 -0.51 -7.62
C2 MAN L . -33.75 -1.54 -8.74
C3 MAN L . -34.22 -0.89 -10.03
C4 MAN L . -35.65 -0.33 -9.89
C5 MAN L . -35.76 0.58 -8.65
C6 MAN L . -37.21 1.07 -8.40
O2 MAN L . -34.59 -2.67 -8.40
O3 MAN L . -34.11 -1.82 -11.13
O4 MAN L . -35.90 0.52 -11.03
O5 MAN L . -35.21 -0.11 -7.52
O6 MAN L . -37.97 0.14 -7.59
C1 NAG L . -33.87 -3.70 -7.61
C2 NAG L . -34.86 -4.41 -6.63
C3 NAG L . -34.15 -5.59 -5.89
C4 NAG L . -33.29 -6.48 -6.86
C5 NAG L . -32.39 -5.66 -7.78
C6 NAG L . -31.79 -6.67 -8.76
C7 NAG L . -36.63 -2.84 -5.78
C8 NAG L . -37.00 -1.91 -4.64
N2 NAG L . -35.46 -3.48 -5.66
O3 NAG L . -35.18 -6.32 -5.15
O4 NAG L . -32.36 -7.42 -6.25
O5 NAG L . -33.17 -4.66 -8.44
O6 NAG L . -31.78 -6.18 -10.11
O7 NAG L . -37.36 -3.00 -6.74
C1 MAN L . -27.15 -0.87 -9.39
C2 MAN L . -26.86 -1.32 -10.83
C3 MAN L . -26.25 -2.73 -10.71
C4 MAN L . -25.01 -2.63 -9.78
C5 MAN L . -25.48 -2.22 -8.39
C6 MAN L . -24.42 -2.20 -7.29
O2 MAN L . -26.02 -0.38 -11.52
O3 MAN L . -26.08 -3.27 -12.03
O4 MAN L . -24.29 -3.83 -9.69
O5 MAN L . -25.95 -0.89 -8.58
O6 MAN L . -23.31 -1.50 -7.83
C1 FUC L . -34.49 -8.48 -2.12
C2 FUC L . -33.61 -8.91 -3.30
C3 FUC L . -32.77 -10.10 -2.88
C4 FUC L . -33.59 -11.17 -2.18
C5 FUC L . -34.52 -10.61 -1.10
C6 FUC L . -35.37 -11.71 -0.47
O2 FUC L . -32.64 -7.94 -3.72
O3 FUC L . -32.19 -10.59 -4.07
O4 FUC L . -34.34 -11.87 -3.19
O5 FUC L . -35.32 -9.56 -1.70
C1 NAG M . -5.88 16.99 47.40
C2 NAG M . -7.01 17.07 46.38
C3 NAG M . -8.15 18.00 46.82
C4 NAG M . -8.73 17.60 48.18
C5 NAG M . -7.51 17.56 49.12
C6 NAG M . -7.79 17.14 50.56
C7 NAG M . -6.56 16.62 44.05
C8 NAG M . -6.05 17.16 42.75
N2 NAG M . -6.47 17.46 45.08
O3 NAG M . -9.12 17.91 45.79
O4 NAG M . -9.71 18.58 48.64
O5 NAG M . -6.48 16.67 48.65
O6 NAG M . -7.96 15.73 50.69
O7 NAG M . -7.03 15.50 44.17
C1 NAG M . -11.14 18.49 48.30
C2 NAG M . -12.08 19.02 49.45
C3 NAG M . -13.59 18.99 49.09
C4 NAG M . -13.88 19.48 47.68
C5 NAG M . -12.86 18.94 46.64
C6 NAG M . -13.11 19.43 45.18
C7 NAG M . -10.98 18.72 51.63
C8 NAG M . -10.70 17.71 52.72
N2 NAG M . -11.84 18.28 50.69
O3 NAG M . -14.32 19.86 49.96
O4 NAG M . -15.22 19.04 47.35
O5 NAG M . -11.50 19.20 47.09
O6 NAG M . -12.15 20.40 44.67
O7 NAG M . -10.42 19.83 51.60
C1 BMA M . -16.08 20.18 47.25
C2 BMA M . -17.16 19.96 46.20
C3 BMA M . -18.11 21.17 46.17
C4 BMA M . -18.56 21.50 47.61
C5 BMA M . -17.33 21.70 48.51
C6 BMA M . -17.69 22.11 49.93
O2 BMA M . -17.87 18.75 46.43
O3 BMA M . -19.24 20.90 45.34
O4 BMA M . -19.43 22.64 47.67
O5 BMA M . -16.63 20.46 48.53
O6 BMA M . -16.65 21.70 50.84
C1 MAN M . -17.27 21.52 52.14
C2 MAN M . -16.29 21.76 53.26
C3 MAN M . -15.30 20.61 53.37
C4 MAN M . -16.08 19.32 53.54
C5 MAN M . -17.08 19.11 52.39
C6 MAN M . -18.06 17.94 52.53
O2 MAN M . -17.09 21.88 54.47
O3 MAN M . -14.41 20.77 54.50
O4 MAN M . -15.08 18.32 53.62
O5 MAN M . -17.93 20.26 52.38
O6 MAN M . -17.63 16.84 53.32
C1 MAN M . -13.06 21.10 54.10
C2 MAN M . -12.14 20.94 55.34
C3 MAN M . -12.15 22.17 56.22
C4 MAN M . -11.83 23.42 55.37
C5 MAN M . -12.95 23.51 54.31
C6 MAN M . -13.04 24.84 53.54
O2 MAN M . -10.79 20.65 54.97
O3 MAN M . -11.23 22.00 57.29
O4 MAN M . -11.65 24.58 56.21
O5 MAN M . -12.82 22.37 53.43
O6 MAN M . -11.92 24.89 52.68
C1 MAN M . -18.92 20.83 43.92
C2 MAN M . -19.09 22.20 43.23
C3 MAN M . -20.60 22.54 43.08
C4 MAN M . -21.23 21.34 42.28
C5 MAN M . -21.06 20.06 43.13
C6 MAN M . -21.90 18.88 42.62
O2 MAN M . -18.36 22.13 41.99
O3 MAN M . -20.92 23.89 42.63
O4 MAN M . -22.58 21.47 41.87
O5 MAN M . -19.64 19.79 43.23
O6 MAN M . -22.27 18.01 43.72
C1 NAG N . 18.39 -19.05 41.87
C2 NAG N . 18.87 -20.48 42.21
C3 NAG N . 19.77 -20.96 41.07
C4 NAG N . 19.09 -20.91 39.69
C5 NAG N . 18.44 -19.53 39.44
C6 NAG N . 17.48 -19.61 38.24
C7 NAG N . 19.08 -20.85 44.62
C8 NAG N . 19.95 -20.69 45.84
N2 NAG N . 19.64 -20.51 43.44
O3 NAG N . 20.22 -22.29 41.29
O4 NAG N . 20.16 -21.17 38.73
O5 NAG N . 17.70 -19.09 40.60
O6 NAG N . 16.66 -20.77 38.41
O7 NAG N . 17.93 -21.23 44.73
C1 NAG N . 19.97 -22.20 37.78
C2 NAG N . 20.87 -21.80 36.63
C3 NAG N . 20.85 -22.89 35.56
C4 NAG N . 21.24 -24.18 36.25
C5 NAG N . 20.27 -24.50 37.40
C6 NAG N . 20.61 -25.77 38.17
C7 NAG N . 21.19 -19.39 36.38
C8 NAG N . 20.59 -18.08 35.97
N2 NAG N . 20.42 -20.48 36.19
O3 NAG N . 21.70 -22.60 34.40
O4 NAG N . 21.11 -25.23 35.36
O5 NAG N . 20.33 -23.44 38.33
O6 NAG N . 21.95 -25.86 38.71
O7 NAG N . 22.31 -19.41 36.85
C1 BMA N . 22.29 -25.73 34.79
C2 BMA N . 22.05 -27.24 34.80
C3 BMA N . 23.22 -27.94 34.16
C4 BMA N . 23.57 -27.32 32.80
C5 BMA N . 23.68 -25.80 32.92
C6 BMA N . 23.92 -25.04 31.63
O2 BMA N . 20.88 -27.62 34.07
O3 BMA N . 22.65 -29.25 34.11
O4 BMA N . 24.85 -27.82 32.36
O5 BMA N . 22.50 -25.25 33.46
O6 BMA N . 22.97 -25.35 30.61
C1 MAN N . 21.83 -24.51 30.63
C2 MAN N . 20.66 -25.43 30.44
C3 MAN N . 20.70 -26.02 29.04
C4 MAN N . 20.63 -24.90 28.03
C5 MAN N . 21.72 -23.87 28.29
C6 MAN N . 21.42 -22.59 27.48
O2 MAN N . 19.44 -24.71 30.67
O3 MAN N . 19.58 -26.86 28.82
O4 MAN N . 20.84 -25.65 26.84
O5 MAN N . 21.72 -23.47 29.66
O6 MAN N . 20.79 -21.63 28.34
C1 NAG N . 18.91 -25.14 31.93
C2 NAG N . 18.26 -23.96 32.66
C3 NAG N . 17.98 -24.50 34.10
C4 NAG N . 17.19 -25.86 34.14
C5 NAG N . 17.70 -26.90 33.15
C6 NAG N . 16.69 -28.06 32.94
C7 NAG N . 18.92 -21.64 31.72
C8 NAG N . 19.87 -20.53 32.03
N2 NAG N . 19.06 -22.70 32.58
O3 NAG N . 17.29 -23.43 34.78
O4 NAG N . 17.22 -26.49 35.46
O5 NAG N . 17.97 -26.27 31.87
O6 NAG N . 15.76 -27.83 31.84
O7 NAG N . 18.14 -21.51 30.77
C1 MAN N . 23.65 -30.27 34.18
C2 MAN N . 23.14 -31.33 33.19
C3 MAN N . 22.16 -32.30 33.85
C4 MAN N . 22.42 -32.61 35.33
C5 MAN N . 22.96 -31.45 36.17
C6 MAN N . 23.54 -31.98 37.49
O2 MAN N . 24.27 -31.95 32.54
O3 MAN N . 22.48 -33.61 33.24
O4 MAN N . 21.09 -32.95 35.76
O5 MAN N . 24.03 -30.82 35.47
O6 MAN N . 24.67 -31.19 37.91
C1 FUC N . 15.73 -21.03 37.35
C2 FUC N . 15.16 -22.44 37.45
C3 FUC N . 14.55 -22.62 38.85
C4 FUC N . 13.40 -21.64 38.94
C5 FUC N . 14.03 -20.26 38.75
C6 FUC N . 12.92 -19.23 38.91
O2 FUC N . 16.13 -23.45 37.31
O3 FUC N . 14.13 -23.95 39.11
O4 FUC N . 12.43 -21.97 37.93
O5 FUC N . 14.67 -20.10 37.47
C1 NAG O . 42.66 -21.57 -11.62
C2 NAG O . 43.92 -20.81 -11.26
C3 NAG O . 44.92 -20.89 -12.43
C4 NAG O . 45.22 -22.36 -12.78
C5 NAG O . 43.88 -23.04 -13.10
C6 NAG O . 43.92 -24.54 -13.37
C7 NAG O . 43.68 -19.00 -9.66
C8 NAG O . 43.39 -17.57 -9.34
N2 NAG O . 43.55 -19.44 -10.91
O3 NAG O . 46.10 -20.11 -12.15
O4 NAG O . 46.14 -22.45 -13.93
O5 NAG O . 42.98 -22.89 -12.00
O6 NAG O . 44.02 -25.32 -12.14
O7 NAG O . 44.07 -19.74 -8.79
C1 NAG O . 47.46 -23.04 -13.69
C2 NAG O . 48.04 -23.61 -15.02
C3 NAG O . 49.56 -23.93 -14.89
C4 NAG O . 50.29 -22.74 -14.23
C5 NAG O . 49.67 -22.48 -12.85
C6 NAG O . 50.46 -21.48 -11.98
C7 NAG O . 46.32 -24.88 -16.39
C8 NAG O . 45.59 -26.19 -16.58
N2 NAG O . 47.25 -24.81 -15.41
O3 NAG O . 50.28 -24.20 -16.12
O4 NAG O . 51.72 -22.97 -14.18
O5 NAG O . 48.32 -22.06 -13.09
O6 NAG O . 49.65 -20.36 -11.56
O7 NAG O . 46.06 -23.92 -17.10
C1 NAG P . 15.50 -31.26 21.59
C2 NAG P . 14.78 -32.15 22.65
C3 NAG P . 13.89 -31.24 23.51
C4 NAG P . 14.67 -30.12 24.17
C5 NAG P . 15.49 -29.35 23.15
C6 NAG P . 16.46 -28.42 23.86
C7 NAG P . 14.27 -34.27 21.43
C8 NAG P . 13.22 -34.91 20.57
N2 NAG P . 13.91 -33.10 21.99
O3 NAG P . 13.13 -31.91 24.53
O4 NAG P . 13.69 -29.22 24.74
O5 NAG P . 16.24 -30.24 22.32
O6 NAG P . 17.42 -29.29 24.49
O7 NAG P . 15.36 -34.80 21.54
C1 NAG P . 13.87 -28.91 26.13
C2 NAG P . 13.11 -27.60 26.29
C3 NAG P . 13.15 -27.17 27.75
C4 NAG P . 12.59 -28.27 28.62
C5 NAG P . 13.37 -29.56 28.38
C6 NAG P . 12.79 -30.73 29.13
C7 NAG P . 13.04 -26.27 24.26
C8 NAG P . 13.76 -25.29 23.39
N2 NAG P . 13.66 -26.61 25.39
O3 NAG P . 12.41 -25.96 27.91
O4 NAG P . 12.76 -27.92 29.99
O5 NAG P . 13.32 -29.91 26.98
O6 NAG P . 11.44 -30.99 28.73
O7 NAG P . 11.96 -26.75 23.94
C1 BMA P . 11.48 -27.70 30.58
C2 BMA P . 11.60 -28.11 32.02
C3 BMA P . 10.38 -27.70 32.81
C4 BMA P . 10.09 -26.24 32.63
C5 BMA P . 10.01 -25.89 31.15
C6 BMA P . 9.93 -24.37 31.02
O2 BMA P . 12.75 -27.47 32.58
O3 BMA P . 10.68 -27.94 34.18
O4 BMA P . 8.84 -25.89 33.23
O5 BMA P . 11.18 -26.32 30.47
O6 BMA P . 10.90 -23.81 31.89
C1 MAN P . 9.52 -28.37 34.90
C2 MAN P . 9.89 -28.39 36.37
C3 MAN P . 10.99 -29.42 36.58
C4 MAN P . 10.50 -30.77 36.08
C5 MAN P . 10.10 -30.65 34.62
C6 MAN P . 9.58 -31.98 34.09
O2 MAN P . 8.76 -28.73 37.17
O3 MAN P . 11.33 -29.49 37.96
O4 MAN P . 11.53 -31.74 36.22
O5 MAN P . 9.08 -29.65 34.47
O6 MAN P . 8.40 -32.35 34.82
C1 MAN P . 12.12 -23.63 31.16
C2 MAN P . 13.29 -24.05 32.05
C3 MAN P . 13.37 -23.11 33.23
C4 MAN P . 13.49 -21.68 32.74
C5 MAN P . 12.32 -21.36 31.82
C6 MAN P . 12.40 -19.94 31.25
O2 MAN P . 14.52 -24.04 31.31
O3 MAN P . 14.53 -23.43 34.01
O4 MAN P . 13.48 -20.80 33.85
O5 MAN P . 12.26 -22.28 30.74
O6 MAN P . 13.50 -19.86 30.34
C1 FUC P . 18.30 -28.61 25.42
C2 FUC P . 18.38 -29.42 26.72
C3 FUC P . 19.04 -30.77 26.51
C4 FUC P . 20.37 -30.52 25.84
C5 FUC P . 20.15 -29.71 24.53
C6 FUC P . 21.37 -29.56 23.63
O2 FUC P . 17.12 -29.71 27.30
O3 FUC P . 19.18 -31.37 27.80
O4 FUC P . 21.21 -29.85 26.79
O5 FUC P . 19.61 -28.42 24.89
C1 NAG Q . -12.14 -49.61 4.47
C2 NAG Q . -13.60 -49.89 4.09
C3 NAG Q . -14.17 -50.92 5.06
C4 NAG Q . -13.24 -52.15 5.13
C5 NAG Q . -11.76 -51.77 5.40
C6 NAG Q . -10.71 -52.85 5.14
C7 NAG Q . -14.89 -48.14 2.99
C8 NAG Q . -15.67 -46.86 3.19
N2 NAG Q . -14.36 -48.65 4.09
O3 NAG Q . -15.52 -51.29 4.68
O4 NAG Q . -13.77 -52.94 6.21
O5 NAG Q . -11.35 -50.78 4.49
O6 NAG Q . -10.49 -53.55 6.38
O7 NAG Q . -14.77 -48.68 1.89
C1 NAG Q . -14.53 -54.08 5.76
C2 NAG Q . -14.69 -55.04 6.93
C3 NAG Q . -15.44 -56.26 6.37
C4 NAG Q . -16.72 -55.88 5.61
C5 NAG Q . -16.41 -54.87 4.50
C6 NAG Q . -17.60 -54.51 3.58
C7 NAG Q . -12.80 -54.77 8.66
C8 NAG Q . -11.40 -55.23 8.99
N2 NAG Q . -13.35 -55.31 7.52
O3 NAG Q . -15.82 -57.19 7.41
O4 NAG Q . -17.31 -57.05 5.04
O5 NAG Q . -15.80 -53.74 5.15
O6 NAG Q . -18.28 -53.29 3.93
O7 NAG Q . -13.36 -53.98 9.44
C1 NAG R . -36.95 -53.27 -11.81
C2 NAG R . -37.31 -54.31 -12.85
C3 NAG R . -37.96 -55.50 -12.16
C4 NAG R . -37.05 -56.03 -11.06
C5 NAG R . -36.70 -54.91 -10.10
C6 NAG R . -35.69 -55.34 -9.06
C7 NAG R . -37.68 -53.39 -15.05
C8 NAG R . -38.58 -52.58 -15.94
N2 NAG R . -38.14 -53.68 -13.84
O3 NAG R . -38.24 -56.51 -13.12
O4 NAG R . -36.67 -57.11 -10.88
O5 NAG R . -36.12 -53.81 -10.80
O6 NAG R . -35.36 -54.27 -8.18
O7 NAG R . -36.57 -53.76 -15.42
C1 NAG R . -37.18 -58.27 -10.53
C2 NAG R . -37.53 -59.10 -9.29
C3 NAG R . -36.99 -60.51 -9.47
C4 NAG R . -37.52 -61.12 -10.76
C5 NAG R . -37.18 -60.21 -11.93
C6 NAG R . -37.81 -60.68 -13.23
C7 NAG R . -37.81 -57.89 -7.20
C8 NAG R . -37.15 -57.39 -5.95
N2 NAG R . -37.01 -58.49 -8.08
O3 NAG R . -37.35 -61.29 -8.34
O4 NAG R . -36.90 -62.37 -10.96
O5 NAG R . -37.70 -58.88 -11.70
O6 NAG R . -39.23 -60.65 -13.13
O7 NAG R . -39.02 -57.77 -7.39
C1 BMA R . -37.88 -63.40 -10.77
C2 BMA R . -37.19 -64.72 -11.04
C3 BMA R . -38.16 -65.87 -10.81
C4 BMA R . -38.70 -65.78 -9.39
C5 BMA R . -39.33 -64.42 -9.17
C6 BMA R . -39.80 -64.27 -7.73
O2 BMA R . -36.08 -64.87 -10.16
O3 BMA R . -37.43 -67.08 -10.97
O4 BMA R . -39.67 -66.81 -9.20
O5 BMA R . -38.39 -63.39 -9.44
O6 BMA R . -40.81 -65.24 -7.45
C1 MAN R . -38.12 -67.97 -11.85
C2 MAN R . -37.18 -69.09 -12.21
C3 MAN R . -36.04 -68.57 -13.08
C4 MAN R . -36.63 -67.89 -14.30
C5 MAN R . -37.59 -66.81 -13.88
C6 MAN R . -38.26 -66.14 -15.07
O2 MAN R . -37.90 -70.09 -12.93
O3 MAN R . -35.18 -69.64 -13.45
O4 MAN R . -35.58 -67.32 -15.10
O5 MAN R . -38.61 -67.36 -13.05
O6 MAN R . -39.10 -65.08 -14.61
C1 NAG S . 11.07 -31.23 -28.01
C2 NAG S . 12.14 -31.22 -29.10
C3 NAG S . 12.13 -29.84 -29.73
C4 NAG S . 10.76 -29.50 -30.29
C5 NAG S . 9.67 -29.70 -29.20
C6 NAG S . 8.25 -29.52 -29.72
C7 NAG S . 13.94 -32.67 -28.44
C8 NAG S . 15.23 -32.71 -27.69
N2 NAG S . 13.43 -31.45 -28.54
O3 NAG S . 13.06 -29.62 -30.78
O4 NAG S . 10.93 -28.12 -30.70
O5 NAG S . 9.77 -31.00 -28.63
O6 NAG S . 8.07 -30.61 -30.61
O7 NAG S . 13.37 -33.67 -28.87
C1 NAG S . 10.29 -27.74 -31.93
C2 NAG S . 9.78 -26.30 -31.79
C3 NAG S . 9.28 -25.74 -33.11
C4 NAG S . 10.39 -25.91 -34.14
C5 NAG S . 10.88 -27.38 -34.20
C6 NAG S . 12.09 -27.62 -35.12
C7 NAG S . 8.95 -25.59 -29.55
C8 NAG S . 7.71 -25.52 -28.77
N2 NAG S . 8.75 -26.15 -30.76
O3 NAG S . 8.91 -24.34 -32.95
O4 NAG S . 9.89 -25.50 -35.42
O5 NAG S . 11.31 -27.83 -32.92
O6 NAG S . 13.27 -27.10 -34.50
O7 NAG S . 10.00 -25.17 -29.08
C1 BMA S . 10.53 -24.30 -35.94
C2 BMA S . 10.75 -24.62 -37.40
C3 BMA S . 11.24 -23.36 -38.14
C4 BMA S . 10.41 -22.09 -37.88
C5 BMA S . 10.07 -21.93 -36.38
C6 BMA S . 8.92 -20.92 -36.11
O2 BMA S . 9.54 -25.22 -37.95
O3 BMA S . 11.21 -23.72 -39.53
O4 BMA S . 11.19 -20.98 -38.34
O5 BMA S . 9.63 -23.18 -35.82
O6 BMA S . 7.57 -21.44 -35.85
C1 MAN S . 12.27 -23.15 -40.34
C2 MAN S . 11.89 -23.39 -41.81
C3 MAN S . 12.09 -24.90 -42.10
C4 MAN S . 13.55 -25.34 -41.74
C5 MAN S . 13.71 -25.09 -40.23
C6 MAN S . 14.90 -25.73 -39.45
O2 MAN S . 12.64 -22.53 -42.68
O3 MAN S . 11.65 -25.13 -43.44
O4 MAN S . 13.87 -26.72 -42.02
O5 MAN S . 13.60 -23.65 -40.12
O6 MAN S . 16.15 -25.00 -39.49
C1 MAN S . 6.67 -21.39 -37.01
C2 MAN S . 5.47 -20.55 -36.62
C3 MAN S . 5.01 -21.08 -35.27
C4 MAN S . 4.85 -22.66 -35.40
C5 MAN S . 5.96 -23.41 -36.21
C6 MAN S . 5.67 -24.87 -36.64
O2 MAN S . 4.52 -20.72 -37.72
O3 MAN S . 3.85 -20.25 -34.89
O4 MAN S . 4.83 -23.35 -34.11
O5 MAN S . 6.16 -22.68 -37.40
O6 MAN S . 6.59 -25.85 -36.08
C1 FUC S . 6.77 -30.64 -31.26
C2 FUC S . 6.93 -31.03 -32.73
C3 FUC S . 7.52 -32.44 -32.88
C4 FUC S . 6.56 -33.39 -32.20
C5 FUC S . 6.46 -32.92 -30.72
C6 FUC S . 5.69 -33.92 -29.87
O2 FUC S . 7.90 -30.19 -33.31
O3 FUC S . 7.73 -32.95 -34.20
O4 FUC S . 5.36 -33.38 -33.00
O5 FUC S . 5.88 -31.58 -30.63
C1 NAG T . -10.41 21.34 -43.41
C2 NAG T . -9.48 21.98 -42.37
C3 NAG T . -9.24 23.49 -42.59
C4 NAG T . -8.74 23.68 -44.02
C5 NAG T . -9.86 23.13 -44.95
C6 NAG T . -9.63 23.30 -46.45
C7 NAG T . -9.23 20.92 -40.17
C8 NAG T . -9.78 20.78 -38.78
N2 NAG T . -9.90 21.75 -40.99
O3 NAG T . -8.22 23.93 -41.69
O4 NAG T . -8.87 24.88 -43.56
O5 NAG T . -10.00 21.72 -44.71
O6 NAG T . -8.53 22.50 -46.91
O7 NAG T . -8.23 20.33 -40.50
C1 NAG T . -8.49 26.27 -43.80
C2 NAG T . -8.01 27.43 -44.72
C3 NAG T . -6.57 27.92 -44.46
C4 NAG T . -6.34 28.19 -42.97
C5 NAG T . -6.62 26.81 -42.30
C6 NAG T . -6.15 26.67 -40.84
C7 NAG T . -9.21 27.05 -46.85
C8 NAG T . -9.03 26.54 -48.28
N2 NAG T . -8.08 27.02 -46.13
O3 NAG T . -6.32 29.16 -45.12
O4 NAG T . -5.07 28.87 -42.67
O5 NAG T . -8.05 26.54 -42.46
O6 NAG T . -7.03 27.34 -39.92
O7 NAG T . -10.30 27.45 -46.39
C1 BMA T . -5.21 30.30 -42.32
C2 BMA T . -4.39 30.83 -41.11
C3 BMA T . -4.92 32.26 -40.80
C4 BMA T . -4.76 33.16 -42.02
C5 BMA T . -5.49 32.51 -43.17
C6 BMA T . -5.40 33.38 -44.41
O2 BMA T . -2.96 30.84 -41.35
O3 BMA T . -4.33 32.95 -39.67
O4 BMA T . -5.30 34.46 -41.75
O5 BMA T . -4.96 31.18 -43.40
O6 BMA T . -5.81 32.61 -45.53
C1 MAN T . -5.24 33.08 -46.78
C2 MAN T . -6.32 32.87 -47.83
C3 MAN T . -6.27 31.39 -48.31
C4 MAN T . -4.84 30.94 -48.65
C5 MAN T . -3.83 31.16 -47.52
C6 MAN T . -2.33 30.72 -47.75
O2 MAN T . -6.30 33.88 -48.86
O3 MAN T . -7.18 31.18 -49.43
O4 MAN T . -4.94 29.56 -48.93
O5 MAN T . -3.94 32.57 -47.22
O6 MAN T . -1.86 30.35 -49.07
C1 MAN T . -8.31 30.27 -49.21
C2 MAN T . -9.25 30.28 -50.44
C3 MAN T . -10.09 31.57 -50.40
C4 MAN T . -10.90 31.64 -49.08
C5 MAN T . -9.90 31.65 -47.92
C6 MAN T . -10.52 31.81 -46.53
O2 MAN T . -10.06 29.08 -50.52
O3 MAN T . -10.90 31.71 -51.57
O4 MAN T . -11.80 32.76 -49.03
O5 MAN T . -9.12 30.43 -47.99
O6 MAN T . -11.23 30.61 -46.21
C1 MAN T . -5.29 33.56 -38.74
C2 MAN T . -4.59 34.63 -37.91
C3 MAN T . -3.51 33.93 -37.03
C4 MAN T . -4.09 32.81 -36.18
C5 MAN T . -4.86 31.86 -37.10
C6 MAN T . -5.46 30.64 -36.38
O2 MAN T . -5.58 35.41 -37.19
O3 MAN T . -2.74 34.83 -36.24
O4 MAN T . -3.05 32.12 -35.50
O5 MAN T . -5.86 32.62 -37.82
O6 MAN T . -5.82 29.66 -37.36
C1 NAG U . -1.40 -21.51 -46.05
C2 NAG U . -0.76 -22.73 -46.66
C3 NAG U . -1.02 -23.87 -45.69
C4 NAG U . -0.43 -23.58 -44.33
C5 NAG U . -0.92 -22.23 -43.81
C6 NAG U . -0.12 -21.77 -42.58
C7 NAG U . -0.67 -22.69 -49.09
C8 NAG U . -1.24 -23.20 -50.41
N2 NAG U . -1.31 -23.04 -47.98
O3 NAG U . -0.44 -25.09 -46.15
O4 NAG U . -0.94 -24.61 -43.45
O5 NAG U . -0.74 -21.28 -44.83
O6 NAG U . 1.19 -22.25 -42.73
O7 NAG U . 0.34 -22.00 -49.00
C1 NAG U . 0.02 -25.40 -42.70
C2 NAG U . -0.72 -25.99 -41.46
C3 NAG U . 0.25 -26.80 -40.58
C4 NAG U . 0.94 -27.83 -41.44
C5 NAG U . 1.60 -27.14 -42.69
C6 NAG U . 2.25 -28.13 -43.65
C7 NAG U . -2.61 -24.53 -40.74
C8 NAG U . -2.87 -23.38 -39.82
N2 NAG U . -1.34 -24.89 -40.69
O3 NAG U . -0.38 -27.44 -39.45
O4 NAG U . 1.85 -28.53 -40.58
O5 NAG U . 0.65 -26.41 -43.49
O6 NAG U . 1.23 -28.97 -44.21
O7 NAG U . -3.46 -25.08 -41.44
C1 BMA U . 1.48 -29.95 -40.48
C2 BMA U . 2.64 -30.88 -40.80
C3 BMA U . 2.28 -32.34 -40.49
C4 BMA U . 1.68 -32.53 -39.08
C5 BMA U . 0.55 -31.54 -38.92
C6 BMA U . -0.01 -31.55 -37.49
O2 BMA U . 3.75 -30.49 -40.00
O3 BMA U . 3.55 -32.98 -40.61
O4 BMA U . 1.17 -33.86 -38.81
O5 BMA U . 1.07 -30.25 -39.15
O6 BMA U . 0.89 -31.10 -36.46
C1 MAN U . 3.57 -34.39 -40.87
C2 MAN U . 4.92 -34.86 -40.26
C3 MAN U . 6.06 -34.25 -41.10
C4 MAN U . 5.85 -34.79 -42.53
C5 MAN U . 4.51 -34.21 -43.04
C6 MAN U . 4.29 -34.42 -44.54
O2 MAN U . 5.06 -36.28 -40.25
O3 MAN U . 7.36 -34.43 -40.50
O4 MAN U . 6.94 -34.49 -43.39
O5 MAN U . 3.44 -34.77 -42.26
O6 MAN U . 4.25 -35.81 -44.84
C1 MAN U . 1.04 -29.65 -36.32
C2 MAN U . 2.53 -29.29 -36.26
C3 MAN U . 3.06 -30.07 -35.02
C4 MAN U . 2.35 -29.51 -33.78
C5 MAN U . 0.82 -29.58 -33.96
C6 MAN U . 0.14 -28.70 -32.91
O2 MAN U . 2.68 -27.83 -36.33
O3 MAN U . 4.48 -30.07 -34.84
O4 MAN U . 2.77 -30.32 -32.68
O5 MAN U . 0.39 -29.05 -35.20
O6 MAN U . 0.30 -27.31 -33.31
C1 FUC U . 2.15 -21.71 -41.82
C2 FUC U . 3.54 -22.26 -42.11
C3 FUC U . 4.21 -21.70 -43.36
C4 FUC U . 4.21 -20.20 -43.20
C5 FUC U . 2.78 -19.72 -42.98
C6 FUC U . 2.88 -18.21 -42.96
O2 FUC U . 3.48 -23.63 -42.39
O3 FUC U . 5.56 -22.16 -43.55
O4 FUC U . 5.05 -19.82 -42.10
O5 FUC U . 2.21 -20.28 -41.77
C1 NAG V . 11.52 62.36 37.06
C2 NAG V . 10.56 63.15 36.14
C3 NAG V . 9.75 64.21 36.87
C4 NAG V . 9.01 63.55 38.03
C5 NAG V . 10.03 62.74 38.90
C6 NAG V . 9.44 61.91 40.04
C7 NAG V . 11.16 63.18 33.80
C8 NAG V . 11.77 63.82 32.58
N2 NAG V . 11.20 63.80 34.99
O3 NAG V . 8.80 64.82 35.96
O4 NAG V . 8.34 64.62 38.75
O5 NAG V . 10.75 61.80 38.10
O6 NAG V . 9.07 60.61 39.57
O7 NAG V . 10.61 62.10 33.71
C1 NAG V . 6.92 64.34 38.94
C2 NAG V . 6.34 65.00 40.21
C3 NAG V . 4.85 64.60 40.30
C4 NAG V . 3.99 64.98 39.07
C5 NAG V . 4.75 64.48 37.81
C6 NAG V . 4.15 65.14 36.55
C7 NAG V . 8.06 65.43 42.08
C8 NAG V . 8.28 65.06 43.53
N2 NAG V . 7.02 64.73 41.51
O3 NAG V . 4.30 65.27 41.42
O4 NAG V . 2.62 64.40 39.16
O5 NAG V . 6.15 64.81 37.82
O6 NAG V . 5.18 65.77 35.77
O7 NAG V . 8.76 66.33 41.56
C1 BMA V . 1.36 65.12 39.44
C2 BMA V . 1.56 66.33 40.38
C3 BMA V . 0.40 67.32 40.37
C4 BMA V . -0.13 67.50 38.95
C5 BMA V . -0.55 66.14 38.34
C6 BMA V . -1.35 66.24 37.03
O2 BMA V . 2.72 67.11 40.11
O3 BMA V . 0.85 68.61 40.86
O4 BMA V . -1.13 68.51 38.95
O5 BMA V . 0.71 65.47 38.19
O6 BMA V . -2.75 66.40 37.34
C1 MAN V . -3.41 67.37 36.48
C2 MAN V . -2.98 68.87 36.55
C3 MAN V . -3.65 69.70 37.69
C4 MAN V . -5.11 69.59 37.64
C5 MAN V . -5.53 68.14 37.53
C6 MAN V . -6.97 68.35 37.03
O2 MAN V . -3.26 69.49 35.28
O3 MAN V . -3.70 71.13 37.59
O4 MAN V . -5.44 70.31 38.84
O5 MAN V . -4.85 67.38 36.51
O6 MAN V . -7.09 69.20 35.85
C1 NAG W . -6.42 66.58 13.91
C2 NAG W . -7.73 65.89 13.47
C3 NAG W . -8.96 66.63 14.06
C4 NAG W . -8.85 66.91 15.58
C5 NAG W . -7.47 67.47 15.91
C6 NAG W . -7.16 67.52 17.42
C7 NAG W . -7.79 64.64 11.32
C8 NAG W . -7.66 64.81 9.84
N2 NAG W . -7.72 65.78 12.01
O3 NAG W . -10.12 65.82 13.83
O4 NAG W . -9.78 67.93 16.06
O5 NAG W . -6.45 66.66 15.34
O6 NAG W . -6.18 68.56 17.60
O7 NAG W . -7.94 63.53 11.79
C1 NAG W . -10.98 67.39 16.66
C2 NAG W . -11.72 68.21 17.77
C3 NAG W . -12.88 67.29 18.19
C4 NAG W . -13.82 67.06 17.00
C5 NAG W . -13.07 66.44 15.82
C6 NAG W . -13.95 66.35 14.55
C7 NAG W . -10.51 68.37 20.11
C8 NAG W . -10.18 69.32 21.27
N2 NAG W . -11.08 68.87 18.98
O3 NAG W . -13.64 67.81 19.30
O4 NAG W . -14.84 66.17 17.45
O5 NAG W . -11.90 67.22 15.56
O6 NAG W . -13.31 66.93 13.40
O7 NAG W . -10.26 67.18 20.23
C1 NAG X . 28.32 24.58 22.15
C2 NAG X . 28.32 23.08 22.08
C3 NAG X . 29.26 22.63 20.95
C4 NAG X . 28.84 23.23 19.62
C5 NAG X . 28.64 24.73 19.81
C6 NAG X . 27.85 25.38 18.71
C7 NAG X . 27.96 21.85 24.19
C8 NAG X . 28.58 21.27 25.47
N2 NAG X . 28.76 22.54 23.35
O3 NAG X . 29.37 21.19 20.91
O4 NAG X . 29.97 23.14 18.72
O5 NAG X . 27.85 25.04 20.91
O6 NAG X . 26.85 24.44 18.34
O7 NAG X . 26.79 21.68 23.93
C1 NAG X . 29.74 22.61 17.43
C2 NAG X . 30.88 23.08 16.53
C3 NAG X . 30.78 22.41 15.15
C4 NAG X . 30.79 20.90 15.41
C5 NAG X . 29.67 20.46 16.34
C6 NAG X . 29.86 18.99 16.69
C7 NAG X . 31.74 25.30 17.07
C8 NAG X . 31.57 26.76 16.87
N2 NAG X . 30.90 24.52 16.37
O3 NAG X . 31.83 22.86 14.24
O4 NAG X . 30.44 20.22 14.24
O5 NAG X . 29.76 21.20 17.53
O6 NAG X . 30.98 18.97 17.63
O7 NAG X . 32.62 24.88 17.85
C1 BMA X . 31.50 19.51 13.70
C2 BMA X . 30.88 18.36 12.95
C3 BMA X . 32.01 17.63 12.23
C4 BMA X . 32.81 18.59 11.31
C5 BMA X . 33.27 19.79 12.13
C6 BMA X . 33.94 20.84 11.25
O2 BMA X . 29.93 18.88 11.99
O3 BMA X . 31.36 16.60 11.50
O4 BMA X . 34.02 18.01 10.81
O5 BMA X . 32.15 20.40 12.78
O6 BMA X . 33.16 21.13 10.07
C1 MAN X . 32.24 15.50 11.44
C2 MAN X . 31.60 14.51 10.49
C3 MAN X . 30.40 13.98 11.24
C4 MAN X . 30.83 13.39 12.60
C5 MAN X . 31.39 14.54 13.47
C6 MAN X . 31.81 14.26 14.93
O2 MAN X . 32.52 13.47 10.08
O3 MAN X . 29.73 13.07 10.39
O4 MAN X . 29.73 12.67 13.16
O5 MAN X . 32.54 14.96 12.75
O6 MAN X . 32.64 13.07 15.01
C1 MAN X . 32.04 22.07 10.23
C2 MAN X . 30.76 21.46 9.58
C3 MAN X . 31.10 21.31 8.08
C4 MAN X . 31.40 22.68 7.50
C5 MAN X . 32.58 23.33 8.24
C6 MAN X . 32.87 24.76 7.73
O2 MAN X . 29.55 22.18 9.87
O3 MAN X . 30.09 20.68 7.35
O4 MAN X . 31.77 22.39 6.16
O5 MAN X . 32.28 23.38 9.65
O6 MAN X . 32.04 25.71 8.42
C1 FUC X . 26.16 24.93 17.15
C2 FUC X . 25.42 23.74 16.57
C3 FUC X . 24.38 23.30 17.60
C4 FUC X . 23.47 24.49 17.87
C5 FUC X . 24.30 25.65 18.41
C6 FUC X . 23.38 26.79 18.75
O2 FUC X . 26.33 22.66 16.25
O3 FUC X . 23.68 22.15 17.16
O4 FUC X . 22.90 24.90 16.62
O5 FUC X . 25.25 26.01 17.40
C1 NAG Y . 59.98 32.50 -26.90
C2 NAG Y . 61.26 32.84 -26.14
C3 NAG Y . 62.50 32.87 -27.04
C4 NAG Y . 62.55 31.68 -27.98
C5 NAG Y . 61.19 31.45 -28.65
C6 NAG Y . 61.12 30.15 -29.45
C7 NAG Y . 61.05 34.21 -24.17
C8 NAG Y . 60.89 35.53 -23.45
N2 NAG Y . 61.04 34.13 -25.49
O3 NAG Y . 63.68 32.82 -26.23
O4 NAG Y . 63.55 31.99 -29.00
O5 NAG Y . 60.16 31.34 -27.68
O6 NAG Y . 61.08 29.05 -28.56
O7 NAG Y . 61.21 33.19 -23.56
C1 NAG Y . 64.68 31.10 -28.98
C2 NAG Y . 65.28 30.83 -30.37
C3 NAG Y . 66.41 29.80 -30.14
C4 NAG Y . 67.41 30.27 -29.07
C5 NAG Y . 66.65 30.62 -27.79
C6 NAG Y . 67.53 31.23 -26.71
C7 NAG Y . 63.59 31.13 -32.20
C8 NAG Y . 62.43 30.53 -32.99
N2 NAG Y . 64.27 30.34 -31.33
O3 NAG Y . 67.15 29.54 -31.33
O4 NAG Y . 68.39 29.21 -28.85
O5 NAG Y . 65.66 31.60 -28.09
O6 NAG Y . 68.23 30.17 -26.06
O7 NAG Y . 63.86 32.29 -32.33
C1 BMA Y . 69.76 29.68 -28.72
C2 BMA Y . 70.62 28.77 -27.83
C3 BMA Y . 71.99 29.44 -27.62
C4 BMA Y . 72.65 29.76 -28.97
C5 BMA Y . 71.70 30.60 -29.84
C6 BMA Y . 72.24 30.87 -31.24
O2 BMA Y . 70.80 27.45 -28.40
O3 BMA Y . 72.78 28.60 -26.77
O4 BMA Y . 73.88 30.47 -28.81
O5 BMA Y . 70.46 29.87 -29.97
O6 BMA Y . 71.30 30.28 -32.18
C1 MAN Y . 70.94 31.14 -33.29
C2 MAN Y . 69.99 32.34 -32.96
C3 MAN Y . 68.52 32.09 -33.30
C4 MAN Y . 68.37 31.29 -34.61
C5 MAN Y . 69.18 29.97 -34.55
C6 MAN Y . 68.89 29.03 -35.74
O2 MAN Y . 70.36 33.60 -33.54
O3 MAN Y . 67.86 33.36 -33.44
O4 MAN Y . 67.00 31.05 -34.95
O5 MAN Y . 70.54 30.43 -34.49
O6 MAN Y . 68.57 29.76 -36.93
C1 NAG Z . 79.54 33.83 -4.62
C2 NAG Z . 80.16 32.74 -3.76
C3 NAG Z . 81.51 32.30 -4.29
C4 NAG Z . 81.31 31.91 -5.77
C5 NAG Z . 80.78 33.16 -6.53
C6 NAG Z . 80.68 33.01 -8.05
C7 NAG Z . 79.98 32.32 -1.39
C8 NAG Z . 79.75 32.98 -0.06
N2 NAG Z . 80.20 33.18 -2.38
O3 NAG Z . 81.96 31.23 -3.45
O4 NAG Z . 82.48 32.10 -6.01
O5 NAG Z . 79.50 33.51 -6.01
O6 NAG Z . 80.50 34.33 -8.59
O7 NAG Z . 79.91 31.10 -1.56
C1 NAG Z . 83.74 32.00 -6.13
C2 NAG Z . 84.68 31.80 -7.32
C3 NAG Z . 84.81 30.28 -7.50
C4 NAG Z . 85.63 29.82 -6.28
C5 NAG Z . 84.85 30.13 -4.98
C6 NAG Z . 85.65 30.06 -3.68
C7 NAG Z . 84.60 33.78 -8.78
C8 NAG Z . 85.30 34.60 -7.71
N2 NAG Z . 84.30 32.50 -8.55
O3 NAG Z . 85.36 29.97 -8.79
O4 NAG Z . 86.07 28.46 -6.48
O5 NAG Z . 84.48 31.52 -4.99
O6 NAG Z . 85.29 28.93 -2.91
O7 NAG Z . 84.29 34.26 -9.87
C1 BMA Z . 87.30 28.44 -7.29
C2 BMA Z . 88.49 28.97 -6.43
C3 BMA Z . 89.79 29.02 -7.25
C4 BMA Z . 89.95 27.62 -7.89
C5 BMA Z . 88.73 27.19 -8.76
C6 BMA Z . 88.92 25.81 -9.42
O2 BMA Z . 88.64 28.20 -5.22
O3 BMA Z . 90.84 29.49 -6.35
O4 BMA Z . 91.19 27.54 -8.64
O5 BMA Z . 87.58 27.14 -7.88
O6 BMA Z . 87.71 25.27 -9.96
C1 NAG AA . 26.34 19.72 -1.12
C2 NAG AA . 25.09 19.08 -0.55
C3 NAG AA . 24.30 20.10 0.24
C4 NAG AA . 25.18 20.76 1.29
C5 NAG AA . 26.43 21.35 0.65
C6 NAG AA . 27.42 21.82 1.68
C7 NAG AA . 24.75 17.66 -2.52
C8 NAG AA . 23.92 17.50 -3.75
N2 NAG AA . 24.28 18.50 -1.60
O3 NAG AA . 23.18 19.47 0.84
O4 NAG AA . 24.44 21.81 1.90
O5 NAG AA . 27.12 20.34 -0.11
O6 NAG AA . 27.80 20.71 2.48
O7 NAG AA . 25.81 17.05 -2.36
C1 NAG AA . 24.41 21.60 3.31
C2 NAG AA . 23.93 22.92 3.91
C3 NAG AA . 23.81 22.79 5.42
C4 NAG AA . 22.89 21.63 5.76
C5 NAG AA . 23.41 20.35 5.10
C6 NAG AA . 22.49 19.17 5.29
C7 NAG AA . 24.59 24.88 2.61
C8 NAG AA . 25.74 25.75 2.19
N2 NAG AA . 24.87 23.97 3.54
O3 NAG AA . 23.31 24.01 5.97
O4 NAG AA . 22.89 21.43 7.17
O5 NAG AA . 23.54 20.54 3.67
O6 NAG AA . 21.23 19.41 4.70
O7 NAG AA . 23.49 24.99 2.11
C1 BMA AA . 21.61 21.71 7.75
C2 BMA AA . 21.38 20.64 8.78
C3 BMA AA . 20.11 20.94 9.57
C4 BMA AA . 20.23 22.37 10.21
C5 BMA AA . 20.49 23.36 9.08
C6 BMA AA . 20.68 24.77 9.60
O2 BMA AA . 22.52 20.67 9.63
O3 BMA AA . 20.07 19.75 10.40
O4 BMA AA . 19.11 22.88 10.99
O5 BMA AA . 21.68 22.97 8.43
O6 BMA AA . 21.72 24.85 10.60
C1 MAN AA . 18.81 19.42 11.01
C2 MAN AA . 19.19 18.86 12.37
C3 MAN AA . 19.77 17.45 12.19
C4 MAN AA . 18.67 16.58 11.54
C5 MAN AA . 18.30 17.17 10.17
C6 MAN AA . 17.19 16.30 9.52
O2 MAN AA . 18.00 18.90 13.20
O3 MAN AA . 20.32 16.96 13.43
O4 MAN AA . 19.02 15.19 11.44
O5 MAN AA . 17.88 18.52 10.37
O6 MAN AA . 16.27 17.07 8.69
C1 MAN AA . 23.09 24.79 10.09
C2 MAN AA . 23.90 23.86 10.96
C3 MAN AA . 24.04 24.45 12.37
C4 MAN AA . 24.49 25.90 12.36
C5 MAN AA . 23.73 26.68 11.31
C6 MAN AA . 24.24 28.13 11.21
O2 MAN AA . 25.15 23.63 10.28
O3 MAN AA . 25.00 23.73 13.15
O4 MAN AA . 24.16 26.46 13.64
O5 MAN AA . 23.80 26.02 10.05
O6 MAN AA . 25.43 28.20 10.42
C1 FUC AA . 28.86 21.03 3.38
C2 FUC AA . 28.83 19.93 4.42
C3 FUC AA . 29.16 18.60 3.77
C4 FUC AA . 30.50 18.68 3.07
C5 FUC AA . 30.48 19.82 2.06
C6 FUC AA . 31.81 20.04 1.40
O2 FUC AA . 27.58 19.90 5.06
O3 FUC AA . 29.18 17.58 4.77
O4 FUC AA . 31.54 18.90 4.02
O5 FUC AA . 30.14 21.05 2.72
C1 NAG BA . -53.99 37.58 -27.21
C2 NAG BA . -53.83 38.51 -25.98
C3 NAG BA . -53.92 40.00 -26.32
C4 NAG BA . -53.04 40.23 -27.55
C5 NAG BA . -53.28 39.25 -28.72
C6 NAG BA . -52.42 39.49 -29.98
C7 NAG BA . -54.35 37.85 -23.71
C8 NAG BA . -55.29 37.83 -22.55
N2 NAG BA . -54.77 38.29 -24.90
O3 NAG BA . -53.47 40.76 -25.16
O4 NAG BA . -53.39 41.53 -27.96
O5 NAG BA . -53.08 37.91 -28.26
O6 NAG BA . -51.19 38.76 -29.99
O7 NAG BA . -53.21 37.50 -23.60
C1 NAG BA . -52.23 42.35 -28.02
C2 NAG BA . -52.56 43.43 -29.05
C3 NAG BA . -51.36 44.36 -29.09
C4 NAG BA . -51.15 44.95 -27.67
C5 NAG BA . -50.97 43.83 -26.61
C6 NAG BA . -51.08 44.39 -25.19
C7 NAG BA . -54.33 42.67 -30.70
C8 NAG BA . -54.54 41.95 -32.00
N2 NAG BA . -53.02 42.87 -30.34
O3 NAG BA . -51.67 45.40 -30.02
O4 NAG BA . -50.04 45.89 -27.64
O5 NAG BA . -52.02 42.90 -26.72
O6 NAG BA . -51.84 43.56 -24.30
O7 NAG BA . -55.30 43.00 -30.02
C1 BMA BA . -50.42 47.26 -27.32
C2 BMA BA . -49.19 47.88 -26.72
C3 BMA BA . -49.35 49.37 -26.49
C4 BMA BA . -49.88 50.09 -27.74
C5 BMA BA . -51.16 49.36 -28.15
C6 BMA BA . -51.92 49.94 -29.36
O2 BMA BA . -48.16 47.64 -27.67
O3 BMA BA . -48.02 49.78 -26.23
O4 BMA BA . -50.07 51.52 -27.52
O5 BMA BA . -50.79 48.02 -28.47
O6 BMA BA . -52.81 48.91 -29.85
C1 MAN BA . -47.97 50.75 -25.19
C2 MAN BA . -46.47 51.07 -25.03
C3 MAN BA . -45.84 49.84 -24.36
C4 MAN BA . -46.53 49.55 -23.01
C5 MAN BA . -48.02 49.26 -23.26
C6 MAN BA . -48.79 48.86 -21.97
O2 MAN BA . -46.30 52.25 -24.21
O3 MAN BA . -44.42 49.99 -24.22
O4 MAN BA . -45.93 48.46 -22.30
O5 MAN BA . -48.58 50.42 -23.92
O6 MAN BA . -49.09 50.01 -21.19
C1 MAN BA . -46.28 53.57 -24.82
C2 MAN BA . -46.04 54.63 -23.69
C3 MAN BA . -47.29 54.79 -22.83
C4 MAN BA . -48.44 55.27 -23.73
C5 MAN BA . -48.66 54.25 -24.87
C6 MAN BA . -49.71 54.70 -25.89
O2 MAN BA . -45.62 55.92 -24.18
O3 MAN BA . -47.05 55.69 -21.74
O4 MAN BA . -49.61 55.51 -22.93
O5 MAN BA . -47.42 54.05 -25.59
O6 MAN BA . -49.37 55.97 -26.50
C1 MAN BA . -53.91 49.41 -30.66
C2 MAN BA . -55.23 48.96 -30.01
C3 MAN BA . -55.49 47.45 -30.21
C4 MAN BA . -55.44 47.17 -31.71
C5 MAN BA . -54.10 47.63 -32.32
C6 MAN BA . -54.08 47.29 -33.81
O2 MAN BA . -56.35 49.66 -30.55
O3 MAN BA . -56.75 47.02 -29.63
O4 MAN BA . -55.61 45.75 -31.93
O5 MAN BA . -53.91 49.06 -32.07
O6 MAN BA . -54.27 45.87 -34.01
C1 NAG CA . -42.98 49.30 -2.35
C2 NAG CA . -41.62 49.69 -1.78
C3 NAG CA . -41.32 51.15 -2.10
C4 NAG CA . -41.56 51.54 -3.55
C5 NAG CA . -42.93 51.01 -4.03
C6 NAG CA . -43.13 51.04 -5.55
C7 NAG CA . -40.94 48.67 0.31
C8 NAG CA . -41.41 48.21 1.67
N2 NAG CA . -41.77 49.43 -0.36
O3 NAG CA . -39.94 51.39 -1.87
O4 NAG CA . -41.48 52.99 -3.62
O5 NAG CA . -43.03 49.63 -3.74
O6 NAG CA . -41.97 50.48 -6.20
O7 NAG CA . -39.91 48.35 -0.21
C1 NAG CA . -40.35 53.46 -4.39
C2 NAG CA . -40.62 54.60 -5.41
C3 NAG CA . -39.29 54.82 -6.15
C4 NAG CA . -38.24 55.28 -5.12
C5 NAG CA . -38.05 54.15 -4.11
C6 NAG CA . -37.03 54.43 -3.00
C7 NAG CA . -43.05 54.77 -6.04
C8 NAG CA . -44.07 54.52 -7.14
N2 NAG CA . -41.76 54.43 -6.34
O3 NAG CA . -39.45 55.74 -7.25
O4 NAG CA . -37.01 55.80 -5.71
O5 NAG CA . -39.32 53.89 -3.48
O6 NAG CA . -37.74 54.55 -1.75
O7 NAG CA . -43.34 55.25 -4.91
C1 BMA CA . -37.13 57.25 -5.86
C2 BMA CA . -36.07 58.11 -5.11
C3 BMA CA . -36.50 59.61 -5.21
C4 BMA CA . -36.92 60.04 -6.64
C5 BMA CA . -37.90 59.02 -7.26
C6 BMA CA . -38.37 59.34 -8.69
O2 BMA CA . -34.71 57.88 -5.52
O3 BMA CA . -35.43 60.42 -4.71
O4 BMA CA . -37.54 61.34 -6.58
O5 BMA CA . -37.28 57.71 -7.23
O6 BMA CA . -37.90 58.34 -9.62
C1 NAG DA . -62.73 13.06 -7.57
C2 NAG DA . -62.34 14.43 -8.20
C3 NAG DA . -62.47 15.44 -7.07
C4 NAG DA . -63.89 15.40 -6.45
C5 NAG DA . -64.19 13.98 -5.93
C6 NAG DA . -65.59 13.71 -5.32
C7 NAG DA . -60.68 14.65 -10.04
C8 NAG DA . -59.23 14.83 -10.41
N2 NAG DA . -60.98 14.58 -8.72
O3 NAG DA . -62.08 16.72 -7.61
O4 NAG DA . -64.00 16.29 -5.32
O5 NAG DA . -64.06 13.11 -7.04
O6 NAG DA . -65.47 13.44 -3.90
O7 NAG DA . -61.56 14.57 -10.87
C1 NAG DA . -64.79 17.45 -5.61
C2 NAG DA . -65.16 18.10 -4.27
C3 NAG DA . -65.85 19.47 -4.48
C4 NAG DA . -65.14 20.32 -5.57
C5 NAG DA . -64.83 19.52 -6.84
C6 NAG DA . -63.98 20.27 -7.87
C7 NAG DA . -67.08 16.51 -3.60
C8 NAG DA . -67.60 15.52 -2.57
N2 NAG DA . -65.89 17.14 -3.38
O3 NAG DA . -65.79 20.21 -3.25
O4 NAG DA . -65.97 21.46 -5.92
O5 NAG DA . -64.09 18.34 -6.48
O6 NAG DA . -64.56 21.53 -8.20
O7 NAG DA . -67.74 16.69 -4.60
C1 NAG EA . -62.16 -27.90 27.30
C2 NAG EA . -63.33 -28.48 26.47
C3 NAG EA . -64.17 -29.42 27.34
C4 NAG EA . -63.21 -30.42 28.00
C5 NAG EA . -62.05 -29.74 28.77
C6 NAG EA . -60.95 -30.70 29.28
C7 NAG EA . -64.21 -27.01 24.69
C8 NAG EA . -65.17 -25.92 24.26
N2 NAG EA . -64.20 -27.41 25.97
O3 NAG EA . -65.19 -30.10 26.59
O4 NAG EA . -63.99 -31.25 28.90
O5 NAG EA . -61.35 -28.87 27.90
O6 NAG EA . -60.28 -31.35 28.18
O7 NAG EA . -63.45 -27.54 23.92
C1 NAG EA . -64.14 -32.57 28.35
C2 NAG EA . -64.43 -33.51 29.51
C3 NAG EA . -64.66 -34.92 28.96
C4 NAG EA . -65.74 -34.91 27.88
C5 NAG EA . -65.39 -33.89 26.76
C6 NAG EA . -66.48 -33.65 25.72
C7 NAG EA . -63.29 -32.78 31.54
C8 NAG EA . -62.10 -32.96 32.49
N2 NAG EA . -63.32 -33.52 30.43
O3 NAG EA . -65.06 -35.78 30.04
O4 NAG EA . -65.93 -36.29 27.43
O5 NAG EA . -65.18 -32.60 27.36
O6 NAG EA . -67.44 -32.74 26.28
O7 NAG EA . -64.23 -32.01 31.72
C1 BMA EA . -67.14 -36.84 28.02
C2 BMA EA . -67.79 -37.93 27.16
C3 BMA EA . -69.18 -38.18 27.76
C4 BMA EA . -69.03 -38.48 29.30
C5 BMA EA . -68.31 -37.34 30.03
C6 BMA EA . -68.27 -37.42 31.57
O2 BMA EA . -67.00 -39.14 27.07
O3 BMA EA . -69.87 -39.16 26.95
O4 BMA EA . -70.27 -38.64 29.98
O5 BMA EA . -67.01 -37.25 29.42
O6 BMA EA . -67.50 -38.53 32.05
C1 NAG FA . -78.21 -37.45 4.40
C2 NAG FA . -78.09 -38.46 3.31
C3 NAG FA . -78.76 -39.76 3.70
C4 NAG FA . -78.36 -40.28 5.08
C5 NAG FA . -78.43 -39.12 6.09
C6 NAG FA . -77.87 -39.41 7.49
C7 NAG FA . -78.06 -37.89 1.00
C8 NAG FA . -78.56 -36.96 -0.08
N2 NAG FA . -78.68 -37.81 2.14
O3 NAG FA . -78.35 -40.71 2.72
O4 NAG FA . -79.30 -41.34 5.46
O5 NAG FA . -77.69 -38.01 5.61
O6 NAG FA . -78.60 -38.63 8.48
O7 NAG FA . -77.11 -38.66 0.89
C1 NAG FA . -78.80 -42.72 5.37
C2 NAG FA . -79.65 -43.67 6.23
C3 NAG FA . -79.02 -45.07 6.17
C4 NAG FA . -78.84 -45.55 4.70
C5 NAG FA . -78.01 -44.50 3.93
C6 NAG FA . -77.75 -44.81 2.45
C7 NAG FA . -80.53 -42.28 8.11
C8 NAG FA . -80.22 -41.86 9.54
N2 NAG FA . -79.67 -43.16 7.59
O3 NAG FA . -79.77 -46.01 6.98
O4 NAG FA . -78.25 -46.86 4.63
O5 NAG FA . -78.67 -43.23 4.02
O6 NAG FA . -78.71 -44.14 1.61
O7 NAG FA . -81.48 -41.85 7.48
C1 NAG GA . -25.78 9.88 26.72
C2 NAG GA . -26.75 8.70 26.75
C3 NAG GA . -28.04 9.14 27.49
C4 NAG GA . -27.66 9.82 28.85
C5 NAG GA . -26.80 11.05 28.51
C6 NAG GA . -26.30 11.93 29.64
C7 NAG GA . -27.07 6.87 25.05
C8 NAG GA . -27.78 6.50 23.76
N2 NAG GA . -27.00 8.18 25.40
O3 NAG GA . -28.94 8.03 27.69
O4 NAG GA . -28.98 9.83 28.91
O5 NAG GA . -25.60 10.54 27.94
O6 NAG GA . -25.85 13.14 29.01
O7 NAG GA . -26.69 5.98 25.79
C1 NAG GA . -29.84 10.87 29.15
C2 NAG GA . -30.64 11.80 30.10
C3 NAG GA . -31.54 10.97 31.02
C4 NAG GA . -32.37 9.98 30.18
C5 NAG GA . -31.39 9.05 29.42
C6 NAG GA . -31.92 7.89 28.58
C7 NAG GA . -29.47 13.95 30.58
C8 NAG GA . -28.68 14.78 31.57
N2 NAG GA . -29.82 12.70 30.95
O3 NAG GA . -32.36 11.86 31.80
O4 NAG GA . -33.32 9.30 31.02
O5 NAG GA . -30.70 9.91 28.52
O6 NAG GA . -33.13 7.39 29.13
O7 NAG GA . -29.77 14.39 29.49
CL CL HA . 8.90 -15.87 24.06
CL CL IA . -24.95 -3.53 49.44
CL CL JA . -10.42 16.01 36.96
CA CA KA . 4.11 -3.71 37.33
CHA HEM LA . -4.72 -7.62 25.04
CHB HEM LA . -9.17 -6.01 25.18
CHC HEM LA . -10.12 -8.69 29.13
CHD HEM LA . -5.47 -9.94 29.15
C1A HEM LA . -5.89 -7.04 24.68
C2A HEM LA . -6.08 -6.28 23.49
C3A HEM LA . -7.34 -5.81 23.55
C4A HEM LA . -7.92 -6.28 24.76
CMA HEM LA . -8.03 -4.95 22.53
CAA HEM LA . -5.10 -6.01 22.35
CBA HEM LA . -5.40 -6.94 21.15
CGA HEM LA . -4.36 -6.83 20.02
O1A HEM LA . -4.33 -5.86 19.24
O2A HEM LA . -3.55 -7.74 19.82
C1B HEM LA . -9.79 -6.56 26.30
C2B HEM LA . -11.08 -6.11 26.71
C3B HEM LA . -11.42 -6.83 27.83
C4B HEM LA . -10.25 -7.76 28.09
CMB HEM LA . -11.90 -5.01 26.03
CAB HEM LA . -12.78 -6.60 28.48
CBB HEM LA . -13.26 -7.27 29.51
C1C HEM LA . -8.93 -9.35 29.45
C2C HEM LA . -8.76 -10.36 30.43
C3C HEM LA . -7.42 -10.70 30.44
C4C HEM LA . -6.79 -9.89 29.45
CMC HEM LA . -9.84 -10.96 31.26
CAC HEM LA . -6.68 -11.68 31.25
CBC HEM LA . -7.20 -12.43 32.20
C1D HEM LA . -4.88 -9.35 28.06
C2D HEM LA . -3.43 -9.34 27.88
C3D HEM LA . -3.21 -8.70 26.75
C4D HEM LA . -4.53 -8.33 26.23
CMD HEM LA . -2.38 -9.94 28.79
CAD HEM LA . -1.86 -8.38 26.13
CBD HEM LA . -1.52 -6.95 26.68
CGD HEM LA . -0.30 -6.22 26.09
O1D HEM LA . -0.42 -5.34 25.20
O2D HEM LA . 0.88 -6.44 26.49
NA HEM LA . -7.03 -7.05 25.44
NB HEM LA . -9.32 -7.52 27.11
NC HEM LA . -7.74 -9.12 28.83
ND HEM LA . -5.52 -8.76 27.03
FE HEM LA . -7.42 -8.42 26.85
S SCN MA . -6.97 -2.38 25.29
C SCN MA . -7.27 -3.15 26.67
N SCN MA . -7.46 -3.75 27.67
FAA 8PR NA . -3.60 4.08 25.24
CAB 8PR NA . -5.20 2.38 24.83
CAC 8PR NA . -3.22 2.57 23.50
CAD 8PR NA . -9.09 2.64 20.62
CAE 8PR NA . -5.58 1.28 24.07
CAF 8PR NA . -3.61 1.47 22.75
CAG 8PR NA . -10.19 3.47 20.47
CAH 8PR NA . -7.87 3.82 18.89
CAI 8PR NA . -4.62 -2.54 21.01
CAJ 8PR NA . -4.18 -1.50 22.02
CAK 8PR NA . -5.92 -0.99 19.73
CAL 8PR NA . -10.25 6.39 18.44
CAM 8PR NA . -6.86 1.00 20.91
NAN 8PR NA . -4.82 -1.96 19.69
OAO 8PR NA . -6.84 2.04 19.93
OAP 8PR NA . -11.01 5.43 19.18
OAQ 8PR NA . -9.12 5.69 17.91
CAR 8PR NA . -4.02 3.00 24.52
CAS 8PR NA . -7.95 2.82 19.83
CAT 8PR NA . -4.79 0.79 23.04
CAU 8PR NA . -10.09 4.46 19.52
CAV 8PR NA . -8.97 4.62 18.75
CAW 8PR NA . -5.64 0.13 20.76
CAX 8PR NA . -5.22 -0.37 22.15
CL CL OA . -15.97 -29.20 19.33
CL CL PA . 0.96 -14.62 48.88
P PO4 QA . -8.49 -14.57 54.87
O1 PO4 QA . -8.50 -15.66 53.80
O2 PO4 QA . -8.14 -13.22 54.22
O3 PO4 QA . -9.88 -14.49 55.48
O4 PO4 QA . -7.47 -14.89 55.96
CL CL RA . 26.24 -14.94 27.33
CL CL SA . 32.81 -37.08 15.36
CL CL TA . 47.94 -13.56 -5.68
CA CA UA . 31.44 -21.54 10.81
C1 NAG VA . 20.07 8.27 24.07
C2 NAG VA . 19.73 9.16 22.85
C3 NAG VA . 20.99 10.03 22.61
C4 NAG VA . 21.50 10.73 23.89
C5 NAG VA . 21.82 9.67 24.98
C6 NAG VA . 22.57 10.16 26.24
C7 NAG VA . 18.22 7.72 21.26
C8 NAG VA . 18.14 7.14 19.86
N2 NAG VA . 19.36 8.43 21.58
O3 NAG VA . 20.79 10.99 21.57
O4 NAG VA . 22.62 11.57 23.61
O5 NAG VA . 20.56 8.99 25.24
O6 NAG VA . 22.00 11.33 26.86
O7 NAG VA . 17.28 7.53 22.03
C1 NAG WA . 60.26 -44.11 8.31
C2 NAG WA . 60.55 -45.01 9.59
C3 NAG WA . 62.09 -45.02 9.79
C4 NAG WA . 62.86 -45.36 8.48
C5 NAG WA . 62.48 -44.38 7.36
C6 NAG WA . 63.24 -44.55 6.05
C7 NAG WA . 60.03 -43.83 11.91
C8 NAG WA . 59.22 -44.03 13.15
N2 NAG WA . 59.87 -44.78 10.92
O3 NAG WA . 62.43 -45.93 10.84
O4 NAG WA . 64.29 -45.32 8.66
O5 NAG WA . 61.06 -44.53 7.17
O6 NAG WA . 63.03 -43.39 5.23
O7 NAG WA . 60.76 -42.84 11.89
CHA HEM XA . 40.49 -13.31 20.45
CHB HEM XA . 45.07 -13.20 19.30
CHC HEM XA . 45.43 -18.06 19.89
CHD HEM XA . 40.71 -18.21 20.77
C1A HEM XA . 41.73 -12.84 20.17
C2A HEM XA . 42.05 -11.48 19.99
C3A HEM XA . 43.37 -11.43 19.66
C4A HEM XA . 43.82 -12.78 19.63
CMA HEM XA . 44.18 -10.18 19.35
CAA HEM XA . 41.14 -10.30 20.19
CBA HEM XA . 41.72 -9.45 21.33
CGA HEM XA . 40.70 -8.55 21.99
O1A HEM XA . 40.95 -7.31 22.07
O2A HEM XA . 39.63 -9.02 22.48
C1B HEM XA . 45.50 -14.52 19.30
C2B HEM XA . 46.78 -14.84 18.78
C3B HEM XA . 46.88 -16.20 18.93
C4B HEM XA . 45.66 -16.70 19.57
CMB HEM XA . 47.79 -13.85 18.17
CAB HEM XA . 47.99 -17.07 18.63
CBB HEM XA . 49.16 -16.57 18.25
C1C HEM XA . 44.19 -18.55 20.24
C2C HEM XA . 43.86 -19.90 20.51
C3C HEM XA . 42.49 -19.93 20.73
C4C HEM XA . 42.00 -18.59 20.63
CMC HEM XA . 44.83 -21.06 20.56
CAC HEM XA . 41.66 -21.07 21.14
CBC HEM XA . 42.15 -22.18 21.65
C1D HEM XA . 40.29 -16.86 20.66
C2D HEM XA . 38.86 -16.47 20.58
C3D HEM XA . 38.81 -15.12 20.50
C4D HEM XA . 40.19 -14.67 20.50
CMD HEM XA . 37.71 -17.44 20.61
CAD HEM XA . 37.60 -14.22 20.37
CBD HEM XA . 37.39 -14.06 18.84
CGD HEM XA . 36.17 -13.30 18.34
O1D HEM XA . 36.27 -12.17 17.84
O2D HEM XA . 35.02 -13.76 18.38
NA HEM XA . 42.83 -13.67 19.98
NB HEM XA . 44.89 -15.61 19.76
NC HEM XA . 43.07 -17.76 20.36
ND HEM XA . 41.04 -15.73 20.63
FE HEM XA . 42.95 -15.65 20.59
S SCN YA . 43.32 -11.33 15.67
C SCN YA . 43.44 -12.92 15.91
N SCN YA . 43.48 -14.08 16.06
S SCN ZA . 41.50 -43.89 12.64
C SCN ZA . 41.50 -43.40 14.14
N SCN ZA . 41.47 -43.01 15.22
CL CL AB . 53.21 2.20 12.76
CL CL BB . 49.72 -18.83 42.59
P PO4 CB . 19.43 -32.57 5.41
O1 PO4 CB . 19.33 -32.93 3.92
O2 PO4 CB . 18.05 -32.67 6.04
O3 PO4 CB . 19.95 -31.13 5.57
O4 PO4 CB . 20.41 -33.52 6.09
P PO4 DB . 46.07 -3.59 12.49
O1 PO4 DB . 46.77 -3.34 11.13
O2 PO4 DB . 45.63 -5.07 12.60
O3 PO4 DB . 44.84 -2.69 12.59
O4 PO4 DB . 47.07 -3.28 13.61
CL CL EB . -8.57 -26.85 -31.53
CL CL FB . -15.81 -67.56 -17.18
CA CA GB . -6.13 -37.72 -16.82
C1 NAG HB . -20.62 -8.30 -23.96
C2 NAG HB . -20.71 -7.34 -22.72
C3 NAG HB . -22.15 -7.43 -22.15
C4 NAG HB . -23.18 -7.06 -23.26
C5 NAG HB . -23.04 -8.11 -24.40
C6 NAG HB . -24.06 -7.98 -25.54
C7 NAG HB . -18.84 -6.68 -21.08
C8 NAG HB . -17.88 -7.26 -20.06
N2 NAG HB . -19.72 -7.56 -21.63
O3 NAG HB . -22.27 -6.63 -20.95
O4 NAG HB . -24.54 -6.94 -22.80
O5 NAG HB . -21.69 -8.02 -24.91
O6 NAG HB . -24.66 -6.68 -25.61
O7 NAG HB . -18.76 -5.49 -21.35
C1 NAG IB . -9.30 -74.20 -20.99
C2 NAG IB . -10.20 -75.22 -20.21
C3 NAG IB . -10.67 -76.23 -21.29
C4 NAG IB . -11.55 -75.50 -22.32
C5 NAG IB . -10.81 -74.30 -22.97
C6 NAG IB . -11.84 -73.46 -23.77
C7 NAG IB . -10.41 -76.27 -17.87
C8 NAG IB . -9.65 -76.83 -16.68
N2 NAG IB . -9.67 -75.82 -18.94
O3 NAG IB . -11.40 -77.39 -20.81
O4 NAG IB . -12.04 -76.47 -23.27
O5 NAG IB . -10.16 -73.50 -21.95
O6 NAG IB . -11.28 -72.45 -24.61
O7 NAG IB . -11.64 -76.22 -17.83
CHA HEM JB . -19.03 -37.01 -25.46
CHB HEM JB . -22.25 -40.42 -24.60
CHC HEM JB . -19.12 -43.94 -26.01
CHD HEM JB . -15.78 -40.46 -26.50
C1A HEM JB . -20.21 -37.65 -25.19
C2A HEM JB . -21.41 -36.97 -24.80
C3A HEM JB . -22.30 -37.96 -24.56
C4A HEM JB . -21.65 -39.20 -24.78
CMA HEM JB . -23.71 -37.84 -24.11
CAA HEM JB . -21.70 -35.49 -24.69
CBA HEM JB . -22.65 -35.15 -25.84
CGA HEM JB . -22.74 -33.66 -26.17
O1A HEM JB . -23.75 -32.95 -25.84
O2A HEM JB . -21.82 -33.10 -26.81
C1B HEM JB . -21.61 -41.65 -24.86
C2B HEM JB . -22.26 -42.83 -24.50
C3B HEM JB . -21.45 -43.85 -24.86
C4B HEM JB . -20.25 -43.25 -25.50
CMB HEM JB . -23.65 -42.91 -23.81
CAB HEM JB . -21.87 -45.22 -24.68
CBB HEM JB . -21.16 -46.25 -25.12
C1C HEM JB . -17.94 -43.29 -26.31
C2C HEM JB . -16.80 -43.88 -26.89
C3C HEM JB . -15.85 -42.88 -27.03
C4C HEM JB . -16.43 -41.68 -26.54
CMC HEM JB . -16.65 -45.30 -27.27
CAC HEM JB . -14.52 -42.96 -27.59
CBC HEM JB . -14.05 -44.02 -28.23
C1D HEM JB . -16.40 -39.25 -26.18
C2D HEM JB . -15.66 -37.98 -26.01
C3D HEM JB . -16.56 -37.01 -25.71
C4D HEM JB . -17.87 -37.69 -25.71
CMD HEM JB . -14.18 -37.80 -26.14
CAD HEM JB . -16.32 -35.54 -25.41
CBD HEM JB . -16.04 -35.63 -23.88
CGD HEM JB . -15.90 -34.30 -23.17
O1D HEM JB . -16.87 -33.84 -22.52
O2D HEM JB . -14.82 -33.66 -23.22
NA HEM JB . -20.38 -39.03 -25.22
NB HEM JB . -20.45 -41.91 -25.44
NC HEM JB . -17.72 -41.95 -26.13
ND HEM JB . -17.73 -39.03 -26.01
FE HEM JB . -19.14 -40.39 -26.08
S SCN KB . -22.13 -38.78 -20.42
C SCN KB . -20.95 -39.61 -21.12
N SCN KB . -20.06 -40.24 -21.59
CL CL LB . -23.20 -43.77 -48.80
CL CL MB . 3.79 -48.58 -23.99
P PO4 NB . 1.93 -59.23 -23.67
O1 PO4 NB . 1.35 -60.41 -24.47
O2 PO4 NB . 2.01 -58.00 -24.59
O3 PO4 NB . 1.02 -58.92 -22.49
O4 PO4 NB . 3.32 -59.57 -23.14
P PO4 OB . 10.68 -37.67 -12.51
O1 PO4 OB . 9.40 -38.31 -13.04
O2 PO4 OB . 10.89 -36.29 -13.15
O3 PO4 OB . 11.87 -38.61 -12.85
O4 PO4 OB . 10.55 -37.50 -10.98
S SCN PB . 4.27 -15.56 -27.40
C SCN PB . 4.55 -16.13 -25.91
N SCN PB . 4.72 -16.50 -24.80
CL CL QB . -5.65 21.99 -33.25
CA CA RB . -1.93 -1.65 -37.98
C1 NAG SB . -11.93 -19.61 -8.64
C2 NAG SB . -12.02 -20.57 -7.43
C3 NAG SB . -13.51 -20.87 -7.17
C4 NAG SB . -14.28 -19.55 -6.94
C5 NAG SB . -14.17 -18.71 -8.22
C6 NAG SB . -15.05 -17.45 -8.31
C7 NAG SB . -11.19 -22.68 -8.55
C8 NAG SB . -10.11 -23.72 -8.51
N2 NAG SB . -11.15 -21.75 -7.58
O3 NAG SB . -13.75 -21.78 -6.07
O4 NAG SB . -15.66 -19.79 -6.63
O5 NAG SB . -12.77 -18.45 -8.40
O6 NAG SB . -14.28 -16.24 -8.36
O7 NAG SB . -12.04 -22.69 -9.44
CHA HEM TB . 7.89 -0.15 -26.03
CHB HEM TB . 9.96 4.11 -25.56
CHC HEM TB . 12.10 3.51 -29.84
CHD HEM TB . 9.81 -0.57 -30.44
C1A HEM TB . 8.37 1.03 -25.50
C2A HEM TB . 8.06 1.51 -24.19
C3A HEM TB . 8.65 2.73 -24.08
C4A HEM TB . 9.28 2.98 -25.31
CMA HEM TB . 8.67 3.70 -22.90
CAA HEM TB . 7.29 0.79 -23.11
CBA HEM TB . 8.34 0.20 -22.11
CGA HEM TB . 7.67 -0.72 -21.13
O1A HEM TB . 7.05 -0.24 -20.14
O2A HEM TB . 7.68 -1.98 -21.22
C1B HEM TB . 10.67 4.32 -26.72
C2B HEM TB . 11.26 5.58 -26.96
C3B HEM TB . 11.86 5.42 -28.19
C4B HEM TB . 11.63 4.04 -28.65
CMB HEM TB . 11.17 6.79 -26.01
CAB HEM TB . 12.66 6.36 -28.97
CBB HEM TB . 12.94 7.57 -28.57
C1C HEM TB . 11.74 2.30 -30.38
C2C HEM TB . 12.31 1.71 -31.52
C3C HEM TB . 11.63 0.49 -31.69
C4C HEM TB . 10.68 0.42 -30.64
CMC HEM TB . 13.40 2.34 -32.35
CAC HEM TB . 11.77 -0.54 -32.74
CBC HEM TB . 12.63 -0.46 -33.75
C1D HEM TB . 9.03 -0.74 -29.31
C2D HEM TB . 8.01 -1.79 -29.20
C3D HEM TB . 7.47 -1.68 -27.99
C4D HEM TB . 8.17 -0.57 -27.35
CMD HEM TB . 7.62 -2.78 -30.28
CAD HEM TB . 6.31 -2.55 -27.46
CBD HEM TB . 5.01 -1.67 -27.62
CGD HEM TB . 3.69 -2.18 -27.05
O1D HEM TB . 3.10 -1.50 -26.19
O2D HEM TB . 3.09 -3.24 -27.39
NA HEM TB . 9.16 1.94 -26.17
NB HEM TB . 10.92 3.45 -27.71
NC HEM TB . 10.81 1.49 -29.84
ND HEM TB . 9.11 -0.05 -28.18
FE HEM TB . 10.25 1.46 -27.84
S SCN UB . 5.82 5.19 -25.48
C SCN UB . 6.63 4.76 -26.84
N SCN UB . 7.18 4.41 -27.84
FAA 8PR VB . -1.51 7.00 -24.35
CAB 8PR VB . 0.84 6.86 -24.31
CAC 8PR VB . -0.51 5.61 -22.76
CAD 8PR VB . 3.93 9.24 -19.54
CAE 8PR VB . 1.98 6.32 -23.74
CAF 8PR VB . 0.65 5.08 -22.21
CAG 8PR VB . 4.17 10.48 -18.97
CAH 8PR VB . 1.75 9.10 -18.47
CAI 8PR VB . 4.36 2.66 -21.54
CAJ 8PR VB . 3.12 3.28 -22.17
CAK 8PR VB . 4.64 4.49 -20.01
CAL 8PR VB . 1.80 12.38 -17.11
CAM 8PR VB . 3.63 6.74 -20.51
NAN 8PR VB . 4.49 3.05 -20.13
OAO 8PR VB . 2.52 7.34 -19.84
OAP 8PR VB . 3.16 12.22 -17.51
OAQ 8PR VB . 1.20 11.08 -17.12
CAR 8PR VB . -0.38 6.49 -23.80
CAS 8PR VB . 2.73 8.57 -19.29
CAT 8PR VB . 1.90 5.42 -22.69
CAU 8PR VB . 3.19 11.00 -18.18
CAV 8PR VB . 2.01 10.33 -17.94
CAW 8PR VB . 3.42 5.24 -20.61
CAX 8PR VB . 3.15 4.80 -22.06
CL CL WB . 31.50 -7.80 -23.07
CL CL XB . 25.16 -24.44 -27.98
CL CL YB . 7.07 -5.00 -51.06
P PO4 ZB . 9.97 6.79 -2.30
O1 PO4 ZB . 9.38 6.40 -3.68
O2 PO4 ZB . 9.11 7.90 -1.72
O3 PO4 ZB . 9.97 5.57 -1.36
O4 PO4 ZB . 11.41 7.30 -2.42
P PO4 AC . 13.38 3.05 -56.24
O1 PO4 AC . 13.12 1.89 -57.23
O2 PO4 AC . 14.63 3.82 -56.67
O3 PO4 AC . 12.17 4.00 -56.25
O4 PO4 AC . 13.61 2.48 -54.84
P PO4 BC . -10.22 -8.18 -51.87
O1 PO4 BC . -10.02 -8.20 -53.40
O2 PO4 BC . -10.60 -9.61 -51.38
O3 PO4 BC . -11.33 -7.18 -51.51
O4 PO4 BC . -8.89 -7.72 -51.21
CL CL CC . 22.66 35.38 5.75
CL CL DC . -11.61 47.58 30.62
CL CL EC . 8.70 65.67 26.77
CA CA FC . 18.49 43.62 21.66
CHA HEM GC . 11.12 46.05 8.15
CHB HEM GC . 7.11 48.57 8.35
CHC HEM GC . 5.11 45.15 11.17
CHD HEM GC . 9.30 42.78 11.17
C1A HEM GC . 10.15 46.99 7.90
C2A HEM GC . 10.30 48.10 7.01
C3A HEM GC . 9.15 48.82 7.10
C4A HEM GC . 8.34 48.14 8.01
CMA HEM GC . 8.82 50.09 6.37
CAA HEM GC . 11.49 48.47 6.13
CBA HEM GC . 11.18 48.02 4.72
CGA HEM GC . 12.38 48.26 3.84
O1A HEM GC . 12.58 49.39 3.37
O2A HEM GC . 13.16 47.33 3.56
C1B HEM GC . 6.25 47.87 9.19
C2B HEM GC . 5.05 48.47 9.60
C3B HEM GC . 4.43 47.57 10.40
C4B HEM GC . 5.31 46.37 10.46
CMB HEM GC . 4.58 49.87 9.20
CAB HEM GC . 3.12 47.87 10.98
CBB HEM GC . 2.49 47.03 11.78
C1C HEM GC . 6.05 44.13 11.37
C2C HEM GC . 5.87 42.86 12.01
C3C HEM GC . 7.08 42.17 12.00
C4C HEM GC . 8.01 43.06 11.37
CMC HEM GC . 4.57 42.40 12.58
CAC HEM GC . 7.49 40.84 12.56
CBC HEM GC . 6.69 40.05 13.26
C1D HEM GC . 10.12 43.52 10.42
C2D HEM GC . 11.54 43.21 10.38
C3D HEM GC . 12.08 44.12 9.53
C4D HEM GC . 10.96 44.97 9.05
CMD HEM GC . 12.24 42.08 11.11
CAD HEM GC . 13.56 44.27 9.16
CBD HEM GC . 14.13 45.23 10.23
CGD HEM GC . 15.51 45.89 9.97
O1D HEM GC . 15.60 46.97 9.36
O2D HEM GC . 16.60 45.41 10.38
NA HEM GC . 8.92 47.02 8.49
NB HEM GC . 6.38 46.65 9.68
NC HEM GC . 7.35 44.20 10.95
ND HEM GC . 9.79 44.54 9.62
FE HEM GC . 8.07 45.40 9.38
S SCN HC . 9.98 51.90 9.82
C SCN HC . 9.48 50.69 10.74
N SCN HC . 9.06 49.81 11.38
CL CL IC . 11.38 30.93 28.70
P PO4 JC . 26.89 36.47 34.65
O1 PO4 JC . 25.54 35.75 34.60
O2 PO4 JC . 26.84 37.69 33.74
O3 PO4 JC . 28.00 35.52 34.15
O4 PO4 JC . 27.19 36.94 36.09
CL CL KC . 39.08 31.00 10.52
CL CL LC . 42.75 12.62 -7.34
CA CA MC . 45.39 28.55 -6.66
CL CL NC . 65.70 36.73 -17.92
CHA HEM OC . 54.22 30.87 5.85
CHB HEM OC . 58.92 30.13 5.44
CHC HEM OC . 58.01 25.46 4.20
CHD HEM OC . 53.33 26.26 4.64
C1A HEM OC . 55.56 31.06 5.92
C2A HEM OC . 56.19 32.28 6.25
C3A HEM OC . 57.51 32.09 6.11
C4A HEM OC . 57.71 30.74 5.69
CMA HEM OC . 58.55 33.12 6.41
CAA HEM OC . 55.61 33.58 6.73
CBA HEM OC . 55.72 33.56 8.29
CGA HEM OC . 55.08 34.74 9.00
O1A HEM OC . 55.51 35.90 8.93
O2A HEM OC . 54.09 34.61 9.73
C1B HEM OC . 59.02 28.81 5.00
C2B HEM OC . 60.23 28.26 4.55
C3B HEM OC . 60.01 26.96 4.19
C4B HEM OC . 58.61 26.71 4.48
CMB HEM OC . 61.52 29.02 4.56
CAB HEM OC . 60.89 25.89 3.70
CBB HEM OC . 62.20 25.96 3.57
C1C HEM OC . 56.65 25.22 4.24
C2C HEM OC . 56.03 23.97 4.17
C3C HEM OC . 54.67 24.20 4.30
C4C HEM OC . 54.53 25.61 4.46
CMC HEM OC . 56.74 22.65 3.97
CAC HEM OC . 53.55 23.25 4.30
CBC HEM OC . 53.68 21.93 4.36
C1D HEM OC . 53.19 27.64 4.94
C2D HEM OC . 51.91 28.34 4.81
C3D HEM OC . 52.17 29.59 5.13
C4D HEM OC . 53.60 29.67 5.47
CMD HEM OC . 50.58 27.77 4.43
CAD HEM OC . 51.15 30.72 5.16
CBD HEM OC . 51.26 31.39 3.78
CGD HEM OC . 50.41 32.64 3.64
O1D HEM OC . 50.92 33.79 3.56
O2D HEM OC . 49.16 32.53 3.58
NA HEM OC . 56.49 30.10 5.60
NB HEM OC . 58.09 27.84 4.97
NC HEM OC . 55.75 26.22 4.48
ND HEM OC . 54.18 28.48 5.35
FE HEM OC . 56.07 28.10 5.50
S SCN PC . 58.72 33.88 2.01
C SCN PC . 58.03 32.46 2.22
N SCN PC . 57.52 31.42 2.32
FAA 8PR QC . 57.86 38.62 -2.99
CAB 8PR QC . 58.94 37.67 -1.15
CAC 8PR QC . 56.80 38.72 -0.91
CAD 8PR QC . 62.76 39.54 2.44
CAE 8PR QC . 58.94 37.40 0.22
CAF 8PR QC . 56.82 38.44 0.44
CAG 8PR QC . 63.98 39.98 1.92
CAH 8PR QC . 61.92 41.82 2.49
CAI 8PR QC . 56.56 36.91 4.61
CAJ 8PR QC . 56.52 37.16 3.12
CAK 8PR QC . 58.49 38.31 4.91
CAL 8PR QC . 64.81 43.36 1.03
CAM 8PR QC . 60.10 38.70 3.04
NAN 8PR QC . 57.09 38.08 5.31
OAO 8PR QC . 60.53 40.05 3.26
OAP 8PR QC . 65.23 42.00 1.20
OAQ 8PR QC . 63.53 43.50 1.66
CAR 8PR QC . 57.86 38.32 -1.67
CAS 8PR QC . 61.74 40.46 2.73
CAT 8PR QC . 57.89 37.78 1.05
CAU 8PR QC . 64.14 41.32 1.71
CAV 8PR QC . 63.13 42.22 1.98
CAW 8PR QC . 58.63 38.56 3.40
CAX 8PR QC . 57.92 37.48 2.55
CL CL RC . 58.54 16.58 25.94
CL CL SC . 34.14 37.43 12.78
P PO4 TC . 50.30 5.07 -10.91
O1 PO4 TC . 49.83 5.98 -12.06
O2 PO4 TC . 49.81 3.62 -11.12
O3 PO4 TC . 49.71 5.57 -9.59
O4 PO4 TC . 51.83 5.15 -10.86
CL CL UC . -30.89 14.85 -24.00
CL CL VC . -40.52 6.01 -1.47
CL CL WC . -26.86 42.88 -21.65
CL CL XC . -53.81 40.26 -16.14
CA CA YC . -44.57 17.39 -15.60
CHA HEM ZC . -40.29 21.94 -1.31
CHB HEM ZC . -39.31 26.55 -0.85
CHC HEM ZC . -35.66 26.10 -4.01
CHD HEM ZC . -36.92 21.50 -4.67
C1A HEM ZC . -40.26 23.22 -0.84
C2A HEM ZC . -41.11 23.75 0.19
C3A HEM ZC . -40.85 25.06 0.27
C4A HEM ZC . -39.86 25.32 -0.67
CMA HEM ZC . -41.49 26.08 1.19
CAA HEM ZC . -42.17 23.03 1.04
CBA HEM ZC . -41.63 22.72 2.44
CGA HEM ZC . -42.48 21.76 3.25
O1A HEM ZC . -43.44 22.06 4.00
O2A HEM ZC . -42.23 20.59 3.19
C1B HEM ZC . -38.27 26.80 -1.72
C2B HEM ZC . -37.84 28.15 -1.92
C3B HEM ZC . -36.82 28.09 -2.82
C4B HEM ZC . -36.61 26.64 -3.15
CMB HEM ZC . -38.49 29.40 -1.30
CAB HEM ZC . -36.15 29.29 -3.29
CBB HEM ZC . -35.28 29.27 -4.27
C1C HEM ZC . -35.64 24.80 -4.42
C2C HEM ZC . -34.64 24.19 -5.18
C3C HEM ZC . -35.01 22.81 -5.37
C4C HEM ZC . -36.23 22.65 -4.69
CMC HEM ZC . -33.44 24.95 -5.71
CAC HEM ZC . -34.41 21.70 -6.13
CBC HEM ZC . -33.31 21.89 -6.85
C1D HEM ZC . -38.02 21.31 -3.86
C2D HEM ZC . -38.82 20.10 -3.96
C3D HEM ZC . -39.74 20.18 -3.02
C4D HEM ZC . -39.53 21.47 -2.35
CMD HEM ZC . -38.59 18.96 -4.92
CAD HEM ZC . -40.82 19.13 -2.81
CBD HEM ZC . -42.00 19.65 -3.71
CGD HEM ZC . -43.36 18.94 -3.58
O1D HEM ZC . -44.32 19.45 -2.94
O2D HEM ZC . -43.57 17.83 -4.14
NA HEM ZC . -39.47 24.20 -1.33
NB HEM ZC . -37.51 25.93 -2.41
NC HEM ZC . -36.53 23.83 -4.08
ND HEM ZC . -38.46 22.10 -2.88
FE HEM ZC . -37.77 23.85 -2.39
S SCN AD . -44.03 27.23 -2.06
C SCN AD . -42.74 26.91 -2.97
N SCN AD . -41.81 26.73 -3.69
CL CL BD . -18.74 19.48 10.58
P PO4 CD . -46.02 8.79 -30.08
O1 PO4 CD . -47.19 9.46 -30.83
O2 PO4 CD . -45.70 7.43 -30.72
O3 PO4 CD . -46.39 8.60 -28.63
O4 PO4 CD . -44.78 9.68 -30.16
P PO4 DD . -14.63 13.85 -16.98
O1 PO4 DD . -15.88 14.51 -17.56
O2 PO4 DD . -14.89 12.35 -16.78
O3 PO4 DD . -14.29 14.50 -15.63
O4 PO4 DD . -13.45 14.04 -17.94
CL CL ED . -49.10 -7.91 -8.28
CL CL FD . -69.69 -27.65 18.99
CL CL GD . -37.18 -26.23 6.18
CA CA HD . -50.60 -16.86 7.89
CHA HEM ID . -59.28 -19.47 -4.81
CHB HEM ID . -62.00 -23.36 -4.48
CHC HEM ID . -58.04 -26.21 -4.32
CHD HEM ID . -55.39 -22.23 -4.09
C1A HEM ID . -60.35 -20.30 -4.84
C2A HEM ID . -61.70 -19.87 -5.04
C3A HEM ID . -62.44 -20.97 -4.91
C4A HEM ID . -61.60 -22.05 -4.64
CMA HEM ID . -63.90 -21.07 -5.04
CAA HEM ID . -62.22 -18.48 -5.31
CBA HEM ID . -62.65 -18.38 -6.76
CGA HEM ID . -62.93 -16.95 -7.18
O1A HEM ID . -64.06 -16.41 -7.14
O2A HEM ID . -62.01 -16.28 -7.66
C1B HEM ID . -61.15 -24.46 -4.36
C2B HEM ID . -61.65 -25.74 -4.09
C3B HEM ID . -60.53 -26.57 -4.01
C4B HEM ID . -59.35 -25.72 -4.33
CMB HEM ID . -63.13 -26.01 -3.89
CAB HEM ID . -60.35 -28.03 -3.86
CBB HEM ID . -61.33 -28.90 -4.05
C1C HEM ID . -56.96 -25.38 -4.26
C2C HEM ID . -55.62 -25.80 -4.28
C3C HEM ID . -54.85 -24.66 -4.22
C4C HEM ID . -55.75 -23.56 -4.16
CMC HEM ID . -55.18 -27.24 -4.34
CAC HEM ID . -53.39 -24.54 -4.24
CBC HEM ID . -52.54 -25.48 -4.62
C1D HEM ID . -56.26 -21.15 -4.21
C2D HEM ID . -55.85 -19.78 -3.95
C3D HEM ID . -56.90 -18.98 -4.14
C4D HEM ID . -57.99 -19.91 -4.55
CMD HEM ID . -54.47 -19.32 -3.55
CAD HEM ID . -56.98 -17.45 -3.98
CBD HEM ID . -57.55 -17.26 -2.55
CGD HEM ID . -57.66 -15.84 -2.00
O1D HEM ID . -58.74 -15.29 -1.78
O2D HEM ID . -56.67 -15.17 -1.67
NA HEM ID . -60.29 -21.66 -4.65
NB HEM ID . -59.80 -24.48 -4.54
NC HEM ID . -57.03 -24.02 -4.24
ND HEM ID . -57.56 -21.19 -4.58
FE HEM ID . -58.64 -22.79 -4.91
S SCN JD . -64.00 -21.09 -0.89
C SCN JD . -62.59 -21.81 -0.93
N SCN JD . -61.57 -22.39 -0.93
FAA 8PR KD . -66.11 -18.81 4.74
CAB 8PR KD . -66.39 -19.76 2.62
CAC 8PR KD . -65.82 -17.44 2.88
CAD 8PR KD . -71.06 -20.28 -0.78
CAE 8PR KD . -66.37 -19.60 1.25
CAF 8PR KD . -65.82 -17.30 1.49
CAG 8PR KD . -72.18 -20.90 -0.23
CAH 8PR KD . -71.92 -18.09 -0.21
CAI 8PR KD . -65.06 -17.14 -2.88
CAJ 8PR KD . -65.02 -17.25 -1.37
CAK 8PR KD . -67.43 -17.64 -2.95
CAL 8PR KD . -74.91 -19.23 1.39
CAM 8PR KD . -68.54 -18.85 -1.04
NAN 8PR KD . -66.38 -16.68 -3.35
OAO 8PR KD . -69.83 -18.30 -1.32
OAP 8PR KD . -74.34 -20.45 0.89
OAQ 8PR KD . -74.11 -18.15 0.90
CAR 8PR KD . -66.10 -18.67 3.40
CAS 8PR KD . -70.93 -18.90 -0.76
CAT 8PR KD . -66.08 -18.37 0.66
CAU 8PR KD . -73.15 -20.09 0.31
CAV 8PR KD . -73.01 -18.72 0.31
CAW 8PR KD . -67.48 -17.82 -1.42
CAX 8PR KD . -66.09 -18.21 -0.85
CL CL LD . -53.37 -29.02 -26.94
P PO4 MD . -36.93 -37.30 7.96
O1 PO4 MD . -38.32 -36.69 8.08
O2 PO4 MD . -37.05 -38.83 7.82
O3 PO4 MD . -36.23 -36.74 6.72
O4 PO4 MD . -36.12 -36.94 9.21
P PO4 ND . -38.53 -21.55 23.69
O1 PO4 ND . -39.74 -20.65 23.54
O2 PO4 ND . -37.63 -21.41 22.45
O3 PO4 ND . -39.00 -23.01 23.83
O4 PO4 ND . -37.72 -21.13 24.93
#